data_4HG4
#
_entry.id   4HG4
#
_cell.length_a   126.842
_cell.length_b   133.143
_cell.length_c   812.990
_cell.angle_alpha   90.00
_cell.angle_beta   90.00
_cell.angle_gamma   90.00
#
_symmetry.space_group_name_H-M   'P 21 21 21'
#
loop_
_entity.id
_entity.type
_entity.pdbx_description
1 polymer 'Hemagglutinin HA1'
2 polymer 'Hemagglutinin HA2'
3 polymer 'Fab 2G1 heavy chain'
4 polymer 'Fab 2G1 light chain'
5 branched 2-acetamido-2-deoxy-beta-D-glucopyranose-(1-4)-2-acetamido-2-deoxy-beta-D-glucopyranose
6 branched beta-D-mannopyranose-(1-4)-2-acetamido-2-deoxy-beta-D-glucopyranose-(1-4)-2-acetamido-2-deoxy-beta-D-glucopyranose
7 non-polymer 2-acetamido-2-deoxy-beta-D-glucopyranose
#
loop_
_entity_poly.entity_id
_entity_poly.type
_entity_poly.pdbx_seq_one_letter_code
_entity_poly.pdbx_strand_id
1 'polypeptide(L)'
;PGDQICIGYHANNSTEKVDTILERNVTVTHAKDILEKTHNGKLCKLNGIPPLELGDCSIAGWLLGNPECDRLLSVPEWSY
IMEKENPRDGLCYPGSFNDYEELKYLLSSVKHFEKVKILPKDRWTQHTTTGGSRACAVSGNPSFFRNMVWLTKKGSDYPV
AKGSYNNTSGEQMLIIWGVHHPNDETEQRTLYQNVGTYVSVGTSTLNKRSTPEIATRPKVNGLGSRMEFSWTLLDMWDTI
NFESTGNLIAPEYGFKISKRGSSGIMKTEGTLENCETKCQTPLGAINTTLPFHNVHPLTIGECPRYVKSEKLVLATGLRN
VPQIESR
;
A,B,C,D,E,F,G,H,I
2 'polypeptide(L)'
;GLFGAIAGFIEGGWQGMVDGWYGYHHSNDQGSGYAADKESTQKAFDGITNKVNSVIEKMNTQFEAVGKEFSNLERRLENL
NKKMEDGFLDVWTYNAELLVLMENERTLDFHDSNVKNLYDKVRMQLRDNVKELGNGCFEFYHKCDDECMNSVKNGTYDYP
KYEEESKLNRNEIK
;
a,b,c,d,e,f,g,h,i
3 'polypeptide(L)'
;EVQLVESGAEVKKPGSSVKVSCKASGGTFITHVFTWVRQAPGQGLEWVGGFIAIFGTSNYAQKFQGRVTITADESTSTAY
MELTSLTSEDTAVYYCARGISGSYGWFDPWGQGTLVTVSSASTKGPSVFPLAPSSKSTSGGTAALGCLVKDYFPEPVTVS
WNSGALTSGVHTFPAVLQSSGLYSLSSVVTVPSSSLGTQTYICNVNHKPSNTKVDKRVEPKSC
;
J,L,N,P,R,T,V,X,Z
4 'polypeptide(L)'
;DIQLTQSPSSLSASVGDRVTITCQASQDIRKYLNWYQQKPGKAPNLLIYDASNVKTGVPSRFRGSGSGTDFTFTISSLQP
EDIATYYCQQYDNLPITFGQGTRLEIKRTVAAPSVFIFPPSDEQLKSGTASVVCLLNNFYPREAKVQWKVDNALQSGNSQ
ESVTEQDSKDSTYSLSSTLTLSKADYEKHKVYACEVTHQGLSSPVTKSFNRGEC
;
K,M,O,Q,S,U,W,Y,z
#
# COMPACT_ATOMS: atom_id res chain seq x y z
N PRO A 1 -12.97 9.87 0.11
CA PRO A 1 -11.54 9.86 -0.22
C PRO A 1 -10.87 8.51 -0.40
N GLY A 2 -9.57 8.54 -0.10
CA GLY A 2 -8.62 7.57 -0.58
C GLY A 2 -8.50 6.23 0.10
N ASP A 3 -8.60 5.21 -0.73
CA ASP A 3 -7.84 3.99 -0.49
C ASP A 3 -6.39 4.48 -0.60
N GLN A 4 -5.45 3.81 0.05
CA GLN A 4 -4.17 4.45 0.35
C GLN A 4 -3.07 3.48 0.79
N ILE A 5 -1.90 3.57 0.16
CA ILE A 5 -0.73 2.77 0.56
C ILE A 5 0.36 3.71 1.10
N CYS A 6 1.10 3.25 2.09
CA CYS A 6 2.12 4.15 2.63
C CYS A 6 3.48 3.48 2.69
N ILE A 7 4.53 4.30 2.70
CA ILE A 7 5.87 3.76 2.75
C ILE A 7 6.57 4.33 3.97
N GLY A 8 7.13 3.44 4.79
CA GLY A 8 7.74 3.83 6.03
C GLY A 8 8.72 2.81 6.56
N TYR A 9 9.41 3.18 7.64
CA TYR A 9 10.47 2.35 8.20
C TYR A 9 10.32 2.16 9.70
N HIS A 10 10.95 1.09 10.21
CA HIS A 10 10.97 0.73 11.63
C HIS A 10 11.48 1.90 12.50
N ALA A 11 10.92 2.00 13.70
CA ALA A 11 11.50 2.76 14.81
C ALA A 11 11.22 1.94 16.06
N ASN A 12 11.93 2.19 17.15
CA ASN A 12 11.62 1.51 18.42
C ASN A 12 12.02 2.27 19.68
N ASN A 13 12.32 1.55 20.75
CA ASN A 13 12.66 2.14 22.03
C ASN A 13 14.15 2.23 22.30
N SER A 14 14.96 1.88 21.29
CA SER A 14 16.42 1.74 21.44
C SER A 14 17.12 3.09 21.62
N THR A 15 17.89 3.21 22.70
CA THR A 15 18.58 4.45 23.01
C THR A 15 20.06 4.35 22.64
N GLU A 16 20.40 3.26 21.95
CA GLU A 16 21.79 2.97 21.61
C GLU A 16 22.40 3.96 20.62
N LYS A 17 23.07 4.99 21.15
CA LYS A 17 23.72 6.01 20.33
C LYS A 17 25.03 5.53 19.64
N VAL A 18 25.24 5.96 18.39
CA VAL A 18 26.49 5.71 17.66
C VAL A 18 27.04 7.01 17.08
N ASP A 19 28.30 6.97 16.64
CA ASP A 19 28.91 8.14 16.00
C ASP A 19 29.24 7.89 14.53
N THR A 20 29.15 8.96 13.74
CA THR A 20 29.63 8.96 12.37
C THR A 20 30.54 10.17 12.22
N ILE A 21 30.95 10.45 11.00
CA ILE A 21 31.86 11.56 10.74
C ILE A 21 31.14 12.90 10.82
N LEU A 22 30.00 12.99 10.14
CA LEU A 22 29.13 14.18 10.22
C LEU A 22 28.50 14.37 11.60
N GLU A 23 28.19 13.28 12.30
CA GLU A 23 27.36 13.40 13.49
C GLU A 23 27.89 12.72 14.75
N ARG A 24 27.39 13.15 15.90
CA ARG A 24 27.65 12.46 17.15
C ARG A 24 26.32 12.13 17.86
N ASN A 25 26.35 11.25 18.84
CA ASN A 25 25.18 10.91 19.67
C ASN A 25 23.94 10.41 18.91
N VAL A 26 24.16 9.80 17.75
CA VAL A 26 23.05 9.45 16.86
C VAL A 26 22.32 8.17 17.26
N THR A 27 21.05 8.31 17.65
CA THR A 27 20.33 7.17 18.20
C THR A 27 19.82 6.21 17.13
N VAL A 28 20.08 4.93 17.32
CA VAL A 28 19.76 3.97 16.27
C VAL A 28 18.87 2.81 16.71
N THR A 29 18.25 2.13 15.75
CA THR A 29 17.45 0.95 16.10
C THR A 29 18.34 -0.18 16.58
N HIS A 30 19.37 -0.49 15.79
CA HIS A 30 20.21 -1.65 16.04
C HIS A 30 21.70 -1.29 15.91
N ALA A 31 22.49 -1.65 16.92
CA ALA A 31 23.93 -1.41 16.95
C ALA A 31 24.68 -2.71 17.29
N LYS A 32 26.02 -2.64 17.34
CA LYS A 32 26.85 -3.77 17.77
C LYS A 32 28.17 -3.24 18.35
N ASP A 33 28.37 -3.40 19.65
CA ASP A 33 29.66 -3.08 20.24
C ASP A 33 30.62 -4.10 19.69
N ILE A 34 31.81 -3.66 19.27
CA ILE A 34 32.79 -4.55 18.68
C ILE A 34 34.12 -4.41 19.39
N LEU A 35 34.06 -3.90 20.60
CA LEU A 35 35.24 -3.69 21.39
C LEU A 35 34.99 -4.16 22.81
N GLU A 36 35.74 -5.17 23.25
CA GLU A 36 35.55 -5.79 24.57
C GLU A 36 36.29 -4.99 25.64
N LYS A 37 35.64 -4.75 26.79
CA LYS A 37 36.30 -3.99 27.84
C LYS A 37 36.21 -4.70 29.19
N THR A 38 35.71 -5.94 29.18
CA THR A 38 35.54 -6.71 30.41
C THR A 38 36.39 -7.97 30.47
N HIS A 39 37.08 -8.13 31.59
CA HIS A 39 37.73 -9.38 31.96
C HIS A 39 37.09 -9.83 33.26
N ASN A 40 37.66 -10.86 33.90
CA ASN A 40 37.18 -11.29 35.21
C ASN A 40 38.06 -10.81 36.33
N GLY A 41 39.32 -10.49 36.00
CA GLY A 41 40.28 -10.05 37.00
C GLY A 41 41.04 -11.19 37.67
N LYS A 42 40.69 -12.42 37.32
CA LYS A 42 41.42 -13.61 37.76
C LYS A 42 42.56 -13.95 36.79
N LEU A 43 43.62 -14.57 37.30
CA LEU A 43 44.69 -15.08 36.44
C LEU A 43 44.55 -16.57 36.23
N CYS A 44 44.26 -16.98 35.00
CA CYS A 44 43.79 -18.33 34.75
C CYS A 44 44.78 -19.27 34.09
N LYS A 45 44.35 -20.49 33.79
CA LYS A 45 45.09 -21.40 32.91
C LYS A 45 44.89 -20.94 31.48
N LEU A 46 45.44 -21.67 30.53
CA LEU A 46 45.39 -21.22 29.16
C LEU A 46 45.48 -22.41 28.21
N ASN A 47 44.36 -22.68 27.51
CA ASN A 47 44.19 -23.96 26.80
C ASN A 47 44.41 -25.08 27.78
N GLY A 48 43.90 -24.91 29.00
CA GLY A 48 43.90 -25.96 29.99
C GLY A 48 45.16 -25.97 30.81
N ILE A 49 46.31 -25.82 30.17
CA ILE A 49 47.58 -25.90 30.89
C ILE A 49 47.86 -24.66 31.73
N PRO A 50 48.24 -24.89 33.00
CA PRO A 50 48.43 -23.80 33.95
C PRO A 50 49.80 -23.17 33.78
N PRO A 51 49.91 -21.90 34.17
CA PRO A 51 51.15 -21.16 33.97
C PRO A 51 52.16 -21.64 35.00
N LEU A 52 53.38 -21.15 34.94
CA LEU A 52 54.36 -21.44 35.96
C LEU A 52 54.42 -20.31 36.98
N GLU A 53 53.87 -20.53 38.16
CA GLU A 53 53.85 -19.51 39.19
C GLU A 53 55.19 -19.47 39.90
N LEU A 54 56.00 -18.47 39.59
CA LEU A 54 57.30 -18.35 40.23
C LEU A 54 57.21 -17.86 41.70
N GLY A 55 56.16 -17.12 42.03
CA GLY A 55 56.03 -16.54 43.36
C GLY A 55 57.17 -15.60 43.68
N ASP A 56 57.68 -15.62 44.91
CA ASP A 56 58.75 -14.71 45.29
C ASP A 56 60.10 -15.06 44.65
N CYS A 57 60.13 -15.90 43.61
CA CYS A 57 61.39 -16.26 42.92
C CYS A 57 61.50 -15.62 41.55
N SER A 58 62.74 -15.28 41.24
CA SER A 58 63.12 -14.74 39.94
C SER A 58 63.50 -15.90 39.05
N ILE A 59 63.67 -15.65 37.76
CA ILE A 59 64.10 -16.75 36.86
C ILE A 59 65.46 -17.40 37.23
N ALA A 60 66.44 -16.58 37.61
CA ALA A 60 67.73 -17.09 38.08
C ALA A 60 67.54 -17.90 39.33
N GLY A 61 66.65 -17.39 40.19
CA GLY A 61 66.38 -17.97 41.48
C GLY A 61 65.90 -19.39 41.29
N TRP A 62 64.98 -19.53 40.34
CA TRP A 62 64.54 -20.82 39.81
C TRP A 62 65.70 -21.59 39.14
N LEU A 63 66.15 -21.12 37.97
CA LEU A 63 67.12 -21.85 37.17
C LEU A 63 68.38 -22.36 37.92
N LEU A 64 68.95 -21.53 38.81
CA LEU A 64 70.03 -21.98 39.70
C LEU A 64 69.51 -22.86 40.85
N GLY A 65 68.49 -22.39 41.57
CA GLY A 65 67.95 -23.19 42.66
C GLY A 65 68.29 -22.61 44.00
N ASN A 66 68.00 -21.31 44.18
CA ASN A 66 67.97 -20.67 45.49
C ASN A 66 67.08 -21.54 46.33
N PRO A 67 67.56 -21.91 47.54
CA PRO A 67 66.83 -22.85 48.41
C PRO A 67 65.41 -22.39 48.71
N GLU A 68 65.14 -21.09 48.60
CA GLU A 68 63.78 -20.65 48.88
C GLU A 68 62.81 -20.98 47.73
N CYS A 69 63.37 -21.39 46.59
CA CYS A 69 62.58 -21.80 45.44
C CYS A 69 62.63 -23.29 45.21
N ASP A 70 62.69 -24.06 46.31
CA ASP A 70 62.80 -25.52 46.22
C ASP A 70 61.55 -26.18 45.66
N ARG A 71 60.46 -25.44 45.62
CA ARG A 71 59.22 -25.93 45.01
C ARG A 71 59.44 -26.20 43.53
N LEU A 72 60.35 -25.43 42.96
CA LEU A 72 60.51 -25.41 41.52
C LEU A 72 61.53 -26.42 40.98
N LEU A 73 62.07 -27.25 41.88
CA LEU A 73 63.07 -28.26 41.53
C LEU A 73 62.56 -29.28 40.51
N SER A 74 61.26 -29.57 40.54
CA SER A 74 60.61 -30.28 39.45
C SER A 74 59.38 -29.52 39.01
N VAL A 75 59.22 -29.34 37.70
CA VAL A 75 58.22 -28.44 37.10
C VAL A 75 57.50 -29.02 35.89
N PRO A 76 56.17 -29.18 35.95
CA PRO A 76 55.36 -29.61 34.80
C PRO A 76 55.30 -28.55 33.67
N GLU A 77 54.68 -28.88 32.53
CA GLU A 77 54.47 -27.94 31.44
C GLU A 77 53.81 -26.67 31.95
N TRP A 78 54.22 -25.53 31.41
CA TRP A 78 53.50 -24.27 31.66
C TRP A 78 52.98 -23.74 30.32
N SER A 79 52.07 -22.79 30.37
CA SER A 79 51.58 -22.20 29.13
C SER A 79 52.19 -20.83 29.03
N TYR A 80 52.52 -20.30 30.21
CA TYR A 80 53.25 -19.05 30.32
C TYR A 80 53.87 -18.95 31.71
N ILE A 81 54.67 -17.92 31.95
CA ILE A 81 55.30 -17.75 33.26
C ILE A 81 54.91 -16.45 33.94
N MET A 82 54.61 -16.55 35.23
CA MET A 82 54.22 -15.38 36.01
C MET A 82 55.34 -15.07 36.98
N GLU A 83 56.18 -14.11 36.59
CA GLU A 83 57.25 -13.65 37.45
C GLU A 83 56.86 -12.30 38.04
N LYS A 84 57.18 -12.07 39.31
CA LYS A 84 56.89 -10.81 39.95
C LYS A 84 57.84 -9.71 39.48
N GLU A 85 57.62 -8.50 39.98
CA GLU A 85 58.37 -7.32 39.55
C GLU A 85 59.78 -7.27 40.11
N ASN A 86 59.94 -7.31 41.44
CA ASN A 86 61.26 -7.46 42.04
C ASN A 86 61.24 -8.63 43.00
N PRO A 87 61.25 -9.86 42.48
CA PRO A 87 61.12 -11.10 43.25
C PRO A 87 62.18 -11.24 44.33
N ARG A 88 61.73 -11.47 45.56
CA ARG A 88 62.59 -11.54 46.74
C ARG A 88 63.78 -12.47 46.54
N ASP A 89 63.48 -13.69 46.14
CA ASP A 89 64.47 -14.77 46.07
C ASP A 89 65.08 -15.02 44.70
N GLY A 90 66.29 -14.52 44.54
CA GLY A 90 67.02 -14.69 43.30
C GLY A 90 68.42 -15.11 43.65
N LEU A 91 69.37 -14.20 43.45
CA LEU A 91 70.77 -14.49 43.73
C LEU A 91 71.08 -14.37 45.20
N CYS A 92 70.78 -15.40 45.98
CA CYS A 92 71.08 -15.41 47.41
C CYS A 92 72.53 -14.99 47.67
N TYR A 93 73.49 -15.84 47.30
CA TYR A 93 74.86 -15.38 47.11
C TYR A 93 74.79 -14.34 46.01
N PRO A 94 75.21 -13.09 46.31
CA PRO A 94 75.03 -11.97 45.40
C PRO A 94 75.94 -12.10 44.21
N GLY A 95 75.66 -11.32 43.17
CA GLY A 95 76.44 -11.41 41.97
C GLY A 95 75.76 -10.88 40.72
N SER A 96 75.78 -11.64 39.64
CA SER A 96 75.39 -11.17 38.33
C SER A 96 75.06 -12.32 37.40
N PHE A 97 74.11 -12.08 36.50
CA PHE A 97 73.74 -13.08 35.52
C PHE A 97 73.92 -12.49 34.13
N ASN A 98 74.88 -13.06 33.39
CA ASN A 98 75.26 -12.53 32.10
C ASN A 98 74.25 -12.83 30.99
N ASP A 99 74.01 -11.85 30.14
CA ASP A 99 72.93 -11.95 29.13
C ASP A 99 71.59 -12.41 29.69
N TYR A 100 71.22 -11.96 30.90
CA TYR A 100 69.94 -12.38 31.49
C TYR A 100 68.69 -12.07 30.62
N GLU A 101 68.59 -10.87 30.07
CA GLU A 101 67.42 -10.48 29.29
C GLU A 101 67.28 -11.28 28.02
N GLU A 102 68.33 -11.97 27.60
CA GLU A 102 68.23 -12.82 26.42
C GLU A 102 67.84 -14.27 26.79
N LEU A 103 68.29 -14.70 27.96
CA LEU A 103 67.79 -15.92 28.61
C LEU A 103 66.30 -15.77 28.90
N LYS A 104 65.94 -14.61 29.45
CA LYS A 104 64.55 -14.31 29.78
C LYS A 104 63.74 -14.33 28.50
N TYR A 105 64.38 -14.04 27.39
CA TYR A 105 63.69 -14.11 26.11
C TYR A 105 63.54 -15.56 25.65
N LEU A 106 64.59 -16.32 25.87
CA LEU A 106 64.61 -17.70 25.42
C LEU A 106 63.53 -18.52 26.09
N LEU A 107 63.22 -18.18 27.32
CA LEU A 107 62.19 -18.91 28.03
C LEU A 107 60.79 -18.68 27.44
N SER A 108 60.67 -17.66 26.59
CA SER A 108 59.37 -17.33 26.01
C SER A 108 59.11 -18.12 24.77
N SER A 109 59.91 -19.14 24.53
CA SER A 109 59.64 -20.02 23.41
C SER A 109 59.73 -21.48 23.86
N VAL A 110 59.65 -21.66 25.17
CA VAL A 110 59.79 -22.96 25.80
C VAL A 110 58.66 -23.22 26.78
N LYS A 111 57.99 -24.35 26.63
CA LYS A 111 56.86 -24.63 27.48
C LYS A 111 57.22 -25.65 28.56
N HIS A 112 58.43 -26.18 28.50
CA HIS A 112 58.85 -27.16 29.48
C HIS A 112 60.32 -27.52 29.45
N PHE A 113 60.92 -27.56 30.64
CA PHE A 113 62.25 -28.11 30.81
C PHE A 113 62.17 -29.48 31.42
N GLU A 114 63.08 -30.36 31.00
CA GLU A 114 63.34 -31.60 31.72
C GLU A 114 64.78 -31.56 32.22
N LYS A 115 64.95 -31.45 33.55
CA LYS A 115 66.24 -31.19 34.18
C LYS A 115 67.11 -32.45 34.27
N VAL A 116 68.27 -32.45 33.64
CA VAL A 116 69.11 -33.65 33.58
C VAL A 116 70.41 -33.54 34.39
N LYS A 117 70.83 -34.66 34.99
CA LYS A 117 72.00 -34.66 35.86
C LYS A 117 73.28 -34.90 35.07
N ILE A 118 73.62 -33.92 34.26
CA ILE A 118 74.71 -34.02 33.28
C ILE A 118 76.08 -34.25 33.90
N LEU A 119 76.23 -33.86 35.15
CA LEU A 119 77.57 -33.66 35.72
C LEU A 119 77.61 -33.88 37.22
N PRO A 120 77.31 -35.12 37.63
CA PRO A 120 76.97 -35.57 38.98
C PRO A 120 77.96 -35.04 40.02
N LYS A 121 77.46 -34.72 41.22
CA LYS A 121 78.28 -34.10 42.25
C LYS A 121 79.39 -35.06 42.65
N ASP A 122 79.10 -36.36 42.56
CA ASP A 122 80.03 -37.39 43.03
C ASP A 122 81.14 -37.81 42.05
N ARG A 123 81.20 -37.15 40.89
CA ARG A 123 82.32 -37.29 39.98
C ARG A 123 83.57 -36.54 40.48
N TRP A 124 83.38 -35.51 41.31
CA TRP A 124 84.49 -34.62 41.69
C TRP A 124 85.37 -35.14 42.82
N THR A 125 85.93 -36.33 42.61
CA THR A 125 86.70 -37.06 43.61
C THR A 125 88.04 -36.43 43.97
N GLN A 126 88.40 -35.33 43.35
CA GLN A 126 89.65 -34.68 43.69
C GLN A 126 89.43 -33.38 44.46
N HIS A 127 88.17 -32.94 44.55
CA HIS A 127 87.80 -31.66 45.18
C HIS A 127 86.69 -31.74 46.24
N THR A 128 86.58 -30.68 47.05
CA THR A 128 85.50 -30.53 48.03
C THR A 128 84.24 -29.96 47.37
N THR A 129 83.22 -30.80 47.24
CA THR A 129 82.05 -30.45 46.46
C THR A 129 80.92 -30.03 47.39
N THR A 130 81.22 -29.89 48.67
CA THR A 130 80.21 -29.75 49.71
C THR A 130 80.43 -28.45 50.50
N GLY A 131 80.50 -27.34 49.76
CA GLY A 131 80.50 -26.02 50.35
C GLY A 131 79.16 -25.58 50.93
N GLY A 132 78.90 -24.27 50.89
CA GLY A 132 77.73 -23.65 51.46
C GLY A 132 78.08 -22.27 51.99
N SER A 133 77.10 -21.39 52.12
CA SER A 133 77.29 -20.11 52.82
C SER A 133 76.01 -19.71 53.51
N ARG A 134 76.07 -18.66 54.32
CA ARG A 134 74.90 -18.23 55.09
C ARG A 134 74.00 -17.29 54.31
N ALA A 135 74.48 -16.82 53.15
CA ALA A 135 73.65 -15.95 52.34
C ALA A 135 72.56 -16.76 51.67
N CYS A 136 72.82 -18.05 51.50
CA CYS A 136 71.89 -18.99 50.88
C CYS A 136 71.38 -19.99 51.93
N ALA A 137 70.74 -19.47 52.97
CA ALA A 137 70.54 -20.21 54.21
C ALA A 137 69.23 -21.02 54.32
N VAL A 138 69.31 -22.21 54.90
CA VAL A 138 68.15 -23.08 55.12
C VAL A 138 67.84 -23.33 56.60
N SER A 139 66.89 -22.56 57.12
CA SER A 139 66.46 -22.72 58.50
C SER A 139 67.66 -22.75 59.43
N GLY A 140 68.46 -21.70 59.37
CA GLY A 140 69.60 -21.56 60.25
C GLY A 140 70.91 -21.97 59.61
N ASN A 141 71.00 -23.20 59.13
CA ASN A 141 72.25 -23.69 58.53
C ASN A 141 72.52 -23.07 57.16
N PRO A 142 73.77 -22.68 56.92
CA PRO A 142 74.19 -22.33 55.55
C PRO A 142 73.88 -23.43 54.54
N SER A 143 73.35 -23.04 53.38
CA SER A 143 73.35 -23.93 52.22
C SER A 143 73.84 -23.19 50.97
N PHE A 144 73.40 -23.68 49.83
CA PHE A 144 73.81 -23.13 48.54
C PHE A 144 72.76 -23.50 47.48
N PHE A 145 72.85 -22.84 46.33
CA PHE A 145 72.15 -23.25 45.12
C PHE A 145 72.17 -24.76 44.96
N ARG A 146 71.04 -25.30 44.50
CA ARG A 146 70.83 -26.74 44.52
C ARG A 146 71.28 -27.38 43.21
N ASN A 147 71.26 -26.62 42.14
CA ASN A 147 71.68 -27.12 40.83
C ASN A 147 73.14 -26.80 40.55
N MET A 148 73.78 -26.11 41.50
CA MET A 148 75.14 -25.64 41.33
C MET A 148 76.08 -26.25 42.36
N VAL A 149 77.33 -26.48 41.95
CA VAL A 149 78.31 -27.18 42.77
C VAL A 149 79.52 -26.33 43.08
N TRP A 150 79.81 -26.14 44.36
CA TRP A 150 80.89 -25.23 44.69
C TRP A 150 82.18 -25.96 44.86
N LEU A 151 82.94 -26.08 43.79
CA LEU A 151 84.24 -26.75 43.84
C LEU A 151 85.23 -25.98 44.74
N THR A 152 85.75 -26.68 45.74
CA THR A 152 86.81 -26.14 46.57
C THR A 152 87.87 -27.21 46.81
N LYS A 153 88.95 -26.83 47.49
CA LYS A 153 90.14 -27.67 47.65
C LYS A 153 89.95 -28.83 48.61
N LYS A 154 90.71 -29.90 48.38
CA LYS A 154 90.69 -31.06 49.30
C LYS A 154 92.05 -31.27 49.97
N GLY A 155 92.31 -30.52 51.03
CA GLY A 155 93.58 -30.59 51.72
C GLY A 155 94.69 -29.90 50.94
N SER A 156 94.69 -28.56 50.98
CA SER A 156 95.79 -27.75 50.43
C SER A 156 95.97 -27.95 48.94
N ASP A 157 95.01 -28.59 48.30
CA ASP A 157 95.22 -29.07 46.94
C ASP A 157 94.00 -28.92 46.02
N TYR A 158 94.08 -28.00 45.06
CA TYR A 158 93.06 -27.84 44.03
C TYR A 158 93.71 -28.21 42.71
N PRO A 159 93.66 -29.51 42.38
CA PRO A 159 94.12 -29.97 41.08
C PRO A 159 93.30 -29.37 39.97
N VAL A 160 93.77 -29.54 38.76
CA VAL A 160 93.01 -29.08 37.62
C VAL A 160 91.67 -29.83 37.61
N ALA A 161 90.60 -29.04 37.71
CA ALA A 161 89.25 -29.55 37.74
C ALA A 161 88.75 -29.66 36.31
N LYS A 162 88.33 -30.85 35.89
CA LYS A 162 87.92 -31.06 34.51
C LYS A 162 86.60 -31.84 34.39
N GLY A 163 85.72 -31.35 33.52
CA GLY A 163 84.43 -31.97 33.30
C GLY A 163 83.98 -31.88 31.87
N SER A 164 83.18 -32.86 31.44
CA SER A 164 82.72 -32.90 30.08
C SER A 164 81.33 -33.50 30.01
N TYR A 165 80.57 -33.11 28.98
CA TYR A 165 79.26 -33.69 28.74
C TYR A 165 78.81 -33.59 27.27
N ASN A 166 78.55 -34.74 26.65
CA ASN A 166 77.95 -34.81 25.31
C ASN A 166 76.44 -34.76 25.46
N ASN A 167 75.78 -33.96 24.62
CA ASN A 167 74.34 -33.79 24.75
C ASN A 167 73.58 -34.93 24.09
N THR A 168 73.53 -36.06 24.78
CA THR A 168 72.96 -37.28 24.25
C THR A 168 71.45 -37.32 24.55
N SER A 169 70.88 -36.16 24.88
CA SER A 169 69.60 -36.05 25.58
C SER A 169 68.34 -36.07 24.72
N GLY A 170 68.45 -35.61 23.47
CA GLY A 170 67.30 -35.58 22.60
C GLY A 170 66.57 -34.25 22.63
N GLU A 171 67.37 -33.19 22.61
CA GLU A 171 66.96 -31.80 22.41
C GLU A 171 68.07 -30.88 22.91
N GLN A 172 68.01 -29.61 22.52
CA GLN A 172 68.93 -28.59 23.00
C GLN A 172 68.80 -28.47 24.49
N MET A 173 69.89 -28.15 25.16
CA MET A 173 69.82 -28.00 26.61
C MET A 173 70.56 -26.72 27.10
N LEU A 174 69.88 -26.02 28.00
CA LEU A 174 70.38 -24.85 28.69
C LEU A 174 71.33 -25.30 29.78
N ILE A 175 72.50 -24.69 29.84
CA ILE A 175 73.49 -25.02 30.85
C ILE A 175 74.09 -23.73 31.47
N ILE A 176 73.98 -23.62 32.78
CA ILE A 176 74.47 -22.43 33.47
C ILE A 176 75.73 -22.79 34.23
N TRP A 177 76.61 -21.82 34.43
CA TRP A 177 77.77 -22.02 35.28
C TRP A 177 78.17 -20.66 35.81
N GLY A 178 79.16 -20.66 36.68
CA GLY A 178 79.62 -19.41 37.23
C GLY A 178 81.07 -19.39 37.67
N VAL A 179 81.51 -18.20 38.07
CA VAL A 179 82.83 -18.03 38.60
C VAL A 179 82.70 -17.26 39.92
N HIS A 180 83.50 -17.67 40.91
CA HIS A 180 83.53 -17.03 42.20
C HIS A 180 84.51 -15.88 42.20
N HIS A 181 84.02 -14.71 42.59
CA HIS A 181 84.86 -13.55 42.82
C HIS A 181 84.96 -13.34 44.33
N PRO A 182 86.12 -13.69 44.92
CA PRO A 182 86.39 -13.64 46.35
C PRO A 182 86.56 -12.21 46.88
N ASN A 183 86.55 -12.07 48.20
CA ASN A 183 86.66 -10.79 48.90
C ASN A 183 88.13 -10.38 49.13
N ASP A 184 88.96 -11.38 49.38
CA ASP A 184 90.38 -11.14 49.57
C ASP A 184 91.20 -12.40 49.27
N GLU A 185 92.51 -12.25 49.36
CA GLU A 185 93.42 -13.30 48.92
C GLU A 185 93.36 -14.46 49.88
N THR A 186 93.01 -14.15 51.12
CA THR A 186 92.92 -15.16 52.16
C THR A 186 91.75 -16.12 51.85
N GLU A 187 90.65 -15.57 51.35
CA GLU A 187 89.50 -16.37 50.88
C GLU A 187 89.95 -17.21 49.69
N GLN A 188 90.58 -16.55 48.73
CA GLN A 188 91.05 -17.22 47.53
C GLN A 188 91.89 -18.44 47.88
N ARG A 189 92.82 -18.27 48.81
CA ARG A 189 93.77 -19.34 49.09
C ARG A 189 93.14 -20.46 49.94
N THR A 190 92.29 -20.07 50.90
CA THR A 190 91.68 -21.05 51.77
C THR A 190 90.49 -21.77 51.09
N LEU A 191 90.14 -21.32 49.88
CA LEU A 191 89.16 -21.99 49.05
C LEU A 191 89.83 -22.85 47.98
N TYR A 192 90.70 -22.25 47.18
CA TYR A 192 91.22 -22.93 45.99
C TYR A 192 92.74 -23.19 46.02
N GLN A 193 93.39 -22.87 47.15
CA GLN A 193 94.85 -23.02 47.34
C GLN A 193 95.70 -21.98 46.60
N ASN A 194 95.78 -22.11 45.27
CA ASN A 194 96.59 -21.22 44.45
C ASN A 194 95.87 -19.96 44.02
N VAL A 195 96.63 -18.96 43.55
CA VAL A 195 96.04 -17.72 43.03
C VAL A 195 96.24 -17.63 41.52
N GLY A 196 95.75 -16.57 40.89
CA GLY A 196 95.80 -16.42 39.44
C GLY A 196 95.20 -17.64 38.76
N THR A 197 93.95 -17.92 39.11
CA THR A 197 93.25 -19.08 38.62
C THR A 197 92.57 -18.73 37.32
N TYR A 198 91.92 -19.70 36.70
CA TYR A 198 91.14 -19.43 35.50
C TYR A 198 89.90 -20.34 35.47
N VAL A 199 88.81 -19.87 34.85
CA VAL A 199 87.66 -20.72 34.59
C VAL A 199 87.41 -20.74 33.08
N SER A 200 87.56 -21.91 32.49
CA SER A 200 87.38 -22.05 31.04
C SER A 200 86.28 -23.06 30.68
N VAL A 201 85.29 -22.55 29.92
CA VAL A 201 84.18 -23.37 29.44
C VAL A 201 84.21 -23.24 27.93
N GLY A 202 83.90 -24.32 27.22
CA GLY A 202 83.87 -24.26 25.77
C GLY A 202 82.99 -25.30 25.10
N THR A 203 82.46 -24.93 23.94
CA THR A 203 81.70 -25.87 23.14
C THR A 203 82.30 -25.80 21.73
N SER A 204 81.50 -26.18 20.74
CA SER A 204 81.84 -25.95 19.36
C SER A 204 81.79 -24.44 19.10
N THR A 205 80.65 -23.81 19.37
CA THR A 205 80.48 -22.37 19.15
C THR A 205 81.14 -21.50 20.21
N LEU A 206 81.20 -21.99 21.46
CA LEU A 206 81.59 -21.15 22.58
C LEU A 206 83.04 -21.31 22.98
N ASN A 207 83.65 -20.21 23.40
CA ASN A 207 84.97 -20.23 24.00
C ASN A 207 85.09 -19.06 24.96
N LYS A 208 85.18 -19.36 26.25
CA LYS A 208 85.34 -18.35 27.27
C LYS A 208 86.39 -18.80 28.28
N ARG A 209 87.11 -17.82 28.82
CA ARG A 209 88.11 -18.04 29.85
C ARG A 209 88.12 -16.79 30.70
N SER A 210 87.55 -16.86 31.90
CA SER A 210 87.53 -15.71 32.81
C SER A 210 88.61 -15.83 33.89
N THR A 211 89.27 -14.72 34.18
CA THR A 211 90.20 -14.66 35.30
C THR A 211 89.53 -13.90 36.44
N PRO A 212 89.26 -14.61 37.54
CA PRO A 212 88.46 -14.10 38.66
C PRO A 212 89.03 -12.83 39.24
N GLU A 213 88.19 -12.09 39.95
CA GLU A 213 88.55 -10.79 40.44
C GLU A 213 88.40 -10.69 41.95
N ILE A 214 89.51 -10.80 42.65
CA ILE A 214 89.52 -10.53 44.08
C ILE A 214 89.44 -9.02 44.31
N ALA A 215 88.60 -8.61 45.27
CA ALA A 215 88.33 -7.20 45.59
C ALA A 215 87.35 -7.03 46.77
N THR A 216 87.45 -5.90 47.47
CA THR A 216 86.60 -5.61 48.62
C THR A 216 85.40 -4.77 48.20
N ARG A 217 84.21 -5.33 48.41
CA ARG A 217 82.98 -4.80 47.84
C ARG A 217 81.98 -4.39 48.93
N PRO A 218 81.01 -3.53 48.58
CA PRO A 218 79.89 -3.17 49.45
C PRO A 218 79.10 -4.42 49.87
N LYS A 219 78.97 -4.71 51.15
CA LYS A 219 78.41 -6.00 51.55
C LYS A 219 76.88 -6.16 51.31
N VAL A 220 76.53 -6.60 50.11
CA VAL A 220 75.19 -7.08 49.80
C VAL A 220 74.96 -8.41 50.49
N ASN A 221 73.80 -8.58 51.12
CA ASN A 221 73.45 -9.87 51.71
C ASN A 221 74.48 -10.40 52.71
N GLY A 222 75.30 -9.49 53.25
CA GLY A 222 76.32 -9.83 54.21
C GLY A 222 77.59 -10.35 53.57
N LEU A 223 77.68 -10.19 52.25
CA LEU A 223 78.84 -10.70 51.50
C LEU A 223 79.49 -9.62 50.64
N GLY A 224 80.82 -9.68 50.57
CA GLY A 224 81.58 -8.76 49.75
C GLY A 224 82.07 -9.52 48.55
N SER A 225 81.86 -10.83 48.56
CA SER A 225 82.25 -11.65 47.41
C SER A 225 81.09 -11.76 46.44
N ARG A 226 81.38 -12.14 45.21
CA ARG A 226 80.35 -12.28 44.20
C ARG A 226 80.43 -13.61 43.46
N MET A 227 79.28 -14.00 42.90
CA MET A 227 79.28 -15.11 41.97
C MET A 227 78.63 -14.64 40.65
N GLU A 228 79.41 -14.71 39.57
CA GLU A 228 79.03 -14.22 38.26
C GLU A 228 78.69 -15.39 37.34
N PHE A 229 77.40 -15.51 37.04
CA PHE A 229 76.91 -16.64 36.24
C PHE A 229 76.75 -16.27 34.77
N SER A 230 77.07 -17.22 33.89
CA SER A 230 76.82 -17.06 32.47
C SER A 230 76.14 -18.34 31.97
N TRP A 231 75.53 -18.30 30.79
CA TRP A 231 74.88 -19.52 30.28
C TRP A 231 75.15 -19.84 28.81
N THR A 232 74.58 -20.96 28.38
CA THR A 232 74.59 -21.33 26.98
C THR A 232 73.54 -22.37 26.65
N LEU A 233 73.20 -22.42 25.36
CA LEU A 233 72.40 -23.49 24.79
C LEU A 233 73.32 -24.54 24.18
N LEU A 234 73.45 -25.69 24.84
CA LEU A 234 74.29 -26.76 24.30
C LEU A 234 73.58 -27.46 23.16
N ASP A 235 74.22 -27.56 21.99
CA ASP A 235 73.54 -28.14 20.82
C ASP A 235 73.44 -29.68 20.88
N MET A 236 72.48 -30.25 20.16
CA MET A 236 72.35 -31.72 20.11
C MET A 236 73.66 -32.38 19.65
N TRP A 237 74.12 -33.37 20.40
CA TRP A 237 75.34 -34.11 20.07
C TRP A 237 76.65 -33.30 20.22
N ASP A 238 76.56 -32.09 20.77
CA ASP A 238 77.77 -31.32 21.05
C ASP A 238 78.27 -31.52 22.48
N THR A 239 79.57 -31.40 22.68
CA THR A 239 80.16 -31.59 24.02
C THR A 239 80.54 -30.25 24.66
N ILE A 240 80.12 -30.08 25.90
CA ILE A 240 80.54 -28.95 26.71
C ILE A 240 81.75 -29.36 27.55
N ASN A 241 82.70 -28.45 27.71
CA ASN A 241 83.92 -28.74 28.46
C ASN A 241 84.22 -27.72 29.55
N PHE A 242 84.21 -28.20 30.79
CA PHE A 242 84.57 -27.36 31.92
C PHE A 242 85.97 -27.71 32.38
N GLU A 243 86.82 -26.70 32.55
CA GLU A 243 88.11 -26.94 33.16
C GLU A 243 88.52 -25.72 33.94
N SER A 244 89.03 -25.93 35.14
CA SER A 244 89.37 -24.79 35.97
C SER A 244 90.38 -25.17 37.00
N THR A 245 91.26 -24.21 37.28
CA THR A 245 92.23 -24.30 38.35
C THR A 245 91.71 -23.56 39.58
N GLY A 246 90.40 -23.31 39.58
CA GLY A 246 89.77 -22.67 40.72
C GLY A 246 88.61 -21.76 40.36
N ASN A 247 87.76 -21.46 41.34
CA ASN A 247 86.65 -20.48 41.22
C ASN A 247 85.45 -20.90 40.33
N LEU A 248 85.50 -22.13 39.85
CA LEU A 248 84.41 -22.65 39.05
C LEU A 248 83.26 -23.15 39.90
N ILE A 249 82.14 -22.43 39.83
CA ILE A 249 80.85 -22.92 40.32
C ILE A 249 80.31 -23.71 39.12
N ALA A 250 80.57 -25.00 39.11
CA ALA A 250 80.08 -25.85 38.04
C ALA A 250 78.58 -26.20 38.20
N PRO A 251 77.89 -26.46 37.09
CA PRO A 251 76.55 -27.05 37.20
C PRO A 251 76.58 -28.56 37.49
N GLU A 252 75.55 -29.04 38.16
CA GLU A 252 75.31 -30.48 38.24
C GLU A 252 74.20 -30.85 37.28
N TYR A 253 73.35 -29.88 36.97
CA TYR A 253 72.23 -30.14 36.07
C TYR A 253 72.29 -29.38 34.77
N GLY A 254 71.59 -29.91 33.77
CA GLY A 254 71.37 -29.18 32.55
C GLY A 254 69.87 -29.17 32.26
N PHE A 255 69.34 -28.16 31.58
CA PHE A 255 67.93 -28.18 31.23
C PHE A 255 67.65 -28.48 29.78
N LYS A 256 67.23 -29.71 29.51
CA LYS A 256 66.80 -30.12 28.19
C LYS A 256 65.50 -29.40 27.90
N ILE A 257 65.27 -29.11 26.62
CA ILE A 257 64.04 -28.44 26.22
C ILE A 257 63.01 -29.47 25.86
N SER A 258 62.04 -29.68 26.74
CA SER A 258 61.06 -30.73 26.49
C SER A 258 59.84 -30.31 25.67
N LYS A 259 59.40 -29.07 25.78
CA LYS A 259 58.31 -28.63 24.90
C LYS A 259 58.54 -27.20 24.45
N ARG A 260 58.94 -27.04 23.19
CA ARG A 260 59.08 -25.74 22.57
C ARG A 260 57.65 -25.31 22.18
N GLY A 261 57.41 -24.00 22.12
CA GLY A 261 56.08 -23.49 21.89
C GLY A 261 56.03 -22.02 22.26
N SER A 262 55.14 -21.25 21.63
CA SER A 262 55.05 -19.82 21.89
C SER A 262 54.41 -19.51 23.25
N SER A 263 55.27 -19.23 24.22
CA SER A 263 54.90 -18.99 25.61
C SER A 263 55.16 -17.51 25.94
N GLY A 264 55.34 -17.18 27.20
CA GLY A 264 55.68 -15.81 27.54
C GLY A 264 55.99 -15.60 29.00
N ILE A 265 56.51 -14.43 29.37
CA ILE A 265 56.68 -14.13 30.77
C ILE A 265 55.85 -12.93 31.10
N MET A 266 54.90 -13.10 32.01
CA MET A 266 54.04 -12.00 32.43
C MET A 266 54.47 -11.49 33.81
N LYS A 267 54.55 -10.16 33.92
CA LYS A 267 54.92 -9.55 35.19
C LYS A 267 53.65 -9.18 35.95
N THR A 268 53.40 -9.88 37.04
CA THR A 268 52.23 -9.59 37.86
C THR A 268 52.60 -9.87 39.32
N GLU A 269 51.85 -9.31 40.26
CA GLU A 269 52.11 -9.63 41.66
C GLU A 269 51.12 -10.68 42.12
N GLY A 270 50.15 -10.97 41.27
CA GLY A 270 49.04 -11.81 41.65
C GLY A 270 49.30 -13.31 41.67
N THR A 271 48.22 -14.08 41.81
CA THR A 271 48.33 -15.53 41.93
C THR A 271 47.29 -16.25 41.05
N LEU A 272 47.61 -17.49 40.72
CA LEU A 272 46.81 -18.31 39.81
C LEU A 272 45.57 -18.91 40.46
N GLU A 273 44.40 -18.63 39.90
CA GLU A 273 43.13 -19.15 40.41
C GLU A 273 42.63 -20.33 39.58
N ASN A 274 41.55 -20.97 40.04
CA ASN A 274 41.00 -22.10 39.33
C ASN A 274 40.02 -21.59 38.31
N CYS A 275 40.55 -21.20 37.16
CA CYS A 275 39.70 -20.84 36.02
C CYS A 275 40.25 -21.43 34.75
N GLU A 276 40.01 -20.71 33.65
CA GLU A 276 40.43 -21.18 32.34
C GLU A 276 40.15 -20.08 31.35
N THR A 277 41.04 -19.91 30.38
CA THR A 277 40.84 -18.93 29.33
C THR A 277 41.67 -19.28 28.09
N LYS A 278 41.46 -18.55 27.00
CA LYS A 278 42.33 -18.68 25.84
C LYS A 278 43.07 -17.36 25.62
N CYS A 279 42.53 -16.28 26.16
CA CYS A 279 43.19 -14.98 26.12
C CYS A 279 43.44 -14.50 27.55
N GLN A 280 44.64 -13.98 27.78
CA GLN A 280 45.10 -13.74 29.13
C GLN A 280 45.83 -12.41 29.26
N THR A 281 45.19 -11.41 29.88
CA THR A 281 45.86 -10.16 30.27
C THR A 281 46.50 -10.28 31.65
N PRO A 282 47.41 -9.36 31.97
CA PRO A 282 47.92 -9.20 33.33
C PRO A 282 46.84 -8.76 34.36
N LEU A 283 45.74 -8.16 33.91
CA LEU A 283 44.74 -7.61 34.82
C LEU A 283 43.51 -8.48 34.94
N GLY A 284 43.43 -9.48 34.06
CA GLY A 284 42.24 -10.30 33.94
C GLY A 284 42.37 -11.27 32.79
N ALA A 285 41.30 -12.01 32.53
CA ALA A 285 41.28 -13.03 31.47
C ALA A 285 40.06 -12.75 30.59
N ILE A 286 40.08 -13.22 29.34
CA ILE A 286 39.07 -12.76 28.38
C ILE A 286 38.32 -13.81 27.57
N ASN A 287 37.02 -13.89 27.82
CA ASN A 287 36.09 -14.53 26.90
C ASN A 287 35.40 -13.41 26.14
N THR A 288 35.43 -13.49 24.81
CA THR A 288 34.65 -12.62 23.93
C THR A 288 34.82 -13.12 22.52
N THR A 289 34.07 -12.52 21.60
CA THR A 289 34.24 -12.85 20.20
C THR A 289 34.19 -11.55 19.43
N LEU A 290 34.26 -10.45 20.17
CA LEU A 290 34.49 -9.14 19.60
C LEU A 290 35.85 -9.13 18.91
N PRO A 291 36.04 -8.22 17.95
CA PRO A 291 37.32 -8.17 17.22
C PRO A 291 38.33 -7.20 17.85
N PHE A 292 38.02 -6.66 19.02
CA PHE A 292 38.88 -5.70 19.70
C PHE A 292 38.73 -5.79 21.20
N HIS A 293 39.76 -5.33 21.90
CA HIS A 293 39.65 -5.09 23.33
C HIS A 293 40.45 -3.83 23.69
N ASN A 294 40.42 -3.41 24.93
CA ASN A 294 41.11 -2.19 25.31
C ASN A 294 41.69 -2.31 26.70
N VAL A 295 41.91 -3.55 27.11
CA VAL A 295 42.24 -3.85 28.49
C VAL A 295 43.71 -3.55 28.83
N HIS A 296 44.57 -4.46 28.39
CA HIS A 296 46.01 -4.33 28.51
C HIS A 296 46.56 -4.75 27.16
N PRO A 297 47.66 -4.13 26.74
CA PRO A 297 48.39 -4.50 25.53
C PRO A 297 49.11 -5.84 25.67
N LEU A 298 49.55 -6.17 26.90
CA LEU A 298 50.43 -7.32 27.14
C LEU A 298 49.70 -8.66 27.29
N THR A 299 49.03 -9.10 26.23
CA THR A 299 48.17 -10.27 26.32
C THR A 299 48.88 -11.54 25.85
N ILE A 300 48.53 -12.69 26.39
CA ILE A 300 49.07 -13.97 25.91
C ILE A 300 47.99 -14.93 25.51
N GLY A 301 48.19 -15.60 24.39
CA GLY A 301 47.22 -16.54 23.86
C GLY A 301 46.52 -15.97 22.66
N GLU A 302 45.46 -16.64 22.21
CA GLU A 302 44.67 -16.18 21.08
C GLU A 302 43.75 -15.01 21.46
N CYS A 303 44.12 -13.79 21.07
CA CYS A 303 43.43 -12.58 21.51
C CYS A 303 42.94 -11.65 20.39
N PRO A 304 42.01 -10.73 20.73
CA PRO A 304 41.56 -9.62 19.88
C PRO A 304 42.61 -8.51 19.84
N ARG A 305 42.52 -7.63 18.84
CA ARG A 305 43.53 -6.57 18.69
C ARG A 305 43.35 -5.46 19.70
N TYR A 306 44.39 -5.19 20.49
CA TYR A 306 44.27 -4.15 21.51
C TYR A 306 44.15 -2.79 20.83
N VAL A 307 43.39 -1.88 21.43
CA VAL A 307 43.23 -0.52 20.89
C VAL A 307 43.13 0.48 22.05
N LYS A 308 43.49 1.73 21.81
CA LYS A 308 43.47 2.75 22.86
C LYS A 308 42.07 3.37 23.03
N SER A 309 41.05 2.71 22.50
CA SER A 309 39.71 3.29 22.38
C SER A 309 38.85 3.08 23.62
N GLU A 310 37.98 4.06 23.90
CA GLU A 310 37.00 3.89 24.97
C GLU A 310 35.79 3.18 24.40
N LYS A 311 35.43 3.52 23.17
CA LYS A 311 34.26 2.97 22.49
C LYS A 311 34.52 2.55 21.04
N LEU A 312 33.91 1.44 20.63
CA LEU A 312 33.78 1.13 19.22
C LEU A 312 32.39 0.57 19.02
N VAL A 313 31.44 1.40 18.55
CA VAL A 313 30.08 0.94 18.27
C VAL A 313 29.71 1.05 16.81
N LEU A 314 29.27 -0.08 16.29
CA LEU A 314 28.98 -0.27 14.88
C LEU A 314 27.48 -0.17 14.57
N ALA A 315 27.05 0.92 13.94
CA ALA A 315 25.64 1.02 13.53
C ALA A 315 25.28 -0.08 12.53
N THR A 316 24.29 -0.91 12.89
CA THR A 316 23.78 -1.96 12.02
C THR A 316 22.37 -1.61 11.55
N GLY A 317 21.61 -0.95 12.41
CA GLY A 317 20.25 -0.55 12.09
C GLY A 317 20.20 0.88 11.60
N LEU A 318 19.01 1.41 11.46
CA LEU A 318 18.90 2.78 10.99
C LEU A 318 18.64 3.74 12.12
N ARG A 319 18.40 4.99 11.75
CA ARG A 319 18.24 6.03 12.73
C ARG A 319 16.90 5.81 13.42
N ASN A 320 16.87 6.03 14.73
CA ASN A 320 15.62 5.90 15.44
C ASN A 320 14.95 7.25 15.45
N VAL A 321 14.02 7.48 14.53
CA VAL A 321 13.25 8.72 14.50
C VAL A 321 11.82 8.48 14.95
N PRO A 322 11.42 9.13 16.05
CA PRO A 322 10.07 8.98 16.62
C PRO A 322 8.99 9.76 15.85
N GLN A 323 7.76 9.26 15.89
CA GLN A 323 6.68 9.70 15.00
C GLN A 323 5.85 10.87 15.54
N GLY B 1 18.39 11.93 5.26
CA GLY B 1 19.69 12.47 5.63
C GLY B 1 20.57 12.80 4.43
N LEU B 2 20.74 11.82 3.53
CA LEU B 2 21.50 12.02 2.30
C LEU B 2 20.64 11.69 1.10
N PHE B 3 19.73 10.75 1.31
CA PHE B 3 18.75 10.44 0.29
C PHE B 3 17.38 10.97 0.70
N GLY B 4 17.31 11.51 1.91
CA GLY B 4 16.18 12.29 2.36
C GLY B 4 14.86 11.56 2.53
N ALA B 5 14.89 10.24 2.69
CA ALA B 5 13.68 9.49 3.02
C ALA B 5 13.55 9.51 4.53
N ILE B 6 14.48 8.83 5.17
CA ILE B 6 14.53 8.80 6.62
C ILE B 6 14.76 10.20 7.19
N ALA B 7 13.96 10.53 8.20
CA ALA B 7 13.89 11.86 8.80
C ALA B 7 13.83 12.92 7.73
N GLY B 8 13.04 12.67 6.70
CA GLY B 8 12.93 13.55 5.56
C GLY B 8 11.47 13.64 5.20
N PHE B 9 11.15 13.37 3.93
CA PHE B 9 9.77 13.39 3.51
C PHE B 9 8.93 12.37 4.26
N ILE B 10 9.48 11.17 4.51
CA ILE B 10 8.87 10.30 5.51
C ILE B 10 9.35 10.71 6.88
N GLU B 11 8.66 11.68 7.48
CA GLU B 11 9.12 12.40 8.65
C GLU B 11 9.61 11.59 9.86
N GLY B 12 8.91 10.50 10.18
CA GLY B 12 9.22 9.72 11.38
C GLY B 12 8.96 8.24 11.17
N GLY B 13 9.29 7.40 12.15
CA GLY B 13 9.20 5.95 12.02
C GLY B 13 7.87 5.33 12.41
N TRP B 14 7.74 4.02 12.25
CA TRP B 14 6.48 3.35 12.59
C TRP B 14 6.60 2.34 13.72
N GLN B 15 6.44 2.79 14.97
CA GLN B 15 6.60 1.93 16.14
C GLN B 15 5.75 0.65 16.10
N GLY B 16 4.81 0.59 15.17
CA GLY B 16 4.01 -0.60 14.99
C GLY B 16 4.54 -1.52 13.90
N MET B 17 5.44 -0.98 13.09
CA MET B 17 6.11 -1.73 12.03
C MET B 17 7.26 -2.48 12.71
N VAL B 18 7.07 -3.78 12.98
CA VAL B 18 8.04 -4.52 13.77
C VAL B 18 8.29 -5.92 13.24
N ASP B 19 7.82 -6.18 12.01
CA ASP B 19 8.12 -7.43 11.30
C ASP B 19 9.30 -7.28 10.33
N GLY B 20 9.94 -6.11 10.38
CA GLY B 20 11.08 -5.80 9.52
C GLY B 20 11.60 -4.39 9.74
N TRP B 21 12.45 -3.93 8.82
CA TRP B 21 12.99 -2.57 8.88
C TRP B 21 12.12 -1.57 8.11
N TYR B 22 11.77 -1.90 6.88
CA TYR B 22 10.92 -1.05 6.06
C TYR B 22 9.63 -1.73 5.68
N GLY B 23 8.71 -0.97 5.10
CA GLY B 23 7.51 -1.56 4.57
C GLY B 23 6.33 -0.62 4.41
N TYR B 24 5.16 -1.23 4.35
CA TYR B 24 3.94 -0.56 3.91
C TYR B 24 2.95 -0.30 5.05
N HIS B 25 1.96 0.55 4.75
CA HIS B 25 0.75 0.69 5.54
C HIS B 25 -0.40 1.01 4.59
N HIS B 26 -1.21 0.00 4.30
CA HIS B 26 -2.40 0.21 3.48
C HIS B 26 -3.61 0.48 4.34
N SER B 27 -4.39 1.48 3.96
CA SER B 27 -5.61 1.79 4.69
C SER B 27 -6.84 1.83 3.77
N ASN B 28 -7.27 0.65 3.34
CA ASN B 28 -8.52 0.56 2.58
C ASN B 28 -9.74 0.29 3.46
N ASP B 29 -10.81 -0.21 2.84
CA ASP B 29 -12.05 -0.50 3.51
C ASP B 29 -11.90 -1.74 4.36
N GLN B 30 -11.50 -2.84 3.72
CA GLN B 30 -11.39 -4.13 4.39
C GLN B 30 -10.57 -4.08 5.69
N GLY B 31 -9.55 -3.21 5.74
CA GLY B 31 -8.80 -3.03 6.97
C GLY B 31 -7.69 -1.99 6.89
N SER B 32 -6.84 -1.97 7.91
CA SER B 32 -5.56 -1.24 7.88
C SER B 32 -4.45 -2.29 7.81
N GLY B 33 -3.20 -1.86 7.97
CA GLY B 33 -2.12 -2.84 7.98
C GLY B 33 -0.68 -2.39 7.79
N TYR B 34 0.03 -2.25 8.90
CA TYR B 34 1.49 -2.22 8.90
C TYR B 34 1.97 -3.57 8.42
N ALA B 35 2.68 -3.62 7.30
CA ALA B 35 3.12 -4.90 6.77
C ALA B 35 4.46 -4.74 6.05
N ALA B 36 5.49 -5.32 6.63
CA ALA B 36 6.86 -5.11 6.16
C ALA B 36 7.12 -5.63 4.76
N ASP B 37 7.96 -4.92 4.01
CA ASP B 37 8.35 -5.44 2.72
C ASP B 37 9.30 -6.58 3.01
N LYS B 38 9.38 -7.56 2.11
CA LYS B 38 10.27 -8.68 2.33
C LYS B 38 11.61 -8.41 1.69
N GLU B 39 11.61 -8.30 0.36
CA GLU B 39 12.81 -8.15 -0.46
C GLU B 39 13.82 -7.12 0.04
N SER B 40 13.36 -5.90 0.28
CA SER B 40 14.22 -4.81 0.69
C SER B 40 14.79 -5.02 2.09
N THR B 41 13.96 -5.46 3.03
CA THR B 41 14.47 -5.72 4.39
C THR B 41 15.48 -6.86 4.41
N GLN B 42 15.18 -7.96 3.75
CA GLN B 42 16.14 -9.07 3.61
C GLN B 42 17.48 -8.62 3.02
N LYS B 43 17.44 -8.04 1.83
CA LYS B 43 18.64 -7.52 1.18
C LYS B 43 19.43 -6.57 2.09
N ALA B 44 18.72 -5.81 2.92
CA ALA B 44 19.36 -4.88 3.85
C ALA B 44 19.99 -5.62 5.02
N PHE B 45 19.41 -6.76 5.38
CA PHE B 45 19.98 -7.59 6.45
C PHE B 45 21.20 -8.27 5.91
N ASP B 46 21.09 -8.82 4.69
CA ASP B 46 22.21 -9.50 4.07
C ASP B 46 23.42 -8.57 3.88
N GLY B 47 23.18 -7.37 3.39
CA GLY B 47 24.23 -6.36 3.29
C GLY B 47 24.92 -6.01 4.59
N ILE B 48 24.16 -5.68 5.64
CA ILE B 48 24.74 -5.31 6.93
C ILE B 48 25.54 -6.43 7.59
N THR B 49 24.97 -7.64 7.62
CA THR B 49 25.68 -8.76 8.24
C THR B 49 26.95 -9.03 7.48
N ASN B 50 26.83 -9.04 6.15
CA ASN B 50 27.99 -9.15 5.29
C ASN B 50 29.01 -8.09 5.64
N LYS B 51 28.55 -6.90 6.00
CA LYS B 51 29.44 -5.80 6.34
C LYS B 51 30.21 -6.03 7.67
N VAL B 52 29.48 -6.35 8.74
CA VAL B 52 30.14 -6.51 10.04
C VAL B 52 31.00 -7.76 10.05
N ASN B 53 30.68 -8.72 9.21
CA ASN B 53 31.49 -9.91 9.11
C ASN B 53 32.78 -9.55 8.39
N SER B 54 32.69 -8.53 7.55
CA SER B 54 33.82 -8.05 6.76
C SER B 54 34.66 -7.07 7.58
N VAL B 55 34.14 -6.71 8.74
CA VAL B 55 34.83 -5.86 9.68
C VAL B 55 35.59 -6.68 10.74
N ILE B 56 34.94 -7.72 11.27
CA ILE B 56 35.62 -8.63 12.20
C ILE B 56 36.63 -9.55 11.49
N GLU B 57 36.52 -9.68 10.17
CA GLU B 57 37.44 -10.50 9.38
C GLU B 57 38.67 -9.73 8.93
N LYS B 58 38.75 -8.45 9.25
CA LYS B 58 39.84 -7.61 8.74
C LYS B 58 40.91 -7.24 9.76
N MET B 59 40.63 -7.45 11.03
CA MET B 59 41.59 -7.09 12.09
C MET B 59 41.99 -8.31 12.91
N ASN B 60 42.12 -9.46 12.25
CA ASN B 60 42.41 -10.73 12.92
C ASN B 60 43.79 -11.38 12.61
N THR B 61 44.85 -10.65 12.96
CA THR B 61 46.19 -11.24 12.90
C THR B 61 46.78 -11.40 14.31
N GLN B 62 47.94 -12.05 14.39
CA GLN B 62 48.56 -12.48 15.64
C GLN B 62 50.10 -12.45 15.39
N PHE B 63 51.00 -12.63 16.39
CA PHE B 63 50.81 -13.26 17.70
C PHE B 63 51.76 -12.69 18.76
N GLU B 64 51.20 -12.21 19.88
CA GLU B 64 51.95 -11.61 20.99
C GLU B 64 52.79 -10.40 20.56
N ALA B 65 53.42 -9.75 21.53
CA ALA B 65 54.45 -8.75 21.26
C ALA B 65 55.77 -9.46 21.51
N VAL B 66 55.63 -10.73 21.91
CA VAL B 66 56.69 -11.59 22.44
C VAL B 66 57.39 -11.03 23.70
N GLY B 67 57.09 -9.77 24.03
CA GLY B 67 57.48 -9.15 25.29
C GLY B 67 58.95 -9.24 25.66
N LYS B 68 59.67 -8.13 25.53
CA LYS B 68 61.11 -8.16 25.80
C LYS B 68 61.53 -7.24 26.93
N GLU B 69 62.66 -7.61 27.54
CA GLU B 69 63.20 -6.91 28.70
C GLU B 69 64.61 -6.41 28.34
N PHE B 70 64.95 -5.18 28.72
CA PHE B 70 66.27 -4.63 28.35
C PHE B 70 67.12 -4.10 29.53
N SER B 71 68.45 -4.02 29.33
CA SER B 71 69.38 -3.51 30.37
C SER B 71 69.30 -2.01 30.61
N ASN B 72 70.06 -1.57 31.61
CA ASN B 72 70.29 -0.16 31.83
C ASN B 72 71.40 0.32 30.91
N LEU B 73 71.82 -0.56 30.00
CA LEU B 73 72.83 -0.23 29.00
C LEU B 73 72.35 -0.41 27.58
N GLU B 74 71.08 -0.77 27.43
CA GLU B 74 70.47 -0.78 26.11
C GLU B 74 69.17 0.01 26.00
N ARG B 75 69.22 1.28 26.38
CA ARG B 75 68.02 2.09 26.55
C ARG B 75 67.52 2.68 25.25
N ARG B 76 68.36 2.67 24.22
CA ARG B 76 67.88 3.07 22.91
C ARG B 76 67.09 1.92 22.31
N LEU B 77 67.64 0.72 22.46
CA LEU B 77 66.95 -0.48 22.00
C LEU B 77 65.57 -0.60 22.64
N GLU B 78 65.54 -0.45 23.97
CA GLU B 78 64.29 -0.56 24.72
C GLU B 78 63.27 0.44 24.21
N ASN B 79 63.73 1.63 23.86
CA ASN B 79 62.85 2.70 23.43
C ASN B 79 62.37 2.50 22.00
N LEU B 80 63.23 1.88 21.22
CA LEU B 80 62.94 1.56 19.83
C LEU B 80 61.82 0.54 19.85
N ASN B 81 61.99 -0.50 20.66
CA ASN B 81 60.91 -1.45 20.92
C ASN B 81 59.65 -0.67 21.27
N LYS B 82 59.64 0.01 22.42
CA LYS B 82 58.53 0.87 22.81
C LYS B 82 57.98 1.76 21.67
N LYS B 83 58.84 2.50 20.98
CA LYS B 83 58.35 3.37 19.91
C LYS B 83 57.57 2.60 18.82
N MET B 84 58.03 1.40 18.50
CA MET B 84 57.42 0.56 17.45
C MET B 84 56.13 -0.12 17.89
N GLU B 85 55.97 -0.31 19.18
CA GLU B 85 54.77 -0.97 19.66
C GLU B 85 53.65 0.05 19.78
N ASP B 86 53.92 1.13 20.50
CA ASP B 86 53.01 2.27 20.52
C ASP B 86 52.67 2.74 19.11
N GLY B 87 53.68 2.73 18.25
CA GLY B 87 53.50 3.15 16.87
C GLY B 87 52.41 2.36 16.19
N PHE B 88 52.57 1.04 16.17
CA PHE B 88 51.57 0.15 15.59
C PHE B 88 50.25 0.30 16.30
N LEU B 89 50.31 0.35 17.63
CA LEU B 89 49.12 0.61 18.42
C LEU B 89 48.31 1.78 17.86
N ASP B 90 48.91 2.97 17.82
CA ASP B 90 48.22 4.14 17.30
C ASP B 90 47.63 3.89 15.92
N VAL B 91 48.40 3.25 15.04
CA VAL B 91 47.92 2.99 13.69
C VAL B 91 46.65 2.17 13.76
N TRP B 92 46.70 1.04 14.47
CA TRP B 92 45.51 0.16 14.54
C TRP B 92 44.31 0.77 15.31
N THR B 93 44.60 1.78 16.13
CA THR B 93 43.52 2.49 16.79
C THR B 93 42.80 3.35 15.76
N TYR B 94 43.55 4.27 15.15
CA TYR B 94 43.02 5.15 14.10
C TYR B 94 42.21 4.34 13.08
N ASN B 95 42.86 3.34 12.49
CA ASN B 95 42.22 2.43 11.54
C ASN B 95 40.90 1.83 11.98
N ALA B 96 40.84 1.45 13.25
CA ALA B 96 39.66 0.80 13.77
C ALA B 96 38.58 1.86 13.95
N GLU B 97 38.95 2.99 14.50
CA GLU B 97 37.98 4.03 14.75
C GLU B 97 37.44 4.70 13.47
N LEU B 98 38.34 5.08 12.57
CA LEU B 98 37.94 5.73 11.32
C LEU B 98 37.03 4.80 10.53
N LEU B 99 37.41 3.53 10.45
CA LEU B 99 36.58 2.52 9.81
C LEU B 99 35.22 2.53 10.44
N VAL B 100 35.18 2.50 11.76
CA VAL B 100 33.92 2.59 12.49
C VAL B 100 33.12 3.84 12.04
N LEU B 101 33.71 5.03 12.14
CA LEU B 101 33.00 6.26 11.75
C LEU B 101 32.44 6.25 10.34
N MET B 102 33.31 5.98 9.38
CA MET B 102 32.94 5.87 7.97
C MET B 102 31.85 4.83 7.67
N GLU B 103 32.00 3.60 8.16
CA GLU B 103 31.00 2.55 7.87
C GLU B 103 29.67 2.78 8.59
N ASN B 104 29.70 3.67 9.58
CA ASN B 104 28.49 4.08 10.30
C ASN B 104 27.66 5.03 9.44
N GLU B 105 28.31 6.07 8.94
CA GLU B 105 27.74 6.97 7.96
C GLU B 105 27.13 6.17 6.83
N ARG B 106 27.98 5.44 6.12
CA ARG B 106 27.56 4.67 4.96
C ARG B 106 26.41 3.71 5.27
N THR B 107 26.36 3.24 6.51
CA THR B 107 25.27 2.38 6.94
C THR B 107 23.94 3.15 7.01
N LEU B 108 23.94 4.29 7.68
CA LEU B 108 22.73 5.10 7.82
C LEU B 108 22.21 5.54 6.44
N ASP B 109 23.13 6.07 5.63
CA ASP B 109 22.87 6.38 4.23
C ASP B 109 22.31 5.19 3.43
N PHE B 110 22.66 3.98 3.82
CA PHE B 110 22.23 2.77 3.09
C PHE B 110 20.76 2.46 3.36
N HIS B 111 20.35 2.73 4.59
CA HIS B 111 18.97 2.55 4.98
C HIS B 111 18.11 3.60 4.29
N ASP B 112 18.60 4.84 4.35
CA ASP B 112 17.97 5.98 3.69
C ASP B 112 17.75 5.69 2.21
N SER B 113 18.82 5.32 1.52
CA SER B 113 18.76 4.96 0.12
C SER B 113 17.77 3.82 -0.08
N ASN B 114 17.83 2.84 0.82
CA ASN B 114 16.93 1.68 0.77
C ASN B 114 15.45 2.04 0.77
N VAL B 115 15.06 2.90 1.70
CA VAL B 115 13.70 3.34 1.87
C VAL B 115 13.23 4.12 0.65
N LYS B 116 14.04 5.10 0.25
CA LYS B 116 13.73 5.96 -0.88
C LYS B 116 13.51 5.09 -2.10
N ASN B 117 14.46 4.21 -2.36
CA ASN B 117 14.38 3.30 -3.50
C ASN B 117 13.09 2.52 -3.55
N LEU B 118 12.63 2.10 -2.37
CA LEU B 118 11.36 1.38 -2.22
C LEU B 118 10.16 2.24 -2.62
N TYR B 119 10.08 3.41 -2.00
CA TYR B 119 9.07 4.41 -2.30
C TYR B 119 9.12 4.78 -3.78
N ASP B 120 10.32 4.80 -4.36
CA ASP B 120 10.45 5.03 -5.79
C ASP B 120 10.00 3.82 -6.63
N LYS B 121 10.08 2.63 -6.03
CA LYS B 121 9.64 1.42 -6.72
C LYS B 121 8.13 1.41 -6.81
N VAL B 122 7.49 1.80 -5.71
CA VAL B 122 6.04 1.82 -5.59
C VAL B 122 5.43 2.93 -6.43
N ARG B 123 6.02 4.10 -6.35
CA ARG B 123 5.57 5.28 -7.10
C ARG B 123 5.63 5.01 -8.58
N MET B 124 6.78 4.59 -9.10
CA MET B 124 6.89 4.37 -10.53
C MET B 124 6.06 3.15 -11.01
N GLN B 125 5.55 2.37 -10.07
CA GLN B 125 4.71 1.22 -10.40
C GLN B 125 3.26 1.63 -10.54
N LEU B 126 2.77 2.33 -9.51
CA LEU B 126 1.45 2.91 -9.51
C LEU B 126 1.24 3.84 -10.69
N ARG B 127 2.12 4.83 -10.81
CA ARG B 127 1.99 5.94 -11.77
C ARG B 127 0.93 6.93 -11.33
N ASP B 128 0.08 7.35 -12.27
CA ASP B 128 -0.88 8.41 -11.98
C ASP B 128 -2.26 7.93 -11.57
N ASN B 129 -2.33 6.76 -10.95
CA ASN B 129 -3.59 6.26 -10.42
C ASN B 129 -3.73 6.71 -8.98
N VAL B 130 -2.87 7.65 -8.59
CA VAL B 130 -2.75 8.04 -7.19
C VAL B 130 -2.33 9.49 -7.02
N LYS B 131 -2.45 10.00 -5.80
CA LYS B 131 -1.94 11.32 -5.42
C LYS B 131 -0.66 11.14 -4.59
N GLU B 132 0.47 11.48 -5.16
CA GLU B 132 1.70 11.60 -4.38
C GLU B 132 1.55 12.74 -3.37
N LEU B 133 1.00 12.45 -2.19
CA LEU B 133 0.92 13.44 -1.12
C LEU B 133 2.28 13.99 -0.70
N GLY B 134 3.23 13.13 -0.37
CA GLY B 134 4.58 13.57 -0.07
C GLY B 134 4.87 13.57 1.42
N ASN B 135 4.07 12.81 2.13
CA ASN B 135 4.35 12.42 3.50
C ASN B 135 4.89 11.00 3.40
N GLY B 136 5.02 10.54 2.16
CA GLY B 136 5.46 9.20 1.90
C GLY B 136 4.29 8.25 1.70
N CYS B 137 3.09 8.82 1.58
CA CYS B 137 1.88 8.04 1.29
C CYS B 137 1.32 8.35 -0.09
N PHE B 138 0.49 7.46 -0.58
CA PHE B 138 -0.21 7.61 -1.85
C PHE B 138 -1.72 7.58 -1.64
N GLU B 139 -2.46 8.43 -2.35
CA GLU B 139 -3.93 8.41 -2.27
C GLU B 139 -4.53 7.93 -3.58
N PHE B 140 -5.21 6.79 -3.53
CA PHE B 140 -5.76 6.14 -4.72
C PHE B 140 -6.94 6.86 -5.39
N TYR B 141 -7.00 6.74 -6.71
CA TYR B 141 -8.11 7.22 -7.52
C TYR B 141 -9.00 6.05 -7.89
N HIS B 142 -8.88 4.96 -7.13
CA HIS B 142 -9.81 3.84 -7.29
C HIS B 142 -9.91 3.00 -6.02
N LYS B 143 -10.65 1.90 -6.13
CA LYS B 143 -10.82 0.97 -5.01
C LYS B 143 -9.73 -0.13 -5.06
N CYS B 144 -8.92 -0.17 -4.00
CA CYS B 144 -7.82 -1.12 -3.91
C CYS B 144 -8.01 -2.09 -2.75
N ASP B 145 -8.22 -3.36 -3.12
CA ASP B 145 -8.55 -4.41 -2.17
C ASP B 145 -7.34 -4.93 -1.40
N ASP B 146 -7.60 -5.73 -0.36
CA ASP B 146 -6.58 -6.52 0.33
C ASP B 146 -6.20 -7.63 -0.63
N GLU B 147 -5.75 -7.24 -1.82
CA GLU B 147 -5.76 -8.08 -2.99
C GLU B 147 -5.16 -7.27 -4.13
N CYS B 148 -5.47 -5.98 -4.17
CA CYS B 148 -4.82 -5.04 -5.09
C CYS B 148 -3.60 -4.44 -4.38
N MET B 149 -3.81 -4.07 -3.12
CA MET B 149 -2.73 -3.74 -2.20
C MET B 149 -1.67 -4.84 -2.24
N ASN B 150 -2.01 -5.98 -1.66
CA ASN B 150 -1.11 -7.15 -1.59
C ASN B 150 -0.73 -7.70 -2.98
N SER B 151 -0.80 -6.83 -3.99
CA SER B 151 -0.32 -7.11 -5.34
C SER B 151 0.75 -6.09 -5.68
N VAL B 152 0.65 -4.91 -5.04
CA VAL B 152 1.64 -3.85 -5.17
C VAL B 152 2.90 -4.20 -4.39
N LYS B 153 2.70 -4.72 -3.19
CA LYS B 153 3.80 -5.08 -2.31
C LYS B 153 4.61 -6.27 -2.84
N ASN B 154 4.04 -7.06 -3.76
CA ASN B 154 4.85 -8.03 -4.53
C ASN B 154 5.02 -7.71 -6.03
N GLY B 155 5.24 -6.43 -6.34
CA GLY B 155 5.71 -6.00 -7.65
C GLY B 155 4.76 -6.07 -8.84
N THR B 156 3.53 -6.51 -8.62
CA THR B 156 2.60 -6.71 -9.73
C THR B 156 1.40 -5.77 -9.69
N TYR B 157 1.36 -4.85 -10.62
CA TYR B 157 0.27 -3.89 -10.66
C TYR B 157 -0.19 -3.61 -12.10
N ASP B 158 -1.33 -4.19 -12.45
CA ASP B 158 -1.98 -3.95 -13.73
C ASP B 158 -2.41 -2.48 -13.79
N TYR B 159 -1.53 -1.61 -14.28
CA TYR B 159 -1.90 -0.22 -14.49
C TYR B 159 -3.10 -0.05 -15.43
N PRO B 160 -3.04 -0.64 -16.65
CA PRO B 160 -4.15 -0.39 -17.58
C PRO B 160 -5.47 -1.10 -17.22
N LYS B 161 -5.48 -1.81 -16.09
CA LYS B 161 -6.74 -2.28 -15.52
C LYS B 161 -7.46 -1.07 -14.96
N TYR B 162 -6.83 -0.46 -13.95
CA TYR B 162 -7.43 0.66 -13.25
C TYR B 162 -7.21 2.00 -13.94
N GLU B 163 -6.68 1.97 -15.15
CA GLU B 163 -6.34 3.21 -15.87
C GLU B 163 -7.54 4.11 -16.13
N GLU B 164 -8.51 3.58 -16.86
CA GLU B 164 -9.70 4.35 -17.23
C GLU B 164 -10.52 4.70 -15.99
N GLU B 165 -10.67 3.74 -15.08
CA GLU B 165 -11.42 3.99 -13.86
C GLU B 165 -10.88 5.21 -13.11
N SER B 166 -9.57 5.23 -12.89
CA SER B 166 -8.92 6.28 -12.11
C SER B 166 -8.86 7.64 -12.83
N LYS B 167 -8.80 7.58 -14.16
CA LYS B 167 -8.86 8.76 -15.00
C LYS B 167 -10.21 9.45 -14.81
N LEU B 168 -11.25 8.64 -14.68
CA LEU B 168 -12.62 9.14 -14.46
C LEU B 168 -12.76 9.78 -13.08
N ASN B 169 -12.41 9.03 -12.05
CA ASN B 169 -12.51 9.51 -10.67
C ASN B 169 -11.61 10.72 -10.46
N ARG B 170 -10.57 10.85 -11.29
CA ARG B 170 -9.62 11.96 -11.16
C ARG B 170 -10.24 13.29 -11.57
N ASN B 171 -11.12 13.23 -12.58
CA ASN B 171 -11.66 14.45 -13.20
C ASN B 171 -13.09 14.76 -12.77
N ILE C 5 11.33 6.19 -26.27
CA ILE C 5 12.76 6.11 -25.94
C ILE C 5 13.07 5.39 -24.60
N CYS C 6 14.24 4.76 -24.56
CA CYS C 6 14.65 3.97 -23.41
C CYS C 6 16.05 4.33 -22.92
N ILE C 7 16.27 4.26 -21.61
CA ILE C 7 17.59 4.49 -21.03
C ILE C 7 18.06 3.22 -20.34
N GLY C 8 19.29 2.80 -20.62
CA GLY C 8 19.79 1.56 -20.05
C GLY C 8 21.29 1.44 -20.20
N TYR C 9 21.82 0.35 -19.66
CA TYR C 9 23.26 0.25 -19.47
C TYR C 9 23.87 -1.06 -20.01
N HIS C 10 25.18 -1.03 -20.24
CA HIS C 10 25.92 -2.16 -20.78
C HIS C 10 25.88 -3.41 -19.88
N ALA C 11 25.69 -4.56 -20.51
CA ALA C 11 25.91 -5.86 -19.89
C ALA C 11 26.58 -6.79 -20.91
N ASN C 12 27.32 -7.80 -20.43
CA ASN C 12 27.99 -8.74 -21.34
C ASN C 12 28.22 -10.17 -20.80
N ASN C 13 29.26 -10.84 -21.31
CA ASN C 13 29.54 -12.22 -20.93
C ASN C 13 30.60 -12.37 -19.83
N SER C 14 31.03 -11.24 -19.26
CA SER C 14 32.09 -11.26 -18.26
C SER C 14 31.64 -11.95 -16.99
N THR C 15 32.46 -12.89 -16.53
CA THR C 15 32.16 -13.62 -15.31
C THR C 15 33.04 -13.09 -14.17
N GLU C 16 33.74 -11.97 -14.44
CA GLU C 16 34.71 -11.40 -13.49
C GLU C 16 34.10 -10.82 -12.21
N LYS C 17 34.13 -11.63 -11.14
CA LYS C 17 33.52 -11.24 -9.89
C LYS C 17 34.52 -10.43 -9.05
N VAL C 18 34.01 -9.37 -8.42
CA VAL C 18 34.77 -8.62 -7.42
C VAL C 18 34.00 -8.54 -6.11
N ASP C 19 34.59 -7.88 -5.12
CA ASP C 19 34.01 -7.75 -3.80
C ASP C 19 33.93 -6.32 -3.33
N THR C 20 32.90 -6.04 -2.55
CA THR C 20 32.74 -4.75 -1.91
C THR C 20 32.52 -4.96 -0.42
N ILE C 21 32.16 -3.91 0.29
CA ILE C 21 31.98 -4.05 1.73
C ILE C 21 30.62 -4.68 2.02
N LEU C 22 29.60 -4.21 1.30
CA LEU C 22 28.25 -4.75 1.43
C LEU C 22 28.09 -6.13 0.80
N GLU C 23 28.89 -6.43 -0.24
CA GLU C 23 28.69 -7.65 -1.02
C GLU C 23 29.94 -8.45 -1.37
N ARG C 24 29.72 -9.72 -1.65
CA ARG C 24 30.77 -10.58 -2.18
C ARG C 24 30.36 -11.16 -3.54
N ASN C 25 31.34 -11.71 -4.26
CA ASN C 25 31.10 -12.46 -5.49
C ASN C 25 30.36 -11.66 -6.55
N VAL C 26 30.52 -10.34 -6.54
CA VAL C 26 29.72 -9.50 -7.45
C VAL C 26 30.24 -9.47 -8.89
N THR C 27 29.44 -9.96 -9.84
CA THR C 27 29.90 -9.93 -11.22
C THR C 27 29.83 -8.53 -11.80
N VAL C 28 30.88 -8.14 -12.53
CA VAL C 28 30.94 -6.82 -13.14
C VAL C 28 31.36 -6.89 -14.61
N THR C 29 31.15 -5.78 -15.33
CA THR C 29 31.44 -5.73 -16.77
C THR C 29 32.92 -5.72 -17.02
N HIS C 30 33.61 -4.82 -16.34
CA HIS C 30 35.04 -4.67 -16.51
C HIS C 30 35.68 -4.64 -15.12
N ALA C 31 36.83 -5.30 -14.99
CA ALA C 31 37.58 -5.33 -13.74
C ALA C 31 39.05 -5.04 -14.05
N LYS C 32 39.87 -4.97 -12.99
CA LYS C 32 41.33 -4.88 -13.14
C LYS C 32 42.02 -5.55 -11.94
N ASP C 33 42.72 -6.65 -12.19
CA ASP C 33 43.56 -7.24 -11.15
C ASP C 33 44.74 -6.30 -10.94
N ILE C 34 45.02 -5.98 -9.68
CA ILE C 34 46.10 -5.08 -9.32
C ILE C 34 47.11 -5.71 -8.37
N LEU C 35 47.29 -7.01 -8.49
CA LEU C 35 48.22 -7.73 -7.62
C LEU C 35 48.78 -8.92 -8.36
N GLU C 36 50.08 -8.88 -8.58
CA GLU C 36 50.76 -9.85 -9.41
C GLU C 36 51.07 -11.07 -8.55
N LYS C 37 50.83 -12.27 -9.09
CA LYS C 37 51.13 -13.50 -8.32
C LYS C 37 52.01 -14.49 -9.10
N THR C 38 52.53 -14.03 -10.23
CA THR C 38 53.27 -14.87 -11.15
C THR C 38 54.70 -14.39 -11.37
N HIS C 39 55.64 -15.31 -11.12
CA HIS C 39 57.04 -15.15 -11.50
C HIS C 39 57.38 -16.17 -12.60
N ASN C 40 58.67 -16.26 -12.96
CA ASN C 40 59.13 -17.32 -13.87
C ASN C 40 59.64 -18.54 -13.11
N GLY C 41 60.15 -18.29 -11.91
CA GLY C 41 60.79 -19.32 -11.12
C GLY C 41 62.27 -19.33 -11.40
N LYS C 42 62.73 -18.38 -12.21
CA LYS C 42 64.14 -18.30 -12.57
C LYS C 42 64.88 -17.23 -11.76
N LEU C 43 66.16 -17.47 -11.52
CA LEU C 43 66.99 -16.50 -10.83
C LEU C 43 67.85 -15.77 -11.85
N CYS C 44 67.54 -14.49 -12.09
CA CYS C 44 68.02 -13.80 -13.29
C CYS C 44 69.04 -12.71 -13.03
N LYS C 45 69.29 -11.88 -14.03
CA LYS C 45 70.13 -10.71 -13.86
C LYS C 45 69.24 -9.53 -13.47
N LEU C 46 69.84 -8.36 -13.29
CA LEU C 46 69.09 -7.24 -12.73
C LEU C 46 69.62 -5.87 -13.19
N ASN C 47 68.92 -5.26 -14.15
CA ASN C 47 69.41 -4.10 -14.89
C ASN C 47 70.62 -4.48 -15.71
N GLY C 48 70.58 -5.68 -16.28
CA GLY C 48 71.68 -6.20 -17.08
C GLY C 48 72.70 -7.00 -16.27
N ILE C 49 73.29 -6.38 -15.25
CA ILE C 49 74.38 -6.95 -14.45
C ILE C 49 73.99 -8.22 -13.68
N PRO C 50 74.82 -9.26 -13.73
CA PRO C 50 74.46 -10.54 -13.11
C PRO C 50 74.80 -10.57 -11.63
N PRO C 51 74.29 -11.56 -10.88
CA PRO C 51 74.60 -11.63 -9.45
C PRO C 51 76.01 -12.13 -9.18
N LEU C 52 76.41 -12.14 -7.91
CA LEU C 52 77.61 -12.85 -7.50
C LEU C 52 77.20 -14.21 -6.97
N GLU C 53 77.41 -15.24 -7.77
CA GLU C 53 76.91 -16.57 -7.49
C GLU C 53 77.88 -17.43 -6.67
N LEU C 54 77.86 -17.27 -5.35
CA LEU C 54 78.84 -17.91 -4.44
C LEU C 54 78.86 -19.44 -4.35
N GLY C 55 77.86 -20.10 -4.91
CA GLY C 55 77.80 -21.56 -4.82
C GLY C 55 77.89 -22.09 -3.39
N ASP C 56 78.75 -23.09 -3.18
CA ASP C 56 78.87 -23.76 -1.87
C ASP C 56 79.81 -23.04 -0.89
N CYS C 57 79.83 -21.73 -0.99
CA CYS C 57 80.93 -20.95 -0.46
C CYS C 57 80.43 -19.67 0.25
N SER C 58 80.81 -19.49 1.52
CA SER C 58 80.27 -18.42 2.39
C SER C 58 80.90 -17.08 2.08
N ILE C 59 80.40 -16.01 2.68
CA ILE C 59 80.96 -14.67 2.46
C ILE C 59 82.39 -14.71 2.94
N ALA C 60 82.63 -15.44 4.03
CA ALA C 60 83.98 -15.50 4.59
C ALA C 60 84.89 -16.41 3.73
N GLY C 61 84.35 -17.53 3.26
CA GLY C 61 85.09 -18.41 2.38
C GLY C 61 85.63 -17.70 1.14
N TRP C 62 84.99 -16.60 0.79
CA TRP C 62 85.35 -15.82 -0.39
C TRP C 62 86.32 -14.71 0.00
N LEU C 63 85.88 -13.80 0.86
CA LEU C 63 86.75 -12.76 1.38
C LEU C 63 88.05 -13.23 2.07
N LEU C 64 88.19 -14.53 2.33
CA LEU C 64 89.43 -15.01 2.94
C LEU C 64 90.25 -15.77 1.92
N GLY C 65 89.58 -16.48 1.03
CA GLY C 65 90.30 -17.28 0.05
C GLY C 65 90.45 -18.74 0.46
N ASN C 66 89.37 -19.33 0.97
CA ASN C 66 89.31 -20.77 1.08
C ASN C 66 89.57 -21.24 -0.35
N PRO C 67 90.61 -22.08 -0.52
CA PRO C 67 91.04 -22.67 -1.78
C PRO C 67 89.89 -23.17 -2.64
N GLU C 68 88.87 -23.70 -1.98
CA GLU C 68 87.74 -24.30 -2.66
C GLU C 68 86.82 -23.26 -3.29
N CYS C 69 87.13 -22.00 -3.06
CA CYS C 69 86.38 -20.93 -3.69
C CYS C 69 87.32 -20.15 -4.60
N ASP C 70 88.18 -20.89 -5.29
CA ASP C 70 89.23 -20.25 -6.07
C ASP C 70 88.64 -19.48 -7.25
N ARG C 71 87.46 -19.89 -7.69
CA ARG C 71 86.76 -19.20 -8.79
C ARG C 71 86.43 -17.74 -8.50
N LEU C 72 86.34 -17.37 -7.23
CA LEU C 72 85.91 -16.03 -6.87
C LEU C 72 87.12 -15.17 -6.54
N LEU C 73 88.27 -15.65 -6.97
CA LEU C 73 89.49 -14.92 -6.72
C LEU C 73 89.48 -13.56 -7.42
N SER C 74 88.97 -13.50 -8.65
CA SER C 74 88.69 -12.19 -9.24
C SER C 74 87.22 -12.01 -9.64
N VAL C 75 86.74 -10.78 -9.50
CA VAL C 75 85.31 -10.52 -9.41
C VAL C 75 84.78 -9.31 -10.20
N PRO C 76 83.93 -9.58 -11.19
CA PRO C 76 83.21 -8.55 -11.94
C PRO C 76 82.08 -8.00 -11.10
N GLU C 77 81.36 -7.03 -11.65
CA GLU C 77 80.16 -6.47 -11.01
C GLU C 77 79.15 -7.54 -10.63
N TRP C 78 78.55 -7.38 -9.46
CA TRP C 78 77.33 -8.09 -9.11
C TRP C 78 76.28 -7.02 -8.82
N SER C 79 75.00 -7.37 -8.98
CA SER C 79 73.93 -6.46 -8.62
C SER C 79 73.38 -6.90 -7.28
N TYR C 80 73.56 -8.18 -7.01
CA TYR C 80 73.17 -8.79 -5.76
C TYR C 80 73.91 -10.12 -5.58
N ILE C 81 74.11 -10.54 -4.33
CA ILE C 81 75.00 -11.66 -4.00
C ILE C 81 74.21 -12.89 -3.59
N MET C 82 74.37 -13.99 -4.32
CA MET C 82 73.65 -15.24 -4.01
C MET C 82 74.44 -16.19 -3.12
N GLU C 83 74.20 -16.15 -1.82
CA GLU C 83 74.81 -17.09 -0.87
C GLU C 83 73.84 -18.23 -0.52
N LYS C 84 74.36 -19.41 -0.20
CA LYS C 84 73.50 -20.53 0.16
C LYS C 84 73.00 -20.43 1.60
N GLU C 85 72.29 -21.44 2.09
CA GLU C 85 71.91 -21.37 3.50
C GLU C 85 73.09 -21.72 4.38
N ASN C 86 73.63 -22.93 4.21
CA ASN C 86 74.78 -23.32 5.01
C ASN C 86 75.99 -23.72 4.16
N PRO C 87 76.65 -22.71 3.53
CA PRO C 87 77.76 -22.88 2.59
C PRO C 87 78.85 -23.80 3.12
N ARG C 88 79.21 -24.79 2.31
CA ARG C 88 80.02 -25.91 2.78
C ARG C 88 81.46 -25.51 2.96
N ASP C 89 81.85 -24.39 2.34
CA ASP C 89 83.24 -24.01 2.28
C ASP C 89 83.43 -22.61 2.78
N GLY C 90 83.65 -22.45 4.08
CA GLY C 90 83.89 -21.16 4.65
C GLY C 90 85.22 -21.16 5.33
N LEU C 91 85.20 -21.23 6.66
CA LEU C 91 86.41 -21.25 7.47
C LEU C 91 87.05 -22.64 7.56
N CYS C 92 87.89 -22.98 6.58
CA CYS C 92 88.54 -24.31 6.53
C CYS C 92 89.38 -24.59 7.78
N TYR C 93 90.25 -23.65 8.14
CA TYR C 93 90.87 -23.67 9.45
C TYR C 93 89.79 -23.12 10.32
N PRO C 94 89.36 -23.91 11.31
CA PRO C 94 88.24 -23.51 12.16
C PRO C 94 88.55 -22.28 13.03
N GLY C 95 87.54 -21.41 13.20
CA GLY C 95 87.66 -20.26 14.08
C GLY C 95 86.37 -19.43 14.13
N SER C 96 86.52 -18.12 14.06
CA SER C 96 85.46 -17.17 14.35
C SER C 96 85.56 -16.00 13.35
N PHE C 97 84.56 -15.13 13.29
CA PHE C 97 84.64 -13.99 12.41
C PHE C 97 83.88 -12.85 13.07
N ASN C 98 84.58 -12.09 13.89
CA ASN C 98 83.96 -11.02 14.65
C ASN C 98 83.10 -10.05 13.83
N ASP C 99 81.96 -9.67 14.41
CA ASP C 99 80.92 -8.87 13.76
C ASP C 99 80.62 -9.26 12.31
N TYR C 100 80.51 -10.57 12.08
CA TYR C 100 80.26 -11.10 10.76
C TYR C 100 78.95 -10.62 10.17
N GLU C 101 78.01 -10.26 11.02
CA GLU C 101 76.72 -9.83 10.51
C GLU C 101 76.78 -8.38 10.05
N GLU C 102 77.61 -7.58 10.72
CA GLU C 102 77.74 -6.18 10.33
C GLU C 102 78.50 -6.08 9.04
N LEU C 103 79.52 -6.93 8.90
CA LEU C 103 80.23 -7.06 7.63
C LEU C 103 79.27 -7.45 6.53
N LYS C 104 78.52 -8.53 6.75
CA LYS C 104 77.51 -8.97 5.81
C LYS C 104 76.51 -7.85 5.44
N TYR C 105 76.22 -6.97 6.41
CA TYR C 105 75.31 -5.85 6.14
C TYR C 105 75.97 -4.79 5.26
N LEU C 106 77.25 -4.52 5.52
CA LEU C 106 78.07 -3.68 4.66
C LEU C 106 78.15 -4.14 3.19
N LEU C 107 77.97 -5.43 2.93
CA LEU C 107 78.04 -5.91 1.56
C LEU C 107 76.77 -5.61 0.78
N SER C 108 75.76 -5.15 1.48
CA SER C 108 74.49 -4.83 0.84
C SER C 108 74.51 -3.36 0.37
N SER C 109 75.60 -2.67 0.68
CA SER C 109 75.86 -1.34 0.13
C SER C 109 77.08 -1.36 -0.81
N VAL C 110 77.39 -2.54 -1.37
CA VAL C 110 78.56 -2.72 -2.26
C VAL C 110 78.23 -3.67 -3.45
N LYS C 111 78.59 -3.20 -4.66
CA LYS C 111 78.30 -3.88 -5.92
C LYS C 111 79.57 -4.35 -6.61
N HIS C 112 80.71 -3.83 -6.16
CA HIS C 112 82.01 -4.24 -6.70
C HIS C 112 83.20 -3.91 -5.80
N PHE C 113 84.09 -4.90 -5.67
CA PHE C 113 85.34 -4.85 -4.91
C PHE C 113 86.55 -5.02 -5.84
N GLU C 114 87.57 -4.17 -5.69
CA GLU C 114 88.86 -4.42 -6.37
C GLU C 114 89.95 -4.84 -5.39
N LYS C 115 90.35 -6.10 -5.48
CA LYS C 115 91.37 -6.66 -4.58
C LYS C 115 92.77 -6.03 -4.79
N VAL C 116 93.25 -5.28 -3.81
CA VAL C 116 94.59 -4.69 -3.89
C VAL C 116 95.62 -5.39 -2.97
N LYS C 117 96.80 -5.71 -3.49
CA LYS C 117 97.89 -6.33 -2.72
C LYS C 117 98.60 -5.35 -1.79
N ILE C 118 97.86 -4.89 -0.79
CA ILE C 118 98.27 -3.90 0.17
C ILE C 118 99.44 -4.24 1.13
N LEU C 119 99.69 -5.53 1.38
CA LEU C 119 100.84 -5.94 2.20
C LEU C 119 101.43 -7.22 1.62
N PRO C 120 102.35 -7.08 0.65
CA PRO C 120 102.71 -8.23 -0.18
C PRO C 120 103.53 -9.24 0.58
N LYS C 121 103.39 -10.51 0.21
CA LYS C 121 103.86 -11.62 1.02
C LYS C 121 105.35 -11.49 1.28
N ASP C 122 106.10 -11.25 0.20
CA ASP C 122 107.56 -11.20 0.24
C ASP C 122 108.16 -9.99 0.97
N ARG C 123 107.34 -9.23 1.67
CA ARG C 123 107.86 -8.11 2.44
C ARG C 123 108.34 -8.57 3.81
N TRP C 124 108.08 -9.83 4.15
CA TRP C 124 108.26 -10.31 5.54
C TRP C 124 109.54 -11.08 5.71
N THR C 125 110.65 -10.41 5.51
CA THR C 125 111.93 -11.07 5.28
C THR C 125 112.54 -11.68 6.55
N GLN C 126 111.91 -11.37 7.66
CA GLN C 126 112.40 -11.77 8.95
C GLN C 126 111.52 -12.84 9.56
N HIS C 127 110.57 -13.36 8.77
CA HIS C 127 109.70 -14.42 9.22
C HIS C 127 109.47 -15.49 8.14
N THR C 128 108.88 -16.61 8.54
CA THR C 128 108.41 -17.63 7.60
C THR C 128 106.99 -17.26 7.20
N THR C 129 106.74 -17.13 5.91
CA THR C 129 105.42 -16.72 5.44
C THR C 129 104.79 -17.86 4.68
N THR C 130 105.44 -19.01 4.68
CA THR C 130 104.97 -20.13 3.86
C THR C 130 104.30 -21.29 4.63
N GLY C 131 103.48 -20.97 5.62
CA GLY C 131 102.73 -21.98 6.35
C GLY C 131 101.76 -22.83 5.54
N GLY C 132 100.68 -23.25 6.17
CA GLY C 132 99.76 -24.17 5.53
C GLY C 132 99.25 -25.26 6.45
N SER C 133 98.04 -25.73 6.17
CA SER C 133 97.40 -26.75 6.98
C SER C 133 96.60 -27.66 6.08
N ARG C 134 96.29 -28.86 6.59
CA ARG C 134 95.53 -29.82 5.81
C ARG C 134 94.04 -29.57 5.88
N ALA C 135 93.59 -28.79 6.85
CA ALA C 135 92.19 -28.40 6.89
C ALA C 135 91.88 -27.50 5.70
N CYS C 136 92.92 -26.85 5.15
CA CYS C 136 92.73 -25.98 4.00
C CYS C 136 93.33 -26.59 2.73
N ALA C 137 93.45 -27.91 2.73
CA ALA C 137 94.15 -28.66 1.68
C ALA C 137 93.69 -28.46 0.22
N VAL C 138 94.65 -28.58 -0.71
CA VAL C 138 94.44 -28.50 -2.16
C VAL C 138 94.91 -29.80 -2.81
N SER C 139 93.96 -30.68 -3.12
CA SER C 139 94.23 -31.94 -3.83
C SER C 139 95.39 -32.78 -3.28
N GLY C 140 95.30 -33.11 -2.01
CA GLY C 140 96.31 -33.92 -1.35
C GLY C 140 97.07 -33.10 -0.32
N ASN C 141 97.69 -32.03 -0.80
CA ASN C 141 98.61 -31.24 0.00
C ASN C 141 97.98 -30.07 0.75
N PRO C 142 98.52 -29.76 1.94
CA PRO C 142 98.28 -28.63 2.88
C PRO C 142 98.41 -27.26 2.21
N SER C 143 97.50 -26.36 2.54
CA SER C 143 97.48 -25.02 1.96
C SER C 143 96.87 -24.05 2.96
N PHE C 144 96.24 -22.99 2.45
CA PHE C 144 95.74 -21.99 3.36
C PHE C 144 94.78 -21.01 2.69
N PHE C 145 94.37 -19.98 3.42
CA PHE C 145 93.59 -18.91 2.84
C PHE C 145 94.49 -18.12 1.89
N ARG C 146 93.99 -17.88 0.68
CA ARG C 146 94.76 -17.24 -0.38
C ARG C 146 95.02 -15.75 -0.13
N ASN C 147 94.09 -15.08 0.52
CA ASN C 147 94.24 -13.64 0.76
C ASN C 147 94.98 -13.41 2.06
N MET C 148 95.34 -14.51 2.73
CA MET C 148 95.88 -14.43 4.10
C MET C 148 97.35 -14.93 4.23
N VAL C 149 98.07 -14.42 5.23
CA VAL C 149 99.49 -14.71 5.35
C VAL C 149 99.87 -15.18 6.76
N TRP C 150 100.31 -16.43 6.84
CA TRP C 150 100.61 -17.06 8.13
C TRP C 150 102.06 -16.88 8.59
N LEU C 151 102.25 -15.90 9.47
CA LEU C 151 103.57 -15.56 9.96
C LEU C 151 103.99 -16.50 11.07
N THR C 152 105.00 -17.31 10.80
CA THR C 152 105.61 -18.20 11.78
C THR C 152 107.12 -17.93 11.85
N LYS C 153 107.77 -18.32 12.94
CA LYS C 153 109.19 -17.98 13.15
C LYS C 153 110.15 -18.38 12.02
N LYS C 154 111.30 -17.69 11.94
CA LYS C 154 112.33 -18.04 10.98
C LYS C 154 113.58 -18.55 11.70
N GLY C 155 113.50 -19.80 12.12
CA GLY C 155 114.59 -20.48 12.80
C GLY C 155 114.79 -19.98 14.19
N SER C 156 114.02 -20.53 15.12
CA SER C 156 114.13 -20.20 16.52
C SER C 156 113.96 -18.72 16.82
N ASP C 157 113.17 -18.01 16.03
CA ASP C 157 113.21 -16.57 16.13
C ASP C 157 112.05 -15.91 15.45
N TYR C 158 111.17 -15.37 16.28
CA TYR C 158 110.05 -14.59 15.79
C TYR C 158 110.20 -13.20 16.35
N PRO C 159 110.97 -12.38 15.61
CA PRO C 159 111.27 -10.99 15.91
C PRO C 159 109.99 -10.25 15.69
N VAL C 160 109.85 -9.08 16.31
CA VAL C 160 108.61 -8.33 16.22
C VAL C 160 108.24 -8.02 14.79
N ALA C 161 107.11 -8.59 14.34
CA ALA C 161 106.58 -8.30 13.02
C ALA C 161 105.93 -6.94 12.99
N LYS C 162 106.10 -6.23 11.89
CA LYS C 162 105.44 -4.92 11.68
C LYS C 162 104.92 -4.77 10.25
N GLY C 163 103.69 -4.28 10.16
CA GLY C 163 103.05 -4.08 8.89
C GLY C 163 102.46 -2.69 8.91
N SER C 164 102.08 -2.21 7.73
CA SER C 164 101.60 -0.85 7.61
C SER C 164 101.10 -0.58 6.20
N TYR C 165 100.05 0.23 6.08
CA TYR C 165 99.43 0.43 4.78
C TYR C 165 98.60 1.68 4.78
N ASN C 166 99.03 2.66 4.01
CA ASN C 166 98.27 3.88 3.85
C ASN C 166 97.25 3.60 2.76
N ASN C 167 96.13 4.30 2.81
CA ASN C 167 95.09 4.07 1.80
C ASN C 167 95.22 4.98 0.58
N THR C 168 96.13 4.64 -0.32
CA THR C 168 96.38 5.43 -1.52
C THR C 168 95.59 4.91 -2.72
N SER C 169 94.43 4.32 -2.47
CA SER C 169 93.79 3.48 -3.49
C SER C 169 92.63 4.14 -4.23
N GLY C 170 92.12 5.23 -3.66
CA GLY C 170 90.95 5.88 -4.23
C GLY C 170 89.67 5.14 -3.94
N GLU C 171 89.41 4.89 -2.65
CA GLU C 171 88.14 4.41 -2.05
C GLU C 171 88.37 3.79 -0.68
N GLN C 172 87.29 3.60 0.07
CA GLN C 172 87.35 2.93 1.36
C GLN C 172 87.61 1.47 1.13
N MET C 173 88.41 0.88 2.01
CA MET C 173 88.86 -0.48 1.81
C MET C 173 88.56 -1.39 2.99
N LEU C 174 87.94 -2.53 2.68
CA LEU C 174 87.67 -3.56 3.67
C LEU C 174 88.94 -4.35 3.96
N ILE C 175 89.42 -4.30 5.19
CA ILE C 175 90.60 -5.06 5.59
C ILE C 175 90.31 -6.11 6.68
N ILE C 176 90.61 -7.38 6.39
CA ILE C 176 90.40 -8.45 7.36
C ILE C 176 91.70 -9.06 7.90
N TRP C 177 91.87 -9.10 9.22
CA TRP C 177 92.95 -9.91 9.76
C TRP C 177 92.57 -11.08 10.68
N GLY C 178 93.59 -11.75 11.22
CA GLY C 178 93.37 -12.90 12.08
C GLY C 178 94.33 -13.02 13.25
N VAL C 179 93.90 -13.77 14.25
CA VAL C 179 94.80 -14.23 15.32
C VAL C 179 94.61 -15.73 15.61
N HIS C 180 95.74 -16.45 15.68
CA HIS C 180 95.75 -17.90 15.74
C HIS C 180 95.79 -18.39 17.19
N HIS C 181 94.76 -19.15 17.56
CA HIS C 181 94.66 -19.73 18.88
C HIS C 181 95.08 -21.23 18.87
N PRO C 182 96.31 -21.50 19.35
CA PRO C 182 96.94 -22.81 19.25
C PRO C 182 96.32 -23.80 20.19
N ASN C 183 96.52 -25.07 19.91
CA ASN C 183 95.98 -26.16 20.71
C ASN C 183 96.81 -26.49 21.96
N ASP C 184 98.12 -26.32 21.91
CA ASP C 184 98.92 -26.46 23.12
C ASP C 184 100.16 -25.60 23.11
N GLU C 185 100.89 -25.61 24.22
CA GLU C 185 102.06 -24.78 24.37
C GLU C 185 103.10 -25.13 23.33
N THR C 186 103.36 -26.41 23.12
CA THR C 186 104.36 -26.85 22.14
C THR C 186 104.11 -26.27 20.73
N GLU C 187 102.88 -26.37 20.25
CA GLU C 187 102.47 -25.70 18.99
C GLU C 187 102.93 -24.24 19.02
N GLN C 188 102.59 -23.55 20.10
CA GLN C 188 102.85 -22.12 20.20
C GLN C 188 104.33 -21.81 20.15
N ARG C 189 105.13 -22.65 20.81
CA ARG C 189 106.57 -22.49 20.67
C ARG C 189 107.14 -22.95 19.33
N THR C 190 106.69 -24.07 18.77
CA THR C 190 107.29 -24.40 17.47
C THR C 190 106.75 -23.54 16.33
N LEU C 191 105.87 -22.61 16.65
CA LEU C 191 105.31 -21.71 15.65
C LEU C 191 105.84 -20.29 15.80
N TYR C 192 106.03 -19.85 17.05
CA TYR C 192 106.33 -18.45 17.34
C TYR C 192 107.42 -18.27 18.39
N GLN C 193 108.10 -19.36 18.72
CA GLN C 193 109.25 -19.33 19.62
C GLN C 193 108.87 -19.00 21.07
N ASN C 194 108.28 -17.83 21.28
CA ASN C 194 107.99 -17.36 22.63
C ASN C 194 106.50 -17.47 23.00
N VAL C 195 106.21 -17.44 24.29
CA VAL C 195 104.82 -17.37 24.72
C VAL C 195 104.54 -15.99 25.32
N GLY C 196 103.27 -15.70 25.60
CA GLY C 196 102.87 -14.37 26.05
C GLY C 196 102.94 -13.37 24.90
N THR C 197 102.36 -13.77 23.78
CA THR C 197 102.40 -12.95 22.59
C THR C 197 101.23 -11.95 22.55
N TYR C 198 101.34 -10.96 21.67
CA TYR C 198 100.17 -10.17 21.33
C TYR C 198 100.07 -10.01 19.83
N VAL C 199 98.88 -9.60 19.38
CA VAL C 199 98.66 -9.12 18.03
C VAL C 199 97.95 -7.80 18.21
N SER C 200 98.53 -6.70 17.75
CA SER C 200 97.92 -5.40 18.00
C SER C 200 97.71 -4.65 16.68
N VAL C 201 96.46 -4.32 16.36
CA VAL C 201 96.13 -3.62 15.11
C VAL C 201 95.58 -2.24 15.37
N GLY C 202 96.09 -1.23 14.67
CA GLY C 202 95.74 0.14 14.94
C GLY C 202 95.40 1.00 13.75
N THR C 203 94.43 1.86 13.95
CA THR C 203 94.13 2.93 13.01
C THR C 203 93.89 4.24 13.76
N SER C 204 93.17 5.14 13.10
CA SER C 204 92.78 6.43 13.67
C SER C 204 91.63 6.21 14.65
N THR C 205 90.62 5.50 14.13
CA THR C 205 89.43 5.05 14.86
C THR C 205 89.71 3.85 15.76
N LEU C 206 90.42 2.85 15.23
CA LEU C 206 90.57 1.53 15.86
C LEU C 206 91.79 1.37 16.79
N ASN C 207 91.64 0.54 17.81
CA ASN C 207 92.78 0.14 18.64
C ASN C 207 92.55 -1.18 19.38
N LYS C 208 92.98 -2.28 18.80
CA LYS C 208 92.82 -3.59 19.41
C LYS C 208 94.15 -4.14 19.83
N ARG C 209 94.13 -5.01 20.84
CA ARG C 209 95.29 -5.78 21.24
C ARG C 209 94.75 -7.09 21.79
N SER C 210 94.83 -8.14 21.01
CA SER C 210 94.42 -9.46 21.51
C SER C 210 95.62 -10.29 22.00
N THR C 211 95.49 -10.85 23.19
CA THR C 211 96.48 -11.83 23.60
C THR C 211 95.84 -13.19 23.28
N PRO C 212 96.54 -14.01 22.49
CA PRO C 212 96.01 -15.31 22.03
C PRO C 212 95.74 -16.30 23.17
N GLU C 213 94.77 -17.18 22.96
CA GLU C 213 94.43 -18.18 23.97
C GLU C 213 94.89 -19.56 23.55
N ILE C 214 95.77 -20.14 24.37
CA ILE C 214 96.11 -21.54 24.18
C ILE C 214 95.16 -22.44 24.98
N ALA C 215 94.47 -23.33 24.28
CA ALA C 215 93.55 -24.27 24.90
C ALA C 215 93.21 -25.45 23.98
N THR C 216 93.05 -26.62 24.59
CA THR C 216 92.66 -27.84 23.88
C THR C 216 91.19 -27.84 23.55
N ARG C 217 90.85 -28.00 22.29
CA ARG C 217 89.47 -27.82 21.89
C ARG C 217 88.91 -29.02 21.12
N PRO C 218 87.57 -29.12 21.07
CA PRO C 218 86.81 -30.05 20.22
C PRO C 218 87.33 -30.06 18.80
N LYS C 219 87.70 -31.22 18.30
CA LYS C 219 88.41 -31.26 17.02
C LYS C 219 87.58 -31.01 15.73
N VAL C 220 87.07 -29.78 15.60
CA VAL C 220 86.50 -29.30 14.36
C VAL C 220 87.47 -29.48 13.19
N ASN C 221 87.03 -30.14 12.14
CA ASN C 221 87.78 -30.12 10.88
C ASN C 221 89.17 -30.72 11.03
N GLY C 222 89.41 -31.40 12.15
CA GLY C 222 90.67 -32.09 12.41
C GLY C 222 91.57 -31.37 13.42
N LEU C 223 91.12 -30.18 13.83
CA LEU C 223 91.94 -29.20 14.51
C LEU C 223 91.36 -28.73 15.82
N GLY C 224 92.12 -28.83 16.89
CA GLY C 224 91.71 -28.23 18.17
C GLY C 224 92.20 -26.80 18.38
N SER C 225 92.62 -26.15 17.29
CA SER C 225 93.17 -24.81 17.36
C SER C 225 92.31 -23.93 16.49
N ARG C 226 92.28 -22.62 16.76
CA ARG C 226 91.33 -21.75 16.05
C ARG C 226 91.95 -20.53 15.36
N MET C 227 91.31 -20.05 14.30
CA MET C 227 91.69 -18.73 13.80
C MET C 227 90.53 -17.71 13.88
N GLU C 228 90.73 -16.72 14.75
CA GLU C 228 89.73 -15.70 15.06
C GLU C 228 90.00 -14.38 14.30
N PHE C 229 89.30 -14.24 13.18
CA PHE C 229 89.35 -13.05 12.35
C PHE C 229 88.46 -11.87 12.81
N SER C 230 88.92 -10.65 12.55
CA SER C 230 88.13 -9.41 12.70
C SER C 230 88.28 -8.60 11.43
N TRP C 231 87.53 -7.52 11.29
CA TRP C 231 87.69 -6.70 10.10
C TRP C 231 87.54 -5.22 10.41
N THR C 232 87.93 -4.39 9.44
CA THR C 232 87.70 -2.96 9.56
C THR C 232 87.54 -2.31 8.18
N LEU C 233 86.91 -1.15 8.14
CA LEU C 233 86.92 -0.31 6.97
C LEU C 233 88.06 0.64 7.16
N LEU C 234 88.98 0.60 6.21
CA LEU C 234 90.07 1.53 6.24
C LEU C 234 89.73 2.75 5.41
N ASP C 235 89.75 3.90 6.08
CA ASP C 235 89.38 5.16 5.49
C ASP C 235 90.40 5.66 4.47
N MET C 236 89.93 6.45 3.51
CA MET C 236 90.83 7.03 2.54
C MET C 236 91.86 7.93 3.22
N TRP C 237 93.10 7.80 2.78
CA TRP C 237 94.25 8.48 3.35
C TRP C 237 94.36 8.22 4.85
N ASP C 238 94.16 6.97 5.25
CA ASP C 238 94.48 6.54 6.60
C ASP C 238 95.42 5.36 6.49
N THR C 239 96.28 5.23 7.49
CA THR C 239 97.17 4.09 7.60
C THR C 239 96.73 3.19 8.75
N ILE C 240 96.64 1.90 8.43
CA ILE C 240 96.40 0.82 9.38
C ILE C 240 97.79 0.34 9.81
N ASN C 241 97.91 -0.23 11.01
CA ASN C 241 99.20 -0.66 11.52
C ASN C 241 99.15 -2.01 12.26
N PHE C 242 99.56 -3.10 11.62
CA PHE C 242 99.79 -4.34 12.34
C PHE C 242 101.10 -4.37 13.13
N GLU C 243 101.08 -4.94 14.31
CA GLU C 243 102.29 -5.17 15.12
C GLU C 243 102.13 -6.38 16.04
N SER C 244 102.84 -7.47 15.74
CA SER C 244 102.72 -8.65 16.56
C SER C 244 104.05 -9.29 16.96
N THR C 245 104.02 -10.05 18.05
CA THR C 245 105.16 -10.87 18.45
C THR C 245 104.80 -12.35 18.38
N GLY C 246 103.64 -12.63 17.80
CA GLY C 246 103.27 -13.99 17.50
C GLY C 246 101.82 -14.10 17.19
N ASN C 247 101.44 -15.19 16.53
CA ASN C 247 100.05 -15.51 16.26
C ASN C 247 99.29 -14.49 15.41
N LEU C 248 100.00 -13.56 14.77
CA LEU C 248 99.34 -12.73 13.76
C LEU C 248 99.12 -13.50 12.45
N ILE C 249 97.87 -13.60 12.06
CA ILE C 249 97.57 -13.92 10.69
C ILE C 249 97.26 -12.57 10.06
N ALA C 250 98.05 -12.20 9.07
CA ALA C 250 97.92 -10.87 8.50
C ALA C 250 97.48 -11.00 7.07
N PRO C 251 96.83 -9.94 6.55
CA PRO C 251 96.28 -9.84 5.19
C PRO C 251 97.36 -9.55 4.17
N GLU C 252 97.27 -10.12 2.97
CA GLU C 252 98.14 -9.67 1.86
C GLU C 252 97.37 -8.71 0.96
N TYR C 253 96.05 -8.87 0.96
CA TYR C 253 95.22 -7.98 0.16
C TYR C 253 94.26 -7.15 1.02
N GLY C 254 93.85 -6.03 0.47
CA GLY C 254 92.70 -5.30 0.96
C GLY C 254 91.60 -5.35 -0.09
N PHE C 255 90.39 -4.97 0.30
CA PHE C 255 89.29 -4.90 -0.67
C PHE C 255 88.80 -3.48 -0.90
N LYS C 256 89.03 -2.97 -2.11
CA LYS C 256 88.66 -1.61 -2.51
C LYS C 256 87.24 -1.64 -3.07
N ILE C 257 86.34 -0.90 -2.45
CA ILE C 257 84.98 -0.79 -2.94
C ILE C 257 84.94 0.03 -4.21
N SER C 258 84.79 -0.67 -5.32
CA SER C 258 84.83 -0.05 -6.63
C SER C 258 83.45 0.39 -7.09
N LYS C 259 82.41 -0.38 -6.76
CA LYS C 259 81.06 0.12 -7.00
C LYS C 259 80.14 0.07 -5.77
N ARG C 260 80.00 1.23 -5.12
CA ARG C 260 78.99 1.44 -4.10
C ARG C 260 77.64 1.38 -4.82
N GLY C 261 76.63 0.88 -4.13
CA GLY C 261 75.37 0.60 -4.79
C GLY C 261 74.39 -0.19 -3.93
N SER C 262 73.17 0.30 -3.85
CA SER C 262 72.12 -0.36 -3.13
C SER C 262 71.93 -1.80 -3.64
N SER C 263 72.76 -2.72 -3.13
CA SER C 263 72.67 -4.13 -3.50
C SER C 263 71.87 -4.92 -2.46
N GLY C 264 72.21 -6.19 -2.31
CA GLY C 264 71.58 -7.04 -1.32
C GLY C 264 72.24 -8.40 -1.27
N ILE C 265 71.94 -9.19 -0.25
CA ILE C 265 72.37 -10.58 -0.21
C ILE C 265 71.14 -11.45 -0.11
N MET C 266 71.01 -12.37 -1.05
CA MET C 266 69.86 -13.26 -1.09
C MET C 266 70.23 -14.67 -0.66
N LYS C 267 69.41 -15.25 0.19
CA LYS C 267 69.66 -16.60 0.65
C LYS C 267 68.87 -17.58 -0.20
N THR C 268 69.57 -18.26 -1.11
CA THR C 268 68.94 -19.25 -1.97
C THR C 268 69.91 -20.40 -2.24
N GLU C 269 69.37 -21.57 -2.58
CA GLU C 269 70.20 -22.73 -2.91
C GLU C 269 70.37 -22.89 -4.41
N GLY C 270 69.54 -22.17 -5.18
CA GLY C 270 69.48 -22.34 -6.62
C GLY C 270 70.65 -21.76 -7.40
N THR C 271 70.47 -21.64 -8.72
CA THR C 271 71.54 -21.22 -9.61
C THR C 271 71.11 -20.21 -10.68
N LEU C 272 71.99 -19.25 -10.99
CA LEU C 272 71.71 -18.20 -11.99
C LEU C 272 71.49 -18.75 -13.40
N GLU C 273 70.39 -18.34 -14.04
CA GLU C 273 70.09 -18.74 -15.42
C GLU C 273 70.13 -17.56 -16.38
N ASN C 274 69.98 -17.84 -17.67
CA ASN C 274 70.07 -16.77 -18.66
C ASN C 274 68.73 -16.07 -18.90
N CYS C 275 68.37 -15.16 -17.99
CA CYS C 275 67.26 -14.23 -18.20
C CYS C 275 67.62 -12.78 -17.85
N GLU C 276 66.61 -12.04 -17.41
CA GLU C 276 66.75 -10.61 -17.11
C GLU C 276 65.46 -10.11 -16.44
N THR C 277 65.60 -9.16 -15.53
CA THR C 277 64.47 -8.56 -14.80
C THR C 277 64.93 -7.31 -14.01
N LYS C 278 63.99 -6.53 -13.51
CA LYS C 278 64.33 -5.38 -12.67
C LYS C 278 63.88 -5.62 -11.23
N CYS C 279 63.09 -6.67 -11.03
CA CYS C 279 62.59 -7.04 -9.72
C CYS C 279 62.79 -8.53 -9.51
N GLN C 280 63.30 -8.90 -8.34
CA GLN C 280 63.81 -10.24 -8.12
C GLN C 280 63.43 -10.83 -6.76
N THR C 281 62.67 -11.92 -6.77
CA THR C 281 62.39 -12.67 -5.53
C THR C 281 63.36 -13.85 -5.38
N PRO C 282 63.43 -14.42 -4.18
CA PRO C 282 64.15 -15.69 -4.02
C PRO C 282 63.50 -16.82 -4.83
N LEU C 283 62.20 -16.73 -5.05
CA LEU C 283 61.43 -17.81 -5.69
C LEU C 283 61.39 -17.71 -7.20
N GLY C 284 61.53 -16.50 -7.72
CA GLY C 284 61.42 -16.26 -9.15
C GLY C 284 61.62 -14.79 -9.49
N ALA C 285 61.37 -14.41 -10.75
CA ALA C 285 61.54 -13.04 -11.19
C ALA C 285 60.24 -12.46 -11.75
N ILE C 286 60.14 -11.14 -11.77
CA ILE C 286 58.86 -10.49 -12.00
C ILE C 286 58.86 -9.32 -13.00
N ASN C 287 58.15 -9.53 -14.12
CA ASN C 287 57.76 -8.45 -15.01
C ASN C 287 56.32 -8.16 -14.66
N THR C 288 56.03 -6.90 -14.33
CA THR C 288 54.67 -6.48 -14.04
C THR C 288 54.60 -4.95 -13.90
N THR C 289 53.42 -4.39 -14.11
CA THR C 289 53.21 -2.96 -13.88
C THR C 289 52.09 -2.73 -12.86
N LEU C 290 51.52 -3.83 -12.38
CA LEU C 290 50.57 -3.79 -11.28
C LEU C 290 51.22 -3.16 -10.04
N PRO C 291 50.41 -2.54 -9.16
CA PRO C 291 50.99 -1.87 -7.99
C PRO C 291 51.21 -2.81 -6.79
N PHE C 292 51.07 -4.12 -6.97
CA PHE C 292 51.20 -5.08 -5.86
C PHE C 292 51.71 -6.45 -6.29
N HIS C 293 52.34 -7.17 -5.36
CA HIS C 293 52.55 -8.61 -5.53
C HIS C 293 52.34 -9.37 -4.23
N ASN C 294 52.47 -10.69 -4.32
CA ASN C 294 52.25 -11.54 -3.16
C ASN C 294 53.21 -12.72 -3.15
N VAL C 295 54.34 -12.58 -3.84
CA VAL C 295 55.29 -13.68 -3.98
C VAL C 295 56.20 -13.85 -2.77
N HIS C 296 57.27 -13.08 -2.71
CA HIS C 296 58.18 -13.11 -1.58
C HIS C 296 58.35 -11.70 -1.04
N PRO C 297 58.51 -11.57 0.28
CA PRO C 297 58.78 -10.24 0.84
C PRO C 297 60.18 -9.74 0.49
N LEU C 298 61.15 -10.65 0.48
CA LEU C 298 62.57 -10.33 0.33
C LEU C 298 62.99 -10.04 -1.10
N THR C 299 62.46 -8.97 -1.66
CA THR C 299 62.73 -8.66 -3.06
C THR C 299 63.93 -7.74 -3.20
N ILE C 300 64.56 -7.77 -4.35
CA ILE C 300 65.59 -6.78 -4.66
C ILE C 300 65.40 -6.22 -6.05
N GLY C 301 65.43 -4.90 -6.13
CA GLY C 301 65.24 -4.17 -7.37
C GLY C 301 64.10 -3.17 -7.28
N GLU C 302 63.69 -2.65 -8.43
CA GLU C 302 62.52 -1.79 -8.51
C GLU C 302 61.28 -2.67 -8.50
N CYS C 303 60.57 -2.69 -7.38
CA CYS C 303 59.54 -3.68 -7.16
C CYS C 303 58.23 -3.09 -6.67
N PRO C 304 57.12 -3.80 -6.93
CA PRO C 304 55.80 -3.50 -6.36
C PRO C 304 55.76 -3.73 -4.85
N ARG C 305 54.70 -3.27 -4.18
CA ARG C 305 54.59 -3.51 -2.74
C ARG C 305 54.03 -4.90 -2.47
N TYR C 306 54.77 -5.68 -1.69
CA TYR C 306 54.31 -7.00 -1.26
C TYR C 306 53.26 -6.84 -0.17
N VAL C 307 52.23 -7.68 -0.28
CA VAL C 307 51.10 -7.74 0.66
C VAL C 307 50.70 -9.20 0.87
N LYS C 308 49.94 -9.44 1.94
CA LYS C 308 49.56 -10.78 2.38
C LYS C 308 48.23 -11.26 1.77
N SER C 309 47.88 -10.73 0.61
CA SER C 309 46.58 -10.96 -0.02
C SER C 309 46.63 -12.01 -1.13
N GLU C 310 45.53 -12.75 -1.31
CA GLU C 310 45.43 -13.70 -2.41
C GLU C 310 44.82 -13.03 -3.63
N LYS C 311 44.04 -11.97 -3.40
CA LYS C 311 43.25 -11.32 -4.45
C LYS C 311 43.04 -9.84 -4.19
N LEU C 312 43.45 -9.00 -5.12
CA LEU C 312 43.06 -7.59 -5.10
C LEU C 312 42.49 -7.23 -6.46
N VAL C 313 41.18 -7.36 -6.61
CA VAL C 313 40.57 -7.07 -7.89
C VAL C 313 39.87 -5.72 -7.81
N LEU C 314 40.05 -4.89 -8.81
CA LEU C 314 39.49 -3.55 -8.78
C LEU C 314 38.34 -3.43 -9.75
N ALA C 315 37.21 -2.94 -9.26
CA ALA C 315 36.10 -2.70 -10.17
C ALA C 315 36.31 -1.41 -10.96
N THR C 316 36.18 -1.56 -12.28
CA THR C 316 36.18 -0.44 -13.21
C THR C 316 34.79 -0.32 -13.85
N GLY C 317 34.27 -1.42 -14.37
CA GLY C 317 32.98 -1.43 -15.03
C GLY C 317 31.82 -1.39 -14.05
N LEU C 318 30.63 -1.75 -14.53
CA LEU C 318 29.45 -1.75 -13.65
C LEU C 318 28.90 -3.16 -13.49
N ARG C 319 27.74 -3.26 -12.87
CA ARG C 319 27.21 -4.58 -12.61
C ARG C 319 26.69 -5.27 -13.87
N ASN C 320 27.17 -6.49 -14.12
CA ASN C 320 26.64 -7.29 -15.20
C ASN C 320 25.30 -7.87 -14.77
N VAL C 321 24.22 -7.19 -15.12
CA VAL C 321 22.89 -7.75 -14.87
C VAL C 321 22.27 -8.25 -16.17
N PRO C 322 21.95 -9.55 -16.24
CA PRO C 322 21.38 -10.09 -17.47
C PRO C 322 19.89 -9.77 -17.57
N GLN C 323 19.36 -9.80 -18.80
CA GLN C 323 18.08 -9.15 -19.12
C GLN C 323 16.84 -10.05 -19.03
N GLY D 1 21.09 -0.01 -7.15
CA GLY D 1 21.41 -0.50 -5.81
C GLY D 1 21.40 0.56 -4.70
N LEU D 2 22.03 1.70 -4.95
CA LEU D 2 21.99 2.78 -3.98
C LEU D 2 21.25 3.94 -4.59
N PHE D 3 21.31 4.00 -5.92
CA PHE D 3 20.62 5.03 -6.67
C PHE D 3 19.42 4.46 -7.43
N GLY D 4 19.31 3.14 -7.39
CA GLY D 4 18.11 2.45 -7.79
C GLY D 4 17.91 2.20 -9.28
N ALA D 5 18.82 2.70 -10.10
CA ALA D 5 18.70 2.54 -11.54
C ALA D 5 19.19 1.15 -11.98
N ILE D 6 20.49 0.91 -11.86
CA ILE D 6 21.05 -0.40 -12.22
C ILE D 6 20.58 -1.49 -11.27
N ALA D 7 20.15 -2.61 -11.88
CA ALA D 7 19.33 -3.65 -11.24
C ALA D 7 18.28 -3.05 -10.32
N GLY D 8 17.58 -2.04 -10.83
CA GLY D 8 16.51 -1.38 -10.13
C GLY D 8 15.41 -1.14 -11.13
N PHE D 9 14.94 0.10 -11.25
CA PHE D 9 13.86 0.37 -12.18
C PHE D 9 14.26 0.08 -13.62
N ILE D 10 15.52 0.29 -13.95
CA ILE D 10 16.05 -0.29 -15.18
C ILE D 10 16.55 -1.70 -14.88
N GLU D 11 15.62 -2.66 -14.97
CA GLU D 11 15.80 -4.03 -14.51
C GLU D 11 17.05 -4.78 -15.01
N GLY D 12 17.51 -4.47 -16.21
CA GLY D 12 18.59 -5.24 -16.81
C GLY D 12 19.42 -4.48 -17.82
N GLY D 13 20.49 -5.12 -18.28
CA GLY D 13 21.41 -4.51 -19.21
C GLY D 13 21.02 -4.73 -20.65
N TRP D 14 21.73 -4.07 -21.55
CA TRP D 14 21.52 -4.23 -22.98
C TRP D 14 22.78 -4.80 -23.61
N GLN D 15 22.74 -6.08 -23.97
CA GLN D 15 23.88 -6.77 -24.57
C GLN D 15 24.24 -6.26 -25.98
N GLY D 16 23.36 -5.44 -26.55
CA GLY D 16 23.62 -4.83 -27.84
C GLY D 16 24.11 -3.40 -27.70
N MET D 17 24.05 -2.88 -26.48
CA MET D 17 24.65 -1.60 -26.20
C MET D 17 26.13 -1.83 -25.97
N VAL D 18 26.94 -1.58 -27.00
CA VAL D 18 28.36 -1.88 -26.96
C VAL D 18 29.24 -0.80 -27.61
N ASP D 19 28.74 0.44 -27.59
CA ASP D 19 29.55 1.57 -28.04
C ASP D 19 29.88 2.47 -26.84
N GLY D 20 29.54 1.98 -25.64
CA GLY D 20 29.67 2.74 -24.40
C GLY D 20 29.11 1.97 -23.21
N TRP D 21 29.01 2.64 -22.07
CA TRP D 21 28.51 2.02 -20.84
C TRP D 21 27.00 2.19 -20.68
N TYR D 22 26.57 3.43 -20.91
CA TYR D 22 25.19 3.86 -20.80
C TYR D 22 24.68 4.26 -22.17
N GLY D 23 23.43 4.72 -22.23
CA GLY D 23 22.90 5.22 -23.48
C GLY D 23 21.43 4.96 -23.70
N TYR D 24 20.99 5.14 -24.94
CA TYR D 24 19.57 5.17 -25.24
C TYR D 24 19.07 4.00 -26.08
N HIS D 25 17.75 3.87 -26.16
CA HIS D 25 17.09 3.04 -27.15
C HIS D 25 15.85 3.76 -27.65
N HIS D 26 15.94 4.35 -28.84
CA HIS D 26 14.78 4.96 -29.48
C HIS D 26 14.12 3.99 -30.44
N SER D 27 12.78 3.96 -30.41
CA SER D 27 12.02 3.11 -31.31
C SER D 27 10.83 3.84 -31.92
N ASN D 28 11.10 4.71 -32.89
CA ASN D 28 10.03 5.35 -33.65
C ASN D 28 9.77 4.59 -34.95
N ASP D 29 9.20 5.29 -35.93
CA ASP D 29 8.84 4.65 -37.20
C ASP D 29 10.09 4.37 -38.04
N GLN D 30 10.91 5.39 -38.23
CA GLN D 30 12.08 5.35 -39.11
C GLN D 30 13.04 4.20 -38.82
N GLY D 31 13.12 3.78 -37.55
CA GLY D 31 13.92 2.63 -37.19
C GLY D 31 13.97 2.43 -35.70
N SER D 32 14.83 1.51 -35.25
CA SER D 32 15.13 1.37 -33.83
C SER D 32 16.50 2.02 -33.59
N GLY D 33 17.13 1.70 -32.48
CA GLY D 33 18.49 2.17 -32.27
C GLY D 33 19.11 2.16 -30.89
N TYR D 34 19.88 1.10 -30.59
CA TYR D 34 20.82 1.17 -29.49
C TYR D 34 21.87 2.22 -29.87
N ALA D 35 22.04 3.22 -29.01
CA ALA D 35 23.02 4.28 -29.24
C ALA D 35 23.49 4.90 -27.90
N ALA D 36 24.75 4.65 -27.57
CA ALA D 36 25.35 5.08 -26.31
C ALA D 36 25.42 6.60 -26.13
N ASP D 37 25.11 7.08 -24.93
CA ASP D 37 25.30 8.50 -24.64
C ASP D 37 26.79 8.79 -24.72
N LYS D 38 27.17 10.03 -25.05
CA LYS D 38 28.59 10.38 -25.12
C LYS D 38 29.12 10.96 -23.81
N GLU D 39 28.65 12.17 -23.49
CA GLU D 39 29.02 12.93 -22.30
C GLU D 39 29.16 12.11 -21.01
N SER D 40 28.07 11.44 -20.64
CA SER D 40 28.05 10.64 -19.44
C SER D 40 29.02 9.47 -19.51
N THR D 41 29.10 8.80 -20.66
CA THR D 41 30.01 7.66 -20.77
C THR D 41 31.47 8.10 -20.82
N GLN D 42 31.76 9.22 -21.48
CA GLN D 42 33.11 9.80 -21.43
C GLN D 42 33.50 10.20 -20.00
N LYS D 43 32.64 10.96 -19.32
CA LYS D 43 32.88 11.42 -17.95
C LYS D 43 33.09 10.30 -16.93
N ALA D 44 32.45 9.16 -17.16
CA ALA D 44 32.65 8.00 -16.32
C ALA D 44 34.05 7.48 -16.55
N PHE D 45 34.43 7.39 -17.82
CA PHE D 45 35.74 6.86 -18.18
C PHE D 45 36.82 7.70 -17.52
N ASP D 46 36.70 9.02 -17.64
CA ASP D 46 37.67 9.92 -17.02
C ASP D 46 37.77 9.73 -15.49
N GLY D 47 36.63 9.61 -14.85
CA GLY D 47 36.59 9.46 -13.41
C GLY D 47 37.06 8.10 -12.91
N ILE D 48 36.84 7.05 -13.69
CA ILE D 48 37.32 5.72 -13.33
C ILE D 48 38.84 5.61 -13.54
N THR D 49 39.31 6.00 -14.72
CA THR D 49 40.75 6.02 -14.98
C THR D 49 41.46 6.95 -13.99
N ASN D 50 40.85 8.09 -13.69
CA ASN D 50 41.38 8.97 -12.66
C ASN D 50 41.48 8.28 -11.29
N LYS D 51 40.56 7.37 -11.01
CA LYS D 51 40.56 6.64 -9.74
C LYS D 51 41.66 5.60 -9.63
N VAL D 52 41.77 4.71 -10.60
CA VAL D 52 42.80 3.67 -10.55
C VAL D 52 44.22 4.21 -10.71
N ASN D 53 44.37 5.29 -11.48
CA ASN D 53 45.64 5.98 -11.55
C ASN D 53 45.95 6.57 -10.18
N SER D 54 44.89 6.96 -9.48
CA SER D 54 44.96 7.50 -8.13
C SER D 54 45.14 6.41 -7.05
N VAL D 55 45.21 5.16 -7.48
CA VAL D 55 45.43 4.05 -6.56
C VAL D 55 46.81 3.47 -6.80
N ILE D 56 47.21 3.42 -8.07
CA ILE D 56 48.57 2.99 -8.38
C ILE D 56 49.59 4.04 -7.89
N GLU D 57 49.19 5.32 -7.88
CA GLU D 57 50.08 6.41 -7.46
C GLU D 57 50.20 6.60 -5.94
N LYS D 58 49.55 5.74 -5.15
CA LYS D 58 49.50 5.89 -3.70
C LYS D 58 50.23 4.79 -2.92
N MET D 59 50.59 3.71 -3.61
CA MET D 59 51.36 2.63 -2.99
C MET D 59 52.76 2.51 -3.59
N ASN D 60 53.29 3.63 -4.09
CA ASN D 60 54.60 3.68 -4.73
C ASN D 60 55.59 4.57 -3.97
N THR D 61 55.15 5.04 -2.81
CA THR D 61 55.98 5.83 -1.91
C THR D 61 56.86 4.88 -1.11
N GLN D 62 57.71 4.15 -1.83
CA GLN D 62 58.11 2.78 -1.47
C GLN D 62 59.39 2.48 -0.70
N PHE D 63 60.15 1.54 -1.27
CA PHE D 63 61.01 0.65 -0.50
C PHE D 63 62.15 0.06 -1.32
N GLU D 64 63.22 -0.29 -0.62
CA GLU D 64 64.14 -1.34 -1.04
C GLU D 64 64.63 -2.06 0.20
N ALA D 65 64.47 -3.38 0.22
CA ALA D 65 64.63 -4.19 1.45
C ALA D 65 66.06 -4.58 1.78
N VAL D 66 66.61 -3.97 2.83
CA VAL D 66 68.03 -4.10 3.16
C VAL D 66 68.41 -5.39 3.93
N GLY D 67 67.41 -6.21 4.30
CA GLY D 67 67.61 -7.55 4.86
C GLY D 67 68.79 -7.82 5.79
N LYS D 68 68.50 -7.97 7.08
CA LYS D 68 69.56 -8.06 8.09
C LYS D 68 69.73 -9.50 8.61
N GLU D 69 70.82 -9.75 9.33
CA GLU D 69 71.12 -11.08 9.88
C GLU D 69 71.65 -10.91 11.29
N PHE D 70 71.30 -11.82 12.21
CA PHE D 70 71.66 -11.65 13.61
C PHE D 70 72.23 -12.93 14.21
N SER D 71 73.08 -12.78 15.23
CA SER D 71 73.70 -13.93 15.91
C SER D 71 72.70 -14.73 16.72
N ASN D 72 73.17 -15.78 17.37
CA ASN D 72 72.37 -16.44 18.40
C ASN D 72 72.43 -15.70 19.74
N LEU D 73 72.95 -14.49 19.70
CA LEU D 73 73.11 -13.75 20.93
C LEU D 73 72.39 -12.43 20.81
N GLU D 74 71.82 -12.19 19.63
CA GLU D 74 70.97 -11.02 19.45
C GLU D 74 69.54 -11.36 19.03
N ARG D 75 68.83 -12.12 19.87
CA ARG D 75 67.56 -12.65 19.47
C ARG D 75 66.42 -11.68 19.59
N ARG D 76 66.37 -10.91 20.66
CA ARG D 76 65.34 -9.90 20.79
C ARG D 76 65.43 -8.94 19.63
N LEU D 77 66.67 -8.60 19.26
CA LEU D 77 66.92 -7.70 18.13
C LEU D 77 66.38 -8.28 16.82
N GLU D 78 66.61 -9.57 16.58
CA GLU D 78 66.09 -10.25 15.40
C GLU D 78 64.58 -10.17 15.35
N ASN D 79 63.95 -10.44 16.49
CA ASN D 79 62.50 -10.41 16.62
C ASN D 79 61.96 -9.02 16.41
N LEU D 80 62.67 -8.04 16.95
CA LEU D 80 62.33 -6.65 16.73
C LEU D 80 62.44 -6.32 15.25
N ASN D 81 63.41 -6.90 14.54
CA ASN D 81 63.39 -6.75 13.09
C ASN D 81 62.17 -7.43 12.52
N LYS D 82 62.05 -8.75 12.72
CA LYS D 82 60.84 -9.48 12.35
C LYS D 82 59.53 -8.71 12.64
N LYS D 83 59.22 -8.48 13.92
CA LYS D 83 57.93 -7.85 14.31
C LYS D 83 57.62 -6.55 13.54
N MET D 84 58.66 -5.78 13.23
CA MET D 84 58.53 -4.50 12.54
C MET D 84 58.09 -4.71 11.10
N GLU D 85 58.82 -5.57 10.41
CA GLU D 85 58.53 -5.91 9.03
C GLU D 85 57.18 -6.59 8.89
N ASP D 86 56.87 -7.52 9.80
CA ASP D 86 55.56 -8.13 9.80
C ASP D 86 54.51 -7.08 10.13
N GLY D 87 54.83 -6.20 11.04
CA GLY D 87 53.87 -5.18 11.43
C GLY D 87 53.46 -4.24 10.32
N PHE D 88 54.42 -3.89 9.46
CA PHE D 88 54.14 -2.95 8.37
C PHE D 88 53.50 -3.70 7.23
N LEU D 89 53.93 -4.95 7.03
CA LEU D 89 53.29 -5.89 6.11
C LEU D 89 51.77 -5.93 6.37
N ASP D 90 51.41 -6.16 7.63
CA ASP D 90 50.00 -6.15 8.01
C ASP D 90 49.33 -4.79 7.77
N VAL D 91 50.03 -3.69 7.98
CA VAL D 91 49.37 -2.41 7.82
C VAL D 91 49.10 -2.10 6.35
N TRP D 92 50.09 -2.34 5.51
CA TRP D 92 49.91 -2.05 4.09
C TRP D 92 48.95 -3.01 3.45
N THR D 93 48.90 -4.24 3.96
CA THR D 93 47.89 -5.19 3.49
C THR D 93 46.48 -4.67 3.74
N TYR D 94 46.14 -4.47 5.01
CA TYR D 94 44.91 -3.80 5.42
C TYR D 94 44.53 -2.61 4.57
N ASN D 95 45.37 -1.58 4.51
CA ASN D 95 45.08 -0.40 3.71
C ASN D 95 44.71 -0.78 2.28
N ALA D 96 45.49 -1.70 1.71
CA ALA D 96 45.36 -2.09 0.32
C ALA D 96 44.06 -2.80 0.11
N GLU D 97 43.85 -3.85 0.89
CA GLU D 97 42.60 -4.61 0.85
C GLU D 97 41.38 -3.70 1.06
N LEU D 98 41.40 -2.97 2.15
CA LEU D 98 40.33 -2.06 2.47
C LEU D 98 40.04 -1.05 1.37
N LEU D 99 41.08 -0.52 0.73
CA LEU D 99 40.87 0.52 -0.28
C LEU D 99 40.13 -0.07 -1.48
N VAL D 100 40.64 -1.23 -1.92
CA VAL D 100 40.01 -1.98 -2.98
C VAL D 100 38.51 -2.11 -2.69
N LEU D 101 38.16 -2.71 -1.55
CA LEU D 101 36.74 -2.88 -1.21
C LEU D 101 35.92 -1.59 -1.29
N MET D 102 36.31 -0.57 -0.53
CA MET D 102 35.60 0.69 -0.48
C MET D 102 35.51 1.34 -1.83
N GLU D 103 36.60 1.36 -2.60
CA GLU D 103 36.55 2.01 -3.91
C GLU D 103 35.82 1.16 -4.97
N ASN D 104 35.73 -0.13 -4.69
CA ASN D 104 34.82 -1.00 -5.41
C ASN D 104 33.38 -0.54 -5.19
N GLU D 105 32.90 -0.60 -3.95
CA GLU D 105 31.58 -0.10 -3.61
C GLU D 105 31.27 1.28 -4.22
N ARG D 106 32.16 2.24 -4.06
CA ARG D 106 31.88 3.58 -4.57
C ARG D 106 31.88 3.67 -6.08
N THR D 107 32.60 2.77 -6.76
CA THR D 107 32.56 2.71 -8.22
C THR D 107 31.18 2.26 -8.73
N LEU D 108 30.71 1.16 -8.16
CA LEU D 108 29.36 0.67 -8.41
C LEU D 108 28.25 1.72 -8.24
N ASP D 109 28.15 2.34 -7.06
CA ASP D 109 27.15 3.38 -6.88
C ASP D 109 27.43 4.57 -7.80
N PHE D 110 28.67 4.68 -8.28
CA PHE D 110 29.02 5.81 -9.14
C PHE D 110 28.37 5.62 -10.50
N HIS D 111 28.47 4.40 -10.99
CA HIS D 111 27.71 4.02 -12.18
C HIS D 111 26.20 4.20 -11.97
N ASP D 112 25.68 3.65 -10.88
CA ASP D 112 24.27 3.75 -10.56
C ASP D 112 23.85 5.20 -10.66
N SER D 113 24.41 6.02 -9.78
CA SER D 113 24.16 7.46 -9.86
C SER D 113 24.36 8.05 -11.26
N ASN D 114 25.34 7.56 -12.01
CA ASN D 114 25.47 8.06 -13.38
C ASN D 114 24.18 7.84 -14.19
N VAL D 115 23.73 6.59 -14.22
CA VAL D 115 22.57 6.18 -15.01
C VAL D 115 21.29 6.88 -14.57
N LYS D 116 21.09 6.95 -13.26
CA LYS D 116 19.93 7.64 -12.72
C LYS D 116 19.92 9.14 -13.08
N ASN D 117 21.09 9.77 -13.05
CA ASN D 117 21.18 11.17 -13.44
C ASN D 117 20.89 11.39 -14.93
N LEU D 118 21.31 10.41 -15.73
CA LEU D 118 21.01 10.44 -17.15
C LEU D 118 19.51 10.42 -17.32
N TYR D 119 18.89 9.36 -16.82
CA TYR D 119 17.44 9.20 -16.89
C TYR D 119 16.76 10.46 -16.37
N ASP D 120 17.25 11.01 -15.27
CA ASP D 120 16.68 12.26 -14.75
C ASP D 120 16.90 13.47 -15.66
N LYS D 121 17.92 13.38 -16.50
CA LYS D 121 18.18 14.46 -17.45
C LYS D 121 17.14 14.41 -18.57
N VAL D 122 16.98 13.25 -19.18
CA VAL D 122 15.96 13.07 -20.21
C VAL D 122 14.54 13.36 -19.67
N ARG D 123 14.22 12.78 -18.53
CA ARG D 123 12.93 13.02 -17.86
C ARG D 123 12.56 14.50 -17.60
N MET D 124 13.46 15.28 -17.02
CA MET D 124 13.16 16.70 -16.73
C MET D 124 13.28 17.55 -17.99
N GLN D 125 13.77 16.95 -19.07
CA GLN D 125 13.86 17.60 -20.38
C GLN D 125 12.53 17.52 -21.14
N LEU D 126 12.12 16.28 -21.43
CA LEU D 126 10.83 15.99 -22.07
C LEU D 126 9.64 16.62 -21.35
N ARG D 127 9.67 16.60 -20.03
CA ARG D 127 8.51 16.92 -19.20
C ARG D 127 7.33 16.03 -19.58
N ASP D 128 6.13 16.60 -19.61
CA ASP D 128 4.90 15.82 -19.77
C ASP D 128 4.45 15.62 -21.23
N ASN D 129 5.39 15.50 -22.15
CA ASN D 129 5.06 15.10 -23.51
C ASN D 129 5.11 13.59 -23.65
N VAL D 130 5.51 12.91 -22.56
CA VAL D 130 5.64 11.46 -22.60
C VAL D 130 5.10 10.76 -21.37
N LYS D 131 4.95 9.44 -21.53
CA LYS D 131 4.61 8.55 -20.42
C LYS D 131 5.89 8.03 -19.77
N GLU D 132 6.08 8.38 -18.49
CA GLU D 132 7.16 7.80 -17.72
C GLU D 132 6.73 6.41 -17.27
N LEU D 133 6.97 5.41 -18.11
CA LEU D 133 6.60 4.04 -17.79
C LEU D 133 7.17 3.59 -16.45
N GLY D 134 8.49 3.74 -16.26
CA GLY D 134 9.12 3.30 -15.04
C GLY D 134 9.75 1.92 -15.22
N ASN D 135 9.97 1.55 -16.47
CA ASN D 135 10.83 0.42 -16.78
C ASN D 135 12.16 1.02 -17.16
N GLY D 136 12.19 2.35 -17.20
CA GLY D 136 13.35 3.09 -17.67
C GLY D 136 13.13 3.54 -19.10
N CYS D 137 11.88 3.52 -19.54
CA CYS D 137 11.54 3.98 -20.89
C CYS D 137 10.46 5.05 -20.87
N PHE D 138 10.38 5.80 -21.96
CA PHE D 138 9.37 6.85 -22.09
C PHE D 138 8.39 6.55 -23.23
N CYS D 144 8.01 11.19 -33.04
CA CYS D 144 9.33 11.80 -32.86
C CYS D 144 10.37 11.18 -33.81
N ASP D 145 11.06 12.02 -34.56
CA ASP D 145 11.90 11.59 -35.68
C ASP D 145 13.35 11.27 -35.27
N ASP D 146 14.03 10.45 -36.08
CA ASP D 146 15.47 10.28 -35.94
C ASP D 146 16.13 11.64 -36.19
N GLU D 147 15.77 12.61 -35.34
CA GLU D 147 15.95 14.01 -35.65
C GLU D 147 15.36 14.79 -34.48
N CYS D 148 14.29 14.24 -33.93
CA CYS D 148 13.72 14.73 -32.69
C CYS D 148 14.36 13.91 -31.55
N MET D 149 14.47 12.60 -31.75
CA MET D 149 15.23 11.71 -30.86
C MET D 149 16.66 12.22 -30.66
N ASN D 150 17.42 12.18 -31.76
CA ASN D 150 18.80 12.66 -31.81
C ASN D 150 18.93 14.17 -31.60
N SER D 151 17.99 14.73 -30.83
CA SER D 151 17.99 16.13 -30.44
C SER D 151 17.98 16.11 -28.93
N VAL D 152 17.24 15.15 -28.39
CA VAL D 152 17.17 14.94 -26.96
C VAL D 152 18.51 14.43 -26.44
N LYS D 153 19.12 13.54 -27.20
CA LYS D 153 20.37 12.87 -26.81
C LYS D 153 21.60 13.75 -27.01
N ASN D 154 21.37 14.99 -27.44
CA ASN D 154 22.35 16.06 -27.27
C ASN D 154 21.78 17.30 -26.55
N GLY D 155 20.90 17.04 -25.59
CA GLY D 155 20.45 18.07 -24.66
C GLY D 155 19.43 19.09 -25.17
N THR D 156 19.09 19.04 -26.46
CA THR D 156 18.18 20.03 -27.04
C THR D 156 16.78 19.53 -27.36
N TYR D 157 15.79 20.06 -26.64
CA TYR D 157 14.42 19.65 -26.86
C TYR D 157 13.43 20.81 -26.72
N ASP D 158 12.92 21.27 -27.85
CA ASP D 158 11.89 22.30 -27.88
C ASP D 158 10.59 21.73 -27.29
N TYR D 159 10.38 21.94 -26.00
CA TYR D 159 9.11 21.57 -25.38
C TYR D 159 7.91 22.35 -25.96
N PRO D 160 7.98 23.70 -26.01
CA PRO D 160 6.77 24.39 -26.47
C PRO D 160 6.49 24.21 -27.97
N LYS D 161 7.29 23.38 -28.63
CA LYS D 161 7.03 22.93 -29.99
C LYS D 161 5.91 21.87 -29.93
N TYR D 162 6.23 20.74 -29.32
CA TYR D 162 5.32 19.60 -29.24
C TYR D 162 4.26 19.78 -28.14
N GLU D 163 4.32 20.90 -27.42
CA GLU D 163 3.45 21.12 -26.27
C GLU D 163 1.98 20.89 -26.56
N GLU D 164 1.45 21.70 -27.48
CA GLU D 164 0.02 21.69 -27.80
C GLU D 164 -0.40 20.44 -28.56
N GLU D 165 0.49 19.90 -29.38
CA GLU D 165 0.19 18.66 -30.06
C GLU D 165 0.08 17.50 -29.08
N SER D 166 1.02 17.41 -28.14
CA SER D 166 1.04 16.29 -27.22
C SER D 166 -0.04 16.43 -26.14
N LYS D 167 -0.44 17.68 -25.86
CA LYS D 167 -1.55 17.95 -24.96
C LYS D 167 -2.86 17.47 -25.60
N LEU D 168 -2.92 17.55 -26.92
CA LEU D 168 -4.07 17.07 -27.69
C LEU D 168 -4.18 15.54 -27.67
N ASN D 169 -3.12 14.88 -28.09
CA ASN D 169 -3.12 13.43 -28.19
C ASN D 169 -3.25 12.78 -26.83
N ARG D 170 -2.96 13.53 -25.78
CA ARG D 170 -3.03 13.01 -24.42
C ARG D 170 -4.49 12.85 -23.99
N ASN D 171 -5.33 13.77 -24.45
CA ASN D 171 -6.72 13.88 -24.02
C ASN D 171 -7.69 13.45 -25.13
N GLU D 172 -8.14 12.18 -25.13
CA GLU D 172 -9.12 11.70 -26.11
C GLU D 172 -9.64 10.30 -25.78
N PRO E 1 1.74 35.17 -16.88
CA PRO E 1 2.85 35.92 -16.25
C PRO E 1 2.94 35.61 -14.75
N GLY E 2 3.41 34.42 -14.40
CA GLY E 2 3.27 33.89 -13.05
C GLY E 2 4.39 34.17 -12.07
N ASP E 3 4.11 34.02 -10.78
CA ASP E 3 5.13 34.21 -9.76
C ASP E 3 6.11 33.03 -9.76
N GLN E 4 7.36 33.25 -9.34
CA GLN E 4 8.38 32.20 -9.35
C GLN E 4 9.09 32.03 -8.00
N ILE E 5 9.45 30.79 -7.66
CA ILE E 5 10.46 30.51 -6.63
C ILE E 5 11.47 29.46 -7.12
N CYS E 6 12.75 29.71 -6.83
CA CYS E 6 13.85 28.89 -7.34
C CYS E 6 14.70 28.33 -6.22
N ILE E 7 15.37 27.23 -6.51
CA ILE E 7 16.32 26.67 -5.55
C ILE E 7 17.74 26.77 -6.10
N GLY E 8 18.65 27.29 -5.28
CA GLY E 8 20.02 27.44 -5.73
C GLY E 8 20.98 27.66 -4.59
N TYR E 9 22.24 27.91 -4.94
CA TYR E 9 23.30 27.84 -3.97
C TYR E 9 24.45 28.78 -4.22
N HIS E 10 25.21 29.02 -3.16
CA HIS E 10 26.37 29.90 -3.19
C HIS E 10 27.29 29.60 -4.38
N ALA E 11 28.06 30.62 -4.75
CA ALA E 11 29.27 30.48 -5.53
C ALA E 11 29.92 31.80 -5.22
N ASN E 12 31.22 31.91 -5.43
CA ASN E 12 31.88 33.18 -5.19
C ASN E 12 33.17 33.33 -5.99
N ASN E 13 34.01 34.25 -5.52
CA ASN E 13 35.22 34.59 -6.24
C ASN E 13 36.40 33.64 -5.99
N SER E 14 36.18 32.66 -5.13
CA SER E 14 37.23 31.77 -4.63
C SER E 14 37.88 30.90 -5.73
N THR E 15 39.19 30.74 -5.66
CA THR E 15 39.91 29.88 -6.60
C THR E 15 40.66 28.73 -5.90
N GLU E 16 40.37 28.55 -4.61
CA GLU E 16 40.93 27.45 -3.82
C GLU E 16 40.67 26.12 -4.53
N LYS E 17 41.72 25.38 -4.87
CA LYS E 17 41.52 24.02 -5.41
C LYS E 17 41.70 22.93 -4.37
N VAL E 18 40.83 21.93 -4.42
CA VAL E 18 41.00 20.73 -3.64
C VAL E 18 40.96 19.55 -4.60
N ASP E 19 41.37 18.38 -4.14
CA ASP E 19 41.24 17.21 -5.00
C ASP E 19 40.37 16.15 -4.37
N THR E 20 40.04 15.14 -5.17
CA THR E 20 39.23 14.01 -4.73
C THR E 20 39.79 12.72 -5.33
N ILE E 21 39.14 11.58 -5.07
CA ILE E 21 39.61 10.31 -5.63
C ILE E 21 39.17 10.15 -7.08
N LEU E 22 38.08 10.83 -7.43
CA LEU E 22 37.47 10.73 -8.75
C LEU E 22 38.01 11.81 -9.68
N GLU E 23 38.28 12.96 -9.09
CA GLU E 23 38.49 14.17 -9.87
C GLU E 23 39.47 15.10 -9.15
N ARG E 24 40.49 15.58 -9.86
CA ARG E 24 41.41 16.54 -9.27
C ARG E 24 41.19 17.96 -9.79
N ASN E 25 41.73 18.92 -9.06
CA ASN E 25 41.63 20.35 -9.37
C ASN E 25 40.21 20.86 -9.41
N VAL E 26 39.57 20.78 -8.26
CA VAL E 26 38.17 21.15 -8.16
C VAL E 26 38.03 22.48 -7.41
N THR E 27 37.54 23.49 -8.12
CA THR E 27 37.41 24.81 -7.53
C THR E 27 36.23 24.89 -6.56
N VAL E 28 36.50 25.21 -5.30
CA VAL E 28 35.45 25.23 -4.30
C VAL E 28 35.34 26.60 -3.64
N THR E 29 34.33 26.79 -2.79
CA THR E 29 33.98 28.12 -2.27
C THR E 29 34.66 28.40 -0.96
N HIS E 30 34.85 27.35 -0.17
CA HIS E 30 35.36 27.48 1.18
C HIS E 30 36.16 26.22 1.49
N ALA E 31 37.44 26.40 1.79
CA ALA E 31 38.36 25.30 2.09
C ALA E 31 39.12 25.56 3.40
N LYS E 32 40.05 24.65 3.70
CA LYS E 32 40.98 24.78 4.82
C LYS E 32 42.29 24.03 4.48
N ASP E 33 43.43 24.73 4.50
CA ASP E 33 44.71 24.04 4.40
C ASP E 33 45.07 23.67 5.84
N ILE E 34 45.42 22.40 6.04
CA ILE E 34 45.56 21.86 7.39
C ILE E 34 46.99 21.38 7.64
N LEU E 35 47.85 21.72 6.69
CA LEU E 35 49.24 21.33 6.67
C LEU E 35 50.09 22.57 6.78
N GLU E 36 50.79 22.74 7.90
CA GLU E 36 51.66 23.90 8.08
C GLU E 36 52.97 23.73 7.30
N LYS E 37 53.37 24.74 6.54
CA LYS E 37 54.58 24.60 5.71
C LYS E 37 55.56 25.75 5.90
N THR E 38 55.34 26.54 6.95
CA THR E 38 56.15 27.72 7.21
C THR E 38 56.68 27.81 8.65
N HIS E 39 58.00 27.65 8.78
CA HIS E 39 58.73 27.96 10.02
C HIS E 39 58.99 29.45 10.12
N ASN E 40 60.11 29.81 10.75
CA ASN E 40 60.64 31.16 10.62
C ASN E 40 62.12 31.16 10.24
N GLY E 41 62.88 30.25 10.84
CA GLY E 41 64.30 30.11 10.51
C GLY E 41 65.16 30.36 11.73
N LYS E 42 64.53 30.88 12.76
CA LYS E 42 65.21 31.17 14.02
C LYS E 42 65.18 29.93 14.91
N LEU E 43 66.36 29.53 15.41
CA LEU E 43 66.43 28.58 16.52
C LEU E 43 66.16 29.34 17.78
N CYS E 44 65.21 28.86 18.57
CA CYS E 44 64.58 29.73 19.56
C CYS E 44 64.41 29.10 20.92
N LYS E 45 64.12 29.92 21.91
CA LYS E 45 63.84 29.42 23.25
C LYS E 45 62.61 28.57 23.13
N LEU E 46 62.52 27.54 23.96
CA LEU E 46 61.37 26.65 23.92
C LEU E 46 60.63 26.70 25.23
N ASN E 47 59.37 27.10 25.17
CA ASN E 47 58.51 27.11 26.34
C ASN E 47 59.01 28.05 27.45
N GLY E 48 59.79 29.05 27.03
CA GLY E 48 60.36 30.01 27.95
C GLY E 48 61.86 29.81 28.11
N ILE E 49 62.23 28.59 28.48
CA ILE E 49 63.60 28.26 28.86
C ILE E 49 64.45 27.97 27.63
N PRO E 50 65.71 28.41 27.63
CA PRO E 50 66.47 28.37 26.38
C PRO E 50 67.13 27.01 26.13
N PRO E 51 67.75 26.83 24.95
CA PRO E 51 68.51 25.59 24.79
C PRO E 51 69.76 25.62 25.65
N LEU E 52 70.51 24.52 25.65
CA LEU E 52 71.90 24.57 26.07
C LEU E 52 72.69 24.63 24.76
N GLU E 53 73.44 25.70 24.58
CA GLU E 53 74.10 25.92 23.31
C GLU E 53 75.58 25.59 23.46
N LEU E 54 75.98 24.43 22.97
CA LEU E 54 77.37 24.00 23.15
C LEU E 54 78.36 24.73 22.24
N GLY E 55 77.89 25.24 21.12
CA GLY E 55 78.83 25.84 20.19
C GLY E 55 79.74 24.77 19.63
N ASP E 56 81.04 25.00 19.53
CA ASP E 56 81.91 23.99 18.90
C ASP E 56 82.39 22.97 19.90
N CYS E 57 81.66 22.83 21.02
CA CYS E 57 81.96 21.80 22.01
C CYS E 57 81.03 20.57 21.86
N SER E 58 81.64 19.40 21.97
CA SER E 58 80.96 18.12 21.98
C SER E 58 80.34 17.87 23.36
N ILE E 59 79.53 16.83 23.50
CA ILE E 59 78.95 16.53 24.80
C ILE E 59 80.03 16.02 25.74
N ALA E 60 81.00 15.31 25.16
CA ALA E 60 82.12 14.80 25.93
C ALA E 60 82.98 15.98 26.37
N GLY E 61 83.34 16.81 25.38
CA GLY E 61 84.11 18.01 25.62
C GLY E 61 83.52 18.79 26.77
N TRP E 62 82.19 18.90 26.76
CA TRP E 62 81.50 19.60 27.83
C TRP E 62 81.70 18.88 29.15
N LEU E 63 81.00 17.77 29.30
CA LEU E 63 80.99 17.01 30.54
C LEU E 63 82.36 16.71 31.15
N LEU E 64 83.38 16.51 30.32
CA LEU E 64 84.73 16.24 30.83
C LEU E 64 85.40 17.54 31.28
N GLY E 65 85.10 18.62 30.57
CA GLY E 65 85.67 19.91 30.85
C GLY E 65 86.92 20.22 30.05
N ASN E 66 86.83 19.98 28.73
CA ASN E 66 87.82 20.53 27.83
C ASN E 66 87.96 22.00 28.23
N PRO E 67 89.20 22.49 28.27
CA PRO E 67 89.45 23.87 28.64
C PRO E 67 88.62 24.87 27.83
N GLU E 68 88.50 24.60 26.53
CA GLU E 68 87.80 25.50 25.65
C GLU E 68 86.31 25.57 25.96
N CYS E 69 85.79 24.55 26.60
CA CYS E 69 84.38 24.53 26.92
C CYS E 69 84.14 25.06 28.33
N ASP E 70 84.98 25.99 28.77
CA ASP E 70 84.90 26.48 30.15
C ASP E 70 83.61 27.25 30.41
N ARG E 71 83.05 27.82 29.35
CA ARG E 71 81.79 28.57 29.41
C ARG E 71 80.65 27.78 30.05
N LEU E 72 80.71 26.45 29.86
CA LEU E 72 79.62 25.52 30.16
C LEU E 72 79.82 24.83 31.48
N LEU E 73 80.76 25.34 32.28
CA LEU E 73 81.12 24.75 33.55
C LEU E 73 80.00 24.88 34.57
N SER E 74 79.37 26.04 34.59
CA SER E 74 78.13 26.18 35.34
C SER E 74 77.01 26.56 34.35
N VAL E 75 75.87 25.89 34.50
CA VAL E 75 74.84 25.90 33.48
C VAL E 75 73.41 25.86 34.03
N PRO E 76 72.50 26.58 33.38
CA PRO E 76 71.14 26.73 33.90
C PRO E 76 70.26 25.57 33.46
N GLU E 77 68.96 25.68 33.70
CA GLU E 77 68.00 24.81 33.02
C GLU E 77 68.15 24.96 31.51
N TRP E 78 68.05 23.86 30.78
CA TRP E 78 67.86 23.93 29.34
C TRP E 78 66.48 23.34 29.02
N SER E 79 66.01 23.57 27.81
CA SER E 79 64.77 22.97 27.36
C SER E 79 65.22 21.93 26.40
N TYR E 80 66.24 22.29 25.64
CA TYR E 80 66.91 21.36 24.77
C TYR E 80 68.43 21.58 24.72
N ILE E 81 69.12 20.93 23.78
CA ILE E 81 70.57 21.03 23.64
C ILE E 81 70.86 21.15 22.16
N MET E 82 71.72 22.09 21.77
CA MET E 82 72.13 22.19 20.39
C MET E 82 73.56 21.68 20.34
N GLU E 83 73.90 20.92 19.31
CA GLU E 83 75.29 20.44 19.16
C GLU E 83 75.66 20.45 17.69
N LYS E 84 76.88 20.76 17.38
CA LYS E 84 77.17 20.86 15.97
C LYS E 84 77.35 19.45 15.38
N GLU E 85 77.88 19.34 14.18
CA GLU E 85 78.03 18.04 13.55
C GLU E 85 79.36 17.44 13.92
N ASN E 86 80.43 18.18 13.67
CA ASN E 86 81.76 17.80 14.14
C ASN E 86 82.27 18.88 15.07
N PRO E 87 81.71 18.99 16.30
CA PRO E 87 82.23 20.02 17.22
C PRO E 87 83.74 19.81 17.32
N ARG E 88 84.55 20.86 17.32
CA ARG E 88 86.00 20.64 17.23
C ARG E 88 86.60 20.50 18.62
N ASP E 89 85.93 21.07 19.62
CA ASP E 89 86.39 20.98 21.00
C ASP E 89 85.73 19.81 21.69
N GLY E 90 86.45 18.70 21.82
CA GLY E 90 85.90 17.55 22.53
C GLY E 90 86.93 16.79 23.33
N LEU E 91 87.43 15.71 22.77
CA LEU E 91 88.46 14.97 23.44
C LEU E 91 89.79 15.52 22.98
N CYS E 92 90.33 16.47 23.73
CA CYS E 92 91.57 17.11 23.33
C CYS E 92 92.70 16.11 23.49
N TYR E 93 92.83 15.53 24.70
CA TYR E 93 93.64 14.33 24.83
C TYR E 93 92.85 13.28 24.07
N PRO E 94 93.44 12.76 22.98
CA PRO E 94 92.73 11.83 22.11
C PRO E 94 92.36 10.54 22.85
N GLY E 95 91.11 10.11 22.68
CA GLY E 95 90.71 8.85 23.23
C GLY E 95 89.40 8.35 22.69
N SER E 96 88.74 7.57 23.52
CA SER E 96 87.50 6.92 23.17
C SER E 96 86.55 7.19 24.34
N PHE E 97 85.28 7.40 24.02
CA PHE E 97 84.26 7.48 25.04
C PHE E 97 83.29 6.29 24.91
N ASN E 98 83.34 5.35 25.85
CA ASN E 98 82.54 4.12 25.77
C ASN E 98 81.04 4.33 26.07
N ASP E 99 80.20 3.72 25.22
CA ASP E 99 78.73 3.81 25.28
C ASP E 99 78.29 5.26 25.23
N TYR E 100 78.98 6.01 24.38
CA TYR E 100 78.77 7.43 24.21
C TYR E 100 77.31 7.72 23.89
N GLU E 101 76.81 7.00 22.90
CA GLU E 101 75.50 7.25 22.36
C GLU E 101 74.42 6.85 23.34
N GLU E 102 74.69 5.84 24.16
CA GLU E 102 73.75 5.58 25.25
C GLU E 102 73.62 6.85 26.11
N LEU E 103 74.76 7.42 26.50
CA LEU E 103 74.81 8.65 27.31
C LEU E 103 74.17 9.86 26.64
N LYS E 104 74.63 10.16 25.42
CA LYS E 104 74.00 11.15 24.57
C LYS E 104 72.47 10.98 24.63
N TYR E 105 71.98 9.77 24.37
CA TYR E 105 70.54 9.51 24.50
C TYR E 105 69.94 9.80 25.90
N LEU E 106 70.63 9.36 26.95
CA LEU E 106 70.19 9.61 28.33
C LEU E 106 70.03 11.09 28.66
N LEU E 107 70.74 11.94 27.91
CA LEU E 107 70.66 13.39 28.08
C LEU E 107 69.33 13.96 27.57
N SER E 108 68.67 13.20 26.70
CA SER E 108 67.41 13.62 26.10
C SER E 108 66.27 13.46 27.10
N SER E 109 66.62 13.06 28.32
CA SER E 109 65.66 12.96 29.40
C SER E 109 66.15 13.74 30.63
N VAL E 110 67.14 14.61 30.44
CA VAL E 110 67.66 15.42 31.53
C VAL E 110 67.60 16.89 31.15
N LYS E 111 66.99 17.72 31.98
CA LYS E 111 66.85 19.12 31.65
C LYS E 111 67.83 20.02 32.39
N HIS E 112 68.39 19.52 33.49
CA HIS E 112 69.36 20.31 34.26
C HIS E 112 70.31 19.51 35.14
N PHE E 113 71.61 19.82 35.02
CA PHE E 113 72.64 19.20 35.85
C PHE E 113 73.18 20.09 36.96
N GLU E 114 73.44 19.48 38.10
CA GLU E 114 74.00 20.18 39.24
C GLU E 114 75.32 19.53 39.67
N LYS E 115 76.43 20.10 39.21
CA LYS E 115 77.78 19.57 39.48
C LYS E 115 78.14 19.43 40.98
N VAL E 116 78.65 18.28 41.38
CA VAL E 116 79.00 18.05 42.78
C VAL E 116 80.46 17.60 42.95
N LYS E 117 81.18 18.19 43.89
CA LYS E 117 82.56 17.77 44.05
C LYS E 117 82.66 16.52 44.93
N ILE E 118 82.78 15.36 44.32
CA ILE E 118 82.62 14.10 45.05
C ILE E 118 83.90 13.47 45.54
N LEU E 119 84.99 13.82 44.87
CA LEU E 119 86.29 13.20 45.10
C LEU E 119 87.37 14.24 44.86
N PRO E 120 87.48 15.21 45.79
CA PRO E 120 88.17 16.49 45.65
C PRO E 120 89.64 16.26 45.35
N LYS E 121 90.21 17.12 44.50
CA LYS E 121 91.54 16.84 43.94
C LYS E 121 92.63 16.75 44.98
N ASP E 122 92.49 17.49 46.07
CA ASP E 122 93.56 17.62 47.05
C ASP E 122 93.70 16.40 47.95
N ARG E 123 92.71 15.52 47.94
CA ARG E 123 92.72 14.31 48.75
C ARG E 123 93.83 13.34 48.40
N TRP E 124 94.28 13.41 47.15
CA TRP E 124 95.20 12.44 46.57
C TRP E 124 96.66 12.59 47.07
N THR E 125 96.80 12.84 48.37
CA THR E 125 98.07 13.18 49.04
C THR E 125 99.27 12.29 48.75
N GLN E 126 99.07 11.17 48.08
CA GLN E 126 100.19 10.26 47.87
C GLN E 126 100.60 10.20 46.42
N HIS E 127 99.79 10.79 45.54
CA HIS E 127 100.09 10.83 44.10
C HIS E 127 100.21 12.25 43.55
N THR E 128 100.67 12.37 42.31
CA THR E 128 100.74 13.68 41.63
C THR E 128 99.45 13.97 40.90
N THR E 129 98.67 14.92 41.40
CA THR E 129 97.37 15.20 40.83
C THR E 129 97.49 16.27 39.73
N THR E 130 98.73 16.67 39.44
CA THR E 130 98.95 17.85 38.60
C THR E 130 99.53 17.48 37.24
N GLY E 131 98.72 16.82 36.42
CA GLY E 131 99.18 16.36 35.12
C GLY E 131 99.18 17.45 34.08
N GLY E 132 98.87 17.06 32.86
CA GLY E 132 98.68 18.02 31.79
C GLY E 132 99.35 17.67 30.48
N SER E 133 98.84 18.25 29.39
CA SER E 133 99.50 18.15 28.08
C SER E 133 99.24 19.38 27.18
N ARG E 134 100.13 19.59 26.21
CA ARG E 134 100.00 20.67 25.25
C ARG E 134 98.73 20.51 24.43
N ALA E 135 98.24 19.27 24.35
CA ALA E 135 97.00 18.98 23.66
C ALA E 135 95.79 19.57 24.40
N CYS E 136 95.88 19.67 25.72
CA CYS E 136 94.83 20.37 26.47
C CYS E 136 95.20 21.82 26.83
N ALA E 137 96.14 22.39 26.06
CA ALA E 137 96.70 23.73 26.32
C ALA E 137 95.72 24.81 26.83
N VAL E 138 96.20 25.63 27.77
CA VAL E 138 95.53 26.82 28.28
C VAL E 138 96.55 27.96 28.36
N SER E 139 96.43 28.92 27.46
CA SER E 139 97.38 30.01 27.37
C SER E 139 98.75 29.45 27.03
N GLY E 140 98.78 28.55 26.05
CA GLY E 140 100.03 27.95 25.58
C GLY E 140 100.59 26.92 26.56
N ASN E 141 100.24 27.10 27.82
CA ASN E 141 100.66 26.17 28.87
C ASN E 141 99.84 24.87 28.87
N PRO E 142 100.51 23.75 29.06
CA PRO E 142 99.83 22.47 29.24
C PRO E 142 98.74 22.48 30.32
N SER E 143 97.49 22.20 29.95
CA SER E 143 96.47 21.87 30.96
C SER E 143 95.87 20.47 30.80
N PHE E 144 94.57 20.35 31.15
CA PHE E 144 93.83 19.11 31.16
C PHE E 144 92.36 19.36 31.33
N PHE E 145 91.58 18.30 31.15
CA PHE E 145 90.16 18.34 31.51
C PHE E 145 90.01 18.90 32.91
N ARG E 146 89.05 19.81 33.13
CA ARG E 146 88.85 20.41 34.45
C ARG E 146 88.17 19.47 35.47
N ASN E 147 87.33 18.56 35.01
CA ASN E 147 86.55 17.76 35.94
C ASN E 147 87.21 16.41 36.18
N MET E 148 88.36 16.25 35.54
CA MET E 148 89.12 15.02 35.62
C MET E 148 90.42 15.24 36.34
N VAL E 149 90.91 14.20 36.99
CA VAL E 149 92.21 14.28 37.64
C VAL E 149 93.12 13.22 37.05
N TRP E 150 94.31 13.63 36.63
CA TRP E 150 95.24 12.67 36.08
C TRP E 150 96.26 12.25 37.11
N LEU E 151 95.90 11.28 37.95
CA LEU E 151 96.78 10.66 38.93
C LEU E 151 97.97 10.04 38.31
N THR E 152 99.13 10.61 38.60
CA THR E 152 100.42 10.04 38.21
C THR E 152 101.22 9.78 39.47
N LYS E 153 102.46 9.29 39.34
CA LYS E 153 103.28 8.94 40.51
C LYS E 153 104.00 10.12 41.18
N LYS E 154 104.05 10.05 42.51
CA LYS E 154 104.82 11.00 43.30
C LYS E 154 106.18 10.46 43.73
N GLY E 155 107.23 10.78 42.99
CA GLY E 155 108.58 10.40 43.34
C GLY E 155 108.78 8.92 43.48
N SER E 156 108.96 8.26 42.33
CA SER E 156 109.23 6.82 42.23
C SER E 156 107.98 5.92 42.37
N ASP E 157 107.38 5.91 43.56
CA ASP E 157 106.13 5.17 43.87
C ASP E 157 104.86 5.64 43.19
N TYR E 158 103.99 4.69 42.89
CA TYR E 158 102.59 4.97 42.61
C TYR E 158 101.93 3.87 43.39
N PRO E 159 101.61 4.14 44.66
CA PRO E 159 100.84 3.24 45.52
C PRO E 159 99.41 3.11 45.05
N VAL E 160 98.65 2.15 45.60
CA VAL E 160 97.23 2.01 45.32
C VAL E 160 96.47 3.30 45.53
N ALA E 161 95.90 3.75 44.43
CA ALA E 161 94.98 4.85 44.42
C ALA E 161 93.63 4.31 44.85
N LYS E 162 93.03 4.91 45.89
CA LYS E 162 91.73 4.43 46.35
C LYS E 162 90.76 5.58 46.56
N GLY E 163 89.55 5.43 46.05
CA GLY E 163 88.57 6.50 46.08
C GLY E 163 87.18 5.97 46.36
N SER E 164 86.34 6.76 47.03
CA SER E 164 85.00 6.28 47.38
C SER E 164 84.00 7.42 47.52
N TYR E 165 82.74 7.11 47.29
CA TYR E 165 81.68 8.11 47.42
C TYR E 165 80.29 7.48 47.57
N ASN E 166 79.62 7.79 48.67
CA ASN E 166 78.24 7.37 48.88
C ASN E 166 77.36 8.46 48.29
N ASN E 167 76.42 8.13 47.41
CA ASN E 167 75.66 9.17 46.73
C ASN E 167 74.59 9.79 47.60
N THR E 168 74.99 10.75 48.40
CA THR E 168 74.10 11.33 49.37
C THR E 168 73.57 12.65 48.87
N SER E 169 73.45 12.81 47.57
CA SER E 169 73.06 14.11 47.07
C SER E 169 71.60 14.19 46.68
N GLY E 170 70.91 13.05 46.79
CA GLY E 170 69.45 13.02 46.65
C GLY E 170 68.86 12.78 45.27
N GLU E 171 69.70 12.52 44.27
CA GLU E 171 69.24 12.10 42.96
C GLU E 171 70.27 11.15 42.37
N GLN E 172 69.98 10.60 41.20
CA GLN E 172 70.97 9.78 40.48
C GLN E 172 72.11 10.68 40.06
N MET E 173 73.31 10.11 39.97
CA MET E 173 74.48 10.91 39.66
C MET E 173 75.28 10.34 38.49
N LEU E 174 75.47 11.18 37.47
CA LEU E 174 76.33 10.85 36.36
C LEU E 174 77.81 11.00 36.76
N ILE E 175 78.59 9.92 36.62
CA ILE E 175 80.03 9.95 36.89
C ILE E 175 80.86 9.40 35.73
N ILE E 176 81.93 10.09 35.40
CA ILE E 176 82.78 9.72 34.29
C ILE E 176 84.17 9.40 34.79
N TRP E 177 84.77 8.36 34.23
CA TRP E 177 86.17 8.09 34.52
C TRP E 177 86.94 7.66 33.27
N GLY E 178 88.24 7.43 33.43
CA GLY E 178 89.05 7.17 32.26
C GLY E 178 90.24 6.29 32.57
N VAL E 179 90.70 5.53 31.56
CA VAL E 179 92.00 4.89 31.72
C VAL E 179 92.96 5.35 30.61
N HIS E 180 94.24 5.35 30.97
CA HIS E 180 95.22 5.95 30.11
C HIS E 180 96.00 4.86 29.41
N HIS E 181 96.01 4.93 28.09
CA HIS E 181 96.74 3.99 27.24
C HIS E 181 98.01 4.60 26.65
N PRO E 182 99.14 4.35 27.31
CA PRO E 182 100.48 4.85 27.02
C PRO E 182 100.96 4.39 25.68
N ASN E 183 102.07 4.96 25.21
CA ASN E 183 102.60 4.70 23.89
C ASN E 183 103.75 3.70 23.96
N ASP E 184 104.76 3.97 24.78
CA ASP E 184 105.84 3.01 24.96
C ASP E 184 105.89 2.58 26.40
N GLU E 185 106.83 1.74 26.76
CA GLU E 185 106.82 1.23 28.12
C GLU E 185 107.38 2.29 29.03
N THR E 186 108.30 3.06 28.51
CA THR E 186 108.95 4.11 29.28
C THR E 186 107.96 5.20 29.75
N GLU E 187 107.02 5.61 28.89
CA GLU E 187 105.90 6.43 29.32
C GLU E 187 105.25 5.84 30.56
N GLN E 188 104.86 4.57 30.42
CA GLN E 188 104.23 3.80 31.48
C GLN E 188 105.03 3.81 32.78
N ARG E 189 106.32 3.55 32.69
CA ARG E 189 107.14 3.52 33.89
C ARG E 189 107.32 4.90 34.49
N THR E 190 107.55 5.93 33.68
CA THR E 190 107.81 7.27 34.25
C THR E 190 106.53 7.95 34.73
N LEU E 191 105.38 7.47 34.27
CA LEU E 191 104.09 7.94 34.78
C LEU E 191 103.60 7.12 35.99
N TYR E 192 103.65 5.79 35.90
CA TYR E 192 103.06 4.95 36.93
C TYR E 192 103.98 3.98 37.69
N GLN E 193 105.26 4.03 37.41
CA GLN E 193 106.27 3.16 38.03
C GLN E 193 106.19 1.74 37.51
N ASN E 194 105.14 1.00 37.84
CA ASN E 194 105.00 -0.40 37.48
C ASN E 194 104.47 -0.55 36.07
N VAL E 195 104.82 -1.67 35.41
CA VAL E 195 104.09 -2.12 34.24
C VAL E 195 103.11 -3.14 34.76
N GLY E 196 101.99 -3.30 34.06
CA GLY E 196 101.04 -4.31 34.48
C GLY E 196 100.26 -3.76 35.66
N THR E 197 99.30 -2.91 35.32
CA THR E 197 98.51 -2.20 36.30
C THR E 197 97.07 -2.46 35.98
N TYR E 198 96.19 -1.89 36.79
CA TYR E 198 94.77 -1.99 36.54
C TYR E 198 94.02 -0.76 37.00
N VAL E 199 92.74 -0.72 36.67
CA VAL E 199 91.88 0.39 37.01
C VAL E 199 90.49 -0.15 37.28
N SER E 200 90.24 -0.58 38.52
CA SER E 200 88.89 -1.02 38.87
C SER E 200 87.91 0.08 39.37
N VAL E 201 86.72 0.06 38.78
CA VAL E 201 85.57 0.84 39.23
C VAL E 201 84.47 -0.16 39.63
N GLY E 202 83.78 0.14 40.73
CA GLY E 202 82.71 -0.73 41.18
C GLY E 202 81.57 -0.05 41.92
N THR E 203 80.33 -0.29 41.48
CA THR E 203 79.14 0.11 42.24
C THR E 203 78.33 -1.15 42.57
N SER E 204 77.01 -1.08 42.52
CA SER E 204 76.20 -2.26 42.77
C SER E 204 75.80 -2.89 41.44
N THR E 205 75.53 -2.05 40.44
CA THR E 205 75.31 -2.50 39.06
C THR E 205 76.62 -2.69 38.29
N LEU E 206 77.76 -2.50 38.96
CA LEU E 206 79.03 -2.34 38.22
C LEU E 206 80.19 -3.13 38.83
N ASN E 207 81.04 -3.64 37.95
CA ASN E 207 82.29 -4.27 38.30
C ASN E 207 83.14 -4.34 37.04
N LYS E 208 83.81 -3.23 36.73
CA LYS E 208 84.68 -3.12 35.57
C LYS E 208 86.12 -3.07 36.05
N ARG E 209 86.99 -3.85 35.42
CA ARG E 209 88.42 -3.79 35.74
C ARG E 209 89.28 -3.61 34.49
N SER E 210 89.47 -2.37 34.04
CA SER E 210 90.25 -2.18 32.84
C SER E 210 91.71 -2.48 33.17
N THR E 211 92.41 -3.05 32.18
CA THR E 211 93.86 -3.15 32.22
C THR E 211 94.43 -2.55 30.91
N PRO E 212 95.38 -1.63 31.03
CA PRO E 212 95.91 -0.72 29.99
C PRO E 212 96.68 -1.38 28.83
N GLU E 213 96.63 -0.76 27.64
CA GLU E 213 97.31 -1.28 26.45
C GLU E 213 98.37 -0.34 25.86
N ILE E 214 99.56 -0.36 26.46
CA ILE E 214 100.75 0.29 25.91
C ILE E 214 101.06 -0.17 24.49
N ALA E 215 100.77 0.67 23.49
CA ALA E 215 101.07 0.32 22.10
C ALA E 215 101.15 1.56 21.20
N THR E 216 102.17 1.62 20.35
CA THR E 216 102.35 2.76 19.44
C THR E 216 101.13 2.96 18.49
N ARG E 217 100.90 4.19 18.02
CA ARG E 217 99.68 4.61 17.29
C ARG E 217 99.87 5.89 16.43
N PRO E 218 98.88 6.24 15.60
CA PRO E 218 98.91 7.50 14.85
C PRO E 218 98.81 8.79 15.68
N LYS E 219 99.67 9.76 15.42
CA LYS E 219 99.64 11.00 16.18
C LYS E 219 98.33 11.78 15.97
N VAL E 220 97.41 11.68 16.92
CA VAL E 220 96.38 12.71 17.03
C VAL E 220 96.87 13.73 18.05
N ASN E 221 96.81 15.00 17.66
CA ASN E 221 97.28 16.10 18.49
C ASN E 221 98.67 15.86 19.07
N GLY E 222 99.55 15.30 18.25
CA GLY E 222 100.93 15.03 18.63
C GLY E 222 101.08 13.71 19.35
N LEU E 223 99.99 13.27 19.98
CA LEU E 223 99.96 12.14 20.90
C LEU E 223 99.68 10.79 20.26
N GLY E 224 100.54 9.80 20.49
CA GLY E 224 100.27 8.45 20.05
C GLY E 224 99.75 7.65 21.22
N SER E 225 99.15 8.33 22.17
CA SER E 225 98.66 7.66 23.36
C SER E 225 97.22 8.08 23.48
N ARG E 226 96.44 7.35 24.27
CA ARG E 226 95.01 7.64 24.33
C ARG E 226 94.44 7.52 25.68
N MET E 227 93.40 8.30 25.94
CA MET E 227 92.59 8.11 27.13
C MET E 227 91.21 7.56 26.78
N GLU E 228 90.93 6.38 27.32
CA GLU E 228 89.64 5.73 27.14
C GLU E 228 88.68 6.05 28.28
N PHE E 229 87.58 6.73 27.97
CA PHE E 229 86.69 7.19 29.03
C PHE E 229 85.42 6.38 29.04
N SER E 230 84.98 6.02 30.23
CA SER E 230 83.75 5.28 30.39
C SER E 230 82.86 6.07 31.34
N TRP E 231 81.70 5.54 31.70
CA TRP E 231 80.76 6.28 32.55
C TRP E 231 79.67 5.41 33.17
N THR E 232 79.01 5.93 34.21
CA THR E 232 77.93 5.23 34.87
C THR E 232 76.96 6.20 35.52
N LEU E 233 75.76 5.70 35.82
CA LEU E 233 74.84 6.38 36.70
C LEU E 233 74.92 5.72 38.05
N LEU E 234 75.06 6.52 39.06
CA LEU E 234 75.15 6.01 40.41
C LEU E 234 73.82 6.31 41.07
N ASP E 235 73.11 5.27 41.49
CA ASP E 235 71.78 5.43 42.07
C ASP E 235 71.87 6.11 43.44
N MET E 236 70.79 6.75 43.88
CA MET E 236 70.78 7.39 45.20
C MET E 236 71.14 6.41 46.30
N TRP E 237 71.92 6.87 47.29
CA TRP E 237 72.45 6.02 48.39
C TRP E 237 73.30 4.79 48.00
N ASP E 238 73.77 4.74 46.76
CA ASP E 238 74.70 3.70 46.30
C ASP E 238 76.11 4.26 46.42
N THR E 239 77.12 3.42 46.29
CA THR E 239 78.49 3.84 46.59
C THR E 239 79.51 3.42 45.54
N ILE E 240 80.15 4.40 44.91
CA ILE E 240 81.18 4.13 43.91
C ILE E 240 82.62 4.03 44.47
N ASN E 241 83.34 2.99 44.05
CA ASN E 241 84.70 2.74 44.50
C ASN E 241 85.67 2.64 43.34
N PHE E 242 86.72 3.47 43.39
CA PHE E 242 87.82 3.37 42.45
C PHE E 242 89.01 2.84 43.16
N GLU E 243 89.68 1.87 42.56
CA GLU E 243 90.94 1.38 43.07
C GLU E 243 91.81 1.11 41.87
N SER E 244 93.05 1.62 41.91
CA SER E 244 93.97 1.43 40.80
C SER E 244 95.43 1.43 41.24
N THR E 245 96.26 0.88 40.37
CA THR E 245 97.71 0.88 40.62
C THR E 245 98.47 1.45 39.42
N GLY E 246 97.71 2.10 38.55
CA GLY E 246 98.24 2.65 37.34
C GLY E 246 97.13 3.14 36.41
N ASN E 247 97.40 4.26 35.76
CA ASN E 247 96.63 4.67 34.61
C ASN E 247 95.21 5.15 34.89
N LEU E 248 94.82 5.31 36.16
CA LEU E 248 93.51 5.90 36.40
C LEU E 248 93.53 7.39 36.08
N ILE E 249 92.45 7.81 35.41
CA ILE E 249 92.02 9.19 35.23
C ILE E 249 90.71 9.34 35.99
N ALA E 250 90.82 9.77 37.25
CA ALA E 250 89.69 9.78 38.17
C ALA E 250 88.81 10.97 37.92
N PRO E 251 87.56 10.89 38.34
CA PRO E 251 86.72 12.08 38.28
C PRO E 251 87.03 12.98 39.48
N GLU E 252 86.71 14.26 39.40
CA GLU E 252 86.67 15.02 40.63
C GLU E 252 85.19 15.21 41.00
N TYR E 253 84.39 15.27 39.95
CA TYR E 253 83.00 15.58 40.13
C TYR E 253 82.05 14.50 39.59
N GLY E 254 80.88 14.44 40.22
CA GLY E 254 79.72 13.81 39.62
C GLY E 254 78.74 14.90 39.19
N PHE E 255 77.88 14.62 38.22
CA PHE E 255 76.72 15.46 37.96
C PHE E 255 75.47 14.79 38.54
N LYS E 256 74.75 15.56 39.33
CA LYS E 256 73.49 15.14 39.90
C LYS E 256 72.45 15.55 38.89
N ILE E 257 71.45 14.69 38.67
CA ILE E 257 70.36 15.04 37.78
C ILE E 257 69.35 15.89 38.55
N SER E 258 69.42 17.20 38.34
CA SER E 258 68.55 18.12 39.08
C SER E 258 67.13 18.22 38.49
N LYS E 259 67.04 18.40 37.17
CA LYS E 259 65.73 18.40 36.52
C LYS E 259 65.62 17.38 35.39
N ARG E 260 64.60 16.51 35.55
CA ARG E 260 64.25 15.49 34.57
C ARG E 260 63.01 15.93 33.82
N GLY E 261 62.92 15.59 32.53
CA GLY E 261 61.78 15.95 31.71
C GLY E 261 62.07 15.62 30.26
N SER E 262 61.07 15.68 29.39
CA SER E 262 61.31 15.39 27.98
C SER E 262 62.19 16.49 27.36
N SER E 263 63.40 16.12 26.95
CA SER E 263 64.28 17.05 26.28
C SER E 263 64.74 16.47 24.94
N GLY E 264 65.83 17.01 24.43
CA GLY E 264 66.37 16.53 23.19
C GLY E 264 67.75 17.11 22.95
N ILE E 265 68.33 16.72 21.83
CA ILE E 265 69.57 17.25 21.35
C ILE E 265 69.34 17.46 19.90
N MET E 266 69.36 18.71 19.45
CA MET E 266 69.24 19.02 18.05
C MET E 266 70.61 19.15 17.43
N LYS E 267 70.82 18.50 16.28
CA LYS E 267 72.11 18.60 15.61
C LYS E 267 72.12 19.77 14.65
N THR E 268 72.16 20.98 15.20
CA THR E 268 72.23 22.20 14.40
C THR E 268 73.67 22.75 14.33
N GLU E 269 73.95 23.60 13.34
CA GLU E 269 75.26 24.23 13.25
C GLU E 269 75.10 25.74 13.27
N GLY E 270 74.01 26.19 13.87
CA GLY E 270 73.68 27.59 13.98
C GLY E 270 73.45 27.97 15.42
N THR E 271 72.97 29.20 15.63
CA THR E 271 72.90 29.80 16.97
C THR E 271 71.50 30.27 17.37
N LEU E 272 71.36 30.66 18.64
CA LEU E 272 70.03 31.00 19.21
C LEU E 272 69.65 32.50 19.10
N GLU E 273 68.37 32.79 18.81
CA GLU E 273 67.88 34.18 18.73
C GLU E 273 66.89 34.52 19.85
N ASN E 274 66.39 35.73 19.87
CA ASN E 274 65.48 36.15 20.95
C ASN E 274 64.02 35.83 20.65
N CYS E 275 63.80 34.67 20.05
CA CYS E 275 62.48 34.25 19.63
C CYS E 275 61.94 33.16 20.56
N GLU E 276 60.64 32.88 20.48
CA GLU E 276 60.05 31.96 21.43
C GLU E 276 59.02 31.10 20.75
N THR E 277 58.82 29.89 21.27
CA THR E 277 57.93 28.93 20.62
C THR E 277 57.59 27.78 21.56
N LYS E 278 56.83 26.82 21.03
CA LYS E 278 56.53 25.59 21.77
C LYS E 278 56.74 24.35 20.89
N CYS E 279 57.13 24.59 19.64
CA CYS E 279 57.52 23.53 18.75
C CYS E 279 58.72 24.03 17.94
N GLN E 280 59.80 23.26 17.88
CA GLN E 280 61.03 23.72 17.28
C GLN E 280 61.66 22.70 16.36
N THR E 281 62.16 23.16 15.23
CA THR E 281 62.86 22.26 14.32
C THR E 281 64.24 22.79 14.00
N PRO E 282 65.17 21.91 13.57
CA PRO E 282 66.47 22.34 13.04
C PRO E 282 66.35 23.43 11.99
N LEU E 283 65.26 23.42 11.25
CA LEU E 283 65.08 24.36 10.16
C LEU E 283 64.44 25.69 10.65
N GLY E 284 63.76 25.64 11.79
CA GLY E 284 63.03 26.80 12.29
C GLY E 284 62.07 26.47 13.41
N ALA E 285 61.52 27.50 14.06
CA ALA E 285 60.47 27.28 15.05
C ALA E 285 59.11 27.33 14.34
N ILE E 286 58.06 26.99 15.09
CA ILE E 286 56.74 26.83 14.52
C ILE E 286 55.69 27.32 15.49
N ASN E 287 54.91 28.31 15.06
CA ASN E 287 53.64 28.61 15.71
C ASN E 287 52.56 28.32 14.67
N THR E 288 51.66 27.39 14.99
CA THR E 288 50.54 27.02 14.12
C THR E 288 49.50 26.24 14.92
N THR E 289 48.30 26.09 14.36
CA THR E 289 47.22 25.39 15.06
C THR E 289 46.77 24.18 14.25
N LEU E 290 47.25 24.11 13.01
CA LEU E 290 47.02 22.97 12.13
C LEU E 290 47.39 21.66 12.82
N PRO E 291 46.81 20.54 12.38
CA PRO E 291 47.21 19.26 12.95
C PRO E 291 48.36 18.61 12.17
N PHE E 292 48.88 19.30 11.14
CA PHE E 292 49.98 18.77 10.32
C PHE E 292 51.08 19.77 10.02
N HIS E 293 52.26 19.26 9.68
CA HIS E 293 53.34 20.07 9.14
C HIS E 293 54.17 19.20 8.21
N ASN E 294 55.07 19.83 7.46
CA ASN E 294 55.99 19.06 6.62
C ASN E 294 57.40 19.62 6.58
N VAL E 295 57.77 20.29 7.66
CA VAL E 295 59.02 21.01 7.72
C VAL E 295 60.20 20.05 7.83
N HIS E 296 60.49 19.67 9.06
CA HIS E 296 61.56 18.74 9.33
C HIS E 296 61.04 17.73 10.32
N PRO E 297 61.34 16.45 10.06
CA PRO E 297 60.97 15.35 10.96
C PRO E 297 61.37 15.63 12.42
N LEU E 298 62.64 15.94 12.63
CA LEU E 298 63.22 15.98 13.97
C LEU E 298 62.75 17.16 14.81
N THR E 299 61.53 17.10 15.30
CA THR E 299 61.01 18.21 16.08
C THR E 299 61.24 17.99 17.59
N ILE E 300 61.39 19.06 18.36
CA ILE E 300 61.32 18.96 19.81
C ILE E 300 60.27 19.96 20.26
N GLY E 301 59.49 19.60 21.26
CA GLY E 301 58.41 20.44 21.73
C GLY E 301 57.06 19.83 21.40
N GLU E 302 55.98 20.47 21.85
CA GLU E 302 54.62 19.95 21.63
C GLU E 302 54.10 20.28 20.24
N CYS E 303 54.57 19.50 19.26
CA CYS E 303 54.35 19.76 17.84
C CYS E 303 53.12 19.10 17.21
N PRO E 304 52.69 19.63 16.05
CA PRO E 304 51.86 18.98 15.04
C PRO E 304 52.61 17.84 14.35
N ARG E 305 51.89 17.08 13.52
CA ARG E 305 52.37 15.78 13.08
C ARG E 305 52.91 15.71 11.65
N TYR E 306 54.19 15.40 11.56
CA TYR E 306 54.96 15.50 10.32
C TYR E 306 54.51 14.52 9.27
N VAL E 307 54.32 15.00 8.06
CA VAL E 307 53.99 14.13 6.94
C VAL E 307 54.80 14.54 5.73
N LYS E 308 55.19 13.56 4.92
CA LYS E 308 55.97 13.76 3.71
C LYS E 308 55.13 14.40 2.60
N SER E 309 54.08 15.12 2.96
CA SER E 309 53.09 15.63 2.00
C SER E 309 53.34 17.07 1.57
N GLU E 310 53.13 17.37 0.30
CA GLU E 310 53.34 18.75 -0.20
C GLU E 310 52.09 19.66 -0.12
N LYS E 311 50.93 19.05 0.06
CA LYS E 311 49.68 19.80 0.23
C LYS E 311 48.63 18.94 0.96
N LEU E 312 47.90 19.53 1.91
CA LEU E 312 46.71 18.86 2.47
C LEU E 312 45.50 19.80 2.58
N VAL E 313 44.55 19.59 1.66
CA VAL E 313 43.52 20.57 1.29
C VAL E 313 42.09 20.09 1.53
N LEU E 314 41.52 20.39 2.69
CA LEU E 314 40.14 19.98 3.01
C LEU E 314 39.08 20.92 2.44
N ALA E 315 38.18 20.42 1.60
CA ALA E 315 37.07 21.26 1.13
C ALA E 315 36.04 21.38 2.26
N THR E 316 35.78 22.60 2.75
CA THR E 316 34.76 22.76 3.80
C THR E 316 33.44 23.06 3.15
N GLY E 317 33.45 23.97 2.19
CA GLY E 317 32.23 24.35 1.50
C GLY E 317 32.01 23.58 0.22
N LEU E 318 31.28 24.20 -0.71
CA LEU E 318 30.82 23.46 -1.88
C LEU E 318 31.51 23.88 -3.15
N ARG E 319 31.24 23.14 -4.21
CA ARG E 319 31.81 23.44 -5.51
C ARG E 319 31.37 24.83 -5.96
N ASN E 320 32.35 25.68 -6.27
CA ASN E 320 32.10 26.98 -6.86
C ASN E 320 31.91 26.78 -8.34
N VAL E 321 30.66 26.59 -8.75
CA VAL E 321 30.32 26.61 -10.17
C VAL E 321 29.75 27.99 -10.50
N PRO E 322 30.29 28.61 -11.55
CA PRO E 322 30.03 30.03 -11.80
C PRO E 322 28.61 30.25 -12.31
N GLN E 323 28.20 31.52 -12.33
CA GLN E 323 26.87 31.89 -12.77
C GLN E 323 26.68 31.68 -14.26
N ILE E 324 25.42 31.66 -14.65
CA ILE E 324 25.06 31.69 -16.06
C ILE E 324 24.63 33.10 -16.47
N GLY F 1 26.77 16.19 -10.63
CA GLY F 1 27.34 15.72 -9.38
C GLY F 1 27.13 14.23 -9.17
N LEU F 2 26.82 13.85 -7.94
CA LEU F 2 26.46 12.48 -7.66
C LEU F 2 24.98 12.46 -7.37
N PHE F 3 24.48 13.63 -6.98
CA PHE F 3 23.09 13.76 -6.69
C PHE F 3 22.45 14.63 -7.78
N GLY F 4 23.32 15.11 -8.68
CA GLY F 4 22.92 15.71 -9.94
C GLY F 4 22.31 17.09 -9.82
N ALA F 5 22.44 17.69 -8.65
CA ALA F 5 21.84 19.00 -8.40
C ALA F 5 22.84 20.11 -8.73
N ILE F 6 23.94 20.11 -7.99
CA ILE F 6 25.03 21.04 -8.24
C ILE F 6 25.72 20.67 -9.55
N ALA F 7 25.84 21.68 -10.42
CA ALA F 7 26.35 21.51 -11.77
C ALA F 7 25.63 20.39 -12.54
N GLY F 8 24.32 20.30 -12.32
CA GLY F 8 23.46 19.38 -13.02
C GLY F 8 22.26 20.14 -13.52
N PHE F 9 21.06 19.76 -13.10
CA PHE F 9 19.86 20.47 -13.53
C PHE F 9 19.82 21.92 -13.04
N ILE F 10 20.40 22.18 -11.89
CA ILE F 10 20.75 23.57 -11.57
C ILE F 10 22.19 23.83 -12.03
N GLU F 11 22.36 24.51 -13.18
CA GLU F 11 23.63 24.61 -13.89
C GLU F 11 24.78 25.39 -13.19
N GLY F 12 24.43 26.44 -12.45
CA GLY F 12 25.41 27.25 -11.75
C GLY F 12 24.73 27.99 -10.61
N GLY F 13 25.51 28.44 -9.64
CA GLY F 13 24.96 29.07 -8.45
C GLY F 13 24.97 30.57 -8.47
N TRP F 14 24.46 31.19 -7.42
CA TRP F 14 24.17 32.61 -7.47
C TRP F 14 25.08 33.48 -6.63
N GLN F 15 25.85 34.31 -7.31
CA GLN F 15 26.81 35.19 -6.65
C GLN F 15 26.08 36.12 -5.70
N GLY F 16 24.80 36.38 -5.98
CA GLY F 16 23.96 37.20 -5.13
C GLY F 16 23.47 36.48 -3.89
N MET F 17 23.58 35.16 -3.89
CA MET F 17 23.26 34.37 -2.71
C MET F 17 24.52 34.45 -1.86
N VAL F 18 24.44 35.18 -0.75
CA VAL F 18 25.64 35.40 0.07
C VAL F 18 25.39 35.12 1.54
N ASP F 19 24.13 35.16 1.95
CA ASP F 19 23.76 35.02 3.35
C ASP F 19 23.72 33.55 3.86
N GLY F 20 24.26 32.63 3.06
CA GLY F 20 24.23 31.20 3.35
C GLY F 20 24.74 30.32 2.19
N TRP F 21 24.50 29.01 2.27
CA TRP F 21 25.02 28.07 1.28
C TRP F 21 23.97 27.59 0.28
N TYR F 22 22.75 27.40 0.78
CA TYR F 22 21.62 27.02 -0.05
C TYR F 22 20.42 27.92 0.17
N GLY F 23 19.59 28.06 -0.85
CA GLY F 23 18.32 28.73 -0.68
C GLY F 23 17.57 29.13 -1.93
N TYR F 24 16.83 30.22 -1.78
CA TYR F 24 15.76 30.59 -2.69
C TYR F 24 16.08 31.81 -3.58
N HIS F 25 15.42 31.86 -4.73
CA HIS F 25 15.30 33.08 -5.52
C HIS F 25 13.87 33.26 -6.04
N HIS F 26 13.13 34.20 -5.45
CA HIS F 26 11.75 34.43 -5.87
C HIS F 26 11.61 35.69 -6.74
N SER F 27 10.54 35.72 -7.55
CA SER F 27 10.22 36.88 -8.36
C SER F 27 8.70 37.00 -8.56
N ASN F 28 8.02 37.62 -7.62
CA ASN F 28 6.56 37.71 -7.68
C ASN F 28 6.05 39.11 -8.04
N ASP F 29 4.80 39.38 -7.69
CA ASP F 29 4.24 40.69 -7.97
C ASP F 29 4.87 41.77 -7.10
N GLN F 30 5.10 41.47 -5.83
CA GLN F 30 5.80 42.42 -4.98
C GLN F 30 7.29 42.56 -5.34
N GLY F 31 8.12 41.64 -4.86
CA GLY F 31 9.56 41.77 -5.00
C GLY F 31 10.28 40.79 -5.91
N SER F 32 11.59 40.72 -5.73
CA SER F 32 12.46 39.87 -6.52
C SER F 32 13.76 39.77 -5.75
N GLY F 33 14.01 38.62 -5.13
CA GLY F 33 15.16 38.52 -4.25
C GLY F 33 15.69 37.15 -3.92
N TYR F 34 17.01 37.08 -3.72
CA TYR F 34 17.71 35.95 -3.15
C TYR F 34 17.49 35.89 -1.63
N ALA F 35 17.27 34.70 -1.11
CA ALA F 35 17.23 34.53 0.34
C ALA F 35 17.65 33.10 0.67
N ALA F 36 18.61 32.96 1.59
CA ALA F 36 19.12 31.64 1.91
C ALA F 36 18.22 30.94 2.92
N ASP F 37 18.32 29.62 2.98
CA ASP F 37 17.49 28.86 3.90
C ASP F 37 18.24 28.66 5.22
N LYS F 38 17.51 28.71 6.34
CA LYS F 38 18.13 28.55 7.64
C LYS F 38 18.53 27.11 7.96
N GLU F 39 17.54 26.22 7.96
CA GLU F 39 17.73 24.84 8.42
C GLU F 39 18.81 24.04 7.69
N SER F 40 18.76 24.04 6.37
CA SER F 40 19.70 23.26 5.57
C SER F 40 21.11 23.84 5.65
N THR F 41 21.21 25.15 5.86
CA THR F 41 22.52 25.80 5.97
C THR F 41 23.16 25.50 7.32
N GLN F 42 22.36 25.57 8.38
CA GLN F 42 22.84 25.27 9.73
C GLN F 42 23.24 23.82 9.89
N LYS F 43 22.42 22.92 9.32
CA LYS F 43 22.63 21.48 9.38
C LYS F 43 23.91 21.07 8.66
N ALA F 44 24.22 21.75 7.57
CA ALA F 44 25.43 21.48 6.78
C ALA F 44 26.65 22.11 7.43
N PHE F 45 26.45 23.26 8.05
CA PHE F 45 27.51 23.86 8.84
C PHE F 45 27.87 22.94 9.98
N ASP F 46 26.84 22.56 10.75
CA ASP F 46 27.01 21.62 11.86
C ASP F 46 27.73 20.37 11.40
N GLY F 47 27.36 19.87 10.23
CA GLY F 47 27.97 18.67 9.68
C GLY F 47 29.46 18.82 9.38
N ILE F 48 29.81 19.84 8.60
CA ILE F 48 31.17 20.03 8.12
C ILE F 48 32.18 20.40 9.23
N THR F 49 31.73 21.17 10.22
CA THR F 49 32.60 21.47 11.34
C THR F 49 32.89 20.20 12.13
N ASN F 50 31.86 19.39 12.34
CA ASN F 50 32.03 18.08 12.97
C ASN F 50 32.95 17.20 12.18
N LYS F 51 32.97 17.39 10.88
CA LYS F 51 33.83 16.61 10.02
C LYS F 51 35.27 17.06 10.17
N VAL F 52 35.51 18.38 10.12
CA VAL F 52 36.88 18.89 10.21
C VAL F 52 37.49 18.77 11.61
N ASN F 53 36.64 18.87 12.63
CA ASN F 53 37.04 18.63 14.01
C ASN F 53 37.38 17.16 14.21
N SER F 54 36.64 16.31 13.51
CA SER F 54 36.92 14.89 13.53
C SER F 54 38.13 14.54 12.64
N VAL F 55 38.74 15.56 12.01
CA VAL F 55 40.01 15.37 11.29
C VAL F 55 41.22 15.80 12.11
N ILE F 56 41.09 16.95 12.78
CA ILE F 56 42.19 17.43 13.61
C ILE F 56 42.30 16.67 14.93
N GLU F 57 41.36 15.79 15.23
CA GLU F 57 41.37 15.05 16.49
C GLU F 57 41.88 13.61 16.35
N LYS F 58 41.98 13.11 15.12
CA LYS F 58 42.31 11.71 14.85
C LYS F 58 43.81 11.43 14.68
N MET F 59 44.62 12.47 14.53
CA MET F 59 46.07 12.34 14.45
C MET F 59 46.70 13.40 15.36
N ASN F 60 46.66 13.17 16.68
CA ASN F 60 46.89 14.24 17.64
C ASN F 60 47.89 13.97 18.77
N THR F 61 48.75 14.98 18.99
CA THR F 61 49.95 14.97 19.87
C THR F 61 50.36 13.63 20.55
N GLN F 62 50.82 12.69 19.72
CA GLN F 62 51.24 11.33 20.14
C GLN F 62 52.52 10.82 19.44
N PHE F 63 52.36 10.23 18.25
CA PHE F 63 53.48 9.63 17.48
C PHE F 63 54.77 10.52 17.32
N GLU F 64 55.81 10.25 18.13
CA GLU F 64 56.93 11.19 18.33
C GLU F 64 58.25 10.94 17.54
N ALA F 65 59.26 11.77 17.83
CA ALA F 65 60.57 11.70 17.18
C ALA F 65 61.75 12.09 18.08
N VAL F 66 62.02 11.28 19.11
CA VAL F 66 63.31 11.32 19.77
C VAL F 66 64.31 10.94 18.68
N GLY F 67 65.43 11.64 18.63
CA GLY F 67 66.50 11.26 17.74
C GLY F 67 67.37 10.27 18.46
N LYS F 68 68.13 9.49 17.69
CA LYS F 68 69.04 8.54 18.30
C LYS F 68 70.29 8.49 17.45
N GLU F 69 71.41 8.25 18.13
CA GLU F 69 72.72 8.13 17.48
C GLU F 69 73.21 6.71 17.67
N PHE F 70 74.05 6.25 16.74
CA PHE F 70 74.48 4.85 16.69
C PHE F 70 75.91 4.80 16.20
N SER F 71 76.71 3.87 16.69
CA SER F 71 78.12 3.77 16.32
C SER F 71 78.37 3.27 14.88
N ASN F 72 79.58 2.84 14.56
CA ASN F 72 79.85 2.32 13.21
C ASN F 72 79.94 0.81 13.19
N LEU F 73 79.50 0.24 14.30
CA LEU F 73 79.32 -1.20 14.42
C LEU F 73 77.89 -1.45 14.88
N GLU F 74 77.09 -0.38 14.88
CA GLU F 74 75.64 -0.50 15.04
C GLU F 74 74.91 -0.11 13.76
N ARG F 75 75.31 -0.66 12.61
CA ARG F 75 74.76 -0.21 11.33
C ARG F 75 73.42 -0.84 11.06
N ARG F 76 73.22 -2.03 11.61
CA ARG F 76 71.96 -2.72 11.48
C ARG F 76 70.95 -1.97 12.31
N LEU F 77 71.25 -1.84 13.59
CA LEU F 77 70.38 -1.14 14.52
C LEU F 77 70.02 0.28 14.02
N GLU F 78 71.01 1.04 13.57
CA GLU F 78 70.78 2.33 12.91
C GLU F 78 69.74 2.20 11.82
N ASN F 79 69.93 1.26 10.90
CA ASN F 79 68.99 1.05 9.81
C ASN F 79 67.60 0.68 10.28
N LEU F 80 67.57 -0.27 11.21
CA LEU F 80 66.34 -0.72 11.84
C LEU F 80 65.56 0.50 12.33
N ASN F 81 66.26 1.44 12.94
CA ASN F 81 65.63 2.69 13.40
C ASN F 81 65.08 3.54 12.26
N LYS F 82 65.88 3.71 11.20
CA LYS F 82 65.49 4.47 10.03
C LYS F 82 64.24 3.86 9.41
N LYS F 83 64.31 2.56 9.16
CA LYS F 83 63.19 1.87 8.52
C LYS F 83 61.91 1.98 9.33
N MET F 84 62.03 2.07 10.65
CA MET F 84 60.84 2.22 11.49
C MET F 84 60.25 3.62 11.44
N GLU F 85 61.10 4.64 11.45
CA GLU F 85 60.56 5.99 11.49
C GLU F 85 60.05 6.35 10.12
N ASP F 86 60.79 5.98 9.08
CA ASP F 86 60.34 6.19 7.71
C ASP F 86 59.06 5.43 7.46
N GLY F 87 59.03 4.16 7.86
CA GLY F 87 57.85 3.32 7.78
C GLY F 87 56.58 3.98 8.28
N PHE F 88 56.59 4.38 9.56
CA PHE F 88 55.47 5.08 10.15
C PHE F 88 55.28 6.46 9.55
N LEU F 89 56.33 7.05 8.99
CA LEU F 89 56.16 8.32 8.31
C LEU F 89 55.29 8.06 7.09
N ASP F 90 55.75 7.16 6.22
CA ASP F 90 54.98 6.72 5.07
C ASP F 90 53.53 6.39 5.41
N VAL F 91 53.32 5.59 6.46
CA VAL F 91 51.97 5.22 6.83
C VAL F 91 51.10 6.45 7.14
N TRP F 92 51.48 7.27 8.11
CA TRP F 92 50.69 8.46 8.44
C TRP F 92 50.44 9.45 7.29
N THR F 93 51.42 9.56 6.40
CA THR F 93 51.23 10.37 5.20
C THR F 93 50.09 9.79 4.40
N TYR F 94 50.20 8.50 4.05
CA TYR F 94 49.18 7.81 3.25
C TYR F 94 47.78 7.93 3.87
N ASN F 95 47.71 7.66 5.16
CA ASN F 95 46.48 7.87 5.91
C ASN F 95 45.92 9.29 5.80
N ALA F 96 46.80 10.29 5.94
CA ALA F 96 46.34 11.67 5.88
C ALA F 96 45.88 12.09 4.48
N GLU F 97 46.68 11.77 3.48
CA GLU F 97 46.32 12.06 2.10
C GLU F 97 45.04 11.39 1.66
N LEU F 98 44.93 10.09 1.92
CA LEU F 98 43.69 9.36 1.62
C LEU F 98 42.51 9.94 2.36
N LEU F 99 42.67 10.20 3.65
CA LEU F 99 41.60 10.80 4.44
C LEU F 99 41.08 12.05 3.77
N VAL F 100 42.00 12.90 3.33
CA VAL F 100 41.65 14.20 2.75
C VAL F 100 40.88 14.04 1.44
N LEU F 101 41.36 13.17 0.56
CA LEU F 101 40.69 12.88 -0.71
C LEU F 101 39.26 12.36 -0.53
N MET F 102 39.13 11.37 0.32
CA MET F 102 37.86 10.74 0.53
C MET F 102 36.91 11.74 1.14
N GLU F 103 37.29 12.37 2.26
CA GLU F 103 36.39 13.31 2.93
C GLU F 103 36.01 14.56 2.11
N ASN F 104 36.89 14.92 1.20
CA ASN F 104 36.61 15.95 0.22
C ASN F 104 35.42 15.55 -0.61
N GLU F 105 35.62 14.52 -1.44
CA GLU F 105 34.57 13.92 -2.24
C GLU F 105 33.24 13.79 -1.49
N ARG F 106 33.25 13.12 -0.34
CA ARG F 106 32.04 13.04 0.47
C ARG F 106 31.50 14.41 0.86
N THR F 107 32.37 15.37 1.10
CA THR F 107 31.92 16.73 1.39
C THR F 107 31.15 17.31 0.19
N LEU F 108 31.78 17.30 -0.98
CA LEU F 108 31.14 17.79 -2.20
C LEU F 108 29.72 17.20 -2.40
N ASP F 109 29.67 15.90 -2.61
CA ASP F 109 28.41 15.15 -2.61
C ASP F 109 27.43 15.52 -1.47
N PHE F 110 27.95 15.80 -0.28
CA PHE F 110 27.10 16.18 0.84
C PHE F 110 26.29 17.46 0.56
N HIS F 111 26.97 18.42 -0.07
CA HIS F 111 26.35 19.65 -0.52
C HIS F 111 25.34 19.34 -1.62
N ASP F 112 25.80 18.62 -2.62
CA ASP F 112 24.96 18.16 -3.72
C ASP F 112 23.64 17.57 -3.23
N SER F 113 23.71 16.41 -2.61
CA SER F 113 22.54 15.86 -1.90
C SER F 113 21.77 16.89 -1.06
N ASN F 114 22.46 17.76 -0.34
CA ASN F 114 21.74 18.78 0.43
C ASN F 114 20.83 19.63 -0.44
N VAL F 115 21.35 20.08 -1.58
CA VAL F 115 20.60 20.95 -2.50
C VAL F 115 19.39 20.24 -3.04
N LYS F 116 19.63 19.10 -3.68
CA LYS F 116 18.57 18.23 -4.17
C LYS F 116 17.48 18.05 -3.14
N ASN F 117 17.90 17.63 -1.94
CA ASN F 117 16.99 17.46 -0.83
C ASN F 117 16.16 18.69 -0.54
N LEU F 118 16.70 19.86 -0.85
CA LEU F 118 15.94 21.08 -0.64
C LEU F 118 14.90 21.23 -1.72
N TYR F 119 15.36 21.12 -2.96
CA TYR F 119 14.51 21.14 -4.13
C TYR F 119 13.38 20.13 -3.95
N ASP F 120 13.75 18.88 -3.69
CA ASP F 120 12.74 17.84 -3.48
C ASP F 120 11.76 18.18 -2.35
N LYS F 121 12.19 18.89 -1.31
CA LYS F 121 11.29 19.18 -0.19
C LYS F 121 10.27 20.23 -0.60
N VAL F 122 10.74 21.30 -1.23
CA VAL F 122 9.83 22.32 -1.71
C VAL F 122 8.91 21.75 -2.79
N ARG F 123 9.49 21.03 -3.76
CA ARG F 123 8.71 20.32 -4.79
C ARG F 123 7.53 19.55 -4.24
N MET F 124 7.82 18.45 -3.54
CA MET F 124 6.79 17.59 -2.95
C MET F 124 5.86 18.30 -1.95
N GLN F 125 6.20 19.53 -1.59
CA GLN F 125 5.29 20.39 -0.84
C GLN F 125 4.29 21.11 -1.74
N LEU F 126 4.79 21.67 -2.86
CA LEU F 126 3.98 22.45 -3.81
C LEU F 126 3.10 21.58 -4.70
N ARG F 127 3.58 20.39 -5.02
CA ARG F 127 2.83 19.45 -5.85
C ARG F 127 2.48 20.01 -7.23
N ASP F 128 1.23 19.86 -7.64
CA ASP F 128 0.79 20.30 -8.97
C ASP F 128 0.13 21.68 -8.94
N ASN F 129 0.41 22.44 -7.89
CA ASN F 129 0.06 23.85 -7.85
C ASN F 129 1.01 24.71 -8.66
N VAL F 130 2.04 24.09 -9.23
CA VAL F 130 3.12 24.81 -9.85
C VAL F 130 3.67 24.01 -11.03
N LYS F 131 4.58 24.59 -11.78
CA LYS F 131 5.16 23.92 -12.93
C LYS F 131 6.64 23.63 -12.70
N GLU F 132 7.04 22.37 -12.82
CA GLU F 132 8.45 22.00 -12.79
C GLU F 132 9.15 22.40 -14.08
N LEU F 133 9.88 23.51 -14.03
CA LEU F 133 10.55 24.04 -15.22
C LEU F 133 11.75 23.21 -15.65
N GLY F 134 12.42 22.57 -14.69
CA GLY F 134 13.51 21.63 -14.98
C GLY F 134 14.88 22.27 -14.82
N ASN F 135 14.90 23.35 -14.05
CA ASN F 135 16.05 24.24 -14.00
C ASN F 135 16.27 24.55 -12.54
N GLY F 136 15.33 24.06 -11.72
CA GLY F 136 15.39 24.21 -10.28
C GLY F 136 14.54 25.38 -9.83
N CYS F 137 13.59 25.74 -10.69
CA CYS F 137 12.63 26.82 -10.41
C CYS F 137 11.24 26.25 -10.62
N PHE F 138 10.29 26.80 -9.89
CA PHE F 138 8.89 26.44 -10.07
C PHE F 138 8.08 27.66 -10.53
N GLU F 139 7.29 27.48 -11.60
CA GLU F 139 6.40 28.53 -12.07
C GLU F 139 5.00 28.33 -11.50
N PHE F 140 4.60 29.25 -10.64
CA PHE F 140 3.31 29.18 -9.98
C PHE F 140 2.11 29.26 -10.92
N TYR F 141 1.14 28.37 -10.69
CA TYR F 141 -0.15 28.38 -11.40
C TYR F 141 -1.08 29.39 -10.76
N HIS F 142 -0.74 29.80 -9.54
CA HIS F 142 -1.48 30.89 -8.90
C HIS F 142 -0.60 32.11 -8.66
N LYS F 143 -1.05 32.96 -7.73
CA LYS F 143 -0.30 34.14 -7.34
C LYS F 143 0.21 33.94 -5.93
N CYS F 144 1.50 34.17 -5.75
CA CYS F 144 2.18 33.92 -4.50
C CYS F 144 2.85 35.20 -4.00
N ASP F 145 2.23 35.83 -3.00
CA ASP F 145 2.74 37.06 -2.41
C ASP F 145 3.98 36.83 -1.54
N ASP F 146 4.56 37.92 -1.04
CA ASP F 146 5.68 37.84 -0.09
C ASP F 146 5.16 37.35 1.26
N GLU F 147 4.75 36.09 1.29
CA GLU F 147 3.90 35.58 2.36
C GLU F 147 3.54 34.14 2.07
N CYS F 148 3.00 33.92 0.87
CA CYS F 148 2.86 32.59 0.32
C CYS F 148 4.28 32.08 0.04
N MET F 149 5.17 33.00 -0.32
CA MET F 149 6.59 32.68 -0.50
C MET F 149 7.23 32.25 0.81
N ASN F 150 6.96 33.00 1.87
CA ASN F 150 7.42 32.67 3.21
C ASN F 150 6.72 31.44 3.78
N SER F 151 5.60 31.05 3.19
CA SER F 151 4.90 29.86 3.63
C SER F 151 5.54 28.63 2.97
N VAL F 152 6.23 28.86 1.86
CA VAL F 152 6.97 27.80 1.19
C VAL F 152 8.30 27.57 1.87
N LYS F 153 9.05 28.66 2.06
CA LYS F 153 10.40 28.62 2.59
C LYS F 153 10.53 27.94 3.96
N ASN F 154 9.49 28.01 4.79
CA ASN F 154 9.56 27.37 6.10
C ASN F 154 8.69 26.11 6.26
N GLY F 155 8.27 25.52 5.13
CA GLY F 155 7.54 24.27 5.13
C GLY F 155 6.09 24.30 5.59
N THR F 156 5.41 25.43 5.33
CA THR F 156 4.02 25.59 5.75
C THR F 156 3.08 25.95 4.58
N TYR F 157 3.36 25.40 3.40
CA TYR F 157 2.55 25.69 2.23
C TYR F 157 1.20 24.99 2.30
N ASP F 158 0.13 25.77 2.36
CA ASP F 158 -1.22 25.20 2.27
C ASP F 158 -1.56 24.89 0.81
N TYR F 159 -1.48 23.62 0.44
CA TYR F 159 -1.89 23.18 -0.89
C TYR F 159 -3.38 23.40 -1.19
N PRO F 160 -4.28 23.03 -0.26
CA PRO F 160 -5.69 23.17 -0.64
C PRO F 160 -6.16 24.63 -0.81
N LYS F 161 -5.51 25.57 -0.13
CA LYS F 161 -5.85 26.99 -0.23
C LYS F 161 -5.73 27.53 -1.64
N TYR F 162 -4.68 27.13 -2.34
CA TYR F 162 -4.41 27.64 -3.67
C TYR F 162 -4.74 26.57 -4.71
N GLU F 163 -5.27 25.44 -4.26
CA GLU F 163 -5.47 24.25 -5.09
C GLU F 163 -6.36 24.48 -6.31
N GLU F 164 -7.57 24.97 -6.05
CA GLU F 164 -8.57 25.14 -7.09
C GLU F 164 -8.23 26.29 -8.03
N GLU F 165 -7.61 27.34 -7.48
CA GLU F 165 -7.19 28.50 -8.27
C GLU F 165 -6.14 28.08 -9.30
N SER F 166 -5.20 27.26 -8.84
CA SER F 166 -4.13 26.76 -9.69
C SER F 166 -4.71 25.80 -10.68
N LYS F 167 -5.71 25.04 -10.23
CA LYS F 167 -6.40 24.10 -11.09
C LYS F 167 -7.05 24.85 -12.25
N LEU F 168 -7.89 25.83 -11.93
CA LEU F 168 -8.62 26.57 -12.96
C LEU F 168 -7.66 27.22 -13.96
N ASN F 169 -6.50 27.64 -13.47
CA ASN F 169 -5.46 28.21 -14.33
C ASN F 169 -4.73 27.15 -15.15
N ARG F 170 -4.70 25.93 -14.62
CA ARG F 170 -3.98 24.84 -15.25
C ARG F 170 -4.75 24.24 -16.42
N ASN F 171 -6.01 23.86 -16.20
CA ASN F 171 -6.87 23.41 -17.31
C ASN F 171 -7.45 24.62 -18.04
N GLU F 172 -6.71 25.14 -19.02
CA GLU F 172 -7.13 26.34 -19.72
C GLU F 172 -6.30 26.57 -20.98
N PRO G 1 -125.73 29.25 -80.38
CA PRO G 1 -124.36 29.77 -80.35
C PRO G 1 -123.70 29.52 -81.70
N GLY G 2 -123.08 30.57 -82.22
CA GLY G 2 -122.47 30.52 -83.53
C GLY G 2 -121.16 29.77 -83.57
N ASP G 3 -120.25 30.27 -84.40
CA ASP G 3 -118.91 29.73 -84.45
C ASP G 3 -118.15 30.19 -83.20
N GLN G 4 -117.29 29.31 -82.70
CA GLN G 4 -116.46 29.61 -81.53
C GLN G 4 -114.97 29.44 -81.82
N ILE G 5 -114.17 30.32 -81.23
CA ILE G 5 -112.74 30.06 -81.07
C ILE G 5 -112.34 30.31 -79.62
N CYS G 6 -111.40 29.52 -79.14
CA CYS G 6 -111.01 29.59 -77.75
C CYS G 6 -109.49 29.69 -77.61
N ILE G 7 -109.04 30.23 -76.49
CA ILE G 7 -107.61 30.26 -76.21
C ILE G 7 -107.34 29.48 -74.94
N GLY G 8 -106.24 28.73 -74.95
CA GLY G 8 -105.90 27.84 -73.86
C GLY G 8 -104.48 27.37 -73.99
N TYR G 9 -104.11 26.43 -73.11
CA TYR G 9 -102.73 26.00 -73.01
C TYR G 9 -102.67 24.50 -72.75
N HIS G 10 -101.45 23.99 -72.63
CA HIS G 10 -101.18 22.56 -72.47
C HIS G 10 -101.49 22.08 -71.04
N ALA G 11 -101.76 20.78 -70.92
CA ALA G 11 -101.75 20.07 -69.66
C ALA G 11 -101.41 18.65 -70.05
N ASN G 12 -100.87 17.86 -69.14
CA ASN G 12 -100.64 16.45 -69.43
C ASN G 12 -100.61 15.57 -68.20
N ASN G 13 -99.99 14.41 -68.33
CA ASN G 13 -100.01 13.43 -67.26
C ASN G 13 -98.91 13.63 -66.20
N SER G 14 -98.06 14.63 -66.40
CA SER G 14 -96.89 14.86 -65.54
C SER G 14 -97.22 15.13 -64.07
N THR G 15 -96.50 14.49 -63.17
CA THR G 15 -96.68 14.77 -61.75
C THR G 15 -95.44 15.48 -61.16
N GLU G 16 -94.64 16.07 -62.04
CA GLU G 16 -93.39 16.73 -61.68
C GLU G 16 -93.57 17.95 -60.79
N LYS G 17 -93.23 17.79 -59.51
CA LYS G 17 -93.38 18.87 -58.54
C LYS G 17 -92.15 19.79 -58.44
N VAL G 18 -92.40 21.10 -58.52
CA VAL G 18 -91.37 22.12 -58.26
C VAL G 18 -91.85 23.07 -57.17
N ASP G 19 -90.94 23.90 -56.69
CA ASP G 19 -91.28 24.86 -55.65
C ASP G 19 -91.01 26.29 -56.14
N THR G 20 -91.65 27.25 -55.48
CA THR G 20 -91.37 28.66 -55.70
C THR G 20 -91.40 29.30 -54.35
N ILE G 21 -90.97 30.55 -54.31
CA ILE G 21 -91.00 31.30 -53.06
C ILE G 21 -92.42 31.34 -52.49
N LEU G 22 -93.41 31.49 -53.37
CA LEU G 22 -94.80 31.73 -52.98
C LEU G 22 -95.57 30.48 -52.59
N GLU G 23 -95.10 29.32 -53.01
CA GLU G 23 -95.94 28.13 -53.03
C GLU G 23 -95.16 26.89 -53.41
N ARG G 24 -95.09 25.93 -52.51
CA ARG G 24 -94.35 24.72 -52.77
C ARG G 24 -95.29 23.66 -53.37
N ASN G 25 -94.71 22.56 -53.83
CA ASN G 25 -95.45 21.42 -54.40
C ASN G 25 -96.41 21.82 -55.52
N VAL G 26 -95.89 22.55 -56.51
CA VAL G 26 -96.67 23.00 -57.67
C VAL G 26 -96.51 22.04 -58.82
N THR G 27 -97.58 21.36 -59.20
CA THR G 27 -97.42 20.40 -60.27
C THR G 27 -97.32 21.09 -61.63
N VAL G 28 -96.27 20.77 -62.38
CA VAL G 28 -96.07 21.40 -63.67
C VAL G 28 -95.97 20.39 -64.81
N THR G 29 -95.81 20.89 -66.02
CA THR G 29 -95.94 20.06 -67.22
C THR G 29 -94.63 19.53 -67.75
N HIS G 30 -93.55 20.24 -67.47
CA HIS G 30 -92.25 19.97 -68.08
C HIS G 30 -91.18 20.56 -67.19
N ALA G 31 -90.33 19.70 -66.64
CA ALA G 31 -89.36 20.14 -65.66
C ALA G 31 -87.96 19.61 -65.96
N LYS G 32 -87.01 20.01 -65.11
CA LYS G 32 -85.65 19.49 -65.16
C LYS G 32 -85.01 19.42 -63.76
N ASP G 33 -84.54 18.23 -63.38
CA ASP G 33 -83.71 18.09 -62.20
C ASP G 33 -82.30 18.35 -62.65
N ILE G 34 -81.64 19.29 -61.98
CA ILE G 34 -80.29 19.70 -62.37
C ILE G 34 -79.28 19.35 -61.30
N LEU G 35 -79.70 18.46 -60.39
CA LEU G 35 -78.87 18.00 -59.29
C LEU G 35 -78.71 16.50 -59.42
N GLU G 36 -77.47 16.05 -59.60
CA GLU G 36 -77.18 14.64 -59.75
C GLU G 36 -77.04 14.03 -58.36
N LYS G 37 -77.64 12.87 -58.14
CA LYS G 37 -77.59 12.28 -56.80
C LYS G 37 -77.11 10.85 -56.84
N THR G 38 -76.72 10.40 -58.03
CA THR G 38 -76.30 9.03 -58.24
C THR G 38 -74.88 8.89 -58.74
N HIS G 39 -74.09 8.15 -57.97
CA HIS G 39 -72.79 7.67 -58.42
C HIS G 39 -72.98 6.26 -58.91
N ASN G 40 -71.95 5.42 -58.76
CA ASN G 40 -72.11 3.99 -58.99
C ASN G 40 -71.56 3.16 -57.86
N GLY G 41 -70.63 3.74 -57.11
CA GLY G 41 -70.05 3.07 -55.95
C GLY G 41 -68.66 2.52 -56.23
N LYS G 42 -68.35 2.38 -57.52
CA LYS G 42 -67.06 1.86 -57.94
C LYS G 42 -65.99 2.95 -57.89
N LEU G 43 -64.81 2.59 -57.43
CA LEU G 43 -63.64 3.46 -57.54
C LEU G 43 -62.93 3.11 -58.82
N CYS G 44 -62.61 4.12 -59.62
CA CYS G 44 -62.36 3.90 -61.05
C CYS G 44 -61.23 4.70 -61.69
N LYS G 45 -60.71 4.16 -62.79
CA LYS G 45 -59.78 4.89 -63.66
C LYS G 45 -60.36 6.26 -63.97
N LEU G 46 -59.54 7.29 -63.86
CA LEU G 46 -59.99 8.63 -64.12
C LEU G 46 -59.29 9.07 -65.38
N ASN G 47 -60.09 9.42 -66.38
CA ASN G 47 -59.58 9.96 -67.63
C ASN G 47 -58.58 9.08 -68.34
N GLY G 48 -58.77 7.76 -68.24
CA GLY G 48 -57.90 6.81 -68.89
C GLY G 48 -56.95 6.15 -67.91
N ILE G 49 -56.30 6.98 -67.10
CA ILE G 49 -55.14 6.56 -66.32
C ILE G 49 -55.47 6.20 -64.87
N PRO G 50 -55.14 4.96 -64.46
CA PRO G 50 -55.59 4.41 -63.17
C PRO G 50 -55.04 5.19 -62.00
N PRO G 51 -55.64 5.03 -60.81
CA PRO G 51 -55.12 5.68 -59.63
C PRO G 51 -53.88 4.94 -59.16
N LEU G 52 -53.21 5.47 -58.14
CA LEU G 52 -52.12 4.74 -57.49
C LEU G 52 -52.69 4.17 -56.22
N GLU G 53 -52.73 2.85 -56.14
CA GLU G 53 -53.47 2.19 -55.08
C GLU G 53 -52.58 1.61 -53.99
N LEU G 54 -52.44 2.35 -52.91
CA LEU G 54 -51.42 2.01 -51.91
C LEU G 54 -51.70 0.73 -51.13
N GLY G 55 -52.95 0.28 -51.13
CA GLY G 55 -53.30 -0.83 -50.27
C GLY G 55 -52.94 -0.40 -48.87
N ASP G 56 -52.34 -1.30 -48.11
CA ASP G 56 -52.08 -1.01 -46.69
C ASP G 56 -50.78 -0.28 -46.46
N CYS G 57 -50.26 0.37 -47.50
CA CYS G 57 -49.07 1.17 -47.37
C CYS G 57 -49.45 2.65 -47.25
N SER G 58 -48.71 3.31 -46.38
CA SER G 58 -48.83 4.72 -46.11
C SER G 58 -47.94 5.43 -47.11
N ILE G 59 -48.23 6.70 -47.39
CA ILE G 59 -47.32 7.48 -48.23
C ILE G 59 -45.85 7.31 -47.86
N ALA G 60 -45.58 7.42 -46.57
CA ALA G 60 -44.22 7.28 -46.07
C ALA G 60 -43.68 5.89 -46.35
N GLY G 61 -44.42 4.88 -45.94
CA GLY G 61 -44.05 3.50 -46.19
C GLY G 61 -43.76 3.24 -47.64
N TRP G 62 -44.36 4.04 -48.51
CA TRP G 62 -44.17 3.93 -49.94
C TRP G 62 -42.86 4.54 -50.31
N LEU G 63 -42.74 5.85 -50.03
CA LEU G 63 -41.56 6.66 -50.38
C LEU G 63 -40.24 6.19 -49.77
N LEU G 64 -40.26 5.80 -48.50
CA LEU G 64 -39.10 5.18 -47.88
C LEU G 64 -38.85 3.86 -48.51
N GLY G 65 -39.89 3.04 -48.58
CA GLY G 65 -39.76 1.74 -49.17
C GLY G 65 -39.72 0.69 -48.10
N ASN G 66 -40.74 0.67 -47.25
CA ASN G 66 -41.02 -0.47 -46.39
C ASN G 66 -41.04 -1.72 -47.31
N PRO G 67 -40.49 -2.84 -46.82
CA PRO G 67 -40.37 -4.06 -47.63
C PRO G 67 -41.72 -4.61 -48.05
N GLU G 68 -42.71 -4.35 -47.23
CA GLU G 68 -44.07 -4.75 -47.54
C GLU G 68 -44.61 -3.97 -48.75
N CYS G 69 -44.05 -2.78 -48.97
CA CYS G 69 -44.53 -1.95 -50.06
C CYS G 69 -43.74 -2.12 -51.34
N ASP G 70 -42.94 -3.18 -51.42
CA ASP G 70 -42.12 -3.47 -52.60
C ASP G 70 -42.88 -3.48 -53.92
N ARG G 71 -44.20 -3.71 -53.85
CA ARG G 71 -45.06 -3.61 -55.02
C ARG G 71 -44.93 -2.24 -55.68
N LEU G 72 -44.61 -1.24 -54.84
CA LEU G 72 -44.70 0.17 -55.21
C LEU G 72 -43.37 0.79 -55.65
N LEU G 73 -42.34 -0.03 -55.78
CA LEU G 73 -41.00 0.48 -56.06
C LEU G 73 -40.93 1.15 -57.42
N SER G 74 -41.48 0.48 -58.44
CA SER G 74 -41.64 1.09 -59.75
C SER G 74 -43.13 1.28 -59.94
N VAL G 75 -43.52 2.43 -60.47
CA VAL G 75 -44.92 2.82 -60.50
C VAL G 75 -45.22 3.62 -61.76
N PRO G 76 -46.44 3.52 -62.27
CA PRO G 76 -46.80 4.21 -63.50
C PRO G 76 -47.45 5.57 -63.21
N GLU G 77 -47.84 6.32 -64.24
CA GLU G 77 -48.68 7.51 -64.06
C GLU G 77 -49.87 7.14 -63.19
N TRP G 78 -50.19 7.99 -62.23
CA TRP G 78 -51.48 7.90 -61.58
C TRP G 78 -52.29 9.14 -61.91
N SER G 79 -53.59 9.07 -61.64
CA SER G 79 -54.49 10.17 -61.92
C SER G 79 -54.99 10.67 -60.59
N TYR G 80 -54.80 9.83 -59.57
CA TYR G 80 -55.03 10.21 -58.18
C TYR G 80 -54.47 9.12 -57.25
N ILE G 81 -54.57 9.32 -55.94
CA ILE G 81 -53.82 8.44 -55.02
C ILE G 81 -54.70 7.93 -53.92
N MET G 82 -54.86 6.60 -53.87
CA MET G 82 -55.79 5.99 -52.92
C MET G 82 -55.04 5.53 -51.71
N GLU G 83 -55.33 6.16 -50.58
CA GLU G 83 -54.67 5.81 -49.32
C GLU G 83 -55.71 5.52 -48.26
N LYS G 84 -55.51 4.45 -47.48
CA LYS G 84 -56.44 4.11 -46.40
C LYS G 84 -56.38 5.13 -45.25
N GLU G 85 -57.01 4.80 -44.13
CA GLU G 85 -57.09 5.73 -43.03
C GLU G 85 -55.88 5.53 -42.14
N ASN G 86 -55.76 4.34 -41.58
CA ASN G 86 -54.58 3.98 -40.81
C ASN G 86 -53.81 2.88 -41.51
N PRO G 87 -53.03 3.23 -42.55
CA PRO G 87 -52.25 2.17 -43.20
C PRO G 87 -51.41 1.41 -42.19
N ARG G 88 -51.29 0.10 -42.38
CA ARG G 88 -50.59 -0.72 -41.41
C ARG G 88 -49.11 -0.77 -41.76
N ASP G 89 -48.83 -0.70 -43.06
CA ASP G 89 -47.46 -0.75 -43.55
C ASP G 89 -46.91 0.64 -43.79
N GLY G 90 -46.22 1.19 -42.80
CA GLY G 90 -45.61 2.50 -42.93
C GLY G 90 -44.23 2.52 -42.30
N LEU G 91 -44.02 3.45 -41.37
CA LEU G 91 -42.81 3.51 -40.57
C LEU G 91 -42.70 2.26 -39.73
N CYS G 92 -42.01 1.25 -40.25
CA CYS G 92 -41.81 0.01 -39.51
C CYS G 92 -40.76 0.19 -38.42
N TYR G 93 -39.60 0.73 -38.78
CA TYR G 93 -38.72 1.26 -37.75
C TYR G 93 -39.36 2.53 -37.22
N PRO G 94 -39.90 2.50 -36.01
CA PRO G 94 -40.68 3.60 -35.44
C PRO G 94 -39.93 4.93 -35.47
N GLY G 95 -40.69 6.02 -35.39
CA GLY G 95 -40.12 7.35 -35.53
C GLY G 95 -41.08 8.37 -36.10
N SER G 96 -40.53 9.35 -36.80
CA SER G 96 -41.30 10.52 -37.20
C SER G 96 -41.11 10.84 -38.67
N PHE G 97 -41.99 11.66 -39.20
CA PHE G 97 -41.78 12.22 -40.51
C PHE G 97 -42.15 13.68 -40.37
N ASN G 98 -41.18 14.55 -40.60
CA ASN G 98 -41.33 15.97 -40.34
C ASN G 98 -41.94 16.69 -41.52
N ASP G 99 -42.90 17.57 -41.24
CA ASP G 99 -43.67 18.24 -42.28
C ASP G 99 -44.27 17.19 -43.21
N TYR G 100 -44.91 16.17 -42.63
CA TYR G 100 -45.55 15.09 -43.40
C TYR G 100 -46.67 15.64 -44.27
N GLU G 101 -47.47 16.51 -43.67
CA GLU G 101 -48.66 16.99 -44.32
C GLU G 101 -48.38 17.97 -45.47
N GLU G 102 -47.30 18.75 -45.36
CA GLU G 102 -46.83 19.54 -46.49
C GLU G 102 -46.46 18.62 -47.65
N LEU G 103 -45.78 17.51 -47.35
CA LEU G 103 -45.40 16.57 -48.39
C LEU G 103 -46.64 15.92 -48.94
N LYS G 104 -47.54 15.53 -48.05
CA LYS G 104 -48.79 14.91 -48.46
C LYS G 104 -49.52 15.86 -49.41
N TYR G 105 -49.66 17.12 -49.01
CA TYR G 105 -50.23 18.14 -49.90
C TYR G 105 -49.46 18.31 -51.23
N LEU G 106 -48.13 18.25 -51.16
CA LEU G 106 -47.30 18.40 -52.35
C LEU G 106 -47.70 17.40 -53.41
N LEU G 107 -47.87 16.15 -53.01
CA LEU G 107 -48.10 15.04 -53.91
C LEU G 107 -49.35 15.19 -54.76
N SER G 108 -50.24 16.04 -54.32
CA SER G 108 -51.47 16.33 -55.03
C SER G 108 -51.25 17.15 -56.30
N SER G 109 -50.00 17.50 -56.57
CA SER G 109 -49.68 18.19 -57.81
C SER G 109 -48.84 17.28 -58.67
N VAL G 110 -48.62 16.05 -58.18
CA VAL G 110 -47.74 15.13 -58.90
C VAL G 110 -48.46 13.88 -59.43
N LYS G 111 -48.26 13.61 -60.71
CA LYS G 111 -48.95 12.51 -61.36
C LYS G 111 -47.99 11.36 -61.59
N HIS G 112 -46.70 11.64 -61.62
CA HIS G 112 -45.72 10.57 -61.85
C HIS G 112 -44.32 10.92 -61.38
N PHE G 113 -43.71 9.96 -60.70
CA PHE G 113 -42.34 10.09 -60.24
C PHE G 113 -41.41 9.24 -61.04
N GLU G 114 -40.18 9.71 -61.19
CA GLU G 114 -39.12 8.89 -61.73
C GLU G 114 -38.00 8.72 -60.69
N LYS G 115 -37.88 7.52 -60.16
CA LYS G 115 -36.96 7.26 -59.07
C LYS G 115 -35.53 7.14 -59.58
N VAL G 116 -34.65 8.00 -59.08
CA VAL G 116 -33.27 8.05 -59.53
C VAL G 116 -32.31 7.65 -58.42
N LYS G 117 -31.29 6.84 -58.76
CA LYS G 117 -30.23 6.51 -57.83
C LYS G 117 -29.23 7.66 -57.86
N ILE G 118 -29.20 8.45 -56.79
CA ILE G 118 -28.40 9.66 -56.79
C ILE G 118 -27.22 9.52 -55.84
N LEU G 119 -27.28 8.50 -54.98
CA LEU G 119 -26.24 8.26 -53.99
C LEU G 119 -26.11 6.76 -53.78
N PRO G 120 -25.56 6.06 -54.80
CA PRO G 120 -25.54 4.60 -54.90
C PRO G 120 -24.88 4.03 -53.67
N LYS G 121 -25.50 3.02 -53.06
CA LYS G 121 -25.09 2.45 -51.77
C LYS G 121 -23.61 2.08 -51.73
N ASP G 122 -23.05 1.72 -52.88
CA ASP G 122 -21.72 1.13 -52.93
C ASP G 122 -20.58 2.13 -52.81
N ARG G 123 -20.91 3.42 -52.85
CA ARG G 123 -19.93 4.50 -52.79
C ARG G 123 -19.40 4.68 -51.38
N TRP G 124 -20.13 4.18 -50.38
CA TRP G 124 -19.79 4.49 -48.99
C TRP G 124 -18.68 3.58 -48.47
N THR G 125 -17.52 3.65 -49.11
CA THR G 125 -16.43 2.70 -48.92
C THR G 125 -15.81 2.70 -47.53
N GLN G 126 -16.06 3.75 -46.76
CA GLN G 126 -15.48 3.80 -45.44
C GLN G 126 -16.50 3.43 -44.36
N HIS G 127 -17.76 3.24 -44.73
CA HIS G 127 -18.78 2.82 -43.75
C HIS G 127 -19.47 1.49 -44.05
N THR G 128 -20.23 1.01 -43.05
CA THR G 128 -21.04 -0.18 -43.22
C THR G 128 -22.44 0.19 -43.68
N THR G 129 -22.75 -0.21 -44.90
CA THR G 129 -24.02 0.16 -45.53
C THR G 129 -25.11 -0.88 -45.26
N THR G 130 -24.74 -2.04 -44.74
CA THR G 130 -25.70 -3.10 -44.63
C THR G 130 -26.32 -3.27 -43.24
N GLY G 131 -27.29 -2.42 -42.92
CA GLY G 131 -28.01 -2.53 -41.66
C GLY G 131 -29.19 -3.49 -41.71
N GLY G 132 -30.17 -3.21 -40.85
CA GLY G 132 -31.38 -4.03 -40.72
C GLY G 132 -31.96 -4.04 -39.31
N SER G 133 -33.25 -4.34 -39.21
CA SER G 133 -33.87 -4.68 -37.92
C SER G 133 -35.08 -5.60 -38.14
N ARG G 134 -35.49 -6.30 -37.09
CA ARG G 134 -36.57 -7.29 -37.19
C ARG G 134 -37.93 -6.61 -37.30
N ALA G 135 -37.96 -5.30 -37.06
CA ALA G 135 -39.16 -4.50 -37.24
C ALA G 135 -39.46 -4.37 -38.72
N CYS G 136 -38.41 -4.51 -39.52
CA CYS G 136 -38.46 -4.32 -40.97
C CYS G 136 -38.25 -5.65 -41.69
N ALA G 137 -38.72 -6.71 -41.03
CA ALA G 137 -38.42 -8.09 -41.39
C ALA G 137 -38.96 -8.57 -42.73
N VAL G 138 -38.14 -9.37 -43.41
CA VAL G 138 -38.48 -9.98 -44.69
C VAL G 138 -38.17 -11.48 -44.63
N SER G 139 -39.20 -12.30 -44.73
CA SER G 139 -39.05 -13.74 -44.63
C SER G 139 -38.39 -14.13 -43.32
N GLY G 140 -38.62 -13.33 -42.27
CA GLY G 140 -38.02 -13.57 -40.97
C GLY G 140 -36.69 -12.87 -40.75
N ASN G 141 -35.88 -12.76 -41.79
CA ASN G 141 -34.61 -12.06 -41.70
C ASN G 141 -34.84 -10.56 -41.60
N PRO G 142 -34.15 -9.90 -40.66
CA PRO G 142 -34.21 -8.43 -40.56
C PRO G 142 -33.79 -7.76 -41.86
N SER G 143 -34.48 -6.66 -42.19
CA SER G 143 -34.16 -5.88 -43.38
C SER G 143 -34.37 -4.44 -43.01
N PHE G 144 -34.59 -3.60 -44.02
CA PHE G 144 -34.68 -2.15 -43.80
C PHE G 144 -35.43 -1.53 -44.97
N PHE G 145 -35.61 -0.22 -44.95
CA PHE G 145 -36.19 0.47 -46.10
C PHE G 145 -35.31 0.19 -47.34
N ARG G 146 -35.90 0.24 -48.51
CA ARG G 146 -35.19 -0.18 -49.72
C ARG G 146 -34.57 1.02 -50.36
N ASN G 147 -35.13 2.20 -50.03
CA ASN G 147 -34.62 3.45 -50.57
C ASN G 147 -33.87 4.24 -49.50
N MET G 148 -33.46 3.54 -48.44
CA MET G 148 -32.69 4.19 -47.37
C MET G 148 -31.42 3.40 -47.01
N VAL G 149 -30.33 4.12 -46.74
CA VAL G 149 -29.04 3.51 -46.40
C VAL G 149 -28.67 3.79 -44.96
N TRP G 150 -28.46 2.72 -44.19
CA TRP G 150 -28.05 2.86 -42.78
C TRP G 150 -26.51 2.87 -42.62
N LEU G 151 -25.91 4.04 -42.81
CA LEU G 151 -24.49 4.21 -42.52
C LEU G 151 -24.19 3.88 -41.05
N THR G 152 -23.54 2.73 -40.84
CA THR G 152 -22.99 2.33 -39.54
C THR G 152 -21.46 2.34 -39.63
N LYS G 153 -20.77 2.15 -38.50
CA LYS G 153 -19.30 2.14 -38.50
C LYS G 153 -18.68 0.90 -39.13
N LYS G 154 -17.54 1.10 -39.77
CA LYS G 154 -16.75 0.02 -40.36
C LYS G 154 -15.46 -0.26 -39.57
N GLY G 155 -15.56 -1.14 -38.57
CA GLY G 155 -14.43 -1.53 -37.75
C GLY G 155 -13.98 -0.37 -36.90
N SER G 156 -14.55 -0.24 -35.70
CA SER G 156 -14.19 0.82 -34.76
C SER G 156 -14.43 2.23 -35.29
N ASP G 157 -14.04 2.51 -36.54
CA ASP G 157 -14.13 3.84 -37.13
C ASP G 157 -15.46 4.16 -37.83
N TYR G 158 -16.11 5.26 -37.42
CA TYR G 158 -17.09 5.95 -38.26
C TYR G 158 -16.49 7.30 -38.60
N PRO G 159 -15.75 7.35 -39.72
CA PRO G 159 -15.17 8.59 -40.27
C PRO G 159 -16.27 9.54 -40.76
N VAL G 160 -15.90 10.64 -41.40
CA VAL G 160 -16.94 11.57 -41.86
C VAL G 160 -17.63 11.09 -43.11
N ALA G 161 -18.93 10.82 -42.98
CA ALA G 161 -19.76 10.53 -44.13
C ALA G 161 -19.97 11.84 -44.88
N LYS G 162 -19.71 11.82 -46.17
CA LYS G 162 -19.85 13.01 -46.98
C LYS G 162 -20.46 12.69 -48.35
N GLY G 163 -21.71 13.12 -48.55
CA GLY G 163 -22.45 12.81 -49.76
C GLY G 163 -22.90 14.05 -50.52
N SER G 164 -22.91 13.94 -51.84
CA SER G 164 -23.21 15.08 -52.70
C SER G 164 -24.02 14.67 -53.94
N TYR G 165 -24.92 15.55 -54.38
CA TYR G 165 -25.63 15.36 -55.65
C TYR G 165 -25.99 16.68 -56.32
N ASN G 166 -25.56 16.84 -57.57
CA ASN G 166 -25.98 17.95 -58.40
C ASN G 166 -27.17 17.47 -59.19
N ASN G 167 -28.22 18.29 -59.31
CA ASN G 167 -29.46 17.83 -59.91
C ASN G 167 -29.54 18.03 -61.42
N THR G 168 -28.85 17.16 -62.12
CA THR G 168 -28.72 17.21 -63.55
C THR G 168 -29.81 16.34 -64.17
N SER G 169 -30.91 16.16 -63.45
CA SER G 169 -31.94 15.20 -63.83
C SER G 169 -33.04 15.79 -64.70
N GLY G 170 -33.09 17.13 -64.81
CA GLY G 170 -34.01 17.79 -65.71
C GLY G 170 -35.34 18.23 -65.12
N GLU G 171 -35.55 17.93 -63.83
CA GLU G 171 -36.76 18.38 -63.12
C GLU G 171 -36.50 18.53 -61.62
N GLN G 172 -37.50 18.94 -60.83
CA GLN G 172 -37.34 19.01 -59.38
C GLN G 172 -37.28 17.60 -58.82
N MET G 173 -36.66 17.43 -57.66
CA MET G 173 -36.46 16.09 -57.10
C MET G 173 -36.87 16.02 -55.63
N LEU G 174 -37.78 15.09 -55.29
CA LEU G 174 -38.08 14.91 -53.88
C LEU G 174 -36.97 14.11 -53.27
N ILE G 175 -36.42 14.58 -52.15
CA ILE G 175 -35.40 13.81 -51.46
C ILE G 175 -35.73 13.59 -49.98
N ILE G 176 -35.47 12.38 -49.50
CA ILE G 176 -35.70 12.06 -48.10
C ILE G 176 -34.45 11.53 -47.39
N TRP G 177 -34.23 11.96 -46.15
CA TRP G 177 -33.19 11.44 -45.30
C TRP G 177 -33.72 11.34 -43.88
N GLY G 178 -32.87 10.97 -42.96
CA GLY G 178 -33.28 10.98 -41.58
C GLY G 178 -32.13 10.76 -40.63
N VAL G 179 -32.37 10.99 -39.35
CA VAL G 179 -31.37 10.72 -38.34
C VAL G 179 -31.90 9.62 -37.45
N HIS G 180 -30.99 8.98 -36.71
CA HIS G 180 -31.32 7.85 -35.85
C HIS G 180 -31.17 8.30 -34.41
N HIS G 181 -32.20 8.03 -33.62
CA HIS G 181 -32.22 8.40 -32.20
C HIS G 181 -32.20 7.14 -31.33
N PRO G 182 -30.99 6.63 -31.03
CA PRO G 182 -30.76 5.33 -30.38
C PRO G 182 -31.31 5.29 -28.95
N ASN G 183 -31.55 4.09 -28.44
CA ASN G 183 -32.09 3.94 -27.08
C ASN G 183 -31.10 4.39 -25.99
N ASP G 184 -29.98 3.66 -25.87
CA ASP G 184 -28.97 3.91 -24.84
C ASP G 184 -27.64 4.33 -25.47
N GLU G 185 -26.66 4.65 -24.62
CA GLU G 185 -25.37 5.14 -25.10
C GLU G 185 -24.52 4.01 -25.67
N THR G 186 -24.83 2.78 -25.25
CA THR G 186 -24.14 1.60 -25.80
C THR G 186 -24.53 1.35 -27.26
N GLU G 187 -25.81 1.54 -27.59
CA GLU G 187 -26.24 1.46 -28.98
C GLU G 187 -25.42 2.43 -29.80
N GLN G 188 -25.38 3.68 -29.33
CA GLN G 188 -24.72 4.77 -30.03
C GLN G 188 -23.27 4.44 -30.37
N ARG G 189 -22.57 3.89 -29.38
CA ARG G 189 -21.13 3.67 -29.46
C ARG G 189 -20.82 2.48 -30.35
N THR G 190 -21.58 1.40 -30.17
CA THR G 190 -21.40 0.21 -30.98
C THR G 190 -21.82 0.43 -32.43
N LEU G 191 -22.61 1.48 -32.67
CA LEU G 191 -23.15 1.72 -34.00
C LEU G 191 -22.34 2.74 -34.81
N TYR G 192 -21.87 3.80 -34.14
CA TYR G 192 -21.20 4.90 -34.80
C TYR G 192 -19.88 5.33 -34.13
N GLN G 193 -19.54 4.61 -33.05
CA GLN G 193 -18.33 4.84 -32.25
C GLN G 193 -18.44 6.01 -31.27
N ASN G 194 -18.47 7.24 -31.77
CA ASN G 194 -18.53 8.42 -30.91
C ASN G 194 -19.92 8.67 -30.37
N VAL G 195 -20.01 9.34 -29.23
CA VAL G 195 -21.25 10.01 -28.87
C VAL G 195 -21.02 11.47 -29.32
N GLY G 196 -22.03 12.34 -29.28
CA GLY G 196 -21.87 13.72 -29.72
C GLY G 196 -21.52 13.86 -31.19
N THR G 197 -22.48 13.50 -32.04
CA THR G 197 -22.31 13.44 -33.47
C THR G 197 -23.31 14.36 -34.13
N TYR G 198 -23.19 14.54 -35.43
CA TYR G 198 -24.16 15.37 -36.10
C TYR G 198 -24.50 14.88 -37.49
N VAL G 199 -25.68 15.29 -37.97
CA VAL G 199 -26.12 15.03 -39.33
C VAL G 199 -26.39 16.37 -40.02
N SER G 200 -25.63 16.68 -41.05
CA SER G 200 -25.76 17.97 -41.74
C SER G 200 -26.22 17.81 -43.21
N VAL G 201 -27.34 18.43 -43.55
CA VAL G 201 -27.84 18.44 -44.91
C VAL G 201 -27.89 19.87 -45.36
N GLY G 202 -27.65 20.11 -46.64
CA GLY G 202 -27.69 21.46 -47.15
C GLY G 202 -28.01 21.54 -48.62
N THR G 203 -28.87 22.49 -48.95
CA THR G 203 -29.10 22.86 -50.33
C THR G 203 -29.04 24.38 -50.35
N SER G 204 -29.61 25.00 -51.37
CA SER G 204 -29.53 26.43 -51.55
C SER G 204 -30.56 27.16 -50.71
N THR G 205 -31.61 26.44 -50.36
CA THR G 205 -32.69 26.97 -49.57
C THR G 205 -32.65 26.30 -48.20
N LEU G 206 -31.59 25.54 -47.96
CA LEU G 206 -31.59 24.64 -46.81
C LEU G 206 -30.25 24.57 -46.07
N ASN G 207 -30.35 24.69 -44.74
CA ASN G 207 -29.23 24.47 -43.86
C ASN G 207 -29.80 23.90 -42.57
N LYS G 208 -29.80 22.60 -42.47
CA LYS G 208 -30.34 21.91 -41.29
C LYS G 208 -29.20 21.08 -40.71
N ARG G 209 -29.06 21.11 -39.39
CA ARG G 209 -28.03 20.33 -38.72
C ARG G 209 -28.61 19.64 -37.48
N SER G 210 -29.09 18.42 -37.65
CA SER G 210 -29.70 17.68 -36.56
C SER G 210 -28.64 17.11 -35.64
N THR G 211 -28.90 17.17 -34.34
CA THR G 211 -28.03 16.54 -33.36
C THR G 211 -28.83 15.52 -32.54
N PRO G 212 -28.53 14.23 -32.73
CA PRO G 212 -29.29 13.05 -32.25
C PRO G 212 -29.53 12.98 -30.76
N GLU G 213 -30.64 12.33 -30.40
CA GLU G 213 -31.07 12.26 -29.01
C GLU G 213 -31.17 10.83 -28.52
N ILE G 214 -30.25 10.48 -27.65
CA ILE G 214 -30.29 9.18 -27.01
C ILE G 214 -31.14 9.28 -25.76
N ALA G 215 -32.22 8.50 -25.71
CA ALA G 215 -33.12 8.44 -24.56
C ALA G 215 -34.03 7.21 -24.67
N THR G 216 -34.29 6.55 -23.54
CA THR G 216 -35.18 5.39 -23.51
C THR G 216 -36.61 5.74 -23.95
N ARG G 217 -37.34 4.75 -24.47
CA ARG G 217 -38.68 5.00 -25.01
C ARG G 217 -39.64 3.81 -24.89
N PRO G 218 -40.96 4.06 -25.00
CA PRO G 218 -41.96 2.98 -25.10
C PRO G 218 -41.63 2.08 -26.28
N LYS G 219 -41.89 0.78 -26.17
CA LYS G 219 -41.52 -0.16 -27.23
C LYS G 219 -42.55 -0.27 -28.36
N VAL G 220 -42.36 0.52 -29.42
CA VAL G 220 -43.11 0.28 -30.64
C VAL G 220 -42.34 -0.72 -31.48
N ASN G 221 -42.95 -1.85 -31.79
CA ASN G 221 -42.30 -2.86 -32.61
C ASN G 221 -40.98 -3.33 -31.99
N GLY G 222 -40.92 -3.29 -30.65
CA GLY G 222 -39.78 -3.82 -29.93
C GLY G 222 -38.67 -2.81 -29.69
N LEU G 223 -38.74 -1.69 -30.39
CA LEU G 223 -37.70 -0.67 -30.33
C LEU G 223 -38.04 0.49 -29.40
N GLY G 224 -37.04 0.98 -28.69
CA GLY G 224 -37.17 2.20 -27.92
C GLY G 224 -36.38 3.28 -28.62
N SER G 225 -35.91 2.96 -29.82
CA SER G 225 -35.17 3.94 -30.61
C SER G 225 -36.01 4.35 -31.82
N ARG G 226 -35.65 5.45 -32.46
CA ARG G 226 -36.51 6.00 -33.48
C ARG G 226 -35.74 6.49 -34.68
N MET G 227 -36.42 6.64 -35.81
CA MET G 227 -35.85 7.26 -36.99
C MET G 227 -36.68 8.46 -37.43
N GLU G 228 -36.19 9.65 -37.10
CA GLU G 228 -36.84 10.89 -37.49
C GLU G 228 -36.40 11.28 -38.90
N PHE G 229 -37.27 10.94 -39.85
CA PHE G 229 -37.06 11.27 -41.25
C PHE G 229 -37.49 12.71 -41.56
N SER G 230 -36.78 13.35 -42.49
CA SER G 230 -37.17 14.68 -42.99
C SER G 230 -37.05 14.69 -44.50
N TRP G 231 -37.37 15.81 -45.14
CA TRP G 231 -37.34 15.83 -46.61
C TRP G 231 -37.22 17.23 -47.22
N THR G 232 -36.88 17.26 -48.51
CA THR G 232 -36.80 18.53 -49.24
C THR G 232 -37.09 18.34 -50.72
N LEU G 233 -37.28 19.46 -51.40
CA LEU G 233 -37.38 19.45 -52.85
C LEU G 233 -36.15 20.15 -53.46
N LEU G 234 -35.26 19.38 -54.08
CA LEU G 234 -34.03 19.94 -54.64
C LEU G 234 -34.24 20.49 -56.04
N ASP G 235 -34.05 21.80 -56.22
CA ASP G 235 -34.24 22.44 -57.53
C ASP G 235 -33.35 21.89 -58.66
N MET G 236 -33.75 22.10 -59.91
CA MET G 236 -32.93 21.67 -61.05
C MET G 236 -31.58 22.39 -60.95
N TRP G 237 -30.50 21.68 -61.26
CA TRP G 237 -29.16 22.25 -61.19
C TRP G 237 -28.85 22.83 -59.80
N ASP G 238 -29.44 22.26 -58.76
CA ASP G 238 -29.06 22.61 -57.40
C ASP G 238 -28.36 21.39 -56.82
N THR G 239 -27.57 21.60 -55.78
CA THR G 239 -26.74 20.54 -55.24
C THR G 239 -27.11 20.24 -53.77
N ILE G 240 -27.25 18.95 -53.44
CA ILE G 240 -27.52 18.57 -52.04
C ILE G 240 -26.29 17.96 -51.40
N ASN G 241 -26.03 18.38 -50.16
CA ASN G 241 -24.87 17.93 -49.41
C ASN G 241 -25.21 17.30 -48.08
N PHE G 242 -24.81 16.04 -47.92
CA PHE G 242 -24.86 15.42 -46.61
C PHE G 242 -23.46 15.38 -46.05
N GLU G 243 -23.38 15.58 -44.74
CA GLU G 243 -22.16 15.41 -43.98
C GLU G 243 -22.58 14.98 -42.57
N SER G 244 -22.05 13.85 -42.12
CA SER G 244 -22.35 13.39 -40.78
C SER G 244 -21.23 12.55 -40.20
N THR G 245 -21.25 12.41 -38.88
CA THR G 245 -20.25 11.69 -38.11
C THR G 245 -20.92 10.67 -37.22
N GLY G 246 -22.19 10.41 -37.51
CA GLY G 246 -23.00 9.49 -36.74
C GLY G 246 -24.48 9.66 -36.97
N ASN G 247 -25.19 8.52 -37.05
CA ASN G 247 -26.65 8.43 -37.03
C ASN G 247 -27.32 8.86 -38.32
N LEU G 248 -26.56 9.05 -39.37
CA LEU G 248 -27.15 9.45 -40.61
C LEU G 248 -27.79 8.24 -41.27
N ILE G 249 -29.04 8.42 -41.71
CA ILE G 249 -29.72 7.45 -42.56
C ILE G 249 -29.86 8.12 -43.92
N ALA G 250 -29.05 7.67 -44.87
CA ALA G 250 -28.95 8.37 -46.13
C ALA G 250 -29.90 7.80 -47.15
N PRO G 251 -30.42 8.69 -48.02
CA PRO G 251 -31.15 8.22 -49.19
C PRO G 251 -30.22 7.45 -50.11
N GLU G 252 -30.80 6.59 -50.94
CA GLU G 252 -30.03 6.04 -52.02
C GLU G 252 -30.65 6.50 -53.31
N TYR G 253 -31.93 6.89 -53.25
CA TYR G 253 -32.54 7.48 -54.42
C TYR G 253 -33.13 8.84 -54.15
N GLY G 254 -33.32 9.58 -55.23
CA GLY G 254 -34.21 10.73 -55.27
C GLY G 254 -35.43 10.46 -56.16
N PHE G 255 -36.47 11.27 -55.98
CA PHE G 255 -37.69 11.12 -56.76
C PHE G 255 -37.93 12.30 -57.70
N LYS G 256 -37.54 12.12 -58.96
CA LYS G 256 -37.80 13.13 -59.96
C LYS G 256 -39.29 13.19 -60.28
N ILE G 257 -39.86 14.37 -60.10
CA ILE G 257 -41.21 14.66 -60.56
C ILE G 257 -41.25 14.55 -62.07
N SER G 258 -41.76 13.44 -62.61
CA SER G 258 -41.75 13.22 -64.05
C SER G 258 -43.02 13.73 -64.74
N LYS G 259 -44.16 13.68 -64.06
CA LYS G 259 -45.38 14.33 -64.55
C LYS G 259 -46.02 15.16 -63.45
N ARG G 260 -46.26 16.43 -63.80
CA ARG G 260 -46.97 17.34 -62.92
C ARG G 260 -48.34 17.60 -63.53
N GLY G 261 -49.33 17.73 -62.65
CA GLY G 261 -50.72 17.88 -63.06
C GLY G 261 -51.60 17.89 -61.83
N SER G 262 -52.78 18.48 -61.94
CA SER G 262 -53.73 18.48 -60.84
C SER G 262 -54.14 17.04 -60.53
N SER G 263 -53.76 16.56 -59.35
CA SER G 263 -54.11 15.23 -58.88
C SER G 263 -54.83 15.36 -57.56
N GLY G 264 -54.69 14.34 -56.72
CA GLY G 264 -55.22 14.37 -55.38
C GLY G 264 -54.87 13.11 -54.61
N ILE G 265 -55.06 13.14 -53.30
CA ILE G 265 -55.04 11.93 -52.49
C ILE G 265 -56.43 11.76 -51.93
N MET G 266 -57.03 10.59 -52.17
CA MET G 266 -58.36 10.27 -51.65
C MET G 266 -58.20 9.31 -50.47
N LYS G 267 -59.04 9.47 -49.46
CA LYS G 267 -58.95 8.59 -48.30
C LYS G 267 -60.03 7.53 -48.32
N THR G 268 -59.89 6.57 -49.23
CA THR G 268 -60.81 5.44 -49.32
C THR G 268 -60.22 4.24 -48.63
N GLU G 269 -61.07 3.26 -48.32
CA GLU G 269 -60.58 2.02 -47.74
C GLU G 269 -60.96 0.85 -48.64
N GLY G 270 -61.12 1.17 -49.93
CA GLY G 270 -61.61 0.20 -50.89
C GLY G 270 -60.65 -0.04 -52.03
N THR G 271 -61.18 -0.53 -53.15
CA THR G 271 -60.34 -0.88 -54.29
C THR G 271 -60.88 -0.47 -55.64
N LEU G 272 -60.13 -0.85 -56.68
CA LEU G 272 -60.28 -0.32 -58.02
C LEU G 272 -60.82 -1.34 -59.01
N GLU G 273 -61.84 -0.93 -59.76
CA GLU G 273 -62.53 -1.80 -60.70
C GLU G 273 -62.30 -1.35 -62.13
N ASN G 274 -62.59 -2.20 -63.10
CA ASN G 274 -62.34 -1.88 -64.50
C ASN G 274 -63.29 -0.81 -65.05
N CYS G 275 -63.57 0.21 -64.26
CA CYS G 275 -64.55 1.24 -64.64
C CYS G 275 -63.83 2.54 -65.04
N GLU G 276 -64.57 3.50 -65.57
CA GLU G 276 -63.94 4.70 -66.14
C GLU G 276 -64.87 5.91 -66.05
N THR G 277 -64.30 7.04 -65.62
CA THR G 277 -65.07 8.24 -65.38
C THR G 277 -64.25 9.51 -65.67
N LYS G 278 -64.83 10.67 -65.41
CA LYS G 278 -64.10 11.91 -65.56
C LYS G 278 -64.31 12.77 -64.30
N CYS G 279 -65.05 12.18 -63.37
CA CYS G 279 -65.27 12.76 -62.05
C CYS G 279 -65.46 11.58 -61.10
N GLN G 280 -64.89 11.70 -59.91
CA GLN G 280 -64.76 10.56 -59.01
C GLN G 280 -64.74 10.99 -57.56
N THR G 281 -65.54 10.31 -56.72
CA THR G 281 -65.64 10.65 -55.32
C THR G 281 -65.30 9.43 -54.50
N PRO G 282 -65.10 9.60 -53.17
CA PRO G 282 -64.83 8.42 -52.33
C PRO G 282 -65.98 7.42 -52.43
N LEU G 283 -67.18 7.97 -52.58
CA LEU G 283 -68.40 7.19 -52.62
C LEU G 283 -68.59 6.38 -53.92
N GLY G 284 -68.02 6.90 -55.01
CA GLY G 284 -68.14 6.27 -56.32
C GLY G 284 -68.07 7.27 -57.47
N ALA G 285 -68.05 6.76 -58.69
CA ALA G 285 -67.91 7.60 -59.89
C ALA G 285 -69.19 8.30 -60.39
N ILE G 286 -68.99 9.42 -61.07
CA ILE G 286 -70.10 10.17 -61.64
C ILE G 286 -69.92 10.36 -63.15
N ASN G 287 -70.96 10.01 -63.91
CA ASN G 287 -71.12 10.42 -65.29
C ASN G 287 -72.42 11.21 -65.27
N THR G 288 -72.35 12.50 -65.56
CA THR G 288 -73.55 13.32 -65.57
C THR G 288 -73.38 14.56 -66.42
N THR G 289 -74.48 15.25 -66.67
CA THR G 289 -74.44 16.46 -67.48
C THR G 289 -75.04 17.67 -66.71
N LEU G 290 -75.60 17.38 -65.53
CA LEU G 290 -76.17 18.42 -64.67
C LEU G 290 -75.07 19.34 -64.15
N PRO G 291 -75.40 20.59 -63.83
CA PRO G 291 -74.37 21.45 -63.27
C PRO G 291 -74.22 21.30 -61.74
N PHE G 292 -74.89 20.32 -61.14
CA PHE G 292 -74.80 20.14 -59.69
C PHE G 292 -74.72 18.71 -59.23
N HIS G 293 -74.29 18.55 -57.98
CA HIS G 293 -74.39 17.26 -57.30
C HIS G 293 -74.49 17.41 -55.79
N ASN G 294 -74.50 16.28 -55.08
CA ASN G 294 -74.63 16.32 -53.63
C ASN G 294 -74.03 15.06 -53.03
N VAL G 295 -73.35 14.29 -53.87
CA VAL G 295 -72.81 12.98 -53.49
C VAL G 295 -71.81 13.11 -52.33
N HIS G 296 -70.56 13.40 -52.68
CA HIS G 296 -69.56 13.77 -51.70
C HIS G 296 -68.98 15.12 -52.12
N PRO G 297 -68.48 15.89 -51.16
CA PRO G 297 -67.78 17.15 -51.48
C PRO G 297 -66.36 16.93 -52.03
N LEU G 298 -65.68 15.89 -51.53
CA LEU G 298 -64.30 15.60 -51.89
C LEU G 298 -64.18 14.88 -53.23
N THR G 299 -64.28 15.64 -54.30
CA THR G 299 -64.28 15.07 -55.62
C THR G 299 -62.91 15.24 -56.25
N ILE G 300 -62.57 14.32 -57.13
CA ILE G 300 -61.42 14.51 -58.00
C ILE G 300 -61.87 14.27 -59.44
N GLY G 301 -61.64 15.25 -60.30
CA GLY G 301 -61.98 15.15 -61.72
C GLY G 301 -62.58 16.47 -62.16
N GLU G 302 -62.84 16.62 -63.45
CA GLU G 302 -63.60 17.77 -63.89
C GLU G 302 -65.05 17.52 -63.51
N CYS G 303 -65.42 17.95 -62.32
CA CYS G 303 -66.74 17.63 -61.77
C CYS G 303 -67.75 18.77 -61.85
N PRO G 304 -69.04 18.42 -61.73
CA PRO G 304 -70.09 19.36 -61.33
C PRO G 304 -69.89 19.87 -59.91
N ARG G 305 -70.76 20.78 -59.50
CA ARG G 305 -70.55 21.61 -58.33
C ARG G 305 -71.36 21.19 -57.12
N TYR G 306 -70.68 20.63 -56.11
CA TYR G 306 -71.34 20.14 -54.90
C TYR G 306 -72.19 21.18 -54.17
N VAL G 307 -73.40 20.77 -53.81
CA VAL G 307 -74.29 21.60 -53.00
C VAL G 307 -74.91 20.74 -51.89
N LYS G 308 -75.14 21.34 -50.73
CA LYS G 308 -75.69 20.63 -49.57
C LYS G 308 -77.22 20.41 -49.72
N SER G 309 -77.70 20.36 -50.97
CA SER G 309 -79.14 20.29 -51.27
C SER G 309 -79.67 18.90 -51.56
N GLU G 310 -80.89 18.62 -51.11
CA GLU G 310 -81.52 17.31 -51.28
C GLU G 310 -82.24 17.23 -52.62
N LYS G 311 -82.68 18.38 -53.11
CA LYS G 311 -83.39 18.50 -54.40
C LYS G 311 -83.13 19.85 -55.10
N LEU G 312 -82.97 19.82 -56.43
CA LEU G 312 -82.97 21.06 -57.23
C LEU G 312 -83.79 20.86 -58.49
N VAL G 313 -84.89 21.61 -58.55
CA VAL G 313 -85.98 21.35 -59.49
C VAL G 313 -86.32 22.58 -60.35
N LEU G 314 -85.91 22.54 -61.61
CA LEU G 314 -86.07 23.70 -62.48
C LEU G 314 -87.27 23.55 -63.38
N ALA G 315 -88.32 24.33 -63.12
CA ALA G 315 -89.50 24.27 -63.98
C ALA G 315 -89.15 24.84 -65.35
N THR G 316 -89.45 24.07 -66.39
CA THR G 316 -89.18 24.47 -67.76
C THR G 316 -90.49 24.88 -68.41
N GLY G 317 -91.53 24.11 -68.15
CA GLY G 317 -92.85 24.34 -68.72
C GLY G 317 -93.80 25.06 -67.77
N LEU G 318 -95.10 24.80 -67.91
CA LEU G 318 -96.13 25.54 -67.18
C LEU G 318 -96.95 24.72 -66.19
N ARG G 319 -97.88 25.40 -65.50
CA ARG G 319 -98.65 24.76 -64.47
C ARG G 319 -99.62 23.75 -65.06
N ASN G 320 -99.41 22.48 -64.74
CA ASN G 320 -100.35 21.47 -65.19
C ASN G 320 -101.59 21.62 -64.36
N VAL G 321 -102.54 22.40 -64.84
CA VAL G 321 -103.86 22.45 -64.23
C VAL G 321 -104.78 21.54 -65.05
N PRO G 322 -105.39 20.54 -64.39
CA PRO G 322 -106.11 19.50 -65.12
C PRO G 322 -107.35 20.05 -65.83
N GLN G 323 -107.98 19.23 -66.68
CA GLN G 323 -109.13 19.65 -67.49
C GLN G 323 -110.42 19.81 -66.67
N ILE G 324 -111.43 20.41 -67.31
CA ILE G 324 -112.78 20.47 -66.75
C ILE G 324 -113.77 19.56 -67.48
N GLY H 1 -103.21 33.08 -61.18
CA GLY H 1 -101.84 33.40 -61.50
C GLY H 1 -101.42 34.81 -61.06
N LEU H 2 -100.48 35.39 -61.82
CA LEU H 2 -100.05 36.76 -61.60
C LEU H 2 -100.52 37.57 -62.82
N PHE H 3 -100.77 36.85 -63.89
CA PHE H 3 -101.28 37.46 -65.11
C PHE H 3 -102.75 37.02 -65.34
N GLY H 4 -103.17 36.00 -64.58
CA GLY H 4 -104.57 35.64 -64.45
C GLY H 4 -105.16 34.78 -65.55
N ALA H 5 -104.33 34.37 -66.50
CA ALA H 5 -104.80 33.58 -67.63
C ALA H 5 -104.88 32.10 -67.26
N ILE H 6 -103.72 31.51 -66.98
CA ILE H 6 -103.63 30.13 -66.52
C ILE H 6 -104.23 30.03 -65.12
N ALA H 7 -105.09 29.01 -64.94
CA ALA H 7 -105.93 28.85 -63.74
C ALA H 7 -106.50 30.19 -63.23
N GLY H 8 -107.01 30.97 -64.18
CA GLY H 8 -107.75 32.17 -63.90
C GLY H 8 -109.04 32.10 -64.71
N PHE H 9 -109.15 32.97 -65.72
CA PHE H 9 -110.38 33.04 -66.50
C PHE H 9 -110.44 31.90 -67.49
N ILE H 10 -109.29 31.32 -67.78
CA ILE H 10 -109.27 30.02 -68.39
C ILE H 10 -108.98 29.07 -67.25
N GLU H 11 -109.99 28.30 -66.85
CA GLU H 11 -109.92 27.54 -65.61
C GLU H 11 -108.97 26.35 -65.68
N GLY H 12 -108.82 25.79 -66.88
CA GLY H 12 -107.93 24.67 -67.11
C GLY H 12 -107.44 24.66 -68.54
N GLY H 13 -106.53 23.74 -68.85
CA GLY H 13 -105.95 23.62 -70.18
C GLY H 13 -106.34 22.30 -70.82
N TRP H 14 -105.84 22.08 -72.04
CA TRP H 14 -106.39 21.03 -72.88
C TRP H 14 -105.43 19.87 -73.13
N GLN H 15 -105.77 18.71 -72.59
CA GLN H 15 -104.96 17.52 -72.79
C GLN H 15 -104.95 17.17 -74.28
N GLY H 16 -105.95 17.68 -74.99
CA GLY H 16 -106.02 17.53 -76.44
C GLY H 16 -105.04 18.44 -77.15
N MET H 17 -104.62 19.51 -76.48
CA MET H 17 -103.59 20.38 -76.99
C MET H 17 -102.24 19.70 -76.73
N VAL H 18 -101.63 19.13 -77.76
CA VAL H 18 -100.41 18.34 -77.58
C VAL H 18 -99.27 18.78 -78.48
N ASP H 19 -99.58 19.57 -79.49
CA ASP H 19 -98.61 19.97 -80.50
C ASP H 19 -97.89 21.26 -80.17
N GLY H 20 -98.15 21.79 -78.97
CA GLY H 20 -97.53 23.03 -78.55
C GLY H 20 -97.92 23.44 -77.14
N TRP H 21 -97.44 24.60 -76.74
CA TRP H 21 -97.69 25.08 -75.39
C TRP H 21 -98.99 25.87 -75.32
N TYR H 22 -99.14 26.83 -76.22
CA TYR H 22 -100.36 27.64 -76.26
C TYR H 22 -101.10 27.50 -77.57
N GLY H 23 -102.40 27.77 -77.54
CA GLY H 23 -103.15 27.80 -78.78
C GLY H 23 -104.65 27.79 -78.71
N TYR H 24 -105.23 27.38 -79.83
CA TYR H 24 -106.63 27.61 -80.10
C TYR H 24 -107.47 26.32 -80.05
N HIS H 25 -108.78 26.50 -79.85
CA HIS H 25 -109.79 25.46 -80.05
C HIS H 25 -111.00 26.09 -80.76
N HIS H 26 -111.18 25.75 -82.04
CA HIS H 26 -112.27 26.31 -82.83
C HIS H 26 -113.43 25.33 -83.02
N SER H 27 -114.64 25.85 -83.18
CA SER H 27 -115.79 24.99 -83.52
C SER H 27 -116.78 25.71 -84.43
N ASN H 28 -116.59 25.57 -85.74
CA ASN H 28 -117.48 26.21 -86.71
C ASN H 28 -118.33 25.20 -87.48
N ASP H 29 -118.86 25.64 -88.61
CA ASP H 29 -119.72 24.77 -89.42
C ASP H 29 -118.95 23.57 -89.97
N GLN H 30 -117.73 23.79 -90.47
CA GLN H 30 -116.91 22.70 -91.01
C GLN H 30 -116.40 21.72 -89.94
N GLY H 31 -115.46 22.18 -89.12
CA GLY H 31 -114.81 21.30 -88.18
C GLY H 31 -114.91 21.67 -86.70
N SER H 32 -114.07 21.01 -85.92
CA SER H 32 -113.99 21.19 -84.48
C SER H 32 -112.63 20.64 -84.08
N GLY H 33 -111.70 21.51 -83.66
CA GLY H 33 -110.33 21.08 -83.37
C GLY H 33 -109.39 22.01 -82.62
N TYR H 34 -108.54 21.41 -81.79
CA TYR H 34 -107.41 22.09 -81.17
C TYR H 34 -106.31 22.33 -82.20
N ALA H 35 -105.63 23.45 -82.09
CA ALA H 35 -104.52 23.76 -82.98
C ALA H 35 -103.63 24.77 -82.32
N ALA H 36 -102.34 24.44 -82.20
CA ALA H 36 -101.42 25.27 -81.43
C ALA H 36 -101.00 26.52 -82.20
N ASP H 37 -100.51 27.52 -81.46
CA ASP H 37 -100.00 28.72 -82.10
C ASP H 37 -98.51 28.59 -82.31
N LYS H 38 -98.02 29.00 -83.46
CA LYS H 38 -96.59 28.87 -83.72
C LYS H 38 -95.76 29.88 -82.94
N GLU H 39 -96.00 31.16 -83.20
CA GLU H 39 -95.12 32.22 -82.72
C GLU H 39 -94.89 32.23 -81.22
N SER H 40 -95.97 32.30 -80.46
CA SER H 40 -95.88 32.32 -79.01
C SER H 40 -95.16 31.08 -78.49
N THR H 41 -95.44 29.91 -79.07
CA THR H 41 -94.80 28.67 -78.63
C THR H 41 -93.31 28.63 -79.00
N GLN H 42 -92.94 29.18 -80.15
CA GLN H 42 -91.54 29.23 -80.51
C GLN H 42 -90.80 30.25 -79.63
N LYS H 43 -91.47 31.37 -79.35
CA LYS H 43 -90.88 32.46 -78.58
C LYS H 43 -90.53 32.04 -77.15
N ALA H 44 -91.48 31.40 -76.48
CA ALA H 44 -91.28 30.92 -75.11
C ALA H 44 -90.23 29.82 -75.02
N PHE H 45 -90.17 28.96 -76.03
CA PHE H 45 -89.19 27.88 -76.04
C PHE H 45 -87.78 28.44 -76.08
N ASP H 46 -87.59 29.43 -76.95
CA ASP H 46 -86.32 30.13 -77.04
C ASP H 46 -85.96 30.73 -75.70
N GLY H 47 -86.91 31.42 -75.09
CA GLY H 47 -86.72 32.04 -73.80
C GLY H 47 -86.39 31.08 -72.67
N ILE H 48 -87.12 29.97 -72.58
CA ILE H 48 -86.91 29.03 -71.48
C ILE H 48 -85.58 28.30 -71.68
N THR H 49 -85.26 27.92 -72.92
CA THR H 49 -83.92 27.35 -73.22
C THR H 49 -82.78 28.32 -72.84
N ASN H 50 -82.92 29.59 -73.23
CA ASN H 50 -81.99 30.66 -72.89
C ASN H 50 -81.83 30.78 -71.35
N LYS H 51 -82.92 30.55 -70.60
CA LYS H 51 -82.91 30.65 -69.13
C LYS H 51 -82.14 29.47 -68.53
N VAL H 52 -82.50 28.24 -68.93
CA VAL H 52 -81.83 27.07 -68.37
C VAL H 52 -80.35 27.04 -68.72
N ASN H 53 -80.07 27.42 -69.96
CA ASN H 53 -78.68 27.58 -70.39
C ASN H 53 -77.97 28.61 -69.50
N SER H 54 -78.68 29.68 -69.17
CA SER H 54 -78.13 30.71 -68.28
C SER H 54 -78.04 30.28 -66.82
N VAL H 55 -78.51 29.08 -66.52
CA VAL H 55 -78.42 28.53 -65.18
C VAL H 55 -77.27 27.55 -65.13
N ILE H 56 -77.16 26.73 -66.18
CA ILE H 56 -76.08 25.76 -66.26
C ILE H 56 -74.71 26.38 -66.65
N GLU H 57 -74.68 27.69 -66.88
CA GLU H 57 -73.43 28.38 -67.24
C GLU H 57 -72.86 29.29 -66.13
N LYS H 58 -73.71 29.69 -65.19
CA LYS H 58 -73.36 30.64 -64.14
C LYS H 58 -72.63 30.02 -62.94
N MET H 59 -72.70 28.70 -62.82
CA MET H 59 -71.98 27.97 -61.77
C MET H 59 -71.13 26.85 -62.37
N ASN H 60 -70.00 27.25 -62.97
CA ASN H 60 -69.23 26.38 -63.87
C ASN H 60 -67.73 26.56 -63.78
N THR H 61 -67.18 26.65 -62.58
CA THR H 61 -65.79 27.11 -62.45
C THR H 61 -64.81 26.05 -61.90
N GLN H 62 -64.16 26.35 -60.76
CA GLN H 62 -63.11 25.52 -60.16
C GLN H 62 -61.93 25.36 -61.12
N PHE H 63 -60.97 24.53 -60.73
CA PHE H 63 -60.13 23.84 -61.68
C PHE H 63 -60.35 22.33 -61.46
N GLU H 64 -59.92 21.85 -60.29
CA GLU H 64 -60.11 20.44 -59.90
C GLU H 64 -60.12 20.30 -58.36
N ALA H 65 -59.41 21.21 -57.68
CA ALA H 65 -59.45 21.42 -56.20
C ALA H 65 -58.94 20.31 -55.24
N VAL H 66 -58.87 20.65 -53.95
CA VAL H 66 -58.04 19.91 -52.98
C VAL H 66 -58.59 19.71 -51.55
N GLY H 67 -58.22 18.58 -50.96
CA GLY H 67 -58.32 18.40 -49.52
C GLY H 67 -56.92 18.60 -48.94
N LYS H 68 -56.86 18.97 -47.66
CA LYS H 68 -55.59 19.23 -46.96
C LYS H 68 -55.59 18.50 -45.63
N GLU H 69 -54.40 18.22 -45.11
CA GLU H 69 -54.24 17.52 -43.83
C GLU H 69 -53.40 18.37 -42.88
N PHE H 70 -53.73 18.33 -41.60
CA PHE H 70 -53.08 19.18 -40.61
C PHE H 70 -52.77 18.36 -39.39
N SER H 71 -51.76 18.78 -38.63
CA SER H 71 -51.29 18.02 -37.48
C SER H 71 -52.16 18.25 -36.25
N ASN H 72 -51.61 18.00 -35.07
CA ASN H 72 -52.35 18.22 -33.83
C ASN H 72 -51.91 19.49 -33.14
N LEU H 73 -51.10 20.29 -33.80
CA LEU H 73 -50.72 21.58 -33.25
C LEU H 73 -51.04 22.65 -34.27
N GLU H 74 -51.60 22.22 -35.41
CA GLU H 74 -52.20 23.17 -36.33
C GLU H 74 -53.73 22.99 -36.34
N ARG H 75 -54.33 23.22 -35.17
CA ARG H 75 -55.75 22.99 -34.99
C ARG H 75 -56.56 24.19 -35.45
N ARG H 76 -56.05 25.40 -35.21
CA ARG H 76 -56.71 26.61 -35.68
C ARG H 76 -56.65 26.70 -37.18
N LEU H 77 -55.52 26.30 -37.73
CA LEU H 77 -55.43 26.16 -39.17
C LEU H 77 -56.51 25.21 -39.67
N GLU H 78 -56.52 23.97 -39.21
CA GLU H 78 -57.52 22.99 -39.63
C GLU H 78 -58.93 23.56 -39.67
N ASN H 79 -59.31 24.21 -38.57
CA ASN H 79 -60.58 24.91 -38.46
C ASN H 79 -60.77 26.00 -39.52
N LEU H 80 -59.69 26.71 -39.82
CA LEU H 80 -59.74 27.77 -40.81
C LEU H 80 -60.05 27.13 -42.15
N ASN H 81 -59.43 25.99 -42.42
CA ASN H 81 -59.68 25.31 -43.68
C ASN H 81 -61.10 24.82 -43.75
N LYS H 82 -61.61 24.28 -42.64
CA LYS H 82 -62.98 23.80 -42.57
C LYS H 82 -64.05 24.89 -42.75
N LYS H 83 -64.05 25.89 -41.87
CA LYS H 83 -65.03 26.96 -41.95
C LYS H 83 -65.02 27.65 -43.30
N MET H 84 -63.85 27.70 -43.93
CA MET H 84 -63.74 28.35 -45.23
C MET H 84 -64.53 27.55 -46.23
N GLU H 85 -64.33 26.23 -46.21
CA GLU H 85 -64.90 25.33 -47.21
C GLU H 85 -66.39 25.07 -46.98
N ASP H 86 -66.82 25.10 -45.73
CA ASP H 86 -68.24 24.94 -45.39
C ASP H 86 -68.98 26.23 -45.71
N GLY H 87 -68.35 27.34 -45.37
CA GLY H 87 -68.86 28.64 -45.70
C GLY H 87 -69.02 28.83 -47.20
N PHE H 88 -68.09 28.34 -47.98
CA PHE H 88 -68.24 28.51 -49.43
C PHE H 88 -69.33 27.61 -49.91
N LEU H 89 -69.36 26.41 -49.35
CA LEU H 89 -70.40 25.45 -49.66
C LEU H 89 -71.82 25.98 -49.38
N ASP H 90 -72.04 26.46 -48.15
CA ASP H 90 -73.34 27.02 -47.77
C ASP H 90 -73.74 28.11 -48.75
N VAL H 91 -72.80 29.02 -49.01
CA VAL H 91 -73.03 30.09 -49.95
C VAL H 91 -73.48 29.63 -51.33
N TRP H 92 -72.85 28.60 -51.89
CA TRP H 92 -73.24 28.19 -53.25
C TRP H 92 -74.56 27.44 -53.25
N THR H 93 -74.84 26.74 -52.15
CA THR H 93 -76.11 26.06 -52.00
C THR H 93 -77.27 27.08 -51.95
N TYR H 94 -77.19 28.05 -51.04
CA TYR H 94 -78.10 29.20 -51.06
C TYR H 94 -78.23 29.72 -52.49
N ASN H 95 -77.11 30.05 -53.12
CA ASN H 95 -77.14 30.59 -54.48
C ASN H 95 -77.87 29.76 -55.53
N ALA H 96 -77.68 28.44 -55.50
CA ALA H 96 -78.41 27.56 -56.41
C ALA H 96 -79.87 27.51 -56.02
N GLU H 97 -80.12 27.30 -54.72
CA GLU H 97 -81.48 27.17 -54.23
C GLU H 97 -82.35 28.39 -54.53
N LEU H 98 -81.93 29.54 -54.03
CA LEU H 98 -82.64 30.76 -54.30
C LEU H 98 -82.92 30.94 -55.78
N LEU H 99 -81.88 30.81 -56.61
CA LEU H 99 -82.02 31.06 -58.04
C LEU H 99 -83.04 30.14 -58.69
N VAL H 100 -83.09 28.89 -58.25
CA VAL H 100 -84.06 27.93 -58.77
C VAL H 100 -85.50 28.36 -58.47
N LEU H 101 -85.78 28.67 -57.20
CA LEU H 101 -87.11 29.09 -56.76
C LEU H 101 -87.57 30.30 -57.52
N MET H 102 -86.71 31.31 -57.54
CA MET H 102 -87.00 32.54 -58.28
C MET H 102 -87.28 32.30 -59.79
N GLU H 103 -86.31 31.78 -60.54
CA GLU H 103 -86.56 31.50 -61.98
C GLU H 103 -87.72 30.54 -62.23
N ASN H 104 -88.08 29.76 -61.21
CA ASN H 104 -89.27 28.93 -61.30
C ASN H 104 -90.53 29.82 -61.31
N GLU H 105 -90.75 30.54 -60.22
CA GLU H 105 -91.82 31.53 -60.18
C GLU H 105 -91.85 32.40 -61.44
N ARG H 106 -90.69 32.83 -61.94
CA ARG H 106 -90.66 33.70 -63.11
C ARG H 106 -91.09 32.96 -64.38
N THR H 107 -90.77 31.68 -64.44
CA THR H 107 -91.14 30.85 -65.58
C THR H 107 -92.65 30.71 -65.69
N LEU H 108 -93.25 30.33 -64.57
CA LEU H 108 -94.68 30.16 -64.47
C LEU H 108 -95.40 31.42 -64.91
N ASP H 109 -95.03 32.54 -64.31
CA ASP H 109 -95.62 33.83 -64.66
C ASP H 109 -95.32 34.20 -66.11
N PHE H 110 -94.25 33.65 -66.67
CA PHE H 110 -93.88 33.94 -68.05
C PHE H 110 -94.88 33.27 -69.00
N HIS H 111 -95.21 32.03 -68.65
CA HIS H 111 -96.26 31.29 -69.33
C HIS H 111 -97.63 31.95 -69.15
N ASP H 112 -97.95 32.42 -67.95
CA ASP H 112 -99.21 33.12 -67.74
C ASP H 112 -99.29 34.34 -68.65
N SER H 113 -98.26 35.17 -68.61
CA SER H 113 -98.18 36.35 -69.47
C SER H 113 -98.28 36.03 -70.96
N ASN H 114 -97.67 34.94 -71.39
CA ASN H 114 -97.78 34.53 -72.79
C ASN H 114 -99.22 34.27 -73.23
N VAL H 115 -99.90 33.40 -72.47
CA VAL H 115 -101.30 33.13 -72.75
C VAL H 115 -102.10 34.44 -72.76
N LYS H 116 -102.10 35.18 -71.65
CA LYS H 116 -102.74 36.51 -71.58
C LYS H 116 -102.55 37.37 -72.81
N ASN H 117 -101.31 37.44 -73.28
CA ASN H 117 -100.96 38.31 -74.40
C ASN H 117 -101.52 37.74 -75.70
N LEU H 118 -101.64 36.42 -75.74
CA LEU H 118 -102.19 35.75 -76.90
C LEU H 118 -103.68 36.07 -77.03
N TYR H 119 -104.44 35.74 -76.01
CA TYR H 119 -105.85 36.15 -75.88
C TYR H 119 -106.05 37.64 -76.18
N ASP H 120 -105.23 38.50 -75.59
CA ASP H 120 -105.30 39.94 -75.82
C ASP H 120 -105.05 40.33 -77.26
N LYS H 121 -104.14 39.62 -77.90
CA LYS H 121 -103.83 39.85 -79.31
C LYS H 121 -105.05 39.53 -80.14
N VAL H 122 -105.49 38.27 -80.06
CA VAL H 122 -106.70 37.82 -80.74
C VAL H 122 -107.87 38.75 -80.41
N ARG H 123 -108.13 38.99 -79.13
CA ARG H 123 -109.22 39.88 -78.73
C ARG H 123 -109.18 41.28 -79.38
N MET H 124 -108.04 41.97 -79.31
CA MET H 124 -107.95 43.33 -79.86
C MET H 124 -107.94 43.31 -81.38
N GLN H 125 -107.94 42.11 -81.94
CA GLN H 125 -108.04 41.94 -83.39
C GLN H 125 -109.50 41.83 -83.85
N LEU H 126 -110.21 40.81 -83.32
CA LEU H 126 -111.63 40.56 -83.61
C LEU H 126 -112.55 41.72 -83.21
N ARG H 127 -112.24 42.43 -82.14
CA ARG H 127 -113.06 43.55 -81.65
C ARG H 127 -114.51 43.16 -81.32
N ASP H 128 -115.47 43.92 -81.88
CA ASP H 128 -116.90 43.74 -81.60
C ASP H 128 -117.64 42.89 -82.64
N ASN H 129 -116.89 42.14 -83.43
CA ASN H 129 -117.46 41.19 -84.36
C ASN H 129 -117.79 39.90 -83.66
N VAL H 130 -117.44 39.84 -82.39
CA VAL H 130 -117.61 38.62 -81.61
C VAL H 130 -118.01 38.98 -80.17
N LYS H 131 -118.16 37.96 -79.35
CA LYS H 131 -118.65 38.12 -77.99
C LYS H 131 -117.59 37.55 -77.02
N GLU H 132 -117.10 38.37 -76.10
CA GLU H 132 -116.12 37.90 -75.12
C GLU H 132 -116.81 37.09 -74.03
N LEU H 133 -116.88 35.77 -74.18
CA LEU H 133 -117.62 34.95 -73.19
C LEU H 133 -117.14 35.03 -71.73
N GLY H 134 -115.88 35.42 -71.51
CA GLY H 134 -115.32 35.51 -70.16
C GLY H 134 -114.58 34.24 -69.75
N ASN H 135 -114.47 33.31 -70.70
CA ASN H 135 -113.89 32.00 -70.45
C ASN H 135 -112.65 31.83 -71.31
N GLY H 136 -112.39 32.85 -72.12
CA GLY H 136 -111.25 32.80 -73.01
C GLY H 136 -111.66 32.35 -74.39
N CYS H 137 -112.98 32.16 -74.59
CA CYS H 137 -113.52 31.86 -75.91
C CYS H 137 -114.21 33.10 -76.45
N PHE H 138 -114.31 33.16 -77.77
CA PHE H 138 -115.10 34.18 -78.42
C PHE H 138 -116.26 33.54 -79.17
N GLU H 139 -117.44 34.13 -79.04
CA GLU H 139 -118.59 33.69 -79.82
C GLU H 139 -118.81 34.62 -81.02
N PHE H 140 -118.70 34.05 -82.22
CA PHE H 140 -118.81 34.82 -83.45
C PHE H 140 -120.25 35.29 -83.74
N TYR H 141 -120.37 36.59 -84.02
CA TYR H 141 -121.63 37.20 -84.46
C TYR H 141 -121.90 36.89 -85.93
N HIS H 142 -120.84 36.56 -86.66
CA HIS H 142 -120.98 36.15 -88.05
C HIS H 142 -120.62 34.68 -88.22
N LYS H 143 -120.23 34.31 -89.44
CA LYS H 143 -119.81 32.95 -89.69
C LYS H 143 -118.33 32.92 -90.06
N CYS H 144 -117.62 31.96 -89.47
CA CYS H 144 -116.16 31.89 -89.60
C CYS H 144 -115.76 30.50 -90.06
N ASP H 145 -115.45 30.39 -91.36
CA ASP H 145 -115.08 29.12 -91.96
C ASP H 145 -113.63 28.76 -91.65
N ASP H 146 -113.25 27.51 -91.88
CA ASP H 146 -111.87 27.08 -91.71
C ASP H 146 -110.98 27.86 -92.67
N GLU H 147 -110.90 29.17 -92.44
CA GLU H 147 -110.27 30.10 -93.37
C GLU H 147 -110.26 31.45 -92.68
N CYS H 148 -111.44 31.87 -92.25
CA CYS H 148 -111.59 33.00 -91.34
C CYS H 148 -110.84 32.65 -90.04
N MET H 149 -110.97 31.39 -89.61
CA MET H 149 -110.24 30.89 -88.46
C MET H 149 -108.74 31.04 -88.67
N ASN H 150 -108.24 30.49 -89.78
CA ASN H 150 -106.84 30.65 -90.15
C ASN H 150 -106.41 32.12 -90.34
N SER H 151 -107.38 33.01 -90.59
CA SER H 151 -107.09 34.43 -90.73
C SER H 151 -106.95 35.09 -89.36
N VAL H 152 -107.53 34.43 -88.35
CA VAL H 152 -107.40 34.86 -86.96
C VAL H 152 -106.08 34.37 -86.38
N LYS H 153 -105.81 33.08 -86.58
CA LYS H 153 -104.65 32.38 -86.00
C LYS H 153 -103.29 32.96 -86.40
N ASN H 154 -103.23 33.65 -87.53
CA ASN H 154 -101.98 34.29 -87.94
C ASN H 154 -101.99 35.82 -87.93
N GLY H 155 -103.04 36.40 -87.36
CA GLY H 155 -103.12 37.83 -87.21
C GLY H 155 -103.39 38.58 -88.50
N THR H 156 -104.26 38.02 -89.34
CA THR H 156 -104.64 38.66 -90.59
C THR H 156 -106.17 38.84 -90.73
N TYR H 157 -106.86 38.92 -89.60
CA TYR H 157 -108.33 39.00 -89.62
C TYR H 157 -108.83 40.35 -90.16
N ASP H 158 -109.62 40.28 -91.22
CA ASP H 158 -110.24 41.47 -91.79
C ASP H 158 -111.52 41.80 -91.03
N TYR H 159 -111.41 42.75 -90.08
CA TYR H 159 -112.58 43.28 -89.38
C TYR H 159 -113.67 43.78 -90.35
N PRO H 160 -113.34 44.75 -91.24
CA PRO H 160 -114.42 45.38 -92.01
C PRO H 160 -115.13 44.41 -92.95
N LYS H 161 -114.48 43.31 -93.32
CA LYS H 161 -115.08 42.34 -94.22
C LYS H 161 -116.33 41.72 -93.60
N TYR H 162 -116.26 41.37 -92.32
CA TYR H 162 -117.39 40.73 -91.64
C TYR H 162 -118.12 41.70 -90.72
N GLU H 163 -117.70 42.98 -90.74
CA GLU H 163 -118.19 44.03 -89.83
C GLU H 163 -119.71 44.20 -89.81
N GLU H 164 -120.27 44.48 -90.98
CA GLU H 164 -121.68 44.81 -91.13
C GLU H 164 -122.57 43.58 -90.95
N GLU H 165 -122.07 42.41 -91.31
CA GLU H 165 -122.82 41.18 -91.12
C GLU H 165 -122.94 40.92 -89.64
N SER H 166 -121.81 41.03 -88.93
CA SER H 166 -121.76 40.88 -87.49
C SER H 166 -122.60 41.95 -86.82
N LYS H 167 -122.58 43.16 -87.38
CA LYS H 167 -123.38 44.26 -86.86
C LYS H 167 -124.87 43.93 -86.96
N LEU H 168 -125.28 43.47 -88.15
CA LEU H 168 -126.69 43.16 -88.41
C LEU H 168 -127.21 41.99 -87.57
N ASN H 169 -126.32 41.08 -87.19
CA ASN H 169 -126.67 40.00 -86.28
C ASN H 169 -126.67 40.47 -84.82
N ARG H 170 -125.82 41.45 -84.53
CA ARG H 170 -125.70 42.00 -83.17
C ARG H 170 -126.97 42.74 -82.75
N ASN H 171 -127.24 43.88 -83.39
CA ASN H 171 -128.44 44.65 -83.09
C ASN H 171 -129.70 43.93 -83.57
N GLU H 172 -130.11 42.90 -82.83
CA GLU H 172 -131.22 42.06 -83.24
C GLU H 172 -131.87 41.34 -82.05
N PRO I 1 -112.64 60.89 -91.22
CA PRO I 1 -112.04 60.12 -90.12
C PRO I 1 -111.82 61.06 -88.92
N GLY I 2 -112.19 60.63 -87.72
CA GLY I 2 -112.21 61.53 -86.57
C GLY I 2 -110.86 62.02 -86.09
N ASP I 3 -110.85 62.70 -84.94
CA ASP I 3 -109.59 63.00 -84.27
C ASP I 3 -109.02 61.77 -83.60
N GLN I 4 -107.69 61.72 -83.51
CA GLN I 4 -106.99 60.57 -82.98
C GLN I 4 -106.11 60.96 -81.80
N ILE I 5 -106.03 60.10 -80.76
CA ILE I 5 -104.92 60.22 -79.80
C ILE I 5 -104.15 58.91 -79.58
N CYS I 6 -102.84 58.99 -79.76
CA CYS I 6 -102.02 57.80 -79.62
C CYS I 6 -101.18 57.78 -78.36
N ILE I 7 -100.90 56.57 -77.87
CA ILE I 7 -99.98 56.40 -76.77
C ILE I 7 -98.77 55.65 -77.32
N GLY I 8 -97.60 56.04 -76.85
CA GLY I 8 -96.38 55.44 -77.37
C GLY I 8 -95.15 55.81 -76.58
N TYR I 9 -94.05 55.14 -76.88
CA TYR I 9 -92.83 55.30 -76.10
C TYR I 9 -91.63 55.76 -76.93
N HIS I 10 -90.46 55.83 -76.27
CA HIS I 10 -89.25 56.36 -76.89
C HIS I 10 -88.49 55.30 -77.69
N ALA I 11 -87.85 55.76 -78.77
CA ALA I 11 -86.80 55.04 -79.46
C ALA I 11 -85.87 56.09 -80.06
N ASN I 12 -84.60 55.71 -80.27
CA ASN I 12 -83.61 56.60 -80.88
C ASN I 12 -82.47 55.85 -81.56
N ASN I 13 -81.39 56.57 -81.87
CA ASN I 13 -80.29 56.03 -82.66
C ASN I 13 -79.28 55.21 -81.87
N SER I 14 -79.59 54.89 -80.62
CA SER I 14 -78.68 54.17 -79.75
C SER I 14 -78.52 52.72 -80.16
N THR I 15 -77.27 52.25 -80.21
CA THR I 15 -77.01 50.84 -80.50
C THR I 15 -76.46 50.11 -79.29
N GLU I 16 -76.75 50.69 -78.12
CA GLU I 16 -76.32 50.16 -76.82
C GLU I 16 -76.91 48.79 -76.52
N LYS I 17 -76.07 47.76 -76.41
CA LYS I 17 -76.58 46.41 -76.20
C LYS I 17 -76.41 45.88 -74.77
N VAL I 18 -77.49 45.32 -74.21
CA VAL I 18 -77.47 44.65 -72.91
C VAL I 18 -78.08 43.24 -72.99
N ASP I 19 -77.81 42.41 -71.98
CA ASP I 19 -78.32 41.04 -71.96
C ASP I 19 -79.30 40.83 -70.79
N THR I 20 -80.23 39.89 -70.97
CA THR I 20 -81.10 39.43 -69.88
C THR I 20 -80.99 37.91 -69.75
N ILE I 21 -81.77 37.33 -68.83
CA ILE I 21 -81.82 35.88 -68.65
C ILE I 21 -82.53 35.18 -69.82
N LEU I 22 -83.46 35.91 -70.43
CA LEU I 22 -84.31 35.37 -71.48
C LEU I 22 -83.69 35.58 -72.85
N GLU I 23 -82.94 36.67 -72.98
CA GLU I 23 -82.55 37.18 -74.28
C GLU I 23 -81.28 38.02 -74.20
N ARG I 24 -80.31 37.68 -75.04
CA ARG I 24 -79.06 38.43 -75.12
C ARG I 24 -79.08 39.35 -76.34
N ASN I 25 -78.13 40.28 -76.41
CA ASN I 25 -78.07 41.26 -77.49
C ASN I 25 -79.40 41.97 -77.63
N VAL I 26 -79.76 42.76 -76.61
CA VAL I 26 -81.00 43.52 -76.66
C VAL I 26 -80.69 45.00 -76.79
N THR I 27 -80.96 45.57 -77.96
CA THR I 27 -80.66 46.97 -78.19
C THR I 27 -81.63 47.84 -77.39
N VAL I 28 -81.09 48.60 -76.45
CA VAL I 28 -81.90 49.46 -75.59
C VAL I 28 -81.63 50.96 -75.75
N THR I 29 -82.62 51.79 -75.44
CA THR I 29 -82.52 53.23 -75.67
C THR I 29 -81.50 53.95 -74.79
N HIS I 30 -81.41 53.52 -73.55
CA HIS I 30 -80.57 54.20 -72.57
C HIS I 30 -79.88 53.17 -71.67
N ALA I 31 -78.55 53.18 -71.64
CA ALA I 31 -77.83 52.21 -70.83
C ALA I 31 -76.69 52.81 -70.00
N LYS I 32 -76.11 51.99 -69.14
CA LYS I 32 -74.95 52.38 -68.33
C LYS I 32 -73.99 51.21 -68.11
N ASP I 33 -72.75 51.36 -68.59
CA ASP I 33 -71.68 50.42 -68.24
C ASP I 33 -71.20 50.79 -66.85
N ILE I 34 -71.11 49.81 -65.96
CA ILE I 34 -70.68 50.09 -64.59
C ILE I 34 -69.37 49.36 -64.23
N LEU I 35 -68.66 48.94 -65.27
CA LEU I 35 -67.42 48.20 -65.10
C LEU I 35 -66.29 48.96 -65.74
N GLU I 36 -65.32 49.38 -64.92
CA GLU I 36 -64.18 50.12 -65.43
C GLU I 36 -63.17 49.14 -65.99
N LYS I 37 -62.73 49.37 -67.23
CA LYS I 37 -61.76 48.49 -67.87
C LYS I 37 -60.53 49.26 -68.36
N THR I 38 -60.53 50.58 -68.13
CA THR I 38 -59.40 51.41 -68.49
C THR I 38 -58.58 51.98 -67.30
N HIS I 39 -57.27 51.76 -67.39
CA HIS I 39 -56.28 52.45 -66.56
C HIS I 39 -55.60 53.48 -67.46
N ASN I 40 -54.43 53.98 -67.07
CA ASN I 40 -53.66 54.83 -67.98
C ASN I 40 -52.30 54.22 -68.31
N GLY I 41 -51.74 53.52 -67.32
CA GLY I 41 -50.53 52.77 -67.53
C GLY I 41 -49.40 53.34 -66.71
N LYS I 42 -49.59 54.58 -66.28
CA LYS I 42 -48.60 55.24 -65.43
C LYS I 42 -48.73 54.70 -64.00
N LEU I 43 -47.59 54.46 -63.37
CA LEU I 43 -47.54 54.22 -61.94
C LEU I 43 -47.48 55.58 -61.29
N CYS I 44 -48.32 55.83 -60.30
CA CYS I 44 -48.51 57.22 -59.88
C CYS I 44 -48.40 57.52 -58.39
N LYS I 45 -48.44 58.82 -58.08
CA LYS I 45 -48.53 59.26 -56.70
C LYS I 45 -49.92 58.87 -56.29
N LEU I 46 -50.07 58.48 -55.03
CA LEU I 46 -51.38 58.09 -54.54
C LEU I 46 -51.83 59.07 -53.50
N ASN I 47 -52.95 59.75 -53.76
CA ASN I 47 -53.56 60.62 -52.76
C ASN I 47 -52.61 61.73 -52.33
N GLY I 48 -51.70 62.13 -53.21
CA GLY I 48 -50.77 63.20 -52.91
C GLY I 48 -49.35 62.76 -52.65
N ILE I 49 -49.20 61.77 -51.79
CA ILE I 49 -47.89 61.34 -51.33
C ILE I 49 -47.35 60.20 -52.19
N PRO I 50 -46.14 60.36 -52.72
CA PRO I 50 -45.52 59.46 -53.69
C PRO I 50 -45.23 58.09 -53.09
N PRO I 51 -44.98 57.09 -53.94
CA PRO I 51 -44.59 55.75 -53.49
C PRO I 51 -43.16 55.73 -52.96
N LEU I 52 -42.76 54.66 -52.30
CA LEU I 52 -41.34 54.46 -51.98
C LEU I 52 -40.74 53.59 -53.07
N GLU I 53 -39.83 54.16 -53.85
CA GLU I 53 -39.39 53.50 -55.08
C GLU I 53 -38.00 52.88 -54.95
N LEU I 54 -37.96 51.60 -54.54
CA LEU I 54 -36.70 50.93 -54.25
C LEU I 54 -35.75 50.79 -55.43
N GLY I 55 -36.24 50.92 -56.65
CA GLY I 55 -35.40 50.61 -57.79
C GLY I 55 -34.94 49.17 -57.67
N ASP I 56 -33.67 48.91 -57.98
CA ASP I 56 -33.16 47.52 -58.01
C ASP I 56 -32.80 46.95 -56.63
N CYS I 57 -33.16 47.72 -55.61
CA CYS I 57 -32.94 47.36 -54.21
C CYS I 57 -34.08 46.52 -53.59
N SER I 58 -33.74 45.46 -52.85
CA SER I 58 -34.71 44.66 -52.11
C SER I 58 -35.23 45.28 -50.80
N ILE I 59 -36.24 44.67 -50.16
CA ILE I 59 -36.68 45.20 -48.86
C ILE I 59 -35.55 45.04 -47.84
N ALA I 60 -34.84 43.92 -47.87
CA ALA I 60 -33.70 43.69 -46.98
C ALA I 60 -32.52 44.62 -47.33
N GLY I 61 -32.16 44.60 -48.62
CA GLY I 61 -31.15 45.49 -49.17
C GLY I 61 -31.34 46.89 -48.64
N TRP I 62 -32.58 47.38 -48.67
CA TRP I 62 -32.89 48.70 -48.13
C TRP I 62 -32.69 48.78 -46.59
N LEU I 63 -33.53 48.06 -45.84
CA LEU I 63 -33.48 48.09 -44.38
C LEU I 63 -32.12 47.84 -43.74
N LEU I 64 -31.33 46.92 -44.29
CA LEU I 64 -30.01 46.60 -43.75
C LEU I 64 -29.00 47.67 -44.12
N GLY I 65 -29.14 48.21 -45.33
CA GLY I 65 -28.23 49.21 -45.83
C GLY I 65 -27.15 48.66 -46.75
N ASN I 66 -27.56 47.93 -47.79
CA ASN I 66 -26.67 47.70 -48.91
C ASN I 66 -26.14 49.07 -49.37
N PRO I 67 -24.85 49.13 -49.73
CA PRO I 67 -24.19 50.39 -50.11
C PRO I 67 -24.71 50.94 -51.42
N GLU I 68 -25.23 50.07 -52.27
CA GLU I 68 -25.86 50.52 -53.51
C GLU I 68 -27.22 51.13 -53.24
N CYS I 69 -27.79 50.84 -52.09
CA CYS I 69 -29.07 51.41 -51.74
C CYS I 69 -28.96 52.66 -50.84
N ASP I 70 -27.89 53.41 -51.04
CA ASP I 70 -27.63 54.57 -50.20
C ASP I 70 -28.62 55.68 -50.44
N ARG I 71 -29.37 55.58 -51.53
CA ARG I 71 -30.33 56.63 -51.90
C ARG I 71 -31.47 56.57 -50.92
N LEU I 72 -31.62 55.41 -50.30
CA LEU I 72 -32.80 55.10 -49.51
C LEU I 72 -32.54 55.18 -48.02
N LEU I 73 -31.46 55.84 -47.62
CA LEU I 73 -31.15 55.94 -46.20
C LEU I 73 -32.13 56.84 -45.47
N SER I 74 -32.27 58.08 -45.95
CA SER I 74 -33.28 58.97 -45.38
C SER I 74 -34.44 59.14 -46.36
N VAL I 75 -35.64 58.76 -45.91
CA VAL I 75 -36.80 58.57 -46.78
C VAL I 75 -38.05 59.27 -46.21
N PRO I 76 -38.84 59.91 -47.09
CA PRO I 76 -40.03 60.71 -46.75
C PRO I 76 -41.26 59.84 -46.50
N GLU I 77 -42.46 60.41 -46.45
CA GLU I 77 -43.66 59.59 -46.38
C GLU I 77 -43.78 58.80 -47.69
N TRP I 78 -44.25 57.55 -47.60
CA TRP I 78 -44.77 56.86 -48.78
C TRP I 78 -46.25 56.52 -48.62
N SER I 79 -46.91 56.33 -49.75
CA SER I 79 -48.29 55.88 -49.75
C SER I 79 -48.27 54.40 -50.06
N TYR I 80 -47.40 54.02 -50.99
CA TYR I 80 -47.10 52.62 -51.19
C TYR I 80 -45.62 52.35 -51.49
N ILE I 81 -45.31 51.09 -51.77
CA ILE I 81 -43.94 50.64 -51.98
C ILE I 81 -43.77 49.81 -53.24
N MET I 82 -42.91 50.29 -54.13
CA MET I 82 -42.61 49.60 -55.38
C MET I 82 -41.32 48.77 -55.28
N GLU I 83 -41.46 47.44 -55.29
CA GLU I 83 -40.29 46.58 -55.31
C GLU I 83 -40.27 45.71 -56.57
N LYS I 84 -39.09 45.50 -57.15
CA LYS I 84 -38.98 44.66 -58.36
C LYS I 84 -39.25 43.19 -58.04
N GLU I 85 -39.01 42.32 -59.03
CA GLU I 85 -39.29 40.88 -58.86
C GLU I 85 -38.06 40.15 -58.29
N ASN I 86 -36.92 40.35 -58.94
CA ASN I 86 -35.63 39.95 -58.37
C ASN I 86 -34.76 41.18 -58.27
N PRO I 87 -34.85 41.90 -57.14
CA PRO I 87 -33.94 43.03 -56.96
C PRO I 87 -32.53 42.49 -56.92
N ARG I 88 -31.59 43.17 -57.57
CA ARG I 88 -30.22 42.67 -57.62
C ARG I 88 -29.38 43.10 -56.41
N ASP I 89 -29.65 44.28 -55.86
CA ASP I 89 -28.96 44.77 -54.67
C ASP I 89 -29.71 44.43 -53.38
N GLY I 90 -29.58 43.19 -52.94
CA GLY I 90 -30.18 42.81 -51.67
C GLY I 90 -29.12 42.36 -50.69
N LEU I 91 -29.21 41.10 -50.28
CA LEU I 91 -28.19 40.48 -49.43
C LEU I 91 -26.90 40.30 -50.23
N CYS I 92 -26.00 41.29 -50.11
CA CYS I 92 -24.72 41.26 -50.82
C CYS I 92 -23.73 40.31 -50.17
N TYR I 93 -23.58 40.40 -48.86
CA TYR I 93 -23.04 39.29 -48.13
C TYR I 93 -24.21 38.33 -48.09
N PRO I 94 -24.08 37.20 -48.78
CA PRO I 94 -25.12 36.17 -48.88
C PRO I 94 -25.54 35.57 -47.54
N GLY I 95 -26.80 35.18 -47.50
CA GLY I 95 -27.36 34.52 -46.33
C GLY I 95 -28.88 34.46 -46.32
N SER I 96 -29.44 34.59 -45.12
CA SER I 96 -30.86 34.39 -44.92
C SER I 96 -31.50 35.64 -44.37
N PHE I 97 -32.81 35.77 -44.56
CA PHE I 97 -33.59 36.70 -43.79
C PHE I 97 -34.73 35.93 -43.11
N ASN I 98 -34.78 36.00 -41.79
CA ASN I 98 -35.69 35.15 -41.03
C ASN I 98 -37.04 35.80 -40.78
N ASP I 99 -38.09 35.09 -41.21
CA ASP I 99 -39.45 35.57 -41.19
C ASP I 99 -39.54 36.81 -42.06
N TYR I 100 -38.95 36.71 -43.23
CA TYR I 100 -39.00 37.78 -44.20
C TYR I 100 -40.44 38.19 -44.52
N GLU I 101 -41.30 37.21 -44.80
CA GLU I 101 -42.64 37.54 -45.31
C GLU I 101 -43.59 38.15 -44.30
N GLU I 102 -43.53 37.68 -43.07
CA GLU I 102 -44.21 38.39 -42.01
C GLU I 102 -43.73 39.86 -42.03
N LEU I 103 -42.41 40.09 -42.15
CA LEU I 103 -41.90 41.47 -42.21
C LEU I 103 -42.42 42.25 -43.39
N LYS I 104 -42.42 41.59 -44.54
CA LYS I 104 -42.86 42.20 -45.79
C LYS I 104 -44.31 42.66 -45.67
N TYR I 105 -45.14 41.78 -45.13
CA TYR I 105 -46.54 42.09 -44.83
C TYR I 105 -46.64 43.24 -43.87
N LEU I 106 -45.81 43.20 -42.83
CA LEU I 106 -45.86 44.19 -41.77
C LEU I 106 -45.76 45.57 -42.36
N LEU I 107 -44.92 45.70 -43.39
CA LEU I 107 -44.68 46.98 -44.06
C LEU I 107 -45.86 47.48 -44.89
N SER I 108 -46.89 46.67 -44.98
CA SER I 108 -48.11 47.08 -45.66
C SER I 108 -49.05 47.74 -44.63
N SER I 109 -48.56 47.90 -43.41
CA SER I 109 -49.25 48.66 -42.37
C SER I 109 -48.41 49.89 -41.96
N VAL I 110 -47.34 50.14 -42.71
CA VAL I 110 -46.36 51.16 -42.35
C VAL I 110 -46.13 52.17 -43.49
N LYS I 111 -46.35 53.46 -43.21
CA LYS I 111 -46.29 54.52 -44.23
C LYS I 111 -45.02 55.37 -44.15
N HIS I 112 -44.40 55.42 -42.97
CA HIS I 112 -43.17 56.19 -42.80
C HIS I 112 -42.35 55.63 -41.65
N PHE I 113 -41.04 55.54 -41.86
CA PHE I 113 -40.09 55.09 -40.84
C PHE I 113 -39.25 56.28 -40.41
N GLU I 114 -38.82 56.26 -39.16
CA GLU I 114 -37.89 57.27 -38.64
C GLU I 114 -36.67 56.56 -38.04
N LYS I 115 -35.53 56.65 -38.72
CA LYS I 115 -34.35 55.89 -38.30
C LYS I 115 -33.76 56.46 -37.00
N VAL I 116 -33.57 55.58 -36.03
CA VAL I 116 -33.01 55.99 -34.73
C VAL I 116 -31.67 55.26 -34.46
N LYS I 117 -30.62 56.02 -34.11
CA LYS I 117 -29.36 55.41 -33.65
C LYS I 117 -29.57 54.98 -32.20
N ILE I 118 -29.48 53.67 -31.97
CA ILE I 118 -29.92 53.08 -30.71
C ILE I 118 -28.76 52.34 -30.05
N LEU I 119 -27.79 51.96 -30.87
CA LEU I 119 -26.61 51.26 -30.41
C LEU I 119 -25.38 51.73 -31.18
N PRO I 120 -24.94 52.96 -30.88
CA PRO I 120 -23.92 53.71 -31.61
C PRO I 120 -22.61 52.95 -31.75
N LYS I 121 -22.19 52.84 -33.00
CA LYS I 121 -21.05 52.03 -33.40
C LYS I 121 -19.83 52.24 -32.50
N ASP I 122 -19.65 53.47 -32.00
CA ASP I 122 -18.47 53.87 -31.18
C ASP I 122 -18.47 53.39 -29.73
N ARG I 123 -19.54 52.75 -29.27
CA ARG I 123 -19.66 52.30 -27.87
C ARG I 123 -19.00 50.94 -27.69
N TRP I 124 -18.64 50.30 -28.78
CA TRP I 124 -18.10 48.94 -28.70
C TRP I 124 -16.62 49.07 -28.48
N THR I 125 -16.28 49.56 -27.30
CA THR I 125 -14.91 49.92 -26.96
C THR I 125 -13.98 48.73 -26.90
N GLN I 126 -14.52 47.53 -26.72
CA GLN I 126 -13.69 46.35 -26.55
C GLN I 126 -13.62 45.48 -27.79
N HIS I 127 -14.17 45.95 -28.91
CA HIS I 127 -14.19 45.14 -30.12
C HIS I 127 -13.80 45.90 -31.39
N THR I 128 -13.54 45.17 -32.46
CA THR I 128 -13.32 45.77 -33.78
C THR I 128 -14.65 45.94 -34.52
N THR I 129 -15.06 47.19 -34.72
CA THR I 129 -16.35 47.50 -35.32
C THR I 129 -16.22 47.81 -36.80
N THR I 130 -15.02 47.71 -37.33
CA THR I 130 -14.76 48.05 -38.72
C THR I 130 -14.43 46.81 -39.52
N GLY I 131 -15.47 46.20 -40.09
CA GLY I 131 -15.31 45.05 -40.93
C GLY I 131 -15.34 45.44 -42.40
N GLY I 132 -15.92 44.57 -43.22
CA GLY I 132 -16.08 44.82 -44.64
C GLY I 132 -15.83 43.56 -45.42
N SER I 133 -16.28 43.49 -46.66
CA SER I 133 -15.90 42.39 -47.56
C SER I 133 -16.06 42.86 -49.00
N ARG I 134 -15.44 42.17 -49.94
CA ARG I 134 -15.51 42.62 -51.33
C ARG I 134 -16.87 42.37 -51.95
N ALA I 135 -17.73 41.64 -51.22
CA ALA I 135 -19.09 41.40 -51.67
C ALA I 135 -19.97 42.66 -51.56
N CYS I 136 -19.64 43.52 -50.61
CA CYS I 136 -20.40 44.75 -50.35
C CYS I 136 -19.63 45.96 -50.84
N ALA I 137 -18.82 45.75 -51.86
CA ALA I 137 -17.79 46.71 -52.22
C ALA I 137 -18.31 48.10 -52.60
N VAL I 138 -17.56 49.12 -52.17
CA VAL I 138 -17.83 50.51 -52.50
C VAL I 138 -16.58 51.10 -53.12
N SER I 139 -16.67 51.51 -54.38
CA SER I 139 -15.55 52.12 -55.08
C SER I 139 -14.36 51.18 -55.21
N GLY I 140 -14.63 49.87 -55.25
CA GLY I 140 -13.57 48.88 -55.31
C GLY I 140 -13.16 48.42 -53.92
N ASN I 141 -13.20 49.33 -52.96
CA ASN I 141 -12.88 49.03 -51.57
C ASN I 141 -14.03 48.35 -50.85
N PRO I 142 -13.70 47.31 -50.08
CA PRO I 142 -14.62 46.57 -49.21
C PRO I 142 -15.32 47.44 -48.19
N SER I 143 -16.63 47.20 -48.06
CA SER I 143 -17.47 47.90 -47.11
C SER I 143 -18.49 46.94 -46.54
N PHE I 144 -19.60 47.48 -46.06
CA PHE I 144 -20.57 46.67 -45.34
C PHE I 144 -21.95 47.30 -45.32
N PHE I 145 -22.91 46.54 -44.82
CA PHE I 145 -24.23 47.07 -44.54
C PHE I 145 -24.04 48.25 -43.59
N ARG I 146 -24.68 49.36 -43.91
CA ARG I 146 -24.42 50.64 -43.25
C ARG I 146 -25.09 50.73 -41.91
N ASN I 147 -26.21 50.02 -41.79
CA ASN I 147 -26.99 50.09 -40.55
C ASN I 147 -26.59 48.92 -39.69
N MET I 148 -25.61 48.16 -40.15
CA MET I 148 -25.23 46.96 -39.43
C MET I 148 -23.74 47.00 -39.01
N VAL I 149 -23.45 46.55 -37.79
CA VAL I 149 -22.12 46.67 -37.19
C VAL I 149 -21.44 45.31 -37.02
N TRP I 150 -20.34 45.09 -37.72
CA TRP I 150 -19.70 43.77 -37.64
C TRP I 150 -18.71 43.61 -36.47
N LEU I 151 -19.23 43.27 -35.30
CA LEU I 151 -18.37 42.97 -34.15
C LEU I 151 -17.37 41.81 -34.36
N THR I 152 -16.09 42.19 -34.50
CA THR I 152 -14.95 41.25 -34.53
C THR I 152 -14.04 41.42 -33.29
N LYS I 153 -13.08 40.52 -33.12
CA LYS I 153 -12.16 40.62 -31.98
C LYS I 153 -11.25 41.85 -32.08
N LYS I 154 -10.82 42.35 -30.93
CA LYS I 154 -9.89 43.47 -30.83
C LYS I 154 -8.57 43.01 -30.21
N GLY I 155 -7.71 42.43 -31.02
CA GLY I 155 -6.42 41.95 -30.56
C GLY I 155 -6.56 40.73 -29.67
N SER I 156 -6.49 39.57 -30.30
CA SER I 156 -6.64 38.28 -29.62
C SER I 156 -8.03 38.08 -29.01
N ASP I 157 -8.39 38.89 -28.00
CA ASP I 157 -9.65 38.78 -27.23
C ASP I 157 -10.93 39.27 -27.91
N TYR I 158 -11.95 38.41 -27.93
CA TYR I 158 -13.34 38.83 -28.16
C TYR I 158 -14.07 38.58 -26.85
N PRO I 159 -14.02 39.55 -25.92
CA PRO I 159 -14.75 39.48 -24.65
C PRO I 159 -16.24 39.41 -24.89
N VAL I 160 -17.04 39.58 -23.84
CA VAL I 160 -18.48 39.49 -24.02
C VAL I 160 -19.04 40.73 -24.67
N ALA I 161 -19.67 40.56 -25.82
CA ALA I 161 -20.41 41.65 -26.40
C ALA I 161 -21.72 41.81 -25.64
N LYS I 162 -21.97 43.01 -25.13
CA LYS I 162 -23.24 43.28 -24.45
C LYS I 162 -23.78 44.67 -24.84
N GLY I 163 -25.05 44.70 -25.23
CA GLY I 163 -25.72 45.91 -25.65
C GLY I 163 -27.17 45.90 -25.24
N SER I 164 -27.66 47.07 -24.88
CA SER I 164 -29.01 47.19 -24.35
C SER I 164 -29.69 48.45 -24.91
N TYR I 165 -31.02 48.39 -25.09
CA TYR I 165 -31.75 49.55 -25.55
C TYR I 165 -33.16 49.59 -24.99
N ASN I 166 -33.46 50.60 -24.17
CA ASN I 166 -34.83 50.87 -23.73
C ASN I 166 -35.49 51.73 -24.79
N ASN I 167 -36.71 51.36 -25.21
CA ASN I 167 -37.38 52.06 -26.31
C ASN I 167 -38.13 53.33 -25.89
N THR I 168 -37.40 54.42 -25.66
CA THR I 168 -38.02 55.64 -25.18
C THR I 168 -38.45 56.56 -26.33
N SER I 169 -38.73 55.97 -27.50
CA SER I 169 -38.89 56.74 -28.74
C SER I 169 -40.32 57.12 -29.12
N GLY I 170 -41.28 56.69 -28.29
CA GLY I 170 -42.67 57.07 -28.48
C GLY I 170 -43.49 56.20 -29.42
N GLU I 171 -42.86 55.19 -30.00
CA GLU I 171 -43.55 54.28 -30.88
C GLU I 171 -42.84 52.93 -30.96
N GLN I 172 -43.49 51.96 -31.60
CA GLN I 172 -42.87 50.68 -31.87
C GLN I 172 -41.66 50.87 -32.78
N MET I 173 -40.65 50.02 -32.57
CA MET I 173 -39.46 50.08 -33.40
C MET I 173 -39.12 48.73 -34.02
N LEU I 174 -38.83 48.77 -35.31
CA LEU I 174 -38.35 47.61 -36.05
C LEU I 174 -36.83 47.55 -35.92
N ILE I 175 -36.29 46.42 -35.45
CA ILE I 175 -34.86 46.25 -35.20
C ILE I 175 -34.34 44.96 -35.82
N ILE I 176 -33.33 45.04 -36.67
CA ILE I 176 -32.78 43.84 -37.31
C ILE I 176 -31.41 43.47 -36.74
N TRP I 177 -31.12 42.18 -36.55
CA TRP I 177 -29.75 41.76 -36.30
C TRP I 177 -29.34 40.58 -37.19
N GLY I 178 -28.21 39.97 -36.91
CA GLY I 178 -27.74 38.85 -37.70
C GLY I 178 -26.68 38.02 -37.01
N VAL I 179 -26.48 36.79 -37.45
CA VAL I 179 -25.32 36.02 -37.03
C VAL I 179 -24.47 35.58 -38.21
N HIS I 180 -23.19 35.40 -37.90
CA HIS I 180 -22.20 35.09 -38.91
C HIS I 180 -21.91 33.62 -38.86
N HIS I 181 -22.10 32.99 -40.02
CA HIS I 181 -21.80 31.59 -40.21
C HIS I 181 -20.61 31.55 -41.16
N PRO I 182 -19.41 31.28 -40.61
CA PRO I 182 -18.10 31.30 -41.29
C PRO I 182 -17.79 30.02 -42.06
N ASN I 183 -17.09 30.16 -43.18
CA ASN I 183 -16.60 28.98 -43.92
C ASN I 183 -15.83 27.97 -43.03
N ASP I 184 -14.57 28.25 -42.70
CA ASP I 184 -13.75 27.29 -41.94
C ASP I 184 -13.49 27.66 -40.49
N GLU I 185 -12.89 26.76 -39.73
CA GLU I 185 -12.62 27.04 -38.32
C GLU I 185 -11.62 28.18 -38.16
N THR I 186 -10.66 28.28 -39.09
CA THR I 186 -9.69 29.37 -39.08
C THR I 186 -10.35 30.76 -39.15
N GLU I 187 -11.27 30.95 -40.10
CA GLU I 187 -12.12 32.16 -40.15
C GLU I 187 -12.75 32.46 -38.79
N GLN I 188 -13.27 31.45 -38.11
CA GLN I 188 -13.97 31.71 -36.87
C GLN I 188 -12.97 32.12 -35.82
N ARG I 189 -11.77 31.55 -35.91
CA ARG I 189 -10.73 31.89 -34.93
C ARG I 189 -10.12 33.29 -35.20
N THR I 190 -9.72 33.59 -36.44
CA THR I 190 -9.19 34.93 -36.71
C THR I 190 -10.17 36.10 -36.45
N LEU I 191 -11.47 35.82 -36.36
CA LEU I 191 -12.50 36.86 -36.22
C LEU I 191 -12.99 37.02 -34.80
N TYR I 192 -13.10 35.91 -34.10
CA TYR I 192 -13.76 35.90 -32.80
C TYR I 192 -12.96 35.12 -31.75
N GLN I 193 -11.78 34.65 -32.19
CA GLN I 193 -10.80 33.93 -31.33
C GLN I 193 -11.41 32.53 -30.94
N ASN I 194 -12.53 32.52 -30.17
CA ASN I 194 -13.19 31.37 -29.73
C ASN I 194 -14.03 30.62 -30.77
N VAL I 195 -13.94 29.29 -30.75
CA VAL I 195 -14.98 28.50 -31.36
C VAL I 195 -15.96 28.18 -30.22
N GLY I 196 -17.22 27.86 -30.53
CA GLY I 196 -18.19 27.58 -29.50
C GLY I 196 -18.68 28.88 -28.91
N THR I 197 -19.32 29.66 -29.77
CA THR I 197 -19.83 30.96 -29.40
C THR I 197 -21.35 30.96 -29.53
N TYR I 198 -21.96 32.06 -29.10
CA TYR I 198 -23.40 32.18 -29.16
C TYR I 198 -23.84 33.62 -29.38
N VAL I 199 -25.10 33.80 -29.76
CA VAL I 199 -25.65 35.12 -30.04
C VAL I 199 -27.01 35.22 -29.39
N SER I 200 -27.08 35.84 -28.23
CA SER I 200 -28.36 35.94 -27.52
C SER I 200 -29.04 37.31 -27.70
N VAL I 201 -30.30 37.30 -28.13
CA VAL I 201 -31.13 38.50 -28.18
C VAL I 201 -32.27 38.29 -27.21
N GLY I 202 -32.76 39.35 -26.59
CA GLY I 202 -33.79 39.19 -25.58
C GLY I 202 -34.63 40.39 -25.24
N THR I 203 -35.90 40.33 -25.64
CA THR I 203 -36.88 41.32 -25.20
C THR I 203 -37.87 40.67 -24.24
N SER I 204 -39.09 41.23 -24.20
CA SER I 204 -40.12 40.71 -23.31
C SER I 204 -41.03 39.68 -24.01
N THR I 205 -41.02 39.72 -25.34
CA THR I 205 -41.67 38.71 -26.19
C THR I 205 -40.63 37.85 -26.91
N LEU I 206 -39.39 37.91 -26.45
CA LEU I 206 -38.31 37.24 -27.16
C LEU I 206 -37.29 36.64 -26.21
N ASN I 207 -36.92 35.40 -26.52
CA ASN I 207 -35.75 34.76 -25.94
C ASN I 207 -35.19 33.86 -27.03
N LYS I 208 -34.26 34.41 -27.82
CA LYS I 208 -33.57 33.68 -28.88
C LYS I 208 -32.07 33.61 -28.60
N ARG I 209 -31.44 32.47 -28.89
CA ARG I 209 -30.00 32.25 -28.68
C ARG I 209 -29.44 31.35 -29.79
N SER I 210 -29.15 31.96 -30.92
CA SER I 210 -28.68 31.25 -32.10
C SER I 210 -27.22 30.84 -31.93
N THR I 211 -26.87 29.60 -32.25
CA THR I 211 -25.47 29.18 -32.17
C THR I 211 -24.93 28.78 -33.54
N PRO I 212 -24.01 29.59 -34.07
CA PRO I 212 -23.56 29.68 -35.46
C PRO I 212 -23.07 28.37 -36.01
N GLU I 213 -22.83 28.34 -37.32
CA GLU I 213 -22.53 27.08 -37.99
C GLU I 213 -21.37 27.22 -38.96
N ILE I 214 -20.22 26.72 -38.55
CA ILE I 214 -19.05 26.68 -39.40
C ILE I 214 -19.17 25.49 -40.35
N ALA I 215 -19.26 25.74 -41.65
CA ALA I 215 -19.26 24.68 -42.66
C ALA I 215 -19.12 25.25 -44.07
N THR I 216 -18.31 24.60 -44.89
CA THR I 216 -18.10 25.05 -46.27
C THR I 216 -19.40 25.17 -47.05
N ARG I 217 -19.39 26.02 -48.08
CA ARG I 217 -20.60 26.28 -48.86
C ARG I 217 -20.33 26.58 -50.33
N PRO I 218 -21.40 26.59 -51.14
CA PRO I 218 -21.24 27.10 -52.50
C PRO I 218 -20.90 28.59 -52.50
N LYS I 219 -20.14 28.99 -53.51
CA LYS I 219 -19.62 30.34 -53.60
C LYS I 219 -20.63 31.34 -54.17
N VAL I 220 -21.44 31.94 -53.29
CA VAL I 220 -22.22 33.11 -53.71
C VAL I 220 -21.40 34.36 -53.50
N ASN I 221 -21.11 35.07 -54.60
CA ASN I 221 -20.36 36.32 -54.54
C ASN I 221 -19.01 36.13 -53.87
N GLY I 222 -18.29 35.10 -54.27
CA GLY I 222 -17.02 34.79 -53.62
C GLY I 222 -17.12 34.11 -52.27
N LEU I 223 -18.25 34.22 -51.60
CA LEU I 223 -18.34 33.71 -50.24
C LEU I 223 -18.89 32.31 -50.06
N GLY I 224 -18.29 31.60 -49.12
CA GLY I 224 -18.82 30.34 -48.65
C GLY I 224 -19.33 30.51 -47.23
N SER I 225 -19.31 31.74 -46.76
CA SER I 225 -19.84 32.03 -45.44
C SER I 225 -21.12 32.85 -45.58
N ARG I 226 -21.99 32.79 -44.59
CA ARG I 226 -23.30 33.44 -44.68
C ARG I 226 -23.60 34.34 -43.48
N MET I 227 -24.50 35.29 -43.70
CA MET I 227 -25.07 36.09 -42.62
C MET I 227 -26.57 35.77 -42.45
N GLU I 228 -26.96 35.25 -41.29
CA GLU I 228 -28.36 34.92 -41.04
C GLU I 228 -29.02 35.98 -40.18
N PHE I 229 -29.70 36.91 -40.85
CA PHE I 229 -30.39 38.01 -40.21
C PHE I 229 -31.79 37.65 -39.72
N SER I 230 -32.14 38.19 -38.56
CA SER I 230 -33.47 38.02 -38.03
C SER I 230 -33.98 39.39 -37.58
N TRP I 231 -35.20 39.46 -37.05
CA TRP I 231 -35.73 40.75 -36.66
C TRP I 231 -36.81 40.62 -35.62
N THR I 232 -37.17 41.75 -35.04
CA THR I 232 -38.31 41.83 -34.14
C THR I 232 -38.89 43.23 -34.18
N LEU I 233 -40.00 43.40 -33.47
CA LEU I 233 -40.52 44.72 -33.17
C LEU I 233 -40.34 44.89 -31.68
N LEU I 234 -39.78 46.03 -31.30
CA LEU I 234 -39.61 46.32 -29.89
C LEU I 234 -40.70 47.30 -29.50
N ASP I 235 -41.55 46.90 -28.55
CA ASP I 235 -42.69 47.73 -28.15
C ASP I 235 -42.23 48.99 -27.44
N MET I 236 -43.14 49.90 -27.19
CA MET I 236 -42.79 51.13 -26.50
C MET I 236 -42.47 50.82 -25.04
N TRP I 237 -41.36 51.37 -24.57
CA TRP I 237 -40.89 51.17 -23.19
C TRP I 237 -40.47 49.73 -22.90
N ASP I 238 -40.10 49.01 -23.95
CA ASP I 238 -39.52 47.68 -23.79
C ASP I 238 -38.00 47.78 -24.01
N THR I 239 -37.27 46.81 -23.46
CA THR I 239 -35.82 46.84 -23.49
C THR I 239 -35.30 45.60 -24.22
N ILE I 240 -34.49 45.81 -25.26
CA ILE I 240 -33.88 44.70 -25.99
C ILE I 240 -32.43 44.55 -25.57
N ASN I 241 -32.02 43.32 -25.27
CA ASN I 241 -30.66 43.04 -24.81
C ASN I 241 -29.93 42.13 -25.79
N PHE I 242 -28.79 42.58 -26.29
CA PHE I 242 -27.91 41.69 -27.03
C PHE I 242 -26.82 41.14 -26.09
N GLU I 243 -26.40 39.90 -26.33
CA GLU I 243 -25.31 39.30 -25.59
C GLU I 243 -24.69 38.19 -26.43
N SER I 244 -23.43 38.34 -26.80
CA SER I 244 -22.80 37.33 -27.64
C SER I 244 -21.35 37.14 -27.25
N THR I 245 -20.76 36.04 -27.71
CA THR I 245 -19.34 35.80 -27.48
C THR I 245 -18.68 35.51 -28.81
N GLY I 246 -19.29 36.02 -29.88
CA GLY I 246 -18.83 35.79 -31.23
C GLY I 246 -19.95 35.76 -32.26
N ASN I 247 -19.59 36.07 -33.51
CA ASN I 247 -20.51 35.98 -34.66
C ASN I 247 -21.70 36.93 -34.72
N LEU I 248 -21.92 37.70 -33.64
CA LEU I 248 -22.99 38.71 -33.65
C LEU I 248 -22.75 39.81 -34.70
N ILE I 249 -23.77 40.06 -35.51
CA ILE I 249 -23.81 41.23 -36.36
C ILE I 249 -24.87 42.19 -35.84
N ALA I 250 -24.46 43.08 -34.95
CA ALA I 250 -25.38 43.96 -34.24
C ALA I 250 -25.97 45.09 -35.09
N PRO I 251 -27.11 45.67 -34.62
CA PRO I 251 -27.69 46.82 -35.30
C PRO I 251 -27.05 48.06 -34.75
N GLU I 252 -26.94 49.10 -35.56
CA GLU I 252 -26.58 50.40 -35.03
C GLU I 252 -27.89 51.16 -34.85
N TYR I 253 -28.86 50.82 -35.68
CA TYR I 253 -30.10 51.56 -35.72
C TYR I 253 -31.35 50.71 -35.51
N GLY I 254 -32.39 51.37 -34.99
CA GLY I 254 -33.75 50.86 -35.02
C GLY I 254 -34.62 51.76 -35.89
N PHE I 255 -35.68 51.19 -36.45
CA PHE I 255 -36.60 51.94 -37.30
C PHE I 255 -37.91 52.26 -36.60
N LYS I 256 -38.13 53.54 -36.32
CA LYS I 256 -39.35 53.97 -35.65
C LYS I 256 -40.48 54.01 -36.64
N ILE I 257 -41.58 53.36 -36.31
CA ILE I 257 -42.77 53.54 -37.12
C ILE I 257 -43.30 54.93 -36.79
N SER I 258 -43.11 55.84 -37.72
CA SER I 258 -43.55 57.21 -37.57
C SER I 258 -44.95 57.40 -38.14
N LYS I 259 -45.19 56.86 -39.33
CA LYS I 259 -46.55 56.90 -39.86
C LYS I 259 -47.15 55.54 -40.18
N ARG I 260 -48.13 55.16 -39.37
CA ARG I 260 -48.89 53.92 -39.54
C ARG I 260 -50.09 54.23 -40.40
N GLY I 261 -50.50 53.26 -41.22
CA GLY I 261 -51.57 53.50 -42.16
C GLY I 261 -51.64 52.47 -43.27
N SER I 262 -52.84 52.24 -43.81
CA SER I 262 -53.02 51.22 -44.84
C SER I 262 -52.21 51.59 -46.08
N SER I 263 -51.19 50.79 -46.35
CA SER I 263 -50.32 50.98 -47.50
C SER I 263 -50.29 49.67 -48.27
N GLY I 264 -49.18 49.42 -48.95
CA GLY I 264 -48.96 48.15 -49.59
C GLY I 264 -47.53 47.97 -50.09
N ILE I 265 -47.29 46.85 -50.75
CA ILE I 265 -46.06 46.63 -51.50
C ILE I 265 -46.45 46.14 -52.87
N MET I 266 -46.18 46.92 -53.89
CA MET I 266 -46.58 46.56 -55.24
C MET I 266 -45.43 45.95 -56.03
N LYS I 267 -45.60 44.75 -56.57
CA LYS I 267 -44.51 44.15 -57.35
C LYS I 267 -44.51 44.65 -58.78
N THR I 268 -43.99 45.84 -58.98
CA THR I 268 -43.76 46.38 -60.33
C THR I 268 -42.29 46.31 -60.70
N GLU I 269 -42.02 46.45 -61.99
CA GLU I 269 -40.67 46.54 -62.49
C GLU I 269 -40.50 47.85 -63.26
N GLY I 270 -41.42 48.77 -63.01
CA GLY I 270 -41.41 50.04 -63.69
C GLY I 270 -41.11 51.20 -62.77
N THR I 271 -41.47 52.39 -63.22
CA THR I 271 -41.12 53.60 -62.49
C THR I 271 -42.28 54.58 -62.42
N LEU I 272 -42.04 55.66 -61.69
CA LEU I 272 -43.07 56.56 -61.20
C LEU I 272 -43.13 57.86 -61.99
N GLU I 273 -44.34 58.25 -62.41
CA GLU I 273 -44.51 59.48 -63.21
C GLU I 273 -45.23 60.62 -62.49
N ASN I 274 -45.32 61.79 -63.14
CA ASN I 274 -45.94 62.94 -62.52
C ASN I 274 -47.45 62.94 -62.69
N CYS I 275 -48.05 61.80 -62.36
CA CYS I 275 -49.48 61.61 -62.40
C CYS I 275 -50.02 61.40 -60.98
N GLU I 276 -51.33 61.48 -60.80
CA GLU I 276 -51.93 61.39 -59.46
C GLU I 276 -53.24 60.59 -59.49
N THR I 277 -53.54 59.90 -58.39
CA THR I 277 -54.69 59.00 -58.35
C THR I 277 -55.15 58.66 -56.93
N LYS I 278 -56.29 57.98 -56.83
CA LYS I 278 -56.78 57.54 -55.54
C LYS I 278 -57.03 56.04 -55.58
N CYS I 279 -56.74 55.46 -56.74
CA CYS I 279 -56.68 54.01 -56.93
C CYS I 279 -55.45 53.65 -57.77
N GLN I 280 -54.73 52.61 -57.39
CA GLN I 280 -53.52 52.22 -58.10
C GLN I 280 -53.31 50.72 -58.25
N THR I 281 -53.16 50.29 -59.50
CA THR I 281 -52.89 48.90 -59.84
C THR I 281 -51.51 48.82 -60.47
N PRO I 282 -50.87 47.62 -60.44
CA PRO I 282 -49.60 47.36 -61.13
C PRO I 282 -49.68 47.81 -62.58
N LEU I 283 -50.82 47.54 -63.22
CA LEU I 283 -51.01 47.90 -64.62
C LEU I 283 -51.03 49.42 -64.84
N GLY I 284 -51.37 50.17 -63.81
CA GLY I 284 -51.46 51.62 -63.90
C GLY I 284 -52.58 52.16 -63.04
N ALA I 285 -52.84 53.46 -63.13
CA ALA I 285 -53.81 54.12 -62.25
C ALA I 285 -55.26 54.18 -62.79
N ILE I 286 -56.19 54.48 -61.89
CA ILE I 286 -57.62 54.48 -62.21
C ILE I 286 -58.36 55.69 -61.65
N ASN I 287 -58.88 56.51 -62.55
CA ASN I 287 -59.88 57.51 -62.20
C ASN I 287 -61.17 56.96 -62.75
N THR I 288 -62.14 56.70 -61.87
CA THR I 288 -63.45 56.27 -62.31
C THR I 288 -64.42 56.42 -61.18
N THR I 289 -65.71 56.45 -61.51
CA THR I 289 -66.75 56.60 -60.52
C THR I 289 -67.59 55.32 -60.45
N LEU I 290 -67.40 54.46 -61.44
CA LEU I 290 -68.06 53.17 -61.49
C LEU I 290 -67.83 52.37 -60.22
N PRO I 291 -68.67 51.37 -59.99
CA PRO I 291 -68.50 50.54 -58.79
C PRO I 291 -67.66 49.29 -58.99
N PHE I 292 -67.21 49.02 -60.21
CA PHE I 292 -66.46 47.80 -60.47
C PHE I 292 -65.27 48.03 -61.35
N HIS I 293 -64.39 47.03 -61.39
CA HIS I 293 -63.38 46.98 -62.42
C HIS I 293 -62.95 45.54 -62.74
N ASN I 294 -62.04 45.42 -63.70
CA ASN I 294 -61.52 44.12 -64.08
C ASN I 294 -60.09 44.29 -64.49
N VAL I 295 -59.47 45.37 -64.00
CA VAL I 295 -58.09 45.68 -64.40
C VAL I 295 -57.09 44.67 -63.82
N HIS I 296 -56.74 44.86 -62.55
CA HIS I 296 -55.86 43.94 -61.84
C HIS I 296 -56.41 43.72 -60.44
N PRO I 297 -56.24 42.52 -59.90
CA PRO I 297 -56.75 42.19 -58.56
C PRO I 297 -56.02 42.90 -57.43
N LEU I 298 -54.75 43.23 -57.66
CA LEU I 298 -53.89 43.75 -56.59
C LEU I 298 -53.83 45.25 -56.59
N THR I 299 -54.87 45.86 -56.04
CA THR I 299 -55.00 47.30 -56.06
C THR I 299 -54.65 47.85 -54.69
N ILE I 300 -54.04 49.03 -54.69
CA ILE I 300 -53.81 49.81 -53.48
C ILE I 300 -54.53 51.14 -53.61
N GLY I 301 -55.25 51.55 -52.58
CA GLY I 301 -55.92 52.84 -52.57
C GLY I 301 -57.41 52.67 -52.44
N GLU I 302 -58.15 53.77 -52.35
CA GLU I 302 -59.61 53.68 -52.29
C GLU I 302 -60.22 53.32 -53.65
N CYS I 303 -60.42 52.03 -53.89
CA CYS I 303 -60.77 51.52 -55.22
C CYS I 303 -62.20 50.97 -55.37
N PRO I 304 -62.67 50.90 -56.63
CA PRO I 304 -63.80 50.08 -57.10
C PRO I 304 -63.48 48.59 -56.99
N ARG I 305 -64.48 47.74 -57.14
CA ARG I 305 -64.35 46.35 -56.72
C ARG I 305 -64.00 45.40 -57.86
N TYR I 306 -63.06 44.51 -57.63
CA TYR I 306 -62.60 43.60 -58.68
C TYR I 306 -63.61 42.48 -58.87
N VAL I 307 -63.86 42.15 -60.13
CA VAL I 307 -64.69 41.01 -60.54
C VAL I 307 -64.07 40.46 -61.82
N LYS I 308 -64.34 39.19 -62.11
CA LYS I 308 -63.78 38.53 -63.28
C LYS I 308 -64.62 38.71 -64.57
N SER I 309 -65.29 39.85 -64.73
CA SER I 309 -66.21 40.03 -65.84
C SER I 309 -65.72 40.90 -67.02
N GLU I 310 -66.00 40.48 -68.25
CA GLU I 310 -65.58 41.22 -69.43
C GLU I 310 -66.54 42.35 -69.78
N LYS I 311 -67.78 42.23 -69.33
CA LYS I 311 -68.78 43.29 -69.49
C LYS I 311 -69.77 43.31 -68.33
N LEU I 312 -70.17 44.52 -67.90
CA LEU I 312 -71.25 44.69 -66.93
C LEU I 312 -72.15 45.86 -67.36
N VAL I 313 -73.23 45.50 -68.08
CA VAL I 313 -74.13 46.42 -68.78
C VAL I 313 -75.45 46.62 -68.05
N LEU I 314 -75.69 47.82 -67.54
CA LEU I 314 -76.94 48.07 -66.82
C LEU I 314 -77.94 48.76 -67.72
N ALA I 315 -79.10 48.14 -67.90
CA ALA I 315 -80.14 48.77 -68.68
C ALA I 315 -80.84 49.79 -67.83
N THR I 316 -80.80 51.04 -68.28
CA THR I 316 -81.47 52.11 -67.57
C THR I 316 -82.79 52.41 -68.27
N GLY I 317 -82.78 52.45 -69.60
CA GLY I 317 -83.97 52.78 -70.38
C GLY I 317 -84.72 51.58 -70.93
N LEU I 318 -85.48 51.79 -72.01
CA LEU I 318 -86.37 50.78 -72.56
C LEU I 318 -85.85 50.18 -73.85
N ARG I 319 -86.61 49.26 -74.42
CA ARG I 319 -86.14 48.62 -75.62
C ARG I 319 -86.24 49.53 -76.83
N ASN I 320 -85.13 49.73 -77.53
CA ASN I 320 -85.16 50.53 -78.74
C ASN I 320 -85.69 49.71 -79.90
N VAL I 321 -87.00 49.74 -80.09
CA VAL I 321 -87.58 49.18 -81.32
C VAL I 321 -87.77 50.32 -82.30
N PRO I 322 -87.30 50.12 -83.54
CA PRO I 322 -87.36 51.13 -84.61
C PRO I 322 -88.80 51.40 -85.09
N GLN I 323 -89.04 52.55 -85.73
CA GLN I 323 -90.39 52.92 -86.20
C GLN I 323 -91.00 51.91 -87.18
N GLY J 1 -93.58 41.73 -75.37
CA GLY J 1 -93.09 42.08 -74.05
C GLY J 1 -93.63 41.11 -73.03
N LEU J 2 -93.56 41.49 -71.76
CA LEU J 2 -94.19 40.71 -70.69
C LEU J 2 -95.54 41.35 -70.34
N PHE J 3 -95.62 42.67 -70.55
CA PHE J 3 -96.87 43.43 -70.47
C PHE J 3 -97.37 43.78 -71.88
N GLY J 4 -96.63 43.35 -72.90
CA GLY J 4 -97.05 43.44 -74.28
C GLY J 4 -97.32 44.80 -74.94
N ALA J 5 -96.91 45.90 -74.31
CA ALA J 5 -97.15 47.21 -74.90
C ALA J 5 -95.99 47.64 -75.77
N ILE J 6 -94.79 47.51 -75.23
CA ILE J 6 -93.56 47.83 -75.92
C ILE J 6 -93.18 46.69 -76.84
N ALA J 7 -92.97 47.01 -78.10
CA ALA J 7 -92.81 46.00 -79.16
C ALA J 7 -93.93 44.99 -79.11
N GLY J 8 -95.13 45.49 -78.85
CA GLY J 8 -96.32 44.67 -78.76
C GLY J 8 -97.44 45.27 -79.60
N PHE J 9 -98.51 45.71 -78.93
CA PHE J 9 -99.63 46.32 -79.66
C PHE J 9 -99.26 47.73 -80.09
N ILE J 10 -98.27 48.30 -79.41
CA ILE J 10 -97.55 49.44 -79.94
C ILE J 10 -96.24 48.93 -80.54
N GLU J 11 -96.22 48.85 -81.86
CA GLU J 11 -95.20 48.11 -82.60
C GLU J 11 -93.79 48.68 -82.49
N GLY J 12 -93.71 49.99 -82.32
CA GLY J 12 -92.42 50.66 -82.27
C GLY J 12 -92.56 52.01 -81.60
N GLY J 13 -91.46 52.72 -81.45
CA GLY J 13 -91.44 53.98 -80.72
C GLY J 13 -91.13 55.18 -81.59
N TRP J 14 -91.39 56.35 -81.05
CA TRP J 14 -91.30 57.56 -81.83
C TRP J 14 -90.01 58.31 -81.60
N GLN J 15 -89.19 58.42 -82.63
CA GLN J 15 -87.93 59.16 -82.52
C GLN J 15 -88.17 60.65 -82.33
N GLY J 16 -89.42 61.09 -82.53
CA GLY J 16 -89.78 62.48 -82.32
C GLY J 16 -90.14 62.74 -80.88
N MET J 17 -90.44 61.66 -80.16
CA MET J 17 -90.67 61.71 -78.73
C MET J 17 -89.31 61.84 -78.06
N VAL J 18 -88.90 63.07 -77.73
CA VAL J 18 -87.57 63.30 -77.21
C VAL J 18 -87.62 63.93 -75.83
N ASP J 19 -88.75 64.57 -75.51
CA ASP J 19 -88.88 65.28 -74.26
C ASP J 19 -89.21 64.38 -73.05
N GLY J 20 -89.09 63.05 -73.21
CA GLY J 20 -89.42 62.12 -72.13
C GLY J 20 -89.42 60.65 -72.57
N TRP J 21 -89.78 59.74 -71.67
CA TRP J 21 -89.72 58.30 -72.00
C TRP J 21 -91.04 57.75 -72.57
N TYR J 22 -92.17 58.28 -72.11
CA TYR J 22 -93.46 57.83 -72.60
C TYR J 22 -94.35 59.01 -72.89
N GLY J 23 -95.33 58.85 -73.77
CA GLY J 23 -96.35 59.85 -73.90
C GLY J 23 -97.31 59.72 -75.07
N TYR J 24 -97.75 60.89 -75.54
CA TYR J 24 -98.87 61.00 -76.45
C TYR J 24 -98.49 61.56 -77.83
N HIS J 25 -99.26 61.16 -78.83
CA HIS J 25 -99.27 61.83 -80.13
C HIS J 25 -100.71 62.09 -80.50
N HIS J 26 -101.03 63.37 -80.66
CA HIS J 26 -102.40 63.77 -80.93
C HIS J 26 -102.43 64.38 -82.33
N SER J 27 -103.57 64.30 -83.00
CA SER J 27 -103.75 64.99 -84.27
C SER J 27 -105.21 65.36 -84.41
N ASN J 28 -105.51 66.61 -84.09
CA ASN J 28 -106.87 67.10 -84.16
C ASN J 28 -106.95 68.25 -85.14
N ASP J 29 -108.05 69.02 -85.07
CA ASP J 29 -108.27 70.13 -85.98
C ASP J 29 -107.23 71.24 -85.88
N GLN J 30 -106.79 71.60 -84.67
CA GLN J 30 -105.72 72.58 -84.58
C GLN J 30 -104.39 71.96 -84.99
N GLY J 31 -103.87 71.11 -84.10
CA GLY J 31 -102.49 70.71 -84.19
C GLY J 31 -102.22 69.27 -84.51
N SER J 32 -100.95 68.92 -84.36
CA SER J 32 -100.46 67.58 -84.59
C SER J 32 -99.03 67.58 -84.08
N GLY J 33 -98.77 66.80 -83.05
CA GLY J 33 -97.47 66.80 -82.41
C GLY J 33 -97.31 65.76 -81.33
N TYR J 34 -96.05 65.51 -80.97
CA TYR J 34 -95.69 64.63 -79.88
C TYR J 34 -95.52 65.47 -78.62
N ALA J 35 -95.89 64.89 -77.48
CA ALA J 35 -95.69 65.54 -76.20
C ALA J 35 -95.59 64.44 -75.14
N ALA J 36 -94.57 64.50 -74.29
CA ALA J 36 -94.33 63.43 -73.33
C ALA J 36 -95.12 63.60 -72.03
N ASP J 37 -95.25 62.51 -71.28
CA ASP J 37 -96.07 62.53 -70.06
C ASP J 37 -95.21 62.87 -68.84
N LYS J 38 -95.62 63.87 -68.05
CA LYS J 38 -94.83 64.22 -66.88
C LYS J 38 -94.77 63.09 -65.87
N GLU J 39 -95.94 62.74 -65.32
CA GLU J 39 -96.01 61.85 -64.17
C GLU J 39 -95.33 60.49 -64.34
N SER J 40 -95.57 59.83 -65.47
CA SER J 40 -95.05 58.47 -65.67
C SER J 40 -93.54 58.45 -65.92
N THR J 41 -93.03 59.49 -66.60
CA THR J 41 -91.59 59.62 -66.82
C THR J 41 -90.86 59.89 -65.51
N GLN J 42 -91.38 60.83 -64.71
CA GLN J 42 -90.72 61.22 -63.46
C GLN J 42 -90.72 60.06 -62.50
N LYS J 43 -91.83 59.33 -62.47
CA LYS J 43 -91.95 58.17 -61.62
C LYS J 43 -90.96 57.06 -62.01
N ALA J 44 -90.85 56.77 -63.29
CA ALA J 44 -89.92 55.74 -63.74
C ALA J 44 -88.44 56.13 -63.60
N PHE J 45 -88.13 57.42 -63.74
CA PHE J 45 -86.78 57.96 -63.52
C PHE J 45 -86.40 57.69 -62.08
N ASP J 46 -87.17 58.28 -61.17
CA ASP J 46 -87.02 58.09 -59.73
C ASP J 46 -86.81 56.62 -59.37
N GLY J 47 -87.58 55.76 -60.00
CA GLY J 47 -87.50 54.34 -59.74
C GLY J 47 -86.24 53.73 -60.33
N ILE J 48 -85.77 54.26 -61.45
CA ILE J 48 -84.56 53.74 -62.09
C ILE J 48 -83.28 54.28 -61.44
N THR J 49 -83.26 55.58 -61.14
CA THR J 49 -82.13 56.09 -60.36
C THR J 49 -82.10 55.32 -59.04
N ASN J 50 -83.25 55.19 -58.37
CA ASN J 50 -83.32 54.39 -57.16
C ASN J 50 -82.80 52.97 -57.30
N LYS J 51 -82.77 52.44 -58.52
CA LYS J 51 -82.32 51.07 -58.74
C LYS J 51 -80.81 50.98 -58.94
N VAL J 52 -80.25 52.01 -59.56
CA VAL J 52 -78.83 52.00 -59.87
C VAL J 52 -78.01 52.48 -58.67
N ASN J 53 -78.61 53.34 -57.85
CA ASN J 53 -77.98 53.74 -56.61
C ASN J 53 -77.97 52.56 -55.66
N SER J 54 -79.01 51.74 -55.76
CA SER J 54 -79.14 50.54 -54.94
C SER J 54 -78.25 49.40 -55.44
N VAL J 55 -77.60 49.62 -56.57
CA VAL J 55 -76.64 48.65 -57.05
C VAL J 55 -75.23 49.10 -56.69
N ILE J 56 -74.93 50.37 -56.92
CA ILE J 56 -73.63 50.89 -56.52
C ILE J 56 -73.45 50.96 -55.00
N GLU J 57 -74.52 50.75 -54.22
CA GLU J 57 -74.44 50.82 -52.76
C GLU J 57 -74.35 49.46 -52.07
N LYS J 58 -74.60 48.40 -52.82
CA LYS J 58 -74.65 47.05 -52.25
C LYS J 58 -73.29 46.34 -52.33
N MET J 59 -72.46 46.75 -53.27
CA MET J 59 -71.08 46.29 -53.29
C MET J 59 -70.09 47.43 -53.01
N ASN J 60 -70.18 47.99 -51.80
CA ASN J 60 -69.27 49.02 -51.33
C ASN J 60 -68.72 48.53 -50.02
N THR J 61 -69.31 47.42 -49.58
CA THR J 61 -68.91 46.69 -48.39
C THR J 61 -68.50 45.28 -48.81
N GLN J 62 -67.86 45.16 -49.99
CA GLN J 62 -67.57 43.87 -50.62
C GLN J 62 -66.34 43.11 -50.05
N PHE J 63 -65.13 43.41 -50.54
CA PHE J 63 -63.97 42.56 -50.26
C PHE J 63 -62.63 43.11 -50.84
N GLU J 64 -61.73 43.57 -49.95
CA GLU J 64 -60.41 44.08 -50.36
C GLU J 64 -59.39 42.93 -50.43
N ALA J 65 -58.13 43.25 -50.69
CA ALA J 65 -57.08 42.24 -50.70
C ALA J 65 -55.70 42.77 -50.34
N VAL J 66 -55.28 42.57 -49.10
CA VAL J 66 -53.88 42.70 -48.74
C VAL J 66 -53.15 41.57 -49.45
N GLY J 67 -51.95 41.84 -49.98
CA GLY J 67 -51.14 40.79 -50.57
C GLY J 67 -50.43 40.03 -49.46
N LYS J 68 -50.12 38.76 -49.69
CA LYS J 68 -49.37 37.97 -48.71
C LYS J 68 -48.35 37.05 -49.40
N GLU J 69 -47.24 36.77 -48.69
CA GLU J 69 -46.21 35.91 -49.23
C GLU J 69 -45.97 34.71 -48.34
N PHE J 70 -45.52 33.61 -48.93
CA PHE J 70 -45.46 32.35 -48.21
C PHE J 70 -44.16 31.61 -48.52
N SER J 71 -43.65 30.86 -47.53
CA SER J 71 -42.38 30.16 -47.70
C SER J 71 -42.55 28.97 -48.65
N ASN J 72 -41.51 28.17 -48.83
CA ASN J 72 -41.69 26.90 -49.50
C ASN J 72 -42.10 25.80 -48.54
N LEU J 73 -42.32 26.16 -47.28
CA LEU J 73 -42.77 25.16 -46.31
C LEU J 73 -44.11 25.56 -45.65
N GLU J 74 -44.76 26.56 -46.24
CA GLU J 74 -46.17 26.81 -45.99
C GLU J 74 -46.91 26.85 -47.33
N ARG J 75 -46.92 25.72 -48.04
CA ARG J 75 -47.48 25.62 -49.38
C ARG J 75 -48.96 25.43 -49.19
N ARG J 76 -49.30 24.95 -48.00
CA ARG J 76 -50.66 24.65 -47.64
C ARG J 76 -51.37 25.91 -47.32
N LEU J 77 -50.71 26.70 -46.50
CA LEU J 77 -51.24 28.00 -46.14
C LEU J 77 -51.38 28.89 -47.37
N GLU J 78 -50.53 28.67 -48.35
CA GLU J 78 -50.53 29.51 -49.53
C GLU J 78 -51.80 29.22 -50.26
N ASN J 79 -52.00 27.95 -50.61
CA ASN J 79 -53.21 27.50 -51.28
C ASN J 79 -54.46 27.95 -50.58
N LEU J 80 -54.45 27.88 -49.25
CA LEU J 80 -55.58 28.31 -48.44
C LEU J 80 -55.92 29.76 -48.70
N ASN J 81 -54.89 30.59 -48.76
CA ASN J 81 -55.09 31.98 -49.05
C ASN J 81 -55.67 32.09 -50.42
N LYS J 82 -54.97 31.50 -51.39
CA LYS J 82 -55.40 31.55 -52.79
C LYS J 82 -56.85 31.10 -52.91
N LYS J 83 -57.16 29.91 -52.41
CA LYS J 83 -58.54 29.41 -52.49
C LYS J 83 -59.58 30.35 -51.88
N MET J 84 -59.20 31.05 -50.82
CA MET J 84 -60.10 31.95 -50.13
C MET J 84 -60.42 33.16 -50.99
N GLU J 85 -59.38 33.84 -51.43
CA GLU J 85 -59.57 35.01 -52.26
C GLU J 85 -60.21 34.69 -53.60
N ASP J 86 -59.71 33.67 -54.29
CA ASP J 86 -60.37 33.24 -55.50
C ASP J 86 -61.83 32.91 -55.18
N GLY J 87 -62.07 32.22 -54.08
CA GLY J 87 -63.42 31.86 -53.67
C GLY J 87 -64.41 33.00 -53.55
N PHE J 88 -64.01 34.03 -52.83
CA PHE J 88 -64.84 35.21 -52.66
C PHE J 88 -64.90 35.98 -53.96
N LEU J 89 -63.86 35.88 -54.79
CA LEU J 89 -63.88 36.56 -56.10
C LEU J 89 -64.94 35.97 -57.02
N ASP J 90 -65.02 34.64 -57.03
CA ASP J 90 -66.02 33.98 -57.82
C ASP J 90 -67.37 34.45 -57.32
N VAL J 91 -67.58 34.31 -56.02
CA VAL J 91 -68.85 34.70 -55.40
C VAL J 91 -69.31 36.08 -55.82
N TRP J 92 -68.48 37.08 -55.65
CA TRP J 92 -68.92 38.44 -55.96
C TRP J 92 -69.12 38.66 -57.44
N THR J 93 -68.35 37.97 -58.25
CA THR J 93 -68.52 38.10 -59.70
C THR J 93 -69.89 37.57 -60.09
N TYR J 94 -70.22 36.39 -59.58
CA TYR J 94 -71.55 35.80 -59.75
C TYR J 94 -72.68 36.74 -59.30
N ASN J 95 -72.63 37.17 -58.04
CA ASN J 95 -73.56 38.13 -57.51
C ASN J 95 -73.70 39.38 -58.38
N ALA J 96 -72.61 39.90 -58.90
CA ALA J 96 -72.75 41.12 -59.66
C ALA J 96 -73.33 40.83 -61.04
N GLU J 97 -72.84 39.79 -61.70
CA GLU J 97 -73.37 39.44 -63.02
C GLU J 97 -74.87 39.15 -62.99
N LEU J 98 -75.28 38.33 -62.03
CA LEU J 98 -76.67 37.92 -61.90
C LEU J 98 -77.61 39.05 -61.57
N LEU J 99 -77.24 39.80 -60.53
CA LEU J 99 -77.96 41.00 -60.15
C LEU J 99 -78.13 41.85 -61.39
N VAL J 100 -77.04 42.04 -62.15
CA VAL J 100 -77.10 42.82 -63.39
C VAL J 100 -78.12 42.27 -64.39
N LEU J 101 -78.06 40.98 -64.65
CA LEU J 101 -79.00 40.35 -65.56
C LEU J 101 -80.42 40.53 -65.08
N MET J 102 -80.68 40.08 -63.87
CA MET J 102 -82.00 40.20 -63.27
C MET J 102 -82.61 41.60 -63.28
N GLU J 103 -81.93 42.60 -62.73
CA GLU J 103 -82.51 43.95 -62.66
C GLU J 103 -82.68 44.57 -64.04
N ASN J 104 -81.90 44.05 -64.98
CA ASN J 104 -82.03 44.46 -66.35
C ASN J 104 -83.38 44.02 -66.87
N GLU J 105 -83.67 42.75 -66.69
CA GLU J 105 -84.94 42.21 -67.16
C GLU J 105 -86.13 42.88 -66.47
N ARG J 106 -86.03 43.02 -65.16
CA ARG J 106 -87.03 43.77 -64.42
C ARG J 106 -87.11 45.20 -64.93
N THR J 107 -86.01 45.75 -65.42
CA THR J 107 -86.04 47.13 -65.92
C THR J 107 -86.88 47.30 -67.20
N LEU J 108 -86.64 46.41 -68.16
CA LEU J 108 -87.43 46.40 -69.40
C LEU J 108 -88.92 46.28 -69.12
N ASP J 109 -89.26 45.25 -68.34
CA ASP J 109 -90.64 44.98 -67.98
C ASP J 109 -91.24 46.15 -67.22
N PHE J 110 -90.39 46.91 -66.54
CA PHE J 110 -90.84 48.09 -65.80
C PHE J 110 -91.30 49.18 -66.75
N HIS J 111 -90.60 49.27 -67.87
CA HIS J 111 -90.98 50.28 -68.84
C HIS J 111 -92.25 49.83 -69.49
N ASP J 112 -92.30 48.54 -69.79
CA ASP J 112 -93.42 47.96 -70.47
C ASP J 112 -94.71 48.16 -69.66
N SER J 113 -94.66 47.83 -68.37
CA SER J 113 -95.82 48.11 -67.51
C SER J 113 -96.12 49.60 -67.42
N ASN J 114 -95.08 50.41 -67.49
CA ASN J 114 -95.30 51.83 -67.37
C ASN J 114 -96.07 52.31 -68.57
N VAL J 115 -95.76 51.73 -69.72
CA VAL J 115 -96.45 52.12 -70.95
C VAL J 115 -97.88 51.59 -70.93
N LYS J 116 -98.03 50.28 -70.73
CA LYS J 116 -99.35 49.66 -70.60
C LYS J 116 -100.27 50.38 -69.58
N ASN J 117 -99.75 50.72 -68.41
CA ASN J 117 -100.52 51.46 -67.42
C ASN J 117 -101.04 52.83 -67.90
N LEU J 118 -100.29 53.47 -68.77
CA LEU J 118 -100.63 54.80 -69.28
C LEU J 118 -101.65 54.68 -70.39
N TYR J 119 -101.53 53.63 -71.19
CA TYR J 119 -102.56 53.29 -72.13
C TYR J 119 -103.87 52.94 -71.42
N ASP J 120 -103.78 52.16 -70.34
CA ASP J 120 -104.98 51.76 -69.62
C ASP J 120 -105.60 52.93 -68.89
N LYS J 121 -104.79 53.90 -68.50
CA LYS J 121 -105.29 55.08 -67.78
C LYS J 121 -106.10 56.01 -68.70
N VAL J 122 -105.66 56.10 -69.94
CA VAL J 122 -106.29 56.95 -70.93
C VAL J 122 -107.54 56.26 -71.43
N ARG J 123 -107.37 55.01 -71.86
CA ARG J 123 -108.49 54.19 -72.32
C ARG J 123 -109.67 54.24 -71.35
N MET J 124 -109.43 53.77 -70.13
CA MET J 124 -110.46 53.67 -69.09
C MET J 124 -110.97 55.01 -68.60
N GLN J 125 -110.34 56.09 -69.05
CA GLN J 125 -110.83 57.45 -68.79
C GLN J 125 -111.76 57.91 -69.93
N LEU J 126 -111.42 57.54 -71.16
CA LEU J 126 -112.18 57.97 -72.33
C LEU J 126 -113.37 57.07 -72.60
N ARG J 127 -113.28 55.81 -72.22
CA ARG J 127 -114.37 54.84 -72.43
C ARG J 127 -114.85 54.73 -73.87
N ASP J 128 -116.17 54.64 -74.03
CA ASP J 128 -116.83 54.50 -75.33
C ASP J 128 -117.04 55.83 -76.10
N ASN J 129 -116.45 56.93 -75.62
CA ASN J 129 -116.42 58.17 -76.39
C ASN J 129 -115.46 58.15 -77.56
N VAL J 130 -114.69 57.07 -77.69
CA VAL J 130 -113.68 56.95 -78.73
C VAL J 130 -113.60 55.52 -79.25
N LYS J 131 -112.74 55.31 -80.24
CA LYS J 131 -112.52 53.98 -80.80
C LYS J 131 -111.11 53.44 -80.51
N GLU J 132 -111.03 52.37 -79.73
CA GLU J 132 -109.78 51.61 -79.59
C GLU J 132 -109.41 51.06 -80.94
N LEU J 133 -108.38 51.63 -81.54
CA LEU J 133 -107.91 51.18 -82.86
C LEU J 133 -107.13 49.87 -82.73
N GLY J 134 -106.37 49.76 -81.64
CA GLY J 134 -105.69 48.52 -81.30
C GLY J 134 -104.20 48.60 -81.51
N ASN J 135 -103.70 49.81 -81.72
CA ASN J 135 -102.31 50.05 -82.10
C ASN J 135 -101.72 51.04 -81.11
N GLY J 136 -102.50 51.37 -80.08
CA GLY J 136 -102.07 52.33 -79.08
C GLY J 136 -102.72 53.68 -79.27
N CYS J 137 -103.66 53.73 -80.21
CA CYS J 137 -104.32 54.98 -80.54
C CYS J 137 -105.83 54.93 -80.33
N PHE J 138 -106.41 56.10 -80.08
CA PHE J 138 -107.86 56.22 -79.95
C PHE J 138 -108.42 57.19 -80.98
N GLU J 139 -109.40 56.75 -81.78
CA GLU J 139 -110.12 57.65 -82.69
C GLU J 139 -111.37 58.22 -82.00
N PHE J 140 -111.43 59.54 -81.93
CA PHE J 140 -112.50 60.23 -81.22
C PHE J 140 -113.80 60.22 -82.00
N TYR J 141 -114.89 59.94 -81.30
CA TYR J 141 -116.21 59.96 -81.93
C TYR J 141 -116.70 61.38 -81.93
N HIS J 142 -116.09 62.21 -81.09
CA HIS J 142 -116.37 63.64 -81.07
C HIS J 142 -115.16 64.48 -81.49
N LYS J 143 -115.23 65.78 -81.19
CA LYS J 143 -114.19 66.71 -81.59
C LYS J 143 -113.42 67.19 -80.35
N CYS J 144 -112.11 67.08 -80.40
CA CYS J 144 -111.26 67.26 -79.24
C CYS J 144 -110.19 68.32 -79.55
N ASP J 145 -110.39 69.52 -79.00
CA ASP J 145 -109.51 70.66 -79.28
C ASP J 145 -108.25 70.62 -78.43
N ASP J 146 -107.24 71.42 -78.82
CA ASP J 146 -105.99 71.48 -78.06
C ASP J 146 -106.25 71.92 -76.64
N GLU J 147 -106.95 71.07 -75.89
CA GLU J 147 -107.67 71.49 -74.71
C GLU J 147 -108.43 70.32 -74.12
N CYS J 148 -109.24 69.68 -74.95
CA CYS J 148 -109.83 68.40 -74.61
C CYS J 148 -108.67 67.41 -74.55
N MET J 149 -107.69 67.60 -75.42
CA MET J 149 -106.47 66.80 -75.40
C MET J 149 -105.70 66.98 -74.10
N ASN J 150 -105.51 68.24 -73.71
CA ASN J 150 -104.85 68.55 -72.45
C ASN J 150 -105.65 68.03 -71.25
N SER J 151 -106.97 67.87 -71.43
CA SER J 151 -107.82 67.37 -70.35
C SER J 151 -107.66 65.85 -70.23
N VAL J 152 -107.34 65.20 -71.33
CA VAL J 152 -106.99 63.79 -71.28
C VAL J 152 -105.63 63.62 -70.64
N LYS J 153 -104.64 64.38 -71.14
CA LYS J 153 -103.24 64.25 -70.74
C LYS J 153 -102.99 64.29 -69.22
N ASN J 154 -103.69 65.19 -68.52
CA ASN J 154 -103.56 65.31 -67.07
C ASN J 154 -104.71 64.63 -66.32
N GLY J 155 -105.43 63.75 -67.00
CA GLY J 155 -106.47 62.93 -66.38
C GLY J 155 -107.74 63.64 -65.93
N THR J 156 -108.11 64.72 -66.61
CA THR J 156 -109.29 65.50 -66.22
C THR J 156 -110.41 65.44 -67.27
N TYR J 157 -110.46 64.35 -68.02
CA TYR J 157 -111.42 64.19 -69.11
C TYR J 157 -112.87 64.05 -68.65
N ASP J 158 -113.68 65.05 -68.97
CA ASP J 158 -115.10 65.01 -68.66
C ASP J 158 -115.79 64.12 -69.69
N TYR J 159 -116.10 62.88 -69.30
CA TYR J 159 -116.87 61.97 -70.15
C TYR J 159 -118.27 62.47 -70.51
N PRO J 160 -119.06 62.94 -69.53
CA PRO J 160 -120.46 63.23 -69.86
C PRO J 160 -120.63 64.47 -70.74
N LYS J 161 -119.62 65.35 -70.70
CA LYS J 161 -119.59 66.52 -71.55
C LYS J 161 -119.64 66.10 -73.02
N TYR J 162 -118.81 65.13 -73.39
CA TYR J 162 -118.71 64.74 -74.78
C TYR J 162 -119.53 63.48 -75.07
N GLU J 163 -120.26 63.02 -74.06
CA GLU J 163 -120.93 61.73 -74.12
C GLU J 163 -121.96 61.61 -75.22
N GLU J 164 -122.90 62.56 -75.26
CA GLU J 164 -124.04 62.48 -76.18
C GLU J 164 -123.62 62.80 -77.60
N GLU J 165 -122.65 63.69 -77.76
CA GLU J 165 -122.16 64.06 -79.08
C GLU J 165 -121.47 62.87 -79.71
N SER J 166 -120.72 62.15 -78.88
CA SER J 166 -120.00 60.97 -79.35
C SER J 166 -120.99 59.85 -79.57
N LYS J 167 -122.02 59.82 -78.73
CA LYS J 167 -123.07 58.81 -78.87
C LYS J 167 -123.75 58.99 -80.21
N LEU J 168 -124.11 60.23 -80.52
CA LEU J 168 -124.82 60.49 -81.76
C LEU J 168 -123.96 60.14 -83.00
N ASN J 169 -122.64 60.33 -82.92
CA ASN J 169 -121.72 59.98 -84.02
C ASN J 169 -121.45 58.48 -84.15
N ARG J 170 -121.58 57.78 -83.03
CA ARG J 170 -121.31 56.35 -82.96
C ARG J 170 -122.47 55.55 -83.54
N ASN J 171 -123.68 55.74 -83.01
CA ASN J 171 -124.88 55.12 -83.58
C ASN J 171 -125.30 55.87 -84.85
N GLU J 172 -124.67 55.55 -85.98
CA GLU J 172 -124.97 56.21 -87.25
C GLU J 172 -124.33 55.47 -88.40
N PRO K 1 -127.11 56.90 -61.48
CA PRO K 1 -128.34 56.40 -60.86
C PRO K 1 -128.50 54.90 -61.02
N GLY K 2 -127.40 54.21 -61.30
CA GLY K 2 -127.42 52.76 -61.36
C GLY K 2 -126.87 52.21 -60.06
N ASP K 3 -127.50 51.13 -59.59
CA ASP K 3 -126.91 50.31 -58.51
C ASP K 3 -125.47 50.02 -58.94
N GLN K 4 -124.57 49.95 -57.97
CA GLN K 4 -123.15 50.08 -58.29
C GLN K 4 -122.26 49.19 -57.43
N ILE K 5 -121.50 48.31 -58.07
CA ILE K 5 -120.47 47.53 -57.37
C ILE K 5 -119.04 48.00 -57.64
N CYS K 6 -118.21 48.00 -56.59
CA CYS K 6 -116.84 48.46 -56.72
C CYS K 6 -115.82 47.42 -56.30
N ILE K 7 -114.59 47.56 -56.76
CA ILE K 7 -113.48 46.73 -56.29
C ILE K 7 -112.42 47.61 -55.64
N GLY K 8 -111.93 47.18 -54.49
CA GLY K 8 -111.00 47.99 -53.74
C GLY K 8 -110.26 47.15 -52.73
N TYR K 9 -109.36 47.79 -52.01
CA TYR K 9 -108.43 47.02 -51.23
C TYR K 9 -108.19 47.65 -49.87
N HIS K 10 -107.71 46.84 -48.93
CA HIS K 10 -107.55 47.25 -47.55
C HIS K 10 -106.60 48.45 -47.32
N ALA K 11 -106.85 49.19 -46.25
CA ALA K 11 -105.91 50.19 -45.71
C ALA K 11 -106.21 50.50 -44.24
N ASN K 12 -105.22 51.07 -43.54
CA ASN K 12 -105.40 51.38 -42.12
C ASN K 12 -104.52 52.51 -41.60
N ASN K 13 -104.48 52.63 -40.27
CA ASN K 13 -103.78 53.72 -39.62
C ASN K 13 -102.27 53.56 -39.71
N SER K 14 -101.81 52.39 -40.17
CA SER K 14 -100.42 51.97 -40.07
C SER K 14 -99.38 52.91 -40.67
N THR K 15 -98.16 52.83 -40.13
CA THR K 15 -97.06 53.66 -40.61
C THR K 15 -95.76 52.87 -40.87
N GLU K 16 -95.86 51.55 -40.90
CA GLU K 16 -94.73 50.69 -41.19
C GLU K 16 -94.11 50.94 -42.57
N LYS K 17 -92.80 51.16 -42.60
CA LYS K 17 -92.09 51.45 -43.85
C LYS K 17 -91.12 50.33 -44.27
N VAL K 18 -91.33 49.76 -45.46
CA VAL K 18 -90.34 48.84 -46.05
C VAL K 18 -89.67 49.47 -47.29
N ASP K 19 -88.63 48.83 -47.83
CA ASP K 19 -87.98 49.31 -49.05
C ASP K 19 -87.94 48.22 -50.11
N THR K 20 -87.97 48.61 -51.37
CA THR K 20 -87.86 47.64 -52.47
C THR K 20 -86.76 48.18 -53.40
N ILE K 21 -86.43 47.48 -54.47
CA ILE K 21 -85.37 47.97 -55.36
C ILE K 21 -85.86 49.18 -56.12
N LEU K 22 -87.07 49.07 -56.68
CA LEU K 22 -87.69 50.13 -57.47
C LEU K 22 -87.97 51.37 -56.62
N GLU K 23 -88.39 51.14 -55.37
CA GLU K 23 -88.94 52.18 -54.48
C GLU K 23 -88.48 51.96 -53.03
N ARG K 24 -88.19 53.04 -52.31
CA ARG K 24 -87.84 52.96 -50.89
C ARG K 24 -88.76 53.83 -50.06
N ASN K 25 -88.84 53.57 -48.77
CA ASN K 25 -89.76 54.24 -47.87
C ASN K 25 -91.24 54.09 -48.24
N VAL K 26 -91.62 52.84 -48.53
CA VAL K 26 -92.99 52.49 -48.91
C VAL K 26 -93.82 52.07 -47.70
N THR K 27 -94.76 52.92 -47.31
CA THR K 27 -95.66 52.60 -46.22
C THR K 27 -96.54 51.41 -46.57
N VAL K 28 -96.61 50.43 -45.69
CA VAL K 28 -97.50 49.31 -45.96
C VAL K 28 -98.53 49.11 -44.85
N THR K 29 -99.38 48.09 -45.01
CA THR K 29 -100.38 47.84 -44.00
C THR K 29 -99.75 47.00 -42.91
N HIS K 30 -99.07 45.93 -43.33
CA HIS K 30 -98.54 44.96 -42.39
C HIS K 30 -97.11 44.58 -42.78
N ALA K 31 -96.20 44.72 -41.83
CA ALA K 31 -94.79 44.42 -42.03
C ALA K 31 -94.30 43.43 -40.96
N LYS K 32 -93.01 43.10 -41.00
CA LYS K 32 -92.42 42.14 -40.05
C LYS K 32 -90.93 42.49 -39.89
N ASP K 33 -90.54 43.03 -38.74
CA ASP K 33 -89.12 43.29 -38.46
C ASP K 33 -88.46 41.95 -38.17
N ILE K 34 -87.52 41.56 -39.01
CA ILE K 34 -86.87 40.26 -38.84
C ILE K 34 -85.41 40.33 -38.37
N LEU K 35 -85.10 41.33 -37.53
CA LEU K 35 -83.72 41.59 -37.12
C LEU K 35 -83.62 42.18 -35.70
N GLU K 36 -83.19 41.35 -34.75
CA GLU K 36 -83.05 41.82 -33.37
C GLU K 36 -81.91 42.82 -33.24
N LYS K 37 -82.20 44.03 -32.76
CA LYS K 37 -81.13 45.00 -32.58
C LYS K 37 -80.82 45.24 -31.12
N THR K 38 -81.50 44.48 -30.24
CA THR K 38 -81.49 44.78 -28.81
C THR K 38 -80.99 43.68 -27.86
N HIS K 39 -80.06 44.04 -27.00
CA HIS K 39 -79.60 43.18 -25.92
C HIS K 39 -80.10 43.77 -24.61
N ASN K 40 -79.65 43.22 -23.48
CA ASN K 40 -79.85 43.92 -22.21
C ASN K 40 -78.65 44.80 -21.81
N GLY K 41 -77.51 44.16 -21.59
CA GLY K 41 -76.32 44.86 -21.16
C GLY K 41 -75.67 44.06 -20.05
N LYS K 42 -76.26 42.90 -19.77
CA LYS K 42 -75.77 42.00 -18.74
C LYS K 42 -74.88 40.93 -19.36
N LEU K 43 -74.12 40.22 -18.52
CA LEU K 43 -73.40 39.03 -18.95
C LEU K 43 -73.91 37.85 -18.09
N CYS K 44 -74.59 36.91 -18.74
CA CYS K 44 -75.52 36.00 -18.07
C CYS K 44 -75.15 34.54 -18.14
N LYS K 45 -76.03 33.69 -17.63
CA LYS K 45 -75.84 32.23 -17.71
C LYS K 45 -76.13 31.73 -19.12
N LEU K 46 -76.06 30.41 -19.32
CA LEU K 46 -76.26 29.84 -20.66
C LEU K 46 -76.72 28.38 -20.60
N ASN K 47 -78.02 28.16 -20.80
CA ASN K 47 -78.66 26.88 -20.54
C ASN K 47 -78.55 26.53 -19.07
N GLY K 48 -78.58 27.57 -18.24
CA GLY K 48 -78.52 27.46 -16.80
C GLY K 48 -77.16 27.77 -16.22
N ILE K 49 -76.13 27.26 -16.88
CA ILE K 49 -74.78 27.11 -16.34
C ILE K 49 -73.91 28.36 -16.48
N PRO K 50 -73.36 28.84 -15.36
CA PRO K 50 -72.64 30.12 -15.39
C PRO K 50 -71.35 30.04 -16.20
N PRO K 51 -70.76 31.20 -16.48
CA PRO K 51 -69.46 31.20 -17.17
C PRO K 51 -68.35 30.72 -16.23
N LEU K 52 -67.23 31.42 -16.29
CA LEU K 52 -66.06 31.13 -15.49
C LEU K 52 -65.34 32.46 -15.45
N GLU K 53 -65.73 33.31 -14.52
CA GLU K 53 -65.20 34.66 -14.49
C GLU K 53 -63.79 34.63 -13.90
N LEU K 54 -62.78 34.92 -14.71
CA LEU K 54 -61.40 34.86 -14.21
C LEU K 54 -61.03 36.14 -13.45
N GLY K 55 -61.57 37.26 -13.90
CA GLY K 55 -61.24 38.54 -13.29
C GLY K 55 -59.89 39.06 -13.74
N ASP K 56 -59.07 39.52 -12.81
CA ASP K 56 -57.73 40.04 -13.11
C ASP K 56 -56.76 38.90 -13.44
N CYS K 57 -57.32 37.69 -13.47
CA CYS K 57 -56.55 36.49 -13.75
C CYS K 57 -56.56 36.08 -15.24
N SER K 58 -55.41 35.59 -15.69
CA SER K 58 -55.23 35.04 -17.04
C SER K 58 -55.62 33.55 -17.14
N ILE K 59 -55.45 32.97 -18.32
CA ILE K 59 -55.72 31.55 -18.47
C ILE K 59 -54.50 30.84 -17.93
N ALA K 60 -53.34 31.48 -18.13
CA ALA K 60 -52.08 30.94 -17.67
C ALA K 60 -52.06 30.98 -16.15
N GLY K 61 -52.22 32.19 -15.61
CA GLY K 61 -52.33 32.38 -14.18
C GLY K 61 -53.24 31.37 -13.52
N TRP K 62 -54.35 31.05 -14.17
CA TRP K 62 -55.30 30.06 -13.64
C TRP K 62 -54.75 28.64 -13.68
N LEU K 63 -54.32 28.19 -14.85
CA LEU K 63 -53.92 26.79 -15.04
C LEU K 63 -52.63 26.40 -14.31
N LEU K 64 -51.76 27.39 -14.08
CA LEU K 64 -50.54 27.18 -13.30
C LEU K 64 -50.89 27.30 -11.85
N GLY K 65 -51.59 28.38 -11.50
CA GLY K 65 -52.07 28.54 -10.16
C GLY K 65 -51.42 29.68 -9.41
N ASN K 66 -51.16 30.78 -10.10
CA ASN K 66 -50.76 32.05 -9.46
C ASN K 66 -51.53 32.20 -8.14
N PRO K 67 -50.82 32.60 -7.08
CA PRO K 67 -51.43 32.61 -5.75
C PRO K 67 -52.62 33.58 -5.64
N GLU K 68 -52.53 34.72 -6.33
CA GLU K 68 -53.65 35.65 -6.41
C GLU K 68 -54.92 34.98 -6.93
N CYS K 69 -54.77 34.02 -7.83
CA CYS K 69 -55.92 33.35 -8.41
C CYS K 69 -56.26 32.04 -7.69
N ASP K 70 -56.11 32.03 -6.37
CA ASP K 70 -56.38 30.85 -5.59
C ASP K 70 -57.87 30.50 -5.63
N ARG K 71 -58.72 31.48 -5.99
CA ARG K 71 -60.16 31.22 -6.12
C ARG K 71 -60.47 30.10 -7.13
N LEU K 72 -59.66 30.03 -8.18
CA LEU K 72 -59.91 29.16 -9.33
C LEU K 72 -59.33 27.76 -9.13
N LEU K 73 -58.89 27.48 -7.92
CA LEU K 73 -58.20 26.22 -7.66
C LEU K 73 -59.13 25.05 -7.92
N SER K 74 -60.34 25.12 -7.37
CA SER K 74 -61.40 24.18 -7.71
C SER K 74 -62.53 24.95 -8.36
N VAL K 75 -62.98 24.46 -9.52
CA VAL K 75 -63.99 25.16 -10.32
C VAL K 75 -65.07 24.21 -10.85
N PRO K 76 -66.31 24.70 -10.90
CA PRO K 76 -67.49 23.94 -11.35
C PRO K 76 -67.52 23.86 -12.86
N GLU K 77 -68.47 23.12 -13.43
CA GLU K 77 -68.75 23.22 -14.86
C GLU K 77 -69.00 24.71 -15.26
N TRP K 78 -68.63 25.06 -16.50
CA TRP K 78 -68.89 26.39 -17.05
C TRP K 78 -69.62 26.31 -18.41
N SER K 79 -69.93 27.47 -18.99
CA SER K 79 -70.54 27.51 -20.31
C SER K 79 -69.61 28.25 -21.29
N TYR K 80 -68.90 29.23 -20.73
CA TYR K 80 -67.92 30.01 -21.46
C TYR K 80 -66.95 30.64 -20.46
N ILE K 81 -65.86 31.23 -20.94
CA ILE K 81 -64.84 31.76 -20.04
C ILE K 81 -64.65 33.25 -20.28
N MET K 82 -64.29 33.99 -19.24
CA MET K 82 -64.27 35.44 -19.33
C MET K 82 -62.92 36.06 -18.99
N GLU K 83 -62.04 36.09 -19.98
CA GLU K 83 -60.73 36.71 -19.83
C GLU K 83 -60.86 38.20 -20.02
N LYS K 84 -59.88 38.96 -19.58
CA LYS K 84 -59.83 40.38 -19.89
C LYS K 84 -58.89 40.61 -21.05
N GLU K 85 -58.67 41.86 -21.43
CA GLU K 85 -57.75 42.11 -22.53
C GLU K 85 -56.35 41.97 -21.99
N ASN K 86 -56.08 42.68 -20.90
CA ASN K 86 -54.77 42.68 -20.28
C ASN K 86 -54.90 42.33 -18.79
N PRO K 87 -55.15 41.04 -18.49
CA PRO K 87 -55.20 40.61 -17.08
C PRO K 87 -53.93 40.97 -16.31
N ARG K 88 -54.06 41.19 -15.01
CA ARG K 88 -52.91 41.58 -14.20
C ARG K 88 -52.18 40.31 -13.74
N ASP K 89 -52.94 39.24 -13.49
CA ASP K 89 -52.42 38.06 -12.81
C ASP K 89 -52.18 36.85 -13.68
N GLY K 90 -50.94 36.70 -14.15
CA GLY K 90 -50.56 35.52 -14.90
C GLY K 90 -49.23 34.95 -14.45
N LEU K 91 -48.23 35.09 -15.32
CA LEU K 91 -46.89 34.61 -15.07
C LEU K 91 -46.18 35.52 -14.07
N CYS K 92 -46.41 35.31 -12.78
CA CYS K 92 -45.78 36.13 -11.75
C CYS K 92 -44.27 36.02 -11.84
N TYR K 93 -43.75 34.81 -11.79
CA TYR K 93 -42.38 34.61 -12.22
C TYR K 93 -42.43 34.80 -13.72
N PRO K 94 -41.71 35.79 -14.24
CA PRO K 94 -41.81 36.11 -15.67
C PRO K 94 -41.46 34.92 -16.55
N GLY K 95 -41.83 35.01 -17.82
CA GLY K 95 -41.45 33.97 -18.75
C GLY K 95 -42.28 33.97 -20.01
N SER K 96 -42.56 32.77 -20.48
CA SER K 96 -43.19 32.54 -21.75
C SER K 96 -44.13 31.41 -21.56
N PHE K 97 -45.15 31.34 -22.40
CA PHE K 97 -45.98 30.16 -22.46
C PHE K 97 -46.08 29.73 -23.92
N ASN K 98 -45.59 28.54 -24.23
CA ASN K 98 -45.46 28.08 -25.62
C ASN K 98 -46.73 27.46 -26.17
N ASP K 99 -47.09 27.88 -27.37
CA ASP K 99 -48.34 27.47 -28.02
C ASP K 99 -49.55 27.88 -27.18
N TYR K 100 -49.51 29.10 -26.64
CA TYR K 100 -50.56 29.60 -25.75
C TYR K 100 -51.93 29.60 -26.44
N GLU K 101 -51.94 30.04 -27.70
CA GLU K 101 -53.17 30.26 -28.43
C GLU K 101 -53.86 28.98 -28.91
N GLU K 102 -53.08 27.91 -29.06
CA GLU K 102 -53.69 26.62 -29.39
C GLU K 102 -54.21 25.96 -28.13
N LEU K 103 -53.61 26.31 -27.00
CA LEU K 103 -54.14 25.89 -25.71
C LEU K 103 -55.49 26.57 -25.52
N LYS K 104 -55.52 27.90 -25.71
CA LYS K 104 -56.76 28.67 -25.61
C LYS K 104 -57.84 28.11 -26.54
N TYR K 105 -57.49 27.87 -27.81
CA TYR K 105 -58.45 27.28 -28.73
C TYR K 105 -58.83 25.87 -28.27
N LEU K 106 -57.98 25.24 -27.47
CA LEU K 106 -58.34 23.93 -26.91
C LEU K 106 -59.41 24.11 -25.83
N LEU K 107 -59.28 25.17 -25.04
CA LEU K 107 -60.22 25.47 -23.95
C LEU K 107 -61.56 25.97 -24.47
N SER K 108 -61.59 26.33 -25.75
CA SER K 108 -62.82 26.80 -26.37
C SER K 108 -63.74 25.62 -26.69
N SER K 109 -63.29 24.43 -26.33
CA SER K 109 -64.02 23.19 -26.60
C SER K 109 -64.08 22.34 -25.33
N VAL K 110 -63.85 22.98 -24.19
CA VAL K 110 -63.85 22.33 -22.88
C VAL K 110 -64.81 23.07 -21.95
N LYS K 111 -65.67 22.32 -21.26
CA LYS K 111 -66.65 22.89 -20.31
C LYS K 111 -66.32 22.56 -18.85
N HIS K 112 -65.64 21.44 -18.59
CA HIS K 112 -65.20 21.12 -17.22
C HIS K 112 -63.88 20.34 -17.09
N PHE K 113 -63.05 20.79 -16.15
CA PHE K 113 -61.76 20.15 -15.83
C PHE K 113 -61.80 19.38 -14.53
N GLU K 114 -60.80 18.53 -14.33
CA GLU K 114 -60.69 17.76 -13.10
C GLU K 114 -59.24 17.58 -12.68
N LYS K 115 -58.82 18.39 -11.70
CA LYS K 115 -57.44 18.46 -11.26
C LYS K 115 -56.97 17.19 -10.55
N VAL K 116 -56.12 16.44 -11.21
CA VAL K 116 -55.61 15.18 -10.66
C VAL K 116 -54.17 15.33 -10.16
N LYS K 117 -53.88 14.80 -8.98
CA LYS K 117 -52.50 14.79 -8.48
C LYS K 117 -51.75 13.59 -9.08
N ILE K 118 -50.88 13.86 -10.07
CA ILE K 118 -50.16 12.81 -10.81
C ILE K 118 -48.71 12.62 -10.41
N LEU K 119 -48.04 13.67 -9.97
CA LEU K 119 -46.68 13.58 -9.48
C LEU K 119 -46.59 14.39 -8.21
N PRO K 120 -47.13 13.83 -7.11
CA PRO K 120 -47.33 14.54 -5.84
C PRO K 120 -46.03 15.16 -5.39
N LYS K 121 -46.11 16.30 -4.73
CA LYS K 121 -44.91 17.05 -4.40
C LYS K 121 -43.89 16.23 -3.58
N ASP K 122 -44.38 15.51 -2.58
CA ASP K 122 -43.48 14.79 -1.66
C ASP K 122 -42.90 13.49 -2.22
N ARG K 123 -43.04 13.26 -3.53
CA ARG K 123 -42.44 12.09 -4.16
C ARG K 123 -40.94 12.32 -4.35
N TRP K 124 -40.57 13.60 -4.38
CA TRP K 124 -39.21 14.08 -4.71
C TRP K 124 -38.26 14.05 -3.50
N THR K 125 -37.86 12.83 -3.11
CA THR K 125 -37.16 12.55 -1.85
C THR K 125 -35.66 12.84 -1.90
N GLN K 126 -35.17 13.26 -3.07
CA GLN K 126 -33.75 13.55 -3.27
C GLN K 126 -33.51 15.00 -3.69
N HIS K 127 -34.59 15.74 -3.92
CA HIS K 127 -34.50 17.17 -4.24
C HIS K 127 -35.28 18.09 -3.29
N THR K 128 -35.05 19.39 -3.45
CA THR K 128 -35.70 20.43 -2.67
C THR K 128 -36.97 20.93 -3.37
N THR K 129 -38.13 20.52 -2.85
CA THR K 129 -39.43 20.85 -3.45
C THR K 129 -40.00 22.13 -2.85
N THR K 130 -39.36 22.61 -1.78
CA THR K 130 -39.81 23.80 -1.08
C THR K 130 -39.17 25.08 -1.61
N GLY K 131 -39.21 25.27 -2.94
CA GLY K 131 -38.72 26.49 -3.55
C GLY K 131 -39.67 27.65 -3.37
N GLY K 132 -39.54 28.67 -4.21
CA GLY K 132 -40.42 29.85 -4.17
C GLY K 132 -39.70 31.20 -4.28
N SER K 133 -40.37 32.22 -4.83
CA SER K 133 -39.77 33.56 -4.90
C SER K 133 -40.72 34.72 -4.63
N ARG K 134 -40.20 35.92 -4.82
CA ARG K 134 -40.87 37.15 -4.39
C ARG K 134 -41.81 37.76 -5.43
N ALA K 135 -41.64 37.34 -6.68
CA ALA K 135 -42.58 37.74 -7.71
C ALA K 135 -43.98 37.20 -7.40
N CYS K 136 -44.06 35.97 -6.90
CA CYS K 136 -45.33 35.34 -6.51
C CYS K 136 -45.53 35.40 -4.99
N ALA K 137 -45.45 36.62 -4.46
CA ALA K 137 -45.51 36.88 -3.02
C ALA K 137 -46.91 36.77 -2.38
N VAL K 138 -47.12 35.75 -1.55
CA VAL K 138 -48.32 35.60 -0.72
C VAL K 138 -48.12 36.20 0.68
N SER K 139 -48.68 37.40 0.92
CA SER K 139 -48.59 38.09 2.21
C SER K 139 -47.17 38.52 2.59
N GLY K 140 -46.37 38.90 1.61
CA GLY K 140 -44.99 39.31 1.87
C GLY K 140 -44.01 38.16 1.76
N ASN K 141 -44.43 36.99 2.24
CA ASN K 141 -43.64 35.76 2.19
C ASN K 141 -43.63 35.12 0.82
N PRO K 142 -42.45 34.98 0.20
CA PRO K 142 -42.29 34.32 -1.10
C PRO K 142 -43.06 33.01 -1.24
N SER K 143 -43.61 32.77 -2.43
CA SER K 143 -44.28 31.52 -2.74
C SER K 143 -44.11 31.16 -4.22
N PHE K 144 -45.14 30.52 -4.80
CA PHE K 144 -45.03 29.94 -6.13
C PHE K 144 -46.36 29.35 -6.64
N PHE K 145 -46.41 29.08 -7.93
CA PHE K 145 -47.54 28.41 -8.59
C PHE K 145 -47.93 27.19 -7.78
N ARG K 146 -49.22 27.05 -7.54
CA ARG K 146 -49.69 26.06 -6.58
C ARG K 146 -49.66 24.68 -7.20
N ASN K 147 -49.81 24.63 -8.52
CA ASN K 147 -49.84 23.36 -9.27
C ASN K 147 -48.45 22.95 -9.72
N MET K 148 -47.51 23.88 -9.52
CA MET K 148 -46.16 23.73 -10.04
C MET K 148 -45.07 23.56 -8.96
N VAL K 149 -44.20 22.57 -9.20
CA VAL K 149 -43.15 22.18 -8.26
C VAL K 149 -41.79 22.64 -8.75
N TRP K 150 -41.05 23.34 -7.90
CA TRP K 150 -39.74 23.87 -8.30
C TRP K 150 -38.59 23.01 -7.77
N LEU K 151 -38.14 22.08 -8.61
CA LEU K 151 -37.07 21.16 -8.27
C LEU K 151 -35.70 21.81 -8.21
N THR K 152 -35.25 22.09 -6.99
CA THR K 152 -33.90 22.59 -6.72
C THR K 152 -33.05 21.45 -6.10
N LYS K 153 -31.81 21.74 -5.68
CA LYS K 153 -30.87 20.71 -5.21
C LYS K 153 -30.92 20.53 -3.68
N LYS K 154 -30.67 19.30 -3.22
CA LYS K 154 -30.72 18.98 -1.80
C LYS K 154 -29.32 18.87 -1.23
N GLY K 155 -28.67 20.00 -1.02
CA GLY K 155 -27.31 20.02 -0.52
C GLY K 155 -26.34 19.42 -1.52
N SER K 156 -25.56 20.29 -2.16
CA SER K 156 -24.64 19.87 -3.22
C SER K 156 -25.32 19.17 -4.38
N ASP K 157 -25.79 17.94 -4.15
CA ASP K 157 -26.33 17.08 -5.22
C ASP K 157 -27.73 17.43 -5.75
N TYR K 158 -27.80 17.66 -7.06
CA TYR K 158 -29.05 17.63 -7.82
C TYR K 158 -29.00 16.37 -8.65
N PRO K 159 -29.34 15.23 -8.04
CA PRO K 159 -29.32 13.95 -8.74
C PRO K 159 -30.34 14.00 -9.85
N VAL K 160 -30.31 13.04 -10.77
CA VAL K 160 -31.24 13.11 -11.89
C VAL K 160 -32.66 12.98 -11.38
N ALA K 161 -33.48 13.99 -11.67
CA ALA K 161 -34.89 13.99 -11.31
C ALA K 161 -35.66 13.12 -12.28
N LYS K 162 -36.34 12.07 -11.77
CA LYS K 162 -37.17 11.24 -12.65
C LYS K 162 -38.64 11.16 -12.26
N GLY K 163 -39.51 11.26 -13.27
CA GLY K 163 -40.95 11.20 -13.07
C GLY K 163 -41.70 10.46 -14.16
N SER K 164 -42.88 9.94 -13.83
CA SER K 164 -43.77 9.34 -14.82
C SER K 164 -45.27 9.32 -14.44
N TYR K 165 -46.11 9.15 -15.45
CA TYR K 165 -47.54 8.96 -15.23
C TYR K 165 -48.25 8.34 -16.44
N ASN K 166 -48.96 7.24 -16.19
CA ASN K 166 -49.78 6.57 -17.19
C ASN K 166 -51.16 7.20 -17.10
N ASN K 167 -51.84 7.38 -18.22
CA ASN K 167 -53.10 8.14 -18.19
C ASN K 167 -54.33 7.28 -17.98
N THR K 168 -54.65 7.05 -16.72
CA THR K 168 -55.76 6.19 -16.36
C THR K 168 -56.96 6.99 -15.87
N SER K 169 -56.97 8.30 -16.14
CA SER K 169 -57.99 9.17 -15.58
C SER K 169 -59.39 8.95 -16.15
N GLY K 170 -59.47 8.37 -17.35
CA GLY K 170 -60.75 8.15 -18.01
C GLY K 170 -60.96 9.05 -19.22
N GLU K 171 -60.21 10.15 -19.27
CA GLU K 171 -60.26 11.08 -20.38
C GLU K 171 -58.88 11.73 -20.61
N GLN K 172 -58.67 12.33 -21.78
CA GLN K 172 -57.39 12.99 -22.10
C GLN K 172 -57.00 14.00 -21.04
N MET K 173 -55.70 14.15 -20.80
CA MET K 173 -55.27 15.02 -19.70
C MET K 173 -54.31 16.15 -20.07
N LEU K 174 -54.71 17.37 -19.75
CA LEU K 174 -53.87 18.53 -20.00
C LEU K 174 -52.75 18.58 -18.97
N ILE K 175 -51.51 18.36 -19.38
CA ILE K 175 -50.37 18.56 -18.48
C ILE K 175 -49.49 19.74 -18.88
N ILE K 176 -49.08 20.55 -17.90
CA ILE K 176 -48.12 21.63 -18.14
C ILE K 176 -46.78 21.41 -17.38
N TRP K 177 -45.68 21.81 -18.01
CA TRP K 177 -44.37 21.85 -17.36
C TRP K 177 -43.61 23.09 -17.77
N GLY K 178 -42.50 23.36 -17.09
CA GLY K 178 -41.71 24.54 -17.40
C GLY K 178 -40.20 24.37 -17.20
N VAL K 179 -39.39 25.18 -17.88
CA VAL K 179 -37.95 25.16 -17.66
C VAL K 179 -37.39 26.52 -17.21
N HIS K 180 -36.42 26.48 -16.31
CA HIS K 180 -35.99 27.68 -15.60
C HIS K 180 -34.78 28.31 -16.25
N HIS K 181 -34.90 29.59 -16.61
CA HIS K 181 -33.84 30.31 -17.29
C HIS K 181 -33.16 31.36 -16.40
N PRO K 182 -32.06 30.97 -15.76
CA PRO K 182 -31.44 31.78 -14.71
C PRO K 182 -30.73 33.01 -15.25
N ASN K 183 -30.53 34.02 -14.41
CA ASN K 183 -29.77 35.20 -14.78
C ASN K 183 -28.27 34.89 -15.00
N ASP K 184 -27.52 34.84 -13.91
CA ASP K 184 -26.11 34.55 -13.97
C ASP K 184 -25.81 33.07 -13.76
N GLU K 185 -24.55 32.70 -13.87
CA GLU K 185 -24.12 31.30 -13.67
C GLU K 185 -24.28 30.86 -12.22
N THR K 186 -24.06 31.80 -11.30
CA THR K 186 -24.12 31.49 -9.90
C THR K 186 -25.55 31.06 -9.52
N GLU K 187 -26.56 31.66 -10.14
CA GLU K 187 -27.93 31.17 -10.02
C GLU K 187 -27.99 29.70 -10.36
N GLN K 188 -27.48 29.37 -11.54
CA GLN K 188 -27.55 28.00 -12.06
C GLN K 188 -26.91 27.02 -11.10
N ARG K 189 -25.72 27.34 -10.60
CA ARG K 189 -25.01 26.50 -9.63
C ARG K 189 -25.78 26.33 -8.32
N THR K 190 -26.11 27.44 -7.66
CA THR K 190 -26.74 27.36 -6.35
C THR K 190 -28.12 26.71 -6.39
N LEU K 191 -28.70 26.62 -7.57
CA LEU K 191 -30.04 26.05 -7.69
C LEU K 191 -29.93 24.59 -8.11
N TYR K 192 -29.00 24.32 -9.02
CA TYR K 192 -28.95 23.04 -9.72
C TYR K 192 -27.56 22.37 -9.73
N GLN K 193 -26.73 22.67 -8.74
CA GLN K 193 -25.35 22.16 -8.71
C GLN K 193 -24.56 22.55 -9.96
N ASN K 194 -24.74 21.77 -11.01
CA ASN K 194 -23.98 21.92 -12.26
C ASN K 194 -24.64 22.77 -13.38
N VAL K 195 -23.81 23.33 -14.24
CA VAL K 195 -24.28 23.91 -15.50
C VAL K 195 -24.34 22.80 -16.53
N GLY K 196 -24.82 23.12 -17.73
CA GLY K 196 -24.97 22.11 -18.76
C GLY K 196 -25.96 21.02 -18.35
N THR K 197 -27.19 21.46 -18.07
CA THR K 197 -28.28 20.62 -17.62
C THR K 197 -29.26 20.51 -18.77
N TYR K 198 -30.14 19.51 -18.73
CA TYR K 198 -31.20 19.42 -19.72
C TYR K 198 -32.51 19.17 -19.03
N VAL K 199 -33.60 19.45 -19.75
CA VAL K 199 -34.93 19.05 -19.32
C VAL K 199 -35.51 18.26 -20.49
N SER K 200 -35.89 17.02 -20.25
CA SER K 200 -36.41 16.21 -21.34
C SER K 200 -37.77 15.62 -20.97
N VAL K 201 -38.80 15.96 -21.74
CA VAL K 201 -40.13 15.38 -21.52
C VAL K 201 -40.51 14.48 -22.68
N GLY K 202 -41.30 13.45 -22.40
CA GLY K 202 -41.61 12.47 -23.43
C GLY K 202 -42.89 11.69 -23.28
N THR K 203 -43.71 11.77 -24.32
CA THR K 203 -44.86 10.89 -24.47
C THR K 203 -44.57 10.02 -25.70
N SER K 204 -45.62 9.54 -26.34
CA SER K 204 -45.48 8.75 -27.55
C SER K 204 -45.49 9.66 -28.77
N THR K 205 -46.18 10.79 -28.65
CA THR K 205 -46.22 11.79 -29.71
C THR K 205 -45.08 12.79 -29.52
N LEU K 206 -44.65 12.94 -28.27
CA LEU K 206 -43.80 14.05 -27.86
C LEU K 206 -42.40 13.67 -27.37
N ASN K 207 -41.40 14.34 -27.93
CA ASN K 207 -40.05 14.25 -27.40
C ASN K 207 -39.32 15.59 -27.46
N LYS K 208 -39.43 16.36 -26.38
CA LYS K 208 -38.75 17.66 -26.28
C LYS K 208 -37.60 17.58 -25.30
N ARG K 209 -36.48 18.23 -25.65
CA ARG K 209 -35.28 18.15 -24.85
C ARG K 209 -34.61 19.51 -24.85
N SER K 210 -35.03 20.37 -23.92
CA SER K 210 -34.57 21.76 -23.89
C SER K 210 -33.38 21.95 -22.96
N THR K 211 -32.39 22.71 -23.41
CA THR K 211 -31.27 23.06 -22.58
C THR K 211 -31.46 24.53 -22.19
N PRO K 212 -31.38 24.84 -20.90
CA PRO K 212 -31.78 26.16 -20.42
C PRO K 212 -30.78 27.20 -20.89
N GLU K 213 -31.09 28.47 -20.69
CA GLU K 213 -30.27 29.55 -21.24
C GLU K 213 -29.92 30.57 -20.17
N ILE K 214 -28.79 30.40 -19.52
CA ILE K 214 -28.29 31.42 -18.61
C ILE K 214 -27.87 32.64 -19.42
N ALA K 215 -28.46 33.80 -19.12
CA ALA K 215 -28.17 35.04 -19.83
C ALA K 215 -28.85 36.26 -19.18
N THR K 216 -28.10 37.35 -19.04
CA THR K 216 -28.60 38.53 -18.33
C THR K 216 -29.74 39.29 -19.04
N ARG K 217 -30.87 39.43 -18.36
CA ARG K 217 -32.07 40.02 -18.97
C ARG K 217 -32.65 41.18 -18.15
N PRO K 218 -33.42 42.06 -18.81
CA PRO K 218 -34.01 43.24 -18.16
C PRO K 218 -35.01 42.88 -17.04
N LYS K 219 -34.89 43.55 -15.91
CA LYS K 219 -35.62 43.17 -14.72
C LYS K 219 -37.14 43.34 -14.86
N VAL K 220 -37.83 42.29 -15.30
CA VAL K 220 -39.29 42.22 -15.12
C VAL K 220 -39.55 41.68 -13.73
N ASN K 221 -40.46 42.33 -13.02
CA ASN K 221 -40.88 41.87 -11.70
C ASN K 221 -39.70 41.61 -10.75
N GLY K 222 -38.61 42.35 -10.98
CA GLY K 222 -37.40 42.23 -10.18
C GLY K 222 -36.40 41.28 -10.80
N LEU K 223 -36.89 40.35 -11.62
CA LEU K 223 -36.10 39.19 -12.05
C LEU K 223 -35.46 39.31 -13.43
N GLY K 224 -34.20 38.88 -13.52
CA GLY K 224 -33.52 38.72 -14.79
C GLY K 224 -33.62 37.29 -15.26
N SER K 225 -34.31 36.47 -14.47
CA SER K 225 -34.54 35.09 -14.85
C SER K 225 -35.98 34.89 -15.36
N ARG K 226 -36.21 33.79 -16.07
CA ARG K 226 -37.51 33.54 -16.66
C ARG K 226 -37.86 32.07 -16.63
N MET K 227 -39.16 31.77 -16.74
CA MET K 227 -39.61 30.39 -16.84
C MET K 227 -40.39 30.11 -18.13
N GLU K 228 -39.86 29.21 -18.95
CA GLU K 228 -40.45 28.89 -20.25
C GLU K 228 -41.39 27.68 -20.18
N PHE K 229 -42.68 27.95 -20.02
CA PHE K 229 -43.66 26.88 -19.90
C PHE K 229 -44.12 26.29 -21.21
N SER K 230 -44.37 24.99 -21.21
CA SER K 230 -44.99 24.33 -22.36
C SER K 230 -46.06 23.35 -21.89
N TRP K 231 -46.78 22.75 -22.82
CA TRP K 231 -47.88 21.87 -22.45
C TRP K 231 -48.13 20.74 -23.42
N THR K 232 -48.92 19.76 -22.98
CA THR K 232 -49.35 18.66 -23.84
C THR K 232 -50.64 17.99 -23.39
N LEU K 233 -51.40 17.54 -24.39
CA LEU K 233 -52.57 16.73 -24.14
C LEU K 233 -52.16 15.27 -24.08
N LEU K 234 -52.29 14.72 -22.90
CA LEU K 234 -51.86 13.35 -22.68
C LEU K 234 -52.99 12.40 -22.99
N ASP K 235 -52.82 11.65 -24.09
CA ASP K 235 -53.81 10.68 -24.56
C ASP K 235 -54.13 9.64 -23.48
N MET K 236 -55.34 9.07 -23.55
CA MET K 236 -55.74 8.02 -22.61
C MET K 236 -54.83 6.80 -22.75
N TRP K 237 -54.45 6.20 -21.63
CA TRP K 237 -53.50 5.08 -21.62
C TRP K 237 -52.17 5.39 -22.30
N ASP K 238 -51.78 6.66 -22.29
CA ASP K 238 -50.44 7.04 -22.74
C ASP K 238 -49.64 7.34 -21.47
N THR K 239 -48.32 7.49 -21.61
CA THR K 239 -47.46 7.66 -20.44
C THR K 239 -46.44 8.78 -20.61
N ILE K 240 -46.55 9.82 -19.77
CA ILE K 240 -45.60 10.93 -19.86
C ILE K 240 -44.35 10.72 -19.00
N ASN K 241 -43.22 11.19 -19.50
CA ASN K 241 -41.93 11.00 -18.83
C ASN K 241 -41.11 12.26 -18.63
N PHE K 242 -40.93 12.68 -17.38
CA PHE K 242 -39.99 13.74 -17.09
C PHE K 242 -38.61 13.18 -16.65
N GLU K 243 -37.54 13.82 -17.14
CA GLU K 243 -36.17 13.50 -16.73
C GLU K 243 -35.28 14.72 -16.90
N SER K 244 -34.71 15.19 -15.80
CA SER K 244 -33.93 16.43 -15.85
C SER K 244 -32.78 16.48 -14.84
N THR K 245 -31.63 16.94 -15.31
CA THR K 245 -30.48 17.13 -14.46
C THR K 245 -30.39 18.56 -13.94
N GLY K 246 -31.53 19.25 -13.98
CA GLY K 246 -31.62 20.60 -13.49
C GLY K 246 -32.62 21.46 -14.23
N ASN K 247 -33.11 22.50 -13.55
CA ASN K 247 -33.96 23.53 -14.15
C ASN K 247 -35.38 23.12 -14.50
N LEU K 248 -35.80 21.93 -14.05
CA LEU K 248 -37.15 21.50 -14.37
C LEU K 248 -38.17 22.08 -13.39
N ILE K 249 -39.14 22.85 -13.87
CA ILE K 249 -40.32 23.17 -13.06
C ILE K 249 -41.40 22.11 -13.38
N ALA K 250 -41.61 21.18 -12.44
CA ALA K 250 -42.45 20.02 -12.72
C ALA K 250 -43.93 20.25 -12.37
N PRO K 251 -44.84 19.56 -13.08
CA PRO K 251 -46.24 19.60 -12.65
C PRO K 251 -46.44 18.73 -11.43
N GLU K 252 -47.34 19.16 -10.55
CA GLU K 252 -47.83 18.26 -9.51
C GLU K 252 -49.12 17.67 -10.04
N TYR K 253 -49.78 18.45 -10.89
CA TYR K 253 -51.10 18.12 -11.35
C TYR K 253 -51.27 18.00 -12.86
N GLY K 254 -52.22 17.14 -13.22
CA GLY K 254 -52.79 17.16 -14.56
C GLY K 254 -54.25 17.59 -14.52
N PHE K 255 -54.75 18.08 -15.66
CA PHE K 255 -56.15 18.46 -15.81
C PHE K 255 -56.92 17.49 -16.70
N LYS K 256 -57.87 16.79 -16.08
CA LYS K 256 -58.68 15.85 -16.80
C LYS K 256 -59.89 16.59 -17.35
N ILE K 257 -60.05 16.54 -18.67
CA ILE K 257 -61.24 17.05 -19.32
C ILE K 257 -62.44 16.16 -18.94
N SER K 258 -63.33 16.71 -18.13
CA SER K 258 -64.54 16.00 -17.70
C SER K 258 -65.66 16.26 -18.71
N LYS K 259 -66.08 17.52 -18.81
CA LYS K 259 -67.10 17.90 -19.79
C LYS K 259 -66.46 18.53 -21.01
N ARG K 260 -66.56 17.81 -22.13
CA ARG K 260 -66.17 18.34 -23.42
C ARG K 260 -67.44 18.60 -24.23
N GLY K 261 -67.67 19.87 -24.52
CA GLY K 261 -68.69 20.30 -25.45
C GLY K 261 -68.17 21.63 -25.97
N SER K 262 -68.90 22.28 -26.85
CA SER K 262 -68.43 23.57 -27.35
C SER K 262 -68.66 24.66 -26.31
N SER K 263 -67.63 25.49 -26.11
CA SER K 263 -67.76 26.68 -25.29
C SER K 263 -67.13 27.86 -26.04
N GLY K 264 -66.46 28.76 -25.32
CA GLY K 264 -65.81 29.90 -25.93
C GLY K 264 -65.10 30.75 -24.89
N ILE K 265 -64.22 31.62 -25.37
CA ILE K 265 -63.53 32.54 -24.48
C ILE K 265 -63.86 33.98 -24.88
N MET K 266 -64.57 34.71 -24.02
CA MET K 266 -64.96 36.07 -24.34
C MET K 266 -64.02 37.11 -23.76
N LYS K 267 -63.70 38.12 -24.55
CA LYS K 267 -62.83 39.18 -24.07
C LYS K 267 -63.66 40.35 -23.51
N THR K 268 -64.11 40.21 -22.26
CA THR K 268 -64.80 41.27 -21.56
C THR K 268 -63.86 41.91 -20.52
N GLU K 269 -64.30 42.98 -19.89
CA GLU K 269 -63.58 43.56 -18.76
C GLU K 269 -64.62 43.83 -17.67
N GLY K 270 -65.75 43.14 -17.80
CA GLY K 270 -66.86 43.29 -16.91
C GLY K 270 -67.18 42.01 -16.15
N THR K 271 -68.26 42.06 -15.39
CA THR K 271 -68.59 41.02 -14.43
C THR K 271 -69.96 40.41 -14.67
N LEU K 272 -70.22 39.23 -14.12
CA LEU K 272 -71.45 38.53 -14.45
C LEU K 272 -72.62 38.82 -13.52
N GLU K 273 -73.83 38.82 -14.08
CA GLU K 273 -75.07 39.15 -13.37
C GLU K 273 -76.02 37.96 -13.22
N ASN K 274 -77.11 38.19 -12.48
CA ASN K 274 -78.17 37.20 -12.31
C ASN K 274 -79.20 37.38 -13.42
N CYS K 275 -79.29 36.35 -14.25
CA CYS K 275 -79.82 36.48 -15.60
C CYS K 275 -79.62 35.12 -16.23
N GLU K 276 -80.23 34.90 -17.38
CA GLU K 276 -80.15 33.59 -18.03
C GLU K 276 -80.58 33.74 -19.48
N THR K 277 -79.74 33.32 -20.42
CA THR K 277 -80.08 33.43 -21.83
C THR K 277 -79.74 32.11 -22.56
N LYS K 278 -79.85 32.10 -23.87
CA LYS K 278 -79.38 30.97 -24.65
C LYS K 278 -78.43 31.51 -25.70
N CYS K 279 -78.37 32.84 -25.78
CA CYS K 279 -77.45 33.51 -26.70
C CYS K 279 -76.81 34.71 -25.99
N GLN K 280 -75.51 34.86 -26.18
CA GLN K 280 -74.72 35.83 -25.42
C GLN K 280 -73.69 36.53 -26.31
N THR K 281 -73.62 37.85 -26.16
CA THR K 281 -72.61 38.67 -26.83
C THR K 281 -71.70 39.27 -25.77
N PRO K 282 -70.59 39.89 -26.17
CA PRO K 282 -69.84 40.74 -25.24
C PRO K 282 -70.63 41.94 -24.76
N LEU K 283 -71.45 42.51 -25.65
CA LEU K 283 -72.18 43.75 -25.34
C LEU K 283 -73.48 43.44 -24.59
N GLY K 284 -73.90 42.17 -24.64
CA GLY K 284 -75.09 41.76 -23.88
C GLY K 284 -75.68 40.40 -24.20
N ALA K 285 -76.97 40.24 -23.86
CA ALA K 285 -77.67 38.97 -24.01
C ALA K 285 -78.92 39.12 -24.87
N ILE K 286 -79.25 38.04 -25.56
CA ILE K 286 -80.29 38.09 -26.57
C ILE K 286 -81.46 37.14 -26.34
N ASN K 287 -82.62 37.74 -26.08
CA ASN K 287 -83.89 37.02 -26.11
C ASN K 287 -84.58 37.46 -27.40
N THR K 288 -84.71 36.53 -28.34
CA THR K 288 -85.35 36.83 -29.63
C THR K 288 -85.71 35.58 -30.43
N THR K 289 -86.62 35.75 -31.37
CA THR K 289 -87.05 34.64 -32.22
C THR K 289 -86.87 35.00 -33.71
N LEU K 290 -86.57 36.28 -33.94
CA LEU K 290 -86.13 36.76 -35.25
C LEU K 290 -84.88 36.00 -35.68
N PRO K 291 -84.79 35.66 -36.97
CA PRO K 291 -83.64 34.88 -37.46
C PRO K 291 -82.42 35.71 -37.88
N PHE K 292 -82.25 36.90 -37.33
CA PHE K 292 -81.07 37.73 -37.59
C PHE K 292 -80.84 38.65 -36.41
N HIS K 293 -79.61 39.07 -36.20
CA HIS K 293 -79.32 40.17 -35.28
C HIS K 293 -78.16 41.00 -35.78
N ASN K 294 -77.87 42.09 -35.08
CA ASN K 294 -76.79 42.94 -35.52
C ASN K 294 -76.01 43.54 -34.34
N VAL K 295 -76.14 42.87 -33.19
CA VAL K 295 -75.48 43.27 -31.96
C VAL K 295 -73.95 43.15 -32.04
N HIS K 296 -73.46 41.91 -31.98
CA HIS K 296 -72.02 41.63 -32.03
C HIS K 296 -71.75 40.30 -32.79
N PRO K 297 -70.70 40.24 -33.62
CA PRO K 297 -70.45 39.01 -34.39
C PRO K 297 -70.09 37.83 -33.51
N LEU K 298 -69.50 38.15 -32.36
CA LEU K 298 -68.84 37.18 -31.48
C LEU K 298 -69.80 36.59 -30.47
N THR K 299 -70.57 35.59 -30.89
CA THR K 299 -71.65 35.07 -30.06
C THR K 299 -71.41 33.63 -29.62
N ILE K 300 -71.69 33.33 -28.36
CA ILE K 300 -71.68 31.95 -27.88
C ILE K 300 -73.12 31.53 -27.63
N GLY K 301 -73.49 30.33 -28.06
CA GLY K 301 -74.81 29.81 -27.77
C GLY K 301 -75.73 29.66 -28.98
N GLU K 302 -76.95 29.19 -28.75
CA GLU K 302 -77.94 29.07 -29.84
C GLU K 302 -78.30 30.46 -30.34
N CYS K 303 -77.71 30.86 -31.47
CA CYS K 303 -77.86 32.25 -31.88
C CYS K 303 -78.50 32.50 -33.26
N PRO K 304 -79.26 33.60 -33.37
CA PRO K 304 -79.71 34.16 -34.65
C PRO K 304 -78.49 34.74 -35.34
N ARG K 305 -78.61 34.93 -36.65
CA ARG K 305 -77.44 34.98 -37.51
C ARG K 305 -77.01 36.40 -37.83
N TYR K 306 -75.78 36.73 -37.45
CA TYR K 306 -75.30 38.09 -37.48
C TYR K 306 -75.26 38.63 -38.90
N VAL K 307 -75.67 39.89 -39.07
CA VAL K 307 -75.46 40.63 -40.33
C VAL K 307 -75.08 42.07 -40.02
N LYS K 308 -74.36 42.71 -40.93
CA LYS K 308 -73.97 44.11 -40.78
C LYS K 308 -75.16 45.03 -41.18
N SER K 309 -76.38 44.52 -41.05
CA SER K 309 -77.56 45.24 -41.49
C SER K 309 -78.13 46.18 -40.42
N GLU K 310 -78.41 47.42 -40.81
CA GLU K 310 -79.02 48.40 -39.91
C GLU K 310 -80.48 48.06 -39.66
N LYS K 311 -81.15 47.61 -40.72
CA LYS K 311 -82.58 47.26 -40.70
C LYS K 311 -82.86 46.06 -41.63
N LEU K 312 -83.86 45.25 -41.29
CA LEU K 312 -84.35 44.22 -42.21
C LEU K 312 -85.85 44.01 -42.03
N VAL K 313 -86.64 44.74 -42.82
CA VAL K 313 -88.10 44.70 -42.74
C VAL K 313 -88.76 44.00 -43.93
N LEU K 314 -89.55 42.98 -43.61
CA LEU K 314 -90.27 42.16 -44.59
C LEU K 314 -91.68 42.70 -44.83
N ALA K 315 -92.12 42.69 -46.09
CA ALA K 315 -93.46 43.14 -46.42
C ALA K 315 -94.44 41.95 -46.40
N THR K 316 -95.31 41.92 -45.40
CA THR K 316 -96.37 40.92 -45.34
C THR K 316 -97.61 41.45 -46.03
N GLY K 317 -98.05 42.63 -45.62
CA GLY K 317 -99.27 43.22 -46.14
C GLY K 317 -99.13 43.76 -47.54
N LEU K 318 -100.05 44.65 -47.90
CA LEU K 318 -99.93 45.41 -49.13
C LEU K 318 -99.61 46.84 -48.80
N ARG K 319 -99.60 47.65 -49.84
CA ARG K 319 -99.30 49.06 -49.71
C ARG K 319 -100.48 49.73 -49.03
N ASN K 320 -100.22 50.58 -48.05
CA ASN K 320 -101.30 51.31 -47.41
C ASN K 320 -101.59 52.57 -48.20
N VAL K 321 -102.71 52.57 -48.90
CA VAL K 321 -103.06 53.68 -49.79
C VAL K 321 -104.24 54.47 -49.27
N PRO K 322 -104.04 55.78 -49.02
CA PRO K 322 -105.04 56.70 -48.48
C PRO K 322 -106.34 56.78 -49.29
N GLN K 323 -107.51 56.75 -48.64
CA GLN K 323 -108.78 56.82 -49.38
C GLN K 323 -109.18 58.25 -49.84
N ILE K 324 -110.22 58.32 -50.66
CA ILE K 324 -110.60 59.56 -51.35
C ILE K 324 -111.87 60.17 -50.76
N GLY L 1 -98.62 51.46 -59.77
CA GLY L 1 -98.22 50.09 -59.55
C GLY L 1 -97.44 49.48 -60.70
N LEU L 2 -97.39 48.15 -60.71
CA LEU L 2 -96.85 47.43 -61.86
C LEU L 2 -98.01 46.81 -62.62
N PHE L 3 -99.14 46.68 -61.94
CA PHE L 3 -100.34 46.14 -62.55
C PHE L 3 -101.45 47.17 -62.63
N GLY L 4 -101.14 48.36 -62.12
CA GLY L 4 -101.97 49.53 -62.32
C GLY L 4 -103.19 49.63 -61.42
N ALA L 5 -103.46 48.59 -60.65
CA ALA L 5 -104.63 48.57 -59.78
C ALA L 5 -104.46 49.52 -58.58
N ILE L 6 -103.60 49.13 -57.66
CA ILE L 6 -103.31 49.86 -56.42
C ILE L 6 -102.59 51.19 -56.67
N ALA L 7 -103.15 52.26 -56.12
CA ALA L 7 -102.69 53.63 -56.38
C ALA L 7 -102.69 53.98 -57.87
N GLY L 8 -103.56 53.29 -58.62
CA GLY L 8 -103.70 53.47 -60.06
C GLY L 8 -105.11 53.91 -60.48
N PHE L 9 -105.84 53.04 -61.16
CA PHE L 9 -107.21 53.40 -61.54
C PHE L 9 -108.11 53.40 -60.31
N ILE L 10 -107.85 52.46 -59.39
CA ILE L 10 -108.32 52.58 -58.02
C ILE L 10 -107.36 53.54 -57.31
N GLU L 11 -107.84 54.75 -57.01
CA GLU L 11 -106.95 55.79 -56.51
C GLU L 11 -106.53 55.61 -55.05
N GLY L 12 -107.26 54.78 -54.34
CA GLY L 12 -106.97 54.53 -52.95
C GLY L 12 -107.76 53.36 -52.44
N GLY L 13 -107.39 52.88 -51.27
CA GLY L 13 -108.08 51.75 -50.66
C GLY L 13 -108.94 52.19 -49.50
N TRP L 14 -109.70 51.25 -48.96
CA TRP L 14 -110.78 51.58 -48.05
C TRP L 14 -110.45 51.26 -46.59
N GLN L 15 -110.42 52.29 -45.75
CA GLN L 15 -110.21 52.08 -44.31
C GLN L 15 -111.38 51.30 -43.70
N GLY L 16 -112.55 51.40 -44.35
CA GLY L 16 -113.73 50.65 -43.91
C GLY L 16 -113.64 49.18 -44.28
N MET L 17 -112.75 48.85 -45.22
CA MET L 17 -112.51 47.47 -45.59
C MET L 17 -111.51 46.89 -44.58
N VAL L 18 -112.00 46.08 -43.64
CA VAL L 18 -111.16 45.66 -42.51
C VAL L 18 -111.21 44.17 -42.23
N ASP L 19 -112.14 43.48 -42.88
CA ASP L 19 -112.33 42.04 -42.69
C ASP L 19 -111.46 41.20 -43.64
N GLY L 20 -110.58 41.88 -44.37
CA GLY L 20 -109.81 41.25 -45.43
C GLY L 20 -108.95 42.26 -46.18
N TRP L 21 -108.26 41.78 -47.21
CA TRP L 21 -107.27 42.59 -47.93
C TRP L 21 -107.87 43.29 -49.14
N TYR L 22 -108.65 42.52 -49.90
CA TYR L 22 -109.25 42.96 -51.14
C TYR L 22 -110.74 42.68 -51.09
N GLY L 23 -111.51 43.41 -51.88
CA GLY L 23 -112.92 43.07 -52.03
C GLY L 23 -113.79 44.16 -52.61
N TYR L 24 -115.07 44.12 -52.25
CA TYR L 24 -116.08 44.92 -52.91
C TYR L 24 -116.69 46.04 -52.05
N HIS L 25 -117.37 46.96 -52.72
CA HIS L 25 -118.23 47.94 -52.06
C HIS L 25 -119.49 48.10 -52.88
N HIS L 26 -120.61 47.65 -52.34
CA HIS L 26 -121.87 47.76 -53.08
C HIS L 26 -122.76 48.91 -52.60
N SER L 27 -123.56 49.45 -53.51
CA SER L 27 -124.65 50.34 -53.11
C SER L 27 -125.86 50.18 -54.05
N ASN L 28 -126.81 49.36 -53.61
CA ASN L 28 -128.05 49.15 -54.35
C ASN L 28 -129.27 49.66 -53.59
N ASP L 29 -130.43 49.11 -53.94
CA ASP L 29 -131.67 49.55 -53.31
C ASP L 29 -131.78 49.18 -51.82
N GLN L 30 -131.54 47.92 -51.46
CA GLN L 30 -131.52 47.55 -50.05
C GLN L 30 -130.44 48.30 -49.25
N GLY L 31 -129.17 47.92 -49.40
CA GLY L 31 -128.12 48.46 -48.57
C GLY L 31 -126.99 49.26 -49.20
N SER L 32 -125.85 49.23 -48.54
CA SER L 32 -124.65 50.00 -48.90
C SER L 32 -123.52 49.57 -47.96
N GLY L 33 -122.58 48.73 -48.41
CA GLY L 33 -121.57 48.22 -47.50
C GLY L 33 -120.33 47.57 -48.09
N TYR L 34 -119.24 47.60 -47.32
CA TYR L 34 -117.99 46.93 -47.68
C TYR L 34 -118.08 45.49 -47.28
N ALA L 35 -117.52 44.63 -48.11
CA ALA L 35 -117.46 43.21 -47.78
C ALA L 35 -116.27 42.61 -48.50
N ALA L 36 -115.44 41.86 -47.79
CA ALA L 36 -114.21 41.34 -48.39
C ALA L 36 -114.43 40.08 -49.23
N ASP L 37 -113.41 39.78 -50.03
CA ASP L 37 -113.44 38.59 -50.87
C ASP L 37 -112.68 37.50 -50.15
N LYS L 38 -113.25 36.29 -50.15
CA LYS L 38 -112.67 35.17 -49.40
C LYS L 38 -111.49 34.56 -50.11
N GLU L 39 -111.74 33.99 -51.30
CA GLU L 39 -110.69 33.31 -52.06
C GLU L 39 -109.42 34.13 -52.31
N SER L 40 -109.58 35.39 -52.72
CA SER L 40 -108.43 36.25 -53.01
C SER L 40 -107.60 36.57 -51.78
N THR L 41 -108.26 36.86 -50.66
CA THR L 41 -107.55 37.20 -49.44
C THR L 41 -106.87 35.95 -48.87
N GLN L 42 -107.50 34.79 -49.04
CA GLN L 42 -106.94 33.53 -48.54
C GLN L 42 -105.78 33.04 -49.37
N LYS L 43 -105.93 33.12 -50.69
CA LYS L 43 -104.88 32.75 -51.61
C LYS L 43 -103.64 33.62 -51.40
N ALA L 44 -103.85 34.92 -51.22
CA ALA L 44 -102.75 35.85 -51.00
C ALA L 44 -102.08 35.64 -49.64
N PHE L 45 -102.90 35.37 -48.62
CA PHE L 45 -102.36 35.06 -47.30
C PHE L 45 -101.45 33.84 -47.35
N ASP L 46 -101.98 32.74 -47.88
CA ASP L 46 -101.20 31.52 -48.11
C ASP L 46 -99.89 31.84 -48.84
N GLY L 47 -99.98 32.72 -49.83
CA GLY L 47 -98.81 33.16 -50.56
C GLY L 47 -97.75 33.80 -49.67
N ILE L 48 -98.13 34.85 -48.96
CA ILE L 48 -97.19 35.64 -48.19
C ILE L 48 -96.59 34.91 -46.98
N THR L 49 -97.37 34.04 -46.35
CA THR L 49 -96.82 33.27 -45.26
C THR L 49 -95.82 32.26 -45.82
N ASN L 50 -96.19 31.60 -46.92
CA ASN L 50 -95.26 30.74 -47.63
C ASN L 50 -93.94 31.46 -47.94
N LYS L 51 -94.04 32.73 -48.33
CA LYS L 51 -92.87 33.53 -48.70
C LYS L 51 -91.99 33.87 -47.50
N VAL L 52 -92.60 34.27 -46.38
CA VAL L 52 -91.84 34.63 -45.17
C VAL L 52 -91.30 33.40 -44.44
N ASN L 53 -91.92 32.25 -44.69
CA ASN L 53 -91.40 30.98 -44.21
C ASN L 53 -90.21 30.58 -45.05
N SER L 54 -90.24 30.97 -46.32
CA SER L 54 -89.14 30.68 -47.23
C SER L 54 -88.03 31.75 -47.18
N VAL L 55 -88.16 32.69 -46.25
CA VAL L 55 -87.09 33.64 -45.96
C VAL L 55 -86.41 33.22 -44.67
N ILE L 56 -87.19 32.94 -43.65
CA ILE L 56 -86.64 32.51 -42.36
C ILE L 56 -86.12 31.06 -42.34
N GLU L 57 -86.21 30.34 -43.47
CA GLU L 57 -85.68 28.98 -43.55
C GLU L 57 -84.40 28.88 -44.39
N LYS L 58 -84.13 29.92 -45.17
CA LYS L 58 -83.04 29.91 -46.15
C LYS L 58 -81.66 30.29 -45.58
N MET L 59 -81.66 31.01 -44.46
CA MET L 59 -80.42 31.41 -43.79
C MET L 59 -80.47 30.88 -42.36
N ASN L 60 -80.30 29.57 -42.18
CA ASN L 60 -80.79 28.98 -40.93
C ASN L 60 -79.91 28.09 -40.02
N THR L 61 -79.41 28.70 -38.94
CA THR L 61 -79.22 28.07 -37.61
C THR L 61 -77.96 27.24 -37.29
N GLN L 62 -77.59 26.28 -38.14
CA GLN L 62 -76.30 25.54 -38.07
C GLN L 62 -75.49 25.59 -36.75
N PHE L 63 -74.22 25.97 -36.87
CA PHE L 63 -73.38 26.46 -35.76
C PHE L 63 -72.27 27.37 -36.33
N GLU L 64 -71.39 27.83 -35.46
CA GLU L 64 -70.27 28.73 -35.80
C GLU L 64 -69.57 29.05 -34.48
N ALA L 65 -69.73 30.31 -34.05
CA ALA L 65 -69.37 30.75 -32.70
C ALA L 65 -67.89 30.66 -32.28
N VAL L 66 -67.01 30.17 -33.16
CA VAL L 66 -65.59 30.03 -32.82
C VAL L 66 -64.75 31.27 -33.11
N GLY L 67 -64.29 31.93 -32.05
CA GLY L 67 -63.21 32.89 -32.16
C GLY L 67 -61.88 32.18 -31.94
N LYS L 68 -60.81 32.77 -32.48
CA LYS L 68 -59.47 32.21 -32.39
C LYS L 68 -58.53 33.35 -32.03
N GLU L 69 -57.38 33.03 -31.44
CA GLU L 69 -56.45 34.05 -30.99
C GLU L 69 -55.11 33.79 -31.65
N PHE L 70 -54.47 34.83 -32.17
CA PHE L 70 -53.19 34.60 -32.83
C PHE L 70 -52.03 35.36 -32.22
N SER L 71 -50.84 34.77 -32.37
CA SER L 71 -49.61 35.33 -31.83
C SER L 71 -49.10 36.52 -32.65
N ASN L 72 -47.97 37.05 -32.23
CA ASN L 72 -47.36 38.19 -32.87
C ASN L 72 -46.46 37.76 -34.01
N LEU L 73 -46.39 36.46 -34.27
CA LEU L 73 -45.64 35.99 -35.42
C LEU L 73 -46.53 35.21 -36.38
N GLU L 74 -47.82 35.08 -36.03
CA GLU L 74 -48.82 34.60 -36.98
C GLU L 74 -49.72 35.74 -37.46
N ARG L 75 -49.15 36.76 -38.07
CA ARG L 75 -49.93 37.96 -38.38
C ARG L 75 -50.71 37.75 -39.67
N ARG L 76 -50.07 37.04 -40.58
CA ARG L 76 -50.74 36.66 -41.81
C ARG L 76 -51.91 35.73 -41.53
N LEU L 77 -51.70 34.79 -40.62
CA LEU L 77 -52.75 33.88 -40.23
C LEU L 77 -53.93 34.67 -39.69
N GLU L 78 -53.67 35.58 -38.75
CA GLU L 78 -54.70 36.35 -38.07
C GLU L 78 -55.57 37.14 -39.04
N ASN L 79 -54.94 37.66 -40.08
CA ASN L 79 -55.62 38.46 -41.08
C ASN L 79 -56.49 37.62 -41.99
N LEU L 80 -56.01 36.42 -42.27
CA LEU L 80 -56.66 35.46 -43.13
C LEU L 80 -57.95 35.03 -42.46
N ASN L 81 -57.88 34.79 -41.16
CA ASN L 81 -59.05 34.56 -40.31
C ASN L 81 -59.99 35.75 -40.44
N LYS L 82 -59.46 36.94 -40.12
CA LYS L 82 -60.25 38.16 -40.17
C LYS L 82 -60.95 38.32 -41.52
N LYS L 83 -60.15 38.38 -42.58
CA LYS L 83 -60.68 38.49 -43.94
C LYS L 83 -61.76 37.45 -44.27
N MET L 84 -61.56 36.22 -43.80
CA MET L 84 -62.48 35.13 -44.08
C MET L 84 -63.84 35.35 -43.44
N GLU L 85 -63.82 35.91 -42.23
CA GLU L 85 -65.03 36.04 -41.45
C GLU L 85 -65.78 37.31 -41.83
N ASP L 86 -65.03 38.36 -42.16
CA ASP L 86 -65.65 39.56 -42.64
C ASP L 86 -66.20 39.28 -44.02
N GLY L 87 -65.42 38.51 -44.77
CA GLY L 87 -65.75 38.30 -46.17
C GLY L 87 -67.07 37.61 -46.25
N PHE L 88 -67.25 36.60 -45.41
CA PHE L 88 -68.49 35.85 -45.31
C PHE L 88 -69.62 36.69 -44.74
N LEU L 89 -69.33 37.39 -43.66
CA LEU L 89 -70.26 38.36 -43.10
C LEU L 89 -70.80 39.28 -44.21
N ASP L 90 -69.90 39.88 -44.98
CA ASP L 90 -70.31 40.74 -46.06
C ASP L 90 -71.17 40.03 -47.10
N VAL L 91 -70.82 38.80 -47.43
CA VAL L 91 -71.63 38.02 -48.37
C VAL L 91 -73.05 37.77 -47.84
N TRP L 92 -73.18 37.34 -46.58
CA TRP L 92 -74.52 37.03 -46.06
C TRP L 92 -75.38 38.28 -45.88
N THR L 93 -74.74 39.35 -45.42
CA THR L 93 -75.38 40.65 -45.30
C THR L 93 -76.03 41.05 -46.64
N TYR L 94 -75.25 41.03 -47.72
CA TYR L 94 -75.75 41.22 -49.08
C TYR L 94 -76.92 40.29 -49.39
N ASN L 95 -76.74 39.01 -49.15
CA ASN L 95 -77.78 38.03 -49.43
C ASN L 95 -79.10 38.29 -48.72
N ALA L 96 -79.02 38.70 -47.46
CA ALA L 96 -80.19 39.09 -46.69
C ALA L 96 -80.83 40.32 -47.32
N GLU L 97 -80.13 41.45 -47.20
CA GLU L 97 -80.61 42.71 -47.72
C GLU L 97 -81.20 42.63 -49.13
N LEU L 98 -80.50 41.99 -50.06
CA LEU L 98 -81.02 41.88 -51.42
C LEU L 98 -82.30 41.05 -51.46
N LEU L 99 -82.38 39.97 -50.70
CA LEU L 99 -83.58 39.19 -50.69
C LEU L 99 -84.74 39.95 -50.08
N VAL L 100 -84.48 40.79 -49.08
CA VAL L 100 -85.53 41.65 -48.52
C VAL L 100 -86.05 42.59 -49.60
N LEU L 101 -85.15 43.28 -50.28
CA LEU L 101 -85.56 44.26 -51.28
C LEU L 101 -86.34 43.60 -52.42
N MET L 102 -85.73 42.60 -53.03
CA MET L 102 -86.38 41.85 -54.09
C MET L 102 -87.76 41.36 -53.68
N GLU L 103 -87.86 40.64 -52.56
CA GLU L 103 -89.15 40.04 -52.17
C GLU L 103 -90.18 41.03 -51.60
N ASN L 104 -89.73 42.22 -51.27
CA ASN L 104 -90.65 43.29 -50.94
C ASN L 104 -91.33 43.81 -52.21
N GLU L 105 -90.51 44.08 -53.21
CA GLU L 105 -90.99 44.51 -54.50
C GLU L 105 -91.97 43.49 -55.04
N ARG L 106 -91.57 42.22 -55.12
CA ARG L 106 -92.45 41.18 -55.63
C ARG L 106 -93.72 40.95 -54.77
N THR L 107 -93.69 41.42 -53.53
CA THR L 107 -94.87 41.38 -52.66
C THR L 107 -95.94 42.41 -53.07
N LEU L 108 -95.56 43.67 -53.08
CA LEU L 108 -96.46 44.72 -53.50
C LEU L 108 -97.06 44.48 -54.90
N ASP L 109 -96.21 44.12 -55.86
CA ASP L 109 -96.69 43.79 -57.20
C ASP L 109 -97.61 42.56 -57.19
N PHE L 110 -97.50 41.74 -56.15
CA PHE L 110 -98.35 40.55 -56.00
C PHE L 110 -99.73 41.01 -55.58
N HIS L 111 -99.75 41.94 -54.65
CA HIS L 111 -101.00 42.54 -54.20
C HIS L 111 -101.69 43.27 -55.34
N ASP L 112 -100.93 44.05 -56.11
CA ASP L 112 -101.45 44.78 -57.26
C ASP L 112 -102.12 43.81 -58.23
N SER L 113 -101.38 42.76 -58.59
CA SER L 113 -101.87 41.72 -59.48
C SER L 113 -103.14 41.06 -58.97
N ASN L 114 -103.32 41.04 -57.66
CA ASN L 114 -104.46 40.38 -57.05
C ASN L 114 -105.72 41.21 -57.20
N VAL L 115 -105.59 42.48 -56.87
CA VAL L 115 -106.65 43.44 -57.07
C VAL L 115 -107.07 43.45 -58.54
N LYS L 116 -106.12 43.78 -59.41
CA LYS L 116 -106.37 43.75 -60.86
C LYS L 116 -106.99 42.45 -61.33
N ASN L 117 -106.59 41.32 -60.76
CA ASN L 117 -107.19 40.04 -61.14
C ASN L 117 -108.64 39.92 -60.68
N LEU L 118 -108.93 40.51 -59.53
CA LEU L 118 -110.29 40.58 -59.00
C LEU L 118 -111.23 41.37 -59.91
N TYR L 119 -110.94 42.66 -60.06
CA TYR L 119 -111.59 43.52 -61.03
C TYR L 119 -111.77 42.83 -62.36
N ASP L 120 -110.71 42.27 -62.91
CA ASP L 120 -110.82 41.57 -64.17
C ASP L 120 -111.82 40.39 -64.13
N LYS L 121 -111.89 39.71 -62.99
CA LYS L 121 -112.84 38.61 -62.85
C LYS L 121 -114.27 39.12 -62.84
N VAL L 122 -114.52 40.13 -62.03
CA VAL L 122 -115.86 40.68 -61.89
C VAL L 122 -116.32 41.31 -63.20
N ARG L 123 -115.43 42.11 -63.80
CA ARG L 123 -115.67 42.70 -65.11
C ARG L 123 -116.07 41.62 -66.13
N MET L 124 -115.17 40.71 -66.47
CA MET L 124 -115.46 39.76 -67.54
C MET L 124 -116.59 38.78 -67.27
N GLN L 125 -117.22 38.93 -66.11
CA GLN L 125 -118.38 38.12 -65.72
C GLN L 125 -119.67 38.89 -66.06
N LEU L 126 -119.80 40.06 -65.44
CA LEU L 126 -120.86 41.03 -65.74
C LEU L 126 -121.03 41.36 -67.23
N ARG L 127 -119.94 41.50 -67.96
CA ARG L 127 -120.00 41.92 -69.36
C ARG L 127 -120.69 43.28 -69.53
N ASP L 128 -121.49 43.42 -70.58
CA ASP L 128 -122.15 44.68 -70.95
C ASP L 128 -123.48 44.95 -70.25
N ASN L 129 -123.80 44.15 -69.23
CA ASN L 129 -124.93 44.44 -68.35
C ASN L 129 -124.60 45.55 -67.38
N VAL L 130 -123.41 46.10 -67.49
CA VAL L 130 -122.98 47.16 -66.61
C VAL L 130 -122.06 48.13 -67.31
N LYS L 131 -121.73 49.19 -66.59
CA LYS L 131 -120.97 50.28 -67.14
C LYS L 131 -119.62 50.41 -66.43
N GLU L 132 -118.54 50.35 -67.21
CA GLU L 132 -117.18 50.45 -66.68
C GLU L 132 -116.79 51.88 -66.36
N LEU L 133 -117.11 52.33 -65.15
CA LEU L 133 -116.89 53.72 -64.76
C LEU L 133 -115.44 54.17 -64.85
N GLY L 134 -114.49 53.23 -64.73
CA GLY L 134 -113.07 53.54 -64.85
C GLY L 134 -112.38 53.93 -63.55
N ASN L 135 -113.02 53.63 -62.42
CA ASN L 135 -112.51 53.96 -61.09
C ASN L 135 -112.50 52.68 -60.27
N GLY L 136 -112.76 51.56 -60.94
CA GLY L 136 -112.83 50.27 -60.30
C GLY L 136 -114.25 49.82 -60.00
N CYS L 137 -115.22 50.71 -60.19
CA CYS L 137 -116.62 50.42 -59.92
C CYS L 137 -117.38 50.05 -61.19
N PHE L 138 -118.48 49.32 -61.03
CA PHE L 138 -119.38 49.10 -62.15
C PHE L 138 -120.76 49.67 -61.85
N GLU L 139 -121.31 50.43 -62.80
CA GLU L 139 -122.69 50.90 -62.70
C GLU L 139 -123.60 49.87 -63.41
N PHE L 140 -124.60 49.37 -62.71
CA PHE L 140 -125.50 48.39 -63.29
C PHE L 140 -126.54 49.06 -64.20
N TYR L 141 -126.77 48.43 -65.35
CA TYR L 141 -127.84 48.84 -66.24
C TYR L 141 -129.14 48.20 -65.77
N HIS L 142 -129.04 47.24 -64.86
CA HIS L 142 -130.26 46.67 -64.27
C HIS L 142 -130.28 46.86 -62.76
N LYS L 143 -131.17 46.13 -62.10
CA LYS L 143 -131.33 46.25 -60.66
C LYS L 143 -130.67 45.04 -59.98
N CYS L 144 -129.80 45.31 -59.01
CA CYS L 144 -129.02 44.24 -58.38
C CYS L 144 -129.25 44.19 -56.86
N ASP L 145 -130.10 43.26 -56.43
CA ASP L 145 -130.46 43.11 -55.02
C ASP L 145 -129.36 42.41 -54.22
N ASP L 146 -129.38 42.56 -52.90
CA ASP L 146 -128.45 41.86 -52.01
C ASP L 146 -128.53 40.36 -52.22
N GLU L 147 -128.26 39.94 -53.45
CA GLU L 147 -128.54 38.59 -53.88
C GLU L 147 -127.90 38.42 -55.24
N CYS L 148 -128.22 39.35 -56.14
CA CYS L 148 -127.53 39.52 -57.41
C CYS L 148 -126.07 39.94 -57.16
N MET L 149 -125.88 40.81 -56.16
CA MET L 149 -124.56 41.15 -55.67
C MET L 149 -123.88 39.88 -55.16
N ASN L 150 -124.55 39.18 -54.27
CA ASN L 150 -124.02 37.94 -53.73
C ASN L 150 -123.70 36.91 -54.82
N SER L 151 -124.27 37.07 -56.01
CA SER L 151 -124.02 36.13 -57.11
C SER L 151 -122.76 36.52 -57.87
N VAL L 152 -122.54 37.83 -57.97
CA VAL L 152 -121.29 38.41 -58.46
C VAL L 152 -120.13 37.94 -57.60
N LYS L 153 -120.14 38.44 -56.35
CA LYS L 153 -119.07 38.26 -55.37
C LYS L 153 -118.56 36.84 -55.30
N ASN L 154 -119.43 35.86 -55.58
CA ASN L 154 -119.00 34.47 -55.59
C ASN L 154 -118.86 33.85 -56.98
N GLY L 155 -119.11 34.65 -58.03
CA GLY L 155 -118.80 34.22 -59.38
C GLY L 155 -119.83 33.30 -60.02
N THR L 156 -121.08 33.56 -59.70
CA THR L 156 -122.22 32.80 -60.18
C THR L 156 -123.22 33.72 -60.84
N TYR L 157 -122.74 34.80 -61.44
CA TYR L 157 -123.64 35.80 -61.98
C TYR L 157 -124.32 35.29 -63.25
N ASP L 158 -125.64 35.38 -63.27
CA ASP L 158 -126.39 34.98 -64.45
C ASP L 158 -126.50 36.16 -65.41
N TYR L 159 -125.62 36.21 -66.41
CA TYR L 159 -125.70 37.23 -67.45
C TYR L 159 -127.04 37.18 -68.20
N PRO L 160 -127.46 35.99 -68.67
CA PRO L 160 -128.65 36.04 -69.52
C PRO L 160 -129.96 36.33 -68.78
N LYS L 161 -129.91 36.32 -67.44
CA LYS L 161 -131.06 36.62 -66.60
C LYS L 161 -131.34 38.12 -66.62
N TYR L 162 -130.28 38.90 -66.51
CA TYR L 162 -130.41 40.34 -66.47
C TYR L 162 -129.96 40.96 -67.79
N GLU L 163 -129.82 40.13 -68.82
CA GLU L 163 -129.35 40.56 -70.15
C GLU L 163 -130.24 41.60 -70.81
N GLU L 164 -131.42 41.14 -71.19
CA GLU L 164 -132.40 41.92 -71.95
C GLU L 164 -132.91 43.12 -71.17
N GLU L 165 -132.93 43.02 -69.85
CA GLU L 165 -133.39 44.13 -69.04
C GLU L 165 -132.34 45.21 -69.10
N SER L 166 -131.08 44.78 -69.12
CA SER L 166 -129.92 45.67 -69.16
C SER L 166 -129.82 46.28 -70.53
N LYS L 167 -130.05 45.46 -71.55
CA LYS L 167 -130.12 45.95 -72.93
C LYS L 167 -131.14 47.08 -73.10
N LEU L 168 -132.40 46.81 -72.82
CA LEU L 168 -133.48 47.79 -72.97
C LEU L 168 -133.22 49.12 -72.25
N ASN L 169 -132.55 49.04 -71.09
CA ASN L 169 -132.16 50.22 -70.32
C ASN L 169 -130.97 50.91 -70.96
N ARG L 170 -130.20 50.12 -71.72
CA ARG L 170 -128.98 50.58 -72.40
C ARG L 170 -129.26 51.38 -73.68
N ASN L 171 -129.93 50.76 -74.63
CA ASN L 171 -130.39 51.47 -75.82
C ASN L 171 -131.61 52.28 -75.47
N GLU L 172 -131.40 53.45 -74.89
CA GLU L 172 -132.51 54.30 -74.47
C GLU L 172 -132.00 55.72 -74.28
N PRO M 1 35.32 -47.50 26.15
CA PRO M 1 35.80 -48.05 24.88
C PRO M 1 34.66 -48.73 24.14
N GLY M 2 33.47 -48.63 24.74
CA GLY M 2 32.47 -49.68 24.70
C GLY M 2 31.53 -49.95 23.55
N ASP M 3 31.15 -51.23 23.47
CA ASP M 3 30.02 -51.66 22.68
C ASP M 3 28.77 -51.09 23.36
N GLN M 4 27.86 -50.57 22.55
CA GLN M 4 26.64 -49.95 23.06
C GLN M 4 25.42 -50.80 22.68
N ILE M 5 24.28 -50.58 23.34
CA ILE M 5 22.96 -50.91 22.76
C ILE M 5 21.87 -49.94 23.25
N CYS M 6 21.06 -49.46 22.31
CA CYS M 6 20.08 -48.42 22.65
C CYS M 6 18.62 -48.81 22.34
N ILE M 7 17.69 -48.03 22.86
CA ILE M 7 16.29 -48.20 22.49
C ILE M 7 15.72 -46.87 22.00
N GLY M 8 15.01 -46.89 20.88
CA GLY M 8 14.51 -45.66 20.31
C GLY M 8 13.36 -45.90 19.36
N TYR M 9 12.89 -44.82 18.75
CA TYR M 9 11.69 -44.91 17.95
C TYR M 9 11.80 -44.18 16.61
N HIS M 10 10.68 -44.11 15.91
CA HIS M 10 10.59 -43.54 14.57
C HIS M 10 10.54 -41.99 14.60
N ALA M 11 11.05 -41.35 13.56
CA ALA M 11 10.72 -39.95 13.22
C ALA M 11 10.97 -39.76 11.72
N ASN M 12 10.44 -38.70 11.12
CA ASN M 12 10.59 -38.49 9.68
C ASN M 12 10.32 -37.08 9.15
N ASN M 13 10.19 -36.97 7.83
CA ASN M 13 10.05 -35.66 7.19
C ASN M 13 8.70 -34.99 7.45
N SER M 14 7.76 -35.74 8.03
CA SER M 14 6.34 -35.32 8.09
C SER M 14 6.00 -34.03 8.84
N THR M 15 4.85 -33.48 8.48
CA THR M 15 4.39 -32.20 8.98
C THR M 15 2.90 -32.27 9.34
N GLU M 16 2.37 -33.49 9.42
CA GLU M 16 0.99 -33.75 9.81
C GLU M 16 0.67 -33.30 11.25
N LYS M 17 -0.16 -32.28 11.38
CA LYS M 17 -0.54 -31.78 12.70
C LYS M 17 -1.84 -32.38 13.24
N VAL M 18 -1.83 -32.77 14.52
CA VAL M 18 -3.05 -33.15 15.25
C VAL M 18 -3.11 -32.42 16.59
N ASP M 19 -4.31 -32.28 17.12
CA ASP M 19 -4.48 -31.62 18.41
C ASP M 19 -4.88 -32.63 19.47
N THR M 20 -4.68 -32.26 20.74
CA THR M 20 -5.19 -33.04 21.86
C THR M 20 -5.75 -32.04 22.86
N ILE M 21 -6.03 -32.50 24.07
CA ILE M 21 -6.58 -31.60 25.08
C ILE M 21 -5.48 -30.80 25.76
N LEU M 22 -4.29 -31.40 25.83
CA LEU M 22 -3.17 -30.80 26.52
C LEU M 22 -2.39 -29.87 25.62
N GLU M 23 -2.45 -30.11 24.31
CA GLU M 23 -1.54 -29.41 23.41
C GLU M 23 -2.02 -29.42 21.99
N ARG M 24 -1.99 -28.26 21.33
CA ARG M 24 -2.47 -28.20 19.96
C ARG M 24 -1.31 -28.09 18.96
N ASN M 25 -1.64 -28.17 17.67
CA ASN M 25 -0.65 -28.10 16.60
C ASN M 25 0.51 -29.05 16.87
N VAL M 26 0.21 -30.30 17.23
CA VAL M 26 1.26 -31.27 17.55
C VAL M 26 1.73 -32.01 16.31
N THR M 27 2.97 -31.76 15.91
CA THR M 27 3.55 -32.53 14.81
C THR M 27 3.66 -33.98 15.23
N VAL M 28 3.13 -34.87 14.40
CA VAL M 28 3.21 -36.31 14.67
C VAL M 28 3.64 -37.01 13.41
N THR M 29 4.01 -38.28 13.54
CA THR M 29 4.58 -39.01 12.43
C THR M 29 3.51 -39.47 11.45
N HIS M 30 2.46 -40.08 11.97
CA HIS M 30 1.44 -40.68 11.12
C HIS M 30 0.05 -40.32 11.61
N ALA M 31 -0.78 -39.83 10.68
CA ALA M 31 -2.13 -39.40 11.01
C ALA M 31 -3.13 -39.97 10.01
N LYS M 32 -4.36 -39.49 10.16
CA LYS M 32 -5.48 -39.97 9.37
C LYS M 32 -6.59 -38.92 9.39
N ASP M 33 -6.83 -38.29 8.25
CA ASP M 33 -7.98 -37.42 8.11
C ASP M 33 -9.19 -38.33 7.98
N ILE M 34 -10.21 -38.08 8.80
CA ILE M 34 -11.40 -38.92 8.88
C ILE M 34 -12.67 -38.16 8.51
N LEU M 35 -12.54 -37.10 7.71
CA LEU M 35 -13.64 -36.18 7.46
C LEU M 35 -13.58 -35.65 6.04
N GLU M 36 -14.46 -36.17 5.19
CA GLU M 36 -14.54 -35.72 3.79
C GLU M 36 -15.01 -34.27 3.71
N LYS M 37 -14.30 -33.45 2.92
CA LYS M 37 -14.62 -32.01 2.80
C LYS M 37 -14.86 -31.59 1.36
N THR M 38 -14.88 -32.59 0.49
CA THR M 38 -14.84 -32.35 -0.94
C THR M 38 -15.92 -33.14 -1.66
N HIS M 39 -16.67 -32.41 -2.49
CA HIS M 39 -17.65 -32.98 -3.41
C HIS M 39 -17.06 -32.83 -4.80
N ASN M 40 -17.87 -33.01 -5.84
CA ASN M 40 -17.47 -32.56 -7.16
C ASN M 40 -18.15 -31.24 -7.49
N GLY M 41 -19.47 -31.26 -7.51
CA GLY M 41 -20.26 -30.09 -7.87
C GLY M 41 -21.32 -30.49 -8.87
N LYS M 42 -21.35 -31.78 -9.21
CA LYS M 42 -22.35 -32.34 -10.10
C LYS M 42 -23.60 -32.79 -9.32
N LEU M 43 -24.59 -33.25 -10.07
CA LEU M 43 -25.79 -33.83 -9.49
C LEU M 43 -26.08 -35.08 -10.30
N CYS M 44 -25.79 -36.22 -9.71
CA CYS M 44 -25.62 -37.44 -10.48
C CYS M 44 -26.66 -38.50 -10.15
N LYS M 45 -26.40 -39.71 -10.60
CA LYS M 45 -27.28 -40.83 -10.30
C LYS M 45 -26.98 -41.38 -8.90
N LEU M 46 -27.51 -42.56 -8.58
CA LEU M 46 -27.44 -43.07 -7.22
C LEU M 46 -27.85 -44.53 -7.21
N ASN M 47 -26.87 -45.42 -7.04
CA ASN M 47 -27.06 -46.86 -7.26
C ASN M 47 -27.49 -47.14 -8.70
N GLY M 48 -27.01 -46.31 -9.62
CA GLY M 48 -27.29 -46.46 -11.04
C GLY M 48 -28.44 -45.61 -11.54
N ILE M 49 -29.46 -45.44 -10.68
CA ILE M 49 -30.73 -44.84 -11.06
C ILE M 49 -30.76 -43.31 -10.99
N PRO M 50 -31.06 -42.65 -12.12
CA PRO M 50 -31.11 -41.19 -12.27
C PRO M 50 -32.21 -40.58 -11.42
N PRO M 51 -32.14 -39.27 -11.19
CA PRO M 51 -33.16 -38.59 -10.40
C PRO M 51 -34.53 -38.50 -11.08
N LEU M 52 -35.22 -37.40 -10.79
CA LEU M 52 -36.47 -37.05 -11.43
C LEU M 52 -36.45 -35.55 -11.48
N GLU M 53 -35.94 -35.03 -12.59
CA GLU M 53 -35.61 -33.61 -12.67
C GLU M 53 -36.81 -32.83 -13.14
N LEU M 54 -37.46 -32.14 -12.22
CA LEU M 54 -38.72 -31.49 -12.55
C LEU M 54 -38.54 -30.25 -13.41
N GLY M 55 -37.41 -29.57 -13.26
CA GLY M 55 -37.19 -28.35 -14.01
C GLY M 55 -38.06 -27.23 -13.47
N ASP M 56 -38.78 -26.55 -14.36
CA ASP M 56 -39.60 -25.40 -13.98
C ASP M 56 -40.93 -25.80 -13.34
N CYS M 57 -41.25 -27.10 -13.37
CA CYS M 57 -42.52 -27.65 -12.87
C CYS M 57 -42.56 -27.77 -11.34
N SER M 58 -43.77 -27.84 -10.79
CA SER M 58 -43.95 -28.14 -9.37
C SER M 58 -44.35 -29.60 -9.19
N ILE M 59 -44.31 -30.08 -7.94
CA ILE M 59 -44.90 -31.38 -7.63
C ILE M 59 -46.37 -31.34 -8.03
N ALA M 60 -47.03 -30.22 -7.70
CA ALA M 60 -48.39 -29.93 -8.14
C ALA M 60 -48.48 -30.14 -9.64
N GLY M 61 -47.98 -29.15 -10.38
CA GLY M 61 -47.85 -29.20 -11.82
C GLY M 61 -47.70 -30.60 -12.37
N TRP M 62 -46.64 -31.28 -11.94
CA TRP M 62 -46.40 -32.65 -12.39
C TRP M 62 -47.58 -33.64 -12.14
N LEU M 63 -48.12 -33.63 -10.93
CA LEU M 63 -49.10 -34.66 -10.55
C LEU M 63 -50.52 -34.39 -11.08
N LEU M 64 -50.83 -33.12 -11.33
CA LEU M 64 -52.08 -32.74 -11.99
C LEU M 64 -51.94 -32.94 -13.49
N GLY M 65 -50.89 -32.36 -14.05
CA GLY M 65 -50.62 -32.53 -15.46
C GLY M 65 -50.74 -31.24 -16.22
N ASN M 66 -50.35 -30.12 -15.61
CA ASN M 66 -50.18 -28.85 -16.30
C ASN M 66 -49.53 -29.16 -17.64
N PRO M 67 -49.99 -28.49 -18.71
CA PRO M 67 -49.54 -28.83 -20.06
C PRO M 67 -48.04 -28.59 -20.29
N GLU M 68 -47.51 -27.54 -19.68
CA GLU M 68 -46.08 -27.26 -19.74
C GLU M 68 -45.23 -28.44 -19.28
N CYS M 69 -45.80 -29.28 -18.43
CA CYS M 69 -45.05 -30.38 -17.85
C CYS M 69 -45.44 -31.71 -18.52
N ASP M 70 -45.69 -31.65 -19.83
CA ASP M 70 -46.10 -32.82 -20.60
C ASP M 70 -44.98 -33.88 -20.71
N ARG M 71 -43.76 -33.51 -20.34
CA ARG M 71 -42.64 -34.45 -20.35
C ARG M 71 -42.81 -35.57 -19.32
N LEU M 72 -43.41 -35.20 -18.19
CA LEU M 72 -43.49 -36.04 -17.00
C LEU M 72 -44.68 -36.99 -17.00
N LEU M 73 -45.39 -37.04 -18.11
CA LEU M 73 -46.65 -37.78 -18.16
C LEU M 73 -46.42 -39.26 -17.92
N SER M 74 -45.28 -39.74 -18.41
CA SER M 74 -44.78 -41.06 -18.07
C SER M 74 -43.32 -40.90 -17.68
N VAL M 75 -42.96 -41.56 -16.59
CA VAL M 75 -41.69 -41.31 -15.93
C VAL M 75 -41.16 -42.61 -15.32
N PRO M 76 -39.86 -42.84 -15.50
CA PRO M 76 -39.23 -44.10 -15.10
C PRO M 76 -39.02 -44.11 -13.60
N GLU M 77 -38.41 -45.17 -13.09
CA GLU M 77 -37.98 -45.22 -11.70
C GLU M 77 -37.02 -44.06 -11.43
N TRP M 78 -37.16 -43.42 -10.28
CA TRP M 78 -36.18 -42.42 -9.88
C TRP M 78 -35.42 -42.84 -8.62
N SER M 79 -34.53 -41.97 -8.15
CA SER M 79 -33.76 -42.23 -6.94
C SER M 79 -34.00 -41.06 -6.03
N TYR M 80 -34.14 -39.89 -6.64
CA TYR M 80 -34.65 -38.71 -5.95
C TYR M 80 -35.35 -37.73 -6.90
N ILE M 81 -35.77 -36.60 -6.35
CA ILE M 81 -36.67 -35.68 -7.04
C ILE M 81 -36.13 -34.28 -6.93
N MET M 82 -36.05 -33.59 -8.06
CA MET M 82 -35.38 -32.30 -8.10
C MET M 82 -36.32 -31.13 -8.39
N GLU M 83 -36.90 -30.57 -7.33
CA GLU M 83 -37.77 -29.41 -7.42
C GLU M 83 -36.93 -28.15 -7.51
N LYS M 84 -37.57 -26.99 -7.67
CA LYS M 84 -36.87 -25.70 -7.57
C LYS M 84 -37.39 -24.98 -6.36
N GLU M 85 -36.90 -23.77 -6.10
CA GLU M 85 -37.37 -23.10 -4.91
C GLU M 85 -38.72 -22.46 -5.16
N ASN M 86 -38.88 -21.88 -6.36
CA ASN M 86 -40.15 -21.32 -6.78
C ASN M 86 -40.42 -21.68 -8.23
N PRO M 87 -40.74 -22.96 -8.51
CA PRO M 87 -41.01 -23.39 -9.89
C PRO M 87 -42.04 -22.48 -10.53
N ARG M 88 -42.06 -22.46 -11.86
CA ARG M 88 -42.98 -21.58 -12.59
C ARG M 88 -44.29 -22.29 -12.89
N ASP M 89 -44.20 -23.59 -13.12
CA ASP M 89 -45.33 -24.37 -13.63
C ASP M 89 -45.98 -25.26 -12.60
N GLY M 90 -46.89 -24.69 -11.82
CA GLY M 90 -47.68 -25.49 -10.91
C GLY M 90 -49.14 -25.23 -11.18
N LEU M 91 -49.77 -24.50 -10.27
CA LEU M 91 -51.20 -24.22 -10.35
C LEU M 91 -51.51 -23.14 -11.40
N CYS M 92 -51.75 -23.56 -12.65
CA CYS M 92 -51.97 -22.62 -13.75
C CYS M 92 -53.31 -21.92 -13.62
N TYR M 93 -54.37 -22.71 -13.65
CA TYR M 93 -55.64 -22.25 -13.15
C TYR M 93 -55.49 -22.18 -11.63
N PRO M 94 -55.58 -20.98 -11.06
CA PRO M 94 -55.22 -20.68 -9.67
C PRO M 94 -55.97 -21.43 -8.59
N GLY M 95 -55.39 -21.49 -7.39
CA GLY M 95 -56.09 -22.03 -6.23
C GLY M 95 -55.24 -22.52 -5.07
N SER M 96 -55.50 -23.76 -4.66
CA SER M 96 -54.91 -24.35 -3.47
C SER M 96 -54.51 -25.78 -3.74
N PHE M 97 -53.71 -26.34 -2.85
CA PHE M 97 -53.48 -27.77 -2.84
C PHE M 97 -53.35 -28.15 -1.37
N ASN M 98 -54.35 -28.87 -0.88
CA ASN M 98 -54.48 -29.10 0.54
C ASN M 98 -53.61 -30.23 1.07
N ASP M 99 -52.98 -29.96 2.21
CA ASP M 99 -52.04 -30.88 2.81
C ASP M 99 -50.98 -31.17 1.74
N TYR M 100 -50.35 -30.12 1.24
CA TYR M 100 -49.37 -30.22 0.14
C TYR M 100 -48.08 -30.91 0.62
N GLU M 101 -47.60 -30.46 1.77
CA GLU M 101 -46.37 -30.94 2.33
C GLU M 101 -46.51 -32.37 2.82
N GLU M 102 -47.68 -32.73 3.34
CA GLU M 102 -47.94 -34.11 3.73
C GLU M 102 -47.83 -35.04 2.51
N LEU M 103 -48.12 -34.48 1.33
CA LEU M 103 -47.98 -35.23 0.08
C LEU M 103 -46.52 -35.34 -0.27
N LYS M 104 -45.78 -34.25 -0.08
CA LYS M 104 -44.38 -34.24 -0.46
C LYS M 104 -43.56 -35.13 0.46
N TYR M 105 -43.90 -35.09 1.74
CA TYR M 105 -43.31 -36.01 2.68
C TYR M 105 -43.61 -37.43 2.20
N LEU M 106 -44.80 -37.64 1.64
CA LEU M 106 -45.13 -38.97 1.10
C LEU M 106 -44.25 -39.38 -0.10
N LEU M 107 -43.95 -38.43 -1.00
CA LEU M 107 -43.16 -38.71 -2.21
C LEU M 107 -41.69 -38.98 -1.93
N SER M 108 -41.26 -38.61 -0.71
CA SER M 108 -39.92 -38.86 -0.23
C SER M 108 -39.75 -40.33 0.13
N SER M 109 -40.86 -41.06 0.13
CA SER M 109 -40.80 -42.49 0.37
C SER M 109 -41.21 -43.24 -0.89
N VAL M 110 -41.32 -42.52 -2.01
CA VAL M 110 -41.72 -43.15 -3.27
C VAL M 110 -40.67 -43.05 -4.38
N LYS M 111 -40.39 -44.21 -4.98
CA LYS M 111 -39.42 -44.32 -6.04
C LYS M 111 -40.06 -44.49 -7.41
N HIS M 112 -41.25 -45.08 -7.47
CA HIS M 112 -41.93 -45.23 -8.77
C HIS M 112 -43.46 -45.18 -8.70
N PHE M 113 -44.03 -44.51 -9.70
CA PHE M 113 -45.47 -44.40 -9.87
C PHE M 113 -45.94 -45.16 -11.10
N GLU M 114 -47.23 -45.51 -11.10
CA GLU M 114 -47.83 -46.12 -12.27
C GLU M 114 -49.20 -45.49 -12.47
N LYS M 115 -49.31 -44.67 -13.52
CA LYS M 115 -50.54 -43.92 -13.77
C LYS M 115 -51.59 -44.84 -14.33
N VAL M 116 -52.71 -44.95 -13.61
CA VAL M 116 -53.80 -45.81 -14.03
C VAL M 116 -55.02 -44.97 -14.39
N LYS M 117 -55.63 -45.25 -15.53
CA LYS M 117 -56.89 -44.63 -15.87
C LYS M 117 -57.93 -45.35 -15.02
N ILE M 118 -58.47 -44.64 -14.04
CA ILE M 118 -59.43 -45.23 -13.11
C ILE M 118 -60.84 -44.72 -13.34
N LEU M 119 -60.92 -43.50 -13.86
CA LEU M 119 -62.18 -42.92 -14.25
C LEU M 119 -61.94 -42.22 -15.58
N PRO M 120 -62.00 -42.98 -16.68
CA PRO M 120 -61.69 -42.53 -18.04
C PRO M 120 -62.60 -41.40 -18.48
N LYS M 121 -62.07 -40.46 -19.27
CA LYS M 121 -62.77 -39.21 -19.56
C LYS M 121 -64.12 -39.39 -20.25
N ASP M 122 -64.23 -40.48 -21.01
CA ASP M 122 -65.45 -40.78 -21.74
C ASP M 122 -66.37 -41.71 -20.96
N ARG M 123 -66.28 -41.66 -19.64
CA ARG M 123 -67.28 -42.35 -18.85
C ARG M 123 -68.43 -41.39 -18.60
N TRP M 124 -68.15 -40.09 -18.77
CA TRP M 124 -69.09 -39.05 -18.34
C TRP M 124 -70.15 -38.66 -19.38
N THR M 125 -70.96 -39.65 -19.75
CA THR M 125 -71.93 -39.57 -20.82
C THR M 125 -72.96 -38.45 -20.65
N GLN M 126 -73.09 -37.96 -19.42
CA GLN M 126 -74.11 -36.97 -19.12
C GLN M 126 -73.52 -35.62 -18.82
N HIS M 127 -72.20 -35.52 -18.91
CA HIS M 127 -71.56 -34.23 -18.67
C HIS M 127 -70.63 -33.76 -19.79
N THR M 128 -70.25 -32.48 -19.71
CA THR M 128 -69.35 -31.87 -20.67
C THR M 128 -67.89 -31.99 -20.24
N THR M 129 -67.22 -33.01 -20.74
CA THR M 129 -65.87 -33.35 -20.32
C THR M 129 -64.80 -32.59 -21.10
N THR M 130 -65.24 -31.77 -22.03
CA THR M 130 -64.33 -31.03 -22.90
C THR M 130 -64.29 -29.55 -22.48
N GLY M 131 -63.92 -29.31 -21.22
CA GLY M 131 -63.78 -27.97 -20.69
C GLY M 131 -62.45 -27.34 -21.08
N GLY M 132 -61.97 -26.40 -20.26
CA GLY M 132 -60.68 -25.79 -20.53
C GLY M 132 -60.66 -24.28 -20.42
N SER M 133 -59.48 -23.73 -20.07
CA SER M 133 -59.35 -22.28 -19.91
C SER M 133 -57.99 -21.82 -20.39
N ARG M 134 -57.74 -20.52 -20.23
CA ARG M 134 -56.61 -19.85 -20.87
C ARG M 134 -55.35 -19.72 -20.03
N ALA M 135 -55.48 -19.86 -18.71
CA ALA M 135 -54.30 -19.91 -17.87
C ALA M 135 -53.55 -21.19 -18.24
N CYS M 136 -54.33 -22.21 -18.59
CA CYS M 136 -53.79 -23.46 -19.11
C CYS M 136 -53.65 -23.42 -20.64
N ALA M 137 -53.10 -22.32 -21.19
CA ALA M 137 -53.02 -22.14 -22.64
C ALA M 137 -51.96 -23.01 -23.34
N VAL M 138 -52.41 -23.98 -24.12
CA VAL M 138 -51.55 -24.79 -24.99
C VAL M 138 -51.54 -24.23 -26.41
N SER M 139 -50.44 -23.57 -26.81
CA SER M 139 -50.30 -22.98 -28.15
C SER M 139 -51.32 -21.85 -28.42
N GLY M 140 -51.67 -21.09 -27.39
CA GLY M 140 -52.69 -20.04 -27.51
C GLY M 140 -54.10 -20.53 -27.22
N ASN M 141 -54.43 -21.71 -27.75
CA ASN M 141 -55.71 -22.38 -27.52
C ASN M 141 -55.84 -22.85 -26.07
N PRO M 142 -56.92 -22.46 -25.39
CA PRO M 142 -57.19 -22.96 -24.02
C PRO M 142 -57.25 -24.49 -23.89
N SER M 143 -56.84 -24.99 -22.71
CA SER M 143 -56.82 -26.42 -22.38
C SER M 143 -56.85 -26.60 -20.85
N PHE M 144 -56.30 -27.71 -20.35
CA PHE M 144 -56.46 -28.08 -18.95
C PHE M 144 -55.42 -29.11 -18.48
N PHE M 145 -55.37 -29.33 -17.17
CA PHE M 145 -54.58 -30.41 -16.58
C PHE M 145 -54.88 -31.73 -17.27
N ARG M 146 -53.86 -32.43 -17.74
CA ARG M 146 -54.14 -33.60 -18.59
C ARG M 146 -54.70 -34.75 -17.78
N ASN M 147 -54.46 -34.74 -16.48
CA ASN M 147 -54.95 -35.84 -15.64
C ASN M 147 -56.31 -35.51 -15.02
N MET M 148 -56.67 -34.22 -15.07
CA MET M 148 -57.91 -33.75 -14.45
C MET M 148 -59.09 -33.51 -15.42
N VAL M 149 -60.30 -33.84 -14.97
CA VAL M 149 -61.49 -33.77 -15.81
C VAL M 149 -62.45 -32.70 -15.32
N TRP M 150 -62.78 -31.74 -16.20
CA TRP M 150 -63.67 -30.64 -15.84
C TRP M 150 -65.12 -30.98 -16.17
N LEU M 151 -65.87 -31.42 -15.15
CA LEU M 151 -67.27 -31.74 -15.35
C LEU M 151 -68.10 -30.45 -15.41
N THR M 152 -68.68 -30.20 -16.58
CA THR M 152 -69.59 -29.07 -16.78
C THR M 152 -70.89 -29.61 -17.38
N LYS M 153 -71.95 -28.79 -17.36
CA LYS M 153 -73.32 -29.20 -17.74
C LYS M 153 -73.52 -29.56 -19.20
N LYS M 154 -74.53 -30.38 -19.48
CA LYS M 154 -74.81 -30.85 -20.85
C LYS M 154 -76.16 -30.36 -21.39
N GLY M 155 -76.25 -29.05 -21.65
CA GLY M 155 -77.51 -28.42 -22.01
C GLY M 155 -78.38 -28.33 -20.77
N SER M 156 -78.47 -27.13 -20.20
CA SER M 156 -79.29 -26.90 -19.00
C SER M 156 -78.98 -27.83 -17.83
N ASP M 157 -79.05 -29.14 -18.09
CA ASP M 157 -78.97 -30.16 -17.06
C ASP M 157 -77.55 -30.56 -16.66
N TYR M 158 -77.16 -30.22 -15.43
CA TYR M 158 -76.02 -30.86 -14.75
C TYR M 158 -76.57 -31.94 -13.87
N PRO M 159 -76.73 -33.15 -14.42
CA PRO M 159 -77.21 -34.29 -13.65
C PRO M 159 -76.21 -34.68 -12.58
N VAL M 160 -76.63 -35.53 -11.63
CA VAL M 160 -75.73 -35.94 -10.56
C VAL M 160 -74.61 -36.84 -11.05
N ALA M 161 -73.38 -36.34 -10.92
CA ALA M 161 -72.17 -37.07 -11.32
C ALA M 161 -71.70 -37.98 -10.22
N LYS M 162 -71.49 -39.23 -10.58
CA LYS M 162 -71.21 -40.30 -9.63
C LYS M 162 -70.10 -41.13 -10.21
N GLY M 163 -69.03 -41.26 -9.44
CA GLY M 163 -67.85 -41.97 -9.87
C GLY M 163 -67.33 -42.84 -8.76
N SER M 164 -66.65 -43.93 -9.12
CA SER M 164 -66.30 -44.94 -8.15
C SER M 164 -65.11 -45.77 -8.63
N TYR M 165 -64.23 -46.16 -7.70
CA TYR M 165 -63.10 -47.04 -8.01
C TYR M 165 -62.64 -47.92 -6.86
N ASN M 166 -62.80 -49.23 -7.03
CA ASN M 166 -62.28 -50.24 -6.09
C ASN M 166 -60.82 -50.55 -6.45
N ASN M 167 -59.93 -50.44 -5.46
CA ASN M 167 -58.50 -50.48 -5.74
C ASN M 167 -57.89 -51.87 -5.94
N THR M 168 -57.93 -52.34 -7.19
CA THR M 168 -57.40 -53.64 -7.55
C THR M 168 -56.04 -53.50 -8.23
N SER M 169 -55.39 -52.36 -8.00
CA SER M 169 -54.14 -52.02 -8.69
C SER M 169 -52.97 -52.87 -8.23
N GLY M 170 -53.09 -53.48 -7.06
CA GLY M 170 -52.04 -54.30 -6.50
C GLY M 170 -51.26 -53.57 -5.42
N GLU M 171 -51.46 -52.26 -5.34
CA GLU M 171 -50.76 -51.45 -4.37
C GLU M 171 -51.56 -50.22 -3.99
N GLN M 172 -51.05 -49.45 -3.05
CA GLN M 172 -51.73 -48.24 -2.60
C GLN M 172 -51.66 -47.18 -3.66
N MET M 173 -52.74 -46.41 -3.79
CA MET M 173 -52.87 -45.45 -4.87
C MET M 173 -52.92 -44.05 -4.33
N LEU M 174 -52.26 -43.13 -5.02
CA LEU M 174 -52.48 -41.71 -4.76
C LEU M 174 -53.58 -41.17 -5.70
N ILE M 175 -54.63 -40.58 -5.12
CA ILE M 175 -55.70 -39.99 -5.92
C ILE M 175 -55.85 -38.49 -5.61
N ILE M 176 -55.93 -37.68 -6.65
CA ILE M 176 -56.21 -36.26 -6.49
C ILE M 176 -57.57 -35.88 -7.12
N TRP M 177 -58.31 -34.99 -6.43
CA TRP M 177 -59.50 -34.36 -7.00
C TRP M 177 -59.48 -32.90 -6.55
N GLY M 178 -60.46 -32.11 -6.99
CA GLY M 178 -60.64 -30.76 -6.48
C GLY M 178 -61.99 -30.14 -6.82
N VAL M 179 -62.30 -29.01 -6.20
CA VAL M 179 -63.59 -28.35 -6.44
C VAL M 179 -63.40 -26.99 -7.09
N HIS M 180 -64.38 -26.55 -7.87
CA HIS M 180 -64.26 -25.29 -8.58
C HIS M 180 -64.92 -24.13 -7.85
N HIS M 181 -64.18 -23.05 -7.66
CA HIS M 181 -64.67 -21.89 -6.91
C HIS M 181 -64.80 -20.67 -7.83
N PRO M 182 -65.99 -20.47 -8.43
CA PRO M 182 -66.21 -19.46 -9.46
C PRO M 182 -66.21 -18.02 -8.94
N ASN M 183 -65.93 -17.05 -9.82
CA ASN M 183 -65.92 -15.62 -9.47
C ASN M 183 -67.32 -15.15 -9.10
N ASP M 184 -68.16 -14.98 -10.12
CA ASP M 184 -69.54 -14.52 -9.96
C ASP M 184 -70.55 -15.66 -10.07
N GLU M 185 -71.81 -15.34 -9.78
CA GLU M 185 -72.89 -16.34 -9.78
C GLU M 185 -73.32 -16.84 -11.17
N THR M 186 -73.23 -15.96 -12.15
CA THR M 186 -73.58 -16.36 -13.49
C THR M 186 -72.59 -17.41 -13.99
N GLU M 187 -71.35 -17.38 -13.48
CA GLU M 187 -70.33 -18.42 -13.76
C GLU M 187 -70.88 -19.79 -13.35
N GLN M 188 -71.50 -19.82 -12.18
CA GLN M 188 -71.98 -21.06 -11.56
C GLN M 188 -73.09 -21.69 -12.38
N ARG M 189 -74.01 -20.84 -12.80
CA ARG M 189 -75.20 -21.22 -13.55
C ARG M 189 -74.79 -21.80 -14.88
N THR M 190 -73.94 -21.07 -15.57
CA THR M 190 -73.64 -21.35 -16.97
C THR M 190 -72.74 -22.58 -17.13
N LEU M 191 -72.20 -23.03 -16.00
CA LEU M 191 -71.30 -24.16 -15.94
C LEU M 191 -72.02 -25.37 -15.36
N TYR M 192 -72.72 -25.15 -14.24
CA TYR M 192 -73.16 -26.22 -13.37
C TYR M 192 -74.67 -26.22 -13.17
N GLN M 193 -75.37 -25.46 -14.00
CA GLN M 193 -76.82 -25.21 -13.94
C GLN M 193 -77.30 -24.34 -12.77
N ASN M 194 -77.28 -24.92 -11.57
CA ASN M 194 -77.84 -24.29 -10.37
C ASN M 194 -76.77 -23.82 -9.40
N VAL M 195 -77.18 -23.01 -8.44
CA VAL M 195 -76.31 -22.72 -7.33
C VAL M 195 -76.60 -23.76 -6.24
N GLY M 196 -75.88 -23.73 -5.12
CA GLY M 196 -76.17 -24.63 -4.02
C GLY M 196 -75.81 -26.06 -4.31
N THR M 197 -74.61 -26.24 -4.83
CA THR M 197 -74.13 -27.54 -5.22
C THR M 197 -73.23 -28.11 -4.14
N TYR M 198 -72.68 -29.29 -4.39
CA TYR M 198 -71.74 -29.87 -3.46
C TYR M 198 -70.82 -30.83 -4.20
N VAL M 199 -69.63 -31.03 -3.64
CA VAL M 199 -68.79 -32.15 -4.04
C VAL M 199 -68.55 -33.09 -2.86
N SER M 200 -68.70 -34.39 -3.08
CA SER M 200 -68.49 -35.34 -2.00
C SER M 200 -67.60 -36.53 -2.40
N VAL M 201 -66.56 -36.73 -1.59
CA VAL M 201 -65.61 -37.83 -1.77
C VAL M 201 -65.55 -38.68 -0.53
N GLY M 202 -65.69 -39.99 -0.71
CA GLY M 202 -65.66 -40.91 0.40
C GLY M 202 -64.87 -42.17 0.11
N THR M 203 -63.99 -42.49 1.04
CA THR M 203 -63.39 -43.79 1.09
C THR M 203 -63.91 -44.41 2.36
N SER M 204 -63.07 -45.22 3.00
CA SER M 204 -63.43 -45.93 4.21
C SER M 204 -62.98 -45.15 5.43
N THR M 205 -61.82 -44.51 5.27
CA THR M 205 -61.26 -43.64 6.30
C THR M 205 -61.71 -42.20 6.07
N LEU M 206 -62.24 -41.94 4.87
CA LEU M 206 -62.48 -40.57 4.40
C LEU M 206 -63.93 -40.23 4.08
N ASN M 207 -64.42 -39.11 4.63
CA ASN M 207 -65.71 -38.55 4.24
C ASN M 207 -65.71 -37.02 4.24
N LYS M 208 -65.47 -36.41 3.08
CA LYS M 208 -65.42 -34.95 2.96
C LYS M 208 -66.48 -34.47 1.96
N ARG M 209 -67.09 -33.34 2.27
CA ARG M 209 -68.27 -32.88 1.55
C ARG M 209 -68.22 -31.38 1.44
N SER M 210 -67.56 -30.90 0.40
CA SER M 210 -67.31 -29.47 0.29
C SER M 210 -68.44 -28.75 -0.44
N THR M 211 -68.76 -27.54 0.04
CA THR M 211 -69.71 -26.66 -0.63
C THR M 211 -69.01 -25.43 -1.19
N PRO M 212 -68.96 -25.33 -2.52
CA PRO M 212 -68.33 -24.26 -3.31
C PRO M 212 -68.54 -22.80 -2.85
N GLU M 213 -67.51 -21.98 -3.06
CA GLU M 213 -67.53 -20.58 -2.67
C GLU M 213 -67.45 -19.63 -3.84
N ILE M 214 -68.60 -19.10 -4.22
CA ILE M 214 -68.69 -18.02 -5.18
C ILE M 214 -68.45 -16.68 -4.46
N ALA M 215 -67.32 -16.06 -4.75
CA ALA M 215 -66.99 -14.74 -4.22
C ALA M 215 -65.96 -14.09 -5.14
N THR M 216 -65.88 -12.77 -5.13
CA THR M 216 -65.03 -12.04 -6.06
C THR M 216 -63.58 -11.92 -5.58
N ARG M 217 -62.63 -12.25 -6.46
CA ARG M 217 -61.23 -12.34 -6.06
C ARG M 217 -60.27 -11.63 -7.02
N PRO M 218 -59.16 -11.09 -6.49
CA PRO M 218 -58.06 -10.52 -7.27
C PRO M 218 -57.59 -11.45 -8.38
N LYS M 219 -57.40 -10.89 -9.56
CA LYS M 219 -57.06 -11.67 -10.74
C LYS M 219 -55.63 -12.21 -10.74
N VAL M 220 -55.45 -13.39 -10.18
CA VAL M 220 -54.25 -14.16 -10.42
C VAL M 220 -54.41 -14.69 -11.83
N ASN M 221 -53.33 -14.76 -12.62
CA ASN M 221 -53.38 -15.40 -13.93
C ASN M 221 -54.59 -15.01 -14.80
N GLY M 222 -55.24 -13.90 -14.45
CA GLY M 222 -56.41 -13.42 -15.17
C GLY M 222 -57.76 -13.70 -14.50
N LEU M 223 -57.78 -14.71 -13.64
CA LEU M 223 -59.04 -15.18 -13.07
C LEU M 223 -59.30 -14.68 -11.64
N GLY M 224 -60.58 -14.62 -11.26
CA GLY M 224 -60.98 -14.39 -9.88
C GLY M 224 -61.63 -15.67 -9.37
N SER M 225 -61.44 -16.73 -10.14
CA SER M 225 -61.98 -18.05 -9.81
C SER M 225 -60.84 -19.02 -9.49
N ARG M 226 -61.08 -19.92 -8.55
CA ARG M 226 -60.05 -20.83 -8.10
C ARG M 226 -60.43 -22.30 -8.30
N MET M 227 -59.46 -23.18 -8.10
CA MET M 227 -59.74 -24.59 -7.96
C MET M 227 -58.94 -25.16 -6.76
N GLU M 228 -59.65 -25.47 -5.66
CA GLU M 228 -59.11 -26.10 -4.46
C GLU M 228 -58.90 -27.61 -4.68
N PHE M 229 -57.67 -28.08 -4.62
CA PHE M 229 -57.43 -29.51 -4.79
C PHE M 229 -57.14 -30.23 -3.47
N SER M 230 -57.40 -31.53 -3.47
CA SER M 230 -57.21 -32.37 -2.30
C SER M 230 -56.75 -33.75 -2.79
N TRP M 231 -56.19 -34.56 -1.91
CA TRP M 231 -55.71 -35.88 -2.33
C TRP M 231 -55.88 -36.86 -1.20
N THR M 232 -55.70 -38.14 -1.50
CA THR M 232 -55.69 -39.15 -0.45
C THR M 232 -54.88 -40.36 -0.90
N LEU M 233 -54.65 -41.29 0.00
CA LEU M 233 -54.02 -42.52 -0.38
C LEU M 233 -55.09 -43.60 -0.32
N LEU M 234 -55.45 -44.18 -1.46
CA LEU M 234 -56.47 -45.22 -1.44
C LEU M 234 -55.83 -46.56 -1.11
N ASP M 235 -56.25 -47.14 0.01
CA ASP M 235 -55.73 -48.44 0.44
C ASP M 235 -56.11 -49.55 -0.54
N MET M 236 -55.40 -50.67 -0.46
CA MET M 236 -55.72 -51.79 -1.32
C MET M 236 -57.09 -52.34 -0.96
N TRP M 237 -57.82 -52.74 -1.98
CA TRP M 237 -59.18 -53.27 -1.83
C TRP M 237 -60.12 -52.32 -1.09
N ASP M 238 -59.83 -51.03 -1.16
CA ASP M 238 -60.77 -50.01 -0.73
C ASP M 238 -61.41 -49.40 -1.98
N THR M 239 -62.48 -48.64 -1.79
CA THR M 239 -63.27 -48.13 -2.92
C THR M 239 -63.58 -46.65 -2.72
N ILE M 240 -63.07 -45.81 -3.62
CA ILE M 240 -63.27 -44.37 -3.48
C ILE M 240 -64.55 -43.95 -4.20
N ASN M 241 -65.24 -42.95 -3.66
CA ASN M 241 -66.53 -42.56 -4.22
C ASN M 241 -66.69 -41.05 -4.43
N PHE M 242 -66.86 -40.65 -5.68
CA PHE M 242 -67.22 -39.26 -5.97
C PHE M 242 -68.70 -39.04 -6.25
N GLU M 243 -69.24 -37.96 -5.68
CA GLU M 243 -70.58 -37.57 -6.05
C GLU M 243 -70.70 -36.05 -5.98
N SER M 244 -71.24 -35.47 -7.06
CA SER M 244 -71.33 -34.03 -7.15
C SER M 244 -72.47 -33.54 -8.02
N THR M 245 -73.23 -32.60 -7.49
CA THR M 245 -74.24 -31.88 -8.25
C THR M 245 -73.68 -30.60 -8.87
N GLY M 246 -72.35 -30.52 -8.95
CA GLY M 246 -71.69 -29.38 -9.56
C GLY M 246 -70.30 -29.16 -9.01
N ASN M 247 -69.47 -28.49 -9.81
CA ASN M 247 -68.17 -27.99 -9.38
C ASN M 247 -67.10 -29.06 -9.14
N LEU M 248 -67.33 -30.28 -9.59
CA LEU M 248 -66.31 -31.30 -9.33
C LEU M 248 -65.26 -31.35 -10.43
N ILE M 249 -64.00 -31.27 -10.01
CA ILE M 249 -62.86 -31.50 -10.89
C ILE M 249 -62.34 -32.88 -10.60
N ALA M 250 -62.93 -33.85 -11.30
CA ALA M 250 -62.62 -35.25 -11.08
C ALA M 250 -61.23 -35.61 -11.59
N PRO M 251 -60.63 -36.66 -11.01
CA PRO M 251 -59.41 -37.28 -11.54
C PRO M 251 -59.78 -38.24 -12.66
N GLU M 252 -58.94 -38.33 -13.67
CA GLU M 252 -59.09 -39.40 -14.66
C GLU M 252 -58.13 -40.51 -14.27
N TYR M 253 -57.07 -40.11 -13.56
CA TYR M 253 -55.99 -41.01 -13.20
C TYR M 253 -55.75 -41.14 -11.70
N GLY M 254 -55.34 -42.33 -11.31
CA GLY M 254 -54.76 -42.59 -10.00
C GLY M 254 -53.30 -42.93 -10.15
N PHE M 255 -52.57 -42.90 -9.04
CA PHE M 255 -51.13 -43.14 -9.05
C PHE M 255 -50.76 -44.32 -8.17
N LYS M 256 -50.58 -45.48 -8.80
CA LYS M 256 -50.15 -46.67 -8.09
C LYS M 256 -48.70 -46.50 -7.67
N ILE M 257 -48.39 -46.87 -6.44
CA ILE M 257 -47.01 -46.84 -5.96
C ILE M 257 -46.34 -48.16 -6.32
N SER M 258 -45.44 -48.12 -7.31
CA SER M 258 -44.79 -49.33 -7.81
C SER M 258 -43.50 -49.64 -7.07
N LYS M 259 -42.55 -48.71 -7.09
CA LYS M 259 -41.33 -48.90 -6.32
C LYS M 259 -41.35 -48.01 -5.08
N ARG M 260 -41.69 -48.62 -3.94
CA ARG M 260 -41.53 -47.95 -2.66
C ARG M 260 -40.18 -48.32 -2.08
N GLY M 261 -39.35 -47.30 -1.94
CA GLY M 261 -38.12 -47.38 -1.18
C GLY M 261 -37.90 -45.93 -0.73
N SER M 262 -36.93 -45.70 0.13
CA SER M 262 -36.65 -44.36 0.63
C SER M 262 -35.94 -43.54 -0.44
N SER M 263 -36.49 -42.37 -0.74
CA SER M 263 -35.87 -41.45 -1.70
C SER M 263 -35.64 -40.12 -1.00
N GLY M 264 -35.84 -39.04 -1.74
CA GLY M 264 -35.76 -37.70 -1.17
C GLY M 264 -36.17 -36.65 -2.18
N ILE M 265 -36.56 -35.47 -1.72
CA ILE M 265 -36.83 -34.32 -2.60
C ILE M 265 -35.85 -33.18 -2.34
N MET M 266 -35.03 -32.87 -3.34
CA MET M 266 -34.02 -31.84 -3.21
C MET M 266 -34.42 -30.49 -3.82
N LYS M 267 -34.07 -29.41 -3.11
CA LYS M 267 -34.41 -28.05 -3.54
C LYS M 267 -33.23 -27.37 -4.25
N THR M 268 -32.79 -27.98 -5.36
CA THR M 268 -31.74 -27.41 -6.19
C THR M 268 -32.29 -26.35 -7.15
N GLU M 269 -31.42 -25.69 -7.91
CA GLU M 269 -31.85 -24.83 -9.02
C GLU M 269 -31.04 -25.14 -10.27
N GLY M 270 -30.34 -26.27 -10.24
CA GLY M 270 -29.46 -26.64 -11.34
C GLY M 270 -29.87 -27.93 -12.00
N THR M 271 -28.93 -28.60 -12.66
CA THR M 271 -29.27 -29.74 -13.52
C THR M 271 -28.35 -30.97 -13.41
N LEU M 272 -28.87 -32.10 -13.88
CA LEU M 272 -28.21 -33.41 -13.72
C LEU M 272 -27.25 -33.76 -14.86
N GLU M 273 -26.08 -34.29 -14.48
CA GLU M 273 -24.99 -34.59 -15.42
C GLU M 273 -24.75 -36.09 -15.54
N ASN M 274 -23.78 -36.46 -16.38
CA ASN M 274 -23.37 -37.87 -16.46
C ASN M 274 -22.33 -38.14 -15.39
N CYS M 275 -22.67 -39.04 -14.46
CA CYS M 275 -21.90 -39.22 -13.22
C CYS M 275 -22.63 -40.31 -12.41
N GLU M 276 -22.05 -40.75 -11.29
CA GLU M 276 -22.66 -41.82 -10.49
C GLU M 276 -22.06 -41.86 -9.09
N THR M 277 -22.90 -41.75 -8.07
CA THR M 277 -22.42 -41.79 -6.70
C THR M 277 -23.25 -42.73 -5.82
N LYS M 278 -22.94 -42.79 -4.54
CA LYS M 278 -23.77 -43.54 -3.59
C LYS M 278 -24.18 -42.62 -2.44
N CYS M 279 -23.70 -41.38 -2.52
CA CYS M 279 -24.11 -40.34 -1.60
C CYS M 279 -24.17 -39.04 -2.39
N GLN M 280 -25.20 -38.24 -2.19
CA GLN M 280 -25.42 -37.05 -3.02
C GLN M 280 -25.80 -35.83 -2.18
N THR M 281 -25.17 -34.69 -2.45
CA THR M 281 -25.58 -33.46 -1.75
C THR M 281 -26.21 -32.43 -2.69
N PRO M 282 -26.79 -31.36 -2.11
CA PRO M 282 -27.16 -30.24 -2.98
C PRO M 282 -25.92 -29.73 -3.66
N LEU M 283 -24.85 -29.52 -2.87
CA LEU M 283 -23.65 -28.85 -3.36
C LEU M 283 -22.81 -29.73 -4.30
N GLY M 284 -23.01 -31.05 -4.24
CA GLY M 284 -22.30 -31.98 -5.09
C GLY M 284 -22.52 -33.43 -4.72
N ALA M 285 -21.52 -34.27 -5.00
CA ALA M 285 -21.59 -35.70 -4.72
C ALA M 285 -20.36 -36.20 -3.96
N ILE M 286 -20.50 -37.35 -3.31
CA ILE M 286 -19.43 -37.82 -2.45
C ILE M 286 -18.93 -39.23 -2.75
N ASN M 287 -17.69 -39.30 -3.21
CA ASN M 287 -16.94 -40.54 -3.21
C ASN M 287 -16.03 -40.42 -1.99
N THR M 288 -16.25 -41.26 -0.99
CA THR M 288 -15.38 -41.28 0.19
C THR M 288 -15.56 -42.55 1.01
N THR M 289 -14.55 -42.84 1.82
CA THR M 289 -14.61 -43.98 2.74
C THR M 289 -14.50 -43.50 4.20
N LEU M 290 -14.15 -42.22 4.36
CA LEU M 290 -14.13 -41.57 5.67
C LEU M 290 -15.51 -41.56 6.31
N PRO M 291 -15.57 -41.83 7.61
CA PRO M 291 -16.86 -41.95 8.30
C PRO M 291 -17.47 -40.60 8.69
N PHE M 292 -16.88 -39.50 8.24
CA PHE M 292 -17.51 -38.19 8.42
C PHE M 292 -17.47 -37.31 7.18
N HIS M 293 -18.38 -36.34 7.15
CA HIS M 293 -18.30 -35.29 6.16
C HIS M 293 -18.82 -33.99 6.76
N ASN M 294 -18.56 -32.90 6.06
CA ASN M 294 -19.04 -31.59 6.48
C ASN M 294 -19.51 -30.68 5.33
N VAL M 295 -19.77 -31.31 4.18
CA VAL M 295 -20.29 -30.63 3.00
C VAL M 295 -21.65 -29.99 3.23
N HIS M 296 -22.68 -30.83 3.37
CA HIS M 296 -24.06 -30.34 3.50
C HIS M 296 -24.92 -31.30 4.33
N PRO M 297 -25.78 -30.76 5.22
CA PRO M 297 -26.61 -31.63 6.06
C PRO M 297 -27.60 -32.53 5.29
N LEU M 298 -28.05 -32.07 4.12
CA LEU M 298 -29.18 -32.70 3.40
C LEU M 298 -28.73 -33.68 2.33
N THR M 299 -28.26 -34.84 2.75
CA THR M 299 -27.73 -35.81 1.83
C THR M 299 -28.77 -36.89 1.53
N ILE M 300 -28.63 -37.54 0.39
CA ILE M 300 -29.45 -38.68 0.06
C ILE M 300 -28.54 -39.82 -0.38
N GLY M 301 -28.67 -40.98 0.25
CA GLY M 301 -27.91 -42.15 -0.12
C GLY M 301 -27.06 -42.71 1.02
N GLU M 302 -26.33 -43.78 0.75
CA GLU M 302 -25.39 -44.33 1.72
C GLU M 302 -24.30 -43.31 2.00
N CYS M 303 -24.54 -42.49 3.01
CA CYS M 303 -23.70 -41.33 3.27
C CYS M 303 -22.97 -41.40 4.59
N PRO M 304 -21.73 -40.85 4.62
CA PRO M 304 -21.00 -40.59 5.86
C PRO M 304 -21.71 -39.52 6.68
N ARG M 305 -21.34 -39.40 7.95
CA ARG M 305 -22.15 -38.69 8.91
C ARG M 305 -21.74 -37.24 9.05
N TYR M 306 -22.70 -36.35 8.84
CA TYR M 306 -22.43 -34.92 8.80
C TYR M 306 -22.20 -34.32 10.20
N VAL M 307 -21.11 -33.56 10.32
CA VAL M 307 -20.77 -32.80 11.53
C VAL M 307 -20.44 -31.34 11.20
N LYS M 308 -20.52 -30.46 12.20
CA LYS M 308 -20.18 -29.05 12.04
C LYS M 308 -18.65 -28.77 12.22
N SER M 309 -17.81 -29.75 11.94
CA SER M 309 -16.36 -29.63 12.22
C SER M 309 -15.49 -29.24 11.03
N GLU M 310 -14.53 -28.35 11.30
CA GLU M 310 -13.63 -27.81 10.27
C GLU M 310 -12.52 -28.80 9.92
N LYS M 311 -12.12 -29.58 10.93
CA LYS M 311 -11.10 -30.62 10.80
C LYS M 311 -11.32 -31.73 11.84
N LEU M 312 -11.15 -32.97 11.39
CA LEU M 312 -11.07 -34.11 12.29
C LEU M 312 -9.87 -34.94 11.89
N VAL M 313 -8.76 -34.80 12.64
CA VAL M 313 -7.54 -35.58 12.39
C VAL M 313 -7.25 -36.54 13.52
N LEU M 314 -7.08 -37.81 13.14
CA LEU M 314 -6.83 -38.89 14.09
C LEU M 314 -5.35 -39.19 14.14
N ALA M 315 -4.82 -39.41 15.34
CA ALA M 315 -3.40 -39.72 15.49
C ALA M 315 -3.17 -41.22 15.47
N THR M 316 -2.33 -41.69 14.56
CA THR M 316 -2.00 -43.11 14.48
C THR M 316 -0.55 -43.37 14.89
N GLY M 317 0.36 -42.49 14.47
CA GLY M 317 1.76 -42.62 14.80
C GLY M 317 2.13 -41.94 16.10
N LEU M 318 3.40 -41.56 16.24
CA LEU M 318 3.86 -40.91 17.46
C LEU M 318 4.42 -39.52 17.20
N ARG M 319 4.86 -38.86 18.26
CA ARG M 319 5.41 -37.52 18.14
C ARG M 319 6.69 -37.55 17.30
N ASN M 320 6.69 -36.83 16.18
CA ASN M 320 7.87 -36.66 15.35
C ASN M 320 8.79 -35.65 16.03
N VAL M 321 9.90 -36.14 16.57
CA VAL M 321 10.83 -35.27 17.28
C VAL M 321 12.13 -35.11 16.50
N PRO M 322 12.51 -33.85 16.19
CA PRO M 322 13.77 -33.61 15.50
C PRO M 322 14.96 -34.12 16.33
N GLN M 323 15.86 -34.88 15.70
CA GLN M 323 17.02 -35.41 16.38
C GLN M 323 18.12 -34.35 16.55
N ILE M 324 19.22 -34.74 17.22
CA ILE M 324 20.25 -33.79 17.66
C ILE M 324 21.56 -33.94 16.89
N GLY N 1 6.90 -36.63 27.67
CA GLY N 1 5.71 -37.44 27.52
C GLY N 1 4.94 -37.56 28.82
N LEU N 2 4.17 -38.63 28.96
CA LEU N 2 3.45 -38.88 30.20
C LEU N 2 4.19 -40.00 30.89
N PHE N 3 4.79 -40.83 30.06
CA PHE N 3 5.60 -41.95 30.50
C PHE N 3 7.08 -41.57 30.43
N GLY N 4 7.34 -40.37 29.91
CA GLY N 4 8.65 -39.75 29.95
C GLY N 4 9.69 -40.35 29.02
N ALA N 5 9.30 -41.30 28.19
CA ALA N 5 10.28 -41.91 27.32
C ALA N 5 10.46 -41.11 26.02
N ILE N 6 9.42 -41.07 25.18
CA ILE N 6 9.44 -40.28 23.96
C ILE N 6 9.60 -38.80 24.30
N ALA N 7 10.56 -38.15 23.65
CA ALA N 7 10.88 -36.75 23.92
C ALA N 7 11.09 -36.51 25.41
N GLY N 8 11.75 -37.49 26.04
CA GLY N 8 12.08 -37.50 27.45
C GLY N 8 13.53 -37.88 27.63
N PHE N 9 13.79 -39.04 28.20
CA PHE N 9 15.17 -39.46 28.37
C PHE N 9 15.80 -39.92 27.06
N ILE N 10 14.96 -40.41 26.16
CA ILE N 10 15.34 -40.53 24.77
C ILE N 10 14.92 -39.19 24.16
N GLU N 11 15.88 -38.33 23.83
CA GLU N 11 15.55 -36.95 23.48
C GLU N 11 14.82 -36.86 22.14
N GLY N 12 15.11 -37.80 21.24
CA GLY N 12 14.44 -37.83 19.95
C GLY N 12 14.46 -39.21 19.32
N GLY N 13 13.94 -39.29 18.10
CA GLY N 13 13.85 -40.56 17.40
C GLY N 13 14.80 -40.65 16.22
N TRP N 14 14.90 -41.85 15.66
CA TRP N 14 15.88 -42.14 14.62
C TRP N 14 15.24 -42.17 13.24
N GLN N 15 15.63 -41.24 12.38
CA GLN N 15 15.15 -41.22 11.00
C GLN N 15 15.63 -42.48 10.29
N GLY N 16 16.68 -43.09 10.83
CA GLY N 16 17.21 -44.33 10.30
C GLY N 16 16.39 -45.56 10.67
N MET N 17 15.59 -45.42 11.71
CA MET N 17 14.65 -46.49 12.07
C MET N 17 13.45 -46.30 11.15
N VAL N 18 13.24 -47.27 10.26
CA VAL N 18 12.21 -47.13 9.23
C VAL N 18 11.39 -48.41 9.15
N ASP N 19 11.95 -49.50 9.63
CA ASP N 19 11.34 -50.81 9.45
C ASP N 19 10.29 -51.13 10.52
N GLY N 20 10.09 -50.18 11.41
CA GLY N 20 9.13 -50.32 12.51
C GLY N 20 9.00 -49.04 13.33
N TRP N 21 8.22 -49.11 14.40
CA TRP N 21 7.93 -47.94 15.24
C TRP N 21 8.94 -47.75 16.37
N TYR N 22 9.34 -48.86 16.99
CA TYR N 22 10.27 -48.87 18.11
C TYR N 22 11.40 -49.83 17.84
N GLY N 23 12.50 -49.68 18.56
CA GLY N 23 13.55 -50.68 18.49
C GLY N 23 14.92 -50.26 18.96
N TYR N 24 15.93 -50.96 18.45
CA TYR N 24 17.29 -50.85 18.95
C TYR N 24 18.23 -50.16 17.98
N HIS N 25 19.35 -49.67 18.53
CA HIS N 25 20.52 -49.28 17.74
C HIS N 25 21.73 -49.85 18.47
N HIS N 26 22.45 -50.74 17.81
CA HIS N 26 23.63 -51.33 18.41
C HIS N 26 24.92 -50.87 17.74
N SER N 27 26.02 -50.88 18.49
CA SER N 27 27.34 -50.64 17.93
C SER N 27 28.43 -51.46 18.66
N ASN N 28 28.65 -52.68 18.19
CA ASN N 28 29.67 -53.55 18.76
C ASN N 28 30.88 -53.73 17.83
N ASP N 29 31.67 -54.79 18.04
CA ASP N 29 32.90 -54.98 17.25
C ASP N 29 32.64 -55.29 15.77
N GLN N 30 31.65 -56.13 15.50
CA GLN N 30 31.27 -56.45 14.13
C GLN N 30 30.70 -55.25 13.34
N GLY N 31 29.45 -54.88 13.64
CA GLY N 31 28.79 -53.85 12.87
C GLY N 31 28.31 -52.63 13.63
N SER N 32 27.28 -51.99 13.08
CA SER N 32 26.69 -50.79 13.66
C SER N 32 25.36 -50.55 12.93
N GLY N 33 24.23 -50.68 13.63
CA GLY N 33 22.94 -50.61 12.95
C GLY N 33 21.62 -50.50 13.71
N TYR N 34 20.66 -49.87 13.06
CA TYR N 34 19.28 -49.80 13.50
C TYR N 34 18.54 -51.07 13.08
N ALA N 35 17.70 -51.57 13.96
CA ALA N 35 16.87 -52.73 13.69
C ALA N 35 15.67 -52.66 14.63
N ALA N 36 14.46 -52.78 14.10
CA ALA N 36 13.27 -52.62 14.92
C ALA N 36 12.87 -53.89 15.66
N ASP N 37 11.99 -53.71 16.65
CA ASP N 37 11.49 -54.80 17.45
C ASP N 37 10.19 -55.30 16.87
N LYS N 38 10.09 -56.61 16.71
CA LYS N 38 8.88 -57.21 16.15
C LYS N 38 7.68 -57.07 17.08
N GLU N 39 7.77 -57.69 18.26
CA GLU N 39 6.61 -57.82 19.15
C GLU N 39 5.89 -56.52 19.55
N SER N 40 6.64 -55.57 20.08
CA SER N 40 6.06 -54.30 20.48
C SER N 40 5.37 -53.65 19.31
N THR N 41 6.02 -53.67 18.15
CA THR N 41 5.49 -53.00 16.97
C THR N 41 4.22 -53.66 16.47
N GLN N 42 4.21 -54.98 16.43
CA GLN N 42 3.01 -55.70 16.00
C GLN N 42 1.89 -55.50 16.99
N LYS N 43 2.24 -55.48 18.27
CA LYS N 43 1.25 -55.24 19.29
C LYS N 43 0.62 -53.84 19.16
N ALA N 44 1.44 -52.81 18.97
CA ALA N 44 0.94 -51.44 18.85
C ALA N 44 0.12 -51.23 17.59
N PHE N 45 0.53 -51.86 16.49
CA PHE N 45 -0.26 -51.82 15.26
C PHE N 45 -1.64 -52.41 15.50
N ASP N 46 -1.68 -53.56 16.16
CA ASP N 46 -2.94 -54.23 16.49
C ASP N 46 -3.86 -53.37 17.36
N GLY N 47 -3.29 -52.72 18.37
CA GLY N 47 -4.06 -51.86 19.26
C GLY N 47 -4.57 -50.61 18.55
N ILE N 48 -3.72 -49.98 17.74
CA ILE N 48 -4.12 -48.77 17.03
C ILE N 48 -5.18 -49.04 15.97
N THR N 49 -4.92 -50.00 15.08
CA THR N 49 -5.96 -50.35 14.10
C THR N 49 -7.31 -50.60 14.84
N ASN N 50 -7.27 -51.39 15.90
CA ASN N 50 -8.46 -51.64 16.70
C ASN N 50 -9.17 -50.41 17.24
N LYS N 51 -8.44 -49.36 17.55
CA LYS N 51 -9.03 -48.11 18.02
C LYS N 51 -9.60 -47.29 16.84
N VAL N 52 -8.98 -47.35 15.68
CA VAL N 52 -9.55 -46.63 14.55
C VAL N 52 -10.77 -47.33 13.97
N ASN N 53 -10.76 -48.66 13.97
CA ASN N 53 -11.94 -49.40 13.56
C ASN N 53 -13.08 -49.11 14.54
N SER N 54 -12.71 -48.90 15.80
CA SER N 54 -13.65 -48.59 16.87
C SER N 54 -14.13 -47.14 16.88
N VAL N 55 -13.58 -46.32 16.00
CA VAL N 55 -14.03 -44.95 15.85
C VAL N 55 -14.96 -44.86 14.66
N ILE N 56 -14.54 -45.45 13.55
CA ILE N 56 -15.37 -45.56 12.37
C ILE N 56 -16.60 -46.49 12.51
N GLU N 57 -16.67 -47.26 13.60
CA GLU N 57 -17.82 -48.15 13.82
C GLU N 57 -18.88 -47.59 14.79
N LYS N 58 -18.52 -46.58 15.57
CA LYS N 58 -19.38 -46.01 16.62
C LYS N 58 -20.28 -44.87 16.18
N MET N 59 -19.99 -44.29 15.02
CA MET N 59 -20.89 -43.32 14.41
C MET N 59 -21.24 -43.78 12.99
N ASN N 60 -21.84 -44.97 12.91
CA ASN N 60 -22.37 -45.57 11.68
C ASN N 60 -23.83 -45.90 11.95
N THR N 61 -24.31 -45.24 12.99
CA THR N 61 -25.50 -45.63 13.72
C THR N 61 -25.79 -44.35 14.51
N GLN N 62 -26.51 -43.41 13.88
CA GLN N 62 -26.48 -42.00 14.31
C GLN N 62 -27.80 -41.22 14.08
N PHE N 63 -27.79 -40.34 13.09
CA PHE N 63 -28.95 -39.50 12.73
C PHE N 63 -28.78 -39.02 11.28
N GLU N 64 -29.87 -38.92 10.52
CA GLU N 64 -29.76 -38.39 9.15
C GLU N 64 -30.87 -37.45 8.61
N ALA N 65 -31.10 -37.49 7.30
CA ALA N 65 -31.68 -36.34 6.59
C ALA N 65 -32.93 -36.54 5.71
N VAL N 66 -34.10 -36.70 6.34
CA VAL N 66 -35.34 -36.41 5.62
C VAL N 66 -35.56 -34.92 5.77
N GLY N 67 -35.77 -34.24 4.65
CA GLY N 67 -36.20 -32.86 4.69
C GLY N 67 -37.71 -32.87 4.89
N LYS N 68 -38.26 -31.70 5.18
CA LYS N 68 -39.68 -31.56 5.46
C LYS N 68 -40.04 -30.13 5.19
N GLU N 69 -41.26 -29.90 4.69
CA GLU N 69 -41.69 -28.55 4.42
C GLU N 69 -42.84 -28.17 5.32
N PHE N 70 -42.90 -26.90 5.68
CA PHE N 70 -43.93 -26.40 6.57
C PHE N 70 -44.55 -25.14 5.97
N SER N 71 -45.76 -24.79 6.40
CA SER N 71 -46.45 -23.59 5.92
C SER N 71 -46.10 -22.37 6.76
N ASN N 72 -46.91 -21.32 6.64
CA ASN N 72 -46.70 -20.06 7.35
C ASN N 72 -47.55 -19.96 8.61
N LEU N 73 -48.25 -21.04 8.90
CA LEU N 73 -49.01 -21.20 10.13
C LEU N 73 -48.47 -22.43 10.84
N GLU N 74 -47.41 -23.02 10.26
CA GLU N 74 -46.64 -24.07 10.91
C GLU N 74 -45.23 -23.58 11.24
N ARG N 75 -45.14 -22.42 11.88
CA ARG N 75 -43.87 -21.83 12.22
C ARG N 75 -43.29 -22.55 13.41
N ARG N 76 -44.09 -22.63 14.47
CA ARG N 76 -43.67 -23.28 15.68
C ARG N 76 -43.24 -24.70 15.37
N LEU N 77 -43.98 -25.38 14.51
CA LEU N 77 -43.56 -26.71 14.04
C LEU N 77 -42.18 -26.73 13.33
N GLU N 78 -41.96 -25.78 12.43
CA GLU N 78 -40.71 -25.69 11.68
C GLU N 78 -39.53 -25.59 12.63
N ASN N 79 -39.61 -24.59 13.50
CA ASN N 79 -38.58 -24.35 14.49
C ASN N 79 -38.31 -25.57 15.35
N LEU N 80 -39.37 -26.30 15.70
CA LEU N 80 -39.18 -27.54 16.45
C LEU N 80 -38.35 -28.49 15.60
N ASN N 81 -38.68 -28.60 14.32
CA ASN N 81 -37.88 -29.40 13.41
C ASN N 81 -36.43 -28.93 13.37
N LYS N 82 -36.20 -27.65 13.04
CA LYS N 82 -34.86 -27.07 13.05
C LYS N 82 -34.13 -27.43 14.34
N LYS N 83 -34.56 -26.83 15.46
CA LYS N 83 -33.91 -26.99 16.76
C LYS N 83 -33.56 -28.44 17.09
N MET N 84 -34.38 -29.35 16.59
CA MET N 84 -34.17 -30.76 16.79
C MET N 84 -32.99 -31.22 15.97
N GLU N 85 -32.98 -30.87 14.69
CA GLU N 85 -31.95 -31.38 13.82
C GLU N 85 -30.62 -30.72 14.12
N ASP N 86 -30.68 -29.43 14.45
CA ASP N 86 -29.50 -28.70 14.92
C ASP N 86 -28.91 -29.35 16.19
N GLY N 87 -29.70 -29.42 17.24
CA GLY N 87 -29.25 -30.05 18.46
C GLY N 87 -28.60 -31.42 18.36
N PHE N 88 -29.09 -32.29 17.51
CA PHE N 88 -28.47 -33.60 17.34
C PHE N 88 -27.18 -33.48 16.56
N LEU N 89 -27.16 -32.53 15.63
CA LEU N 89 -25.95 -32.21 14.91
C LEU N 89 -24.90 -31.69 15.89
N ASP N 90 -25.31 -30.71 16.71
CA ASP N 90 -24.43 -30.18 17.75
C ASP N 90 -23.88 -31.26 18.65
N VAL N 91 -24.71 -32.24 18.97
CA VAL N 91 -24.27 -33.34 19.82
C VAL N 91 -23.30 -34.28 19.11
N TRP N 92 -23.60 -34.66 17.88
CA TRP N 92 -22.69 -35.56 17.19
C TRP N 92 -21.39 -34.85 16.82
N THR N 93 -21.44 -33.55 16.60
CA THR N 93 -20.19 -32.84 16.41
C THR N 93 -19.30 -32.87 17.68
N TYR N 94 -19.82 -32.34 18.80
CA TYR N 94 -19.18 -32.47 20.11
C TYR N 94 -18.61 -33.86 20.39
N ASN N 95 -19.42 -34.91 20.20
CA ASN N 95 -18.99 -36.28 20.50
C ASN N 95 -17.83 -36.74 19.64
N ALA N 96 -17.77 -36.23 18.41
CA ALA N 96 -16.71 -36.66 17.49
C ALA N 96 -15.39 -35.94 17.76
N GLU N 97 -15.47 -34.62 17.92
CA GLU N 97 -14.31 -33.80 18.26
C GLU N 97 -13.61 -34.30 19.54
N LEU N 98 -14.34 -34.31 20.64
CA LEU N 98 -13.82 -34.78 21.93
C LEU N 98 -13.25 -36.21 21.91
N LEU N 99 -13.86 -37.08 21.12
CA LEU N 99 -13.39 -38.47 21.03
C LEU N 99 -12.06 -38.47 20.33
N VAL N 100 -11.98 -37.73 19.23
CA VAL N 100 -10.76 -37.63 18.49
C VAL N 100 -9.67 -37.07 19.40
N LEU N 101 -9.92 -35.93 20.06
CA LEU N 101 -8.92 -35.38 20.98
C LEU N 101 -8.45 -36.38 22.03
N MET N 102 -9.43 -36.99 22.68
CA MET N 102 -9.17 -37.90 23.78
C MET N 102 -8.40 -39.13 23.34
N GLU N 103 -8.79 -39.74 22.22
CA GLU N 103 -8.07 -40.92 21.75
C GLU N 103 -6.75 -40.53 21.09
N ASN N 104 -6.64 -39.26 20.73
CA ASN N 104 -5.38 -38.70 20.27
C ASN N 104 -4.36 -38.69 21.39
N GLU N 105 -4.77 -38.16 22.53
CA GLU N 105 -3.92 -38.14 23.70
C GLU N 105 -3.57 -39.56 24.16
N ARG N 106 -4.57 -40.42 24.24
CA ARG N 106 -4.31 -41.80 24.63
C ARG N 106 -3.39 -42.55 23.66
N THR N 107 -3.40 -42.17 22.37
CA THR N 107 -2.51 -42.83 21.40
C THR N 107 -1.07 -42.41 21.61
N LEU N 108 -0.90 -41.12 21.85
CA LEU N 108 0.42 -40.56 22.08
C LEU N 108 1.05 -41.17 23.33
N ASP N 109 0.30 -41.16 24.42
CA ASP N 109 0.80 -41.78 25.63
C ASP N 109 0.97 -43.30 25.44
N PHE N 110 0.19 -43.91 24.56
CA PHE N 110 0.27 -45.36 24.37
C PHE N 110 1.62 -45.73 23.76
N HIS N 111 2.01 -44.99 22.73
CA HIS N 111 3.36 -45.12 22.18
C HIS N 111 4.46 -44.92 23.24
N ASP N 112 4.43 -43.77 23.92
CA ASP N 112 5.33 -43.47 25.05
C ASP N 112 5.54 -44.71 25.92
N SER N 113 4.43 -45.15 26.51
CA SER N 113 4.40 -46.34 27.37
C SER N 113 4.97 -47.60 26.73
N ASN N 114 4.67 -47.80 25.44
CA ASN N 114 5.29 -48.92 24.71
C ASN N 114 6.81 -48.87 24.74
N VAL N 115 7.35 -47.73 24.32
CA VAL N 115 8.79 -47.46 24.39
C VAL N 115 9.35 -47.67 25.79
N LYS N 116 8.80 -46.96 26.77
CA LYS N 116 9.24 -47.10 28.15
C LYS N 116 9.28 -48.56 28.61
N ASN N 117 8.27 -49.33 28.22
CA ASN N 117 8.17 -50.76 28.56
C ASN N 117 9.20 -51.61 27.86
N LEU N 118 9.60 -51.19 26.66
CA LEU N 118 10.65 -51.86 25.94
C LEU N 118 11.97 -51.61 26.64
N TYR N 119 12.30 -50.35 26.88
CA TYR N 119 13.51 -50.02 27.61
C TYR N 119 13.53 -50.76 28.95
N ASP N 120 12.43 -50.73 29.69
CA ASP N 120 12.37 -51.49 30.94
C ASP N 120 12.47 -53.01 30.81
N LYS N 121 12.10 -53.56 29.66
CA LYS N 121 12.25 -55.00 29.48
C LYS N 121 13.72 -55.31 29.27
N VAL N 122 14.34 -54.63 28.31
CA VAL N 122 15.76 -54.82 28.02
C VAL N 122 16.62 -54.60 29.26
N ARG N 123 16.36 -53.52 29.99
CA ARG N 123 17.12 -53.17 31.19
C ARG N 123 17.02 -54.23 32.31
N MET N 124 15.82 -54.57 32.73
CA MET N 124 15.66 -55.55 33.82
C MET N 124 16.16 -56.91 33.37
N GLN N 125 16.37 -57.06 32.07
CA GLN N 125 16.95 -58.28 31.52
C GLN N 125 18.48 -58.28 31.70
N LEU N 126 19.15 -57.27 31.16
CA LEU N 126 20.62 -57.16 31.24
C LEU N 126 21.17 -57.00 32.66
N ARG N 127 20.36 -56.48 33.57
CA ARG N 127 20.80 -56.16 34.94
C ARG N 127 22.12 -55.39 35.00
N ASP N 128 23.05 -55.82 35.86
CA ASP N 128 24.29 -55.06 36.08
C ASP N 128 25.45 -55.44 35.16
N ASN N 129 25.14 -56.12 34.06
CA ASN N 129 26.14 -56.48 33.07
C ASN N 129 26.48 -55.32 32.18
N VAL N 130 25.75 -54.23 32.40
CA VAL N 130 25.84 -53.06 31.56
C VAL N 130 25.61 -51.82 32.39
N LYS N 131 25.81 -50.69 31.74
CA LYS N 131 25.74 -49.41 32.39
C LYS N 131 24.54 -48.64 31.80
N GLU N 132 23.65 -48.16 32.66
CA GLU N 132 22.55 -47.33 32.19
C GLU N 132 23.02 -45.89 31.94
N LEU N 133 23.38 -45.57 30.71
CA LEU N 133 23.91 -44.25 30.42
C LEU N 133 22.97 -43.11 30.83
N GLY N 134 21.67 -43.28 30.55
CA GLY N 134 20.67 -42.28 30.92
C GLY N 134 20.05 -41.65 29.69
N ASN N 135 20.28 -42.30 28.56
CA ASN N 135 19.88 -41.74 27.29
C ASN N 135 19.10 -42.78 26.48
N GLY N 136 18.87 -43.92 27.11
CA GLY N 136 18.17 -45.00 26.46
C GLY N 136 19.15 -46.00 25.93
N CYS N 137 20.43 -45.73 26.11
CA CYS N 137 21.47 -46.68 25.71
C CYS N 137 22.03 -47.41 26.91
N PHE N 138 22.59 -48.58 26.64
CA PHE N 138 23.36 -49.35 27.63
C PHE N 138 24.76 -49.55 27.10
N GLU N 139 25.75 -49.31 27.96
CA GLU N 139 27.14 -49.61 27.61
C GLU N 139 27.48 -50.97 28.22
N PHE N 140 27.96 -51.88 27.38
CA PHE N 140 28.25 -53.24 27.82
C PHE N 140 29.53 -53.37 28.63
N TYR N 141 29.42 -54.04 29.78
CA TYR N 141 30.57 -54.31 30.63
C TYR N 141 31.45 -55.43 30.06
N HIS N 142 30.83 -56.31 29.27
CA HIS N 142 31.56 -57.34 28.55
C HIS N 142 31.50 -57.05 27.05
N LYS N 143 31.80 -58.05 26.23
CA LYS N 143 31.73 -57.90 24.78
C LYS N 143 30.44 -58.54 24.25
N CYS N 144 29.79 -57.89 23.28
CA CYS N 144 28.51 -58.38 22.79
C CYS N 144 28.48 -58.48 21.26
N ASP N 145 28.59 -59.71 20.75
CA ASP N 145 28.62 -59.97 19.31
C ASP N 145 27.23 -59.88 18.67
N ASP N 146 27.19 -59.71 17.35
CA ASP N 146 25.93 -59.77 16.59
C ASP N 146 25.28 -61.12 16.82
N GLU N 147 24.89 -61.39 18.05
CA GLU N 147 24.53 -62.73 18.48
C GLU N 147 24.08 -62.64 19.93
N CYS N 148 24.93 -62.03 20.76
CA CYS N 148 24.53 -61.61 22.09
C CYS N 148 23.50 -60.49 21.91
N MET N 149 23.70 -59.66 20.89
CA MET N 149 22.72 -58.63 20.49
C MET N 149 21.36 -59.25 20.16
N ASN N 150 21.39 -60.32 19.36
CA ASN N 150 20.17 -61.01 18.98
C ASN N 150 19.57 -61.80 20.14
N SER N 151 20.35 -61.99 21.21
CA SER N 151 19.88 -62.68 22.40
C SER N 151 19.13 -61.69 23.28
N VAL N 152 19.58 -60.44 23.24
CA VAL N 152 18.91 -59.33 23.89
C VAL N 152 17.55 -59.10 23.23
N LYS N 153 17.61 -58.79 21.93
CA LYS N 153 16.47 -58.35 21.10
C LYS N 153 15.25 -59.25 21.14
N ASN N 154 15.45 -60.54 21.39
CA ASN N 154 14.30 -61.45 21.47
C ASN N 154 14.02 -61.92 22.89
N GLY N 155 14.75 -61.36 23.84
CA GLY N 155 14.52 -61.64 25.25
C GLY N 155 15.09 -62.95 25.77
N THR N 156 16.26 -63.34 25.26
CA THR N 156 16.88 -64.60 25.63
C THR N 156 18.27 -64.39 26.22
N TYR N 157 18.50 -63.23 26.83
CA TYR N 157 19.83 -62.87 27.30
C TYR N 157 20.28 -63.70 28.51
N ASP N 158 21.37 -64.43 28.36
CA ASP N 158 21.94 -65.18 29.46
C ASP N 158 22.82 -64.27 30.31
N TYR N 159 22.25 -63.75 31.40
CA TYR N 159 23.01 -63.04 32.41
C TYR N 159 24.22 -63.87 32.86
N PRO N 160 23.99 -65.07 33.43
CA PRO N 160 25.12 -65.74 34.10
C PRO N 160 26.32 -65.96 33.18
N LYS N 161 26.07 -66.05 31.87
CA LYS N 161 27.11 -66.33 30.89
C LYS N 161 28.17 -65.23 30.77
N TYR N 162 27.72 -63.98 30.85
CA TYR N 162 28.63 -62.85 30.75
C TYR N 162 28.83 -62.19 32.13
N GLU N 163 28.18 -62.75 33.16
CA GLU N 163 28.15 -62.22 34.53
C GLU N 163 29.51 -61.88 35.14
N GLU N 164 30.36 -62.90 35.26
CA GLU N 164 31.67 -62.75 35.86
C GLU N 164 32.61 -61.92 34.98
N GLU N 165 32.45 -61.98 33.65
CA GLU N 165 33.31 -61.19 32.77
C GLU N 165 33.04 -59.70 32.95
N SER N 166 31.75 -59.35 32.96
CA SER N 166 31.31 -57.99 33.18
C SER N 166 31.69 -57.57 34.59
N LYS N 167 31.68 -58.52 35.51
CA LYS N 167 32.07 -58.27 36.91
C LYS N 167 33.54 -57.86 36.96
N LEU N 168 34.38 -58.69 36.37
CA LEU N 168 35.81 -58.42 36.41
C LEU N 168 36.17 -57.14 35.65
N ASN N 169 35.30 -56.73 34.73
CA ASN N 169 35.50 -55.47 34.03
C ASN N 169 34.94 -54.29 34.82
N ARG N 170 34.01 -54.59 35.73
CA ARG N 170 33.31 -53.56 36.53
C ARG N 170 34.14 -53.08 37.72
N ASN N 171 34.50 -54.00 38.60
CA ASN N 171 35.39 -53.66 39.72
C ASN N 171 36.83 -53.56 39.25
N GLU N 172 37.19 -52.42 38.63
CA GLU N 172 38.52 -52.23 38.08
C GLU N 172 38.85 -50.75 37.85
N PRO O 1 19.92 -70.29 48.25
CA PRO O 1 20.58 -69.14 48.86
C PRO O 1 19.72 -68.44 49.92
N GLY O 2 19.20 -67.27 49.54
CA GLY O 2 18.67 -66.31 50.49
C GLY O 2 17.17 -66.21 50.55
N ASP O 3 16.67 -65.58 51.61
CA ASP O 3 15.22 -65.39 51.78
C ASP O 3 14.69 -64.49 50.64
N GLN O 4 13.38 -64.33 50.55
CA GLN O 4 12.82 -63.77 49.33
C GLN O 4 11.43 -63.23 49.56
N ILE O 5 11.14 -62.08 48.96
CA ILE O 5 9.79 -61.51 48.97
C ILE O 5 9.36 -61.22 47.55
N CYS O 6 8.14 -61.60 47.22
CA CYS O 6 7.68 -61.39 45.87
C CYS O 6 6.40 -60.59 45.83
N ILE O 7 6.21 -59.87 44.73
CA ILE O 7 4.94 -59.19 44.48
C ILE O 7 4.23 -59.85 43.31
N GLY O 8 2.92 -60.00 43.43
CA GLY O 8 2.13 -60.62 42.39
C GLY O 8 0.68 -60.23 42.53
N TYR O 9 -0.15 -60.70 41.60
CA TYR O 9 -1.56 -60.33 41.63
C TYR O 9 -2.47 -61.52 41.47
N HIS O 10 -3.71 -61.27 41.09
CA HIS O 10 -4.75 -62.26 41.16
C HIS O 10 -5.01 -62.93 39.81
N ALA O 11 -5.18 -64.25 39.86
CA ALA O 11 -5.74 -64.99 38.75
C ALA O 11 -6.76 -65.91 39.36
N ASN O 12 -7.79 -66.27 38.61
CA ASN O 12 -8.74 -67.30 39.08
C ASN O 12 -9.31 -68.14 37.94
N ASN O 13 -10.36 -68.91 38.24
CA ASN O 13 -10.99 -69.77 37.24
C ASN O 13 -11.94 -69.01 36.32
N SER O 14 -12.00 -67.70 36.49
CA SER O 14 -13.02 -66.89 35.86
C SER O 14 -12.84 -66.76 34.36
N THR O 15 -13.96 -66.55 33.68
CA THR O 15 -13.99 -66.51 32.25
C THR O 15 -14.78 -65.34 31.68
N GLU O 16 -15.14 -64.38 32.52
CA GLU O 16 -15.81 -63.17 32.07
C GLU O 16 -14.97 -62.40 31.06
N LYS O 17 -15.58 -61.97 29.96
CA LYS O 17 -14.90 -61.19 28.93
C LYS O 17 -15.42 -59.77 28.86
N VAL O 18 -14.53 -58.82 28.60
CA VAL O 18 -14.94 -57.43 28.48
C VAL O 18 -14.18 -56.73 27.36
N ASP O 19 -14.78 -55.71 26.77
CA ASP O 19 -14.14 -55.03 25.66
C ASP O 19 -13.63 -53.66 26.08
N THR O 20 -12.62 -53.19 25.35
CA THR O 20 -12.09 -51.85 25.52
C THR O 20 -11.85 -51.31 24.13
N ILE O 21 -11.10 -50.21 24.05
CA ILE O 21 -10.84 -49.55 22.79
C ILE O 21 -9.63 -50.13 22.06
N LEU O 22 -8.66 -50.62 22.82
CA LEU O 22 -7.46 -51.17 22.19
C LEU O 22 -7.63 -52.66 21.90
N GLU O 23 -8.55 -53.30 22.62
CA GLU O 23 -8.58 -54.75 22.63
C GLU O 23 -9.94 -55.32 23.00
N ARG O 24 -10.33 -56.40 22.32
CA ARG O 24 -11.60 -57.06 22.62
C ARG O 24 -11.38 -58.48 23.19
N ASN O 25 -12.46 -59.07 23.70
CA ASN O 25 -12.43 -60.41 24.30
C ASN O 25 -11.41 -60.58 25.42
N VAL O 26 -11.31 -59.57 26.27
CA VAL O 26 -10.33 -59.59 27.36
C VAL O 26 -10.89 -60.27 28.61
N THR O 27 -10.41 -61.48 28.87
CA THR O 27 -10.78 -62.23 30.06
C THR O 27 -10.35 -61.46 31.30
N VAL O 28 -11.30 -61.06 32.13
CA VAL O 28 -10.97 -60.37 33.39
C VAL O 28 -11.33 -61.22 34.59
N THR O 29 -10.77 -60.88 35.75
CA THR O 29 -11.02 -61.68 36.95
C THR O 29 -12.43 -61.48 37.48
N HIS O 30 -12.95 -60.27 37.31
CA HIS O 30 -14.24 -59.90 37.89
C HIS O 30 -14.87 -58.85 37.00
N ALA O 31 -16.14 -59.00 36.66
CA ALA O 31 -16.84 -58.02 35.83
C ALA O 31 -18.19 -57.63 36.44
N LYS O 32 -18.94 -56.81 35.72
CA LYS O 32 -20.32 -56.50 36.10
C LYS O 32 -21.18 -56.26 34.84
N ASP O 33 -22.22 -57.06 34.69
CA ASP O 33 -23.17 -56.88 33.60
C ASP O 33 -24.13 -55.84 34.11
N ILE O 34 -24.18 -54.71 33.42
CA ILE O 34 -25.00 -53.59 33.86
C ILE O 34 -26.21 -53.41 32.95
N LEU O 35 -26.67 -54.50 32.34
CA LEU O 35 -27.72 -54.41 31.33
C LEU O 35 -28.75 -55.53 31.45
N GLU O 36 -29.97 -55.20 31.91
CA GLU O 36 -31.03 -56.20 32.01
C GLU O 36 -31.50 -56.59 30.62
N LYS O 37 -31.48 -57.90 30.33
CA LYS O 37 -31.93 -58.37 29.03
C LYS O 37 -33.21 -59.21 29.17
N THR O 38 -33.59 -59.48 30.43
CA THR O 38 -34.67 -60.39 30.74
C THR O 38 -35.92 -59.77 31.39
N HIS O 39 -37.06 -60.12 30.81
CA HIS O 39 -38.37 -59.90 31.41
C HIS O 39 -38.94 -61.24 31.88
N ASN O 40 -40.20 -61.28 32.30
CA ASN O 40 -40.87 -62.57 32.49
C ASN O 40 -41.63 -63.11 31.27
N GLY O 41 -42.64 -62.38 30.83
CA GLY O 41 -43.49 -62.81 29.73
C GLY O 41 -44.91 -62.43 30.12
N LYS O 42 -45.04 -61.97 31.37
CA LYS O 42 -46.32 -61.60 31.99
C LYS O 42 -46.60 -60.10 31.87
N LEU O 43 -47.86 -59.74 32.05
CA LEU O 43 -48.29 -58.34 32.08
C LEU O 43 -48.87 -58.01 33.46
N CYS O 44 -48.11 -57.34 34.29
CA CYS O 44 -48.44 -57.38 35.71
C CYS O 44 -49.00 -56.11 36.29
N LYS O 45 -49.19 -56.10 37.60
CA LYS O 45 -49.63 -54.90 38.33
C LYS O 45 -48.53 -53.84 38.31
N LEU O 46 -48.70 -52.74 39.05
CA LEU O 46 -47.71 -51.66 39.00
C LEU O 46 -47.84 -50.76 40.21
N ASN O 47 -46.92 -50.95 41.16
CA ASN O 47 -47.05 -50.37 42.50
C ASN O 47 -48.35 -50.87 43.13
N GLY O 48 -48.65 -52.15 42.89
CA GLY O 48 -49.78 -52.81 43.49
C GLY O 48 -51.05 -52.75 42.67
N ILE O 49 -51.21 -51.65 41.95
CA ILE O 49 -52.44 -51.33 41.24
C ILE O 49 -52.46 -51.87 39.81
N PRO O 50 -53.51 -52.64 39.46
CA PRO O 50 -53.71 -53.34 38.19
C PRO O 50 -53.95 -52.37 37.05
N PRO O 51 -53.72 -52.81 35.81
CA PRO O 51 -53.94 -51.92 34.68
C PRO O 51 -55.43 -51.62 34.47
N LEU O 52 -55.87 -51.60 33.23
CA LEU O 52 -57.28 -51.47 32.93
C LEU O 52 -57.55 -52.22 31.63
N GLU O 53 -57.85 -53.51 31.74
CA GLU O 53 -57.88 -54.36 30.55
C GLU O 53 -59.16 -54.17 29.72
N LEU O 54 -59.02 -53.56 28.56
CA LEU O 54 -60.19 -53.33 27.71
C LEU O 54 -60.65 -54.60 27.02
N GLY O 55 -59.75 -55.47 26.63
CA GLY O 55 -60.19 -56.67 25.96
C GLY O 55 -60.54 -56.30 24.54
N ASP O 56 -61.74 -56.64 24.08
CA ASP O 56 -62.03 -56.41 22.68
C ASP O 56 -62.48 -54.98 22.44
N CYS O 57 -62.56 -54.20 23.52
CA CYS O 57 -63.09 -52.83 23.48
C CYS O 57 -62.07 -51.76 23.05
N SER O 58 -62.56 -50.76 22.35
CA SER O 58 -61.75 -49.62 21.97
C SER O 58 -61.87 -48.59 23.09
N ILE O 59 -61.03 -47.54 23.09
CA ILE O 59 -61.09 -46.49 24.11
C ILE O 59 -62.43 -45.78 24.01
N ALA O 60 -62.84 -45.58 22.77
CA ALA O 60 -64.11 -44.96 22.42
C ALA O 60 -65.30 -45.78 22.93
N GLY O 61 -65.33 -47.04 22.53
CA GLY O 61 -66.38 -47.96 22.95
C GLY O 61 -66.53 -47.97 24.47
N TRP O 62 -65.40 -47.96 25.16
CA TRP O 62 -65.43 -47.81 26.60
C TRP O 62 -66.09 -46.50 27.00
N LEU O 63 -65.65 -45.41 26.38
CA LEU O 63 -66.06 -44.10 26.85
C LEU O 63 -67.49 -43.75 26.47
N LEU O 64 -67.91 -44.14 25.27
CA LEU O 64 -69.28 -43.92 24.80
C LEU O 64 -70.27 -44.90 25.44
N GLY O 65 -69.86 -46.16 25.58
CA GLY O 65 -70.72 -47.12 26.26
C GLY O 65 -71.28 -48.19 25.37
N ASN O 66 -70.49 -48.60 24.38
CA ASN O 66 -70.78 -49.79 23.59
C ASN O 66 -71.25 -50.88 24.55
N PRO O 67 -72.42 -51.46 24.25
CA PRO O 67 -73.10 -52.50 25.03
C PRO O 67 -72.25 -53.75 25.27
N GLU O 68 -71.35 -53.99 24.33
CA GLU O 68 -70.42 -55.07 24.51
C GLU O 68 -69.47 -54.79 25.69
N CYS O 69 -69.15 -53.51 25.88
CA CYS O 69 -68.20 -53.09 26.91
C CYS O 69 -68.90 -52.70 28.21
N ASP O 70 -69.99 -53.39 28.54
CA ASP O 70 -70.73 -53.12 29.78
C ASP O 70 -69.94 -53.47 31.04
N ARG O 71 -68.91 -54.31 30.89
CA ARG O 71 -68.03 -54.61 32.01
C ARG O 71 -67.39 -53.33 32.50
N LEU O 72 -67.16 -52.42 31.56
CA LEU O 72 -66.35 -51.24 31.83
C LEU O 72 -67.13 -50.03 32.35
N LEU O 73 -68.41 -50.22 32.66
CA LEU O 73 -69.26 -49.08 33.04
C LEU O 73 -68.82 -48.39 34.33
N SER O 74 -68.35 -49.17 35.29
CA SER O 74 -67.74 -48.63 36.50
C SER O 74 -66.41 -49.32 36.71
N VAL O 75 -65.34 -48.53 36.78
CA VAL O 75 -63.97 -49.05 36.89
C VAL O 75 -63.19 -48.42 38.03
N PRO O 76 -62.35 -49.22 38.69
CA PRO O 76 -61.49 -48.79 39.80
C PRO O 76 -60.32 -47.94 39.28
N GLU O 77 -59.42 -47.55 40.18
CA GLU O 77 -58.22 -46.82 39.78
C GLU O 77 -57.29 -47.75 39.01
N TRP O 78 -56.70 -47.29 37.92
CA TRP O 78 -55.75 -48.12 37.18
C TRP O 78 -54.30 -47.61 37.25
N SER O 79 -53.37 -48.38 36.70
CA SER O 79 -51.97 -47.99 36.65
C SER O 79 -51.66 -47.68 35.21
N TYR O 80 -52.14 -48.55 34.33
CA TYR O 80 -52.04 -48.28 32.91
C TYR O 80 -53.24 -48.82 32.15
N ILE O 81 -53.28 -48.63 30.83
CA ILE O 81 -54.41 -49.06 30.03
C ILE O 81 -53.94 -49.94 28.90
N MET O 82 -54.73 -50.96 28.59
CA MET O 82 -54.31 -51.93 27.58
C MET O 82 -55.28 -52.12 26.41
N GLU O 83 -55.04 -51.37 25.36
CA GLU O 83 -55.84 -51.45 24.17
C GLU O 83 -55.17 -52.43 23.25
N LYS O 84 -55.92 -53.01 22.33
CA LYS O 84 -55.31 -53.92 21.37
C LYS O 84 -54.87 -53.15 20.15
N GLU O 85 -54.60 -53.84 19.06
CA GLU O 85 -54.27 -53.10 17.86
C GLU O 85 -55.55 -52.68 17.16
N ASN O 86 -56.42 -53.65 16.87
CA ASN O 86 -57.69 -53.37 16.22
C ASN O 86 -58.87 -53.92 17.01
N PRO O 87 -59.26 -53.26 18.12
CA PRO O 87 -60.35 -53.74 18.96
C PRO O 87 -61.58 -54.03 18.12
N ARG O 88 -62.40 -54.99 18.54
CA ARG O 88 -63.60 -55.31 17.79
C ARG O 88 -64.66 -54.27 18.08
N ASP O 89 -64.76 -53.92 19.35
CA ASP O 89 -65.90 -53.18 19.88
C ASP O 89 -65.61 -51.73 20.10
N GLY O 90 -66.08 -50.90 19.19
CA GLY O 90 -65.97 -49.48 19.40
C GLY O 90 -67.22 -48.78 18.95
N LEU O 91 -67.07 -48.06 17.85
CA LEU O 91 -68.18 -47.35 17.27
C LEU O 91 -69.11 -48.35 16.55
N CYS O 92 -70.04 -48.96 17.29
CA CYS O 92 -71.01 -49.87 16.69
C CYS O 92 -71.88 -49.07 15.78
N TYR O 93 -72.55 -48.04 16.29
CA TYR O 93 -73.11 -47.10 15.36
C TYR O 93 -71.91 -46.42 14.77
N PRO O 94 -71.64 -46.71 13.49
CA PRO O 94 -70.41 -46.26 12.84
C PRO O 94 -70.27 -44.75 12.78
N GLY O 95 -69.09 -44.30 12.38
CA GLY O 95 -68.85 -42.89 12.28
C GLY O 95 -67.43 -42.49 12.61
N SER O 96 -67.31 -41.37 13.33
CA SER O 96 -66.04 -40.69 13.54
C SER O 96 -65.88 -40.32 15.00
N PHE O 97 -64.63 -40.26 15.45
CA PHE O 97 -64.35 -39.65 16.74
C PHE O 97 -63.27 -38.59 16.53
N ASN O 98 -63.59 -37.38 16.93
CA ASN O 98 -62.80 -36.20 16.58
C ASN O 98 -61.72 -35.86 17.57
N ASP O 99 -60.49 -35.76 17.09
CA ASP O 99 -59.33 -35.52 17.93
C ASP O 99 -59.23 -36.69 18.86
N TYR O 100 -59.23 -37.86 18.25
CA TYR O 100 -59.13 -39.09 18.99
C TYR O 100 -57.78 -39.12 19.71
N GLU O 101 -56.68 -38.88 18.99
CA GLU O 101 -55.36 -39.03 19.59
C GLU O 101 -55.08 -38.06 20.75
N GLU O 102 -55.48 -36.79 20.58
CA GLU O 102 -55.44 -35.88 21.73
C GLU O 102 -56.22 -36.43 22.94
N LEU O 103 -57.38 -37.03 22.70
CA LEU O 103 -58.12 -37.64 23.79
C LEU O 103 -57.31 -38.78 24.37
N LYS O 104 -56.67 -39.54 23.49
CA LYS O 104 -55.87 -40.66 23.95
C LYS O 104 -54.70 -40.17 24.81
N TYR O 105 -53.95 -39.22 24.27
CA TYR O 105 -52.84 -38.65 25.03
C TYR O 105 -53.28 -38.07 26.38
N LEU O 106 -54.48 -37.48 26.42
CA LEU O 106 -55.07 -37.02 27.67
C LEU O 106 -55.15 -38.17 28.66
N LEU O 107 -55.63 -39.30 28.19
CA LEU O 107 -55.82 -40.44 29.06
C LEU O 107 -54.48 -40.98 29.55
N SER O 108 -53.41 -40.69 28.81
CA SER O 108 -52.07 -41.08 29.24
C SER O 108 -51.60 -40.31 30.46
N SER O 109 -52.48 -39.45 30.98
CA SER O 109 -52.20 -38.70 32.20
C SER O 109 -53.33 -38.84 33.26
N VAL O 110 -54.24 -39.80 33.04
CA VAL O 110 -55.31 -40.05 34.01
C VAL O 110 -55.19 -41.48 34.55
N LYS O 111 -55.49 -41.66 35.83
CA LYS O 111 -55.37 -42.97 36.45
C LYS O 111 -56.74 -43.42 36.93
N HIS O 112 -57.66 -42.49 37.08
CA HIS O 112 -59.02 -42.85 37.50
C HIS O 112 -60.09 -41.83 37.11
N PHE O 113 -61.29 -42.34 36.85
CA PHE O 113 -62.42 -41.51 36.40
C PHE O 113 -63.59 -41.65 37.39
N GLU O 114 -64.48 -40.67 37.38
CA GLU O 114 -65.71 -40.76 38.15
C GLU O 114 -66.92 -40.40 37.27
N LYS O 115 -67.66 -41.40 36.79
CA LYS O 115 -68.78 -41.14 35.87
C LYS O 115 -69.91 -40.33 36.55
N VAL O 116 -70.18 -39.13 36.05
CA VAL O 116 -71.17 -38.27 36.66
C VAL O 116 -72.38 -37.99 35.74
N LYS O 117 -73.59 -38.24 36.29
CA LYS O 117 -74.83 -38.07 35.54
C LYS O 117 -75.20 -36.60 35.50
N ILE O 118 -74.82 -35.92 34.42
CA ILE O 118 -74.88 -34.46 34.36
C ILE O 118 -76.13 -33.90 33.64
N LEU O 119 -76.56 -34.64 32.61
CA LEU O 119 -77.80 -34.36 31.89
C LEU O 119 -78.62 -35.64 31.80
N PRO O 120 -79.32 -35.97 32.90
CA PRO O 120 -80.02 -37.25 33.13
C PRO O 120 -81.05 -37.49 32.05
N LYS O 121 -81.12 -38.71 31.54
CA LYS O 121 -81.91 -39.04 30.36
C LYS O 121 -83.34 -38.48 30.46
N ASP O 122 -83.89 -38.48 31.68
CA ASP O 122 -85.28 -38.11 31.92
C ASP O 122 -85.58 -36.63 32.17
N ARG O 123 -84.58 -35.79 31.94
CA ARG O 123 -84.81 -34.36 31.90
C ARG O 123 -85.60 -33.97 30.65
N TRP O 124 -85.37 -34.72 29.55
CA TRP O 124 -85.86 -34.41 28.20
C TRP O 124 -87.33 -34.74 27.99
N THR O 125 -88.19 -33.98 28.65
CA THR O 125 -89.63 -34.21 28.70
C THR O 125 -90.34 -33.92 27.39
N GLN O 126 -89.62 -33.41 26.39
CA GLN O 126 -90.27 -32.89 25.18
C GLN O 126 -89.82 -33.60 23.94
N HIS O 127 -88.94 -34.59 24.13
CA HIS O 127 -88.35 -35.34 23.05
C HIS O 127 -88.41 -36.83 23.32
N THR O 128 -88.01 -37.62 22.32
CA THR O 128 -87.98 -39.07 22.48
C THR O 128 -86.58 -39.51 22.87
N THR O 129 -86.41 -39.90 24.13
CA THR O 129 -85.09 -40.31 24.60
C THR O 129 -84.89 -41.81 24.53
N THR O 130 -85.89 -42.54 24.06
CA THR O 130 -85.77 -44.00 24.04
C THR O 130 -85.49 -44.57 22.66
N GLY O 131 -84.52 -44.01 21.95
CA GLY O 131 -84.11 -44.53 20.67
C GLY O 131 -83.44 -45.90 20.69
N GLY O 132 -82.57 -46.15 19.71
CA GLY O 132 -81.80 -47.37 19.65
C GLY O 132 -81.61 -47.89 18.23
N SER O 133 -80.54 -48.62 17.97
CA SER O 133 -80.39 -49.26 16.66
C SER O 133 -79.75 -50.64 16.69
N ARG O 134 -79.67 -51.27 15.53
CA ARG O 134 -79.40 -52.70 15.46
C ARG O 134 -77.96 -53.03 15.27
N ALA O 135 -77.12 -52.02 15.08
CA ALA O 135 -75.68 -52.26 15.09
C ALA O 135 -75.27 -52.43 16.56
N CYS O 136 -76.00 -51.73 17.42
CA CYS O 136 -75.78 -51.75 18.86
C CYS O 136 -76.59 -52.84 19.57
N ALA O 137 -76.72 -54.00 18.92
CA ALA O 137 -77.66 -55.05 19.30
C ALA O 137 -77.37 -55.83 20.60
N VAL O 138 -78.13 -55.56 21.65
CA VAL O 138 -78.07 -56.36 22.89
C VAL O 138 -79.12 -57.48 22.90
N SER O 139 -78.67 -58.71 22.65
CA SER O 139 -79.55 -59.89 22.61
C SER O 139 -80.54 -59.82 21.46
N GLY O 140 -80.08 -59.36 20.28
CA GLY O 140 -80.96 -59.20 19.14
C GLY O 140 -81.73 -57.89 19.18
N ASN O 141 -82.27 -57.56 20.35
CA ASN O 141 -82.97 -56.31 20.59
C ASN O 141 -82.05 -55.12 20.39
N PRO O 142 -82.36 -54.25 19.43
CA PRO O 142 -81.62 -53.01 19.27
C PRO O 142 -81.43 -52.25 20.59
N SER O 143 -80.23 -51.67 20.76
CA SER O 143 -79.92 -50.82 21.90
C SER O 143 -78.98 -49.72 21.42
N PHE O 144 -78.21 -49.14 22.33
CA PHE O 144 -77.39 -47.96 22.02
C PHE O 144 -76.28 -47.78 23.05
N PHE O 145 -75.33 -46.87 22.75
CA PHE O 145 -74.31 -46.45 23.71
C PHE O 145 -74.95 -46.15 25.07
N ARG O 146 -74.33 -46.60 26.15
CA ARG O 146 -74.97 -46.51 27.46
C ARG O 146 -74.86 -45.11 28.05
N ASN O 147 -73.86 -44.33 27.63
CA ASN O 147 -73.60 -43.02 28.23
C ASN O 147 -74.17 -41.88 27.39
N MET O 148 -74.76 -42.26 26.26
CA MET O 148 -75.29 -41.29 25.31
C MET O 148 -76.81 -41.38 25.21
N VAL O 149 -77.44 -40.26 24.86
CA VAL O 149 -78.88 -40.16 24.72
C VAL O 149 -79.20 -39.75 23.29
N TRP O 150 -80.01 -40.53 22.58
CA TRP O 150 -80.36 -40.18 21.20
C TRP O 150 -81.62 -39.32 21.17
N LEU O 151 -81.48 -38.01 21.09
CA LEU O 151 -82.66 -37.16 21.03
C LEU O 151 -83.39 -37.21 19.66
N THR O 152 -84.63 -37.71 19.68
CA THR O 152 -85.52 -37.75 18.51
C THR O 152 -86.84 -37.00 18.81
N LYS O 153 -87.74 -36.86 17.84
CA LYS O 153 -89.00 -36.12 18.03
C LYS O 153 -90.06 -36.89 18.82
N LYS O 154 -91.06 -36.17 19.34
CA LYS O 154 -92.12 -36.75 20.15
C LYS O 154 -93.51 -36.53 19.54
N GLY O 155 -93.78 -37.21 18.42
CA GLY O 155 -94.99 -37.05 17.67
C GLY O 155 -94.91 -35.71 16.99
N SER O 156 -94.52 -35.71 15.72
CA SER O 156 -94.47 -34.50 14.91
C SER O 156 -93.43 -33.48 15.36
N ASP O 157 -93.53 -32.97 16.59
CA ASP O 157 -92.62 -31.92 17.06
C ASP O 157 -91.27 -32.42 17.61
N TYR O 158 -90.18 -31.86 17.08
CA TYR O 158 -88.88 -31.85 17.74
C TYR O 158 -88.61 -30.41 18.09
N PRO O 159 -89.05 -29.99 19.28
CA PRO O 159 -88.83 -28.62 19.75
C PRO O 159 -87.38 -28.41 20.03
N VAL O 160 -86.97 -27.16 20.29
CA VAL O 160 -85.57 -26.88 20.51
C VAL O 160 -85.05 -27.58 21.76
N ALA O 161 -84.01 -28.39 21.55
CA ALA O 161 -83.37 -29.14 22.61
C ALA O 161 -82.33 -28.24 23.26
N LYS O 162 -82.36 -28.13 24.59
CA LYS O 162 -81.41 -27.27 25.32
C LYS O 162 -80.96 -27.92 26.62
N GLY O 163 -79.66 -27.97 26.86
CA GLY O 163 -79.11 -28.53 28.08
C GLY O 163 -77.91 -27.78 28.62
N SER O 164 -77.71 -27.85 29.94
CA SER O 164 -76.62 -27.11 30.56
C SER O 164 -76.05 -27.83 31.80
N TYR O 165 -74.73 -27.74 31.97
CA TYR O 165 -74.06 -28.21 33.19
C TYR O 165 -72.95 -27.28 33.67
N ASN O 166 -73.07 -26.84 34.92
CA ASN O 166 -72.04 -26.07 35.59
C ASN O 166 -71.15 -27.04 36.35
N ASN O 167 -69.87 -27.12 35.99
CA ASN O 167 -69.00 -28.18 36.51
C ASN O 167 -68.55 -28.02 37.95
N THR O 168 -69.37 -28.51 38.88
CA THR O 168 -69.09 -28.39 40.30
C THR O 168 -68.44 -29.64 40.87
N SER O 169 -67.95 -30.51 39.98
CA SER O 169 -67.49 -31.84 40.39
C SER O 169 -66.27 -31.87 41.28
N GLY O 170 -65.62 -30.73 41.46
CA GLY O 170 -64.35 -30.67 42.17
C GLY O 170 -63.14 -30.93 41.30
N GLU O 171 -63.37 -31.39 40.06
CA GLU O 171 -62.29 -31.56 39.09
C GLU O 171 -62.72 -31.31 37.63
N GLN O 172 -61.76 -31.23 36.73
CA GLN O 172 -62.06 -31.04 35.32
C GLN O 172 -62.75 -32.30 34.84
N MET O 173 -63.66 -32.13 33.88
CA MET O 173 -64.52 -33.23 33.41
C MET O 173 -64.50 -33.39 31.89
N LEU O 174 -64.31 -34.63 31.46
CA LEU O 174 -64.28 -34.99 30.05
C LEU O 174 -65.70 -35.25 29.58
N ILE O 175 -66.15 -34.54 28.55
CA ILE O 175 -67.54 -34.63 28.09
C ILE O 175 -67.63 -34.91 26.59
N ILE O 176 -68.28 -36.01 26.23
CA ILE O 176 -68.42 -36.32 24.82
C ILE O 176 -69.83 -35.97 24.30
N TRP O 177 -69.93 -35.66 23.02
CA TRP O 177 -71.22 -35.55 22.38
C TRP O 177 -71.07 -36.10 20.96
N GLY O 178 -72.14 -36.04 20.18
CA GLY O 178 -72.07 -36.43 18.79
C GLY O 178 -73.21 -35.84 18.00
N VAL O 179 -73.02 -35.64 16.68
CA VAL O 179 -74.17 -35.41 15.82
C VAL O 179 -74.39 -36.58 14.87
N HIS O 180 -75.63 -36.67 14.37
CA HIS O 180 -76.10 -37.80 13.58
C HIS O 180 -76.29 -37.48 12.11
N HIS O 181 -75.54 -38.15 11.24
CA HIS O 181 -75.67 -37.90 9.81
C HIS O 181 -76.50 -38.97 9.10
N PRO O 182 -77.78 -38.65 8.82
CA PRO O 182 -78.73 -39.63 8.31
C PRO O 182 -78.40 -40.02 6.89
N ASN O 183 -78.89 -41.18 6.45
CA ASN O 183 -78.74 -41.63 5.07
C ASN O 183 -79.62 -40.81 4.11
N ASP O 184 -80.93 -41.04 4.14
CA ASP O 184 -81.89 -40.35 3.27
C ASP O 184 -82.64 -39.23 4.01
N GLU O 185 -83.19 -38.30 3.24
CA GLU O 185 -83.93 -37.18 3.82
C GLU O 185 -85.10 -37.66 4.69
N THR O 186 -85.71 -38.78 4.30
CA THR O 186 -86.82 -39.36 5.05
C THR O 186 -86.42 -39.71 6.47
N GLU O 187 -85.21 -40.25 6.62
CA GLU O 187 -84.61 -40.50 7.94
C GLU O 187 -84.55 -39.21 8.77
N GLN O 188 -84.22 -38.10 8.11
CA GLN O 188 -84.10 -36.85 8.82
C GLN O 188 -85.47 -36.41 9.24
N ARG O 189 -86.41 -36.52 8.31
CA ARG O 189 -87.82 -36.20 8.55
C ARG O 189 -88.44 -37.03 9.69
N THR O 190 -88.34 -38.34 9.63
CA THR O 190 -89.00 -39.16 10.65
C THR O 190 -88.29 -39.15 11.97
N LEU O 191 -87.02 -38.77 12.00
CA LEU O 191 -86.33 -38.72 13.29
C LEU O 191 -86.52 -37.35 13.92
N TYR O 192 -86.27 -36.28 13.17
CA TYR O 192 -86.22 -34.95 13.78
C TYR O 192 -87.13 -33.93 13.10
N GLN O 193 -88.22 -34.39 12.48
CA GLN O 193 -89.23 -33.51 11.86
C GLN O 193 -88.71 -32.82 10.61
N ASN O 194 -87.93 -31.76 10.84
CA ASN O 194 -87.45 -30.87 9.79
C ASN O 194 -86.04 -31.16 9.30
N VAL O 195 -85.72 -30.62 8.12
CA VAL O 195 -84.36 -30.57 7.63
C VAL O 195 -83.77 -29.21 8.00
N GLY O 196 -82.48 -29.05 7.74
CA GLY O 196 -81.83 -27.81 8.09
C GLY O 196 -81.84 -27.66 9.59
N THR O 197 -81.12 -28.56 10.23
CA THR O 197 -81.00 -28.58 11.67
C THR O 197 -79.60 -28.15 12.05
N TYR O 198 -79.36 -28.06 13.36
CA TYR O 198 -78.05 -27.70 13.86
C TYR O 198 -77.81 -28.24 15.27
N VAL O 199 -76.53 -28.48 15.55
CA VAL O 199 -76.10 -28.87 16.88
C VAL O 199 -75.09 -27.84 17.32
N SER O 200 -75.35 -27.21 18.47
CA SER O 200 -74.44 -26.17 18.95
C SER O 200 -74.01 -26.44 20.40
N VAL O 201 -72.74 -26.82 20.53
CA VAL O 201 -72.10 -27.04 21.83
C VAL O 201 -71.30 -25.79 22.22
N GLY O 202 -71.23 -25.49 23.52
CA GLY O 202 -70.58 -24.28 23.96
C GLY O 202 -70.09 -24.26 25.39
N THR O 203 -68.83 -23.89 25.55
CA THR O 203 -68.25 -23.65 26.86
C THR O 203 -67.73 -22.23 26.82
N SER O 204 -66.73 -21.92 27.65
CA SER O 204 -66.09 -20.62 27.59
C SER O 204 -64.99 -20.61 26.52
N THR O 205 -64.24 -21.70 26.46
CA THR O 205 -63.17 -21.84 25.46
C THR O 205 -63.71 -22.33 24.12
N LEU O 206 -64.93 -22.87 24.11
CA LEU O 206 -65.44 -23.62 22.96
C LEU O 206 -66.70 -23.02 22.36
N ASN O 207 -66.70 -22.83 21.04
CA ASN O 207 -67.95 -22.59 20.34
C ASN O 207 -68.03 -23.29 19.00
N LYS O 208 -68.72 -24.44 18.99
CA LYS O 208 -68.88 -25.24 17.79
C LYS O 208 -70.36 -25.29 17.42
N ARG O 209 -70.63 -25.29 16.12
CA ARG O 209 -71.99 -25.21 15.63
C ARG O 209 -72.13 -26.02 14.35
N SER O 210 -72.28 -27.32 14.49
CA SER O 210 -72.33 -28.19 13.32
C SER O 210 -73.71 -28.24 12.65
N THR O 211 -73.70 -28.43 11.34
CA THR O 211 -74.88 -28.70 10.56
C THR O 211 -74.69 -30.07 9.91
N PRO O 212 -75.64 -31.00 10.15
CA PRO O 212 -75.54 -32.43 9.80
C PRO O 212 -75.60 -32.66 8.31
N GLU O 213 -75.16 -33.85 7.92
CA GLU O 213 -74.90 -34.17 6.53
C GLU O 213 -75.67 -35.39 6.06
N ILE O 214 -76.84 -35.15 5.46
CA ILE O 214 -77.61 -36.22 4.88
C ILE O 214 -77.00 -36.54 3.53
N ALA O 215 -76.67 -37.80 3.33
CA ALA O 215 -76.09 -38.27 2.08
C ALA O 215 -75.89 -39.76 2.17
N THR O 216 -76.04 -40.43 1.03
CA THR O 216 -76.04 -41.89 0.98
C THR O 216 -74.66 -42.46 1.10
N ARG O 217 -74.44 -43.39 2.00
CA ARG O 217 -73.08 -43.87 2.24
C ARG O 217 -72.96 -45.37 2.24
N PRO O 218 -71.75 -45.88 1.96
CA PRO O 218 -71.51 -47.32 1.95
C PRO O 218 -71.93 -47.99 3.26
N LYS O 219 -72.66 -49.09 3.16
CA LYS O 219 -73.19 -49.72 4.34
C LYS O 219 -72.05 -50.30 5.18
N VAL O 220 -71.74 -49.59 6.25
CA VAL O 220 -70.93 -50.12 7.32
C VAL O 220 -71.90 -50.56 8.37
N ASN O 221 -71.74 -51.80 8.85
CA ASN O 221 -72.56 -52.30 9.93
C ASN O 221 -74.06 -52.24 9.62
N GLY O 222 -74.39 -52.33 8.34
CA GLY O 222 -75.76 -52.17 7.88
C GLY O 222 -76.09 -50.72 7.55
N LEU O 223 -75.45 -49.77 8.24
CA LEU O 223 -75.84 -48.37 8.10
C LEU O 223 -75.08 -47.56 7.04
N GLY O 224 -75.79 -46.63 6.43
CA GLY O 224 -75.18 -45.64 5.55
C GLY O 224 -75.15 -44.31 6.27
N SER O 225 -75.77 -44.28 7.45
CA SER O 225 -75.73 -43.11 8.32
C SER O 225 -74.56 -43.22 9.28
N ARG O 226 -74.23 -42.12 9.96
CA ARG O 226 -73.09 -42.10 10.87
C ARG O 226 -73.33 -41.10 12.01
N MET O 227 -72.80 -41.42 13.18
CA MET O 227 -72.66 -40.42 14.24
C MET O 227 -71.20 -39.94 14.37
N GLU O 228 -70.99 -38.63 14.27
CA GLU O 228 -69.69 -37.98 14.42
C GLU O 228 -69.55 -37.38 15.82
N PHE O 229 -68.62 -37.93 16.60
CA PHE O 229 -68.43 -37.56 18.00
C PHE O 229 -67.29 -36.58 18.23
N SER O 230 -67.45 -35.72 19.23
CA SER O 230 -66.44 -34.75 19.54
C SER O 230 -66.44 -34.67 21.05
N TRP O 231 -65.35 -34.19 21.64
CA TRP O 231 -65.28 -34.10 23.10
C TRP O 231 -64.64 -32.81 23.54
N THR O 232 -64.66 -32.58 24.84
CA THR O 232 -64.02 -31.41 25.44
C THR O 232 -63.68 -31.63 26.92
N LEU O 233 -62.71 -30.85 27.41
CA LEU O 233 -62.47 -30.82 28.84
C LEU O 233 -63.20 -29.63 29.44
N LEU O 234 -64.11 -29.90 30.36
CA LEU O 234 -64.81 -28.79 30.97
C LEU O 234 -64.01 -28.35 32.17
N ASP O 235 -63.67 -27.07 32.20
CA ASP O 235 -62.92 -26.49 33.31
C ASP O 235 -63.81 -26.44 34.55
N MET O 236 -63.22 -26.57 35.73
CA MET O 236 -63.97 -26.42 36.98
C MET O 236 -64.76 -25.11 36.94
N TRP O 237 -66.00 -25.14 37.43
CA TRP O 237 -66.86 -23.96 37.54
C TRP O 237 -67.24 -23.36 36.19
N ASP O 238 -66.86 -24.04 35.11
CA ASP O 238 -67.27 -23.64 33.76
C ASP O 238 -68.62 -24.26 33.47
N THR O 239 -69.25 -23.82 32.39
CA THR O 239 -70.59 -24.27 32.05
C THR O 239 -70.70 -24.64 30.56
N ILE O 240 -71.14 -25.86 30.30
CA ILE O 240 -71.31 -26.36 28.94
C ILE O 240 -72.76 -26.22 28.54
N ASN O 241 -73.00 -25.97 27.25
CA ASN O 241 -74.33 -25.63 26.73
C ASN O 241 -74.65 -26.29 25.41
N PHE O 242 -75.57 -27.25 25.46
CA PHE O 242 -76.08 -27.84 24.25
C PHE O 242 -77.38 -27.21 23.83
N GLU O 243 -77.53 -27.06 22.53
CA GLU O 243 -78.78 -26.60 22.00
C GLU O 243 -78.90 -27.16 20.59
N SER O 244 -80.01 -27.83 20.31
CA SER O 244 -80.18 -28.36 18.97
C SER O 244 -81.63 -28.35 18.47
N THR O 245 -81.78 -28.27 17.15
CA THR O 245 -83.07 -28.42 16.49
C THR O 245 -83.14 -29.78 15.80
N GLY O 246 -82.18 -30.64 16.09
CA GLY O 246 -82.12 -31.95 15.47
C GLY O 246 -80.73 -32.60 15.49
N ASN O 247 -80.69 -33.93 15.44
CA ASN O 247 -79.46 -34.72 15.24
C ASN O 247 -78.43 -34.73 16.38
N LEU O 248 -78.79 -34.21 17.55
CA LEU O 248 -77.89 -34.20 18.66
C LEU O 248 -77.92 -35.51 19.39
N ILE O 249 -76.77 -36.18 19.45
CA ILE O 249 -76.55 -37.32 20.33
C ILE O 249 -75.90 -36.78 21.57
N ALA O 250 -76.67 -36.59 22.62
CA ALA O 250 -76.20 -35.80 23.73
C ALA O 250 -75.66 -36.72 24.79
N PRO O 251 -74.84 -36.17 25.70
CA PRO O 251 -74.38 -36.93 26.87
C PRO O 251 -75.47 -37.05 27.90
N GLU O 252 -75.39 -38.16 28.65
CA GLU O 252 -76.08 -38.26 29.92
C GLU O 252 -75.01 -38.02 30.98
N TYR O 253 -73.80 -38.49 30.70
CA TYR O 253 -72.71 -38.39 31.65
C TYR O 253 -71.49 -37.55 31.26
N GLY O 254 -70.82 -37.04 32.30
CA GLY O 254 -69.47 -36.54 32.20
C GLY O 254 -68.45 -37.43 32.93
N PHE O 255 -67.17 -37.31 32.59
CA PHE O 255 -66.13 -38.10 33.25
C PHE O 255 -65.16 -37.26 34.10
N LYS O 256 -65.48 -37.07 35.37
CA LYS O 256 -64.60 -36.38 36.30
C LYS O 256 -63.27 -37.10 36.41
N ILE O 257 -62.21 -36.30 36.49
CA ILE O 257 -60.88 -36.82 36.71
C ILE O 257 -60.65 -36.91 38.21
N SER O 258 -60.70 -38.12 38.76
CA SER O 258 -60.38 -38.33 40.17
C SER O 258 -58.87 -38.36 40.41
N LYS O 259 -58.22 -39.46 40.02
CA LYS O 259 -56.78 -39.62 40.23
C LYS O 259 -56.00 -39.23 38.99
N ARG O 260 -55.33 -38.07 39.05
CA ARG O 260 -54.40 -37.70 38.00
C ARG O 260 -52.97 -38.03 38.43
N GLY O 261 -52.33 -38.89 37.66
CA GLY O 261 -50.93 -39.20 37.84
C GLY O 261 -50.52 -39.68 36.48
N SER O 262 -49.26 -40.00 36.26
CA SER O 262 -48.85 -40.48 34.95
C SER O 262 -49.20 -41.96 34.79
N SER O 263 -49.90 -42.27 33.71
CA SER O 263 -50.21 -43.65 33.34
C SER O 263 -49.67 -43.87 31.94
N GLY O 264 -50.37 -44.66 31.14
CA GLY O 264 -49.94 -44.91 29.79
C GLY O 264 -50.88 -45.84 29.07
N ILE O 265 -50.72 -45.94 27.76
CA ILE O 265 -51.55 -46.84 26.99
C ILE O 265 -50.69 -47.88 26.30
N MET O 266 -50.82 -49.12 26.72
CA MET O 266 -50.05 -50.17 26.10
C MET O 266 -50.79 -50.78 24.92
N LYS O 267 -50.08 -51.08 23.83
CA LYS O 267 -50.69 -51.77 22.69
C LYS O 267 -50.34 -53.26 22.73
N THR O 268 -51.02 -54.00 23.59
CA THR O 268 -50.84 -55.45 23.67
C THR O 268 -52.04 -56.17 23.06
N GLU O 269 -51.90 -57.45 22.76
CA GLU O 269 -53.06 -58.22 22.33
C GLU O 269 -53.32 -59.36 23.32
N GLY O 270 -52.82 -59.18 24.54
CA GLY O 270 -52.85 -60.20 25.57
C GLY O 270 -53.52 -59.77 26.87
N THR O 271 -53.31 -60.59 27.91
CA THR O 271 -54.12 -60.56 29.11
C THR O 271 -53.29 -60.52 30.40
N LEU O 272 -53.82 -59.90 31.45
CA LEU O 272 -53.04 -59.68 32.67
C LEU O 272 -53.04 -60.85 33.63
N GLU O 273 -51.90 -61.07 34.30
CA GLU O 273 -51.71 -62.22 35.20
C GLU O 273 -51.54 -61.82 36.68
N ASN O 274 -51.36 -62.82 37.54
CA ASN O 274 -51.09 -62.51 38.94
C ASN O 274 -49.59 -62.35 39.16
N CYS O 275 -49.19 -61.13 39.48
CA CYS O 275 -47.83 -60.68 39.24
C CYS O 275 -47.76 -59.20 39.55
N GLU O 276 -46.58 -58.70 39.88
CA GLU O 276 -46.42 -57.32 40.33
C GLU O 276 -45.02 -56.82 40.04
N THR O 277 -44.92 -55.66 39.41
CA THR O 277 -43.63 -55.04 39.07
C THR O 277 -43.66 -53.52 39.23
N LYS O 278 -42.50 -52.88 39.03
CA LYS O 278 -42.41 -51.43 39.11
C LYS O 278 -42.02 -50.93 37.73
N CYS O 279 -41.78 -51.87 36.82
CA CYS O 279 -41.47 -51.54 35.43
C CYS O 279 -42.11 -52.57 34.49
N GLN O 280 -42.86 -52.09 33.50
CA GLN O 280 -43.62 -52.98 32.64
C GLN O 280 -43.51 -52.65 31.16
N THR O 281 -43.19 -53.66 30.36
CA THR O 281 -43.16 -53.54 28.91
C THR O 281 -44.30 -54.31 28.26
N PRO O 282 -44.54 -54.05 26.96
CA PRO O 282 -45.38 -54.93 26.15
C PRO O 282 -44.91 -56.39 26.15
N LEU O 283 -43.60 -56.63 26.14
CA LEU O 283 -43.09 -58.01 26.08
C LEU O 283 -43.05 -58.69 27.46
N GLY O 284 -43.29 -57.94 28.54
CA GLY O 284 -43.21 -58.53 29.86
C GLY O 284 -42.89 -57.54 30.97
N ALA O 285 -42.16 -57.99 31.97
CA ALA O 285 -41.90 -57.13 33.12
C ALA O 285 -40.46 -57.24 33.62
N ILE O 286 -40.01 -56.25 34.37
CA ILE O 286 -38.62 -56.18 34.73
C ILE O 286 -38.36 -56.01 36.23
N ASN O 287 -37.75 -57.03 36.78
CA ASN O 287 -37.17 -56.97 38.10
C ASN O 287 -35.67 -56.87 37.90
N THR O 288 -35.12 -55.69 38.10
CA THR O 288 -33.68 -55.51 38.01
C THR O 288 -33.23 -54.29 38.78
N THR O 289 -31.94 -54.25 39.08
CA THR O 289 -31.35 -53.10 39.72
C THR O 289 -30.28 -52.46 38.80
N LEU O 290 -30.06 -53.08 37.65
CA LEU O 290 -29.17 -52.52 36.64
C LEU O 290 -29.71 -51.21 36.09
N PRO O 291 -28.83 -50.32 35.62
CA PRO O 291 -29.26 -49.00 35.14
C PRO O 291 -29.50 -48.99 33.64
N PHE O 292 -29.64 -50.18 33.04
CA PHE O 292 -29.93 -50.29 31.61
C PHE O 292 -30.73 -51.54 31.28
N HIS O 293 -31.40 -51.47 30.14
CA HIS O 293 -32.10 -52.60 29.58
C HIS O 293 -32.19 -52.42 28.07
N ASN O 294 -32.57 -53.47 27.36
CA ASN O 294 -32.81 -53.39 25.93
C ASN O 294 -34.01 -54.22 25.50
N VAL O 295 -34.94 -54.44 26.44
CA VAL O 295 -36.12 -55.23 26.19
C VAL O 295 -36.98 -54.59 25.13
N HIS O 296 -37.55 -53.45 25.49
CA HIS O 296 -38.53 -52.78 24.67
C HIS O 296 -38.56 -51.32 25.12
N PRO O 297 -38.54 -50.41 24.15
CA PRO O 297 -38.58 -48.94 24.32
C PRO O 297 -39.82 -48.43 25.03
N LEU O 298 -40.90 -49.19 24.93
CA LEU O 298 -42.20 -48.69 25.33
C LEU O 298 -42.54 -49.09 26.75
N THR O 299 -41.85 -48.51 27.71
CA THR O 299 -42.00 -48.94 29.09
C THR O 299 -42.93 -48.02 29.91
N ILE O 300 -43.61 -48.59 30.89
CA ILE O 300 -44.32 -47.77 31.86
C ILE O 300 -43.85 -48.12 33.25
N GLY O 301 -43.44 -47.10 34.02
CA GLY O 301 -43.09 -47.27 35.43
C GLY O 301 -41.71 -46.75 35.79
N GLU O 302 -41.23 -47.15 36.98
CA GLU O 302 -39.86 -46.83 37.41
C GLU O 302 -38.90 -47.79 36.72
N CYS O 303 -38.33 -47.36 35.60
CA CYS O 303 -37.54 -48.26 34.76
C CYS O 303 -36.08 -47.81 34.52
N PRO O 304 -35.16 -48.79 34.37
CA PRO O 304 -33.83 -48.56 33.79
C PRO O 304 -33.94 -48.00 32.39
N ARG O 305 -32.80 -47.72 31.76
CA ARG O 305 -32.79 -46.83 30.61
C ARG O 305 -32.51 -47.57 29.33
N TYR O 306 -33.44 -47.46 28.40
CA TYR O 306 -33.40 -48.31 27.20
C TYR O 306 -32.29 -47.93 26.21
N VAL O 307 -31.43 -48.90 25.87
CA VAL O 307 -30.41 -48.72 24.82
C VAL O 307 -30.43 -49.80 23.76
N LYS O 308 -29.98 -49.47 22.56
CA LYS O 308 -29.84 -50.45 21.49
C LYS O 308 -28.65 -51.41 21.68
N SER O 309 -28.23 -51.71 22.91
CA SER O 309 -27.00 -52.49 23.10
C SER O 309 -27.18 -54.00 23.35
N GLU O 310 -26.47 -54.81 22.58
CA GLU O 310 -26.49 -56.26 22.77
C GLU O 310 -25.87 -56.64 24.11
N LYS O 311 -24.83 -55.92 24.50
CA LYS O 311 -24.13 -56.17 25.75
C LYS O 311 -23.57 -54.88 26.30
N LEU O 312 -23.44 -54.82 27.62
CA LEU O 312 -22.74 -53.73 28.25
C LEU O 312 -22.03 -54.27 29.49
N VAL O 313 -20.80 -54.74 29.33
CA VAL O 313 -20.08 -55.21 30.51
C VAL O 313 -18.95 -54.31 30.99
N LEU O 314 -19.06 -53.96 32.26
CA LEU O 314 -18.08 -53.16 32.99
C LEU O 314 -17.05 -54.08 33.63
N ALA O 315 -15.78 -53.74 33.52
CA ALA O 315 -14.78 -54.52 34.26
C ALA O 315 -14.70 -54.00 35.67
N THR O 316 -14.54 -54.89 36.65
CA THR O 316 -14.30 -54.41 38.02
C THR O 316 -12.94 -54.82 38.62
N GLY O 317 -12.53 -56.04 38.31
CA GLY O 317 -11.23 -56.53 38.70
C GLY O 317 -10.24 -56.48 37.55
N LEU O 318 -9.20 -57.30 37.61
CA LEU O 318 -8.07 -57.14 36.71
C LEU O 318 -7.95 -58.25 35.66
N ARG O 319 -6.98 -58.12 34.76
CA ARG O 319 -6.80 -59.12 33.71
C ARG O 319 -6.43 -60.46 34.32
N ASN O 320 -7.23 -61.47 34.00
CA ASN O 320 -6.97 -62.80 34.51
C ASN O 320 -5.84 -63.32 33.66
N VAL O 321 -4.64 -63.41 34.24
CA VAL O 321 -3.50 -63.94 33.50
C VAL O 321 -3.13 -65.31 34.05
N PRO O 322 -3.06 -66.31 33.15
CA PRO O 322 -2.72 -67.68 33.52
C PRO O 322 -1.30 -67.77 34.08
N GLN O 323 -1.06 -68.49 35.16
CA GLN O 323 0.30 -68.55 35.72
C GLN O 323 1.27 -69.49 34.97
N ILE O 324 2.55 -69.46 35.36
CA ILE O 324 3.64 -70.12 34.60
C ILE O 324 4.36 -71.29 35.27
N GLU O 325 5.38 -70.95 36.06
CA GLU O 325 6.46 -71.89 36.33
C GLU O 325 7.38 -71.43 37.46
N GLY P 1 0.95 -54.39 29.73
CA GLY P 1 -0.14 -53.48 30.01
C GLY P 1 0.27 -52.11 29.57
N LEU P 2 -0.07 -51.12 30.38
CA LEU P 2 0.33 -49.76 30.10
C LEU P 2 1.36 -49.39 31.15
N PHE P 3 1.26 -50.05 32.31
CA PHE P 3 2.21 -49.87 33.39
C PHE P 3 3.15 -51.07 33.53
N GLY P 4 3.09 -51.99 32.56
CA GLY P 4 4.09 -53.03 32.41
C GLY P 4 4.27 -54.12 33.46
N ALA P 5 3.44 -54.08 34.49
CA ALA P 5 3.53 -55.07 35.55
C ALA P 5 2.67 -56.27 35.24
N ILE P 6 1.36 -56.06 35.18
CA ILE P 6 0.43 -57.14 34.90
C ILE P 6 0.56 -57.61 33.46
N ALA P 7 0.60 -58.94 33.30
CA ALA P 7 0.95 -59.58 32.03
C ALA P 7 2.22 -58.95 31.48
N GLY P 8 3.15 -58.66 32.39
CA GLY P 8 4.38 -57.95 32.12
C GLY P 8 5.56 -58.63 32.77
N PHE P 9 6.29 -57.91 33.63
CA PHE P 9 7.45 -58.47 34.31
C PHE P 9 7.01 -59.42 35.38
N ILE P 10 5.76 -59.26 35.78
CA ILE P 10 5.09 -60.30 36.51
C ILE P 10 4.21 -61.00 35.50
N GLU P 11 4.66 -62.17 35.01
CA GLU P 11 4.05 -62.81 33.84
C GLU P 11 2.62 -63.29 34.04
N GLY P 12 2.29 -63.71 35.25
CA GLY P 12 0.97 -64.22 35.51
C GLY P 12 0.58 -64.11 36.96
N GLY P 13 -0.71 -64.23 37.24
CA GLY P 13 -1.23 -64.03 38.57
C GLY P 13 -1.11 -65.28 39.40
N TRP P 14 -1.43 -65.17 40.67
CA TRP P 14 -1.36 -66.31 41.56
C TRP P 14 -2.74 -66.74 41.88
N GLN P 15 -3.02 -68.00 41.60
CA GLN P 15 -4.25 -68.61 42.03
C GLN P 15 -4.22 -68.78 43.54
N GLY P 16 -3.04 -68.85 44.13
CA GLY P 16 -2.93 -68.99 45.57
C GLY P 16 -3.30 -67.69 46.30
N MET P 17 -3.33 -66.61 45.55
CA MET P 17 -3.68 -65.29 46.07
C MET P 17 -5.19 -65.15 46.05
N VAL P 18 -5.83 -65.33 47.21
CA VAL P 18 -7.29 -65.37 47.21
C VAL P 18 -7.96 -64.32 48.10
N ASP P 19 -7.32 -64.01 49.22
CA ASP P 19 -7.83 -63.09 50.21
C ASP P 19 -7.76 -61.64 49.75
N GLY P 20 -7.25 -61.38 48.54
CA GLY P 20 -7.10 -60.01 48.06
C GLY P 20 -6.78 -59.83 46.58
N TRP P 21 -6.65 -58.60 46.10
CA TRP P 21 -6.39 -58.38 44.66
C TRP P 21 -4.88 -58.47 44.31
N TYR P 22 -4.06 -57.76 45.08
CA TYR P 22 -2.60 -57.77 44.97
C TYR P 22 -2.01 -58.21 46.28
N GLY P 23 -0.72 -58.56 46.25
CA GLY P 23 -0.06 -58.90 47.49
C GLY P 23 1.28 -59.58 47.36
N TYR P 24 1.68 -60.24 48.43
CA TYR P 24 3.03 -60.78 48.50
C TYR P 24 3.07 -62.29 48.51
N HIS P 25 4.18 -62.83 48.02
CA HIS P 25 4.56 -64.18 48.38
C HIS P 25 5.96 -64.16 48.97
N HIS P 26 6.08 -64.58 50.22
CA HIS P 26 7.38 -64.61 50.89
C HIS P 26 7.89 -66.03 51.09
N SER P 27 9.19 -66.18 51.13
CA SER P 27 9.77 -67.44 51.48
C SER P 27 11.07 -67.18 52.20
N ASN P 28 11.07 -67.62 53.44
CA ASN P 28 12.20 -67.48 54.34
C ASN P 28 12.24 -68.68 55.23
N ASP P 29 13.10 -68.63 56.24
CA ASP P 29 13.37 -69.77 57.10
C ASP P 29 12.20 -70.38 57.88
N GLN P 30 11.18 -69.58 58.19
CA GLN P 30 10.02 -70.15 58.88
C GLN P 30 9.08 -70.85 57.92
N GLY P 31 8.36 -70.07 57.15
CA GLY P 31 7.45 -70.61 56.17
C GLY P 31 7.60 -70.18 54.74
N SER P 32 6.44 -70.01 54.14
CA SER P 32 6.33 -69.69 52.75
C SER P 32 4.86 -69.57 52.55
N GLY P 33 4.44 -68.45 51.97
CA GLY P 33 3.04 -68.12 51.97
C GLY P 33 2.67 -67.00 51.04
N TYR P 34 1.40 -66.96 50.70
CA TYR P 34 0.86 -65.88 49.94
C TYR P 34 0.18 -65.00 50.96
N ALA P 35 0.17 -63.70 50.71
CA ALA P 35 -0.61 -62.81 51.53
C ALA P 35 -0.93 -61.54 50.75
N ALA P 36 -2.14 -61.03 50.94
CA ALA P 36 -2.57 -59.86 50.18
C ALA P 36 -2.32 -58.59 50.98
N ASP P 37 -2.13 -57.49 50.26
CA ASP P 37 -1.78 -56.24 50.88
C ASP P 37 -3.09 -55.54 51.22
N LYS P 38 -3.31 -55.16 52.49
CA LYS P 38 -4.57 -54.49 52.85
C LYS P 38 -4.76 -53.21 52.05
N GLU P 39 -3.89 -52.24 52.33
CA GLU P 39 -4.02 -50.87 51.83
C GLU P 39 -4.37 -50.79 50.34
N SER P 40 -3.57 -51.43 49.50
CA SER P 40 -3.72 -51.29 48.05
C SER P 40 -5.02 -51.90 47.53
N THR P 41 -5.51 -52.92 48.23
CA THR P 41 -6.73 -53.58 47.83
C THR P 41 -7.91 -52.73 48.30
N GLN P 42 -7.89 -52.33 49.58
CA GLN P 42 -8.88 -51.37 50.05
C GLN P 42 -8.94 -50.14 49.13
N LYS P 43 -7.81 -49.48 48.95
CA LYS P 43 -7.74 -48.35 48.03
C LYS P 43 -8.36 -48.61 46.63
N ALA P 44 -8.09 -49.76 46.02
CA ALA P 44 -8.62 -50.02 44.68
C ALA P 44 -10.09 -50.45 44.72
N PHE P 45 -10.50 -51.00 45.86
CA PHE P 45 -11.88 -51.40 46.01
C PHE P 45 -12.74 -50.14 46.05
N ASP P 46 -12.47 -49.26 47.01
CA ASP P 46 -13.16 -47.98 47.10
C ASP P 46 -13.16 -47.25 45.77
N GLY P 47 -12.03 -47.34 45.07
CA GLY P 47 -11.91 -46.74 43.76
C GLY P 47 -12.98 -47.31 42.87
N ILE P 48 -12.86 -48.58 42.51
CA ILE P 48 -13.78 -49.26 41.60
C ILE P 48 -15.28 -49.10 41.92
N THR P 49 -15.66 -49.26 43.19
CA THR P 49 -17.04 -49.03 43.60
C THR P 49 -17.50 -47.62 43.27
N ASN P 50 -16.67 -46.65 43.65
CA ASN P 50 -16.93 -45.26 43.30
C ASN P 50 -17.08 -45.08 41.81
N LYS P 51 -16.42 -45.93 41.03
CA LYS P 51 -16.50 -45.87 39.57
C LYS P 51 -17.81 -46.42 39.03
N VAL P 52 -18.29 -47.50 39.64
CA VAL P 52 -19.51 -48.13 39.15
C VAL P 52 -20.73 -47.33 39.61
N ASN P 53 -20.68 -46.87 40.86
CA ASN P 53 -21.73 -45.98 41.35
C ASN P 53 -21.83 -44.76 40.46
N SER P 54 -20.67 -44.30 40.02
CA SER P 54 -20.59 -43.12 39.21
C SER P 54 -21.08 -43.36 37.77
N VAL P 55 -21.36 -44.61 37.43
CA VAL P 55 -21.90 -44.95 36.11
C VAL P 55 -23.40 -45.13 36.25
N ILE P 56 -23.79 -45.84 37.30
CA ILE P 56 -25.19 -46.05 37.61
C ILE P 56 -25.94 -44.80 38.11
N GLU P 57 -25.23 -43.70 38.33
CA GLU P 57 -25.87 -42.46 38.78
C GLU P 57 -25.99 -41.46 37.63
N LYS P 58 -25.20 -41.69 36.59
CA LYS P 58 -25.00 -40.74 35.51
C LYS P 58 -26.05 -40.86 34.39
N MET P 59 -26.75 -41.99 34.38
CA MET P 59 -27.89 -42.19 33.46
C MET P 59 -29.12 -42.63 34.26
N ASN P 60 -29.72 -41.67 34.96
CA ASN P 60 -30.82 -41.96 35.87
C ASN P 60 -32.02 -41.05 35.69
N VAL P 66 -43.50 -41.65 27.22
CA VAL P 66 -44.84 -41.57 26.66
C VAL P 66 -44.86 -41.99 25.21
N GLY P 67 -45.90 -42.72 24.83
CA GLY P 67 -46.19 -42.95 23.44
C GLY P 67 -47.20 -41.91 23.00
N LYS P 68 -47.28 -41.69 21.70
CA LYS P 68 -48.26 -40.77 21.11
C LYS P 68 -48.75 -41.36 19.82
N GLU P 69 -50.01 -41.09 19.48
CA GLU P 69 -50.55 -41.60 18.23
C GLU P 69 -50.78 -40.45 17.26
N PHE P 70 -50.69 -40.73 15.96
CA PHE P 70 -50.88 -39.68 14.96
C PHE P 70 -51.77 -40.15 13.82
N SER P 71 -52.35 -39.18 13.12
CA SER P 71 -53.31 -39.44 12.05
C SER P 71 -52.60 -39.79 10.73
N ASN P 72 -53.36 -39.88 9.64
CA ASN P 72 -52.77 -40.08 8.33
C ASN P 72 -52.47 -38.75 7.70
N LEU P 73 -52.80 -37.68 8.40
CA LEU P 73 -52.49 -36.37 7.87
C LEU P 73 -51.57 -35.59 8.82
N GLU P 74 -51.06 -36.28 9.85
CA GLU P 74 -49.94 -35.75 10.62
C GLU P 74 -48.75 -36.68 10.43
N ARG P 75 -48.32 -36.89 9.19
CA ARG P 75 -47.23 -37.81 8.91
C ARG P 75 -45.88 -37.15 9.22
N ARG P 76 -45.81 -35.84 9.05
CA ARG P 76 -44.58 -35.13 9.36
C ARG P 76 -44.39 -35.05 10.87
N LEU P 77 -45.47 -34.83 11.59
CA LEU P 77 -45.41 -34.83 13.03
C LEU P 77 -44.97 -36.22 13.51
N GLU P 78 -45.61 -37.26 12.98
CA GLU P 78 -45.32 -38.65 13.34
C GLU P 78 -43.83 -38.92 13.21
N ASN P 79 -43.29 -38.64 12.03
CA ASN P 79 -41.86 -38.85 11.75
C ASN P 79 -40.97 -37.97 12.59
N LEU P 80 -41.46 -36.78 12.96
CA LEU P 80 -40.63 -35.89 13.74
C LEU P 80 -40.47 -36.48 15.14
N ASN P 81 -41.57 -36.93 15.72
CA ASN P 81 -41.53 -37.66 17.00
C ASN P 81 -40.58 -38.86 16.96
N LYS P 82 -40.74 -39.67 15.90
CA LYS P 82 -39.93 -40.87 15.72
C LYS P 82 -38.47 -40.47 15.76
N LYS P 83 -38.10 -39.52 14.88
CA LYS P 83 -36.71 -39.12 14.70
C LYS P 83 -36.13 -38.59 16.00
N MET P 84 -36.95 -37.88 16.76
CA MET P 84 -36.54 -37.36 18.05
C MET P 84 -36.20 -38.46 19.05
N GLU P 85 -37.08 -39.44 19.15
CA GLU P 85 -36.86 -40.48 20.13
C GLU P 85 -35.76 -41.42 19.69
N ASP P 86 -35.83 -41.92 18.46
CA ASP P 86 -34.73 -42.72 17.94
C ASP P 86 -33.40 -41.97 18.08
N GLY P 87 -33.45 -40.68 17.79
CA GLY P 87 -32.28 -39.82 17.93
C GLY P 87 -31.64 -39.82 19.31
N PHE P 88 -32.45 -39.60 20.34
CA PHE P 88 -31.96 -39.66 21.71
C PHE P 88 -31.53 -41.07 22.12
N LEU P 89 -32.22 -42.07 21.58
CA LEU P 89 -31.83 -43.44 21.82
C LEU P 89 -30.40 -43.65 21.34
N ASP P 90 -30.12 -43.29 20.09
CA ASP P 90 -28.80 -43.48 19.49
C ASP P 90 -27.71 -42.73 20.25
N VAL P 91 -28.02 -41.50 20.63
CA VAL P 91 -27.17 -40.73 21.51
C VAL P 91 -26.85 -41.54 22.79
N TRP P 92 -27.82 -41.68 23.70
CA TRP P 92 -27.60 -42.43 24.95
C TRP P 92 -27.00 -43.80 24.83
N THR P 93 -27.34 -44.51 23.78
CA THR P 93 -26.70 -45.78 23.51
C THR P 93 -25.21 -45.59 23.38
N TYR P 94 -24.82 -44.76 22.41
CA TYR P 94 -23.43 -44.39 22.18
C TYR P 94 -22.72 -44.01 23.49
N ASN P 95 -23.32 -43.06 24.21
CA ASN P 95 -22.81 -42.67 25.53
C ASN P 95 -22.57 -43.83 26.49
N ALA P 96 -23.51 -44.76 26.52
CA ALA P 96 -23.35 -45.90 27.41
C ALA P 96 -22.25 -46.80 26.91
N GLU P 97 -22.27 -47.15 25.63
CA GLU P 97 -21.25 -48.04 25.06
C GLU P 97 -19.84 -47.51 25.22
N LEU P 98 -19.64 -46.25 24.84
CA LEU P 98 -18.34 -45.61 25.01
C LEU P 98 -17.91 -45.63 26.48
N LEU P 99 -18.73 -45.05 27.35
CA LEU P 99 -18.41 -44.94 28.76
C LEU P 99 -17.91 -46.26 29.31
N VAL P 100 -18.56 -47.32 28.88
CA VAL P 100 -18.15 -48.64 29.35
C VAL P 100 -16.78 -48.96 28.79
N LEU P 101 -16.56 -48.70 27.49
CA LEU P 101 -15.31 -49.10 26.83
C LEU P 101 -14.10 -48.37 27.40
N MET P 102 -14.27 -47.07 27.59
CA MET P 102 -13.27 -46.26 28.28
C MET P 102 -13.02 -46.76 29.70
N GLU P 103 -13.94 -46.45 30.61
CA GLU P 103 -13.80 -46.85 32.00
C GLU P 103 -13.31 -48.28 32.23
N ASN P 104 -13.47 -49.13 31.21
CA ASN P 104 -12.95 -50.49 31.20
C ASN P 104 -11.45 -50.51 31.04
N GLU P 105 -11.00 -49.80 30.01
CA GLU P 105 -9.58 -49.61 29.84
C GLU P 105 -9.02 -48.97 31.09
N ARG P 106 -9.54 -47.80 31.48
CA ARG P 106 -8.99 -47.09 32.62
C ARG P 106 -8.96 -47.95 33.90
N THR P 107 -9.85 -48.94 33.97
CA THR P 107 -9.83 -49.91 35.07
C THR P 107 -8.65 -50.88 35.02
N LEU P 108 -8.38 -51.40 33.83
CA LEU P 108 -7.29 -52.35 33.66
C LEU P 108 -5.96 -51.69 33.94
N ASP P 109 -5.75 -50.50 33.36
CA ASP P 109 -4.56 -49.70 33.65
C ASP P 109 -4.49 -49.29 35.13
N PHE P 110 -5.65 -49.07 35.73
CA PHE P 110 -5.69 -48.77 37.15
C PHE P 110 -5.10 -49.92 37.95
N HIS P 111 -5.52 -51.12 37.63
CA HIS P 111 -5.00 -52.28 38.31
C HIS P 111 -3.50 -52.44 38.05
N ASP P 112 -3.09 -52.22 36.80
CA ASP P 112 -1.67 -52.31 36.43
C ASP P 112 -0.83 -51.32 37.23
N SER P 113 -1.14 -50.02 37.10
CA SER P 113 -0.59 -49.00 37.99
C SER P 113 -0.59 -49.39 39.47
N ASN P 114 -1.65 -49.98 40.00
CA ASN P 114 -1.57 -50.34 41.41
C ASN P 114 -0.46 -51.34 41.71
N VAL P 115 -0.30 -52.32 40.83
CA VAL P 115 0.66 -53.40 41.04
C VAL P 115 2.09 -52.88 41.01
N LYS P 116 2.44 -52.22 39.91
CA LYS P 116 3.74 -51.61 39.77
C LYS P 116 4.05 -50.71 40.94
N ASN P 117 3.07 -49.90 41.36
CA ASN P 117 3.25 -49.00 42.50
C ASN P 117 3.58 -49.80 43.76
N LEU P 118 2.92 -50.92 43.94
CA LEU P 118 3.17 -51.75 45.11
C LEU P 118 4.59 -52.33 45.08
N TYR P 119 4.98 -52.84 43.92
CA TYR P 119 6.34 -53.33 43.73
C TYR P 119 7.38 -52.21 43.96
N ASP P 120 7.16 -51.08 43.30
CA ASP P 120 8.00 -49.90 43.47
C ASP P 120 8.13 -49.46 44.91
N LYS P 121 7.05 -49.59 45.69
CA LYS P 121 7.15 -49.29 47.12
C LYS P 121 8.16 -50.19 47.80
N VAL P 122 7.99 -51.48 47.58
CA VAL P 122 8.82 -52.46 48.25
C VAL P 122 10.24 -52.26 47.81
N ARG P 123 10.44 -52.23 46.49
CA ARG P 123 11.77 -52.08 45.91
C ARG P 123 12.48 -50.87 46.48
N MET P 124 11.87 -49.70 46.30
CA MET P 124 12.44 -48.46 46.81
C MET P 124 12.67 -48.45 48.32
N GLN P 125 11.98 -49.32 49.06
CA GLN P 125 12.18 -49.42 50.50
C GLN P 125 13.39 -50.30 50.87
N LEU P 126 13.55 -51.39 50.12
CA LEU P 126 14.53 -52.44 50.41
C LEU P 126 15.92 -52.06 49.93
N ARG P 127 15.97 -51.32 48.83
CA ARG P 127 17.23 -50.80 48.29
C ARG P 127 18.18 -51.87 47.79
N ASP P 128 19.46 -51.74 48.11
CA ASP P 128 20.46 -52.73 47.69
C ASP P 128 20.66 -53.79 48.80
N ASN P 129 19.69 -53.90 49.70
CA ASN P 129 19.70 -54.99 50.66
C ASN P 129 19.23 -56.31 50.05
N VAL P 130 18.67 -56.25 48.84
CA VAL P 130 18.17 -57.43 48.18
C VAL P 130 18.56 -57.37 46.71
N LYS P 131 18.13 -58.37 45.95
CA LYS P 131 18.50 -58.44 44.54
C LYS P 131 17.24 -58.42 43.68
N GLU P 132 17.10 -57.41 42.82
CA GLU P 132 16.00 -57.41 41.87
C GLU P 132 16.20 -58.52 40.86
N LEU P 133 15.33 -59.54 40.91
CA LEU P 133 15.39 -60.65 39.97
C LEU P 133 14.64 -60.33 38.66
N GLY P 134 13.81 -59.30 38.66
CA GLY P 134 13.14 -58.89 37.45
C GLY P 134 11.95 -59.76 37.09
N ASN P 135 11.36 -60.35 38.13
CA ASN P 135 10.18 -61.18 38.00
C ASN P 135 9.20 -60.72 39.07
N GLY P 136 9.51 -59.60 39.72
CA GLY P 136 8.69 -59.10 40.80
C GLY P 136 9.13 -59.65 42.14
N CYS P 137 10.17 -60.49 42.09
CA CYS P 137 10.76 -61.01 43.30
C CYS P 137 12.06 -60.31 43.64
N PHE P 138 12.37 -60.38 44.93
CA PHE P 138 13.57 -59.83 45.54
C PHE P 138 14.26 -60.90 46.36
N GLU P 139 15.52 -61.19 46.07
CA GLU P 139 16.32 -62.10 46.91
C GLU P 139 17.09 -61.31 47.96
N PHE P 140 16.77 -61.55 49.23
CA PHE P 140 17.42 -60.87 50.34
C PHE P 140 18.89 -61.27 50.53
N TYR P 141 19.77 -60.29 50.69
CA TYR P 141 21.17 -60.54 51.02
C TYR P 141 21.36 -60.81 52.48
N HIS P 142 20.35 -60.49 53.28
CA HIS P 142 20.37 -60.91 54.67
C HIS P 142 19.19 -61.84 55.01
N LYS P 143 18.99 -62.11 56.28
CA LYS P 143 18.01 -63.09 56.70
C LYS P 143 16.83 -62.33 57.23
N CYS P 144 15.65 -62.66 56.71
CA CYS P 144 14.44 -61.87 56.89
C CYS P 144 13.30 -62.68 57.48
N ASP P 145 13.19 -62.72 58.80
CA ASP P 145 12.22 -63.61 59.44
C ASP P 145 10.78 -63.18 59.26
N ASP P 146 9.85 -64.06 59.61
CA ASP P 146 8.42 -63.76 59.54
C ASP P 146 8.13 -62.57 60.42
N GLU P 147 8.53 -61.38 59.96
CA GLU P 147 8.80 -60.28 60.87
C GLU P 147 9.50 -59.11 60.19
N CYS P 148 10.80 -59.27 59.96
CA CYS P 148 11.46 -58.54 58.91
C CYS P 148 10.50 -58.46 57.74
N MET P 149 9.90 -59.60 57.38
CA MET P 149 8.86 -59.67 56.36
C MET P 149 7.67 -58.72 56.58
N ASN P 150 6.92 -58.94 57.68
CA ASN P 150 5.82 -58.05 58.05
C ASN P 150 6.24 -56.58 58.03
N SER P 151 7.44 -56.33 58.51
CA SER P 151 8.06 -55.01 58.41
C SER P 151 8.18 -54.49 56.98
N VAL P 152 8.14 -55.38 56.00
CA VAL P 152 8.16 -54.97 54.60
C VAL P 152 6.76 -54.65 54.14
N LYS P 153 5.85 -55.56 54.47
CA LYS P 153 4.48 -55.48 53.98
C LYS P 153 3.78 -54.22 54.47
N ASN P 154 4.22 -53.71 55.62
CA ASN P 154 3.61 -52.52 56.23
C ASN P 154 4.40 -51.22 56.16
N GLY P 155 5.39 -51.16 55.27
CA GLY P 155 6.18 -49.94 55.08
C GLY P 155 7.12 -49.52 56.22
N THR P 156 7.58 -50.46 57.04
CA THR P 156 8.46 -50.11 58.18
C THR P 156 9.82 -50.80 58.14
N TYR P 157 10.30 -51.10 56.94
CA TYR P 157 11.54 -51.87 56.81
C TYR P 157 12.80 -51.06 57.17
N ASP P 158 13.47 -51.42 58.27
CA ASP P 158 14.69 -50.75 58.69
C ASP P 158 15.85 -51.15 57.79
N TYR P 159 16.17 -50.29 56.82
CA TYR P 159 17.35 -50.54 55.97
C TYR P 159 18.68 -50.62 56.71
N PRO P 160 18.97 -49.68 57.66
CA PRO P 160 20.31 -49.75 58.26
C PRO P 160 20.48 -51.00 59.10
N LYS P 161 19.43 -51.38 59.84
CA LYS P 161 19.45 -52.56 60.71
C LYS P 161 20.12 -53.70 60.00
N TYR P 162 19.70 -53.96 58.76
CA TYR P 162 20.23 -55.08 57.99
C TYR P 162 21.29 -54.68 56.97
N GLU P 163 21.70 -53.41 57.02
CA GLU P 163 22.53 -52.85 55.95
C GLU P 163 23.91 -53.48 55.79
N GLU P 164 24.61 -53.65 56.90
CA GLU P 164 25.98 -54.17 56.88
C GLU P 164 26.02 -55.68 56.68
N GLU P 165 24.99 -56.37 57.20
CA GLU P 165 24.91 -57.81 57.06
C GLU P 165 24.80 -58.08 55.59
N SER P 166 23.82 -57.43 54.97
CA SER P 166 23.57 -57.52 53.54
C SER P 166 24.81 -57.18 52.74
N LYS P 167 25.53 -56.16 53.20
CA LYS P 167 26.77 -55.74 52.52
C LYS P 167 27.80 -56.87 52.49
N LEU P 168 28.04 -57.45 53.67
CA LEU P 168 29.12 -58.42 53.79
C LEU P 168 28.85 -59.62 52.92
N ASN P 169 27.56 -59.94 52.78
CA ASN P 169 27.14 -61.03 51.92
C ASN P 169 27.22 -60.66 50.46
N ARG P 170 26.93 -59.39 50.17
CA ARG P 170 26.94 -58.88 48.81
C ARG P 170 28.36 -58.89 48.22
N ASN P 171 29.27 -58.14 48.82
CA ASN P 171 30.65 -58.12 48.36
C ASN P 171 31.37 -59.41 48.72
N GLU P 172 31.14 -60.44 47.92
CA GLU P 172 31.64 -61.77 48.23
C GLU P 172 31.54 -62.70 47.03
N PRO Q 1 24.28 -37.01 56.58
CA PRO Q 1 25.69 -36.59 56.63
C PRO Q 1 26.16 -36.11 55.27
N GLY Q 2 25.87 -36.89 54.23
CA GLY Q 2 26.15 -36.49 52.87
C GLY Q 2 25.17 -35.43 52.39
N ASP Q 3 25.57 -34.67 51.39
CA ASP Q 3 24.69 -33.68 50.80
C ASP Q 3 23.53 -34.39 50.09
N GLN Q 4 22.38 -33.72 50.01
CA GLN Q 4 21.11 -34.38 49.75
C GLN Q 4 20.17 -33.50 48.90
N ILE Q 5 19.96 -33.87 47.63
CA ILE Q 5 18.93 -33.21 46.80
C ILE Q 5 17.59 -34.01 46.73
N CYS Q 6 16.49 -33.34 47.07
CA CYS Q 6 15.18 -34.00 47.11
C CYS Q 6 14.21 -33.48 46.04
N ILE Q 7 13.18 -34.26 45.69
CA ILE Q 7 12.14 -33.83 44.75
C ILE Q 7 10.79 -33.79 45.45
N GLY Q 8 9.97 -32.82 45.10
CA GLY Q 8 8.73 -32.60 45.82
C GLY Q 8 7.80 -31.66 45.10
N TYR Q 9 6.75 -31.24 45.81
CA TYR Q 9 5.69 -30.55 45.11
C TYR Q 9 4.91 -29.60 46.00
N HIS Q 10 4.25 -28.66 45.35
CA HIS Q 10 3.51 -27.62 46.07
C HIS Q 10 2.35 -28.18 46.91
N ALA Q 11 2.26 -27.72 48.14
CA ALA Q 11 1.03 -27.87 48.92
C ALA Q 11 0.74 -26.54 49.60
N ASN Q 12 -0.53 -26.18 49.71
CA ASN Q 12 -0.81 -24.91 50.35
C ASN Q 12 -1.91 -24.95 51.38
N ASN Q 13 -2.41 -23.76 51.67
CA ASN Q 13 -3.48 -23.58 52.62
C ASN Q 13 -4.81 -23.98 52.01
N SER Q 14 -4.82 -24.25 50.71
CA SER Q 14 -6.05 -24.49 49.95
C SER Q 14 -6.98 -25.56 50.54
N THR Q 15 -8.22 -25.50 50.07
CA THR Q 15 -9.29 -26.32 50.60
C THR Q 15 -10.31 -26.62 49.46
N GLU Q 16 -9.95 -26.25 48.24
CA GLU Q 16 -10.79 -26.53 47.07
C GLU Q 16 -10.97 -28.03 46.79
N LYS Q 17 -12.20 -28.51 46.95
CA LYS Q 17 -12.61 -29.89 46.71
C LYS Q 17 -13.14 -30.10 45.31
N VAL Q 18 -12.62 -31.11 44.62
CA VAL Q 18 -13.21 -31.59 43.37
C VAL Q 18 -13.53 -33.09 43.45
N ASP Q 19 -14.28 -33.58 42.47
CA ASP Q 19 -14.69 -34.99 42.40
C ASP Q 19 -14.14 -35.63 41.13
N THR Q 20 -13.83 -36.92 41.18
CA THR Q 20 -13.50 -37.67 39.97
C THR Q 20 -14.31 -38.96 39.99
N ILE Q 21 -14.00 -39.88 39.09
CA ILE Q 21 -14.68 -41.16 39.05
C ILE Q 21 -14.29 -41.97 40.29
N LEU Q 22 -13.01 -42.25 40.39
CA LEU Q 22 -12.49 -43.06 41.49
C LEU Q 22 -12.64 -42.43 42.88
N GLU Q 23 -12.78 -41.09 42.96
CA GLU Q 23 -12.82 -40.42 44.27
C GLU Q 23 -13.66 -39.13 44.30
N ARG Q 24 -14.22 -38.81 45.47
CA ARG Q 24 -14.97 -37.58 45.64
C ARG Q 24 -14.42 -36.84 46.86
N ASN Q 25 -14.68 -35.55 46.99
CA ASN Q 25 -14.15 -34.73 48.08
C ASN Q 25 -12.62 -34.77 48.11
N VAL Q 26 -11.99 -34.70 46.94
CA VAL Q 26 -10.52 -34.66 46.83
C VAL Q 26 -10.02 -33.22 46.93
N THR Q 27 -9.44 -32.85 48.09
CA THR Q 27 -8.86 -31.53 48.23
C THR Q 27 -7.74 -31.34 47.18
N VAL Q 28 -7.74 -30.20 46.51
CA VAL Q 28 -6.63 -29.90 45.59
C VAL Q 28 -5.95 -28.59 45.98
N THR Q 29 -4.89 -28.23 45.25
CA THR Q 29 -4.25 -26.94 45.46
C THR Q 29 -4.93 -25.85 44.61
N HIS Q 30 -5.32 -26.20 43.40
CA HIS Q 30 -5.87 -25.22 42.47
C HIS Q 30 -7.02 -25.76 41.63
N ALA Q 31 -8.16 -25.10 41.74
CA ALA Q 31 -9.39 -25.47 41.06
C ALA Q 31 -9.93 -24.31 40.22
N LYS Q 32 -11.11 -24.49 39.65
CA LYS Q 32 -11.75 -23.46 38.83
C LYS Q 32 -13.22 -23.78 38.66
N ASP Q 33 -14.08 -23.00 39.31
CA ASP Q 33 -15.51 -23.18 39.15
C ASP Q 33 -15.92 -22.75 37.74
N ILE Q 34 -16.56 -23.62 36.97
CA ILE Q 34 -16.94 -23.26 35.59
C ILE Q 34 -18.42 -23.00 35.41
N LEU Q 35 -19.14 -22.95 36.52
CA LEU Q 35 -20.60 -22.91 36.54
C LEU Q 35 -21.20 -21.70 37.29
N GLU Q 36 -21.71 -20.71 36.57
CA GLU Q 36 -22.30 -19.52 37.19
C GLU Q 36 -23.58 -19.88 37.91
N LYS Q 37 -23.71 -19.51 39.17
CA LYS Q 37 -24.93 -19.85 39.88
C LYS Q 37 -25.52 -18.60 40.46
N THR Q 38 -25.11 -17.46 39.89
CA THR Q 38 -25.54 -16.17 40.40
C THR Q 38 -26.06 -15.19 39.34
N HIS Q 39 -27.11 -14.48 39.72
CA HIS Q 39 -27.67 -13.38 38.95
C HIS Q 39 -27.64 -12.17 39.86
N ASN Q 40 -28.27 -11.09 39.44
CA ASN Q 40 -28.57 -10.00 40.35
C ASN Q 40 -29.97 -10.12 40.96
N GLY Q 41 -30.98 -9.85 40.14
CA GLY Q 41 -32.36 -9.84 40.60
C GLY Q 41 -33.11 -8.71 39.91
N LYS Q 42 -32.46 -8.19 38.87
CA LYS Q 42 -32.95 -7.09 38.05
C LYS Q 42 -33.31 -7.61 36.67
N LEU Q 43 -34.15 -6.87 35.98
CA LEU Q 43 -34.47 -7.16 34.59
C LEU Q 43 -33.95 -5.97 33.77
N CYS Q 44 -32.90 -6.19 32.99
CA CYS Q 44 -32.08 -5.09 32.47
C CYS Q 44 -32.14 -4.92 30.95
N LYS Q 45 -31.28 -4.08 30.39
CA LYS Q 45 -31.26 -3.88 28.94
C LYS Q 45 -30.46 -5.00 28.31
N LEU Q 46 -30.22 -4.92 27.02
CA LEU Q 46 -29.55 -6.01 26.32
C LEU Q 46 -28.85 -5.48 25.08
N ASN Q 47 -27.51 -5.46 25.11
CA ASN Q 47 -26.74 -4.75 24.09
C ASN Q 47 -27.23 -3.31 24.01
N GLY Q 48 -27.44 -2.70 25.18
CA GLY Q 48 -27.89 -1.33 25.28
C GLY Q 48 -29.39 -1.17 25.28
N ILE Q 49 -30.05 -1.90 24.39
CA ILE Q 49 -31.48 -1.71 24.11
C ILE Q 49 -32.37 -2.23 25.23
N PRO Q 50 -33.34 -1.42 25.69
CA PRO Q 50 -34.30 -1.85 26.71
C PRO Q 50 -35.31 -2.86 26.13
N PRO Q 51 -36.05 -3.55 27.01
CA PRO Q 51 -37.07 -4.52 26.57
C PRO Q 51 -38.26 -3.84 25.89
N LEU Q 52 -39.48 -4.26 26.26
CA LEU Q 52 -40.72 -3.70 25.78
C LEU Q 52 -41.80 -3.94 26.83
N GLU Q 53 -41.63 -3.35 28.01
CA GLU Q 53 -42.46 -3.64 29.19
C GLU Q 53 -43.95 -3.35 29.02
N LEU Q 54 -44.78 -4.40 28.92
CA LEU Q 54 -46.22 -4.24 28.65
C LEU Q 54 -47.00 -3.93 29.92
N GLY Q 55 -46.52 -4.44 31.05
CA GLY Q 55 -47.23 -4.24 32.29
C GLY Q 55 -48.54 -4.99 32.27
N ASP Q 56 -49.64 -4.30 32.59
CA ASP Q 56 -50.94 -4.96 32.65
C ASP Q 56 -51.57 -5.27 31.28
N CYS Q 57 -50.89 -4.84 30.22
CA CYS Q 57 -51.43 -5.10 28.88
C CYS Q 57 -51.00 -6.47 28.31
N SER Q 58 -51.78 -6.98 27.36
CA SER Q 58 -51.50 -8.23 26.67
C SER Q 58 -50.88 -7.94 25.30
N ILE Q 59 -50.35 -8.96 24.61
CA ILE Q 59 -49.85 -8.75 23.25
C ILE Q 59 -50.98 -8.33 22.34
N ALA Q 60 -52.15 -8.90 22.56
CA ALA Q 60 -53.34 -8.53 21.81
C ALA Q 60 -53.71 -7.08 22.11
N GLY Q 61 -54.04 -6.82 23.39
CA GLY Q 61 -54.40 -5.48 23.85
C GLY Q 61 -53.49 -4.39 23.30
N TRP Q 62 -52.19 -4.69 23.29
CA TRP Q 62 -51.23 -3.84 22.62
C TRP Q 62 -51.52 -3.77 21.10
N LEU Q 63 -51.42 -4.89 20.40
CA LEU Q 63 -51.52 -4.88 18.94
C LEU Q 63 -52.85 -4.33 18.35
N LEU Q 64 -53.95 -4.42 19.11
CA LEU Q 64 -55.24 -3.88 18.68
C LEU Q 64 -55.44 -2.46 19.20
N GLY Q 65 -54.94 -2.22 20.41
CA GLY Q 65 -55.03 -0.89 20.97
C GLY Q 65 -56.12 -0.77 21.99
N ASN Q 66 -56.18 -1.67 22.96
CA ASN Q 66 -57.06 -1.49 24.11
C ASN Q 66 -56.69 -0.12 24.72
N PRO Q 67 -57.68 0.69 25.09
CA PRO Q 67 -57.48 2.06 25.57
C PRO Q 67 -56.56 2.22 26.78
N GLU Q 68 -56.54 1.22 27.66
CA GLU Q 68 -55.63 1.22 28.80
C GLU Q 68 -54.17 1.09 28.36
N CYS Q 69 -54.01 0.49 27.20
CA CYS Q 69 -52.69 0.35 26.64
C CYS Q 69 -52.35 1.44 25.62
N ASP Q 70 -52.67 2.68 25.94
CA ASP Q 70 -52.41 3.76 24.98
C ASP Q 70 -50.93 4.08 24.93
N ARG Q 71 -50.26 3.90 26.07
CA ARG Q 71 -48.81 4.08 26.16
C ARG Q 71 -48.07 3.33 25.05
N LEU Q 72 -48.62 2.21 24.61
CA LEU Q 72 -47.95 1.40 23.60
C LEU Q 72 -48.31 1.74 22.14
N LEU Q 73 -48.92 2.90 21.91
CA LEU Q 73 -49.32 3.26 20.53
C LEU Q 73 -48.13 3.50 19.61
N SER Q 74 -47.09 4.12 20.15
CA SER Q 74 -45.83 4.26 19.42
C SER Q 74 -44.68 3.75 20.31
N VAL Q 75 -43.89 2.82 19.79
CA VAL Q 75 -42.84 2.19 20.59
C VAL Q 75 -41.48 2.10 19.93
N PRO Q 76 -40.43 2.33 20.72
CA PRO Q 76 -39.06 2.20 20.23
C PRO Q 76 -38.71 0.77 19.87
N GLU Q 77 -37.51 0.58 19.31
CA GLU Q 77 -36.94 -0.76 19.14
C GLU Q 77 -36.79 -1.39 20.54
N TRP Q 78 -36.99 -2.72 20.62
CA TRP Q 78 -36.86 -3.49 21.87
C TRP Q 78 -35.91 -4.68 21.71
N SER Q 79 -35.54 -5.29 22.82
CA SER Q 79 -34.62 -6.43 22.83
C SER Q 79 -35.35 -7.73 23.16
N TYR Q 80 -36.38 -7.61 24.00
CA TYR Q 80 -37.27 -8.70 24.34
C TYR Q 80 -38.56 -8.13 24.94
N ILE Q 81 -39.61 -8.92 25.02
CA ILE Q 81 -40.92 -8.43 25.45
C ILE Q 81 -41.27 -8.94 26.83
N MET Q 82 -41.89 -8.12 27.67
CA MET Q 82 -42.27 -8.58 29.01
C MET Q 82 -43.77 -8.64 29.24
N GLU Q 83 -44.35 -9.81 29.00
CA GLU Q 83 -45.76 -10.09 29.26
C GLU Q 83 -45.90 -10.64 30.67
N LYS Q 84 -47.10 -10.56 31.23
CA LYS Q 84 -47.37 -11.23 32.48
C LYS Q 84 -48.04 -12.57 32.21
N GLU Q 85 -48.28 -13.37 33.25
CA GLU Q 85 -48.96 -14.62 33.05
C GLU Q 85 -50.40 -14.28 32.65
N ASN Q 86 -51.06 -13.50 33.50
CA ASN Q 86 -52.44 -13.08 33.26
C ASN Q 86 -52.63 -11.57 33.18
N PRO Q 87 -52.34 -10.98 32.00
CA PRO Q 87 -52.56 -9.54 31.75
C PRO Q 87 -54.04 -9.13 31.93
N ARG Q 88 -54.29 -8.00 32.57
CA ARG Q 88 -55.66 -7.55 32.80
C ARG Q 88 -56.30 -6.95 31.53
N ASP Q 89 -55.48 -6.38 30.65
CA ASP Q 89 -56.00 -5.63 29.51
C ASP Q 89 -55.64 -6.27 28.17
N GLY Q 90 -56.57 -7.02 27.61
CA GLY Q 90 -56.40 -7.59 26.30
C GLY Q 90 -57.64 -7.25 25.53
N LEU Q 91 -58.40 -8.27 25.16
CA LEU Q 91 -59.71 -8.09 24.56
C LEU Q 91 -60.71 -7.59 25.61
N CYS Q 92 -60.93 -6.28 25.64
CA CYS Q 92 -61.93 -5.65 26.51
C CYS Q 92 -63.33 -5.94 26.02
N TYR Q 93 -63.54 -5.75 24.72
CA TYR Q 93 -64.68 -6.37 24.07
C TYR Q 93 -64.21 -7.81 23.97
N PRO Q 94 -65.00 -8.73 24.52
CA PRO Q 94 -64.61 -10.15 24.55
C PRO Q 94 -64.61 -10.81 23.20
N GLY Q 95 -64.04 -12.00 23.18
CA GLY Q 95 -63.98 -12.80 21.99
C GLY Q 95 -62.72 -13.64 21.98
N SER Q 96 -62.12 -13.71 20.80
CA SER Q 96 -61.09 -14.68 20.51
C SER Q 96 -59.96 -14.04 19.72
N PHE Q 97 -58.77 -14.62 19.80
CA PHE Q 97 -57.72 -14.26 18.86
C PHE Q 97 -57.21 -15.51 18.15
N ASN Q 98 -57.35 -15.55 16.83
CA ASN Q 98 -57.03 -16.76 16.09
C ASN Q 98 -55.56 -16.89 15.70
N ASP Q 99 -54.98 -18.06 16.01
CA ASP Q 99 -53.57 -18.32 15.82
C ASP Q 99 -52.73 -17.36 16.66
N TYR Q 100 -53.15 -17.19 17.90
CA TYR Q 100 -52.48 -16.29 18.82
C TYR Q 100 -51.03 -16.72 19.01
N GLU Q 101 -50.86 -18.01 19.16
CA GLU Q 101 -49.55 -18.51 19.53
C GLU Q 101 -48.59 -18.40 18.36
N GLU Q 102 -49.10 -18.57 17.15
CA GLU Q 102 -48.23 -18.47 15.99
C GLU Q 102 -47.86 -17.02 15.76
N LEU Q 103 -48.69 -16.12 16.29
CA LEU Q 103 -48.39 -14.70 16.24
C LEU Q 103 -47.33 -14.35 17.28
N LYS Q 104 -47.52 -14.83 18.50
CA LYS Q 104 -46.53 -14.62 19.53
C LYS Q 104 -45.16 -15.14 19.14
N TYR Q 105 -45.09 -16.30 18.51
CA TYR Q 105 -43.80 -16.83 18.11
C TYR Q 105 -43.20 -16.02 16.95
N LEU Q 106 -44.04 -15.33 16.18
CA LEU Q 106 -43.57 -14.45 15.12
C LEU Q 106 -42.82 -13.27 15.75
N LEU Q 107 -43.45 -12.71 16.76
CA LEU Q 107 -42.92 -11.58 17.52
C LEU Q 107 -41.66 -11.94 18.33
N SER Q 108 -41.35 -13.22 18.41
CA SER Q 108 -40.13 -13.63 19.07
C SER Q 108 -38.97 -13.48 18.11
N SER Q 109 -39.27 -13.06 16.88
CA SER Q 109 -38.25 -12.79 15.87
C SER Q 109 -38.43 -11.38 15.28
N VAL Q 110 -38.91 -10.45 16.10
CA VAL Q 110 -39.17 -9.09 15.64
C VAL Q 110 -38.80 -8.09 16.72
N LYS Q 111 -37.83 -7.22 16.41
CA LYS Q 111 -37.32 -6.24 17.36
C LYS Q 111 -38.04 -4.89 17.30
N HIS Q 112 -38.64 -4.55 16.14
CA HIS Q 112 -39.32 -3.25 15.99
C HIS Q 112 -40.43 -3.23 14.92
N PHE Q 113 -41.51 -2.48 15.25
CA PHE Q 113 -42.67 -2.24 14.38
C PHE Q 113 -42.85 -0.77 13.98
N GLU Q 114 -43.51 -0.57 12.85
CA GLU Q 114 -43.83 0.75 12.34
C GLU Q 114 -45.30 0.77 11.95
N LYS Q 115 -46.12 1.44 12.74
CA LYS Q 115 -47.56 1.47 12.50
C LYS Q 115 -47.91 2.30 11.25
N VAL Q 116 -48.51 1.65 10.26
CA VAL Q 116 -48.87 2.30 8.99
C VAL Q 116 -50.39 2.40 8.82
N LYS Q 117 -50.90 3.60 8.62
CA LYS Q 117 -52.33 3.81 8.34
C LYS Q 117 -52.61 3.38 6.91
N ILE Q 118 -53.23 2.23 6.75
CA ILE Q 118 -53.37 1.63 5.42
C ILE Q 118 -54.76 1.74 4.84
N LEU Q 119 -55.74 1.91 5.74
CA LEU Q 119 -57.13 2.11 5.36
C LEU Q 119 -57.71 3.09 6.35
N PRO Q 120 -57.38 4.37 6.19
CA PRO Q 120 -57.69 5.43 7.16
C PRO Q 120 -59.18 5.46 7.51
N LYS Q 121 -59.51 5.85 8.74
CA LYS Q 121 -60.87 5.81 9.27
C LYS Q 121 -61.83 6.48 8.30
N ASP Q 122 -61.41 7.61 7.77
CA ASP Q 122 -62.29 8.47 6.98
C ASP Q 122 -62.49 8.06 5.52
N ARG Q 123 -61.99 6.90 5.13
CA ARG Q 123 -62.16 6.46 3.76
C ARG Q 123 -63.56 5.89 3.56
N TRP Q 124 -64.22 5.52 4.65
CA TRP Q 124 -65.48 4.76 4.63
C TRP Q 124 -66.69 5.66 4.52
N THR Q 125 -66.85 6.32 3.39
CA THR Q 125 -67.85 7.37 3.23
C THR Q 125 -69.27 6.86 3.13
N GLN Q 126 -69.47 5.56 3.23
CA GLN Q 126 -70.82 5.06 3.22
C GLN Q 126 -71.14 4.23 4.46
N HIS Q 127 -70.34 4.41 5.51
CA HIS Q 127 -70.57 3.69 6.75
C HIS Q 127 -70.27 4.51 8.00
N THR Q 128 -70.77 4.05 9.14
CA THR Q 128 -70.55 4.70 10.42
C THR Q 128 -69.29 4.21 11.10
N THR Q 129 -68.21 4.97 10.93
CA THR Q 129 -66.94 4.59 11.51
C THR Q 129 -66.84 4.97 13.00
N THR Q 130 -67.80 5.74 13.48
CA THR Q 130 -67.77 6.20 14.85
C THR Q 130 -68.51 5.26 15.83
N GLY Q 131 -68.11 4.00 15.83
CA GLY Q 131 -68.64 3.03 16.78
C GLY Q 131 -68.06 3.16 18.18
N GLY Q 132 -68.20 2.10 19.00
CA GLY Q 132 -67.69 2.05 20.36
C GLY Q 132 -68.62 1.37 21.38
N SER Q 133 -68.05 0.72 22.39
CA SER Q 133 -68.86 0.19 23.50
C SER Q 133 -68.28 0.49 24.88
N ARG Q 134 -68.91 -0.10 25.91
CA ARG Q 134 -68.64 0.23 27.31
C ARG Q 134 -67.62 -0.67 28.02
N ALA Q 135 -67.21 -1.75 27.37
CA ALA Q 135 -66.22 -2.64 27.94
C ALA Q 135 -64.88 -2.00 27.69
N CYS Q 136 -64.86 -1.21 26.63
CA CYS Q 136 -63.71 -0.43 26.23
C CYS Q 136 -63.91 1.01 26.73
N ALA Q 137 -64.14 1.17 28.02
CA ALA Q 137 -64.53 2.48 28.56
C ALA Q 137 -63.39 3.43 28.95
N VAL Q 138 -63.27 4.52 28.19
CA VAL Q 138 -62.35 5.59 28.51
C VAL Q 138 -63.06 6.67 29.33
N SER Q 139 -62.71 6.75 30.61
CA SER Q 139 -63.21 7.79 31.50
C SER Q 139 -64.73 7.73 31.66
N GLY Q 140 -65.30 6.55 31.53
CA GLY Q 140 -66.75 6.39 31.60
C GLY Q 140 -67.36 6.36 30.23
N ASN Q 141 -66.84 7.21 29.34
CA ASN Q 141 -67.28 7.27 27.95
C ASN Q 141 -66.83 6.07 27.13
N PRO Q 142 -67.79 5.28 26.65
CA PRO Q 142 -67.49 4.17 25.75
C PRO Q 142 -66.45 4.51 24.69
N SER Q 143 -65.49 3.63 24.45
CA SER Q 143 -64.58 3.77 23.32
C SER Q 143 -64.32 2.41 22.70
N PHE Q 144 -63.09 2.17 22.23
CA PHE Q 144 -62.81 1.00 21.41
C PHE Q 144 -61.31 0.81 21.20
N PHE Q 145 -60.94 -0.20 20.42
CA PHE Q 145 -59.55 -0.43 20.07
C PHE Q 145 -59.11 0.64 19.10
N ARG Q 146 -57.98 1.26 19.42
CA ARG Q 146 -57.55 2.42 18.68
C ARG Q 146 -57.12 2.07 17.26
N ASN Q 147 -56.58 0.87 17.06
CA ASN Q 147 -56.17 0.51 15.72
C ASN Q 147 -57.24 -0.25 14.95
N MET Q 148 -58.41 -0.39 15.59
CA MET Q 148 -59.51 -1.10 14.96
C MET Q 148 -60.65 -0.16 14.55
N VAL Q 149 -61.33 -0.48 13.45
CA VAL Q 149 -62.45 0.36 13.03
C VAL Q 149 -63.78 -0.38 13.06
N TRP Q 150 -64.76 0.17 13.78
CA TRP Q 150 -66.07 -0.48 13.83
C TRP Q 150 -67.02 0.01 12.72
N LEU Q 151 -67.05 -0.73 11.61
CA LEU Q 151 -67.96 -0.47 10.48
C LEU Q 151 -69.42 -0.84 10.79
N THR Q 152 -70.25 0.19 11.03
CA THR Q 152 -71.70 0.04 11.21
C THR Q 152 -72.47 0.78 10.09
N LYS Q 153 -73.79 0.65 10.09
CA LYS Q 153 -74.62 1.20 9.02
C LYS Q 153 -74.82 2.71 9.05
N LYS Q 154 -75.15 3.29 7.90
CA LYS Q 154 -75.36 4.73 7.76
C LYS Q 154 -76.80 5.05 7.41
N GLY Q 155 -77.71 4.88 8.36
CA GLY Q 155 -79.11 5.08 8.10
C GLY Q 155 -79.62 4.00 7.17
N SER Q 156 -80.17 2.94 7.77
CA SER Q 156 -80.78 1.83 7.06
C SER Q 156 -79.75 1.05 6.28
N ASP Q 157 -79.12 1.71 5.32
CA ASP Q 157 -78.18 1.05 4.42
C ASP Q 157 -76.82 0.73 5.02
N TYR Q 158 -76.51 -0.55 5.13
CA TYR Q 158 -75.13 -0.99 5.17
C TYR Q 158 -74.84 -1.49 3.78
N PRO Q 159 -74.23 -0.62 2.96
CA PRO Q 159 -73.82 -0.98 1.60
C PRO Q 159 -72.54 -1.76 1.72
N VAL Q 160 -72.18 -2.47 0.66
CA VAL Q 160 -70.97 -3.30 0.65
C VAL Q 160 -69.69 -2.49 0.89
N ALA Q 161 -69.07 -2.73 2.05
CA ALA Q 161 -67.80 -2.13 2.43
C ALA Q 161 -66.67 -2.80 1.67
N LYS Q 162 -65.81 -2.00 1.03
CA LYS Q 162 -64.71 -2.54 0.24
C LYS Q 162 -63.36 -1.85 0.51
N GLY Q 163 -62.36 -2.65 0.90
CA GLY Q 163 -61.04 -2.14 1.22
C GLY Q 163 -59.93 -2.87 0.50
N SER Q 164 -58.80 -2.21 0.33
CA SER Q 164 -57.67 -2.77 -0.39
C SER Q 164 -56.37 -2.04 -0.02
N TYR Q 165 -55.27 -2.79 0.11
CA TYR Q 165 -53.97 -2.20 0.39
C TYR Q 165 -52.81 -2.97 -0.24
N ASN Q 166 -52.08 -2.31 -1.16
CA ASN Q 166 -50.89 -2.91 -1.79
C ASN Q 166 -49.63 -2.63 -0.98
N ASN Q 167 -48.95 -3.69 -0.55
CA ASN Q 167 -47.87 -3.54 0.40
C ASN Q 167 -46.58 -2.94 -0.16
N THR Q 168 -46.47 -1.63 -0.03
CA THR Q 168 -45.35 -0.88 -0.58
C THR Q 168 -44.52 -0.32 0.56
N SER Q 169 -44.69 -0.90 1.75
CA SER Q 169 -44.03 -0.38 2.95
C SER Q 169 -42.52 -0.58 2.96
N GLY Q 170 -42.05 -1.54 2.17
CA GLY Q 170 -40.63 -1.87 2.12
C GLY Q 170 -40.28 -3.15 2.89
N GLU Q 171 -41.22 -3.63 3.68
CA GLU Q 171 -41.03 -4.88 4.41
C GLU Q 171 -42.38 -5.58 4.56
N GLN Q 172 -42.37 -6.82 5.06
CA GLN Q 172 -43.63 -7.51 5.35
C GLN Q 172 -44.40 -6.74 6.42
N MET Q 173 -45.70 -6.96 6.46
CA MET Q 173 -46.57 -6.19 7.35
C MET Q 173 -47.54 -7.09 8.09
N LEU Q 174 -47.76 -6.79 9.35
CA LEU Q 174 -48.72 -7.53 10.15
C LEU Q 174 -50.06 -6.82 10.19
N ILE Q 175 -51.10 -7.52 9.73
CA ILE Q 175 -52.44 -6.96 9.64
C ILE Q 175 -53.43 -7.79 10.46
N ILE Q 176 -54.19 -7.12 11.32
CA ILE Q 176 -55.21 -7.79 12.12
C ILE Q 176 -56.61 -7.33 11.71
N TRP Q 177 -57.54 -8.26 11.51
CA TRP Q 177 -58.95 -7.88 11.40
C TRP Q 177 -59.83 -8.71 12.34
N GLY Q 178 -61.13 -8.51 12.28
CA GLY Q 178 -62.05 -9.20 13.16
C GLY Q 178 -63.48 -9.23 12.65
N VAL Q 179 -64.28 -10.20 13.15
CA VAL Q 179 -65.71 -10.21 12.87
C VAL Q 179 -66.51 -10.17 14.17
N HIS Q 180 -67.65 -9.48 14.09
CA HIS Q 180 -68.50 -9.23 15.25
C HIS Q 180 -69.63 -10.26 15.33
N HIS Q 181 -69.65 -10.99 16.43
CA HIS Q 181 -70.70 -11.97 16.69
C HIS Q 181 -71.64 -11.42 17.74
N PRO Q 182 -72.80 -10.92 17.29
CA PRO Q 182 -73.73 -10.17 18.13
C PRO Q 182 -74.57 -11.08 19.01
N ASN Q 183 -75.25 -10.52 20.00
CA ASN Q 183 -76.02 -11.33 20.93
C ASN Q 183 -77.36 -11.82 20.36
N ASP Q 184 -78.31 -10.89 20.20
CA ASP Q 184 -79.60 -11.26 19.62
C ASP Q 184 -79.66 -10.75 18.19
N GLU Q 185 -80.76 -11.03 17.50
CA GLU Q 185 -80.87 -10.68 16.09
C GLU Q 185 -81.09 -9.18 15.91
N THR Q 186 -81.69 -8.54 16.90
CA THR Q 186 -81.97 -7.10 16.80
C THR Q 186 -80.68 -6.26 16.79
N GLU Q 187 -79.62 -6.76 17.43
CA GLU Q 187 -78.30 -6.12 17.37
C GLU Q 187 -77.83 -6.07 15.93
N GLN Q 188 -77.77 -7.25 15.31
CA GLN Q 188 -77.36 -7.42 13.92
C GLN Q 188 -78.09 -6.46 13.00
N ARG Q 189 -79.40 -6.36 13.20
CA ARG Q 189 -80.25 -5.51 12.41
C ARG Q 189 -79.85 -4.05 12.60
N THR Q 190 -79.86 -3.58 13.85
CA THR Q 190 -79.60 -2.17 14.16
C THR Q 190 -78.15 -1.73 13.94
N LEU Q 191 -77.27 -2.70 13.71
CA LEU Q 191 -75.88 -2.40 13.39
C LEU Q 191 -75.63 -2.51 11.89
N TYR Q 192 -76.04 -3.63 11.31
CA TYR Q 192 -75.64 -3.96 9.95
C TYR Q 192 -76.79 -4.08 8.93
N GLN Q 193 -77.92 -3.46 9.25
CA GLN Q 193 -79.16 -3.58 8.46
C GLN Q 193 -79.70 -5.00 8.46
N ASN Q 194 -79.17 -5.81 7.54
CA ASN Q 194 -79.71 -7.15 7.30
C ASN Q 194 -78.95 -8.28 7.99
N VAL Q 195 -79.60 -9.44 8.04
CA VAL Q 195 -78.95 -10.66 8.51
C VAL Q 195 -78.39 -11.42 7.32
N GLY Q 196 -77.64 -12.49 7.58
CA GLY Q 196 -77.08 -13.30 6.53
C GLY Q 196 -76.00 -12.53 5.81
N THR Q 197 -75.03 -12.03 6.58
CA THR Q 197 -73.96 -11.20 6.08
C THR Q 197 -72.68 -11.99 6.02
N TYR Q 198 -71.63 -11.38 5.48
CA TYR Q 198 -70.35 -12.06 5.47
C TYR Q 198 -69.15 -11.12 5.71
N VAL Q 199 -68.00 -11.70 6.03
CA VAL Q 199 -66.75 -10.98 6.02
C VAL Q 199 -65.69 -11.78 5.27
N SER Q 200 -65.21 -11.20 4.19
CA SER Q 200 -64.29 -11.87 3.28
C SER Q 200 -62.95 -11.11 3.21
N VAL Q 201 -61.86 -11.78 3.59
CA VAL Q 201 -60.51 -11.23 3.42
C VAL Q 201 -59.70 -12.08 2.44
N GLY Q 202 -58.88 -11.45 1.61
CA GLY Q 202 -58.07 -12.18 0.64
C GLY Q 202 -56.70 -11.59 0.33
N THR Q 203 -55.66 -12.40 0.48
CA THR Q 203 -54.35 -12.07 -0.07
C THR Q 203 -54.14 -13.03 -1.24
N SER Q 204 -52.88 -13.30 -1.58
CA SER Q 204 -52.58 -14.29 -2.62
C SER Q 204 -52.55 -15.68 -2.01
N THR Q 205 -52.03 -15.75 -0.80
CA THR Q 205 -51.94 -16.99 -0.04
C THR Q 205 -53.21 -17.25 0.75
N LEU Q 206 -54.08 -16.25 0.85
CA LEU Q 206 -55.18 -16.28 1.81
C LEU Q 206 -56.56 -16.04 1.20
N ASN Q 207 -57.53 -16.85 1.62
CA ASN Q 207 -58.91 -16.66 1.26
C ASN Q 207 -59.84 -17.18 2.33
N LYS Q 208 -60.21 -16.29 3.25
CA LYS Q 208 -61.10 -16.63 4.34
C LYS Q 208 -62.41 -15.89 4.15
N ARG Q 209 -63.52 -16.56 4.46
CA ARG Q 209 -64.86 -16.00 4.23
C ARG Q 209 -65.80 -16.36 5.37
N SER Q 210 -65.78 -15.60 6.46
CA SER Q 210 -66.56 -15.98 7.64
C SER Q 210 -68.00 -15.45 7.63
N THR Q 211 -68.93 -16.30 8.07
CA THR Q 211 -70.30 -15.87 8.27
C THR Q 211 -70.54 -15.81 9.77
N PRO Q 212 -70.93 -14.62 10.25
CA PRO Q 212 -71.02 -14.32 11.69
C PRO Q 212 -71.99 -15.22 12.40
N GLU Q 213 -71.99 -15.13 13.73
CA GLU Q 213 -72.81 -16.01 14.55
C GLU Q 213 -73.62 -15.23 15.59
N ILE Q 214 -74.93 -15.17 15.38
CA ILE Q 214 -75.84 -14.54 16.32
C ILE Q 214 -76.38 -15.61 17.23
N ALA Q 215 -76.05 -15.51 18.50
CA ALA Q 215 -76.47 -16.48 19.49
C ALA Q 215 -76.23 -15.93 20.87
N THR Q 216 -77.10 -16.28 21.80
CA THR Q 216 -77.02 -15.77 23.15
C THR Q 216 -75.87 -16.42 23.92
N ARG Q 217 -75.02 -15.61 24.55
CA ARG Q 217 -73.85 -16.10 25.29
C ARG Q 217 -73.75 -15.53 26.71
N PRO Q 218 -72.98 -16.22 27.59
CA PRO Q 218 -72.77 -15.79 28.99
C PRO Q 218 -72.06 -14.43 29.13
N LYS Q 219 -72.57 -13.59 30.02
CA LYS Q 219 -72.11 -12.20 30.08
C LYS Q 219 -70.66 -12.02 30.57
N VAL Q 220 -69.72 -11.99 29.62
CA VAL Q 220 -68.36 -11.54 29.86
C VAL Q 220 -68.30 -10.03 29.70
N ASN Q 221 -67.81 -9.32 30.73
CA ASN Q 221 -67.63 -7.89 30.65
C ASN Q 221 -68.91 -7.14 30.29
N GLY Q 222 -70.05 -7.76 30.64
CA GLY Q 222 -71.34 -7.21 30.31
C GLY Q 222 -71.92 -7.72 29.00
N LEU Q 223 -71.08 -8.29 28.14
CA LEU Q 223 -71.56 -8.68 26.81
C LEU Q 223 -71.70 -10.16 26.53
N GLY Q 224 -72.77 -10.49 25.81
CA GLY Q 224 -72.96 -11.82 25.28
C GLY Q 224 -72.56 -11.86 23.82
N SER Q 225 -72.10 -10.72 23.30
CA SER Q 225 -71.56 -10.68 21.95
C SER Q 225 -70.07 -10.94 22.03
N ARG Q 226 -69.44 -11.17 20.88
CA ARG Q 226 -68.01 -11.44 20.85
C ARG Q 226 -67.37 -10.78 19.64
N MET Q 227 -66.04 -10.60 19.69
CA MET Q 227 -65.32 -10.23 18.49
C MET Q 227 -64.23 -11.25 18.20
N GLU Q 228 -64.25 -11.77 16.97
CA GLU Q 228 -63.37 -12.87 16.60
C GLU Q 228 -62.32 -12.39 15.57
N PHE Q 229 -61.13 -12.09 16.12
CA PHE Q 229 -60.01 -11.52 15.38
C PHE Q 229 -59.08 -12.55 14.77
N SER Q 230 -58.64 -12.27 13.55
CA SER Q 230 -57.63 -13.08 12.88
C SER Q 230 -56.50 -12.17 12.36
N TRP Q 231 -55.40 -12.76 11.89
CA TRP Q 231 -54.30 -11.95 11.37
C TRP Q 231 -53.58 -12.63 10.22
N THR Q 232 -52.73 -11.88 9.52
CA THR Q 232 -51.86 -12.44 8.49
C THR Q 232 -50.57 -11.63 8.33
N LEU Q 233 -49.57 -12.19 7.66
CA LEU Q 233 -48.39 -11.42 7.31
C LEU Q 233 -48.49 -11.10 5.83
N LEU Q 234 -48.67 -9.83 5.53
CA LEU Q 234 -48.79 -9.39 4.16
C LEU Q 234 -47.40 -9.29 3.52
N ASP Q 235 -47.17 -10.13 2.53
CA ASP Q 235 -45.89 -10.15 1.81
C ASP Q 235 -45.67 -8.83 1.09
N MET Q 236 -44.40 -8.50 0.84
CA MET Q 236 -44.03 -7.31 0.09
C MET Q 236 -44.66 -7.38 -1.29
N TRP Q 237 -45.16 -6.24 -1.78
CA TRP Q 237 -45.85 -6.17 -3.07
C TRP Q 237 -47.00 -7.18 -3.21
N ASP Q 238 -47.63 -7.54 -2.09
CA ASP Q 238 -48.86 -8.32 -2.10
C ASP Q 238 -50.01 -7.33 -1.86
N THR Q 239 -51.23 -7.75 -2.16
CA THR Q 239 -52.38 -6.86 -2.03
C THR Q 239 -53.55 -7.54 -1.31
N ILE Q 240 -53.82 -7.10 -0.07
CA ILE Q 240 -54.92 -7.64 0.76
C ILE Q 240 -56.26 -6.98 0.43
N ASN Q 241 -57.34 -7.75 0.59
CA ASN Q 241 -58.68 -7.33 0.15
C ASN Q 241 -59.82 -7.64 1.10
N PHE Q 242 -60.36 -6.60 1.73
CA PHE Q 242 -61.56 -6.75 2.54
C PHE Q 242 -62.80 -6.40 1.74
N GLU Q 243 -63.88 -7.12 2.04
CA GLU Q 243 -65.20 -6.87 1.47
C GLU Q 243 -66.24 -7.46 2.41
N SER Q 244 -67.09 -6.63 2.98
CA SER Q 244 -68.13 -7.17 3.85
C SER Q 244 -69.51 -6.58 3.61
N THR Q 245 -70.52 -7.45 3.70
CA THR Q 245 -71.91 -7.02 3.74
C THR Q 245 -72.34 -6.81 5.19
N GLY Q 246 -71.39 -6.92 6.12
CA GLY Q 246 -71.65 -6.63 7.52
C GLY Q 246 -70.69 -7.31 8.48
N ASN Q 247 -70.70 -6.86 9.73
CA ASN Q 247 -69.93 -7.46 10.82
C ASN Q 247 -68.43 -7.35 10.70
N LEU Q 248 -67.94 -6.41 9.91
CA LEU Q 248 -66.51 -6.28 9.72
C LEU Q 248 -65.94 -5.26 10.68
N ILE Q 249 -65.04 -5.71 11.55
CA ILE Q 249 -64.22 -4.80 12.33
C ILE Q 249 -62.89 -4.62 11.60
N ALA Q 250 -62.79 -3.60 10.77
CA ALA Q 250 -61.63 -3.45 9.90
C ALA Q 250 -60.44 -2.77 10.60
N PRO Q 251 -59.23 -3.07 10.09
CA PRO Q 251 -57.97 -2.44 10.51
C PRO Q 251 -57.81 -1.03 9.93
N GLU Q 252 -57.25 -0.12 10.72
CA GLU Q 252 -56.84 1.18 10.20
C GLU Q 252 -55.37 1.06 9.90
N TYR Q 253 -54.70 0.28 10.75
CA TYR Q 253 -53.26 0.15 10.69
C TYR Q 253 -52.76 -1.23 10.24
N GLY Q 254 -51.59 -1.21 9.60
CA GLY Q 254 -50.80 -2.41 9.36
C GLY Q 254 -49.55 -2.27 10.22
N PHE Q 255 -48.85 -3.37 10.46
CA PHE Q 255 -47.61 -3.31 11.23
C PHE Q 255 -46.40 -3.72 10.38
N LYS Q 256 -45.66 -2.74 9.89
CA LYS Q 256 -44.41 -2.98 9.18
C LYS Q 256 -43.38 -3.57 10.13
N ILE Q 257 -42.63 -4.55 9.65
CA ILE Q 257 -41.51 -5.08 10.41
C ILE Q 257 -40.26 -4.26 10.04
N SER Q 258 -39.80 -3.46 11.00
CA SER Q 258 -38.64 -2.61 10.78
C SER Q 258 -37.36 -3.35 11.11
N LYS Q 259 -37.11 -3.57 12.41
CA LYS Q 259 -35.94 -4.33 12.84
C LYS Q 259 -36.28 -5.81 13.09
N ARG Q 260 -35.95 -6.66 12.12
CA ARG Q 260 -36.01 -8.08 12.33
C ARG Q 260 -34.65 -8.62 12.80
N GLY Q 261 -34.61 -9.01 14.07
CA GLY Q 261 -33.50 -9.76 14.64
C GLY Q 261 -34.09 -10.66 15.70
N SER Q 262 -33.31 -11.58 16.27
CA SER Q 262 -33.83 -12.50 17.29
C SER Q 262 -34.09 -11.84 18.66
N SER Q 263 -35.35 -11.88 19.08
CA SER Q 263 -35.76 -11.37 20.39
C SER Q 263 -36.34 -12.47 21.28
N GLY Q 264 -37.36 -12.12 22.05
CA GLY Q 264 -38.05 -13.06 22.90
C GLY Q 264 -39.18 -12.41 23.68
N ILE Q 265 -40.12 -13.22 24.13
CA ILE Q 265 -41.13 -12.80 25.08
C ILE Q 265 -40.84 -13.46 26.43
N MET Q 266 -40.87 -12.68 27.49
CA MET Q 266 -40.57 -13.21 28.80
C MET Q 266 -41.81 -13.23 29.63
N LYS Q 267 -42.04 -14.31 30.36
CA LYS Q 267 -43.19 -14.34 31.23
C LYS Q 267 -42.78 -13.98 32.66
N THR Q 268 -42.73 -12.68 32.93
CA THR Q 268 -42.42 -12.17 34.26
C THR Q 268 -43.66 -11.45 34.82
N GLU Q 269 -43.56 -10.93 36.04
CA GLU Q 269 -44.65 -10.14 36.63
C GLU Q 269 -44.01 -8.98 37.37
N GLY Q 270 -42.76 -8.69 36.98
CA GLY Q 270 -41.98 -7.64 37.60
C GLY Q 270 -41.67 -6.54 36.61
N THR Q 271 -40.80 -5.62 37.01
CA THR Q 271 -40.58 -4.37 36.27
C THR Q 271 -39.09 -4.00 36.10
N LEU Q 272 -38.81 -3.22 35.06
CA LEU Q 272 -37.43 -2.99 34.61
C LEU Q 272 -36.65 -1.91 35.36
N GLU Q 273 -35.34 -2.13 35.47
CA GLU Q 273 -34.46 -1.27 36.25
C GLU Q 273 -33.30 -0.77 35.40
N ASN Q 274 -32.53 0.13 36.00
CA ASN Q 274 -31.33 0.66 35.39
C ASN Q 274 -30.17 -0.29 35.61
N CYS Q 275 -29.62 -0.78 34.51
CA CYS Q 275 -28.81 -1.98 34.50
C CYS Q 275 -28.58 -2.33 33.03
N GLU Q 276 -27.59 -3.20 32.76
CA GLU Q 276 -27.29 -3.58 31.38
C GLU Q 276 -26.51 -4.90 31.34
N THR Q 277 -27.00 -5.86 30.56
CA THR Q 277 -26.34 -7.18 30.47
C THR Q 277 -26.23 -7.70 29.03
N LYS Q 278 -25.63 -8.87 28.85
CA LYS Q 278 -25.62 -9.52 27.54
C LYS Q 278 -26.30 -10.90 27.62
N CYS Q 279 -26.85 -11.19 28.81
CA CYS Q 279 -27.61 -12.41 29.05
C CYS Q 279 -28.63 -12.14 30.18
N GLN Q 280 -29.90 -12.49 29.91
CA GLN Q 280 -31.02 -12.22 30.83
C GLN Q 280 -31.92 -13.43 31.12
N THR Q 281 -32.20 -13.69 32.39
CA THR Q 281 -33.15 -14.72 32.81
C THR Q 281 -34.38 -14.06 33.40
N PRO Q 282 -35.50 -14.80 33.50
CA PRO Q 282 -36.62 -14.34 34.33
C PRO Q 282 -36.21 -14.06 35.77
N LEU Q 283 -35.20 -14.73 36.29
CA LEU Q 283 -34.87 -14.57 37.70
C LEU Q 283 -33.94 -13.40 37.97
N GLY Q 284 -33.21 -12.98 36.93
CA GLY Q 284 -32.14 -12.02 37.08
C GLY Q 284 -31.29 -11.93 35.82
N ALA Q 285 -30.07 -11.40 35.97
CA ALA Q 285 -29.18 -11.20 34.82
C ALA Q 285 -27.80 -11.82 35.08
N ILE Q 286 -27.02 -12.00 34.01
CA ILE Q 286 -25.76 -12.73 34.11
C ILE Q 286 -24.53 -12.00 33.52
N ASN Q 287 -23.69 -11.50 34.42
CA ASN Q 287 -22.32 -11.10 34.08
C ASN Q 287 -21.48 -12.32 34.36
N THR Q 288 -21.09 -13.06 33.33
CA THR Q 288 -20.15 -14.15 33.56
C THR Q 288 -19.41 -14.56 32.32
N THR Q 289 -18.27 -15.19 32.55
CA THR Q 289 -17.41 -15.62 31.49
C THR Q 289 -17.31 -17.15 31.50
N LEU Q 290 -17.69 -17.78 32.62
CA LEU Q 290 -17.87 -19.22 32.73
C LEU Q 290 -18.75 -19.75 31.62
N PRO Q 291 -18.45 -20.96 31.11
CA PRO Q 291 -19.24 -21.42 29.98
C PRO Q 291 -20.52 -22.22 30.37
N PHE Q 292 -20.79 -22.40 31.67
CA PHE Q 292 -22.05 -22.96 32.13
C PHE Q 292 -22.75 -22.06 33.15
N HIS Q 293 -24.07 -22.18 33.22
CA HIS Q 293 -24.89 -21.61 34.29
C HIS Q 293 -26.02 -22.59 34.61
N ASN Q 294 -26.66 -22.41 35.76
CA ASN Q 294 -27.76 -23.27 36.16
C ASN Q 294 -28.88 -22.43 36.82
N VAL Q 295 -29.04 -21.19 36.35
CA VAL Q 295 -29.95 -20.26 37.00
C VAL Q 295 -31.37 -20.51 36.55
N HIS Q 296 -31.54 -20.49 35.24
CA HIS Q 296 -32.84 -20.67 34.64
C HIS Q 296 -32.68 -21.00 33.16
N PRO Q 297 -33.50 -21.93 32.64
CA PRO Q 297 -33.37 -22.43 31.27
C PRO Q 297 -33.81 -21.38 30.27
N LEU Q 298 -34.63 -20.44 30.72
CA LEU Q 298 -35.28 -19.48 29.82
C LEU Q 298 -34.50 -18.18 29.70
N THR Q 299 -33.43 -18.17 28.90
CA THR Q 299 -32.51 -17.05 28.84
C THR Q 299 -32.58 -16.35 27.47
N ILE Q 300 -32.42 -15.02 27.44
CA ILE Q 300 -32.25 -14.29 26.17
C ILE Q 300 -30.92 -13.53 26.17
N GLY Q 301 -30.20 -13.61 25.05
CA GLY Q 301 -28.90 -12.96 24.91
C GLY Q 301 -27.77 -13.94 24.57
N GLU Q 302 -26.56 -13.42 24.41
CA GLU Q 302 -25.36 -14.23 24.32
C GLU Q 302 -25.13 -14.89 25.69
N CYS Q 303 -25.46 -16.17 25.80
CA CYS Q 303 -25.54 -16.80 27.12
C CYS Q 303 -24.62 -18.01 27.35
N PRO Q 304 -24.22 -18.22 28.62
CA PRO Q 304 -23.56 -19.46 29.03
C PRO Q 304 -24.60 -20.57 28.99
N ARG Q 305 -24.17 -21.83 28.96
CA ARG Q 305 -25.07 -22.91 28.58
C ARG Q 305 -25.68 -23.61 29.77
N TYR Q 306 -27.00 -23.61 29.81
CA TYR Q 306 -27.77 -24.13 30.95
C TYR Q 306 -27.53 -25.62 31.16
N VAL Q 307 -27.37 -26.01 32.43
CA VAL Q 307 -27.31 -27.41 32.81
C VAL Q 307 -27.95 -27.61 34.18
N LYS Q 308 -28.40 -28.84 34.45
CA LYS Q 308 -29.11 -29.13 35.68
C LYS Q 308 -28.17 -29.31 36.88
N SER Q 309 -26.92 -28.94 36.71
CA SER Q 309 -25.90 -29.31 37.68
C SER Q 309 -25.80 -28.35 38.85
N GLU Q 310 -25.72 -28.91 40.04
CA GLU Q 310 -25.56 -28.11 41.24
C GLU Q 310 -24.14 -27.55 41.33
N LYS Q 311 -23.17 -28.31 40.82
CA LYS Q 311 -21.78 -27.89 40.82
C LYS Q 311 -20.98 -28.39 39.62
N LEU Q 312 -19.95 -27.65 39.24
CA LEU Q 312 -19.03 -28.06 38.16
C LEU Q 312 -17.64 -27.46 38.38
N VAL Q 313 -16.81 -28.15 39.19
CA VAL Q 313 -15.47 -27.68 39.61
C VAL Q 313 -14.34 -28.41 38.89
N LEU Q 314 -13.64 -27.70 37.99
CA LEU Q 314 -12.51 -28.25 37.26
C LEU Q 314 -11.28 -28.32 38.16
N ALA Q 315 -10.52 -29.42 38.15
CA ALA Q 315 -9.24 -29.40 38.85
C ALA Q 315 -8.14 -29.00 37.87
N THR Q 316 -7.28 -28.09 38.34
CA THR Q 316 -6.21 -27.45 37.54
C THR Q 316 -4.82 -27.72 38.12
N GLY Q 317 -4.71 -27.60 39.44
CA GLY Q 317 -3.49 -27.95 40.16
C GLY Q 317 -3.54 -29.38 40.68
N LEU Q 318 -2.70 -29.71 41.66
CA LEU Q 318 -2.56 -31.09 42.09
C LEU Q 318 -3.25 -31.41 43.39
N ARG Q 319 -3.18 -32.67 43.78
CA ARG Q 319 -3.75 -33.07 45.05
C ARG Q 319 -2.99 -32.30 46.10
N ASN Q 320 -3.69 -31.61 46.99
CA ASN Q 320 -3.00 -30.91 48.08
C ASN Q 320 -2.65 -31.88 49.19
N VAL Q 321 -1.40 -32.32 49.26
CA VAL Q 321 -1.04 -33.30 50.27
C VAL Q 321 -0.34 -32.72 51.49
N PRO Q 322 -0.95 -32.89 52.69
CA PRO Q 322 -0.31 -32.38 53.92
C PRO Q 322 1.09 -32.98 54.18
N GLN Q 323 2.08 -32.14 54.51
CA GLN Q 323 3.46 -32.59 54.75
C GLN Q 323 3.71 -33.18 56.15
N ILE Q 324 4.91 -33.72 56.38
CA ILE Q 324 5.17 -34.56 57.56
C ILE Q 324 6.08 -33.92 58.62
N GLY R 1 -0.84 -42.71 43.81
CA GLY R 1 -1.49 -42.13 42.66
C GLY R 1 -1.65 -43.13 41.52
N LEU R 2 -1.52 -42.65 40.30
CA LEU R 2 -1.49 -43.56 39.17
C LEU R 2 -0.03 -43.79 38.83
N PHE R 3 0.77 -42.72 38.92
CA PHE R 3 2.21 -42.83 38.74
C PHE R 3 2.96 -42.94 40.08
N GLY R 4 2.21 -42.88 41.18
CA GLY R 4 2.74 -43.21 42.49
C GLY R 4 3.74 -42.25 43.11
N ALA R 5 4.09 -41.17 42.40
CA ALA R 5 4.88 -40.06 42.97
C ALA R 5 4.11 -39.33 44.10
N ILE R 6 3.19 -38.44 43.71
CA ILE R 6 2.37 -37.66 44.66
C ILE R 6 1.52 -38.51 45.60
N ALA R 7 1.43 -38.06 46.85
CA ALA R 7 1.06 -38.87 47.98
C ALA R 7 1.52 -40.32 47.82
N GLY R 8 2.73 -40.49 47.30
CA GLY R 8 3.27 -41.80 46.98
C GLY R 8 4.54 -42.09 47.73
N PHE R 9 5.65 -42.17 47.00
CA PHE R 9 6.93 -42.38 47.65
C PHE R 9 7.41 -41.10 48.25
N ILE R 10 6.95 -40.01 47.66
CA ILE R 10 7.02 -38.66 48.19
C ILE R 10 5.76 -38.42 48.99
N GLU R 11 5.82 -38.74 50.28
CA GLU R 11 4.64 -38.82 51.14
C GLU R 11 3.74 -37.58 51.20
N GLY R 12 4.34 -36.40 51.10
CA GLY R 12 3.58 -35.17 51.07
C GLY R 12 4.36 -34.12 50.34
N GLY R 13 3.72 -32.99 50.03
CA GLY R 13 4.38 -31.90 49.35
C GLY R 13 4.82 -30.83 50.31
N TRP R 14 5.35 -29.74 49.75
CA TRP R 14 6.10 -28.78 50.56
C TRP R 14 5.44 -27.40 50.65
N GLN R 15 4.89 -27.03 51.83
CA GLN R 15 4.31 -25.69 52.02
C GLN R 15 5.31 -24.60 51.60
N GLY R 16 6.59 -24.88 51.81
CA GLY R 16 7.65 -23.92 51.50
C GLY R 16 7.92 -23.75 50.01
N MET R 17 7.68 -24.82 49.27
CA MET R 17 7.75 -24.74 47.83
C MET R 17 6.58 -23.87 47.39
N VAL R 18 6.85 -22.61 47.04
CA VAL R 18 5.77 -21.65 46.76
C VAL R 18 5.88 -21.01 45.38
N ASP R 19 7.07 -21.05 44.82
CA ASP R 19 7.40 -20.38 43.57
C ASP R 19 7.06 -21.20 42.32
N GLY R 20 6.32 -22.30 42.49
CA GLY R 20 6.00 -23.21 41.39
C GLY R 20 5.21 -24.43 41.83
N TRP R 21 5.09 -25.42 40.95
CA TRP R 21 4.32 -26.63 41.25
C TRP R 21 5.19 -27.78 41.77
N TYR R 22 6.27 -28.01 41.05
CA TYR R 22 7.19 -29.07 41.37
C TYR R 22 8.57 -28.45 41.59
N GLY R 23 9.45 -29.16 42.25
CA GLY R 23 10.82 -28.71 42.36
C GLY R 23 11.61 -29.33 43.48
N TYR R 24 12.79 -28.76 43.73
CA TYR R 24 13.81 -29.41 44.50
C TYR R 24 13.94 -28.88 45.92
N HIS R 25 14.50 -29.70 46.80
CA HIS R 25 14.98 -29.23 48.08
C HIS R 25 16.39 -29.76 48.33
N HIS R 26 17.36 -28.85 48.39
CA HIS R 26 18.74 -29.26 48.59
C HIS R 26 19.25 -28.93 49.99
N SER R 27 20.24 -29.68 50.44
CA SER R 27 20.89 -29.38 51.70
C SER R 27 22.34 -29.88 51.67
N ASN R 28 23.21 -29.01 51.19
CA ASN R 28 24.64 -29.28 51.17
C ASN R 28 25.39 -28.53 52.28
N ASP R 29 26.63 -28.16 51.97
CA ASP R 29 27.49 -27.49 52.92
C ASP R 29 27.19 -25.99 53.04
N GLN R 30 27.02 -25.32 51.91
CA GLN R 30 26.65 -23.90 51.95
C GLN R 30 25.26 -23.68 52.53
N GLY R 31 24.21 -23.98 51.75
CA GLY R 31 22.86 -23.66 52.16
C GLY R 31 21.89 -24.79 52.49
N SER R 32 20.59 -24.50 52.29
CA SER R 32 19.47 -25.41 52.57
C SER R 32 18.17 -24.74 52.11
N GLY R 33 17.61 -25.15 50.98
CA GLY R 33 16.40 -24.48 50.50
C GLY R 33 15.61 -25.07 49.37
N TYR R 34 14.32 -24.73 49.34
CA TYR R 34 13.44 -25.12 48.26
C TYR R 34 13.64 -24.19 47.07
N ALA R 35 13.50 -24.73 45.87
CA ALA R 35 13.60 -23.97 44.65
C ALA R 35 12.84 -24.75 43.59
N ALA R 36 11.87 -24.11 42.94
CA ALA R 36 10.99 -24.82 42.01
C ALA R 36 11.67 -25.09 40.65
N ASP R 37 11.17 -26.04 39.86
CA ASP R 37 11.75 -26.30 38.55
C ASP R 37 11.07 -25.49 37.45
N LYS R 38 11.86 -24.87 36.60
CA LYS R 38 11.30 -24.02 35.56
C LYS R 38 10.52 -24.84 34.53
N GLU R 39 11.23 -25.67 33.78
CA GLU R 39 10.65 -26.33 32.61
C GLU R 39 9.37 -27.13 32.87
N SER R 40 9.41 -27.98 33.90
CA SER R 40 8.29 -28.85 34.24
C SER R 40 7.08 -28.05 34.70
N THR R 41 7.30 -26.94 35.41
CA THR R 41 6.17 -26.12 35.85
C THR R 41 5.60 -25.31 34.69
N GLN R 42 6.45 -24.86 33.78
CA GLN R 42 5.96 -24.13 32.62
C GLN R 42 5.21 -25.04 31.65
N LYS R 43 5.72 -26.26 31.48
CA LYS R 43 5.09 -27.24 30.60
C LYS R 43 3.70 -27.56 31.12
N ALA R 44 3.59 -27.67 32.45
CA ALA R 44 2.37 -28.12 33.11
C ALA R 44 1.30 -27.05 33.15
N PHE R 45 1.74 -25.81 33.18
CA PHE R 45 0.84 -24.68 33.09
C PHE R 45 0.31 -24.60 31.66
N ASP R 46 1.23 -24.69 30.69
CA ASP R 46 0.85 -24.63 29.28
C ASP R 46 -0.21 -25.66 28.89
N GLY R 47 -0.09 -26.87 29.42
CA GLY R 47 -1.09 -27.89 29.21
C GLY R 47 -2.41 -27.73 29.96
N ILE R 48 -2.35 -27.39 31.25
CA ILE R 48 -3.57 -27.18 32.03
C ILE R 48 -4.38 -26.03 31.48
N THR R 49 -3.72 -24.95 31.04
CA THR R 49 -4.45 -23.82 30.46
C THR R 49 -5.07 -24.26 29.14
N ASN R 50 -4.29 -24.97 28.34
CA ASN R 50 -4.78 -25.53 27.08
C ASN R 50 -5.95 -26.49 27.26
N LYS R 51 -6.04 -27.07 28.46
CA LYS R 51 -7.15 -27.96 28.81
C LYS R 51 -8.41 -27.16 29.12
N VAL R 52 -8.29 -26.12 29.95
CA VAL R 52 -9.48 -25.32 30.33
C VAL R 52 -9.99 -24.40 29.23
N ASN R 53 -9.12 -24.01 28.30
CA ASN R 53 -9.61 -23.27 27.16
C ASN R 53 -10.37 -24.28 26.33
N SER R 54 -9.86 -25.50 26.24
CA SER R 54 -10.49 -26.55 25.43
C SER R 54 -11.77 -27.08 26.07
N VAL R 55 -11.99 -26.69 27.31
CA VAL R 55 -13.25 -26.99 27.94
C VAL R 55 -14.21 -25.83 27.65
N ILE R 56 -13.76 -24.60 27.93
CA ILE R 56 -14.60 -23.42 27.68
C ILE R 56 -14.79 -23.06 26.18
N GLU R 57 -14.31 -23.91 25.28
CA GLU R 57 -14.52 -23.72 23.84
C GLU R 57 -15.43 -24.78 23.20
N LYS R 58 -15.60 -25.92 23.87
CA LYS R 58 -16.38 -27.05 23.32
C LYS R 58 -17.91 -26.93 23.49
N MET R 59 -18.35 -26.15 24.49
CA MET R 59 -19.77 -25.89 24.66
C MET R 59 -20.10 -24.39 24.54
N ASN R 60 -20.04 -23.90 23.30
CA ASN R 60 -20.09 -22.46 23.01
C ASN R 60 -20.91 -22.15 21.76
N THR R 61 -21.55 -23.18 21.20
CA THR R 61 -22.09 -23.15 19.85
C THR R 61 -23.58 -22.78 19.83
N GLN R 62 -23.86 -21.60 19.27
CA GLN R 62 -24.93 -20.70 19.76
C GLN R 62 -26.38 -20.75 19.26
N PHE R 63 -27.32 -20.42 20.15
CA PHE R 63 -28.53 -19.69 19.78
C PHE R 63 -28.85 -18.62 20.84
N GLU R 64 -29.98 -18.79 21.51
CA GLU R 64 -30.57 -17.70 22.28
C GLU R 64 -31.80 -18.14 23.09
N ALA R 65 -32.11 -19.44 23.05
CA ALA R 65 -33.24 -20.04 23.80
C ALA R 65 -34.63 -19.42 23.57
N VAL R 66 -35.33 -19.90 22.53
CA VAL R 66 -36.71 -19.50 22.29
C VAL R 66 -37.72 -20.31 23.12
N GLY R 67 -38.74 -19.63 23.61
CA GLY R 67 -39.90 -20.29 24.18
C GLY R 67 -41.00 -20.38 23.14
N LYS R 68 -41.94 -21.29 23.33
CA LYS R 68 -43.10 -21.40 22.45
C LYS R 68 -44.34 -21.65 23.28
N GLU R 69 -45.48 -21.21 22.77
CA GLU R 69 -46.72 -21.37 23.49
C GLU R 69 -47.65 -22.25 22.66
N PHE R 70 -48.32 -23.17 23.34
CA PHE R 70 -49.18 -24.11 22.66
C PHE R 70 -50.56 -24.04 23.28
N SER R 71 -51.57 -24.41 22.49
CA SER R 71 -52.97 -24.35 22.92
C SER R 71 -53.37 -25.60 23.70
N ASN R 72 -54.68 -25.68 23.94
CA ASN R 72 -55.27 -26.86 24.55
C ASN R 72 -55.76 -27.89 23.55
N LEU R 73 -55.36 -27.76 22.29
CA LEU R 73 -55.60 -28.83 21.32
C LEU R 73 -54.30 -29.16 20.58
N GLU R 74 -53.19 -28.60 21.05
CA GLU R 74 -51.89 -29.05 20.59
C GLU R 74 -51.14 -29.62 21.77
N ARG R 75 -51.74 -30.58 22.46
CA ARG R 75 -51.12 -31.12 23.64
C ARG R 75 -49.96 -32.04 23.30
N ARG R 76 -50.03 -32.71 22.15
CA ARG R 76 -48.93 -33.58 21.76
C ARG R 76 -47.74 -32.75 21.34
N LEU R 77 -48.02 -31.67 20.61
CA LEU R 77 -46.95 -30.78 20.18
C LEU R 77 -46.21 -30.13 21.34
N GLU R 78 -46.96 -29.68 22.36
CA GLU R 78 -46.40 -29.09 23.57
C GLU R 78 -45.42 -30.08 24.18
N ASN R 79 -45.86 -31.32 24.28
CA ASN R 79 -45.07 -32.36 24.88
C ASN R 79 -43.88 -32.76 24.03
N LEU R 80 -44.01 -32.66 22.72
CA LEU R 80 -42.86 -32.88 21.83
C LEU R 80 -41.76 -31.83 22.08
N ASN R 81 -42.11 -30.54 22.04
CA ASN R 81 -41.23 -29.47 22.53
C ASN R 81 -40.61 -29.80 23.88
N LYS R 82 -41.42 -29.99 24.91
CA LYS R 82 -40.90 -30.24 26.24
C LYS R 82 -39.92 -31.38 26.25
N LYS R 83 -40.23 -32.43 25.52
CA LYS R 83 -39.36 -33.61 25.55
C LYS R 83 -38.04 -33.37 24.87
N MET R 84 -38.09 -32.69 23.74
CA MET R 84 -36.89 -32.35 23.01
C MET R 84 -35.99 -31.48 23.87
N GLU R 85 -36.54 -30.37 24.31
CA GLU R 85 -35.84 -29.45 25.19
C GLU R 85 -35.25 -30.14 26.42
N ASP R 86 -36.06 -30.86 27.19
CA ASP R 86 -35.53 -31.60 28.33
C ASP R 86 -34.52 -32.65 27.90
N GLY R 87 -34.73 -33.25 26.74
CA GLY R 87 -33.85 -34.29 26.25
C GLY R 87 -32.43 -33.81 25.98
N PHE R 88 -32.34 -32.72 25.24
CA PHE R 88 -31.07 -32.04 25.03
C PHE R 88 -30.48 -31.47 26.34
N LEU R 89 -31.32 -30.99 27.26
CA LEU R 89 -30.79 -30.51 28.53
C LEU R 89 -30.11 -31.64 29.32
N ASP R 90 -30.65 -32.85 29.22
CA ASP R 90 -30.05 -33.95 29.98
C ASP R 90 -28.78 -34.39 29.31
N VAL R 91 -28.80 -34.42 27.99
CA VAL R 91 -27.60 -34.73 27.25
C VAL R 91 -26.49 -33.77 27.69
N TRP R 92 -26.69 -32.47 27.44
CA TRP R 92 -25.63 -31.49 27.71
C TRP R 92 -25.19 -31.51 29.17
N THR R 93 -26.14 -31.71 30.08
CA THR R 93 -25.76 -31.93 31.48
C THR R 93 -24.85 -33.17 31.70
N TYR R 94 -25.17 -34.28 31.02
CA TYR R 94 -24.35 -35.48 31.17
C TYR R 94 -22.99 -35.11 30.63
N ASN R 95 -22.94 -34.68 29.37
CA ASN R 95 -21.70 -34.23 28.71
C ASN R 95 -20.74 -33.32 29.52
N ALA R 96 -21.30 -32.39 30.28
CA ALA R 96 -20.48 -31.49 31.10
C ALA R 96 -19.94 -32.21 32.30
N GLU R 97 -20.84 -32.76 33.10
CA GLU R 97 -20.45 -33.41 34.33
C GLU R 97 -19.43 -34.55 34.13
N LEU R 98 -19.52 -35.24 33.00
CA LEU R 98 -18.62 -36.35 32.70
C LEU R 98 -17.26 -35.82 32.23
N LEU R 99 -17.29 -34.78 31.42
CA LEU R 99 -16.07 -34.15 30.95
C LEU R 99 -15.30 -33.65 32.13
N VAL R 100 -16.00 -32.99 33.04
CA VAL R 100 -15.39 -32.50 34.26
C VAL R 100 -14.70 -33.62 35.02
N LEU R 101 -15.43 -34.65 35.41
CA LEU R 101 -14.89 -35.79 36.16
C LEU R 101 -13.72 -36.46 35.46
N MET R 102 -13.88 -36.75 34.18
CA MET R 102 -12.80 -37.35 33.41
C MET R 102 -11.57 -36.44 33.37
N GLU R 103 -11.72 -35.19 32.95
CA GLU R 103 -10.56 -34.34 32.82
C GLU R 103 -9.89 -34.08 34.18
N ASN R 104 -10.64 -34.27 35.26
CA ASN R 104 -10.07 -34.15 36.60
C ASN R 104 -9.14 -35.29 36.96
N GLU R 105 -9.63 -36.49 36.78
CA GLU R 105 -8.81 -37.64 36.96
C GLU R 105 -7.58 -37.46 36.09
N ARG R 106 -7.78 -37.08 34.84
CA ARG R 106 -6.65 -36.91 33.91
C ARG R 106 -5.61 -35.88 34.34
N THR R 107 -6.08 -34.75 34.89
CA THR R 107 -5.22 -33.69 35.45
C THR R 107 -4.33 -34.12 36.61
N LEU R 108 -4.96 -34.68 37.63
CA LEU R 108 -4.23 -35.13 38.80
C LEU R 108 -3.19 -36.15 38.43
N ASP R 109 -3.54 -37.02 37.50
CA ASP R 109 -2.64 -38.06 37.05
C ASP R 109 -1.55 -37.42 36.21
N PHE R 110 -1.88 -36.30 35.59
CA PHE R 110 -0.90 -35.49 34.86
C PHE R 110 0.19 -35.05 35.84
N HIS R 111 -0.22 -34.34 36.89
CA HIS R 111 0.71 -33.96 37.95
C HIS R 111 1.56 -35.11 38.44
N ASP R 112 0.93 -36.26 38.63
CA ASP R 112 1.67 -37.42 39.09
C ASP R 112 2.78 -37.79 38.12
N SER R 113 2.44 -37.89 36.83
CA SER R 113 3.44 -38.19 35.81
C SER R 113 4.56 -37.15 35.82
N ASN R 114 4.17 -35.90 36.02
CA ASN R 114 5.12 -34.80 36.07
C ASN R 114 6.16 -35.00 37.17
N VAL R 115 5.71 -35.09 38.41
CA VAL R 115 6.63 -35.21 39.52
C VAL R 115 7.54 -36.41 39.32
N LYS R 116 6.98 -37.54 38.91
CA LYS R 116 7.76 -38.76 38.71
C LYS R 116 8.73 -38.61 37.56
N ASN R 117 8.30 -37.95 36.48
CA ASN R 117 9.17 -37.74 35.32
C ASN R 117 10.41 -36.90 35.65
N LEU R 118 10.24 -35.95 36.57
CA LEU R 118 11.31 -35.14 37.12
C LEU R 118 12.31 -36.00 37.92
N TYR R 119 11.85 -36.53 39.05
CA TYR R 119 12.60 -37.51 39.84
C TYR R 119 13.35 -38.50 38.96
N ASP R 120 12.68 -39.05 37.96
CA ASP R 120 13.32 -39.96 37.03
C ASP R 120 14.35 -39.27 36.12
N LYS R 121 14.29 -37.96 36.02
CA LYS R 121 15.22 -37.24 35.15
C LYS R 121 16.48 -37.03 35.94
N VAL R 122 16.30 -36.64 37.21
CA VAL R 122 17.40 -36.39 38.13
C VAL R 122 18.14 -37.68 38.51
N ARG R 123 17.37 -38.69 38.89
CA ARG R 123 17.88 -40.02 39.20
C ARG R 123 18.73 -40.63 38.07
N MET R 124 18.23 -40.61 36.84
CA MET R 124 18.96 -41.23 35.72
C MET R 124 20.10 -40.37 35.24
N GLN R 125 20.17 -39.15 35.76
CA GLN R 125 21.28 -38.29 35.47
C GLN R 125 22.37 -38.55 36.49
N LEU R 126 22.00 -38.55 37.76
CA LEU R 126 22.93 -38.83 38.85
C LEU R 126 23.51 -40.23 38.84
N ARG R 127 22.75 -41.23 38.39
CA ARG R 127 23.23 -42.62 38.41
C ARG R 127 23.71 -42.99 39.80
N ASP R 128 24.80 -43.77 39.88
CA ASP R 128 25.30 -44.28 41.16
C ASP R 128 26.27 -43.37 41.93
N ASN R 129 26.29 -42.08 41.62
CA ASN R 129 27.06 -41.15 42.45
C ASN R 129 26.24 -40.79 43.64
N VAL R 130 24.99 -41.23 43.63
CA VAL R 130 24.12 -40.94 44.75
C VAL R 130 23.42 -42.20 45.19
N LYS R 131 22.77 -42.08 46.34
CA LYS R 131 22.05 -43.14 47.00
C LYS R 131 20.56 -42.78 46.94
N GLU R 132 19.74 -43.63 46.34
CA GLU R 132 18.29 -43.40 46.26
C GLU R 132 17.63 -43.71 47.59
N LEU R 133 17.52 -42.74 48.47
CA LEU R 133 16.92 -42.99 49.78
C LEU R 133 15.48 -43.59 49.76
N GLY R 134 14.74 -43.38 48.67
CA GLY R 134 13.41 -43.97 48.52
C GLY R 134 12.29 -43.14 49.11
N ASN R 135 12.56 -41.86 49.23
CA ASN R 135 11.63 -40.91 49.84
C ASN R 135 11.51 -39.70 48.93
N GLY R 136 12.16 -39.79 47.77
CA GLY R 136 12.16 -38.71 46.79
C GLY R 136 13.47 -37.95 46.80
N CYS R 137 14.32 -38.24 47.80
CA CYS R 137 15.64 -37.61 48.01
C CYS R 137 16.76 -38.48 47.51
N PHE R 138 17.87 -37.87 47.09
CA PHE R 138 19.12 -38.59 46.87
C PHE R 138 20.21 -38.17 47.88
N GLU R 139 20.88 -39.13 48.53
CA GLU R 139 22.09 -38.84 49.34
C GLU R 139 23.35 -39.00 48.48
N PHE R 140 24.16 -37.95 48.40
CA PHE R 140 25.37 -37.95 47.57
C PHE R 140 26.57 -38.73 48.14
N TYR R 141 27.37 -39.29 47.27
CA TYR R 141 28.58 -39.94 47.70
C TYR R 141 29.76 -38.99 47.59
N HIS R 142 29.51 -37.80 47.05
CA HIS R 142 30.52 -36.75 47.03
C HIS R 142 29.98 -35.47 47.61
N LYS R 143 30.67 -34.37 47.34
CA LYS R 143 30.31 -33.07 47.88
C LYS R 143 29.68 -32.27 46.76
N CYS R 144 28.51 -31.68 47.02
CA CYS R 144 27.78 -30.99 45.97
C CYS R 144 27.50 -29.55 46.41
N ASP R 145 28.27 -28.59 45.89
CA ASP R 145 28.15 -27.19 46.27
C ASP R 145 26.97 -26.55 45.55
N ASP R 146 26.48 -25.42 46.05
CA ASP R 146 25.47 -24.62 45.37
C ASP R 146 25.90 -24.33 43.93
N GLU R 147 26.15 -25.36 43.15
CA GLU R 147 26.85 -25.20 41.89
C GLU R 147 26.74 -26.52 41.17
N CYS R 148 27.02 -27.57 41.93
CA CYS R 148 26.77 -28.91 41.47
C CYS R 148 25.26 -29.10 41.54
N MET R 149 24.65 -28.61 42.62
CA MET R 149 23.19 -28.58 42.71
C MET R 149 22.56 -27.95 41.48
N ASN R 150 22.93 -26.71 41.20
CA ASN R 150 22.43 -26.04 40.00
C ASN R 150 22.74 -26.82 38.71
N SER R 151 23.81 -27.63 38.71
CA SER R 151 24.13 -28.43 37.53
C SER R 151 23.17 -29.61 37.40
N VAL R 152 22.66 -30.07 38.53
CA VAL R 152 21.61 -31.07 38.59
C VAL R 152 20.34 -30.42 38.06
N LYS R 153 19.90 -29.37 38.75
CA LYS R 153 18.64 -28.69 38.47
C LYS R 153 18.40 -28.26 37.01
N ASN R 154 19.45 -28.02 36.22
CA ASN R 154 19.20 -27.73 34.82
C ASN R 154 19.59 -28.85 33.86
N GLY R 155 19.95 -30.00 34.43
CA GLY R 155 20.28 -31.17 33.64
C GLY R 155 21.62 -31.12 32.90
N THR R 156 22.67 -30.72 33.62
CA THR R 156 24.01 -30.59 33.06
C THR R 156 25.05 -31.26 33.96
N TYR R 157 24.57 -32.15 34.82
CA TYR R 157 25.39 -32.78 35.85
C TYR R 157 26.51 -33.65 35.28
N ASP R 158 27.74 -33.29 35.61
CA ASP R 158 28.88 -34.05 35.14
C ASP R 158 29.06 -35.29 36.00
N TYR R 159 28.53 -36.41 35.52
CA TYR R 159 28.74 -37.68 36.21
C TYR R 159 30.24 -37.96 36.37
N PRO R 160 31.00 -38.02 35.26
CA PRO R 160 32.39 -38.46 35.40
C PRO R 160 33.25 -37.53 36.25
N LYS R 161 32.86 -36.26 36.37
CA LYS R 161 33.57 -35.31 37.23
C LYS R 161 33.60 -35.79 38.67
N TYR R 162 32.44 -36.20 39.18
CA TYR R 162 32.33 -36.65 40.55
C TYR R 162 32.37 -38.17 40.67
N GLU R 163 32.67 -38.84 39.55
CA GLU R 163 32.61 -40.29 39.48
C GLU R 163 33.48 -41.06 40.49
N GLU R 164 34.80 -41.05 40.27
CA GLU R 164 35.76 -41.76 41.14
C GLU R 164 35.64 -41.38 42.60
N GLU R 165 35.37 -40.11 42.88
CA GLU R 165 35.22 -39.69 44.27
C GLU R 165 34.11 -40.47 44.89
N SER R 166 32.94 -40.38 44.28
CA SER R 166 31.74 -41.04 44.75
C SER R 166 31.99 -42.55 44.84
N LYS R 167 32.74 -43.08 43.88
CA LYS R 167 33.08 -44.49 43.92
C LYS R 167 33.91 -44.86 45.13
N LEU R 168 35.06 -44.22 45.30
CA LEU R 168 35.91 -44.53 46.45
C LEU R 168 35.16 -44.36 47.77
N ASN R 169 34.55 -43.20 48.00
CA ASN R 169 33.60 -43.05 49.10
C ASN R 169 32.55 -44.19 49.19
N ARG R 170 32.14 -44.76 48.06
CA ARG R 170 31.09 -45.78 48.01
C ARG R 170 31.50 -47.15 48.44
N ASN R 171 32.69 -47.53 48.00
CA ASN R 171 33.34 -48.84 48.45
C ASN R 171 34.27 -48.56 49.62
N GLU R 172 33.71 -48.42 50.82
CA GLU R 172 34.48 -48.12 52.02
C GLU R 172 33.73 -48.60 53.26
N GLU S 1 102.48 -20.62 63.94
CA GLU S 1 102.05 -21.32 65.16
C GLU S 1 100.62 -20.96 65.58
N VAL S 2 99.87 -21.96 66.03
CA VAL S 2 98.45 -21.82 66.34
C VAL S 2 97.96 -22.79 67.44
N GLN S 3 97.36 -22.26 68.51
CA GLN S 3 96.90 -23.10 69.63
C GLN S 3 95.38 -23.11 69.90
N LEU S 4 95.01 -23.76 71.00
CA LEU S 4 93.69 -24.38 71.17
C LEU S 4 93.33 -24.62 72.66
N VAL S 5 92.53 -23.74 73.25
CA VAL S 5 92.10 -23.92 74.65
C VAL S 5 90.68 -24.49 74.78
N GLU S 6 90.55 -25.66 75.42
CA GLU S 6 89.28 -26.40 75.45
C GLU S 6 88.26 -26.01 76.55
N SER S 7 88.09 -26.87 77.56
CA SER S 7 87.15 -26.59 78.64
C SER S 7 87.57 -27.18 80.01
N GLY S 8 87.00 -28.33 80.40
CA GLY S 8 87.21 -28.85 81.75
C GLY S 8 87.70 -30.29 81.92
N ALA S 9 86.93 -31.06 82.67
CA ALA S 9 87.26 -32.45 82.93
C ALA S 9 86.03 -33.28 83.35
N GLU S 10 84.97 -32.58 83.75
CA GLU S 10 83.83 -33.18 84.46
C GLU S 10 82.93 -34.16 83.68
N VAL S 11 83.11 -35.47 83.91
CA VAL S 11 82.15 -36.47 83.43
C VAL S 11 80.80 -36.26 84.14
N LYS S 12 79.71 -36.77 83.57
CA LYS S 12 78.40 -36.56 84.17
C LYS S 12 77.51 -37.81 84.11
N LYS S 13 76.30 -37.67 84.66
CA LYS S 13 75.43 -38.81 84.98
C LYS S 13 74.22 -38.89 84.01
N PRO S 14 74.00 -40.10 83.43
CA PRO S 14 73.24 -40.35 82.17
C PRO S 14 71.84 -39.76 82.01
N GLY S 15 71.71 -38.89 81.01
CA GLY S 15 70.48 -38.17 80.73
C GLY S 15 70.79 -36.69 80.67
N SER S 16 72.00 -36.34 81.09
CA SER S 16 72.43 -34.95 81.19
C SER S 16 72.79 -34.32 79.84
N SER S 17 73.78 -33.43 79.87
CA SER S 17 74.24 -32.71 78.68
C SER S 17 75.66 -32.15 78.85
N VAL S 18 76.37 -32.00 77.73
CA VAL S 18 77.69 -31.39 77.71
C VAL S 18 77.73 -30.26 76.67
N LYS S 19 78.61 -29.29 76.88
CA LYS S 19 78.87 -28.27 75.88
C LYS S 19 80.35 -27.88 75.92
N VAL S 20 81.18 -28.80 75.43
CA VAL S 20 82.62 -28.61 75.30
C VAL S 20 82.88 -27.33 74.49
N SER S 21 83.82 -26.50 74.98
CA SER S 21 84.25 -25.34 74.22
C SER S 21 85.60 -25.64 73.57
N CYS S 22 86.03 -24.77 72.65
CA CYS S 22 87.35 -24.85 72.01
C CYS S 22 87.64 -23.59 71.16
N LYS S 23 88.32 -22.62 71.77
CA LYS S 23 88.69 -21.40 71.08
C LYS S 23 90.16 -21.44 70.65
N ALA S 24 90.47 -20.76 69.55
CA ALA S 24 91.82 -20.84 68.98
C ALA S 24 92.35 -19.46 68.62
N SER S 25 93.67 -19.35 68.60
CA SER S 25 94.32 -18.19 68.01
C SER S 25 95.70 -18.56 67.52
N GLY S 26 96.31 -17.65 66.78
CA GLY S 26 97.55 -17.93 66.09
C GLY S 26 97.33 -17.58 64.63
N GLY S 27 96.08 -17.21 64.32
CA GLY S 27 95.68 -16.86 62.97
C GLY S 27 94.28 -16.29 62.92
N THR S 28 93.82 -15.96 61.71
CA THR S 28 92.50 -15.36 61.46
C THR S 28 91.37 -16.38 61.56
N PHE S 29 90.14 -15.90 61.81
CA PHE S 29 89.01 -16.81 62.05
C PHE S 29 88.64 -17.69 60.86
N ILE S 30 88.70 -17.13 59.66
CA ILE S 30 88.53 -17.97 58.47
C ILE S 30 89.84 -18.77 58.35
N THR S 31 89.94 -19.61 57.34
CA THR S 31 90.43 -20.98 57.53
C THR S 31 89.85 -21.48 58.85
N HIS S 32 90.67 -22.18 59.63
CA HIS S 32 90.19 -22.84 60.83
C HIS S 32 89.18 -23.91 60.45
N VAL S 33 89.63 -25.17 60.40
CA VAL S 33 88.69 -26.28 60.39
C VAL S 33 88.70 -26.95 61.76
N PHE S 34 87.68 -26.69 62.57
CA PHE S 34 87.61 -27.27 63.90
C PHE S 34 87.06 -28.72 63.90
N THR S 35 87.93 -29.69 64.16
CA THR S 35 87.50 -31.08 64.24
C THR S 35 87.50 -31.55 65.71
N TRP S 36 86.75 -32.60 66.03
CA TRP S 36 86.75 -33.11 67.41
C TRP S 36 86.79 -34.63 67.40
N VAL S 37 87.79 -35.19 68.05
CA VAL S 37 87.90 -36.63 68.14
C VAL S 37 87.89 -37.12 69.60
N ARG S 38 87.05 -38.10 69.91
CA ARG S 38 86.95 -38.62 71.28
C ARG S 38 87.63 -39.96 71.46
N GLN S 39 88.18 -40.15 72.66
CA GLN S 39 88.96 -41.35 73.00
C GLN S 39 88.41 -42.02 74.26
N ALA S 40 87.76 -43.17 74.07
CA ALA S 40 87.23 -43.97 75.17
C ALA S 40 88.35 -44.49 76.05
N PRO S 41 88.03 -44.87 77.30
CA PRO S 41 89.00 -45.60 78.12
C PRO S 41 89.67 -46.76 77.35
N GLY S 42 90.91 -46.54 76.93
CA GLY S 42 91.69 -47.60 76.32
C GLY S 42 91.54 -47.81 74.82
N GLN S 43 90.33 -47.63 74.28
CA GLN S 43 90.05 -48.08 72.92
C GLN S 43 90.60 -47.18 71.77
N GLY S 44 89.97 -47.21 70.60
CA GLY S 44 90.55 -46.61 69.39
C GLY S 44 90.57 -45.08 69.30
N LEU S 45 90.16 -44.55 68.14
CA LEU S 45 89.88 -43.10 67.97
C LEU S 45 88.63 -42.89 67.14
N GLU S 46 87.86 -41.86 67.45
CA GLU S 46 86.50 -41.76 66.90
C GLU S 46 86.10 -40.35 66.53
N TRP S 47 86.06 -40.06 65.24
CA TRP S 47 85.61 -38.76 64.79
C TRP S 47 84.14 -38.55 65.17
N VAL S 48 83.85 -37.47 65.89
CA VAL S 48 82.46 -37.08 66.11
C VAL S 48 82.07 -35.83 65.30
N GLY S 49 82.94 -34.84 65.31
CA GLY S 49 82.51 -33.52 64.87
C GLY S 49 83.39 -32.71 63.95
N GLY S 50 82.84 -31.55 63.59
CA GLY S 50 83.51 -30.65 62.69
C GLY S 50 82.79 -29.34 62.44
N PHE S 51 83.58 -28.32 62.14
CA PHE S 51 83.02 -27.05 61.74
C PHE S 51 84.05 -26.35 60.86
N ILE S 52 83.58 -25.85 59.73
CA ILE S 52 84.42 -25.32 58.68
C ILE S 52 84.11 -23.84 58.58
N ALA S 53 84.95 -23.01 59.19
CA ALA S 53 84.53 -21.66 59.52
C ALA S 53 84.25 -20.76 58.31
N ILE S 54 84.89 -21.07 57.18
CA ILE S 54 84.70 -20.32 55.94
C ILE S 54 83.24 -20.35 55.48
N PHE S 55 82.64 -21.54 55.61
CA PHE S 55 81.27 -21.86 55.24
C PHE S 55 80.29 -21.53 56.34
N GLY S 56 80.72 -21.78 57.58
CA GLY S 56 79.84 -21.70 58.72
C GLY S 56 79.10 -23.02 58.78
N THR S 57 79.44 -23.94 57.88
CA THR S 57 78.84 -25.27 57.88
C THR S 57 79.55 -26.16 58.86
N SER S 58 78.93 -27.30 59.14
CA SER S 58 79.28 -28.13 60.29
C SER S 58 78.91 -29.57 60.00
N ASN S 59 79.79 -30.50 60.36
CA ASN S 59 79.58 -31.90 60.01
C ASN S 59 79.68 -32.82 61.21
N TYR S 60 78.81 -33.84 61.24
CA TYR S 60 78.86 -34.79 62.34
C TYR S 60 79.02 -36.20 61.80
N ALA S 61 79.34 -37.14 62.69
CA ALA S 61 79.23 -38.56 62.39
C ALA S 61 77.76 -38.89 62.64
N GLN S 62 77.28 -40.02 62.15
CA GLN S 62 75.85 -40.29 62.27
C GLN S 62 75.47 -41.25 63.39
N LYS S 63 76.41 -41.55 64.27
CA LYS S 63 76.07 -42.18 65.54
C LYS S 63 75.55 -41.08 66.46
N PHE S 64 75.15 -39.97 65.86
CA PHE S 64 74.84 -38.76 66.61
C PHE S 64 73.61 -38.12 66.02
N GLN S 65 73.74 -37.60 64.79
CA GLN S 65 72.79 -36.62 64.24
C GLN S 65 71.33 -36.86 64.63
N GLY S 66 70.75 -35.82 65.22
CA GLY S 66 69.71 -35.94 66.21
C GLY S 66 70.30 -35.24 67.44
N ARG S 67 71.28 -35.90 68.08
CA ARG S 67 71.88 -35.44 69.35
C ARG S 67 72.82 -34.23 69.28
N VAL S 68 73.97 -34.41 68.63
CA VAL S 68 75.00 -33.37 68.59
C VAL S 68 74.58 -32.15 67.75
N THR S 69 74.87 -30.95 68.26
CA THR S 69 74.91 -29.74 67.43
C THR S 69 76.24 -29.02 67.72
N ILE S 70 76.95 -28.64 66.66
CA ILE S 70 78.19 -27.88 66.80
C ILE S 70 78.01 -26.49 66.22
N THR S 71 78.50 -25.47 66.93
CA THR S 71 78.48 -24.09 66.43
C THR S 71 79.82 -23.36 66.56
N ALA S 72 79.72 -22.03 66.53
CA ALA S 72 80.84 -21.13 66.85
C ALA S 72 80.42 -19.65 66.96
N ASP S 73 81.40 -18.81 67.33
CA ASP S 73 81.27 -17.36 67.22
C ASP S 73 82.61 -16.76 66.79
N GLU S 74 82.59 -15.95 65.73
CA GLU S 74 83.83 -15.40 65.16
C GLU S 74 84.44 -14.40 66.13
N SER S 75 83.58 -13.52 66.63
CA SER S 75 83.94 -12.53 67.62
C SER S 75 84.75 -13.11 68.80
N THR S 76 84.27 -14.23 69.35
CA THR S 76 84.95 -14.91 70.45
C THR S 76 85.94 -15.99 69.97
N SER S 77 86.04 -16.15 68.65
CA SER S 77 86.80 -17.24 68.02
C SER S 77 86.69 -18.57 68.80
N THR S 78 85.47 -18.94 69.17
CA THR S 78 85.19 -20.03 70.08
C THR S 78 84.25 -21.07 69.44
N ALA S 79 84.70 -22.32 69.33
CA ALA S 79 83.83 -23.43 68.93
C ALA S 79 83.01 -23.96 70.12
N TYR S 80 82.24 -25.01 69.85
CA TYR S 80 81.07 -25.31 70.67
C TYR S 80 80.33 -26.54 70.17
N MET S 81 80.67 -27.71 70.70
CA MET S 81 79.92 -28.92 70.44
C MET S 81 78.87 -29.06 71.56
N GLU S 82 77.83 -29.87 71.35
CA GLU S 82 76.78 -30.05 72.33
C GLU S 82 76.18 -31.46 72.22
N LEU S 83 76.67 -32.38 73.05
CA LEU S 83 76.24 -33.79 73.05
C LEU S 83 75.12 -34.10 74.06
N THR S 84 73.89 -34.26 73.56
CA THR S 84 72.74 -34.58 74.41
C THR S 84 72.54 -36.10 74.52
N SER S 85 71.72 -36.53 75.46
CA SER S 85 71.45 -37.95 75.71
C SER S 85 72.75 -38.68 76.03
N LEU S 86 73.24 -38.45 77.25
CA LEU S 86 74.63 -38.71 77.59
C LEU S 86 74.87 -40.00 78.38
N THR S 87 74.90 -41.12 77.67
CA THR S 87 75.06 -42.41 78.33
C THR S 87 76.53 -42.81 78.57
N SER S 88 76.87 -43.97 78.02
CA SER S 88 78.08 -44.72 78.37
C SER S 88 78.83 -45.18 77.12
N GLU S 89 78.18 -45.06 75.97
CA GLU S 89 78.86 -45.10 74.68
C GLU S 89 79.15 -43.64 74.33
N ASP S 90 79.18 -42.82 75.39
CA ASP S 90 79.38 -41.38 75.31
C ASP S 90 80.49 -40.95 76.28
N THR S 91 81.09 -41.91 76.96
CA THR S 91 82.05 -41.62 78.03
C THR S 91 83.51 -41.76 77.58
N ALA S 92 84.19 -40.63 77.49
CA ALA S 92 85.55 -40.60 76.96
C ALA S 92 86.26 -39.30 77.29
N VAL S 93 87.44 -39.12 76.69
CA VAL S 93 88.08 -37.82 76.67
C VAL S 93 87.93 -37.21 75.26
N TYR S 94 87.49 -35.97 75.17
CA TYR S 94 87.04 -35.35 73.92
C TYR S 94 87.98 -34.28 73.34
N TYR S 95 88.84 -34.69 72.39
CA TYR S 95 89.83 -33.76 71.82
C TYR S 95 89.27 -32.82 70.75
N CYS S 96 89.40 -31.52 70.99
CA CYS S 96 89.22 -30.53 69.93
C CYS S 96 90.50 -30.50 69.14
N ALA S 97 90.42 -30.08 67.90
CA ALA S 97 91.60 -30.00 67.06
C ALA S 97 91.34 -29.11 65.83
N ARG S 98 92.43 -28.74 65.17
CA ARG S 98 92.36 -27.88 64.01
C ARG S 98 92.78 -28.70 62.81
N GLY S 99 91.98 -28.63 61.75
CA GLY S 99 92.26 -29.33 60.52
C GLY S 99 92.17 -28.35 59.37
N ILE S 100 92.18 -28.87 58.15
CA ILE S 100 92.21 -27.98 57.01
C ILE S 100 91.17 -28.37 55.98
N SER S 101 90.70 -27.38 55.23
CA SER S 101 90.09 -27.62 53.93
C SER S 101 88.84 -28.46 53.95
N GLY S 102 87.69 -27.81 54.10
CA GLY S 102 86.40 -28.41 53.81
C GLY S 102 86.24 -29.90 54.03
N SER S 103 86.99 -30.72 53.29
CA SER S 103 86.94 -32.19 53.47
C SER S 103 87.79 -32.68 54.65
N TYR S 104 88.03 -31.82 55.63
CA TYR S 104 88.72 -32.19 56.88
C TYR S 104 90.06 -32.84 56.58
N GLY S 105 91.10 -32.03 56.51
CA GLY S 105 92.38 -32.52 56.01
C GLY S 105 93.15 -33.34 57.02
N TRP S 106 94.27 -32.77 57.46
CA TRP S 106 95.05 -33.33 58.54
C TRP S 106 94.82 -32.45 59.74
N PHE S 107 94.84 -33.03 60.92
CA PHE S 107 94.61 -32.24 62.12
C PHE S 107 95.96 -31.94 62.79
N ASP S 108 96.38 -30.67 62.72
CA ASP S 108 97.78 -30.30 62.94
C ASP S 108 98.16 -29.91 64.37
N PRO S 109 97.37 -29.03 65.04
CA PRO S 109 97.52 -29.08 66.50
C PRO S 109 96.50 -30.09 67.04
N TRP S 110 96.51 -30.33 68.34
CA TRP S 110 95.43 -31.06 68.96
C TRP S 110 95.15 -30.37 70.30
N GLY S 111 94.02 -30.65 70.91
CA GLY S 111 93.75 -30.16 72.25
C GLY S 111 94.58 -30.99 73.19
N GLN S 112 94.86 -30.45 74.36
CA GLN S 112 95.42 -31.26 75.43
C GLN S 112 94.41 -32.39 75.63
N GLY S 113 93.15 -32.04 75.88
CA GLY S 113 92.08 -33.00 76.07
C GLY S 113 90.96 -32.42 76.91
N THR S 114 89.96 -33.26 77.21
CA THR S 114 88.80 -32.84 78.01
C THR S 114 88.00 -34.09 78.42
N LEU S 115 88.03 -34.44 79.70
CA LEU S 115 87.31 -35.62 80.14
C LEU S 115 85.83 -35.35 80.42
N ASP T 1 81.15 -45.01 55.27
CA ASP T 1 82.31 -45.09 56.16
C ASP T 1 83.10 -46.32 55.77
N ILE T 2 84.39 -46.14 55.55
CA ILE T 2 85.11 -47.12 54.75
C ILE T 2 86.28 -47.87 55.41
N GLN T 3 86.12 -48.16 56.69
CA GLN T 3 86.79 -49.27 57.38
C GLN T 3 88.26 -49.52 57.05
N LEU T 4 89.16 -48.95 57.85
CA LEU T 4 90.59 -49.25 57.74
C LEU T 4 90.94 -50.60 58.39
N THR T 5 92.21 -50.98 58.30
CA THR T 5 92.70 -52.16 59.00
C THR T 5 94.20 -52.07 59.19
N GLN T 6 94.57 -51.47 60.32
CA GLN T 6 95.96 -51.42 60.74
C GLN T 6 96.46 -52.82 61.11
N SER T 7 97.20 -53.44 60.19
CA SER T 7 97.82 -54.73 60.45
C SER T 7 99.33 -54.54 60.65
N PRO T 8 99.89 -55.14 61.72
CA PRO T 8 99.16 -55.80 62.80
C PRO T 8 99.07 -54.88 64.04
N SER T 9 98.11 -55.18 64.93
CA SER T 9 97.81 -54.34 66.10
C SER T 9 98.99 -54.07 67.06
N SER T 10 100.00 -54.94 67.03
CA SER T 10 101.24 -54.72 67.79
C SER T 10 102.41 -55.54 67.23
N LEU T 11 103.47 -54.86 66.80
CA LEU T 11 104.74 -55.53 66.53
C LEU T 11 105.57 -55.42 67.81
N SER T 12 106.72 -56.10 67.84
CA SER T 12 107.54 -56.19 69.05
C SER T 12 108.86 -55.42 68.90
N ALA T 13 109.01 -54.29 69.62
CA ALA T 13 110.02 -53.27 69.33
C ALA T 13 111.52 -53.65 69.29
N SER T 14 111.89 -54.61 68.42
CA SER T 14 113.30 -54.97 68.20
C SER T 14 114.09 -53.85 67.51
N VAL T 15 114.85 -53.11 68.32
CA VAL T 15 115.42 -51.80 67.97
C VAL T 15 116.38 -51.77 66.75
N GLY T 16 116.09 -50.86 65.81
CA GLY T 16 116.92 -50.68 64.63
C GLY T 16 116.37 -51.25 63.33
N ASP T 17 115.30 -52.05 63.42
CA ASP T 17 114.78 -52.84 62.30
C ASP T 17 114.05 -52.07 61.20
N ARG T 18 113.56 -52.80 60.20
CA ARG T 18 112.67 -52.24 59.18
C ARG T 18 111.24 -52.28 59.72
N VAL T 19 110.99 -51.58 60.83
CA VAL T 19 109.69 -51.60 61.52
C VAL T 19 108.61 -50.89 60.71
N THR T 20 107.74 -51.68 60.08
CA THR T 20 106.81 -51.20 59.06
C THR T 20 105.35 -51.51 59.37
N ILE T 21 104.57 -50.50 59.73
CA ILE T 21 103.14 -50.70 59.95
C ILE T 21 102.38 -50.57 58.62
N THR T 22 101.31 -51.35 58.49
CA THR T 22 100.45 -51.31 57.31
C THR T 22 99.06 -50.73 57.64
N CYS T 23 98.39 -50.18 56.63
CA CYS T 23 97.03 -49.66 56.76
C CYS T 23 96.26 -49.97 55.46
N GLN T 24 95.27 -50.84 55.54
CA GLN T 24 94.55 -51.32 54.35
C GLN T 24 93.04 -51.02 54.37
N ALA T 25 92.60 -50.12 53.50
CA ALA T 25 91.22 -49.64 53.50
C ALA T 25 90.21 -50.61 52.88
N SER T 26 88.93 -50.27 53.02
CA SER T 26 87.85 -51.10 52.47
C SER T 26 87.66 -50.84 50.99
N GLN T 27 88.26 -49.76 50.51
CA GLN T 27 88.16 -49.38 49.09
C GLN T 27 89.23 -48.34 48.73
N ASP T 28 89.49 -48.21 47.43
CA ASP T 28 90.49 -47.26 46.90
C ASP T 28 90.25 -45.84 47.42
N ILE T 29 91.30 -45.23 48.00
CA ILE T 29 91.20 -43.87 48.51
C ILE T 29 92.30 -42.98 47.92
N ARG T 30 93.13 -43.60 47.08
CA ARG T 30 94.33 -42.95 46.58
C ARG T 30 95.15 -42.28 47.70
N LYS T 31 95.45 -40.99 47.55
CA LYS T 31 96.47 -40.40 48.41
C LYS T 31 96.00 -39.56 49.59
N TYR T 32 94.79 -39.79 50.07
CA TYR T 32 94.24 -38.91 51.10
C TYR T 32 94.27 -39.54 52.52
N LEU T 33 95.48 -39.79 53.03
CA LEU T 33 95.67 -40.53 54.28
C LEU T 33 96.70 -39.89 55.23
N ASN T 34 96.47 -40.01 56.54
CA ASN T 34 97.32 -39.36 57.54
C ASN T 34 97.81 -40.33 58.63
N TRP T 35 99.02 -40.12 59.17
CA TRP T 35 99.54 -40.97 60.26
C TRP T 35 99.76 -40.23 61.58
N TYR T 36 99.12 -40.73 62.64
CA TYR T 36 99.11 -40.06 63.93
C TYR T 36 99.83 -40.81 65.04
N GLN T 37 100.51 -40.07 65.90
CA GLN T 37 101.28 -40.66 66.99
C GLN T 37 100.62 -40.43 68.35
N GLN T 38 100.39 -41.51 69.10
CA GLN T 38 99.95 -41.35 70.48
C GLN T 38 100.98 -41.84 71.51
N LYS T 39 101.91 -40.94 71.86
CA LYS T 39 102.69 -41.10 73.08
C LYS T 39 101.69 -40.96 74.26
N PRO T 40 102.14 -41.25 75.49
CA PRO T 40 101.40 -42.14 76.41
C PRO T 40 99.91 -41.84 76.67
N GLY T 41 99.01 -42.56 76.00
CA GLY T 41 97.59 -42.56 76.30
C GLY T 41 96.83 -41.23 76.39
N LYS T 42 97.40 -40.16 75.81
CA LYS T 42 96.82 -38.82 75.89
C LYS T 42 96.60 -38.18 74.51
N ALA T 43 96.95 -36.90 74.38
CA ALA T 43 96.75 -36.18 73.11
C ALA T 43 97.64 -36.73 71.98
N PRO T 44 97.00 -37.15 70.86
CA PRO T 44 97.71 -37.61 69.66
C PRO T 44 98.51 -36.51 68.96
N ASN T 45 99.34 -36.91 67.99
CA ASN T 45 100.14 -35.96 67.23
C ASN T 45 100.55 -36.44 65.83
N LEU T 46 100.55 -35.48 64.91
CA LEU T 46 100.60 -35.74 63.47
C LEU T 46 102.00 -35.76 62.91
N LEU T 47 102.32 -36.78 62.13
CA LEU T 47 103.66 -36.93 61.61
C LEU T 47 103.69 -36.87 60.08
N ILE T 48 103.03 -37.85 59.45
CA ILE T 48 102.93 -37.88 58.00
C ILE T 48 101.51 -37.54 57.54
N TYR T 49 101.40 -36.73 56.48
CA TYR T 49 100.11 -36.40 55.89
C TYR T 49 100.11 -36.59 54.38
N ASP T 50 98.95 -36.95 53.83
CA ASP T 50 98.80 -37.09 52.39
C ASP T 50 99.80 -38.10 51.80
N ALA T 51 99.96 -39.25 52.46
CA ALA T 51 100.72 -40.40 51.92
C ALA T 51 102.02 -40.08 51.17
N SER T 52 103.16 -40.21 51.86
CA SER T 52 104.47 -39.81 51.37
C SER T 52 104.65 -38.30 51.23
N ASN T 53 104.45 -37.60 52.35
CA ASN T 53 105.20 -36.39 52.66
C ASN T 53 105.14 -36.10 54.16
N VAL T 54 105.98 -35.18 54.64
CA VAL T 54 106.36 -35.14 56.05
C VAL T 54 105.83 -33.92 56.76
N LYS T 55 105.57 -34.04 58.06
CA LYS T 55 105.32 -32.84 58.84
C LYS T 55 106.66 -32.12 58.95
N THR T 56 106.71 -30.81 58.73
CA THR T 56 107.97 -30.12 59.02
C THR T 56 108.00 -29.58 60.47
N GLY T 57 108.07 -30.56 61.36
CA GLY T 57 108.61 -30.47 62.70
C GLY T 57 109.25 -31.84 62.73
N VAL T 58 110.34 -31.97 61.96
CA VAL T 58 110.60 -33.17 61.15
C VAL T 58 111.61 -34.23 61.64
N PRO T 59 111.14 -35.48 61.74
CA PRO T 59 112.02 -36.67 61.80
C PRO T 59 112.47 -37.05 60.40
N SER T 60 113.77 -37.32 60.25
CA SER T 60 114.29 -37.95 59.06
C SER T 60 114.22 -39.45 59.29
N ARG T 61 113.85 -39.81 60.52
CA ARG T 61 113.82 -41.20 60.97
C ARG T 61 112.58 -41.93 60.49
N PHE T 62 111.65 -41.20 59.90
CA PHE T 62 110.35 -41.76 59.55
C PHE T 62 110.04 -41.73 58.07
N ARG T 63 108.96 -42.40 57.68
CA ARG T 63 108.51 -42.43 56.28
C ARG T 63 107.04 -42.82 56.09
N GLY T 64 106.43 -42.25 55.06
CA GLY T 64 105.11 -42.65 54.60
C GLY T 64 105.14 -43.02 53.13
N SER T 65 104.36 -44.04 52.75
CA SER T 65 104.29 -44.52 51.36
C SER T 65 102.94 -45.19 51.10
N GLY T 66 102.44 -45.10 49.88
CA GLY T 66 101.20 -45.76 49.53
C GLY T 66 100.26 -44.98 48.61
N SER T 67 99.20 -45.67 48.20
CA SER T 67 98.23 -45.09 47.28
C SER T 67 96.94 -45.91 47.28
N GLY T 68 96.97 -47.07 46.63
CA GLY T 68 95.78 -47.87 46.36
C GLY T 68 94.78 -48.08 47.49
N THR T 69 94.75 -49.30 48.03
CA THR T 69 93.99 -49.58 49.24
C THR T 69 95.00 -49.63 50.36
N ASP T 70 96.28 -49.70 49.99
CA ASP T 70 97.33 -50.09 50.93
C ASP T 70 98.39 -49.03 51.24
N PHE T 71 98.66 -48.85 52.53
CA PHE T 71 99.60 -47.82 52.97
C PHE T 71 100.60 -48.37 54.00
N THR T 72 101.66 -47.60 54.27
CA THR T 72 102.81 -48.04 55.04
C THR T 72 103.49 -46.90 55.81
N PHE T 73 103.63 -47.05 57.13
CA PHE T 73 104.32 -46.08 57.98
C PHE T 73 105.63 -46.68 58.47
N THR T 74 106.76 -46.14 58.02
CA THR T 74 108.05 -46.75 58.31
C THR T 74 108.91 -45.98 59.31
N ILE T 75 109.42 -46.70 60.31
CA ILE T 75 110.55 -46.24 61.10
C ILE T 75 111.70 -47.20 60.81
N SER T 76 112.85 -46.65 60.43
CA SER T 76 114.04 -47.47 60.22
C SER T 76 114.71 -47.74 61.57
N SER T 77 115.82 -47.06 61.83
CA SER T 77 116.54 -47.23 63.10
C SER T 77 115.75 -46.64 64.27
N LEU T 78 115.39 -47.49 65.22
CA LEU T 78 114.55 -47.07 66.35
C LEU T 78 115.25 -46.06 67.28
N GLN T 79 114.45 -45.33 68.04
CA GLN T 79 114.94 -44.32 68.99
C GLN T 79 113.99 -44.28 70.21
N PRO T 80 114.54 -44.00 71.42
CA PRO T 80 113.87 -44.31 72.70
C PRO T 80 112.84 -43.31 73.27
N GLU T 81 112.25 -42.48 72.42
CA GLU T 81 111.17 -41.57 72.82
C GLU T 81 109.91 -41.89 72.00
N ASP T 82 110.15 -42.64 70.92
CA ASP T 82 109.11 -43.07 69.98
C ASP T 82 108.31 -44.27 70.51
N ILE T 83 107.94 -44.22 71.78
CA ILE T 83 107.11 -45.29 72.34
C ILE T 83 105.65 -44.84 72.35
N ALA T 84 104.84 -45.53 71.54
CA ALA T 84 103.52 -45.05 71.23
C ALA T 84 102.63 -46.15 70.68
N THR T 85 101.34 -45.83 70.60
CA THR T 85 100.41 -46.54 69.72
C THR T 85 100.32 -45.68 68.46
N TYR T 86 99.92 -46.27 67.34
CA TYR T 86 99.93 -45.54 66.08
C TYR T 86 98.63 -45.62 65.27
N TYR T 87 98.28 -44.53 64.59
CA TYR T 87 97.02 -44.44 63.84
C TYR T 87 97.15 -44.03 62.37
N CYS T 88 96.39 -44.73 61.52
CA CYS T 88 96.11 -44.23 60.18
C CYS T 88 94.66 -43.74 60.17
N GLN T 89 94.40 -42.66 59.43
CA GLN T 89 93.07 -42.05 59.30
C GLN T 89 92.84 -41.53 57.90
N GLN T 90 91.62 -41.10 57.61
CA GLN T 90 91.22 -40.85 56.22
C GLN T 90 90.25 -39.68 55.99
N TYR T 91 90.34 -39.11 54.80
CA TYR T 91 89.15 -38.51 54.20
C TYR T 91 88.91 -39.10 52.81
N ASP T 92 88.93 -38.26 51.77
CA ASP T 92 88.32 -38.67 50.50
C ASP T 92 86.85 -38.95 50.78
N ASN T 93 86.56 -40.06 51.45
CA ASN T 93 85.22 -40.29 51.99
C ASN T 93 84.92 -39.27 53.10
N LEU T 94 83.79 -39.44 53.77
CA LEU T 94 83.12 -38.31 54.39
C LEU T 94 82.95 -38.31 55.91
N PRO T 95 82.73 -39.49 56.54
CA PRO T 95 82.63 -39.51 58.01
C PRO T 95 83.92 -39.84 58.80
N ILE T 96 85.10 -39.69 58.21
CA ILE T 96 86.40 -39.77 58.92
C ILE T 96 86.71 -41.04 59.77
N THR T 97 87.09 -42.14 59.11
CA THR T 97 87.48 -43.37 59.82
C THR T 97 88.96 -43.36 60.25
N PHE T 98 89.30 -44.26 61.17
CA PHE T 98 90.67 -44.42 61.65
C PHE T 98 91.15 -45.86 61.52
N GLY T 99 92.36 -46.11 61.97
CA GLY T 99 92.82 -47.46 62.24
C GLY T 99 92.56 -47.69 63.72
N GLN T 100 93.00 -48.82 64.26
CA GLN T 100 92.74 -49.14 65.66
C GLN T 100 93.90 -48.77 66.60
N GLY T 101 95.11 -48.90 66.09
CA GLY T 101 96.32 -48.75 66.88
C GLY T 101 97.37 -49.77 66.49
N THR T 102 98.63 -49.37 66.59
CA THR T 102 99.78 -50.26 66.44
C THR T 102 100.84 -49.77 67.39
N ARG T 103 101.17 -50.61 68.38
CA ARG T 103 101.89 -50.16 69.57
C ARG T 103 103.02 -51.11 69.97
N LEU T 104 104.23 -50.56 70.15
CA LEU T 104 105.39 -51.36 70.59
C LEU T 104 106.18 -50.68 71.73
N GLU T 105 107.03 -51.45 72.43
CA GLU T 105 107.65 -50.99 73.70
C GLU T 105 109.13 -50.56 73.64
N ILE T 106 109.83 -50.69 74.77
CA ILE T 106 111.19 -50.16 74.96
C ILE T 106 112.26 -50.98 74.23
N GLU U 1 117.61 -34.31 23.68
CA GLU U 1 118.04 -35.54 23.04
C GLU U 1 117.02 -36.04 22.01
N VAL U 2 117.12 -35.55 20.78
CA VAL U 2 116.39 -36.16 19.69
C VAL U 2 117.38 -36.92 18.86
N GLN U 3 117.00 -38.13 18.49
CA GLN U 3 117.89 -39.03 17.78
C GLN U 3 117.28 -39.27 16.44
N LEU U 4 118.07 -39.72 15.49
CA LEU U 4 117.64 -39.82 14.13
C LEU U 4 118.07 -41.19 13.62
N VAL U 5 117.12 -42.06 13.30
CA VAL U 5 117.46 -43.38 12.76
C VAL U 5 117.05 -43.45 11.32
N GLU U 6 117.95 -43.91 10.48
CA GLU U 6 117.67 -43.87 9.06
C GLU U 6 117.82 -45.19 8.33
N SER U 7 117.09 -45.32 7.21
CA SER U 7 116.97 -46.60 6.49
C SER U 7 118.31 -47.12 6.01
N GLY U 8 118.31 -48.39 5.60
CA GLY U 8 119.52 -49.06 5.22
C GLY U 8 120.02 -48.68 3.84
N ALA U 9 121.23 -49.15 3.54
CA ALA U 9 121.90 -48.74 2.31
C ALA U 9 121.13 -49.31 1.14
N GLU U 10 121.06 -48.58 0.04
CA GLU U 10 120.37 -49.07 -1.16
C GLU U 10 121.35 -49.22 -2.32
N VAL U 11 121.05 -50.16 -3.20
CA VAL U 11 121.80 -50.30 -4.45
C VAL U 11 120.78 -50.38 -5.57
N LYS U 12 120.80 -49.40 -6.46
CA LYS U 12 119.73 -49.34 -7.43
C LYS U 12 120.18 -49.33 -8.87
N LYS U 13 119.29 -49.76 -9.74
CA LYS U 13 119.53 -49.82 -11.18
C LYS U 13 119.05 -48.52 -11.78
N PRO U 14 119.65 -48.13 -12.91
CA PRO U 14 119.26 -46.86 -13.55
C PRO U 14 117.78 -46.88 -13.89
N GLY U 15 117.13 -45.73 -13.71
CA GLY U 15 115.73 -45.55 -14.05
C GLY U 15 114.75 -45.92 -12.94
N SER U 16 115.23 -46.76 -12.03
CA SER U 16 114.45 -47.16 -10.87
C SER U 16 114.21 -46.02 -9.91
N SER U 17 114.09 -46.37 -8.64
CA SER U 17 113.64 -45.41 -7.66
C SER U 17 114.00 -45.85 -6.26
N VAL U 18 114.38 -44.89 -5.43
CA VAL U 18 114.75 -45.20 -4.07
C VAL U 18 113.97 -44.33 -3.09
N LYS U 19 113.54 -44.94 -1.97
CA LYS U 19 112.87 -44.23 -0.89
C LYS U 19 113.60 -44.53 0.42
N VAL U 20 114.20 -43.49 1.01
CA VAL U 20 114.89 -43.63 2.28
C VAL U 20 114.03 -43.06 3.39
N SER U 21 114.28 -43.50 4.63
CA SER U 21 113.46 -43.17 5.78
C SER U 21 114.23 -42.39 6.85
N CYS U 22 113.51 -41.68 7.71
CA CYS U 22 114.16 -40.98 8.81
C CYS U 22 113.24 -40.87 10.01
N LYS U 23 113.52 -41.66 11.05
CA LYS U 23 112.68 -41.70 12.23
C LYS U 23 113.26 -40.85 13.34
N ALA U 24 112.54 -39.77 13.65
CA ALA U 24 112.97 -38.79 14.63
C ALA U 24 112.36 -39.19 15.94
N SER U 25 113.21 -39.53 16.89
CA SER U 25 112.80 -40.18 18.12
C SER U 25 113.29 -39.42 19.35
N GLY U 26 112.46 -38.61 19.98
CA GLY U 26 112.86 -38.05 21.26
C GLY U 26 112.29 -36.68 21.53
N GLY U 27 111.31 -36.31 20.72
CA GLY U 27 110.58 -35.08 20.92
C GLY U 27 109.23 -35.46 20.41
N THR U 28 108.31 -34.52 20.47
CA THR U 28 106.99 -34.72 19.93
C THR U 28 107.04 -34.33 18.44
N PHE U 29 106.28 -35.05 17.59
CA PHE U 29 106.36 -34.93 16.12
C PHE U 29 106.24 -33.53 15.54
N ILE U 30 105.25 -32.77 15.97
CA ILE U 30 105.00 -31.48 15.32
C ILE U 30 106.18 -30.52 15.44
N THR U 31 107.08 -30.80 16.38
CA THR U 31 108.29 -30.00 16.53
C THR U 31 109.43 -30.45 15.59
N HIS U 32 109.19 -31.49 14.80
CA HIS U 32 110.20 -31.87 13.84
C HIS U 32 110.13 -31.04 12.57
N VAL U 33 111.29 -30.88 11.94
CA VAL U 33 111.40 -30.54 10.53
C VAL U 33 112.51 -31.49 10.08
N PHE U 34 112.18 -32.35 9.11
CA PHE U 34 113.19 -33.28 8.58
C PHE U 34 113.70 -32.72 7.27
N THR U 35 114.99 -32.92 7.02
CA THR U 35 115.61 -32.41 5.81
C THR U 35 116.60 -33.45 5.30
N TRP U 36 116.64 -33.60 3.98
CA TRP U 36 117.67 -34.43 3.34
C TRP U 36 118.72 -33.62 2.56
N VAL U 37 119.97 -33.87 2.91
CA VAL U 37 121.14 -33.30 2.24
C VAL U 37 121.89 -34.49 1.68
N ARG U 38 122.15 -34.48 0.38
CA ARG U 38 122.93 -35.59 -0.16
C ARG U 38 124.27 -35.05 -0.57
N GLN U 39 125.23 -35.95 -0.76
CA GLN U 39 126.60 -35.60 -1.13
C GLN U 39 127.27 -36.72 -1.90
N ALA U 40 127.59 -36.45 -3.17
CA ALA U 40 128.21 -37.45 -4.04
C ALA U 40 129.58 -37.81 -3.48
N PRO U 41 130.19 -38.92 -3.93
CA PRO U 41 131.51 -39.24 -3.34
C PRO U 41 132.58 -38.23 -3.74
N GLY U 42 133.42 -37.86 -2.78
CA GLY U 42 134.44 -36.85 -3.01
C GLY U 42 133.94 -35.47 -3.36
N GLN U 43 132.62 -35.26 -3.37
CA GLN U 43 132.10 -33.90 -3.63
C GLN U 43 131.43 -33.30 -2.43
N GLY U 44 130.48 -32.41 -2.69
CA GLY U 44 130.02 -31.53 -1.64
C GLY U 44 128.56 -31.68 -1.31
N LEU U 45 128.09 -30.78 -0.47
CA LEU U 45 126.73 -30.84 0.06
C LEU U 45 125.72 -30.20 -0.86
N GLU U 46 124.68 -30.96 -1.15
CA GLU U 46 123.57 -30.51 -1.98
C GLU U 46 122.24 -30.81 -1.27
N TRP U 47 121.38 -29.79 -1.14
CA TRP U 47 120.08 -29.93 -0.51
C TRP U 47 119.17 -30.71 -1.41
N VAL U 48 118.32 -31.53 -0.81
CA VAL U 48 117.35 -32.26 -1.59
C VAL U 48 115.98 -31.74 -1.23
N GLY U 49 115.69 -31.74 0.05
CA GLY U 49 114.36 -31.39 0.46
C GLY U 49 114.15 -31.45 1.93
N GLY U 50 112.92 -31.15 2.32
CA GLY U 50 112.55 -31.26 3.71
C GLY U 50 111.06 -31.50 3.89
N PHE U 51 110.66 -31.71 5.14
CA PHE U 51 109.26 -31.88 5.45
C PHE U 51 108.98 -31.25 6.78
N ILE U 52 108.25 -30.16 6.78
CA ILE U 52 107.92 -29.50 8.03
C ILE U 52 106.71 -30.13 8.66
N ALA U 53 106.93 -30.76 9.79
CA ALA U 53 105.91 -31.56 10.44
C ALA U 53 104.67 -30.71 10.75
N ILE U 54 104.87 -29.63 11.50
CA ILE U 54 103.75 -28.84 12.02
C ILE U 54 102.73 -28.37 10.97
N PHE U 55 103.15 -28.23 9.72
CA PHE U 55 102.23 -27.83 8.67
C PHE U 55 101.95 -29.01 7.81
N GLY U 56 102.86 -29.98 7.77
CA GLY U 56 102.63 -31.16 6.95
C GLY U 56 103.08 -30.90 5.52
N THR U 57 103.80 -29.79 5.37
CA THR U 57 104.25 -29.30 4.07
C THR U 57 105.64 -29.80 3.65
N SER U 58 105.88 -29.89 2.35
CA SER U 58 107.13 -30.47 1.87
C SER U 58 107.79 -29.64 0.78
N ASN U 59 109.12 -29.58 0.82
CA ASN U 59 109.89 -28.65 -0.01
C ASN U 59 111.06 -29.29 -0.75
N TYR U 60 111.17 -28.99 -2.04
CA TYR U 60 112.20 -29.60 -2.85
C TYR U 60 113.09 -28.56 -3.47
N ALA U 61 114.15 -29.05 -4.10
CA ALA U 61 115.05 -28.23 -4.86
C ALA U 61 114.65 -28.40 -6.32
N GLN U 62 114.45 -27.30 -7.02
CA GLN U 62 113.96 -27.33 -8.40
C GLN U 62 114.77 -28.26 -9.29
N LYS U 63 116.05 -28.42 -8.97
CA LYS U 63 116.91 -29.39 -9.64
C LYS U 63 116.26 -30.78 -9.71
N PHE U 64 115.72 -31.22 -8.59
CA PHE U 64 115.08 -32.52 -8.55
C PHE U 64 113.67 -32.48 -9.09
N GLN U 65 113.17 -31.28 -9.39
CA GLN U 65 111.73 -31.13 -9.62
C GLN U 65 111.17 -32.15 -10.61
N GLY U 66 110.17 -32.86 -10.12
CA GLY U 66 109.63 -34.02 -10.81
C GLY U 66 109.90 -35.30 -10.06
N ARG U 67 111.15 -35.53 -9.70
CA ARG U 67 111.61 -36.84 -9.25
C ARG U 67 111.44 -37.13 -7.77
N VAL U 68 111.85 -36.19 -6.90
CA VAL U 68 111.74 -36.39 -5.46
C VAL U 68 110.29 -36.22 -4.98
N THR U 69 109.84 -37.10 -4.08
CA THR U 69 108.53 -36.92 -3.45
C THR U 69 108.56 -37.18 -1.94
N ILE U 70 108.14 -36.20 -1.15
CA ILE U 70 108.37 -36.28 0.31
C ILE U 70 107.15 -36.43 1.21
N THR U 71 107.06 -37.57 1.88
CA THR U 71 105.92 -37.89 2.74
C THR U 71 106.40 -38.19 4.16
N ALA U 72 105.52 -38.00 5.15
CA ALA U 72 105.82 -38.42 6.54
C ALA U 72 104.77 -39.35 7.15
N ASP U 73 104.99 -39.74 8.40
CA ASP U 73 104.11 -40.69 9.09
C ASP U 73 103.99 -40.38 10.57
N GLU U 74 103.10 -39.45 10.93
CA GLU U 74 102.90 -39.00 12.32
C GLU U 74 102.88 -40.16 13.31
N SER U 75 102.21 -41.26 12.94
CA SER U 75 102.20 -42.51 13.72
C SER U 75 103.58 -42.93 14.20
N THR U 76 104.46 -43.18 13.24
CA THR U 76 105.83 -43.68 13.45
C THR U 76 106.83 -42.57 13.76
N SER U 77 106.41 -41.32 13.55
CA SER U 77 107.33 -40.18 13.62
C SER U 77 108.47 -40.31 12.61
N THR U 78 108.13 -40.71 11.38
CA THR U 78 109.12 -41.07 10.38
C THR U 78 108.86 -40.34 9.07
N ALA U 79 109.85 -39.61 8.56
CA ALA U 79 109.73 -39.00 7.23
C ALA U 79 110.45 -39.81 6.12
N TYR U 80 109.92 -39.71 4.90
CA TYR U 80 110.44 -40.46 3.75
C TYR U 80 110.75 -39.60 2.52
N MET U 81 111.92 -39.81 1.95
CA MET U 81 112.23 -39.13 0.69
C MET U 81 112.35 -40.19 -0.41
N GLU U 82 111.48 -40.05 -1.41
CA GLU U 82 111.44 -40.97 -2.53
C GLU U 82 111.90 -40.24 -3.77
N LEU U 83 112.79 -40.90 -4.50
CA LEU U 83 113.48 -40.25 -5.60
C LEU U 83 113.43 -41.21 -6.79
N THR U 84 112.88 -40.69 -7.88
CA THR U 84 112.54 -41.51 -9.04
C THR U 84 113.43 -41.26 -10.27
N SER U 85 113.40 -42.21 -11.20
CA SER U 85 114.15 -42.10 -12.45
C SER U 85 115.64 -41.93 -12.21
N LEU U 86 116.20 -42.78 -11.34
CA LEU U 86 117.58 -42.68 -10.89
C LEU U 86 118.62 -42.88 -11.97
N THR U 87 119.47 -41.89 -12.16
CA THR U 87 120.66 -42.06 -12.97
C THR U 87 121.79 -42.27 -11.98
N SER U 88 123.00 -42.50 -12.50
CA SER U 88 124.18 -42.68 -11.65
C SER U 88 124.56 -41.39 -10.95
N GLU U 89 124.15 -40.25 -11.49
CA GLU U 89 124.37 -38.99 -10.80
C GLU U 89 123.73 -38.99 -9.41
N ASP U 90 122.65 -39.73 -9.25
CA ASP U 90 121.98 -39.77 -7.96
C ASP U 90 122.78 -40.56 -6.91
N THR U 91 123.87 -41.21 -7.36
CA THR U 91 124.73 -41.91 -6.41
C THR U 91 125.34 -40.93 -5.43
N ALA U 92 124.89 -41.00 -4.20
CA ALA U 92 125.45 -40.18 -3.17
C ALA U 92 125.21 -40.88 -1.83
N VAL U 93 125.60 -40.20 -0.77
CA VAL U 93 125.15 -40.52 0.56
C VAL U 93 124.06 -39.51 0.86
N TYR U 94 123.02 -40.02 1.54
CA TYR U 94 121.88 -39.19 1.80
C TYR U 94 121.76 -38.96 3.32
N TYR U 95 122.00 -37.71 3.73
CA TYR U 95 121.96 -37.39 5.15
C TYR U 95 120.57 -36.91 5.55
N CYS U 96 120.07 -37.38 6.70
CA CYS U 96 118.84 -36.87 7.28
C CYS U 96 119.28 -35.94 8.36
N ALA U 97 118.65 -34.78 8.52
CA ALA U 97 119.01 -33.91 9.65
C ALA U 97 117.83 -33.19 10.23
N ARG U 98 117.78 -33.08 11.56
CA ARG U 98 116.73 -32.28 12.16
C ARG U 98 117.09 -30.81 12.07
N GLY U 99 116.26 -30.05 11.38
CA GLY U 99 116.45 -28.62 11.24
C GLY U 99 115.34 -27.95 12.01
N ILE U 100 115.21 -26.64 11.85
CA ILE U 100 114.30 -25.85 12.68
C ILE U 100 113.54 -24.81 11.83
N SER U 101 112.25 -24.71 12.10
CA SER U 101 111.34 -23.72 11.50
C SER U 101 110.84 -24.04 10.10
N GLY U 102 109.87 -23.23 9.65
CA GLY U 102 109.34 -23.35 8.29
C GLY U 102 110.32 -22.99 7.19
N SER U 103 111.47 -22.49 7.61
CA SER U 103 112.49 -22.05 6.68
C SER U 103 113.71 -22.97 6.77
N TYR U 104 113.61 -24.01 7.59
CA TYR U 104 114.67 -25.02 7.80
C TYR U 104 115.94 -24.38 8.29
N GLY U 105 116.09 -24.20 9.58
CA GLY U 105 117.15 -23.33 10.06
C GLY U 105 118.55 -23.91 9.90
N TRP U 106 119.18 -24.14 11.03
CA TRP U 106 120.37 -24.95 11.05
C TRP U 106 120.02 -26.41 11.27
N PHE U 107 120.89 -27.27 10.81
CA PHE U 107 120.62 -28.68 10.74
C PHE U 107 121.37 -29.32 11.88
N ASP U 108 120.65 -29.82 12.87
CA ASP U 108 121.35 -30.37 14.01
C ASP U 108 120.74 -31.44 14.90
N PRO U 109 120.66 -32.66 14.39
CA PRO U 109 121.81 -33.52 14.60
C PRO U 109 121.93 -34.06 13.18
N TRP U 110 122.99 -34.73 12.83
CA TRP U 110 122.96 -35.21 11.48
C TRP U 110 122.96 -36.71 11.57
N GLY U 111 122.15 -37.32 10.74
CA GLY U 111 122.28 -38.73 10.49
C GLY U 111 123.65 -39.16 9.99
N GLN U 112 123.82 -40.49 10.03
CA GLN U 112 125.03 -41.18 9.63
C GLN U 112 125.05 -41.36 8.14
N GLY U 113 123.96 -40.98 7.50
CA GLY U 113 123.84 -40.96 6.06
C GLY U 113 123.41 -42.30 5.52
N THR U 114 122.72 -42.30 4.39
CA THR U 114 122.45 -43.54 3.65
C THR U 114 123.07 -43.51 2.27
N LEU U 115 123.80 -44.59 1.99
CA LEU U 115 124.47 -44.72 0.70
C LEU U 115 123.50 -45.27 -0.33
N VAL U 116 123.19 -44.47 -1.35
CA VAL U 116 122.46 -44.95 -2.53
C VAL U 116 123.41 -45.07 -3.73
N THR U 117 123.59 -46.28 -4.22
CA THR U 117 124.55 -46.59 -5.28
C THR U 117 123.82 -46.94 -6.59
N VAL U 118 123.66 -45.98 -7.49
CA VAL U 118 122.99 -46.21 -8.76
C VAL U 118 123.90 -46.58 -9.93
N SER U 119 123.68 -47.77 -10.45
CA SER U 119 124.48 -48.32 -11.53
C SER U 119 123.81 -49.50 -12.17
N SER U 120 124.35 -49.94 -13.30
CA SER U 120 123.82 -51.08 -14.01
C SER U 120 124.62 -52.30 -13.64
N ALA U 121 125.60 -52.11 -12.77
CA ALA U 121 126.51 -53.19 -12.47
C ALA U 121 125.94 -54.21 -11.50
N SER U 122 126.77 -55.19 -11.17
CA SER U 122 126.30 -56.45 -10.60
C SER U 122 126.91 -56.73 -9.23
N THR U 123 126.14 -56.53 -8.16
CA THR U 123 126.69 -56.69 -6.81
C THR U 123 127.45 -58.01 -6.68
N LYS U 124 128.76 -57.93 -6.83
CA LYS U 124 129.66 -59.07 -6.66
C LYS U 124 130.75 -58.78 -5.61
N GLY U 125 131.21 -59.81 -4.90
CA GLY U 125 132.30 -59.67 -3.95
C GLY U 125 133.68 -59.54 -4.57
N PRO U 126 134.67 -59.17 -3.76
CA PRO U 126 135.98 -58.82 -4.29
C PRO U 126 136.85 -60.05 -4.40
N SER U 127 137.84 -59.98 -5.29
CA SER U 127 138.92 -60.95 -5.32
C SER U 127 140.08 -60.32 -4.56
N VAL U 128 140.70 -61.11 -3.68
CA VAL U 128 141.78 -60.62 -2.82
C VAL U 128 143.12 -61.25 -3.19
N PHE U 129 143.92 -60.51 -3.92
CA PHE U 129 145.24 -60.96 -4.29
C PHE U 129 146.25 -60.40 -3.30
N PRO U 130 147.30 -61.18 -2.94
CA PRO U 130 148.31 -60.64 -2.03
C PRO U 130 149.17 -59.58 -2.74
N LEU U 131 149.72 -58.64 -2.00
CA LEU U 131 150.74 -57.74 -2.51
C LEU U 131 152.00 -58.07 -1.72
N ALA U 132 152.98 -58.65 -2.40
CA ALA U 132 154.08 -59.33 -1.72
C ALA U 132 155.39 -58.54 -1.63
N PRO U 133 156.05 -58.64 -0.46
CA PRO U 133 157.31 -57.95 -0.13
C PRO U 133 158.54 -58.51 -0.89
N SER U 134 159.57 -57.69 -1.10
CA SER U 134 160.73 -58.10 -1.88
C SER U 134 162.02 -58.14 -1.05
N ALA U 143 160.22 -52.56 5.06
CA ALA U 143 159.61 -53.03 3.81
C ALA U 143 158.07 -53.08 3.81
N ALA U 144 157.49 -53.02 2.60
CA ALA U 144 156.05 -52.85 2.40
C ALA U 144 155.32 -54.07 1.82
N LEU U 145 154.23 -54.48 2.48
CA LEU U 145 153.34 -55.54 1.99
C LEU U 145 151.85 -55.13 2.07
N GLY U 146 150.97 -56.01 1.58
CA GLY U 146 149.55 -55.67 1.57
C GLY U 146 148.59 -56.53 0.77
N CYS U 147 147.34 -56.08 0.70
CA CYS U 147 146.29 -56.79 -0.01
C CYS U 147 145.74 -55.94 -1.15
N LEU U 148 145.44 -56.59 -2.26
CA LEU U 148 144.69 -55.95 -3.34
C LEU U 148 143.27 -56.53 -3.36
N VAL U 149 142.30 -55.69 -3.03
CA VAL U 149 140.91 -56.09 -2.96
C VAL U 149 140.27 -55.48 -4.21
N LYS U 150 140.20 -56.32 -5.26
CA LYS U 150 139.80 -55.87 -6.59
C LYS U 150 138.46 -56.42 -7.04
N ASP U 151 137.81 -55.68 -7.92
CA ASP U 151 136.55 -56.09 -8.55
C ASP U 151 135.47 -56.48 -7.55
N TYR U 152 134.65 -55.50 -7.19
CA TYR U 152 133.56 -55.70 -6.25
C TYR U 152 132.57 -54.57 -6.37
N PHE U 153 131.39 -54.79 -5.83
CA PHE U 153 130.30 -53.87 -6.00
C PHE U 153 129.15 -54.27 -5.09
N PRO U 154 128.53 -53.29 -4.45
CA PRO U 154 129.03 -51.92 -4.43
C PRO U 154 129.77 -51.67 -3.13
N GLU U 155 129.89 -50.40 -2.77
CA GLU U 155 130.64 -50.04 -1.61
C GLU U 155 129.84 -50.38 -0.36
N PRO U 156 130.53 -50.69 0.76
CA PRO U 156 131.98 -50.61 0.83
C PRO U 156 132.61 -51.92 1.30
N VAL U 157 133.94 -51.92 1.48
CA VAL U 157 134.64 -53.08 2.03
C VAL U 157 135.34 -52.70 3.33
N THR U 158 135.71 -53.69 4.16
CA THR U 158 136.48 -53.41 5.37
C THR U 158 137.71 -54.33 5.51
N VAL U 159 138.88 -53.74 5.35
CA VAL U 159 140.11 -54.48 5.52
C VAL U 159 140.64 -54.30 6.95
N SER U 160 140.96 -55.41 7.61
CA SER U 160 141.74 -55.40 8.86
C SER U 160 142.99 -56.21 8.57
N TRP U 161 143.99 -56.14 9.45
CA TRP U 161 145.19 -56.96 9.33
C TRP U 161 145.41 -57.76 10.60
N ASN U 162 145.78 -59.03 10.45
CA ASN U 162 145.96 -59.93 11.59
C ASN U 162 144.86 -59.76 12.64
N SER U 163 143.62 -59.65 12.15
CA SER U 163 142.40 -59.56 12.97
C SER U 163 142.32 -58.42 13.98
N GLY U 164 143.10 -57.38 13.79
CA GLY U 164 143.08 -56.25 14.71
C GLY U 164 144.35 -56.13 15.51
N ALA U 165 145.16 -57.18 15.53
CA ALA U 165 146.40 -57.11 16.28
C ALA U 165 147.38 -56.16 15.60
N LEU U 166 147.41 -56.18 14.27
CA LEU U 166 148.27 -55.28 13.52
C LEU U 166 147.46 -54.09 13.03
N THR U 167 147.69 -52.95 13.65
CA THR U 167 146.91 -51.76 13.34
C THR U 167 147.78 -50.54 13.03
N SER U 168 148.95 -50.51 13.62
CA SER U 168 149.86 -49.41 13.38
C SER U 168 150.52 -49.52 12.01
N GLY U 169 150.43 -48.45 11.23
CA GLY U 169 151.19 -48.33 10.00
C GLY U 169 150.48 -48.83 8.77
N VAL U 170 149.27 -49.36 9.00
CA VAL U 170 148.38 -49.82 7.95
C VAL U 170 147.77 -48.64 7.24
N HIS U 171 147.23 -48.89 6.07
CA HIS U 171 146.93 -47.81 5.16
C HIS U 171 145.92 -48.28 4.13
N THR U 172 144.65 -48.30 4.50
CA THR U 172 143.65 -48.81 3.58
C THR U 172 143.11 -47.71 2.69
N PHE U 173 143.40 -47.84 1.41
CA PHE U 173 143.12 -46.75 0.51
C PHE U 173 141.66 -46.51 0.30
N PRO U 174 141.34 -45.35 -0.26
CA PRO U 174 140.05 -45.12 -0.90
C PRO U 174 139.88 -45.99 -2.16
N ALA U 175 138.70 -46.56 -2.26
CA ALA U 175 138.29 -47.31 -3.42
C ALA U 175 138.27 -46.43 -4.67
N VAL U 176 138.46 -47.04 -5.83
CA VAL U 176 138.38 -46.35 -7.11
C VAL U 176 137.37 -47.06 -8.01
N LEU U 177 136.44 -46.28 -8.56
CA LEU U 177 135.43 -46.79 -9.47
C LEU U 177 136.09 -47.01 -10.81
N GLN U 178 136.08 -48.26 -11.28
CA GLN U 178 136.75 -48.57 -12.53
C GLN U 178 135.84 -48.42 -13.72
N SER U 179 136.40 -48.77 -14.87
CA SER U 179 135.68 -48.66 -16.11
C SER U 179 134.58 -49.72 -16.13
N SER U 180 134.87 -50.84 -15.46
CA SER U 180 133.90 -51.87 -15.21
C SER U 180 132.64 -51.32 -14.54
N GLY U 181 132.81 -50.27 -13.74
CA GLY U 181 131.74 -49.85 -12.85
C GLY U 181 131.87 -50.69 -11.58
N LEU U 182 132.94 -51.51 -11.54
CA LEU U 182 133.36 -52.27 -10.37
C LEU U 182 134.52 -51.54 -9.69
N TYR U 183 134.63 -51.73 -8.39
CA TYR U 183 135.48 -50.92 -7.54
C TYR U 183 136.70 -51.69 -7.10
N SER U 184 137.83 -51.03 -6.96
CA SER U 184 138.90 -51.67 -6.21
C SER U 184 139.77 -50.75 -5.37
N LEU U 185 140.60 -51.37 -4.56
CA LEU U 185 141.20 -50.74 -3.41
C LEU U 185 142.31 -51.64 -2.89
N SER U 186 143.40 -51.04 -2.45
CA SER U 186 144.49 -51.80 -1.85
C SER U 186 144.77 -51.35 -0.41
N SER U 187 145.06 -52.30 0.45
CA SER U 187 145.44 -52.01 1.83
C SER U 187 146.86 -52.44 2.08
N VAL U 188 147.69 -51.54 2.59
CA VAL U 188 149.12 -51.84 2.68
C VAL U 188 149.59 -51.76 4.13
N VAL U 189 150.73 -52.35 4.45
CA VAL U 189 151.38 -52.15 5.77
C VAL U 189 152.87 -51.99 5.59
N THR U 190 153.47 -51.12 6.40
CA THR U 190 154.91 -51.07 6.48
C THR U 190 155.36 -51.85 7.68
N VAL U 191 156.49 -52.53 7.50
CA VAL U 191 157.00 -53.48 8.46
C VAL U 191 158.52 -53.67 8.22
N PRO U 192 159.26 -53.96 9.30
CA PRO U 192 160.74 -54.15 9.32
C PRO U 192 161.25 -55.41 8.59
N SER U 193 162.16 -55.26 7.63
CA SER U 193 162.58 -56.38 6.78
C SER U 193 163.12 -57.58 7.54
N SER U 194 163.31 -57.43 8.85
CA SER U 194 163.69 -58.52 9.74
C SER U 194 162.46 -59.01 10.51
N SER U 195 161.47 -59.50 9.76
CA SER U 195 160.19 -59.97 10.32
C SER U 195 159.40 -60.68 9.22
N LEU U 196 159.84 -60.45 7.98
CA LEU U 196 159.38 -61.16 6.80
C LEU U 196 159.46 -62.69 6.93
N GLY U 197 160.46 -63.18 7.66
CA GLY U 197 160.69 -64.61 7.80
C GLY U 197 160.24 -65.19 9.12
N THR U 198 159.87 -64.32 10.06
CA THR U 198 159.45 -64.72 11.40
C THR U 198 157.97 -64.52 11.63
N GLN U 199 157.44 -63.46 11.04
CA GLN U 199 156.06 -63.06 11.32
C GLN U 199 155.05 -63.43 10.21
N THR U 200 153.79 -63.52 10.60
CA THR U 200 152.70 -64.04 9.77
C THR U 200 151.69 -62.96 9.40
N TYR U 201 151.77 -62.40 8.20
CA TYR U 201 150.83 -61.33 7.81
C TYR U 201 149.67 -61.76 6.90
N ILE U 202 148.48 -61.82 7.48
CA ILE U 202 147.24 -62.00 6.70
C ILE U 202 146.28 -60.82 6.84
N CYS U 203 145.50 -60.57 5.80
CA CYS U 203 144.54 -59.49 5.85
C CYS U 203 143.11 -60.02 5.78
N ASN U 204 142.24 -59.50 6.63
CA ASN U 204 140.84 -59.87 6.65
C ASN U 204 139.95 -58.81 6.01
N VAL U 205 139.64 -59.02 4.75
CA VAL U 205 138.75 -58.13 4.04
C VAL U 205 137.35 -58.70 4.09
N ASN U 206 136.38 -57.80 4.19
CA ASN U 206 135.00 -58.12 4.45
C ASN U 206 134.13 -57.20 3.59
N HIS U 207 133.20 -57.80 2.85
CA HIS U 207 132.26 -57.11 1.98
C HIS U 207 130.88 -57.60 2.35
N LYS U 208 130.07 -56.77 3.00
CA LYS U 208 128.81 -57.26 3.53
C LYS U 208 127.79 -57.67 2.46
N PRO U 209 127.46 -56.80 1.50
CA PRO U 209 126.46 -57.22 0.50
C PRO U 209 126.93 -58.25 -0.51
N SER U 210 127.66 -59.28 -0.09
CA SER U 210 127.93 -60.48 -0.90
C SER U 210 128.60 -61.45 0.05
N ASN U 211 128.05 -61.47 1.27
CA ASN U 211 128.79 -61.77 2.49
C ASN U 211 130.14 -62.45 2.28
N THR U 212 131.11 -61.69 1.78
CA THR U 212 132.41 -62.25 1.54
C THR U 212 133.35 -61.95 2.70
N LYS U 213 133.74 -62.98 3.42
CA LYS U 213 134.81 -62.85 4.39
C LYS U 213 136.00 -63.65 3.84
N VAL U 214 137.08 -62.97 3.48
CA VAL U 214 138.27 -63.66 3.00
C VAL U 214 139.36 -63.39 4.02
N ASP U 215 140.19 -64.40 4.29
CA ASP U 215 141.46 -64.13 4.93
C ASP U 215 142.55 -64.58 3.93
N LYS U 216 143.41 -63.67 3.51
CA LYS U 216 144.43 -64.01 2.54
C LYS U 216 145.81 -63.78 3.16
N ARG U 217 146.58 -64.84 3.32
CA ARG U 217 147.93 -64.75 3.89
C ARG U 217 148.96 -64.16 2.90
N VAL U 218 149.80 -63.25 3.39
CA VAL U 218 150.79 -62.61 2.54
C VAL U 218 152.23 -63.16 2.78
N GLU U 219 152.85 -63.61 1.69
CA GLU U 219 154.17 -64.25 1.71
C GLU U 219 155.01 -63.63 0.61
N PRO U 220 156.34 -63.60 0.78
CA PRO U 220 157.29 -63.05 -0.20
C PRO U 220 157.47 -63.86 -1.50
N ASP V 1 118.14 -18.70 -7.25
CA ASP V 1 118.98 -19.39 -6.28
C ASP V 1 120.09 -18.48 -5.77
N ILE V 2 120.68 -18.84 -4.62
CA ILE V 2 121.69 -17.97 -4.01
C ILE V 2 123.11 -18.53 -4.04
N GLN V 3 123.98 -17.94 -4.85
CA GLN V 3 125.37 -18.33 -4.85
C GLN V 3 126.05 -18.03 -3.52
N LEU V 4 126.42 -19.09 -2.81
CA LEU V 4 127.37 -18.99 -1.70
C LEU V 4 128.74 -19.44 -2.20
N THR V 5 129.73 -18.59 -2.01
CA THR V 5 131.05 -18.85 -2.59
C THR V 5 132.10 -18.65 -1.54
N GLN V 6 132.67 -19.79 -1.17
CA GLN V 6 133.61 -19.87 -0.09
C GLN V 6 134.94 -19.60 -0.71
N SER V 7 135.75 -18.83 -0.01
CA SER V 7 137.15 -18.60 -0.41
C SER V 7 137.95 -18.63 0.87
N PRO V 8 139.07 -19.35 0.88
CA PRO V 8 139.61 -20.14 -0.24
C PRO V 8 138.91 -21.49 -0.33
N SER V 9 139.40 -22.35 -1.22
CA SER V 9 138.83 -23.66 -1.28
C SER V 9 139.78 -24.63 -0.66
N SER V 10 141.05 -24.24 -0.61
CA SER V 10 141.94 -24.98 0.28
C SER V 10 142.75 -24.11 1.24
N LEU V 11 143.11 -24.72 2.37
CA LEU V 11 143.92 -24.07 3.37
C LEU V 11 144.99 -25.01 3.89
N SER V 12 146.22 -24.53 3.90
CA SER V 12 147.29 -25.14 4.67
C SER V 12 147.72 -24.23 5.81
N ALA V 13 147.91 -24.85 6.97
CA ALA V 13 148.13 -24.10 8.18
C ALA V 13 148.80 -24.97 9.24
N SER V 14 149.65 -24.40 10.07
CA SER V 14 150.32 -25.19 11.06
C SER V 14 149.47 -25.16 12.33
N VAL V 15 149.65 -26.15 13.22
CA VAL V 15 148.95 -26.14 14.49
C VAL V 15 149.20 -24.78 15.18
N GLY V 16 148.18 -24.27 15.88
CA GLY V 16 148.28 -22.99 16.55
C GLY V 16 148.10 -21.76 15.68
N ASP V 17 148.17 -21.93 14.36
CA ASP V 17 147.85 -20.85 13.40
C ASP V 17 146.36 -20.41 13.42
N ARG V 18 146.04 -19.26 12.81
CA ARG V 18 144.66 -18.77 12.67
C ARG V 18 144.14 -19.00 11.24
N VAL V 19 143.15 -19.87 11.05
CA VAL V 19 142.53 -19.96 9.72
C VAL V 19 141.26 -19.10 9.66
N THR V 20 141.14 -18.29 8.60
CA THR V 20 139.89 -17.60 8.31
C THR V 20 139.35 -18.04 6.94
N ILE V 21 138.12 -18.56 6.93
CA ILE V 21 137.40 -18.90 5.73
C ILE V 21 136.25 -17.91 5.56
N THR V 22 135.97 -17.51 4.32
CA THR V 22 134.88 -16.57 4.02
C THR V 22 133.83 -17.17 3.09
N CYS V 23 132.57 -16.81 3.37
CA CYS V 23 131.44 -17.22 2.56
C CYS V 23 130.78 -15.95 2.08
N GLN V 24 130.67 -15.80 0.77
CA GLN V 24 130.14 -14.58 0.20
C GLN V 24 128.86 -14.84 -0.53
N ALA V 25 127.80 -14.19 -0.06
CA ALA V 25 126.47 -14.53 -0.55
C ALA V 25 126.01 -13.71 -1.75
N SER V 26 125.32 -14.37 -2.68
CA SER V 26 124.79 -13.73 -3.91
C SER V 26 123.88 -12.51 -3.63
N GLN V 27 123.05 -12.60 -2.59
CA GLN V 27 122.15 -11.53 -2.23
C GLN V 27 122.39 -11.22 -0.79
N ASP V 28 121.71 -10.21 -0.28
CA ASP V 28 121.73 -9.97 1.14
C ASP V 28 120.88 -11.05 1.77
N ILE V 29 121.51 -11.91 2.56
CA ILE V 29 120.78 -12.97 3.26
C ILE V 29 120.60 -12.65 4.75
N ARG V 30 120.90 -11.41 5.14
CA ARG V 30 120.87 -10.98 6.55
C ARG V 30 121.71 -11.97 7.31
N LYS V 31 121.38 -12.25 8.56
CA LYS V 31 122.28 -13.08 9.40
C LYS V 31 121.90 -14.53 9.40
N TYR V 32 121.26 -14.94 8.31
CA TYR V 32 120.80 -16.32 8.12
C TYR V 32 121.85 -17.23 7.51
N LEU V 33 122.99 -17.33 8.19
CA LEU V 33 124.08 -18.13 7.69
C LEU V 33 124.65 -19.10 8.73
N ASN V 34 124.82 -20.35 8.30
CA ASN V 34 125.35 -21.36 9.18
C ASN V 34 126.64 -21.97 8.67
N TRP V 35 127.51 -22.37 9.60
CA TRP V 35 128.79 -23.02 9.32
C TRP V 35 128.81 -24.45 9.80
N TYR V 36 129.22 -25.37 8.92
CA TYR V 36 129.34 -26.80 9.26
C TYR V 36 130.77 -27.30 9.07
N GLN V 37 131.10 -28.37 9.81
CA GLN V 37 132.42 -28.99 9.68
C GLN V 37 132.32 -30.46 9.34
N GLN V 38 132.99 -30.86 8.27
CA GLN V 38 132.90 -32.27 7.91
C GLN V 38 134.23 -32.99 8.01
N LYS V 39 134.48 -33.61 9.17
CA LYS V 39 135.67 -34.42 9.36
C LYS V 39 135.59 -35.66 8.48
N PRO V 40 136.69 -36.02 7.82
CA PRO V 40 136.80 -37.17 6.90
C PRO V 40 136.10 -38.39 7.47
N GLY V 41 135.24 -39.02 6.66
CA GLY V 41 134.55 -40.23 7.08
C GLY V 41 133.22 -39.93 7.69
N LYS V 42 133.01 -38.71 8.13
CA LYS V 42 131.88 -38.44 8.99
C LYS V 42 130.83 -37.56 8.35
N ALA V 43 129.71 -37.43 9.03
CA ALA V 43 128.65 -36.56 8.58
C ALA V 43 129.03 -35.16 8.94
N PRO V 44 128.46 -34.18 8.22
CA PRO V 44 128.59 -32.79 8.59
C PRO V 44 128.18 -32.56 10.02
N ASN V 45 128.52 -31.39 10.52
CA ASN V 45 128.44 -31.14 11.93
C ASN V 45 128.30 -29.64 12.12
N LEU V 46 127.25 -29.26 12.85
CA LEU V 46 127.01 -27.88 13.17
C LEU V 46 128.06 -27.25 14.10
N LEU V 47 128.67 -26.17 13.63
CA LEU V 47 129.59 -25.41 14.47
C LEU V 47 128.97 -24.08 14.83
N ILE V 48 128.27 -23.46 13.88
CA ILE V 48 127.84 -22.08 14.07
C ILE V 48 126.56 -21.80 13.31
N TYR V 49 125.67 -21.04 13.95
CA TYR V 49 124.34 -20.73 13.44
C TYR V 49 123.95 -19.28 13.63
N ASP V 50 123.09 -18.82 12.72
CA ASP V 50 122.73 -17.42 12.68
C ASP V 50 124.02 -16.58 12.77
N ALA V 51 124.89 -16.88 11.81
CA ALA V 51 126.11 -16.17 11.49
C ALA V 51 127.16 -16.22 12.58
N SER V 52 126.80 -15.76 13.76
CA SER V 52 127.77 -15.43 14.80
C SER V 52 127.67 -16.36 16.00
N ASN V 53 126.49 -16.95 16.18
CA ASN V 53 126.21 -17.86 17.31
C ASN V 53 126.85 -19.23 17.20
N VAL V 54 127.57 -19.61 18.26
CA VAL V 54 128.33 -20.86 18.33
C VAL V 54 127.59 -21.96 19.12
N LYS V 55 127.46 -23.15 18.55
CA LYS V 55 126.68 -24.24 19.14
C LYS V 55 127.32 -24.61 20.49
N THR V 56 126.49 -25.07 21.43
CA THR V 56 126.96 -25.51 22.75
C THR V 56 127.75 -26.78 22.58
N GLY V 57 128.94 -26.78 23.14
CA GLY V 57 129.83 -27.91 22.91
C GLY V 57 131.01 -27.60 22.02
N VAL V 58 130.78 -26.81 20.96
CA VAL V 58 131.88 -26.33 20.11
C VAL V 58 132.92 -25.61 20.94
N PRO V 59 134.20 -25.91 20.66
CA PRO V 59 135.34 -25.28 21.33
C PRO V 59 135.29 -23.75 21.25
N SER V 60 136.07 -23.09 22.12
CA SER V 60 136.10 -21.64 22.20
C SER V 60 136.66 -21.09 20.92
N ARG V 61 137.54 -21.88 20.31
CA ARG V 61 138.38 -21.39 19.22
C ARG V 61 137.64 -21.14 17.92
N PHE V 62 136.43 -21.69 17.81
CA PHE V 62 135.65 -21.41 16.62
C PHE V 62 134.88 -20.13 16.82
N ARG V 63 134.88 -19.30 15.80
CA ARG V 63 134.09 -18.10 15.87
C ARG V 63 133.43 -17.85 14.51
N GLY V 64 132.26 -17.23 14.55
CA GLY V 64 131.59 -16.82 13.33
C GLY V 64 131.29 -15.34 13.38
N SER V 65 131.55 -14.67 12.26
CA SER V 65 131.11 -13.29 12.07
C SER V 65 130.49 -13.14 10.68
N GLY V 66 130.08 -11.92 10.35
CA GLY V 66 129.49 -11.66 9.04
C GLY V 66 128.04 -11.23 9.14
N SER V 67 127.59 -10.45 8.17
CA SER V 67 126.27 -9.86 8.31
C SER V 67 125.41 -9.92 7.06
N GLY V 68 125.77 -9.17 6.04
CA GLY V 68 124.86 -9.00 4.93
C GLY V 68 125.07 -9.99 3.80
N THR V 69 126.30 -10.08 3.38
CA THR V 69 126.60 -10.73 2.12
C THR V 69 128.03 -11.28 2.21
N ASP V 70 128.75 -10.81 3.21
CA ASP V 70 130.06 -11.35 3.54
C ASP V 70 130.13 -11.88 4.96
N PHE V 71 130.64 -13.10 5.10
CA PHE V 71 130.67 -13.77 6.37
C PHE V 71 132.03 -14.40 6.58
N THR V 72 132.48 -14.48 7.83
CA THR V 72 133.80 -15.01 8.10
C THR V 72 133.82 -16.05 9.20
N PHE V 73 134.46 -17.17 8.90
CA PHE V 73 134.56 -18.26 9.83
C PHE V 73 136.01 -18.42 10.26
N THR V 74 136.22 -18.29 11.57
CA THR V 74 137.56 -18.22 12.10
C THR V 74 137.84 -19.36 13.06
N ILE V 75 139.06 -19.88 12.99
CA ILE V 75 139.54 -20.80 14.00
C ILE V 75 140.70 -20.04 14.60
N SER V 76 140.65 -19.70 15.88
CA SER V 76 141.67 -18.82 16.44
C SER V 76 143.04 -19.53 16.49
N SER V 77 143.03 -20.76 16.97
CA SER V 77 144.26 -21.52 16.92
C SER V 77 144.01 -22.92 16.44
N LEU V 78 144.67 -23.27 15.35
CA LEU V 78 144.51 -24.59 14.78
C LEU V 78 144.94 -25.66 15.74
N GLN V 79 144.09 -26.65 15.92
CA GLN V 79 144.47 -27.87 16.60
C GLN V 79 144.37 -28.97 15.56
N PRO V 80 145.01 -30.12 15.80
CA PRO V 80 145.08 -31.10 14.73
C PRO V 80 143.77 -31.83 14.52
N GLU V 81 142.90 -31.94 15.53
CA GLU V 81 141.62 -32.60 15.28
C GLU V 81 140.63 -31.65 14.61
N ASP V 82 141.17 -30.65 13.94
CA ASP V 82 140.32 -29.65 13.34
C ASP V 82 140.35 -29.70 11.84
N ILE V 83 141.14 -30.64 11.31
CA ILE V 83 141.24 -30.74 9.85
C ILE V 83 140.00 -31.44 9.34
N ALA V 84 139.29 -30.73 8.45
CA ALA V 84 138.05 -31.19 7.87
C ALA V 84 137.79 -30.37 6.63
N THR V 85 136.58 -30.51 6.07
CA THR V 85 136.09 -29.61 5.04
C THR V 85 135.00 -28.79 5.64
N TYR V 86 134.97 -27.50 5.31
CA TYR V 86 134.05 -26.59 5.98
C TYR V 86 132.99 -25.97 5.05
N TYR V 87 131.71 -26.14 5.41
CA TYR V 87 130.63 -25.62 4.58
C TYR V 87 129.84 -24.50 5.26
N CYS V 88 129.33 -23.58 4.44
CA CYS V 88 128.41 -22.57 4.89
C CYS V 88 127.05 -22.80 4.22
N GLN V 89 126.00 -22.24 4.78
CA GLN V 89 124.61 -22.57 4.39
C GLN V 89 123.74 -21.41 4.83
N GLN V 90 122.87 -20.96 3.93
CA GLN V 90 121.85 -19.97 4.24
C GLN V 90 120.48 -20.59 4.49
N TYR V 91 119.55 -19.78 4.97
CA TYR V 91 118.15 -20.00 4.59
C TYR V 91 117.62 -18.71 3.96
N ASP V 92 116.64 -18.04 4.54
CA ASP V 92 116.19 -16.76 3.97
C ASP V 92 115.43 -16.84 2.64
N ASN V 93 116.11 -17.29 1.60
CA ASN V 93 115.46 -17.61 0.35
C ASN V 93 115.29 -19.11 0.44
N LEU V 94 114.98 -19.77 -0.66
CA LEU V 94 114.75 -21.18 -0.53
C LEU V 94 114.86 -21.98 -1.79
N PRO V 95 116.07 -22.27 -2.23
CA PRO V 95 116.05 -23.66 -2.62
C PRO V 95 117.21 -24.21 -1.81
N ILE V 96 117.47 -23.53 -0.70
CA ILE V 96 118.55 -23.84 0.26
C ILE V 96 119.90 -24.26 -0.30
N THR V 97 120.83 -23.33 -0.31
CA THR V 97 122.15 -23.63 -0.83
C THR V 97 123.22 -23.72 0.25
N PHE V 98 124.27 -24.49 -0.04
CA PHE V 98 125.54 -24.46 0.72
C PHE V 98 126.69 -23.83 -0.09
N GLY V 99 127.82 -23.57 0.53
CA GLY V 99 129.02 -23.26 -0.23
C GLY V 99 129.53 -24.53 -0.88
N GLN V 100 130.77 -24.48 -1.40
CA GLN V 100 131.37 -25.67 -2.01
C GLN V 100 132.36 -26.27 -1.07
N GLY V 101 132.64 -25.55 0.01
CA GLY V 101 133.56 -26.07 1.00
C GLY V 101 134.97 -25.60 0.80
N THR V 102 135.73 -25.77 1.88
CA THR V 102 137.10 -25.34 2.00
C THR V 102 137.72 -26.51 2.71
N ARG V 103 138.81 -27.06 2.18
CA ARG V 103 139.40 -28.24 2.79
C ARG V 103 140.60 -27.81 3.63
N LEU V 104 140.65 -28.24 4.88
CA LEU V 104 141.76 -27.90 5.73
C LEU V 104 142.83 -28.95 5.69
N GLU V 105 144.07 -28.51 5.86
CA GLU V 105 145.16 -29.44 6.00
C GLU V 105 146.22 -28.82 6.85
N ILE V 106 147.08 -29.66 7.40
CA ILE V 106 148.13 -29.22 8.30
C ILE V 106 149.49 -29.13 7.65
N LYS V 107 150.04 -27.92 7.61
CA LYS V 107 151.39 -27.69 7.09
C LYS V 107 152.42 -28.40 7.98
N ARG V 108 153.16 -29.34 7.39
CA ARG V 108 154.26 -30.01 8.09
C ARG V 108 155.56 -29.88 7.30
N THR V 109 156.66 -30.33 7.88
CA THR V 109 157.96 -30.26 7.21
C THR V 109 157.92 -31.25 6.08
N VAL V 110 158.32 -30.84 4.89
CA VAL V 110 158.12 -31.74 3.74
C VAL V 110 158.81 -33.07 3.98
N ALA V 111 158.18 -34.13 3.49
CA ALA V 111 158.68 -35.46 3.75
C ALA V 111 158.66 -36.23 2.46
N ALA V 112 159.32 -37.37 2.45
CA ALA V 112 159.59 -38.04 1.20
C ALA V 112 158.88 -39.38 1.12
N PRO V 113 158.23 -39.62 -0.02
CA PRO V 113 157.49 -40.86 -0.26
C PRO V 113 158.48 -41.98 -0.16
N SER V 114 158.24 -42.92 0.72
CA SER V 114 159.01 -44.15 0.69
C SER V 114 158.44 -44.99 -0.45
N VAL V 115 159.06 -45.02 -1.63
CA VAL V 115 158.42 -45.72 -2.76
C VAL V 115 158.65 -47.24 -2.84
N PHE V 116 157.56 -47.97 -3.12
CA PHE V 116 157.57 -49.42 -3.32
C PHE V 116 156.82 -49.80 -4.57
N ILE V 117 157.30 -50.85 -5.24
CA ILE V 117 156.66 -51.31 -6.46
C ILE V 117 156.28 -52.78 -6.33
N PHE V 118 155.12 -53.15 -6.88
CA PHE V 118 154.45 -54.43 -6.61
C PHE V 118 154.00 -55.16 -7.89
N PRO V 119 154.79 -56.16 -8.34
CA PRO V 119 154.35 -56.94 -9.49
C PRO V 119 153.15 -57.76 -9.09
N PRO V 120 152.22 -57.99 -10.04
CA PRO V 120 150.99 -58.76 -9.75
C PRO V 120 151.31 -60.16 -9.23
N SER V 121 150.35 -60.77 -8.56
CA SER V 121 150.58 -62.07 -7.93
C SER V 121 150.43 -63.17 -8.96
N ASP V 122 150.84 -64.39 -8.61
CA ASP V 122 150.74 -65.46 -9.59
C ASP V 122 149.29 -65.94 -9.74
N GLU V 123 148.51 -65.81 -8.67
CA GLU V 123 147.11 -66.22 -8.68
C GLU V 123 146.15 -65.23 -9.35
N GLN V 124 146.52 -63.96 -9.37
CA GLN V 124 145.78 -62.96 -10.12
C GLN V 124 146.15 -63.08 -11.59
N LEU V 125 147.34 -63.62 -11.81
CA LEU V 125 147.80 -63.88 -13.15
C LEU V 125 147.26 -65.22 -13.63
N LYS V 126 146.65 -65.99 -12.73
CA LYS V 126 145.92 -67.18 -13.16
C LYS V 126 144.67 -66.73 -13.90
N SER V 127 144.29 -65.47 -13.70
CA SER V 127 142.93 -65.02 -13.93
C SER V 127 142.66 -64.46 -15.33
N GLY V 128 143.40 -63.44 -15.70
CA GLY V 128 143.20 -62.76 -16.97
C GLY V 128 143.54 -61.28 -16.94
N THR V 129 143.81 -60.76 -15.75
CA THR V 129 144.28 -59.39 -15.62
C THR V 129 145.59 -59.25 -14.84
N ALA V 130 146.32 -58.18 -15.14
CA ALA V 130 147.56 -57.86 -14.43
C ALA V 130 147.44 -56.48 -13.79
N SER V 131 147.31 -56.46 -12.46
CA SER V 131 147.29 -55.20 -11.72
C SER V 131 148.65 -54.90 -11.09
N VAL V 132 149.31 -53.86 -11.60
CA VAL V 132 150.60 -53.49 -11.03
C VAL V 132 150.52 -52.21 -10.17
N VAL V 133 151.14 -52.25 -8.99
CA VAL V 133 150.93 -51.21 -7.98
C VAL V 133 152.22 -50.51 -7.55
N CYS V 134 152.23 -49.20 -7.70
CA CYS V 134 153.21 -48.36 -7.03
C CYS V 134 152.61 -47.83 -5.72
N LEU V 135 153.45 -47.67 -4.72
CA LEU V 135 153.05 -47.14 -3.41
C LEU V 135 153.95 -45.98 -2.97
N LEU V 136 153.36 -44.81 -2.74
CA LEU V 136 154.11 -43.74 -2.13
C LEU V 136 153.76 -43.63 -0.63
N ASN V 137 154.42 -44.43 0.20
CA ASN V 137 154.06 -44.42 1.61
C ASN V 137 154.60 -43.22 2.38
N ASN V 138 153.71 -42.52 3.08
CA ASN V 138 154.04 -41.41 3.98
C ASN V 138 154.88 -40.25 3.43
N PHE V 139 154.21 -39.21 2.96
CA PHE V 139 154.92 -38.05 2.45
C PHE V 139 154.18 -36.74 2.65
N TYR V 140 154.87 -35.63 2.38
CA TYR V 140 154.24 -34.31 2.40
C TYR V 140 154.96 -33.34 1.46
N PRO V 141 154.20 -32.50 0.74
CA PRO V 141 152.74 -32.44 0.62
C PRO V 141 152.12 -33.56 -0.21
N ARG V 142 150.82 -33.48 -0.46
CA ARG V 142 150.13 -34.52 -1.23
C ARG V 142 150.42 -34.36 -2.70
N GLU V 143 150.91 -33.21 -3.10
CA GLU V 143 151.28 -33.00 -4.50
C GLU V 143 152.51 -33.83 -4.88
N ALA V 144 152.24 -35.00 -5.47
CA ALA V 144 153.24 -35.82 -6.16
C ALA V 144 152.77 -36.17 -7.59
N LYS V 145 153.73 -36.44 -8.47
CA LYS V 145 153.49 -36.98 -9.82
C LYS V 145 154.05 -38.40 -9.89
N VAL V 146 153.19 -39.35 -10.21
CA VAL V 146 153.64 -40.69 -10.52
C VAL V 146 153.34 -40.98 -11.98
N GLN V 147 154.35 -41.49 -12.69
CA GLN V 147 154.21 -41.87 -14.10
C GLN V 147 154.69 -43.30 -14.30
N TRP V 148 153.98 -44.01 -15.18
CA TRP V 148 154.25 -45.43 -15.40
C TRP V 148 154.98 -45.63 -16.72
N LYS V 149 156.11 -46.31 -16.64
CA LYS V 149 156.91 -46.57 -17.83
C LYS V 149 157.21 -48.06 -17.96
N VAL V 150 156.54 -48.71 -18.91
CA VAL V 150 156.80 -50.10 -19.20
C VAL V 150 157.72 -50.18 -20.41
N ASP V 151 158.94 -50.63 -20.17
CA ASP V 151 159.95 -50.71 -21.22
C ASP V 151 160.07 -49.35 -21.86
N ASN V 152 160.04 -48.33 -21.02
CA ASN V 152 160.18 -46.94 -21.45
C ASN V 152 159.06 -46.43 -22.34
N ALA V 153 157.85 -46.93 -22.14
CA ALA V 153 156.70 -46.36 -22.80
C ALA V 153 155.84 -45.66 -21.76
N LEU V 154 155.80 -44.33 -21.84
CA LEU V 154 154.94 -43.55 -20.97
C LEU V 154 153.48 -43.94 -21.21
N GLN V 155 152.67 -44.00 -20.15
CA GLN V 155 151.31 -44.56 -20.29
C GLN V 155 150.16 -43.58 -20.59
N SER V 156 148.91 -44.06 -20.53
CA SER V 156 147.77 -43.20 -20.79
C SER V 156 146.58 -43.41 -19.84
N GLY V 157 145.70 -44.36 -20.17
CA GLY V 157 144.45 -44.54 -19.46
C GLY V 157 144.48 -45.60 -18.37
N ASN V 158 145.62 -46.27 -18.21
CA ASN V 158 145.70 -47.45 -17.34
C ASN V 158 146.22 -47.24 -15.90
N SER V 159 146.77 -46.06 -15.62
CA SER V 159 146.95 -45.65 -14.24
C SER V 159 145.56 -45.37 -13.68
N GLN V 160 145.38 -45.66 -12.40
CA GLN V 160 144.31 -45.05 -11.61
C GLN V 160 144.86 -44.89 -10.20
N GLU V 161 144.68 -43.68 -9.64
CA GLU V 161 145.44 -43.26 -8.46
C GLU V 161 144.55 -43.07 -7.22
N SER V 162 144.94 -43.65 -6.08
CA SER V 162 144.18 -43.40 -4.83
C SER V 162 144.98 -42.80 -3.67
N VAL V 163 144.62 -41.61 -3.24
CA VAL V 163 145.36 -40.93 -2.16
C VAL V 163 144.61 -41.04 -0.84
N THR V 164 145.32 -41.46 0.20
CA THR V 164 144.75 -41.57 1.53
C THR V 164 144.52 -40.20 2.18
N GLU V 165 143.81 -40.20 3.29
CA GLU V 165 143.60 -38.95 4.00
C GLU V 165 144.82 -38.59 4.86
N GLN V 166 144.92 -37.31 5.23
CA GLN V 166 146.02 -36.83 6.08
C GLN V 166 146.12 -37.57 7.45
N ASP V 167 147.29 -38.12 7.78
CA ASP V 167 147.47 -38.89 9.01
C ASP V 167 147.30 -38.03 10.26
N SER V 168 146.76 -38.63 11.31
CA SER V 168 146.60 -37.91 12.57
C SER V 168 147.91 -37.71 13.30
N LYS V 169 148.79 -38.71 13.29
CA LYS V 169 150.10 -38.59 13.93
C LYS V 169 151.00 -37.62 13.15
N ASP V 170 151.48 -38.06 11.99
CA ASP V 170 152.49 -37.28 11.27
C ASP V 170 151.95 -36.45 10.11
N SER V 171 150.66 -36.16 10.09
CA SER V 171 150.04 -35.27 9.09
C SER V 171 150.44 -35.59 7.65
N THR V 172 150.53 -36.87 7.35
CA THR V 172 151.25 -37.31 6.18
C THR V 172 150.40 -38.15 5.22
N TYR V 173 150.63 -37.93 3.94
CA TYR V 173 149.81 -38.52 2.91
C TYR V 173 150.40 -39.83 2.42
N SER V 174 149.55 -40.75 1.94
CA SER V 174 150.03 -41.92 1.20
C SER V 174 149.27 -42.09 -0.09
N LEU V 175 149.95 -42.66 -1.08
CA LEU V 175 149.42 -42.76 -2.41
C LEU V 175 149.65 -44.15 -2.98
N SER V 176 148.81 -44.52 -3.94
CA SER V 176 148.91 -45.78 -4.69
C SER V 176 148.41 -45.53 -6.11
N SER V 177 149.33 -45.53 -7.06
CA SER V 177 148.96 -45.53 -8.48
C SER V 177 148.91 -46.98 -8.96
N THR V 178 147.80 -47.39 -9.58
CA THR V 178 147.69 -48.75 -10.10
C THR V 178 147.54 -48.84 -11.61
N LEU V 179 148.37 -49.68 -12.21
CA LEU V 179 148.37 -49.90 -13.65
C LEU V 179 147.83 -51.29 -13.97
N THR V 180 146.79 -51.32 -14.79
CA THR V 180 146.06 -52.53 -15.04
C THR V 180 146.19 -52.80 -16.53
N LEU V 181 146.92 -53.87 -16.87
CA LEU V 181 147.01 -54.34 -18.25
C LEU V 181 146.41 -55.72 -18.38
N SER V 182 146.17 -56.14 -19.63
CA SER V 182 145.78 -57.51 -19.93
C SER V 182 146.93 -58.42 -19.51
N LYS V 183 146.63 -59.68 -19.19
CA LYS V 183 147.69 -60.66 -18.93
C LYS V 183 148.52 -60.82 -20.20
N ALA V 184 147.85 -60.63 -21.33
CA ALA V 184 148.48 -60.73 -22.65
C ALA V 184 149.60 -59.72 -22.76
N ASP V 185 149.23 -58.46 -22.52
CA ASP V 185 150.15 -57.34 -22.59
C ASP V 185 151.11 -57.23 -21.42
N TYR V 186 150.92 -58.07 -20.41
CA TYR V 186 151.89 -58.08 -19.33
C TYR V 186 152.94 -59.12 -19.64
N GLU V 187 152.52 -60.25 -20.22
CA GLU V 187 153.47 -61.28 -20.59
C GLU V 187 154.31 -60.81 -21.80
N LYS V 188 153.79 -59.79 -22.48
CA LYS V 188 154.39 -59.18 -23.68
C LYS V 188 155.59 -58.26 -23.41
N HIS V 189 155.62 -57.64 -22.24
CA HIS V 189 156.68 -56.70 -21.88
C HIS V 189 157.62 -57.27 -20.79
N LYS V 190 158.70 -56.56 -20.50
CA LYS V 190 159.64 -57.01 -19.46
C LYS V 190 159.94 -55.99 -18.35
N VAL V 191 160.23 -54.74 -18.71
CA VAL V 191 160.63 -53.73 -17.71
C VAL V 191 159.47 -52.85 -17.25
N TYR V 192 159.00 -53.04 -16.03
CA TYR V 192 157.93 -52.19 -15.52
C TYR V 192 158.37 -51.10 -14.53
N ALA V 193 158.19 -49.83 -14.91
CA ALA V 193 158.63 -48.72 -14.07
C ALA V 193 157.54 -47.76 -13.57
N CYS V 194 157.82 -47.24 -12.38
CA CYS V 194 157.00 -46.25 -11.71
C CYS V 194 157.87 -45.03 -11.39
N GLU V 195 157.67 -43.93 -12.10
CA GLU V 195 158.53 -42.77 -11.90
C GLU V 195 157.86 -41.74 -11.00
N VAL V 196 158.57 -41.31 -9.97
CA VAL V 196 157.99 -40.43 -8.95
C VAL V 196 158.64 -39.03 -8.89
N THR V 197 157.90 -38.00 -9.25
CA THR V 197 158.41 -36.63 -9.12
C THR V 197 157.75 -35.95 -7.91
N HIS V 198 158.56 -35.55 -6.93
CA HIS V 198 158.02 -34.91 -5.72
C HIS V 198 158.59 -33.50 -5.44
N GLN V 199 158.92 -33.25 -4.17
CA GLN V 199 159.40 -31.95 -3.69
C GLN V 199 160.33 -32.20 -2.49
N GLY V 200 160.29 -33.43 -1.99
CA GLY V 200 161.29 -33.91 -1.05
C GLY V 200 162.14 -34.88 -1.83
N LEU V 201 162.19 -34.63 -3.14
CA LEU V 201 162.97 -35.38 -4.12
C LEU V 201 163.59 -34.41 -5.13
N SER V 202 164.91 -34.41 -5.21
CA SER V 202 165.65 -33.48 -6.07
C SER V 202 165.61 -33.86 -7.55
N SER V 203 165.54 -35.15 -7.82
CA SER V 203 165.47 -35.68 -9.17
C SER V 203 164.50 -36.85 -9.14
N PRO V 204 163.59 -36.89 -10.14
CA PRO V 204 162.56 -37.94 -10.26
C PRO V 204 163.08 -39.36 -9.93
N VAL V 205 162.55 -39.97 -8.86
CA VAL V 205 162.98 -41.31 -8.40
C VAL V 205 162.17 -42.48 -8.98
N THR V 206 162.89 -43.37 -9.65
CA THR V 206 162.28 -44.45 -10.43
C THR V 206 162.36 -45.81 -9.70
N LYS V 207 161.22 -46.38 -9.32
CA LYS V 207 161.21 -47.76 -8.78
C LYS V 207 160.56 -48.80 -9.70
N SER V 208 161.30 -49.87 -10.00
CA SER V 208 160.92 -50.77 -11.08
C SER V 208 161.17 -52.26 -10.81
N PHE V 209 160.91 -53.07 -11.83
CA PHE V 209 161.24 -54.49 -11.83
C PHE V 209 161.16 -55.09 -13.24
N ASN V 210 162.01 -56.06 -13.51
CA ASN V 210 161.97 -56.81 -14.73
C ASN V 210 161.08 -58.04 -14.55
N ARG V 211 160.14 -58.27 -15.46
CA ARG V 211 159.22 -59.41 -15.35
C ARG V 211 160.02 -60.70 -15.26
N GLY V 212 159.71 -61.55 -14.28
CA GLY V 212 160.36 -62.85 -14.16
C GLY V 212 161.61 -62.84 -13.30
N GLU V 213 161.42 -62.54 -12.02
CA GLU V 213 162.45 -62.74 -11.01
C GLU V 213 161.81 -63.14 -9.69
N CYS V 214 162.57 -63.76 -8.80
CA CYS V 214 162.08 -63.99 -7.46
C CYS V 214 162.60 -62.84 -6.59
N GLU W 1 123.69 5.37 34.67
CA GLU W 1 124.54 6.48 34.27
C GLU W 1 123.86 7.44 33.29
N VAL W 2 123.16 8.44 33.82
CA VAL W 2 122.77 9.62 33.07
C VAL W 2 123.65 10.76 33.56
N GLN W 3 124.30 11.48 32.64
CA GLN W 3 125.20 12.58 33.00
C GLN W 3 124.52 13.92 32.70
N LEU W 4 125.13 15.00 33.17
CA LEU W 4 124.52 16.32 33.05
C LEU W 4 125.58 17.33 32.63
N VAL W 5 125.40 17.98 31.49
CA VAL W 5 126.42 18.98 31.11
C VAL W 5 125.90 20.39 31.09
N GLU W 6 126.34 21.16 32.08
CA GLU W 6 125.78 22.49 32.26
C GLU W 6 126.73 23.57 31.82
N SER W 7 126.13 24.66 31.37
CA SER W 7 126.82 25.72 30.65
C SER W 7 127.92 26.41 31.46
N GLY W 8 128.77 27.14 30.75
CA GLY W 8 129.86 27.84 31.41
C GLY W 8 129.43 29.05 32.24
N ALA W 9 130.39 29.49 33.03
CA ALA W 9 130.19 30.54 34.03
C ALA W 9 129.91 31.89 33.39
N GLU W 10 129.10 32.73 34.02
CA GLU W 10 128.79 34.01 33.39
C GLU W 10 128.94 35.18 34.35
N VAL W 11 129.49 36.29 33.85
CA VAL W 11 129.43 37.51 34.63
C VAL W 11 128.58 38.55 33.91
N LYS W 12 127.51 38.95 34.57
CA LYS W 12 126.51 39.80 33.93
C LYS W 12 126.36 41.13 34.68
N LYS W 13 126.07 42.21 33.97
CA LYS W 13 125.93 43.51 34.61
C LYS W 13 124.53 43.52 35.17
N PRO W 14 124.26 44.32 36.23
CA PRO W 14 122.89 44.32 36.77
C PRO W 14 121.81 44.67 35.75
N GLY W 15 120.59 44.19 36.03
CA GLY W 15 119.44 44.53 35.22
C GLY W 15 119.46 43.77 33.91
N SER W 16 120.51 42.99 33.64
CA SER W 16 120.54 42.19 32.43
C SER W 16 119.90 40.87 32.74
N SER W 17 120.22 39.86 31.96
CA SER W 17 119.65 38.56 32.21
C SER W 17 120.62 37.48 31.78
N VAL W 18 120.43 36.31 32.39
CA VAL W 18 121.26 35.15 32.14
C VAL W 18 120.34 34.00 31.74
N LYS W 19 120.88 33.07 30.96
CA LYS W 19 120.14 31.89 30.56
C LYS W 19 121.13 30.74 30.58
N VAL W 20 120.97 29.81 31.54
CA VAL W 20 121.93 28.71 31.71
C VAL W 20 121.37 27.40 31.15
N SER W 21 122.27 26.45 30.86
CA SER W 21 121.82 25.24 30.19
C SER W 21 122.05 23.91 30.95
N CYS W 22 121.27 22.92 30.59
CA CYS W 22 121.49 21.58 31.12
C CYS W 22 121.16 20.54 30.08
N LYS W 23 122.22 19.94 29.56
CA LYS W 23 122.02 18.87 28.61
C LYS W 23 122.13 17.59 29.40
N ALA W 24 121.11 16.77 29.25
CA ALA W 24 121.00 15.54 29.98
C ALA W 24 121.43 14.38 29.10
N SER W 25 122.40 13.59 29.54
CA SER W 25 123.01 12.63 28.63
C SER W 25 123.17 11.25 29.23
N GLY W 26 122.51 10.28 28.64
CA GLY W 26 122.80 8.89 28.96
C GLY W 26 121.54 8.13 29.24
N GLY W 27 120.43 8.74 28.84
CA GLY W 27 119.11 8.17 29.06
C GLY W 27 118.14 8.84 28.11
N THR W 28 116.93 8.29 27.96
CA THR W 28 115.94 8.88 27.04
C THR W 28 115.25 10.13 27.57
N PHE W 29 114.85 11.00 26.64
CA PHE W 29 114.45 12.37 27.01
C PHE W 29 113.32 12.50 28.00
N ILE W 30 112.21 11.82 27.78
CA ILE W 30 111.03 12.13 28.60
C ILE W 30 111.05 11.60 30.04
N THR W 31 111.97 10.67 30.32
CA THR W 31 112.19 10.25 31.69
C THR W 31 112.86 11.39 32.48
N HIS W 32 113.18 12.49 31.82
CA HIS W 32 113.88 13.57 32.49
C HIS W 32 112.99 14.53 33.25
N VAL W 33 113.43 14.91 34.44
CA VAL W 33 112.99 16.17 35.02
C VAL W 33 114.24 16.95 35.38
N PHE W 34 114.22 18.21 35.00
CA PHE W 34 115.35 19.09 35.21
C PHE W 34 115.01 20.00 36.38
N THR W 35 115.90 20.13 37.34
CA THR W 35 115.64 21.11 38.39
C THR W 35 116.86 22.01 38.61
N TRP W 36 116.60 23.25 39.02
CA TRP W 36 117.70 24.15 39.33
C TRP W 36 117.69 24.63 40.77
N VAL W 37 118.72 24.28 41.52
CA VAL W 37 118.94 24.82 42.85
C VAL W 37 120.11 25.81 42.79
N ARG W 38 119.87 27.05 43.19
CA ARG W 38 120.94 28.02 43.26
C ARG W 38 121.48 28.05 44.68
N GLN W 39 122.66 28.62 44.85
CA GLN W 39 123.30 28.71 46.16
C GLN W 39 124.33 29.84 46.18
N ALA W 40 124.05 30.82 47.02
CA ALA W 40 124.82 32.02 47.15
C ALA W 40 126.14 31.67 47.84
N PRO W 41 127.17 32.51 47.65
CA PRO W 41 128.47 32.23 48.28
C PRO W 41 128.30 32.21 49.78
N GLY W 42 128.57 31.10 50.44
CA GLY W 42 128.51 31.12 51.88
C GLY W 42 127.16 30.82 52.50
N GLN W 43 126.08 31.26 51.88
CA GLN W 43 124.79 30.68 52.21
C GLN W 43 124.61 29.22 51.67
N GLY W 44 123.36 28.79 51.67
CA GLY W 44 123.02 27.41 51.37
C GLY W 44 122.06 27.28 50.21
N LEU W 45 121.16 26.29 50.27
CA LEU W 45 120.49 25.82 49.06
C LEU W 45 119.14 26.47 48.80
N GLU W 46 118.86 26.84 47.55
CA GLU W 46 117.60 27.47 47.23
C GLU W 46 117.00 27.04 45.89
N TRP W 47 115.82 26.44 45.93
CA TRP W 47 115.17 25.96 44.73
C TRP W 47 114.79 27.12 43.79
N VAL W 48 115.09 27.01 42.49
CA VAL W 48 114.65 28.03 41.54
C VAL W 48 113.43 27.57 40.81
N GLY W 49 113.53 26.35 40.30
CA GLY W 49 112.38 25.81 39.64
C GLY W 49 112.79 24.57 38.91
N GLY W 50 112.06 24.30 37.85
CA GLY W 50 112.33 23.09 37.11
C GLY W 50 111.31 22.77 36.05
N PHE W 51 111.55 21.67 35.36
CA PHE W 51 110.83 21.34 34.13
C PHE W 51 110.61 19.82 33.99
N ILE W 52 109.37 19.43 33.69
CA ILE W 52 109.04 18.03 33.59
C ILE W 52 108.88 17.62 32.14
N ALA W 53 109.84 16.84 31.65
CA ALA W 53 109.92 16.47 30.24
C ALA W 53 108.62 15.86 29.73
N ILE W 54 108.18 14.82 30.42
CA ILE W 54 106.98 14.10 30.00
C ILE W 54 105.70 14.94 29.82
N PHE W 55 105.49 15.99 30.61
CA PHE W 55 104.34 16.90 30.38
C PHE W 55 104.68 18.25 29.75
N GLY W 56 105.95 18.55 29.58
CA GLY W 56 106.39 19.84 29.10
C GLY W 56 105.99 21.00 29.96
N THR W 57 105.78 20.77 31.25
CA THR W 57 105.35 21.85 32.13
C THR W 57 106.53 22.30 32.97
N SER W 58 106.54 23.58 33.34
CA SER W 58 107.64 24.16 34.11
C SER W 58 107.10 24.69 35.42
N ASN W 59 107.90 24.58 36.48
CA ASN W 59 107.54 25.11 37.80
C ASN W 59 108.59 26.09 38.31
N TYR W 60 108.15 27.23 38.84
CA TYR W 60 109.03 28.27 39.33
C TYR W 60 108.81 28.38 40.84
N ALA W 61 109.71 29.03 41.56
CA ALA W 61 109.44 29.36 42.96
C ALA W 61 108.93 30.81 43.01
N GLN W 62 107.84 31.09 43.74
CA GLN W 62 107.10 32.35 43.54
C GLN W 62 107.99 33.55 43.85
N LYS W 63 109.05 33.31 44.61
CA LYS W 63 110.14 34.28 44.81
C LYS W 63 110.63 34.90 43.49
N PHE W 64 110.70 34.08 42.46
CA PHE W 64 111.29 34.49 41.18
C PHE W 64 110.30 34.92 40.10
N GLN W 65 108.99 34.85 40.39
CA GLN W 65 107.96 35.05 39.37
C GLN W 65 108.19 36.30 38.51
N GLY W 66 107.99 36.17 37.22
CA GLY W 66 108.26 37.24 36.29
C GLY W 66 109.66 37.17 35.71
N ARG W 67 110.62 36.73 36.51
CA ARG W 67 112.02 36.80 36.07
C ARG W 67 112.42 35.48 35.50
N VAL W 68 112.04 34.39 36.18
CA VAL W 68 112.43 33.05 35.74
C VAL W 68 111.49 32.46 34.67
N THR W 69 112.09 31.76 33.70
CA THR W 69 111.37 31.21 32.56
C THR W 69 112.10 29.94 32.08
N ILE W 70 111.44 28.79 32.12
CA ILE W 70 112.11 27.54 31.82
C ILE W 70 111.57 26.86 30.57
N THR W 71 112.47 26.32 29.76
CA THR W 71 112.11 25.77 28.46
C THR W 71 112.93 24.54 28.19
N ALA W 72 112.62 23.81 27.14
CA ALA W 72 113.50 22.70 26.80
C ALA W 72 113.56 22.40 25.31
N ASP W 73 114.45 21.47 24.95
CA ASP W 73 114.78 21.16 23.58
C ASP W 73 115.02 19.64 23.46
N GLU W 74 114.08 18.92 22.86
CA GLU W 74 114.12 17.46 22.86
C GLU W 74 115.18 16.86 21.94
N SER W 75 115.43 17.60 20.87
CA SER W 75 116.53 17.34 19.98
C SER W 75 117.81 17.24 20.79
N THR W 76 118.05 18.26 21.62
CA THR W 76 119.25 18.30 22.41
C THR W 76 119.14 17.62 23.76
N SER W 77 117.93 17.28 24.20
CA SER W 77 117.70 16.83 25.57
C SER W 77 118.30 17.88 26.49
N THR W 78 118.02 19.14 26.15
CA THR W 78 118.65 20.27 26.79
C THR W 78 117.54 21.16 27.34
N ALA W 79 117.63 21.48 28.63
CA ALA W 79 116.66 22.37 29.25
C ALA W 79 117.35 23.69 29.48
N TYR W 80 116.59 24.71 29.83
CA TYR W 80 117.16 26.06 29.95
C TYR W 80 116.49 26.87 31.06
N MET W 81 117.31 27.45 31.92
CA MET W 81 116.84 28.40 32.91
C MET W 81 117.31 29.81 32.54
N GLU W 82 116.36 30.74 32.39
CA GLU W 82 116.64 32.15 32.09
C GLU W 82 116.16 33.13 33.16
N LEU W 83 117.08 33.62 33.99
CA LEU W 83 116.78 34.63 35.01
C LEU W 83 116.91 36.05 34.47
N THR W 84 115.89 36.89 34.64
CA THR W 84 115.96 38.27 34.14
C THR W 84 115.93 39.31 35.26
N SER W 85 116.19 40.56 34.87
CA SER W 85 116.40 41.65 35.81
C SER W 85 117.35 41.28 36.94
N LEU W 86 118.51 40.73 36.58
CA LEU W 86 119.46 40.27 37.56
C LEU W 86 119.95 41.39 38.48
N THR W 87 119.90 41.14 39.78
CA THR W 87 120.52 41.97 40.81
C THR W 87 121.73 41.18 41.36
N SER W 88 122.58 41.87 42.09
CA SER W 88 123.76 41.28 42.73
C SER W 88 123.44 40.22 43.75
N GLU W 89 122.19 40.13 44.15
CA GLU W 89 121.72 39.09 45.05
C GLU W 89 121.57 37.79 44.30
N ASP W 90 121.44 37.89 42.99
CA ASP W 90 121.31 36.70 42.16
C ASP W 90 122.64 35.99 41.92
N THR W 91 123.73 36.68 42.23
CA THR W 91 125.01 36.01 42.19
C THR W 91 124.95 34.80 43.05
N ALA W 92 125.15 33.64 42.44
CA ALA W 92 125.31 32.39 43.16
C ALA W 92 125.83 31.37 42.18
N VAL W 93 126.07 30.18 42.69
CA VAL W 93 126.30 29.03 41.81
C VAL W 93 124.95 28.42 41.47
N TYR W 94 124.76 28.02 40.22
CA TYR W 94 123.47 27.49 39.82
C TYR W 94 123.61 26.05 39.40
N TYR W 95 123.27 25.12 40.30
CA TYR W 95 123.29 23.69 39.98
C TYR W 95 122.06 23.25 39.21
N CYS W 96 122.29 22.37 38.24
CA CYS W 96 121.21 21.67 37.60
C CYS W 96 121.33 20.26 38.13
N ALA W 97 120.18 19.63 38.33
CA ALA W 97 120.16 18.25 38.81
C ALA W 97 118.91 17.61 38.27
N ARG W 98 118.99 16.31 38.10
CA ARG W 98 117.88 15.56 37.53
C ARG W 98 117.07 15.01 38.69
N GLY W 99 115.77 15.26 38.69
CA GLY W 99 114.91 14.68 39.72
C GLY W 99 113.97 13.59 39.20
N ILE W 100 112.94 13.27 39.97
CA ILE W 100 112.02 12.22 39.54
C ILE W 100 110.56 12.52 39.76
N SER W 101 109.77 12.25 38.73
CA SER W 101 108.33 12.42 38.75
C SER W 101 107.92 13.87 38.62
N GLY W 102 106.61 14.13 38.71
CA GLY W 102 106.07 15.46 38.44
C GLY W 102 106.17 16.26 39.70
N SER W 103 106.64 15.60 40.75
CA SER W 103 106.62 16.19 42.08
C SER W 103 108.03 16.46 42.47
N TYR W 104 108.92 16.32 41.49
CA TYR W 104 110.35 16.58 41.64
C TYR W 104 110.89 15.72 42.74
N GLY W 105 111.60 14.70 42.36
CA GLY W 105 111.76 13.67 43.36
C GLY W 105 112.73 13.97 44.47
N TRP W 106 113.81 13.22 44.40
CA TRP W 106 115.08 13.56 44.96
C TRP W 106 115.91 14.01 43.77
N PHE W 107 117.05 14.60 44.03
CA PHE W 107 117.83 15.18 42.97
C PHE W 107 119.12 14.37 42.91
N ASP W 108 119.26 13.58 41.84
CA ASP W 108 120.49 12.89 41.52
C ASP W 108 120.48 12.65 40.04
N PRO W 109 121.61 12.92 39.39
CA PRO W 109 122.85 13.47 39.91
C PRO W 109 122.82 14.99 39.86
N TRP W 110 123.75 15.64 40.56
CA TRP W 110 123.86 17.08 40.49
C TRP W 110 124.99 17.40 39.56
N GLY W 111 124.83 18.44 38.80
CA GLY W 111 125.92 18.89 37.95
C GLY W 111 126.94 19.61 38.81
N GLN W 112 127.97 20.17 38.20
CA GLN W 112 128.95 20.82 39.03
C GLN W 112 128.62 22.29 39.26
N GLY W 113 127.61 22.82 38.58
CA GLY W 113 127.21 24.20 38.84
C GLY W 113 127.70 25.24 37.85
N THR W 114 126.99 26.35 37.73
CA THR W 114 127.40 27.39 36.80
C THR W 114 127.51 28.68 37.56
N LEU W 115 128.72 29.15 37.82
CA LEU W 115 128.87 30.38 38.57
C LEU W 115 128.42 31.62 37.81
N VAL W 116 127.29 32.19 38.22
CA VAL W 116 126.84 33.46 37.69
C VAL W 116 127.21 34.60 38.63
N THR W 117 127.83 35.64 38.09
CA THR W 117 128.36 36.73 38.91
C THR W 117 127.81 38.07 38.43
N VAL W 118 126.99 38.72 39.24
CA VAL W 118 126.28 39.90 38.76
C VAL W 118 126.97 41.12 39.36
N SER W 119 127.54 41.95 38.50
CA SER W 119 128.43 43.00 38.97
C SER W 119 128.62 44.02 37.88
N SER W 120 128.49 45.29 38.25
CA SER W 120 128.70 46.32 37.26
C SER W 120 130.22 46.43 37.13
N ALA W 121 130.95 45.65 37.93
CA ALA W 121 132.41 45.60 37.85
C ALA W 121 132.95 44.90 36.64
N SER W 122 134.25 44.66 36.69
CA SER W 122 135.09 44.99 35.56
C SER W 122 136.27 44.06 35.52
N THR W 123 136.40 43.27 34.47
CA THR W 123 137.21 42.09 34.66
C THR W 123 138.74 42.23 34.61
N LYS W 124 139.35 42.75 35.68
CA LYS W 124 140.81 42.77 35.78
C LYS W 124 141.40 41.60 36.55
N GLY W 125 142.70 41.45 36.46
CA GLY W 125 143.38 40.39 37.16
C GLY W 125 144.16 40.96 38.31
N PRO W 126 144.58 40.08 39.21
CA PRO W 126 145.14 40.41 40.51
C PRO W 126 146.48 41.11 40.43
N SER W 127 146.71 42.02 41.36
CA SER W 127 148.04 42.51 41.70
C SER W 127 148.57 41.63 42.84
N VAL W 128 149.79 41.11 42.73
CA VAL W 128 150.31 40.30 43.82
C VAL W 128 151.44 41.01 44.56
N PHE W 129 151.19 41.21 45.84
CA PHE W 129 152.16 41.81 46.74
C PHE W 129 152.63 40.80 47.80
N PRO W 130 153.90 40.95 48.23
CA PRO W 130 154.53 40.01 49.16
C PRO W 130 154.23 40.29 50.63
N LEU W 131 153.79 39.26 51.34
CA LEU W 131 153.72 39.33 52.78
C LEU W 131 155.04 38.85 53.33
N ALA W 132 155.96 39.78 53.51
CA ALA W 132 157.32 39.40 53.85
C ALA W 132 157.54 39.07 55.33
N PRO W 133 158.18 37.91 55.58
CA PRO W 133 158.51 37.36 56.90
C PRO W 133 159.58 38.22 57.56
N SER W 134 159.82 38.04 58.85
CA SER W 134 160.24 39.17 59.65
C SER W 134 161.64 39.30 60.20
N SER W 135 161.85 40.48 60.80
CA SER W 135 163.11 40.88 61.42
C SER W 135 163.36 40.04 62.68
N LYS W 136 162.29 39.50 63.26
CA LYS W 136 162.43 38.45 64.27
C LYS W 136 163.03 37.22 63.62
N SER W 137 164.31 36.99 63.82
CA SER W 137 164.80 35.62 63.79
C SER W 137 164.51 35.11 65.20
N THR W 138 163.43 34.35 65.33
CA THR W 138 163.03 33.75 66.60
C THR W 138 163.88 32.50 66.82
N SER W 139 164.89 32.33 65.95
CA SER W 139 165.50 31.04 65.60
C SER W 139 165.54 29.90 66.62
N GLY W 140 165.21 28.71 66.13
CA GLY W 140 164.79 27.60 66.95
C GLY W 140 163.27 27.60 66.88
N GLY W 141 162.71 28.68 66.34
CA GLY W 141 161.27 28.89 66.20
C GLY W 141 160.85 29.01 64.75
N THR W 142 159.58 29.33 64.51
CA THR W 142 159.00 29.28 63.17
C THR W 142 158.48 30.63 62.67
N ALA W 143 158.45 30.81 61.35
CA ALA W 143 158.11 32.11 60.75
C ALA W 143 157.04 32.00 59.66
N ALA W 144 156.31 33.07 59.44
CA ALA W 144 155.19 33.03 58.51
C ALA W 144 155.37 34.06 57.40
N LEU W 145 155.25 33.61 56.15
CA LEU W 145 155.32 34.51 55.00
C LEU W 145 154.08 34.28 54.14
N GLY W 146 153.92 35.04 53.07
CA GLY W 146 152.72 34.94 52.27
C GLY W 146 152.73 35.77 51.00
N CYS W 147 151.59 35.78 50.31
CA CYS W 147 151.34 36.65 49.16
C CYS W 147 149.98 37.27 49.33
N LEU W 148 149.81 38.50 48.87
CA LEU W 148 148.52 39.13 48.96
C LEU W 148 148.04 39.37 47.55
N VAL W 149 147.14 38.52 47.11
CA VAL W 149 146.61 38.56 45.76
C VAL W 149 145.42 39.54 45.72
N LYS W 150 145.67 40.84 45.56
CA LYS W 150 144.60 41.82 45.68
C LYS W 150 144.01 42.29 44.37
N ASP W 151 142.74 42.68 44.42
CA ASP W 151 142.06 43.44 43.39
C ASP W 151 141.88 42.77 42.04
N TYR W 152 141.06 41.73 42.00
CA TYR W 152 140.85 40.99 40.75
C TYR W 152 139.37 40.72 40.58
N PHE W 153 138.99 40.30 39.38
CA PHE W 153 137.61 40.03 39.02
C PHE W 153 137.53 39.25 37.71
N PRO W 154 136.75 38.19 37.70
CA PRO W 154 136.00 37.71 38.86
C PRO W 154 136.65 36.48 39.41
N GLU W 155 135.88 35.68 40.15
CA GLU W 155 136.39 34.42 40.65
C GLU W 155 136.58 33.44 39.49
N PRO W 156 137.58 32.54 39.60
CA PRO W 156 138.47 32.32 40.73
C PRO W 156 139.95 32.38 40.42
N VAL W 157 140.78 32.67 41.44
CA VAL W 157 142.22 32.51 41.29
C VAL W 157 142.70 31.29 42.03
N THR W 158 143.85 30.81 41.59
CA THR W 158 144.49 29.69 42.24
C THR W 158 145.93 30.08 42.60
N VAL W 159 146.33 29.77 43.83
CA VAL W 159 147.67 30.06 44.31
C VAL W 159 148.33 28.75 44.67
N SER W 160 149.57 28.59 44.23
CA SER W 160 150.38 27.50 44.69
C SER W 160 151.70 28.09 45.10
N TRP W 161 152.45 27.35 45.90
CA TRP W 161 153.78 27.81 46.31
C TRP W 161 154.83 26.88 45.79
N ASN W 162 155.82 27.47 45.11
CA ASN W 162 156.89 26.73 44.48
C ASN W 162 156.38 25.58 43.61
N SER W 163 155.54 25.94 42.65
CA SER W 163 155.18 25.05 41.57
C SER W 163 154.66 23.71 42.05
N GLY W 164 154.07 23.73 43.25
CA GLY W 164 153.33 22.61 43.82
C GLY W 164 154.23 21.78 44.70
N ALA W 165 155.44 22.32 44.91
CA ALA W 165 156.50 21.62 45.64
C ALA W 165 156.52 21.95 47.12
N LEU W 166 155.97 23.10 47.46
CA LEU W 166 155.67 23.45 48.83
C LEU W 166 154.17 23.30 49.02
N THR W 167 153.73 22.21 49.60
CA THR W 167 152.32 22.02 49.74
C THR W 167 151.98 22.16 51.20
N SER W 168 152.97 21.92 52.05
CA SER W 168 152.76 21.68 53.48
C SER W 168 152.87 22.93 54.38
N GLY W 169 151.77 23.28 55.04
CA GLY W 169 151.81 24.41 55.94
C GLY W 169 151.34 25.66 55.25
N VAL W 170 150.92 25.49 54.00
CA VAL W 170 150.36 26.61 53.28
C VAL W 170 148.90 26.81 53.69
N HIS W 171 148.41 28.03 53.46
CA HIS W 171 147.04 28.39 53.77
C HIS W 171 146.57 29.43 52.82
N THR W 172 145.64 29.01 51.98
CA THR W 172 145.09 29.91 51.00
C THR W 172 143.62 30.13 51.29
N PHE W 173 143.31 31.36 51.67
CA PHE W 173 142.04 31.69 52.26
C PHE W 173 141.02 31.89 51.17
N PRO W 174 139.73 31.76 51.51
CA PRO W 174 138.64 32.27 50.70
C PRO W 174 138.88 33.69 50.33
N ALA W 175 138.45 34.06 49.14
CA ALA W 175 138.45 35.46 48.75
C ALA W 175 137.40 36.27 49.52
N VAL W 176 137.47 37.58 49.40
CA VAL W 176 136.47 38.45 49.97
C VAL W 176 136.10 39.44 48.90
N LEU W 177 134.86 39.86 48.90
CA LEU W 177 134.43 40.84 47.95
C LEU W 177 134.56 42.11 48.73
N GLN W 178 135.07 43.16 48.11
CA GLN W 178 135.43 44.35 48.89
C GLN W 178 134.54 45.48 48.43
N SER W 179 134.47 46.53 49.24
CA SER W 179 133.94 47.82 48.80
C SER W 179 134.00 47.99 47.25
N SER W 180 135.21 47.84 46.69
CA SER W 180 135.47 47.98 45.24
C SER W 180 134.58 47.22 44.27
N GLY W 181 133.93 46.16 44.74
CA GLY W 181 133.35 45.19 43.84
C GLY W 181 134.33 44.16 43.34
N LEU W 182 135.56 44.25 43.82
CA LEU W 182 136.62 43.37 43.37
C LEU W 182 137.05 42.43 44.47
N TYR W 183 137.61 41.29 44.08
CA TYR W 183 137.99 40.32 45.09
C TYR W 183 139.40 40.47 45.52
N SER W 184 139.71 39.90 46.66
CA SER W 184 141.09 39.74 47.07
C SER W 184 141.21 38.61 48.06
N LEU W 185 142.44 38.20 48.32
CA LEU W 185 142.72 36.91 48.93
C LEU W 185 144.18 36.84 49.26
N SER W 186 144.52 36.19 50.36
CA SER W 186 145.91 36.04 50.76
C SER W 186 146.18 34.58 50.95
N SER W 187 147.45 34.21 50.78
CA SER W 187 147.93 32.86 50.96
C SER W 187 149.18 32.91 51.81
N VAL W 188 149.25 32.12 52.87
CA VAL W 188 150.40 32.20 53.78
C VAL W 188 151.00 30.84 54.09
N VAL W 189 152.30 30.81 54.38
CA VAL W 189 153.03 29.61 54.82
C VAL W 189 153.79 29.90 56.11
N THR W 190 153.75 28.94 57.02
CA THR W 190 154.63 28.92 58.16
C THR W 190 155.72 27.94 57.85
N VAL W 191 156.93 28.35 58.18
CA VAL W 191 158.13 27.79 57.60
C VAL W 191 159.21 27.99 58.66
N PRO W 192 160.02 26.95 58.92
CA PRO W 192 161.11 27.03 59.91
C PRO W 192 161.97 28.22 59.59
N SER W 193 162.31 29.02 60.60
CA SER W 193 163.10 30.24 60.38
C SER W 193 164.51 29.96 59.89
N SER W 194 165.06 28.82 60.27
CA SER W 194 166.33 28.38 59.71
C SER W 194 166.14 27.85 58.29
N SER W 195 165.48 28.63 57.44
CA SER W 195 165.32 28.29 56.05
C SER W 195 165.11 29.61 55.35
N LEU W 196 165.13 30.65 56.16
CA LEU W 196 164.88 32.00 55.67
C LEU W 196 166.02 32.53 54.81
N GLY W 197 167.22 31.95 54.93
CA GLY W 197 168.34 32.33 54.09
C GLY W 197 168.70 31.26 53.07
N THR W 198 168.09 30.09 53.17
CA THR W 198 168.37 29.01 52.25
C THR W 198 167.30 28.83 51.17
N GLN W 199 166.02 28.93 51.54
CA GLN W 199 164.96 28.51 50.63
C GLN W 199 164.28 29.64 49.84
N THR W 200 164.11 29.40 48.54
CA THR W 200 163.52 30.38 47.65
C THR W 200 162.00 30.22 47.68
N TYR W 201 161.31 31.14 48.38
CA TYR W 201 159.84 31.11 48.42
C TYR W 201 159.17 32.00 47.34
N ILE W 202 158.56 31.38 46.32
CA ILE W 202 157.81 32.16 45.34
C ILE W 202 156.37 31.61 45.33
N CYS W 203 155.38 32.47 45.18
CA CYS W 203 154.00 31.98 45.11
C CYS W 203 153.53 32.11 43.70
N ASN W 204 152.77 31.14 43.24
CA ASN W 204 152.33 31.16 41.86
C ASN W 204 150.84 31.36 41.70
N VAL W 205 150.47 32.55 41.22
CA VAL W 205 149.07 32.89 41.24
C VAL W 205 148.54 33.00 39.82
N ASN W 206 147.33 32.46 39.63
CA ASN W 206 146.77 32.26 38.31
C ASN W 206 145.29 32.66 38.30
N HIS W 207 144.97 33.73 37.58
CA HIS W 207 143.60 34.15 37.35
C HIS W 207 143.32 33.89 35.89
N LYS W 208 142.46 32.91 35.63
CA LYS W 208 142.15 32.59 34.24
C LYS W 208 141.47 33.74 33.53
N PRO W 209 140.28 34.15 33.97
CA PRO W 209 139.56 35.03 33.06
C PRO W 209 140.23 36.38 32.75
N SER W 210 141.44 36.63 33.21
CA SER W 210 142.24 37.80 32.82
C SER W 210 143.57 37.30 32.26
N ASN W 211 143.56 36.04 31.86
CA ASN W 211 144.76 35.18 31.94
C ASN W 211 146.01 35.79 32.52
N THR W 212 145.96 36.05 33.82
CA THR W 212 147.09 36.50 34.58
C THR W 212 147.74 35.31 35.24
N LYS W 213 149.00 35.09 34.91
CA LYS W 213 149.81 34.17 35.66
C LYS W 213 150.98 35.01 36.19
N VAL W 214 151.09 35.06 37.52
CA VAL W 214 152.16 35.78 38.19
C VAL W 214 152.85 34.83 39.15
N ASP W 215 154.17 34.76 39.06
CA ASP W 215 154.95 34.13 40.08
C ASP W 215 155.67 35.26 40.82
N LYS W 216 155.40 35.41 42.10
CA LYS W 216 156.03 36.45 42.89
C LYS W 216 156.93 35.88 43.98
N ARG W 217 158.21 36.20 43.92
CA ARG W 217 159.14 35.73 44.92
C ARG W 217 159.08 36.62 46.13
N VAL W 218 158.95 36.02 47.29
CA VAL W 218 158.82 36.75 48.54
C VAL W 218 160.11 36.67 49.32
N GLU W 219 160.72 37.82 49.61
CA GLU W 219 161.95 37.82 50.39
C GLU W 219 161.69 38.51 51.73
N PRO W 220 162.47 38.13 52.75
CA PRO W 220 162.28 38.74 54.07
C PRO W 220 162.84 40.17 54.20
N LYS W 221 162.09 41.03 54.90
CA LYS W 221 162.58 42.18 55.69
C LYS W 221 163.77 43.02 55.20
N SER W 222 164.91 42.83 55.88
CA SER W 222 166.14 43.61 55.71
C SER W 222 166.06 44.96 56.35
N CYS W 223 166.75 45.14 57.47
CA CYS W 223 166.79 46.45 58.15
C CYS W 223 167.83 46.50 59.26
N ASP X 1 104.01 27.49 51.97
CA ASP X 1 105.36 26.94 51.89
C ASP X 1 105.65 26.11 53.12
N ILE X 2 106.46 25.07 52.97
CA ILE X 2 106.82 24.19 54.10
C ILE X 2 108.21 24.42 54.70
N GLN X 3 108.27 24.81 55.96
CA GLN X 3 109.57 25.06 56.62
C GLN X 3 110.26 23.79 57.10
N LEU X 4 111.45 23.57 56.56
CA LEU X 4 112.28 22.47 57.03
C LEU X 4 113.29 22.97 58.04
N THR X 5 113.09 22.61 59.31
CA THR X 5 113.91 23.19 60.36
C THR X 5 114.89 22.19 60.94
N GLN X 6 116.15 22.35 60.55
CA GLN X 6 117.18 21.37 60.83
C GLN X 6 117.94 21.73 62.08
N SER X 7 118.09 20.78 63.00
CA SER X 7 118.90 21.01 64.18
C SER X 7 119.82 19.83 64.37
N PRO X 8 121.03 20.09 64.87
CA PRO X 8 121.67 21.31 65.34
C PRO X 8 122.22 22.10 64.17
N SER X 9 122.62 23.35 64.38
CA SER X 9 123.06 24.15 63.26
C SER X 9 124.49 23.84 62.90
N SER X 10 125.16 23.27 63.88
CA SER X 10 126.49 22.79 63.74
C SER X 10 126.75 21.71 64.78
N LEU X 11 127.77 20.90 64.51
CA LEU X 11 128.00 19.72 65.30
C LEU X 11 129.45 19.40 65.18
N SER X 12 130.19 19.66 66.24
CA SER X 12 131.56 19.18 66.36
C SER X 12 131.49 17.80 66.93
N ALA X 13 132.02 16.81 66.22
CA ALA X 13 132.17 15.49 66.83
C ALA X 13 133.53 14.89 66.52
N SER X 14 134.01 14.06 67.45
CA SER X 14 135.25 13.30 67.31
C SER X 14 135.05 12.21 66.27
N VAL X 15 136.12 11.58 65.81
CA VAL X 15 135.96 10.52 64.81
C VAL X 15 135.51 9.22 65.43
N GLY X 16 134.64 8.51 64.74
CA GLY X 16 134.13 7.30 65.31
C GLY X 16 132.86 7.50 66.13
N ASP X 17 132.63 8.71 66.65
CA ASP X 17 131.37 9.09 67.29
C ASP X 17 130.21 8.77 66.37
N ARG X 18 129.01 8.63 66.93
CA ARG X 18 127.85 8.62 66.09
C ARG X 18 127.22 10.01 66.09
N VAL X 19 126.92 10.51 64.90
CA VAL X 19 126.21 11.76 64.81
C VAL X 19 124.79 11.57 64.36
N THR X 20 123.87 12.25 65.06
CA THR X 20 122.52 12.33 64.59
C THR X 20 122.13 13.81 64.36
N ILE X 21 121.36 14.08 63.31
CA ILE X 21 120.94 15.42 62.95
C ILE X 21 119.44 15.30 62.77
N THR X 22 118.68 16.37 63.03
CA THR X 22 117.25 16.27 62.78
C THR X 22 116.72 17.32 61.81
N CYS X 23 115.57 17.03 61.21
CA CYS X 23 114.93 17.93 60.26
C CYS X 23 113.47 17.81 60.65
N GLN X 24 112.87 18.94 61.00
CA GLN X 24 111.47 18.94 61.40
C GLN X 24 110.70 19.79 60.40
N ALA X 25 109.44 19.44 60.16
CA ALA X 25 108.71 20.08 59.11
C ALA X 25 107.50 20.81 59.62
N SER X 26 107.22 21.94 59.02
CA SER X 26 106.04 22.69 59.39
C SER X 26 104.74 21.88 59.15
N GLN X 27 104.81 20.80 58.37
CA GLN X 27 103.63 20.00 58.06
C GLN X 27 103.89 18.49 58.03
N ASP X 28 102.82 17.70 57.95
CA ASP X 28 102.97 16.25 57.79
C ASP X 28 103.44 16.09 56.37
N ILE X 29 104.61 15.49 56.18
CA ILE X 29 105.06 15.28 54.83
C ILE X 29 105.31 13.81 54.51
N ARG X 30 104.72 12.92 55.31
CA ARG X 30 104.84 11.48 55.14
C ARG X 30 106.32 11.14 55.03
N LYS X 31 106.70 10.17 54.21
CA LYS X 31 108.13 9.90 54.09
C LYS X 31 108.79 10.63 52.91
N TYR X 32 108.14 11.70 52.45
CA TYR X 32 108.57 12.49 51.29
C TYR X 32 109.75 13.41 51.54
N LEU X 33 110.81 12.84 52.10
CA LEU X 33 111.94 13.63 52.59
C LEU X 33 113.28 13.00 52.25
N ASN X 34 114.16 13.77 51.62
CA ASN X 34 115.48 13.30 51.23
C ASN X 34 116.60 14.05 51.98
N TRP X 35 117.82 13.55 51.86
CA TRP X 35 118.96 14.07 52.62
C TRP X 35 120.26 14.25 51.80
N TYR X 36 120.73 15.48 51.65
CA TYR X 36 121.93 15.71 50.87
C TYR X 36 123.22 15.93 51.67
N GLN X 37 124.34 15.66 51.00
CA GLN X 37 125.64 16.00 51.53
C GLN X 37 126.42 16.92 50.56
N GLN X 38 126.95 18.01 51.11
CA GLN X 38 127.78 18.91 50.36
C GLN X 38 129.10 19.07 51.04
N LYS X 39 130.10 18.34 50.57
CA LYS X 39 131.47 18.55 51.00
C LYS X 39 131.99 19.90 50.49
N PRO X 40 132.95 20.50 51.21
CA PRO X 40 133.44 21.82 50.83
C PRO X 40 133.94 21.80 49.40
N GLY X 41 133.56 22.81 48.66
CA GLY X 41 133.97 22.91 47.26
C GLY X 41 133.19 22.09 46.24
N LYS X 42 132.41 21.12 46.70
CA LYS X 42 131.72 20.22 45.79
C LYS X 42 130.21 20.52 45.66
N ALA X 43 129.53 19.83 44.75
CA ALA X 43 128.09 20.02 44.59
C ALA X 43 127.39 19.22 45.68
N PRO X 44 126.12 19.51 45.95
CA PRO X 44 125.50 18.57 46.90
C PRO X 44 125.46 17.19 46.27
N ASN X 45 125.12 16.20 47.10
CA ASN X 45 125.15 14.82 46.69
C ASN X 45 124.02 14.07 47.42
N LEU X 46 123.25 13.25 46.71
CA LEU X 46 122.16 12.57 47.40
C LEU X 46 122.68 11.45 48.27
N LEU X 47 122.18 11.38 49.50
CA LEU X 47 122.55 10.28 50.38
C LEU X 47 121.37 9.43 50.74
N ILE X 48 120.18 10.02 50.88
CA ILE X 48 118.99 9.28 51.34
C ILE X 48 117.73 9.83 50.77
N TYR X 49 116.88 8.94 50.26
CA TYR X 49 115.65 9.41 49.64
C TYR X 49 114.47 8.78 50.35
N ASP X 50 113.32 9.39 50.22
CA ASP X 50 112.13 8.93 50.91
C ASP X 50 112.41 8.53 52.36
N ALA X 51 112.86 9.51 53.14
CA ALA X 51 113.27 9.40 54.56
C ALA X 51 114.18 8.27 55.03
N SER X 52 113.99 7.06 54.53
CA SER X 52 114.69 5.91 55.08
C SER X 52 115.59 5.19 54.07
N ASN X 53 115.32 5.41 52.80
CA ASN X 53 116.07 4.75 51.74
C ASN X 53 117.47 5.30 51.48
N VAL X 54 118.46 4.41 51.52
CA VAL X 54 119.84 4.79 51.26
C VAL X 54 120.25 4.51 49.81
N LYS X 55 120.77 5.55 49.18
CA LYS X 55 121.20 5.48 47.78
C LYS X 55 122.29 4.43 47.70
N THR X 56 122.35 3.71 46.59
CA THR X 56 123.41 2.70 46.43
C THR X 56 124.83 3.35 46.41
N GLY X 57 125.79 2.71 47.08
CA GLY X 57 127.14 3.22 47.08
C GLY X 57 127.41 4.19 48.22
N VAL X 58 126.36 4.63 48.89
CA VAL X 58 126.52 5.35 50.14
C VAL X 58 126.90 4.28 51.14
N PRO X 59 127.88 4.57 51.99
CA PRO X 59 128.30 3.55 52.93
C PRO X 59 127.26 3.31 53.97
N SER X 60 127.42 2.17 54.65
CA SER X 60 126.45 1.60 55.55
C SER X 60 126.16 2.54 56.68
N ARG X 61 127.16 3.32 57.08
CA ARG X 61 127.06 4.13 58.28
C ARG X 61 125.99 5.21 58.19
N PHE X 62 125.57 5.54 56.98
CA PHE X 62 124.43 6.43 56.80
C PHE X 62 123.11 5.66 56.81
N ARG X 63 122.21 6.12 57.68
CA ARG X 63 120.89 5.56 57.86
C ARG X 63 119.97 6.74 58.00
N GLY X 64 118.76 6.57 57.54
CA GLY X 64 117.75 7.61 57.63
C GLY X 64 116.50 7.03 58.24
N SER X 65 115.90 7.81 59.13
CA SER X 65 114.74 7.38 59.85
C SER X 65 113.80 8.57 59.90
N GLY X 66 112.56 8.34 60.36
CA GLY X 66 111.59 9.39 60.54
C GLY X 66 110.39 9.26 59.62
N SER X 67 109.20 9.61 60.09
CA SER X 67 108.00 9.32 59.31
C SER X 67 107.07 10.47 59.00
N GLY X 68 106.77 11.35 59.95
CA GLY X 68 105.65 12.26 59.73
C GLY X 68 106.00 13.73 59.58
N THR X 69 106.64 14.25 60.61
CA THR X 69 106.97 15.66 60.68
C THR X 69 108.34 15.80 61.33
N ASP X 70 108.81 14.74 61.96
CA ASP X 70 110.12 14.73 62.58
C ASP X 70 110.97 13.65 61.92
N PHE X 71 112.16 14.03 61.48
CA PHE X 71 113.06 13.16 60.74
C PHE X 71 114.48 13.17 61.32
N THR X 72 115.12 12.01 61.27
CA THR X 72 116.43 11.87 61.89
C THR X 72 117.44 11.24 60.92
N PHE X 73 118.64 11.81 60.84
CA PHE X 73 119.72 11.33 59.95
C PHE X 73 120.91 11.03 60.80
N THR X 74 121.48 9.83 60.65
CA THR X 74 122.49 9.30 61.55
C THR X 74 123.66 8.74 60.78
N ILE X 75 124.84 9.26 61.05
CA ILE X 75 126.06 8.56 60.69
C ILE X 75 126.47 7.77 61.92
N SER X 76 126.58 6.45 61.78
CA SER X 76 126.85 5.57 62.92
C SER X 76 128.28 5.70 63.47
N SER X 77 129.29 5.74 62.62
CA SER X 77 130.59 6.14 63.11
C SER X 77 131.23 7.14 62.13
N LEU X 78 131.29 8.39 62.58
CA LEU X 78 131.89 9.49 61.83
C LEU X 78 133.26 9.09 61.29
N GLN X 79 133.52 9.44 60.05
CA GLN X 79 134.73 9.04 59.36
C GLN X 79 135.22 10.31 58.70
N PRO X 80 136.50 10.61 58.78
CA PRO X 80 136.96 11.96 58.45
C PRO X 80 136.54 12.56 57.11
N GLU X 81 136.09 11.73 56.17
CA GLU X 81 135.61 12.20 54.87
C GLU X 81 134.10 12.45 54.92
N ASP X 82 133.54 12.52 56.10
CA ASP X 82 132.14 12.80 56.24
C ASP X 82 131.90 14.25 56.60
N ILE X 83 132.94 15.03 56.96
CA ILE X 83 132.67 16.39 57.41
C ILE X 83 132.27 17.23 56.23
N ALA X 84 131.04 17.70 56.31
CA ALA X 84 130.41 18.38 55.23
C ALA X 84 129.23 19.03 55.89
N THR X 85 128.52 19.85 55.14
CA THR X 85 127.20 20.28 55.48
C THR X 85 126.15 19.29 54.88
N TYR X 86 125.03 19.14 55.56
CA TYR X 86 124.01 18.22 55.14
C TYR X 86 122.65 18.90 55.00
N TYR X 87 121.91 18.58 53.94
CA TYR X 87 120.65 19.24 53.75
C TYR X 87 119.54 18.24 53.70
N CYS X 88 118.35 18.70 54.07
CA CYS X 88 117.15 17.94 53.85
C CYS X 88 116.24 18.68 52.89
N GLN X 89 115.35 17.95 52.26
CA GLN X 89 114.53 18.53 51.22
C GLN X 89 113.25 17.73 51.21
N GLN X 90 112.19 18.37 50.74
CA GLN X 90 110.88 17.76 50.79
C GLN X 90 110.26 17.83 49.39
N TYR X 91 109.52 16.80 49.01
CA TYR X 91 108.55 17.07 47.95
C TYR X 91 107.17 17.03 48.62
N ASP X 92 106.21 16.27 48.14
CA ASP X 92 104.89 16.25 48.80
C ASP X 92 104.19 17.54 48.51
N ASN X 93 104.72 18.62 49.05
CA ASN X 93 104.20 19.92 48.65
C ASN X 93 105.11 20.55 47.67
N LEU X 94 104.72 21.73 47.23
CA LEU X 94 105.39 22.29 46.07
C LEU X 94 105.63 23.77 46.08
N PRO X 95 106.48 24.24 46.98
CA PRO X 95 107.47 25.09 46.34
C PRO X 95 108.85 24.49 46.56
N ILE X 96 108.96 23.20 46.88
CA ILE X 96 110.25 22.52 47.11
C ILE X 96 111.27 23.27 47.98
N THR X 97 111.45 22.81 49.21
CA THR X 97 112.25 23.54 50.18
C THR X 97 113.37 22.68 50.71
N PHE X 98 114.47 23.33 51.07
CA PHE X 98 115.52 22.67 51.78
C PHE X 98 115.56 23.08 53.26
N GLY X 99 116.23 22.28 54.06
CA GLY X 99 116.60 22.78 55.36
C GLY X 99 117.66 23.83 55.12
N GLN X 100 118.11 24.47 56.20
CA GLN X 100 119.18 25.45 56.13
C GLN X 100 120.56 24.82 56.28
N GLY X 101 120.60 23.56 56.71
CA GLY X 101 121.84 22.83 56.71
C GLY X 101 122.59 22.71 58.04
N THR X 102 123.22 21.55 58.26
CA THR X 102 123.90 21.23 59.52
C THR X 102 125.40 20.94 59.30
N ARG X 103 126.25 21.68 59.98
CA ARG X 103 127.68 21.71 59.69
C ARG X 103 128.45 20.76 60.59
N LEU X 104 129.11 19.81 59.97
CA LEU X 104 129.90 18.80 60.67
C LEU X 104 131.33 19.25 60.76
N GLU X 105 131.85 19.41 61.96
CA GLU X 105 133.28 19.64 62.14
C GLU X 105 133.89 18.52 62.99
N ILE X 106 135.19 18.56 63.27
CA ILE X 106 135.77 17.54 64.15
C ILE X 106 136.20 18.16 65.48
N LYS X 107 135.89 17.48 66.59
CA LYS X 107 136.33 17.97 67.88
C LYS X 107 137.79 17.62 68.07
N ARG X 108 138.57 18.61 68.49
CA ARG X 108 139.93 18.37 68.94
C ARG X 108 140.16 19.19 70.20
N THR X 109 141.24 18.89 70.94
CA THR X 109 141.60 19.70 72.08
C THR X 109 141.91 21.08 71.58
N VAL X 110 141.54 22.10 72.34
CA VAL X 110 141.70 23.50 71.93
C VAL X 110 143.14 23.96 71.72
N ALA X 111 143.31 24.98 70.87
CA ALA X 111 144.65 25.40 70.42
C ALA X 111 144.90 26.94 70.40
N ALA X 112 146.14 27.33 70.26
CA ALA X 112 146.44 28.74 70.27
C ALA X 112 146.80 29.22 68.87
N PRO X 113 146.32 30.42 68.52
CA PRO X 113 146.63 31.14 67.29
C PRO X 113 148.10 31.60 67.24
N SER X 114 148.95 30.94 66.45
CA SER X 114 150.24 31.54 66.13
C SER X 114 149.85 32.85 65.46
N VAL X 115 149.97 33.97 66.17
CA VAL X 115 149.60 35.26 65.62
C VAL X 115 150.76 36.04 64.96
N PHE X 116 150.57 36.41 63.69
CA PHE X 116 151.55 37.14 62.91
C PHE X 116 150.89 38.41 62.36
N ILE X 117 151.69 39.43 62.08
CA ILE X 117 151.20 40.73 61.64
C ILE X 117 152.04 41.23 60.42
N PHE X 118 151.40 41.73 59.37
CA PHE X 118 152.17 42.05 58.15
C PHE X 118 151.94 43.50 57.68
N PRO X 119 152.91 44.39 57.87
CA PRO X 119 152.77 45.73 57.30
C PRO X 119 152.76 45.68 55.77
N PRO X 120 152.12 46.65 55.12
CA PRO X 120 151.96 46.61 53.66
C PRO X 120 153.29 46.63 52.92
N SER X 121 153.35 46.04 51.73
CA SER X 121 154.59 45.91 50.98
C SER X 121 154.95 47.26 50.41
N ASP X 122 156.19 47.46 50.00
CA ASP X 122 156.49 48.75 49.42
C ASP X 122 155.88 48.91 48.04
N GLU X 123 155.79 47.85 47.25
CA GLU X 123 155.15 48.05 45.97
C GLU X 123 153.64 48.32 46.06
N GLN X 124 152.95 47.66 46.97
CA GLN X 124 151.58 48.04 47.18
C GLN X 124 151.51 49.51 47.54
N LEU X 125 152.45 49.96 48.37
CA LEU X 125 152.49 51.35 48.78
C LEU X 125 152.93 52.24 47.61
N LYS X 126 153.35 51.67 46.49
CA LYS X 126 153.53 52.50 45.31
C LYS X 126 152.16 52.94 44.75
N SER X 127 151.10 52.23 45.11
CA SER X 127 149.81 52.29 44.41
C SER X 127 148.71 53.22 44.97
N GLY X 128 148.63 53.41 46.28
CA GLY X 128 147.61 54.30 46.83
C GLY X 128 146.70 53.70 47.89
N THR X 129 146.88 52.41 48.09
CA THR X 129 146.19 51.76 49.17
C THR X 129 147.25 51.06 49.97
N ALA X 130 146.91 50.72 51.20
CA ALA X 130 147.81 49.94 51.98
C ALA X 130 146.93 48.98 52.74
N SER X 131 147.26 47.70 52.60
CA SER X 131 146.55 46.62 53.23
C SER X 131 147.44 46.05 54.30
N VAL X 132 146.99 46.09 55.55
CA VAL X 132 147.75 45.45 56.60
C VAL X 132 147.08 44.17 57.15
N VAL X 133 147.87 43.11 57.34
CA VAL X 133 147.33 41.77 57.48
C VAL X 133 147.64 41.19 58.85
N CYS X 134 146.65 40.55 59.46
CA CYS X 134 146.86 39.78 60.67
C CYS X 134 146.49 38.35 60.42
N LEU X 135 147.38 37.44 60.81
CA LEU X 135 147.17 36.02 60.56
C LEU X 135 147.03 35.32 61.86
N LEU X 136 145.97 34.55 61.99
CA LEU X 136 145.86 33.63 63.12
C LEU X 136 146.02 32.26 62.53
N ASN X 137 147.16 31.64 62.84
CA ASN X 137 147.48 30.36 62.26
C ASN X 137 147.16 29.21 63.19
N ASN X 138 146.51 28.22 62.60
CA ASN X 138 146.31 26.91 63.19
C ASN X 138 145.85 26.87 64.64
N PHE X 139 144.56 27.17 64.81
CA PHE X 139 143.94 27.32 66.11
C PHE X 139 142.56 26.64 66.16
N TYR X 140 142.16 26.18 67.35
CA TYR X 140 140.84 25.57 67.49
C TYR X 140 140.24 25.96 68.83
N PRO X 141 138.90 26.15 68.90
CA PRO X 141 137.82 26.16 67.89
C PRO X 141 137.80 27.45 67.09
N ARG X 142 136.97 27.54 66.06
CA ARG X 142 137.18 28.55 65.04
C ARG X 142 136.70 29.95 65.40
N GLU X 143 135.94 30.01 66.47
CA GLU X 143 135.47 31.28 67.01
C GLU X 143 136.65 32.13 67.48
N ALA X 144 136.92 33.26 66.83
CA ALA X 144 137.99 34.10 67.31
C ALA X 144 137.60 35.53 67.06
N LYS X 145 138.01 36.45 67.94
CA LYS X 145 137.73 37.87 67.72
C LYS X 145 139.03 38.55 67.37
N VAL X 146 139.00 39.42 66.37
CA VAL X 146 140.18 40.14 65.93
C VAL X 146 139.82 41.60 65.79
N GLN X 147 140.49 42.49 66.52
CA GLN X 147 140.20 43.93 66.45
C GLN X 147 141.42 44.75 66.04
N TRP X 148 141.18 45.82 65.26
CA TRP X 148 142.28 46.66 64.80
C TRP X 148 142.37 47.99 65.52
N LYS X 149 143.54 48.28 66.09
CA LYS X 149 143.83 49.57 66.73
C LYS X 149 145.04 50.24 66.02
N VAL X 150 144.82 51.40 65.40
CA VAL X 150 145.92 52.22 64.87
C VAL X 150 146.08 53.51 65.66
N ASP X 151 147.24 53.66 66.30
CA ASP X 151 147.47 54.72 67.29
C ASP X 151 146.46 54.67 68.43
N ASN X 152 146.44 53.55 69.14
CA ASN X 152 145.36 53.18 70.10
C ASN X 152 143.95 53.64 69.75
N ALA X 153 143.63 53.67 68.46
CA ALA X 153 142.32 54.09 67.98
C ALA X 153 141.61 52.88 67.42
N LEU X 154 140.58 52.42 68.12
CA LEU X 154 139.83 51.26 67.68
C LEU X 154 139.20 51.56 66.34
N GLN X 155 139.07 50.52 65.53
CA GLN X 155 138.65 50.65 64.14
C GLN X 155 137.18 50.34 63.93
N SER X 156 136.77 50.16 62.69
CA SER X 156 135.34 50.18 62.42
C SER X 156 134.96 49.30 61.28
N GLY X 157 134.77 49.94 60.13
CA GLY X 157 134.29 49.27 58.94
C GLY X 157 135.32 48.74 57.97
N ASN X 158 136.61 48.93 58.29
CA ASN X 158 137.70 48.63 57.38
C ASN X 158 138.47 47.34 57.60
N SER X 159 138.06 46.57 58.59
CA SER X 159 138.58 45.22 58.71
C SER X 159 137.77 44.41 57.72
N GLN X 160 138.37 43.42 57.06
CA GLN X 160 137.62 42.41 56.33
C GLN X 160 138.27 41.06 56.60
N GLU X 161 137.46 40.07 56.93
CA GLU X 161 137.97 38.85 57.54
C GLU X 161 137.72 37.60 56.69
N SER X 162 138.64 36.64 56.75
CA SER X 162 138.41 35.33 56.13
C SER X 162 138.99 34.11 56.88
N VAL X 163 138.16 33.05 56.96
CA VAL X 163 138.47 31.78 57.64
C VAL X 163 138.64 30.63 56.66
N THR X 164 139.64 29.80 56.93
CA THR X 164 139.99 28.61 56.16
C THR X 164 139.04 27.45 56.51
N GLU X 165 139.00 26.42 55.67
CA GLU X 165 138.22 25.22 56.01
C GLU X 165 138.98 24.34 56.99
N GLN X 166 138.27 23.55 57.80
CA GLN X 166 138.96 22.76 58.84
C GLN X 166 139.97 21.78 58.30
N ASP X 167 141.16 21.86 58.86
CA ASP X 167 142.30 21.11 58.36
C ASP X 167 142.21 19.56 58.45
N SER X 168 142.36 18.93 57.29
CA SER X 168 142.35 17.48 57.15
C SER X 168 143.28 16.72 58.11
N LYS X 169 144.40 17.33 58.47
CA LYS X 169 145.41 16.67 59.29
C LYS X 169 145.14 16.88 60.76
N ASP X 170 145.21 18.12 61.22
CA ASP X 170 145.13 18.45 62.66
C ASP X 170 143.84 19.20 63.07
N SER X 171 142.82 19.11 62.21
CA SER X 171 141.47 19.55 62.55
C SER X 171 141.46 20.94 63.18
N THR X 172 142.05 21.91 62.51
CA THR X 172 142.27 23.21 63.09
C THR X 172 142.09 24.30 62.04
N TYR X 173 141.81 25.51 62.50
CA TYR X 173 141.42 26.61 61.63
C TYR X 173 142.46 27.72 61.55
N SER X 174 142.39 28.49 60.48
CA SER X 174 143.26 29.62 60.27
C SER X 174 142.40 30.78 59.82
N LEU X 175 142.79 31.98 60.19
CA LEU X 175 141.94 33.10 59.89
C LEU X 175 142.83 34.21 59.34
N SER X 176 142.26 35.16 58.61
CA SER X 176 143.05 36.27 58.15
C SER X 176 142.21 37.52 58.22
N SER X 177 142.53 38.39 59.18
CA SER X 177 141.91 39.72 59.24
C SER X 177 142.74 40.79 58.55
N THR X 178 142.18 41.43 57.53
CA THR X 178 142.97 42.36 56.70
C THR X 178 142.50 43.82 56.79
N LEU X 179 143.28 44.70 57.44
CA LEU X 179 142.97 46.15 57.51
C LEU X 179 143.28 46.93 56.21
N THR X 180 142.31 47.66 55.64
CA THR X 180 142.61 48.50 54.47
C THR X 180 142.47 50.04 54.65
N LEU X 181 143.59 50.72 54.50
CA LEU X 181 143.68 52.17 54.65
C LEU X 181 144.10 52.82 53.36
N SER X 182 143.86 54.14 53.26
CA SER X 182 144.48 54.91 52.20
C SER X 182 145.94 54.96 52.51
N LYS X 183 146.74 55.19 51.49
CA LYS X 183 148.18 55.34 51.68
C LYS X 183 148.44 56.49 52.64
N ALA X 184 147.79 57.62 52.35
CA ALA X 184 147.89 58.82 53.17
C ALA X 184 147.71 58.44 54.61
N ASP X 185 146.57 57.83 54.92
CA ASP X 185 146.24 57.46 56.28
C ASP X 185 147.19 56.42 56.84
N TYR X 186 147.84 55.66 55.97
CA TYR X 186 148.82 54.70 56.43
C TYR X 186 150.11 55.41 56.83
N GLU X 187 150.54 56.39 56.03
CA GLU X 187 151.74 57.19 56.36
C GLU X 187 151.43 58.35 57.31
N LYS X 188 150.15 58.56 57.63
CA LYS X 188 149.80 59.52 58.67
C LYS X 188 150.10 58.89 60.02
N HIS X 189 149.87 57.58 60.15
CA HIS X 189 149.94 57.00 61.49
C HIS X 189 151.21 56.20 61.85
N LYS X 190 151.38 55.82 63.11
CA LYS X 190 152.59 55.10 63.52
C LYS X 190 152.27 53.67 63.91
N VAL X 191 151.46 53.53 64.95
CA VAL X 191 151.31 52.26 65.62
C VAL X 191 150.10 51.45 65.17
N TYR X 192 150.38 50.35 64.47
CA TYR X 192 149.32 49.44 64.03
C TYR X 192 149.37 48.16 64.83
N ALA X 193 148.26 47.84 65.49
CA ALA X 193 148.24 46.64 66.27
C ALA X 193 146.97 45.86 66.00
N CYS X 194 147.13 44.56 66.13
CA CYS X 194 146.09 43.61 65.81
C CYS X 194 145.90 42.73 67.04
N GLU X 195 144.67 42.69 67.54
CA GLU X 195 144.45 42.16 68.87
C GLU X 195 143.46 41.01 68.91
N VAL X 196 143.99 39.83 69.23
CA VAL X 196 143.25 38.57 69.15
C VAL X 196 142.72 38.03 70.48
N THR X 197 141.43 37.80 70.55
CA THR X 197 140.83 37.13 71.69
C THR X 197 140.51 35.70 71.29
N HIS X 198 141.05 34.71 71.99
CA HIS X 198 140.63 33.38 71.67
C HIS X 198 140.25 32.60 72.90
N GLN X 199 140.78 31.40 73.06
CA GLN X 199 140.29 30.53 74.10
C GLN X 199 141.41 29.68 74.65
N GLY X 200 142.43 29.43 73.85
CA GLY X 200 143.68 28.86 74.35
C GLY X 200 144.56 30.03 74.73
N LEU X 201 143.89 31.17 74.85
CA LEU X 201 144.52 32.46 75.11
C LEU X 201 143.99 33.04 76.41
N SER X 202 144.79 32.91 77.48
CA SER X 202 144.49 33.42 78.83
C SER X 202 144.20 34.91 78.79
N SER X 203 145.07 35.64 78.12
CA SER X 203 144.85 37.06 77.90
C SER X 203 144.98 37.37 76.43
N PRO X 204 144.13 38.28 75.95
CA PRO X 204 144.11 38.68 74.55
C PRO X 204 145.50 39.06 74.06
N VAL X 205 145.98 38.31 73.08
CA VAL X 205 147.28 38.54 72.47
C VAL X 205 147.24 39.66 71.46
N THR X 206 148.27 40.50 71.48
CA THR X 206 148.33 41.63 70.59
C THR X 206 149.67 41.63 69.95
N LYS X 207 149.66 41.57 68.63
CA LYS X 207 150.85 41.64 67.78
C LYS X 207 150.81 43.05 67.15
N SER X 208 151.97 43.67 67.00
CA SER X 208 151.98 45.05 66.52
C SER X 208 153.28 45.43 65.81
N PHE X 209 153.29 46.63 65.26
CA PHE X 209 154.47 47.17 64.59
C PHE X 209 154.25 48.66 64.51
N ASN X 210 155.36 49.40 64.43
CA ASN X 210 155.31 50.84 64.25
C ASN X 210 155.85 51.13 62.87
N ARG X 211 155.17 51.97 62.09
CA ARG X 211 155.64 52.29 60.77
C ARG X 211 157.07 52.75 60.81
N GLY X 212 157.86 52.22 59.90
CA GLY X 212 159.23 52.65 59.76
C GLY X 212 160.08 52.54 61.02
N GLU X 213 159.96 51.40 61.69
CA GLU X 213 160.94 50.96 62.66
C GLU X 213 160.87 49.46 62.54
N CYS X 214 161.90 48.75 63.01
CA CYS X 214 161.92 47.27 62.96
C CYS X 214 162.41 46.67 64.28
N GLU Y 1 -12.60 -8.23 -20.78
CA GLU Y 1 -13.19 -9.24 -19.92
C GLU Y 1 -14.02 -10.24 -20.72
N VAL Y 2 -13.75 -10.32 -22.03
CA VAL Y 2 -14.62 -11.04 -22.98
C VAL Y 2 -14.19 -12.47 -23.31
N GLN Y 3 -14.89 -13.46 -22.76
CA GLN Y 3 -14.52 -14.88 -22.89
C GLN Y 3 -15.41 -15.58 -23.93
N LEU Y 4 -14.88 -16.60 -24.59
CA LEU Y 4 -15.66 -17.41 -25.52
C LEU Y 4 -15.66 -18.91 -25.17
N VAL Y 5 -16.86 -19.46 -24.96
CA VAL Y 5 -17.00 -20.87 -24.64
C VAL Y 5 -17.54 -21.68 -25.82
N GLU Y 6 -16.70 -22.57 -26.33
CA GLU Y 6 -17.05 -23.29 -27.55
C GLU Y 6 -17.77 -24.61 -27.32
N SER Y 7 -18.51 -25.06 -28.33
CA SER Y 7 -19.21 -26.35 -28.26
C SER Y 7 -18.18 -27.47 -28.28
N GLY Y 8 -18.60 -28.68 -27.94
CA GLY Y 8 -17.68 -29.81 -27.83
C GLY Y 8 -17.38 -30.43 -29.17
N ALA Y 9 -16.18 -30.99 -29.29
CA ALA Y 9 -15.75 -31.62 -30.54
C ALA Y 9 -16.67 -32.78 -30.92
N GLU Y 10 -17.15 -32.80 -32.15
CA GLU Y 10 -18.04 -33.86 -32.60
C GLU Y 10 -17.45 -34.63 -33.77
N VAL Y 11 -18.16 -35.68 -34.18
CA VAL Y 11 -17.74 -36.49 -35.31
C VAL Y 11 -18.99 -37.02 -36.01
N LYS Y 12 -19.10 -36.75 -37.31
CA LYS Y 12 -20.32 -37.09 -38.05
C LYS Y 12 -20.03 -37.91 -39.30
N LYS Y 13 -21.05 -38.64 -39.73
CA LYS Y 13 -20.96 -39.46 -40.92
C LYS Y 13 -21.32 -38.61 -42.14
N PRO Y 14 -20.65 -38.88 -43.28
CA PRO Y 14 -20.84 -38.16 -44.53
C PRO Y 14 -22.28 -38.10 -45.03
N GLY Y 15 -22.91 -36.94 -44.83
CA GLY Y 15 -24.22 -36.67 -45.38
C GLY Y 15 -25.10 -36.03 -44.33
N SER Y 16 -24.56 -35.93 -43.12
CA SER Y 16 -25.33 -35.46 -41.98
C SER Y 16 -25.23 -33.95 -41.81
N SER Y 17 -25.33 -33.53 -40.56
CA SER Y 17 -25.43 -32.13 -40.22
C SER Y 17 -24.83 -31.94 -38.85
N VAL Y 18 -24.25 -30.77 -38.61
CA VAL Y 18 -23.69 -30.45 -37.29
C VAL Y 18 -23.97 -29.00 -36.91
N LYS Y 19 -24.05 -28.73 -35.61
CA LYS Y 19 -24.39 -27.40 -35.10
C LYS Y 19 -23.51 -27.09 -33.89
N VAL Y 20 -22.68 -26.07 -34.02
CA VAL Y 20 -21.71 -25.75 -32.98
C VAL Y 20 -22.08 -24.45 -32.28
N SER Y 21 -21.55 -24.26 -31.07
CA SER Y 21 -21.91 -23.12 -30.23
C SER Y 21 -20.73 -22.21 -29.95
N CYS Y 22 -21.00 -20.92 -29.85
CA CYS Y 22 -20.06 -19.99 -29.26
C CYS Y 22 -20.84 -19.16 -28.26
N LYS Y 23 -20.47 -19.24 -27.00
CA LYS Y 23 -21.12 -18.44 -25.97
C LYS Y 23 -20.17 -17.36 -25.49
N ALA Y 24 -20.48 -16.12 -25.83
CA ALA Y 24 -19.64 -15.00 -25.43
C ALA Y 24 -20.14 -14.38 -24.13
N SER Y 25 -19.22 -14.06 -23.24
CA SER Y 25 -19.60 -13.47 -21.96
C SER Y 25 -18.62 -12.39 -21.52
N GLY Y 26 -18.98 -11.70 -20.44
CA GLY Y 26 -18.23 -10.56 -19.96
C GLY Y 26 -18.70 -9.31 -20.63
N GLY Y 27 -19.69 -9.46 -21.51
CA GLY Y 27 -20.21 -8.33 -22.26
C GLY Y 27 -21.70 -8.38 -22.44
N THR Y 28 -22.28 -7.22 -22.71
CA THR Y 28 -23.67 -7.13 -23.08
C THR Y 28 -23.84 -7.57 -24.55
N PHE Y 29 -24.94 -8.26 -24.82
CA PHE Y 29 -25.12 -8.99 -26.07
C PHE Y 29 -24.95 -8.22 -27.39
N ILE Y 30 -25.41 -6.98 -27.46
CA ILE Y 30 -25.45 -6.28 -28.75
C ILE Y 30 -24.10 -5.75 -29.22
N THR Y 31 -23.10 -5.80 -28.33
CA THR Y 31 -21.73 -5.40 -28.68
C THR Y 31 -21.05 -6.51 -29.48
N HIS Y 32 -21.55 -7.73 -29.34
CA HIS Y 32 -20.92 -8.89 -29.93
C HIS Y 32 -21.11 -8.97 -31.43
N VAL Y 33 -20.15 -9.61 -32.08
CA VAL Y 33 -20.35 -10.12 -33.42
C VAL Y 33 -19.52 -11.39 -33.57
N PHE Y 34 -20.25 -12.47 -33.79
CA PHE Y 34 -19.69 -13.81 -33.87
C PHE Y 34 -19.25 -14.09 -35.27
N THR Y 35 -18.09 -14.72 -35.39
CA THR Y 35 -17.62 -15.18 -36.68
C THR Y 35 -17.03 -16.58 -36.55
N TRP Y 36 -17.09 -17.33 -37.65
CA TRP Y 36 -16.63 -18.70 -37.67
C TRP Y 36 -15.60 -18.88 -38.78
N VAL Y 37 -14.34 -19.07 -38.39
CA VAL Y 37 -13.22 -19.34 -39.31
C VAL Y 37 -12.68 -20.76 -39.10
N ARG Y 38 -12.84 -21.61 -40.12
CA ARG Y 38 -12.38 -23.01 -40.07
C ARG Y 38 -10.97 -23.21 -40.66
N GLN Y 39 -10.36 -24.36 -40.32
CA GLN Y 39 -8.99 -24.68 -40.76
C GLN Y 39 -8.85 -26.17 -41.06
N ALA Y 40 -8.75 -26.52 -42.34
CA ALA Y 40 -8.37 -27.85 -42.72
C ALA Y 40 -6.97 -28.12 -42.16
N PRO Y 41 -6.78 -29.31 -41.55
CA PRO Y 41 -5.56 -29.62 -40.79
C PRO Y 41 -4.31 -29.48 -41.65
N GLY Y 42 -3.37 -28.64 -41.20
CA GLY Y 42 -2.18 -28.35 -42.00
C GLY Y 42 -2.39 -27.27 -43.03
N GLN Y 43 -3.61 -27.15 -43.55
CA GLN Y 43 -3.93 -26.11 -44.52
C GLN Y 43 -4.23 -24.79 -43.82
N GLY Y 44 -4.52 -23.74 -44.59
CA GLY Y 44 -4.69 -22.42 -44.03
C GLY Y 44 -6.03 -22.13 -43.37
N LEU Y 45 -6.34 -20.83 -43.28
CA LEU Y 45 -7.56 -20.35 -42.62
C LEU Y 45 -8.63 -19.95 -43.64
N GLU Y 46 -9.84 -20.50 -43.47
CA GLU Y 46 -10.98 -20.17 -44.35
C GLU Y 46 -12.15 -19.65 -43.54
N TRP Y 47 -12.62 -18.45 -43.90
CA TRP Y 47 -13.78 -17.84 -43.21
C TRP Y 47 -15.03 -18.64 -43.58
N VAL Y 48 -15.88 -18.97 -42.59
CA VAL Y 48 -17.15 -19.59 -42.95
C VAL Y 48 -18.31 -18.62 -42.90
N GLY Y 49 -18.68 -18.19 -41.72
CA GLY Y 49 -19.84 -17.35 -41.61
C GLY Y 49 -19.62 -16.22 -40.65
N GLY Y 50 -20.68 -15.45 -40.48
CA GLY Y 50 -20.67 -14.43 -39.47
C GLY Y 50 -22.08 -14.11 -39.05
N PHE Y 51 -22.23 -13.60 -37.83
CA PHE Y 51 -23.52 -13.13 -37.37
C PHE Y 51 -23.28 -11.86 -36.55
N ILE Y 52 -23.95 -10.76 -36.91
CA ILE Y 52 -23.86 -9.52 -36.16
C ILE Y 52 -25.00 -9.38 -35.15
N ALA Y 53 -24.67 -9.09 -33.91
CA ALA Y 53 -25.67 -9.06 -32.84
C ALA Y 53 -26.64 -7.91 -33.00
N ILE Y 54 -26.11 -6.72 -33.25
CA ILE Y 54 -26.97 -5.56 -33.24
C ILE Y 54 -27.94 -5.46 -34.41
N PHE Y 55 -27.74 -6.29 -35.42
CA PHE Y 55 -28.66 -6.30 -36.54
C PHE Y 55 -29.39 -7.63 -36.58
N GLY Y 56 -28.77 -8.66 -36.00
CA GLY Y 56 -29.28 -10.02 -36.10
C GLY Y 56 -29.07 -10.63 -37.48
N THR Y 57 -28.52 -9.84 -38.40
CA THR Y 57 -28.20 -10.31 -39.74
C THR Y 57 -27.03 -11.30 -39.73
N SER Y 58 -27.06 -12.31 -40.60
CA SER Y 58 -25.93 -13.22 -40.69
C SER Y 58 -25.43 -13.39 -42.13
N ASN Y 59 -24.10 -13.52 -42.28
CA ASN Y 59 -23.45 -13.62 -43.59
C ASN Y 59 -22.64 -14.89 -43.85
N TYR Y 60 -22.60 -15.31 -45.11
CA TYR Y 60 -21.98 -16.56 -45.50
C TYR Y 60 -20.92 -16.33 -46.56
N ALA Y 61 -20.24 -17.39 -46.96
CA ALA Y 61 -19.36 -17.32 -48.12
C ALA Y 61 -20.14 -17.96 -49.23
N GLN Y 62 -19.96 -17.55 -50.48
CA GLN Y 62 -20.78 -18.12 -51.53
C GLN Y 62 -20.50 -19.61 -51.71
N LYS Y 63 -19.39 -20.07 -51.13
CA LYS Y 63 -19.00 -21.48 -51.16
C LYS Y 63 -19.99 -22.38 -50.40
N PHE Y 64 -20.36 -21.96 -49.20
CA PHE Y 64 -21.28 -22.72 -48.37
C PHE Y 64 -22.73 -22.35 -48.66
N GLN Y 65 -22.96 -21.68 -49.78
CA GLN Y 65 -24.30 -21.28 -50.16
C GLN Y 65 -25.18 -22.52 -50.27
N GLY Y 66 -26.32 -22.48 -49.59
CA GLY Y 66 -27.23 -23.62 -49.51
C GLY Y 66 -27.04 -24.39 -48.23
N ARG Y 67 -25.80 -24.48 -47.76
CA ARG Y 67 -25.43 -25.45 -46.74
C ARG Y 67 -25.48 -24.97 -45.28
N VAL Y 68 -25.17 -23.71 -45.06
CA VAL Y 68 -24.93 -23.23 -43.69
C VAL Y 68 -26.06 -22.32 -43.21
N THR Y 69 -26.45 -22.50 -41.95
CA THR Y 69 -27.51 -21.68 -41.35
C THR Y 69 -27.07 -21.10 -40.01
N ILE Y 70 -27.12 -19.78 -39.88
CA ILE Y 70 -26.60 -19.15 -38.64
C ILE Y 70 -27.66 -18.42 -37.80
N THR Y 71 -27.76 -18.84 -36.54
CA THR Y 71 -28.76 -18.36 -35.58
C THR Y 71 -28.10 -17.85 -34.30
N ALA Y 72 -28.84 -17.13 -33.46
CA ALA Y 72 -28.35 -16.74 -32.12
C ALA Y 72 -29.46 -16.70 -31.07
N ASP Y 73 -29.08 -16.45 -29.81
CA ASP Y 73 -30.02 -16.41 -28.68
C ASP Y 73 -29.51 -15.36 -27.70
N GLU Y 74 -30.38 -14.49 -27.23
CA GLU Y 74 -29.95 -13.32 -26.49
C GLU Y 74 -29.79 -13.52 -24.98
N SER Y 75 -30.74 -14.25 -24.39
CA SER Y 75 -30.65 -14.62 -22.98
C SER Y 75 -29.37 -15.41 -22.74
N THR Y 76 -29.12 -16.39 -23.63
CA THR Y 76 -27.93 -17.23 -23.57
C THR Y 76 -26.64 -16.46 -23.87
N SER Y 77 -26.74 -15.49 -24.77
CA SER Y 77 -25.58 -14.76 -25.29
C SER Y 77 -24.71 -15.71 -26.15
N THR Y 78 -25.39 -16.56 -26.91
CA THR Y 78 -24.75 -17.66 -27.64
C THR Y 78 -25.16 -17.69 -29.12
N ALA Y 79 -24.21 -17.83 -30.02
CA ALA Y 79 -24.51 -17.93 -31.46
C ALA Y 79 -24.30 -19.34 -31.96
N TYR Y 80 -24.92 -19.69 -33.08
CA TYR Y 80 -24.90 -21.08 -33.54
C TYR Y 80 -24.68 -21.22 -35.03
N MET Y 81 -23.67 -21.99 -35.40
CA MET Y 81 -23.34 -22.22 -36.79
C MET Y 81 -23.67 -23.66 -37.17
N GLU Y 82 -24.62 -23.83 -38.08
CA GLU Y 82 -25.00 -25.17 -38.53
C GLU Y 82 -24.67 -25.46 -40.00
N LEU Y 83 -23.96 -26.56 -40.23
CA LEU Y 83 -23.50 -26.93 -41.55
C LEU Y 83 -24.09 -28.26 -41.92
N THR Y 84 -24.62 -28.37 -43.13
CA THR Y 84 -25.33 -29.58 -43.53
C THR Y 84 -24.59 -30.33 -44.64
N SER Y 85 -25.16 -31.44 -45.09
CA SER Y 85 -24.66 -32.16 -46.28
C SER Y 85 -23.16 -32.47 -46.21
N LEU Y 86 -22.69 -32.93 -45.06
CA LEU Y 86 -21.27 -33.01 -44.76
C LEU Y 86 -20.42 -33.90 -45.67
N THR Y 87 -19.18 -33.47 -45.92
CA THR Y 87 -18.19 -34.26 -46.64
C THR Y 87 -16.89 -34.21 -45.83
N SER Y 88 -15.86 -34.94 -46.27
CA SER Y 88 -14.61 -35.03 -45.51
C SER Y 88 -13.67 -33.86 -45.79
N GLU Y 89 -14.08 -33.00 -46.72
CA GLU Y 89 -13.37 -31.76 -47.01
C GLU Y 89 -13.75 -30.73 -45.95
N ASP Y 90 -14.95 -30.91 -45.38
CA ASP Y 90 -15.45 -30.05 -44.30
C ASP Y 90 -14.82 -30.42 -42.97
N THR Y 91 -14.14 -31.57 -42.93
CA THR Y 91 -13.43 -31.95 -41.73
C THR Y 91 -12.42 -30.86 -41.44
N ALA Y 92 -12.55 -30.24 -40.27
CA ALA Y 92 -11.69 -29.12 -39.91
C ALA Y 92 -11.74 -28.77 -38.42
N VAL Y 93 -10.95 -27.78 -38.05
CA VAL Y 93 -11.09 -27.13 -36.76
C VAL Y 93 -11.84 -25.81 -37.00
N TYR Y 94 -13.01 -25.66 -36.38
CA TYR Y 94 -13.85 -24.49 -36.57
C TYR Y 94 -13.73 -23.47 -35.43
N TYR Y 95 -12.87 -22.47 -35.60
CA TYR Y 95 -12.72 -21.45 -34.57
C TYR Y 95 -13.87 -20.46 -34.56
N CYS Y 96 -14.26 -20.05 -33.37
CA CYS Y 96 -15.20 -18.94 -33.23
C CYS Y 96 -14.40 -17.76 -32.72
N ALA Y 97 -14.88 -16.56 -33.03
CA ALA Y 97 -14.16 -15.37 -32.62
C ALA Y 97 -15.04 -14.12 -32.65
N ARG Y 98 -14.75 -13.19 -31.77
CA ARG Y 98 -15.50 -11.96 -31.70
C ARG Y 98 -14.89 -10.92 -32.61
N GLY Y 99 -15.65 -10.51 -33.62
CA GLY Y 99 -15.20 -9.49 -34.53
C GLY Y 99 -15.70 -8.14 -34.07
N ILE Y 100 -15.64 -7.15 -34.96
CA ILE Y 100 -16.17 -5.84 -34.65
C ILE Y 100 -16.88 -5.30 -35.89
N SER Y 101 -17.74 -4.31 -35.68
CA SER Y 101 -18.57 -3.75 -36.75
C SER Y 101 -19.40 -4.78 -37.51
N GLY Y 102 -20.20 -4.29 -38.45
CA GLY Y 102 -21.01 -5.17 -39.27
C GLY Y 102 -20.25 -5.50 -40.54
N SER Y 103 -18.98 -5.12 -40.57
CA SER Y 103 -18.16 -5.44 -41.72
C SER Y 103 -17.20 -6.54 -41.32
N TYR Y 104 -17.47 -7.10 -40.12
CA TYR Y 104 -16.61 -8.05 -39.42
C TYR Y 104 -15.19 -7.51 -39.40
N GLY Y 105 -14.78 -6.90 -38.30
CA GLY Y 105 -13.52 -6.16 -38.33
C GLY Y 105 -12.29 -7.06 -38.28
N TRP Y 106 -11.67 -7.06 -37.10
CA TRP Y 106 -10.57 -7.94 -36.78
C TRP Y 106 -11.07 -8.88 -35.69
N PHE Y 107 -10.53 -10.08 -35.65
CA PHE Y 107 -11.02 -11.05 -34.70
C PHE Y 107 -10.07 -11.10 -33.50
N ASP Y 108 -10.55 -10.64 -32.33
CA ASP Y 108 -9.66 -10.35 -31.20
C ASP Y 108 -9.64 -11.41 -30.09
N PRO Y 109 -10.81 -11.88 -29.65
CA PRO Y 109 -10.69 -13.14 -28.91
C PRO Y 109 -10.88 -14.24 -29.94
N TRP Y 110 -10.22 -15.38 -29.79
CA TRP Y 110 -10.56 -16.55 -30.58
C TRP Y 110 -10.85 -17.69 -29.61
N GLY Y 111 -11.74 -18.60 -29.98
CA GLY Y 111 -11.98 -19.79 -29.20
C GLY Y 111 -10.78 -20.72 -29.28
N GLN Y 112 -10.75 -21.74 -28.43
CA GLN Y 112 -9.66 -22.70 -28.44
C GLN Y 112 -9.81 -23.65 -29.62
N GLY Y 113 -10.94 -23.55 -30.32
CA GLY Y 113 -11.21 -24.38 -31.48
C GLY Y 113 -12.32 -25.39 -31.25
N THR Y 114 -12.66 -26.12 -32.30
CA THR Y 114 -13.64 -27.19 -32.20
C THR Y 114 -13.44 -28.18 -33.35
N LEU Y 115 -13.14 -29.41 -33.00
CA LEU Y 115 -12.75 -30.39 -33.99
C LEU Y 115 -13.95 -31.03 -34.66
N VAL Y 116 -14.11 -30.76 -35.94
CA VAL Y 116 -15.14 -31.44 -36.70
C VAL Y 116 -14.50 -32.45 -37.62
N THR Y 117 -14.96 -33.68 -37.54
CA THR Y 117 -14.27 -34.80 -38.14
C THR Y 117 -15.25 -35.64 -38.95
N VAL Y 118 -15.10 -35.64 -40.27
CA VAL Y 118 -16.08 -36.31 -41.13
C VAL Y 118 -15.51 -37.54 -41.84
N SER Y 119 -15.71 -38.70 -41.21
CA SER Y 119 -15.29 -39.99 -41.76
C SER Y 119 -16.48 -40.94 -41.71
N SER Y 120 -16.36 -42.09 -42.37
CA SER Y 120 -17.38 -43.12 -42.27
C SER Y 120 -17.12 -43.99 -41.03
N ALA Y 121 -15.95 -43.81 -40.43
CA ALA Y 121 -15.39 -44.72 -39.42
C ALA Y 121 -16.18 -44.93 -38.12
N SER Y 122 -16.03 -46.12 -37.53
CA SER Y 122 -16.56 -46.43 -36.20
C SER Y 122 -15.55 -45.98 -35.15
N THR Y 123 -15.92 -45.00 -34.33
CA THR Y 123 -14.99 -44.31 -33.44
C THR Y 123 -14.27 -45.22 -32.40
N LYS Y 124 -13.22 -45.92 -32.82
CA LYS Y 124 -12.56 -46.94 -31.98
C LYS Y 124 -11.15 -46.61 -31.40
N GLY Y 125 -10.71 -47.37 -30.39
CA GLY Y 125 -9.39 -47.21 -29.81
C GLY Y 125 -8.29 -47.89 -30.61
N PRO Y 126 -7.02 -47.75 -30.19
CA PRO Y 126 -5.86 -48.22 -30.97
C PRO Y 126 -5.75 -49.75 -31.09
N VAL Y 149 1.43 -45.51 -32.38
CA VAL Y 149 0.17 -46.09 -31.88
C VAL Y 149 -0.80 -46.29 -33.03
N LYS Y 150 -0.99 -47.54 -33.47
CA LYS Y 150 -1.70 -47.83 -34.72
C LYS Y 150 -3.22 -48.00 -34.57
N ASP Y 151 -3.93 -47.57 -35.61
CA ASP Y 151 -5.36 -47.83 -35.79
C ASP Y 151 -6.27 -47.35 -34.66
N TYR Y 152 -6.33 -46.03 -34.47
CA TYR Y 152 -7.24 -45.42 -33.51
C TYR Y 152 -8.16 -44.40 -34.18
N PHE Y 153 -9.00 -43.75 -33.37
CA PHE Y 153 -10.02 -42.82 -33.86
C PHE Y 153 -10.74 -42.15 -32.68
N PRO Y 154 -11.17 -40.90 -32.87
CA PRO Y 154 -10.69 -39.97 -33.91
C PRO Y 154 -9.45 -39.22 -33.42
N GLU Y 155 -9.59 -37.97 -33.01
CA GLU Y 155 -8.47 -37.23 -32.43
C GLU Y 155 -8.91 -36.29 -31.30
N TRP Y 161 7.74 -38.69 -20.72
CA TRP Y 161 7.34 -40.10 -20.71
C TRP Y 161 7.56 -40.70 -19.33
N ASN Y 162 7.41 -42.01 -19.25
CA ASN Y 162 7.07 -42.73 -18.02
C ASN Y 162 6.20 -41.89 -17.09
N SER Y 163 5.08 -41.45 -17.64
CA SER Y 163 3.99 -40.81 -16.92
C SER Y 163 4.37 -39.53 -16.16
N GLY Y 164 5.52 -38.93 -16.48
CA GLY Y 164 5.94 -37.69 -15.85
C GLY Y 164 7.45 -37.60 -15.66
N ALA Y 165 8.12 -38.74 -15.72
CA ALA Y 165 9.56 -38.82 -15.49
C ALA Y 165 10.37 -38.24 -16.65
N LEU Y 166 10.64 -39.08 -17.66
CA LEU Y 166 11.41 -38.69 -18.84
C LEU Y 166 10.76 -37.55 -19.63
N THR Y 167 11.44 -36.41 -19.70
CA THR Y 167 10.97 -35.30 -20.54
C THR Y 167 11.68 -35.29 -21.92
N SER Y 168 12.39 -34.21 -22.25
CA SER Y 168 12.96 -34.03 -23.60
C SER Y 168 13.92 -35.14 -24.07
N GLY Y 169 13.75 -35.55 -25.32
CA GLY Y 169 14.39 -36.75 -25.85
C GLY Y 169 13.28 -37.64 -26.38
N VAL Y 170 12.06 -37.26 -26.01
CA VAL Y 170 10.86 -37.89 -26.53
C VAL Y 170 10.43 -37.20 -27.83
N HIS Y 171 9.72 -37.92 -28.70
CA HIS Y 171 9.24 -37.35 -29.97
C HIS Y 171 7.95 -37.99 -30.47
N THR Y 172 6.82 -37.56 -29.91
CA THR Y 172 5.51 -37.93 -30.41
C THR Y 172 5.30 -37.25 -31.77
N PHE Y 173 4.43 -37.81 -32.61
CA PHE Y 173 4.37 -37.38 -34.01
C PHE Y 173 3.01 -36.83 -34.46
N PRO Y 174 3.00 -36.09 -35.59
CA PRO Y 174 1.73 -35.83 -36.26
C PRO Y 174 1.14 -37.17 -36.64
N ALA Y 175 -0.14 -37.38 -36.34
CA ALA Y 175 -0.81 -38.57 -36.84
C ALA Y 175 -0.91 -38.47 -38.37
N VAL Y 176 -1.04 -39.61 -39.04
CA VAL Y 176 -1.38 -39.58 -40.46
C VAL Y 176 -2.57 -40.51 -40.70
N LEU Y 177 -3.13 -40.48 -41.91
CA LEU Y 177 -4.28 -41.31 -42.24
C LEU Y 177 -3.84 -42.65 -42.84
N GLN Y 178 -4.78 -43.59 -42.92
CA GLN Y 178 -4.60 -44.78 -43.73
C GLN Y 178 -5.83 -44.91 -44.62
N SER Y 179 -5.66 -45.50 -45.81
CA SER Y 179 -6.76 -45.69 -46.77
C SER Y 179 -8.03 -46.30 -46.16
N SER Y 180 -7.91 -46.83 -44.94
CA SER Y 180 -9.06 -47.23 -44.16
C SER Y 180 -9.78 -46.00 -43.60
N GLY Y 181 -9.61 -45.77 -42.31
CA GLY Y 181 -10.27 -44.67 -41.65
C GLY Y 181 -9.78 -44.51 -40.23
N LEU Y 182 -8.60 -45.08 -39.95
CA LEU Y 182 -7.98 -44.95 -38.65
C LEU Y 182 -6.72 -44.12 -38.78
N TYR Y 183 -6.39 -43.37 -37.73
CA TYR Y 183 -5.16 -42.60 -37.70
C TYR Y 183 -4.05 -43.53 -37.21
N SER Y 184 -2.80 -43.18 -37.49
CA SER Y 184 -1.67 -44.05 -37.15
C SER Y 184 -0.45 -43.29 -36.62
N LEU Y 185 -0.37 -43.20 -35.29
CA LEU Y 185 0.65 -42.40 -34.62
C LEU Y 185 2.04 -43.02 -34.63
N SER Y 186 3.03 -42.23 -34.23
CA SER Y 186 4.34 -42.76 -33.80
C SER Y 186 4.91 -41.88 -32.68
N SER Y 187 5.85 -42.43 -31.91
CA SER Y 187 6.33 -41.76 -30.69
C SER Y 187 7.67 -42.32 -30.17
N VAL Y 188 8.72 -41.51 -30.20
CA VAL Y 188 10.02 -41.92 -29.61
C VAL Y 188 10.28 -41.28 -28.24
N ASP Z 1 -14.29 -11.51 -55.51
CA ASP Z 1 -13.59 -11.88 -54.28
C ASP Z 1 -12.31 -11.06 -54.17
N ILE Z 2 -11.67 -11.06 -53.01
CA ILE Z 2 -10.41 -10.32 -52.89
C ILE Z 2 -9.25 -11.26 -52.53
N GLN Z 3 -8.36 -11.50 -53.49
CA GLN Z 3 -7.25 -12.42 -53.24
C GLN Z 3 -6.14 -11.81 -52.40
N LEU Z 4 -5.65 -12.58 -51.44
CA LEU Z 4 -4.48 -12.18 -50.68
C LEU Z 4 -3.31 -13.13 -50.98
N THR Z 5 -2.27 -12.57 -51.57
CA THR Z 5 -1.06 -13.32 -51.83
C THR Z 5 -0.02 -12.80 -50.86
N GLN Z 6 0.58 -13.73 -50.12
CA GLN Z 6 1.52 -13.41 -49.07
C GLN Z 6 2.88 -13.89 -49.52
N SER Z 7 3.89 -13.05 -49.38
CA SER Z 7 5.24 -13.47 -49.72
C SER Z 7 6.23 -13.11 -48.62
N PRO Z 8 7.11 -14.05 -48.26
CA PRO Z 8 7.31 -15.39 -48.83
C PRO Z 8 6.47 -16.47 -48.15
N SER Z 9 6.27 -17.62 -48.78
CA SER Z 9 5.43 -18.68 -48.23
C SER Z 9 6.05 -19.30 -46.98
N SER Z 10 7.38 -19.37 -46.98
CA SER Z 10 8.17 -19.97 -45.90
C SER Z 10 9.41 -19.11 -45.66
N LEU Z 11 9.89 -19.09 -44.42
CA LEU Z 11 11.07 -18.28 -44.11
C LEU Z 11 11.93 -18.90 -43.03
N SER Z 12 13.22 -19.07 -43.33
CA SER Z 12 14.20 -19.44 -42.31
C SER Z 12 15.03 -18.20 -41.97
N ALA Z 13 15.05 -17.85 -40.69
CA ALA Z 13 15.87 -16.73 -40.23
C ALA Z 13 16.24 -16.85 -38.75
N SER Z 14 17.45 -16.38 -38.42
CA SER Z 14 18.02 -16.57 -37.09
C SER Z 14 17.63 -15.49 -36.07
N VAL Z 15 17.75 -15.83 -34.80
CA VAL Z 15 17.39 -14.93 -33.70
C VAL Z 15 18.16 -13.61 -33.76
N GLY Z 16 17.44 -12.48 -33.66
CA GLY Z 16 18.06 -11.18 -33.75
C GLY Z 16 17.91 -10.54 -35.13
N ASP Z 17 17.63 -11.36 -36.13
CA ASP Z 17 17.35 -10.87 -37.47
C ASP Z 17 16.04 -10.09 -37.49
N ARG Z 18 15.91 -9.21 -38.47
CA ARG Z 18 14.64 -8.57 -38.82
C ARG Z 18 13.99 -9.38 -39.94
N VAL Z 19 12.68 -9.61 -39.84
CA VAL Z 19 11.92 -10.31 -40.91
C VAL Z 19 10.77 -9.48 -41.44
N THR Z 20 10.73 -9.30 -42.76
CA THR Z 20 9.60 -8.61 -43.36
C THR Z 20 8.79 -9.54 -44.29
N ILE Z 21 7.51 -9.73 -43.93
CA ILE Z 21 6.56 -10.48 -44.75
C ILE Z 21 5.69 -9.51 -45.54
N THR Z 22 5.20 -9.93 -46.71
CA THR Z 22 4.31 -9.08 -47.49
C THR Z 22 2.98 -9.74 -47.84
N CYS Z 23 1.92 -8.92 -47.84
CA CYS Z 23 0.60 -9.33 -48.27
C CYS Z 23 0.20 -8.37 -49.37
N GLN Z 24 -0.36 -8.93 -50.43
CA GLN Z 24 -0.72 -8.12 -51.57
C GLN Z 24 -2.14 -8.49 -51.98
N ALA Z 25 -3.00 -7.49 -52.09
CA ALA Z 25 -4.39 -7.71 -52.42
C ALA Z 25 -4.61 -7.54 -53.91
N SER Z 26 -5.80 -7.89 -54.38
CA SER Z 26 -6.12 -7.71 -55.80
C SER Z 26 -6.83 -6.40 -56.00
N GLN Z 27 -7.26 -5.79 -54.91
CA GLN Z 27 -7.88 -4.49 -55.06
C GLN Z 27 -7.31 -3.57 -53.99
N ASP Z 28 -7.51 -2.26 -54.21
CA ASP Z 28 -7.25 -1.27 -53.18
C ASP Z 28 -8.18 -1.63 -52.06
N ILE Z 29 -7.67 -1.71 -50.85
CA ILE Z 29 -8.53 -2.05 -49.73
C ILE Z 29 -8.28 -1.13 -48.55
N ARG Z 30 -7.78 0.08 -48.89
CA ARG Z 30 -7.40 1.09 -47.91
C ARG Z 30 -6.55 0.43 -46.83
N LYS Z 31 -6.75 0.84 -45.58
CA LYS Z 31 -6.01 0.27 -44.48
C LYS Z 31 -6.84 -0.80 -43.77
N TYR Z 32 -7.57 -1.59 -44.55
CA TYR Z 32 -8.49 -2.56 -43.96
C TYR Z 32 -7.86 -3.95 -43.86
N LEU Z 33 -6.61 -4.00 -43.39
CA LEU Z 33 -5.86 -5.25 -43.28
C LEU Z 33 -5.51 -5.64 -41.84
N ASN Z 34 -5.70 -6.91 -41.49
CA ASN Z 34 -5.24 -7.38 -40.18
C ASN Z 34 -4.25 -8.53 -40.29
N TRP Z 35 -3.32 -8.59 -39.33
CA TRP Z 35 -2.33 -9.67 -39.26
C TRP Z 35 -2.52 -10.56 -38.03
N TYR Z 36 -2.50 -11.87 -38.25
CA TYR Z 36 -2.64 -12.84 -37.18
C TYR Z 36 -1.47 -13.80 -37.06
N GLN Z 37 -1.22 -14.28 -35.84
CA GLN Z 37 -0.13 -15.22 -35.58
C GLN Z 37 -0.62 -16.55 -35.02
N GLN Z 38 -0.25 -17.65 -35.68
CA GLN Z 38 -0.69 -18.98 -35.26
C GLN Z 38 0.47 -19.86 -34.73
N LYS Z 39 0.72 -19.78 -33.41
CA LYS Z 39 1.63 -20.72 -32.74
C LYS Z 39 1.09 -22.12 -32.92
N PRO Z 40 1.92 -23.03 -33.43
CA PRO Z 40 1.46 -24.35 -33.90
C PRO Z 40 0.67 -25.08 -32.82
N GLY Z 41 -0.36 -25.81 -33.22
CA GLY Z 41 -1.23 -26.49 -32.27
C GLY Z 41 -2.15 -25.56 -31.49
N LYS Z 42 -1.97 -24.24 -31.64
CA LYS Z 42 -2.78 -23.25 -30.93
C LYS Z 42 -3.65 -22.43 -31.89
N ALA Z 43 -4.67 -21.78 -31.35
CA ALA Z 43 -5.56 -20.90 -32.13
C ALA Z 43 -4.79 -19.69 -32.65
N PRO Z 44 -5.28 -19.09 -33.75
CA PRO Z 44 -4.68 -17.84 -34.22
C PRO Z 44 -4.75 -16.73 -33.17
N ASN Z 45 -4.06 -15.63 -33.43
CA ASN Z 45 -3.89 -14.60 -32.43
C ASN Z 45 -3.62 -13.26 -33.09
N LEU Z 46 -4.34 -12.23 -32.67
CA LEU Z 46 -4.25 -10.93 -33.34
C LEU Z 46 -3.08 -10.04 -32.87
N LEU Z 47 -2.25 -9.62 -33.82
CA LEU Z 47 -1.08 -8.77 -33.56
C LEU Z 47 -1.32 -7.36 -34.06
N ILE Z 48 -1.51 -7.26 -35.38
CA ILE Z 48 -1.81 -6.01 -36.06
C ILE Z 48 -3.24 -5.99 -36.57
N TYR Z 49 -3.94 -4.89 -36.28
CA TYR Z 49 -5.24 -4.61 -36.86
C TYR Z 49 -5.23 -3.28 -37.61
N ASP Z 50 -5.96 -3.22 -38.71
CA ASP Z 50 -6.02 -2.02 -39.56
C ASP Z 50 -4.63 -1.55 -40.00
N ALA Z 51 -3.88 -2.49 -40.58
CA ALA Z 51 -2.57 -2.29 -41.22
C ALA Z 51 -1.42 -1.94 -40.27
N SER Z 52 -1.68 -0.97 -39.38
CA SER Z 52 -0.63 -0.35 -38.60
C SER Z 52 -0.85 -0.51 -37.10
N ASN Z 53 -2.11 -0.55 -36.66
CA ASN Z 53 -2.40 -0.52 -35.23
C ASN Z 53 -2.04 -1.81 -34.46
N VAL Z 54 -1.46 -1.66 -33.28
CA VAL Z 54 -0.95 -2.80 -32.50
C VAL Z 54 -1.76 -3.11 -31.22
N LYS Z 55 -2.15 -4.38 -31.08
CA LYS Z 55 -2.96 -4.87 -29.96
C LYS Z 55 -2.30 -4.59 -28.62
N THR Z 56 -3.09 -4.16 -27.65
CA THR Z 56 -2.58 -3.94 -26.32
C THR Z 56 -2.22 -5.29 -25.73
N GLY Z 57 -0.92 -5.55 -25.62
CA GLY Z 57 -0.45 -6.80 -25.04
C GLY Z 57 0.48 -7.47 -26.01
N VAL Z 58 0.86 -6.73 -27.04
CA VAL Z 58 1.74 -7.25 -28.06
C VAL Z 58 3.07 -6.51 -28.04
N PRO Z 59 4.16 -7.29 -27.94
CA PRO Z 59 5.53 -6.80 -27.90
C PRO Z 59 5.85 -5.85 -29.06
N SER Z 60 6.84 -4.99 -28.84
CA SER Z 60 7.07 -3.84 -29.69
C SER Z 60 7.93 -4.14 -30.92
N ARG Z 61 8.39 -5.38 -31.03
CA ARG Z 61 9.17 -5.79 -32.18
C ARG Z 61 8.27 -5.96 -33.40
N PHE Z 62 6.97 -6.12 -33.16
CA PHE Z 62 5.99 -6.28 -34.23
C PHE Z 62 5.44 -4.92 -34.68
N ARG Z 63 5.74 -4.56 -35.92
CA ARG Z 63 5.12 -3.39 -36.51
C ARG Z 63 4.46 -3.82 -37.82
N GLY Z 64 3.54 -3.01 -38.28
CA GLY Z 64 2.90 -3.23 -39.56
C GLY Z 64 2.82 -1.91 -40.28
N SER Z 65 2.89 -1.95 -41.60
CA SER Z 65 2.69 -0.75 -42.41
C SER Z 65 2.03 -1.18 -43.70
N GLY Z 66 1.65 -0.22 -44.53
CA GLY Z 66 1.02 -0.53 -45.80
C GLY Z 66 -0.16 0.35 -46.11
N SER Z 67 -0.34 0.62 -47.39
CA SER Z 67 -1.21 1.71 -47.81
C SER Z 67 -2.59 1.28 -48.30
N GLY Z 68 -2.62 0.58 -49.43
CA GLY Z 68 -3.87 0.31 -50.11
C GLY Z 68 -3.92 -1.06 -50.73
N THR Z 69 -2.90 -1.43 -51.48
CA THR Z 69 -2.85 -2.74 -52.12
C THR Z 69 -1.61 -3.52 -51.73
N ASP Z 70 -0.67 -2.84 -51.09
CA ASP Z 70 0.57 -3.47 -50.67
C ASP Z 70 0.80 -3.32 -49.16
N PHE Z 71 1.00 -4.45 -48.48
CA PHE Z 71 1.17 -4.45 -47.03
C PHE Z 71 2.45 -5.13 -46.52
N THR Z 72 2.93 -4.68 -45.35
CA THR Z 72 4.21 -5.10 -44.78
C THR Z 72 4.14 -5.44 -43.30
N PHE Z 73 4.48 -6.68 -42.95
CA PHE Z 73 4.62 -7.09 -41.55
C PHE Z 73 6.09 -7.23 -41.16
N THR Z 74 6.52 -6.47 -40.17
CA THR Z 74 7.92 -6.49 -39.77
C THR Z 74 8.08 -6.94 -38.33
N ILE Z 75 8.95 -7.92 -38.12
CA ILE Z 75 9.49 -8.16 -36.78
C ILE Z 75 10.90 -7.56 -36.76
N SER Z 76 11.19 -6.75 -35.75
CA SER Z 76 12.45 -5.97 -35.69
C SER Z 76 13.65 -6.77 -35.18
N SER Z 77 13.43 -7.56 -34.13
CA SER Z 77 14.42 -8.54 -33.65
C SER Z 77 13.69 -9.81 -33.26
N LEU Z 78 13.95 -10.88 -34.00
CA LEU Z 78 13.25 -12.14 -33.80
C LEU Z 78 13.49 -12.70 -32.40
N GLN Z 79 12.55 -13.52 -31.93
CA GLN Z 79 12.70 -14.28 -30.70
C GLN Z 79 12.17 -15.70 -30.93
N PRO Z 80 12.69 -16.69 -30.20
CA PRO Z 80 12.30 -18.09 -30.44
C PRO Z 80 10.91 -18.46 -29.93
N GLU Z 81 10.14 -17.45 -29.54
CA GLU Z 81 8.72 -17.63 -29.22
C GLU Z 81 7.88 -17.16 -30.41
N ASP Z 82 8.52 -16.38 -31.30
CA ASP Z 82 7.90 -15.82 -32.49
C ASP Z 82 7.89 -16.79 -33.67
N ILE Z 83 8.35 -18.00 -33.44
CA ILE Z 83 8.25 -19.04 -34.46
C ILE Z 83 6.80 -19.53 -34.52
N ALA Z 84 6.12 -19.18 -35.60
CA ALA Z 84 4.73 -19.53 -35.81
C ALA Z 84 4.42 -19.49 -37.30
N THR Z 85 3.14 -19.42 -37.65
CA THR Z 85 2.72 -19.13 -39.02
C THR Z 85 1.99 -17.78 -39.03
N TYR Z 86 2.15 -17.01 -40.10
CA TYR Z 86 1.55 -15.68 -40.13
C TYR Z 86 0.52 -15.44 -41.23
N TYR Z 87 -0.55 -14.72 -40.90
CA TYR Z 87 -1.63 -14.49 -41.87
C TYR Z 87 -2.06 -13.03 -41.95
N CYS Z 88 -2.41 -12.62 -43.17
CA CYS Z 88 -3.10 -11.36 -43.39
C CYS Z 88 -4.55 -11.66 -43.73
N GLN Z 89 -5.42 -10.69 -43.45
CA GLN Z 89 -6.85 -10.83 -43.61
C GLN Z 89 -7.43 -9.45 -43.86
N GLN Z 90 -8.39 -9.36 -44.77
CA GLN Z 90 -8.99 -8.08 -45.13
C GLN Z 90 -10.43 -8.03 -44.66
N TYR Z 91 -10.99 -6.84 -44.55
CA TYR Z 91 -12.41 -6.73 -44.78
C TYR Z 91 -12.67 -5.83 -46.00
N ASP Z 92 -13.18 -4.62 -45.81
CA ASP Z 92 -13.51 -3.74 -46.95
C ASP Z 92 -14.60 -4.31 -47.85
N ASN Z 93 -14.27 -5.41 -48.53
CA ASN Z 93 -15.18 -6.16 -49.39
C ASN Z 93 -15.68 -7.30 -48.53
N LEU Z 94 -16.66 -8.04 -49.01
CA LEU Z 94 -17.20 -9.13 -48.20
C LEU Z 94 -17.23 -10.52 -48.86
N PRO Z 95 -16.06 -11.09 -49.15
CA PRO Z 95 -16.24 -12.53 -48.99
C PRO Z 95 -15.48 -12.93 -47.73
N ILE Z 96 -14.69 -12.00 -47.19
CA ILE Z 96 -13.69 -12.23 -46.12
C ILE Z 96 -12.63 -13.26 -46.47
N THR Z 97 -11.54 -12.78 -47.04
CA THR Z 97 -10.45 -13.66 -47.43
C THR Z 97 -9.20 -13.48 -46.57
N PHE Z 98 -8.36 -14.50 -46.56
CA PHE Z 98 -7.11 -14.52 -45.81
C PHE Z 98 -5.90 -14.63 -46.75
N GLY Z 99 -4.68 -14.49 -46.21
CA GLY Z 99 -3.49 -14.85 -46.95
C GLY Z 99 -3.31 -16.36 -46.96
N GLN Z 100 -2.23 -16.85 -47.55
CA GLN Z 100 -1.96 -18.29 -47.58
C GLN Z 100 -1.03 -18.70 -46.44
N GLY Z 101 -0.67 -17.74 -45.60
CA GLY Z 101 0.25 -17.96 -44.50
C GLY Z 101 1.69 -17.56 -44.79
N THR Z 102 2.51 -17.50 -43.74
CA THR Z 102 3.97 -17.42 -43.90
C THR Z 102 4.63 -18.10 -42.72
N ARG Z 103 5.29 -19.22 -43.00
CA ARG Z 103 5.85 -20.07 -41.96
C ARG Z 103 7.25 -19.63 -41.54
N LEU Z 104 7.47 -19.57 -40.23
CA LEU Z 104 8.76 -19.19 -39.66
C LEU Z 104 9.46 -20.37 -38.96
N GLU Z 105 10.74 -20.55 -39.30
CA GLU Z 105 11.62 -21.47 -38.63
C GLU Z 105 12.97 -20.76 -38.49
N ILE Z 106 13.90 -21.32 -37.72
CA ILE Z 106 15.14 -20.58 -37.44
C ILE Z 106 16.36 -21.12 -38.20
N LYS Z 107 17.21 -20.19 -38.66
CA LYS Z 107 18.46 -20.51 -39.34
C LYS Z 107 19.48 -20.99 -38.33
N ARG Z 108 19.91 -22.24 -38.50
CA ARG Z 108 21.02 -22.80 -37.76
C ARG Z 108 21.88 -23.49 -38.80
N THR Z 109 23.00 -24.08 -38.35
CA THR Z 109 23.88 -24.80 -39.26
C THR Z 109 23.30 -26.18 -39.57
N VAL Z 110 23.85 -26.87 -40.57
CA VAL Z 110 23.28 -28.17 -40.99
C VAL Z 110 23.30 -29.20 -39.85
N ALA Z 111 22.62 -30.32 -40.04
CA ALA Z 111 22.57 -31.34 -39.02
C ALA Z 111 22.66 -32.76 -39.59
N ALA Z 112 22.64 -33.74 -38.68
CA ALA Z 112 22.90 -35.11 -39.06
C ALA Z 112 21.73 -36.00 -38.68
N PRO Z 113 21.03 -36.51 -39.71
CA PRO Z 113 19.96 -37.51 -39.52
C PRO Z 113 20.45 -38.81 -38.87
N SER Z 114 20.46 -38.84 -37.54
CA SER Z 114 20.86 -40.03 -36.80
C SER Z 114 19.77 -41.10 -36.92
N VAL Z 115 19.94 -42.00 -37.89
CA VAL Z 115 18.88 -42.93 -38.30
C VAL Z 115 18.78 -44.22 -37.50
N PHE Z 116 17.58 -44.53 -37.00
CA PHE Z 116 17.36 -45.76 -36.26
C PHE Z 116 16.08 -46.48 -36.68
N VAL Z 132 6.52 -50.62 -41.43
CA VAL Z 132 8.00 -50.65 -41.43
C VAL Z 132 8.61 -49.32 -40.95
N VAL Z 133 9.13 -49.34 -39.71
CA VAL Z 133 9.37 -48.13 -38.91
C VAL Z 133 10.77 -47.48 -38.99
N CYS Z 134 11.05 -46.68 -40.02
CA CYS Z 134 12.38 -46.04 -40.18
C CYS Z 134 12.47 -44.56 -39.74
N LEU Z 135 13.33 -44.25 -38.77
CA LEU Z 135 13.40 -42.92 -38.15
C LEU Z 135 14.72 -42.17 -38.40
N LEU Z 136 14.60 -40.89 -38.73
CA LEU Z 136 15.73 -40.04 -39.13
C LEU Z 136 15.93 -38.94 -38.10
N ASN Z 137 16.28 -39.33 -36.88
CA ASN Z 137 16.19 -38.47 -35.70
C ASN Z 137 17.14 -37.26 -35.61
N ASN Z 138 16.62 -36.15 -35.11
CA ASN Z 138 17.38 -34.94 -34.75
C ASN Z 138 18.24 -34.31 -35.86
N PHE Z 139 17.58 -33.69 -36.83
CA PHE Z 139 18.27 -33.11 -38.01
C PHE Z 139 17.81 -31.70 -38.46
N TYR Z 140 18.34 -31.26 -39.60
CA TYR Z 140 18.07 -29.92 -40.14
C TYR Z 140 18.68 -29.75 -41.54
N PRO Z 141 17.95 -29.11 -42.48
CA PRO Z 141 16.56 -28.66 -42.37
C PRO Z 141 15.61 -29.68 -42.99
N ARG Z 142 14.30 -29.53 -42.75
CA ARG Z 142 13.31 -30.60 -42.93
C ARG Z 142 13.40 -31.52 -44.15
N GLU Z 143 13.93 -31.02 -45.27
CA GLU Z 143 13.93 -31.78 -46.53
C GLU Z 143 14.85 -33.00 -46.43
N ALA Z 144 14.52 -34.06 -47.17
CA ALA Z 144 15.33 -35.29 -47.15
C ALA Z 144 15.34 -36.03 -48.48
N GLN Z 160 4.99 -43.92 -45.72
CA GLN Z 160 4.15 -42.85 -45.18
C GLN Z 160 4.96 -42.05 -44.17
N GLU Z 161 5.25 -40.79 -44.51
CA GLU Z 161 6.09 -39.98 -43.65
C GLU Z 161 5.30 -38.99 -42.81
N SER Z 162 5.88 -38.60 -41.68
CA SER Z 162 5.30 -37.62 -40.78
C SER Z 162 6.43 -36.87 -40.13
N VAL Z 163 6.36 -35.54 -40.17
CA VAL Z 163 7.46 -34.75 -39.64
C VAL Z 163 7.04 -33.95 -38.42
N THR Z 164 7.94 -33.88 -37.44
CA THR Z 164 7.66 -33.19 -36.20
C THR Z 164 7.99 -31.73 -36.40
N GLU Z 165 7.45 -30.88 -35.55
CA GLU Z 165 7.75 -29.46 -35.64
C GLU Z 165 9.17 -29.14 -35.17
N GLN Z 166 9.68 -28.00 -35.62
CA GLN Z 166 11.00 -27.52 -35.24
C GLN Z 166 11.03 -27.16 -33.76
N ASP Z 167 12.01 -27.69 -33.03
CA ASP Z 167 12.13 -27.51 -31.58
C ASP Z 167 12.53 -26.07 -31.18
N SER Z 168 12.34 -25.74 -29.91
CA SER Z 168 12.67 -24.41 -29.40
C SER Z 168 14.08 -24.40 -28.82
N LYS Z 169 14.53 -25.59 -28.42
CA LYS Z 169 15.78 -25.76 -27.68
C LYS Z 169 17.00 -25.95 -28.59
N ASP Z 170 16.92 -26.93 -29.50
CA ASP Z 170 18.03 -27.21 -30.43
C ASP Z 170 17.65 -27.07 -31.90
N SER Z 171 16.48 -26.50 -32.14
CA SER Z 171 15.99 -26.18 -33.49
C SER Z 171 16.12 -27.34 -34.48
N THR Z 172 15.53 -28.47 -34.11
CA THR Z 172 15.69 -29.68 -34.90
C THR Z 172 14.39 -30.38 -35.27
N TYR Z 173 14.43 -31.04 -36.40
CA TYR Z 173 13.33 -31.87 -36.86
C TYR Z 173 13.71 -33.33 -36.62
N SER Z 174 12.74 -34.22 -36.82
CA SER Z 174 12.95 -35.65 -36.68
C SER Z 174 11.84 -36.33 -37.45
N LEU Z 175 12.19 -37.18 -38.41
CA LEU Z 175 11.19 -37.74 -39.31
C LEU Z 175 10.69 -39.13 -38.88
N SER Z 176 9.54 -39.51 -39.44
CA SER Z 176 8.96 -40.81 -39.18
C SER Z 176 8.36 -41.40 -40.47
N SER Z 177 9.19 -42.10 -41.24
CA SER Z 177 8.68 -42.87 -42.37
C SER Z 177 8.17 -44.20 -41.85
N THR Z 178 6.99 -44.58 -42.31
CA THR Z 178 6.35 -45.81 -41.82
C THR Z 178 5.83 -46.69 -42.95
N VAL Z 196 17.64 -41.71 -48.29
CA VAL Z 196 18.13 -41.02 -47.09
C VAL Z 196 19.24 -40.04 -47.43
N THR Z 197 18.88 -38.90 -48.01
CA THR Z 197 19.90 -37.95 -48.48
C THR Z 197 19.69 -36.54 -47.93
N HIS Z 198 20.79 -35.78 -47.85
CA HIS Z 198 20.84 -34.59 -47.00
C HIS Z 198 22.23 -33.92 -47.12
N GLN Z 199 22.38 -32.72 -46.55
CA GLN Z 199 23.65 -31.98 -46.66
C GLN Z 199 24.70 -32.31 -45.59
N GLY Z 200 24.29 -33.00 -44.54
CA GLY Z 200 25.21 -33.37 -43.49
C GLY Z 200 26.11 -34.53 -43.87
N LEU Z 201 25.76 -35.23 -44.94
CA LEU Z 201 26.43 -36.48 -45.30
C LEU Z 201 26.95 -36.53 -46.73
N SER Z 202 27.32 -37.73 -47.15
CA SER Z 202 27.61 -38.02 -48.55
C SER Z 202 26.70 -39.16 -49.00
N SER Z 203 26.22 -39.90 -48.00
CA SER Z 203 25.58 -41.19 -48.24
C SER Z 203 24.55 -41.55 -47.16
N PRO Z 204 23.52 -42.31 -47.56
CA PRO Z 204 22.52 -42.91 -46.64
C PRO Z 204 23.17 -43.63 -45.46
N GLU AA 1 7.92 29.91 -36.71
CA GLU AA 1 6.65 29.74 -37.43
C GLU AA 1 6.49 30.72 -38.58
N VAL AA 2 6.34 32.00 -38.26
CA VAL AA 2 6.03 33.03 -39.28
C VAL AA 2 7.20 33.96 -39.69
N GLN AA 3 7.63 33.86 -40.94
CA GLN AA 3 8.80 34.60 -41.45
C GLN AA 3 8.39 35.80 -42.32
N LEU AA 4 9.10 36.93 -42.20
CA LEU AA 4 8.82 38.10 -43.04
C LEU AA 4 9.94 38.49 -44.01
N VAL AA 5 9.67 38.48 -45.31
CA VAL AA 5 10.70 38.86 -46.31
C VAL AA 5 10.48 40.24 -46.91
N GLU AA 6 11.39 41.16 -46.59
CA GLU AA 6 11.23 42.56 -47.00
C GLU AA 6 11.86 42.96 -48.33
N SER AA 7 11.28 43.97 -48.97
CA SER AA 7 11.76 44.48 -50.25
C SER AA 7 13.17 45.06 -50.12
N GLY AA 8 13.88 45.17 -51.23
CA GLY AA 8 15.22 45.71 -51.22
C GLY AA 8 15.21 47.19 -50.89
N ALA AA 9 16.33 47.69 -50.36
CA ALA AA 9 16.45 49.12 -50.03
C ALA AA 9 16.72 49.98 -51.26
N GLU AA 10 15.88 50.99 -51.46
CA GLU AA 10 15.99 51.84 -52.64
C GLU AA 10 16.33 53.26 -52.26
N VAL AA 11 16.56 54.08 -53.27
CA VAL AA 11 16.84 55.50 -53.08
C VAL AA 11 16.06 56.24 -54.14
N LYS AA 12 15.29 57.25 -53.75
CA LYS AA 12 14.42 57.95 -54.72
C LYS AA 12 14.59 59.47 -54.76
N LYS AA 13 14.53 60.04 -55.97
CA LYS AA 13 14.59 61.49 -56.18
C LYS AA 13 13.34 62.17 -55.63
N PRO AA 14 13.47 63.38 -55.07
CA PRO AA 14 12.31 64.06 -54.46
C PRO AA 14 11.16 64.32 -55.45
N GLY AA 15 10.00 63.74 -55.16
CA GLY AA 15 8.81 63.96 -55.98
C GLY AA 15 8.27 62.69 -56.60
N SER AA 16 9.06 61.62 -56.51
CA SER AA 16 8.69 60.37 -57.14
C SER AA 16 7.79 59.54 -56.23
N SER AA 17 7.96 58.22 -56.30
CA SER AA 17 7.17 57.30 -55.51
C SER AA 17 7.98 56.05 -55.26
N VAL AA 18 7.56 55.28 -54.26
CA VAL AA 18 8.23 54.02 -53.96
C VAL AA 18 7.25 52.96 -53.46
N LYS AA 19 7.53 51.69 -53.76
CA LYS AA 19 6.67 50.58 -53.41
C LYS AA 19 7.50 49.49 -52.75
N VAL AA 20 7.18 49.16 -51.51
CA VAL AA 20 7.95 48.14 -50.78
C VAL AA 20 7.10 46.91 -50.49
N SER AA 21 7.72 45.75 -50.35
CA SER AA 21 6.97 44.51 -50.26
C SER AA 21 7.21 43.70 -48.99
N CYS AA 22 6.14 43.18 -48.43
CA CYS AA 22 6.23 42.32 -47.25
C CYS AA 22 5.58 40.94 -47.47
N LYS AA 23 6.44 39.93 -47.57
CA LYS AA 23 6.00 38.57 -47.88
C LYS AA 23 6.08 37.71 -46.64
N ALA AA 24 4.94 37.53 -45.98
CA ALA AA 24 4.90 36.65 -44.83
C ALA AA 24 4.69 35.20 -45.27
N SER AA 25 5.33 34.27 -44.56
CA SER AA 25 5.24 32.85 -44.88
C SER AA 25 5.25 32.07 -43.59
N GLY AA 26 4.91 30.79 -43.69
CA GLY AA 26 4.82 29.93 -42.52
C GLY AA 26 3.41 29.97 -41.93
N GLY AA 27 2.51 30.62 -42.66
CA GLY AA 27 1.13 30.72 -42.23
C GLY AA 27 0.18 30.83 -43.41
N THR AA 28 -1.11 30.63 -43.14
CA THR AA 28 -2.14 30.76 -44.16
C THR AA 28 -2.71 32.20 -44.23
N PHE AA 29 -2.89 32.68 -45.46
CA PHE AA 29 -2.98 34.12 -45.78
C PHE AA 29 -3.92 34.97 -44.96
N ILE AA 30 -5.04 34.43 -44.53
CA ILE AA 30 -6.06 35.27 -43.91
C ILE AA 30 -5.83 35.49 -42.42
N THR AA 31 -4.87 34.76 -41.86
CA THR AA 31 -4.52 34.97 -40.46
C THR AA 31 -3.71 36.24 -40.35
N HIS AA 32 -2.98 36.57 -41.43
CA HIS AA 32 -2.05 37.68 -41.42
C HIS AA 32 -2.71 39.05 -41.26
N VAL AA 33 -1.97 39.97 -40.64
CA VAL AA 33 -2.25 41.40 -40.75
C VAL AA 33 -0.91 42.12 -40.80
N PHE AA 34 -0.66 42.74 -41.96
CA PHE AA 34 0.56 43.45 -42.25
C PHE AA 34 0.48 44.85 -41.68
N THR AA 35 1.57 45.32 -41.09
CA THR AA 35 1.66 46.70 -40.68
C THR AA 35 3.03 47.26 -41.05
N TRP AA 36 3.08 48.56 -41.31
CA TRP AA 36 4.33 49.22 -41.69
C TRP AA 36 4.64 50.34 -40.72
N VAL AA 37 5.75 50.20 -40.00
CA VAL AA 37 6.27 51.28 -39.14
C VAL AA 37 7.63 51.81 -39.65
N ARG AA 38 7.71 53.11 -39.90
CA ARG AA 38 8.95 53.72 -40.36
C ARG AA 38 9.63 54.41 -39.19
N GLN AA 39 10.94 54.57 -39.30
CA GLN AA 39 11.74 55.20 -38.24
C GLN AA 39 12.81 56.16 -38.77
N ALA AA 40 12.56 57.46 -38.62
CA ALA AA 40 13.50 58.49 -39.06
C ALA AA 40 14.82 58.39 -38.30
N PRO AA 41 15.98 58.50 -39.02
CA PRO AA 41 17.25 58.09 -38.40
C PRO AA 41 17.52 58.79 -37.07
N GLY AA 42 17.65 58.00 -36.01
CA GLY AA 42 17.88 58.58 -34.70
C GLY AA 42 16.61 59.05 -34.04
N GLN AA 43 15.58 59.38 -34.82
CA GLN AA 43 14.28 59.71 -34.24
C GLN AA 43 13.52 58.43 -33.94
N GLY AA 44 12.27 58.56 -33.50
CA GLY AA 44 11.51 57.39 -33.06
C GLY AA 44 10.76 56.61 -34.12
N LEU AA 45 9.82 55.78 -33.66
CA LEU AA 45 8.96 54.94 -34.51
C LEU AA 45 7.66 55.62 -34.92
N GLU AA 46 7.37 55.63 -36.23
CA GLU AA 46 6.11 56.20 -36.72
C GLU AA 46 5.27 55.17 -37.47
N TRP AA 47 4.01 55.01 -37.06
CA TRP AA 47 3.13 54.12 -37.78
C TRP AA 47 2.65 54.74 -39.09
N VAL AA 48 2.97 54.08 -40.20
CA VAL AA 48 2.45 54.49 -41.49
C VAL AA 48 1.17 53.76 -41.77
N GLY AA 49 1.28 52.49 -42.15
CA GLY AA 49 0.15 51.81 -42.71
C GLY AA 49 -0.31 50.56 -42.00
N GLY AA 50 -1.37 49.99 -42.55
CA GLY AA 50 -1.80 48.67 -42.16
C GLY AA 50 -2.62 48.03 -43.27
N PHE AA 51 -2.79 46.73 -43.17
CA PHE AA 51 -3.66 46.00 -44.08
C PHE AA 51 -4.11 44.71 -43.43
N ILE AA 52 -5.41 44.57 -43.26
CA ILE AA 52 -5.98 43.36 -42.68
C ILE AA 52 -6.40 42.36 -43.76
N ALA AA 53 -5.86 41.16 -43.68
CA ALA AA 53 -6.07 40.16 -44.72
C ALA AA 53 -7.51 39.71 -44.79
N ILE AA 54 -8.08 39.28 -43.66
CA ILE AA 54 -9.44 38.73 -43.71
C ILE AA 54 -10.50 39.66 -44.35
N PHE AA 55 -10.37 40.97 -44.13
CA PHE AA 55 -11.30 41.95 -44.67
C PHE AA 55 -10.92 42.47 -46.04
N GLY AA 56 -9.62 42.59 -46.30
CA GLY AA 56 -9.17 43.22 -47.53
C GLY AA 56 -9.06 44.73 -47.34
N THR AA 57 -9.36 45.19 -46.11
CA THR AA 57 -9.30 46.62 -45.79
C THR AA 57 -7.89 47.05 -45.36
N SER AA 58 -7.54 48.30 -45.65
CA SER AA 58 -6.27 48.85 -45.21
C SER AA 58 -6.48 50.18 -44.50
N ASN AA 59 -5.60 50.54 -43.56
CA ASN AA 59 -5.70 51.83 -42.86
C ASN AA 59 -4.44 52.69 -42.92
N TYR AA 60 -4.64 54.00 -42.86
CA TYR AA 60 -3.54 54.95 -42.93
C TYR AA 60 -3.51 55.86 -41.71
N ALA AA 61 -2.47 56.67 -41.61
CA ALA AA 61 -2.49 57.79 -40.69
C ALA AA 61 -2.86 59.04 -41.49
N GLN AA 62 -3.71 59.90 -40.93
CA GLN AA 62 -4.24 61.05 -41.66
C GLN AA 62 -3.10 61.96 -42.11
N LYS AA 63 -1.95 61.83 -41.46
CA LYS AA 63 -0.71 62.49 -41.90
C LYS AA 63 -0.38 62.14 -43.35
N PHE AA 64 -0.53 60.87 -43.71
CA PHE AA 64 -0.19 60.41 -45.05
C PHE AA 64 -1.37 60.47 -46.03
N GLN AA 65 -2.51 61.00 -45.55
CA GLN AA 65 -3.72 61.08 -46.35
C GLN AA 65 -3.47 61.76 -47.68
N GLY AA 66 -3.80 61.03 -48.75
CA GLY AA 66 -3.56 61.49 -50.09
C GLY AA 66 -2.39 60.76 -50.72
N ARG AA 67 -1.40 60.41 -49.90
CA ARG AA 67 -0.10 59.96 -50.41
C ARG AA 67 0.10 58.44 -50.51
N VAL AA 68 -0.49 57.69 -49.57
CA VAL AA 68 -0.21 56.25 -49.44
C VAL AA 68 -1.31 55.34 -50.00
N THR AA 69 -0.91 54.26 -50.68
CA THR AA 69 -1.84 53.28 -51.26
C THR AA 69 -1.43 51.83 -50.91
N ILE AA 70 -2.27 51.11 -50.18
CA ILE AA 70 -1.86 49.77 -49.70
C ILE AA 70 -2.63 48.56 -50.28
N THR AA 71 -1.90 47.71 -50.99
CA THR AA 71 -2.50 46.57 -51.65
C THR AA 71 -2.01 45.24 -51.05
N ALA AA 72 -2.52 44.12 -51.58
CA ALA AA 72 -2.00 42.78 -51.26
C ALA AA 72 -2.33 41.76 -52.35
N ASP AA 73 -1.85 40.54 -52.15
CA ASP AA 73 -1.94 39.53 -53.19
C ASP AA 73 -1.92 38.21 -52.47
N GLU AA 74 -2.80 37.30 -52.85
CA GLU AA 74 -3.06 36.16 -52.00
C GLU AA 74 -2.20 34.97 -52.36
N SER AA 75 -1.97 34.77 -53.66
CA SER AA 75 -1.15 33.65 -54.08
C SER AA 75 0.29 33.85 -53.58
N THR AA 76 0.69 35.13 -53.51
CA THR AA 76 2.03 35.50 -53.06
C THR AA 76 2.15 35.59 -51.56
N SER AA 77 1.02 35.81 -50.90
CA SER AA 77 0.96 36.19 -49.48
C SER AA 77 1.87 37.40 -49.16
N THR AA 78 1.91 38.35 -50.08
CA THR AA 78 2.82 39.50 -50.04
C THR AA 78 2.05 40.83 -50.05
N ALA AA 79 2.14 41.64 -49.01
CA ALA AA 79 1.44 42.94 -49.02
C ALA AA 79 2.31 44.07 -49.59
N TYR AA 80 1.70 45.16 -50.05
CA TYR AA 80 2.49 46.24 -50.63
C TYR AA 80 2.12 47.65 -50.12
N MET AA 81 3.16 48.40 -49.74
CA MET AA 81 3.03 49.76 -49.23
C MET AA 81 3.63 50.71 -50.25
N GLU AA 82 2.79 51.62 -50.77
CA GLU AA 82 3.23 52.57 -51.81
C GLU AA 82 3.09 54.00 -51.34
N LEU AA 83 4.20 54.74 -51.43
CA LEU AA 83 4.22 56.11 -50.97
C LEU AA 83 4.66 57.03 -52.09
N THR AA 84 3.91 58.10 -52.35
CA THR AA 84 4.20 58.98 -53.47
C THR AA 84 4.65 60.36 -53.02
N SER AA 85 4.89 61.24 -54.00
CA SER AA 85 5.17 62.65 -53.74
C SER AA 85 6.24 62.81 -52.65
N LEU AA 86 7.34 62.10 -52.82
CA LEU AA 86 8.36 61.94 -51.78
C LEU AA 86 9.15 63.20 -51.42
N THR AA 87 9.42 63.38 -50.12
CA THR AA 87 10.29 64.44 -49.62
C THR AA 87 11.45 63.81 -48.82
N SER AA 88 12.37 64.63 -48.36
CA SER AA 88 13.51 64.12 -47.58
C SER AA 88 13.08 63.82 -46.14
N GLU AA 89 11.85 64.22 -45.81
CA GLU AA 89 11.25 63.97 -44.50
C GLU AA 89 10.71 62.56 -44.42
N ASP AA 90 10.63 61.92 -45.59
CA ASP AA 90 10.21 60.52 -45.69
C ASP AA 90 11.42 59.63 -45.77
N THR AA 91 12.62 60.20 -45.74
CA THR AA 91 13.82 59.36 -45.68
C THR AA 91 13.78 58.63 -44.36
N ALA AA 92 13.59 57.32 -44.42
CA ALA AA 92 13.47 56.53 -43.20
C ALA AA 92 13.71 55.06 -43.45
N VAL AA 93 13.80 54.31 -42.36
CA VAL AA 93 13.80 52.85 -42.46
C VAL AA 93 12.40 52.36 -42.25
N TYR AA 94 11.92 51.58 -43.20
CA TYR AA 94 10.55 51.11 -43.16
C TYR AA 94 10.50 49.65 -42.65
N TYR AA 95 9.85 49.45 -41.50
CA TYR AA 95 9.76 48.13 -40.86
C TYR AA 95 8.43 47.45 -41.16
N CYS AA 96 8.47 46.27 -41.77
CA CYS AA 96 7.25 45.49 -41.84
C CYS AA 96 7.06 44.63 -40.60
N ALA AA 97 5.83 44.59 -40.10
CA ALA AA 97 5.51 43.80 -38.94
C ALA AA 97 4.14 43.13 -39.10
N ARG AA 98 4.00 41.91 -38.58
CA ARG AA 98 2.73 41.20 -38.55
C ARG AA 98 2.04 41.43 -37.22
N GLY AA 99 0.84 42.01 -37.28
CA GLY AA 99 0.13 42.38 -36.07
C GLY AA 99 -0.94 41.36 -35.79
N ILE AA 100 -1.88 41.72 -34.92
CA ILE AA 100 -3.01 40.85 -34.72
C ILE AA 100 -4.29 41.65 -34.90
N SER AA 101 -5.40 40.94 -35.10
CA SER AA 101 -6.73 41.54 -35.15
C SER AA 101 -7.01 42.47 -36.33
N GLY AA 102 -8.17 43.13 -36.26
CA GLY AA 102 -8.50 44.18 -37.18
C GLY AA 102 -8.30 45.53 -36.53
N SER AA 103 -7.89 45.51 -35.26
CA SER AA 103 -7.51 46.73 -34.56
C SER AA 103 -5.99 46.92 -34.55
N TYR AA 104 -5.28 46.09 -35.30
CA TYR AA 104 -3.81 46.01 -35.32
C TYR AA 104 -3.29 45.81 -33.91
N GLY AA 105 -2.89 44.61 -33.58
CA GLY AA 105 -2.70 44.38 -32.16
C GLY AA 105 -1.34 44.80 -31.66
N TRP AA 106 -0.47 43.81 -31.57
CA TRP AA 106 0.89 44.01 -31.19
C TRP AA 106 1.63 43.46 -32.36
N PHE AA 107 2.83 43.95 -32.59
CA PHE AA 107 3.56 43.54 -33.76
C PHE AA 107 4.59 42.53 -33.29
N ASP AA 108 4.45 41.28 -33.71
CA ASP AA 108 5.23 40.22 -33.09
C ASP AA 108 6.43 39.74 -33.89
N PRO AA 109 6.24 39.51 -35.20
CA PRO AA 109 7.43 39.48 -36.06
C PRO AA 109 7.61 40.86 -36.70
N TRP AA 110 8.84 41.35 -36.74
CA TRP AA 110 9.18 42.57 -37.45
C TRP AA 110 10.17 42.17 -38.53
N GLY AA 111 10.21 42.92 -39.62
CA GLY AA 111 11.16 42.62 -40.68
C GLY AA 111 12.50 43.20 -40.29
N GLN AA 112 13.56 42.87 -41.02
CA GLN AA 112 14.86 43.46 -40.72
C GLN AA 112 14.92 44.95 -41.07
N GLY AA 113 13.85 45.46 -41.66
CA GLY AA 113 13.77 46.86 -42.04
C GLY AA 113 14.11 47.15 -43.49
N THR AA 114 13.65 48.29 -44.00
CA THR AA 114 13.98 48.70 -45.36
C THR AA 114 14.31 50.20 -45.45
N LEU AA 115 15.43 50.52 -46.11
CA LEU AA 115 15.98 51.87 -46.15
C LEU AA 115 15.51 52.66 -47.37
N VAL AA 116 14.71 53.68 -47.11
CA VAL AA 116 14.22 54.54 -48.16
C VAL AA 116 14.90 55.89 -48.05
N THR AA 117 15.72 56.19 -49.03
CA THR AA 117 16.54 57.40 -48.99
C THR AA 117 16.08 58.38 -50.07
N VAL AA 118 15.62 59.56 -49.64
CA VAL AA 118 15.09 60.56 -50.56
C VAL AA 118 15.96 61.81 -50.60
N SER AA 119 16.86 61.86 -51.56
CA SER AA 119 17.77 62.99 -51.69
C SER AA 119 17.98 63.28 -53.16
N SER AA 120 18.06 64.56 -53.50
CA SER AA 120 18.15 65.02 -54.89
C SER AA 120 19.41 64.53 -55.61
N ALA AA 121 20.12 63.58 -55.03
CA ALA AA 121 21.54 63.47 -55.31
C ALA AA 121 22.11 62.15 -55.84
N SER AA 122 23.43 62.09 -55.75
CA SER AA 122 24.27 61.30 -56.65
C SER AA 122 24.87 60.07 -56.01
N THR AA 123 24.41 58.90 -56.44
CA THR AA 123 24.94 57.62 -55.98
C THR AA 123 26.42 57.40 -56.37
N LYS AA 124 27.34 57.75 -55.47
CA LYS AA 124 28.78 57.53 -55.64
C LYS AA 124 29.52 57.18 -54.34
N GLY AA 125 30.66 56.50 -54.46
CA GLY AA 125 31.47 56.09 -53.33
C GLY AA 125 32.21 57.21 -52.60
N PRO AA 126 33.05 56.83 -51.63
CA PRO AA 126 33.67 57.78 -50.70
C PRO AA 126 35.07 58.22 -51.13
N SER AA 127 35.46 59.42 -50.69
CA SER AA 127 36.85 59.85 -50.74
C SER AA 127 37.48 59.37 -49.42
N VAL AA 128 38.51 58.52 -49.48
CA VAL AA 128 39.17 58.08 -48.23
C VAL AA 128 40.50 58.80 -47.94
N PHE AA 129 40.47 59.66 -46.92
CA PHE AA 129 41.62 60.42 -46.44
C PHE AA 129 42.18 59.77 -45.18
N PRO AA 130 43.52 59.61 -45.12
CA PRO AA 130 44.14 59.14 -43.89
C PRO AA 130 44.06 60.20 -42.80
N LEU AA 131 44.08 59.77 -41.54
CA LEU AA 131 44.18 60.68 -40.41
C LEU AA 131 45.37 60.28 -39.56
N ALA AA 132 46.40 61.13 -39.52
CA ALA AA 132 47.73 60.72 -39.06
C ALA AA 132 48.05 61.10 -37.61
N PRO AA 133 48.80 60.23 -36.92
CA PRO AA 133 49.25 60.46 -35.52
C PRO AA 133 50.69 61.01 -35.36
N SER AA 134 50.99 61.56 -34.17
CA SER AA 134 52.38 61.87 -33.77
C SER AA 134 52.63 61.66 -32.28
N GLY AA 141 51.02 57.56 -23.69
CA GLY AA 141 51.69 56.31 -24.03
C GLY AA 141 51.07 55.69 -25.27
N THR AA 142 49.79 55.99 -25.47
CA THR AA 142 49.05 55.55 -26.65
C THR AA 142 48.84 56.74 -27.59
N ALA AA 143 48.54 56.43 -28.87
CA ALA AA 143 48.40 57.46 -29.91
C ALA AA 143 47.31 57.12 -30.91
N ALA AA 144 46.43 58.09 -31.18
CA ALA AA 144 45.26 57.88 -32.02
C ALA AA 144 45.47 58.16 -33.51
N LEU AA 145 44.91 57.29 -34.34
CA LEU AA 145 44.98 57.40 -35.79
C LEU AA 145 43.66 56.98 -36.38
N GLY AA 146 43.37 57.38 -37.62
CA GLY AA 146 42.11 57.03 -38.22
C GLY AA 146 42.04 57.00 -39.73
N CYS AA 147 40.89 56.58 -40.24
CA CYS AA 147 40.55 56.72 -41.64
C CYS AA 147 39.33 57.62 -41.70
N LEU AA 148 39.46 58.76 -42.36
CA LEU AA 148 38.30 59.59 -42.64
C LEU AA 148 37.67 59.07 -43.94
N VAL AA 149 36.33 58.99 -43.95
CA VAL AA 149 35.59 58.45 -45.09
C VAL AA 149 34.57 59.47 -45.60
N LYS AA 150 35.04 60.40 -46.44
CA LYS AA 150 34.29 61.61 -46.77
C LYS AA 150 33.46 61.51 -48.04
N ASP AA 151 32.33 62.23 -48.05
CA ASP AA 151 31.62 62.58 -49.29
C ASP AA 151 31.06 61.39 -50.10
N TYR AA 152 30.12 60.66 -49.53
CA TYR AA 152 29.53 59.52 -50.24
C TYR AA 152 28.00 59.53 -50.21
N PHE AA 153 27.41 58.75 -51.12
CA PHE AA 153 25.97 58.62 -51.22
C PHE AA 153 25.60 57.35 -51.97
N PRO AA 154 24.56 56.64 -51.51
CA PRO AA 154 23.87 56.92 -50.25
C PRO AA 154 24.37 55.98 -49.17
N GLU AA 155 23.48 55.53 -48.28
CA GLU AA 155 23.91 54.98 -47.00
C GLU AA 155 24.58 53.57 -46.95
N PRO AA 156 24.42 52.88 -45.81
CA PRO AA 156 25.57 52.46 -45.01
C PRO AA 156 26.88 52.02 -45.70
N VAL AA 157 27.98 52.29 -44.98
CA VAL AA 157 29.34 51.85 -45.33
C VAL AA 157 29.92 50.86 -44.27
N THR AA 158 30.73 49.90 -44.72
CA THR AA 158 31.47 49.05 -43.79
C THR AA 158 32.96 49.45 -43.74
N VAL AA 159 33.50 49.58 -42.53
CA VAL AA 159 34.92 49.93 -42.35
C VAL AA 159 35.62 48.91 -41.45
N SER AA 160 36.52 48.14 -42.04
CA SER AA 160 37.29 47.14 -41.30
C SER AA 160 38.77 47.56 -41.25
N TRP AA 161 39.55 46.81 -40.49
CA TRP AA 161 40.93 47.19 -40.23
C TRP AA 161 41.85 45.97 -40.24
N ASN AA 162 43.04 46.12 -40.83
CA ASN AA 162 43.93 44.99 -41.10
C ASN AA 162 43.19 43.85 -41.80
N SER AA 163 42.20 44.22 -42.60
CA SER AA 163 41.26 43.27 -43.19
C SER AA 163 40.55 42.48 -42.08
N GLY AA 164 40.06 43.19 -41.07
CA GLY AA 164 39.27 42.58 -40.01
C GLY AA 164 40.08 41.88 -38.93
N ALA AA 165 41.41 41.87 -39.11
CA ALA AA 165 42.30 41.27 -38.15
C ALA AA 165 42.40 42.14 -36.89
N LEU AA 166 42.61 43.44 -37.10
CA LEU AA 166 42.59 44.38 -35.98
C LEU AA 166 41.17 44.57 -35.44
N THR AA 167 40.79 43.63 -34.58
CA THR AA 167 39.50 43.66 -33.92
C THR AA 167 39.43 44.82 -32.94
N SER AA 168 40.32 44.79 -31.95
CA SER AA 168 40.15 45.52 -30.70
C SER AA 168 40.51 47.01 -30.73
N GLY AA 169 39.79 47.79 -29.92
CA GLY AA 169 40.07 49.20 -29.71
C GLY AA 169 39.55 50.20 -30.74
N VAL AA 170 38.93 49.68 -31.80
CA VAL AA 170 38.39 50.51 -32.89
C VAL AA 170 37.12 51.26 -32.50
N HIS AA 171 36.78 52.26 -33.30
CA HIS AA 171 35.63 53.12 -33.02
C HIS AA 171 35.14 53.79 -34.31
N THR AA 172 34.28 53.10 -35.05
CA THR AA 172 33.77 53.60 -36.34
C THR AA 172 32.50 54.42 -36.15
N PHE AA 173 32.54 55.68 -36.55
CA PHE AA 173 31.51 56.63 -36.13
C PHE AA 173 30.20 56.58 -36.92
N PRO AA 174 29.09 56.89 -36.24
CA PRO AA 174 27.82 57.21 -36.92
C PRO AA 174 28.10 58.28 -37.97
N ALA AA 175 27.73 58.03 -39.22
CA ALA AA 175 27.92 59.05 -40.24
C ALA AA 175 27.02 60.28 -40.02
N VAL AA 176 27.27 61.33 -40.81
CA VAL AA 176 26.52 62.58 -40.71
C VAL AA 176 26.17 63.08 -42.11
N LEU AA 177 25.02 63.74 -42.22
CA LEU AA 177 24.61 64.32 -43.49
C LEU AA 177 25.21 65.71 -43.63
N GLN AA 178 26.04 65.89 -44.64
CA GLN AA 178 26.58 67.20 -44.93
C GLN AA 178 25.52 68.06 -45.59
N SER AA 179 25.78 69.35 -45.64
CA SER AA 179 24.95 70.29 -46.36
C SER AA 179 25.10 70.08 -47.87
N SER AA 180 26.06 69.25 -48.28
CA SER AA 180 26.28 68.95 -49.69
C SER AA 180 25.12 68.15 -50.23
N GLY AA 181 24.41 67.51 -49.30
CA GLY AA 181 23.48 66.45 -49.65
C GLY AA 181 24.13 65.09 -49.42
N LEU AA 182 25.44 65.09 -49.16
CA LEU AA 182 26.21 63.85 -49.04
C LEU AA 182 26.58 63.52 -47.59
N TYR AA 183 26.98 62.27 -47.37
CA TYR AA 183 27.35 61.83 -46.03
C TYR AA 183 28.87 61.79 -45.84
N SER AA 184 29.30 61.89 -44.59
CA SER AA 184 30.69 61.62 -44.21
C SER AA 184 30.76 60.98 -42.83
N LEU AA 185 31.96 60.61 -42.41
CA LEU AA 185 32.15 59.64 -41.34
C LEU AA 185 33.64 59.49 -41.15
N SER AA 186 34.06 59.08 -39.95
CA SER AA 186 35.47 58.77 -39.74
C SER AA 186 35.61 57.68 -38.68
N SER AA 187 36.57 56.79 -38.88
CA SER AA 187 36.81 55.69 -37.96
C SER AA 187 38.21 55.79 -37.38
N VAL AA 188 38.35 55.50 -36.09
CA VAL AA 188 39.63 55.66 -35.40
C VAL AA 188 39.99 54.45 -34.57
N VAL AA 189 41.29 54.16 -34.47
CA VAL AA 189 41.82 53.22 -33.46
C VAL AA 189 42.75 54.00 -32.56
N THR AA 190 42.81 53.63 -31.29
CA THR AA 190 43.88 54.14 -30.43
C THR AA 190 44.96 53.05 -30.37
N VAL AA 191 46.21 53.47 -30.47
CA VAL AA 191 47.31 52.55 -30.71
C VAL AA 191 48.55 52.97 -29.93
N PRO AA 192 49.08 52.07 -29.09
CA PRO AA 192 50.40 52.25 -28.46
C PRO AA 192 51.50 52.30 -29.51
N SER AA 193 52.34 53.33 -29.46
CA SER AA 193 53.33 53.60 -30.51
C SER AA 193 54.46 52.55 -30.61
N SER AA 194 54.51 51.66 -29.62
CA SER AA 194 55.47 50.55 -29.62
C SER AA 194 55.14 49.50 -30.67
N SER AA 195 54.14 49.83 -31.50
CA SER AA 195 53.73 49.03 -32.63
C SER AA 195 53.71 49.94 -33.84
N LEU AA 196 53.68 51.24 -33.56
CA LEU AA 196 53.45 52.26 -34.59
C LEU AA 196 54.52 52.23 -35.67
N GLY AA 197 55.63 51.58 -35.37
CA GLY AA 197 56.65 51.26 -36.35
C GLY AA 197 56.65 49.77 -36.63
N THR AA 198 56.29 48.97 -35.63
CA THR AA 198 56.42 47.52 -35.74
C THR AA 198 55.30 46.80 -36.52
N GLN AA 199 54.14 47.46 -36.62
CA GLN AA 199 52.93 46.85 -37.20
C GLN AA 199 52.20 47.85 -38.10
N THR AA 200 51.79 47.40 -39.29
CA THR AA 200 51.23 48.31 -40.29
C THR AA 200 49.69 48.45 -40.21
N TYR AA 201 49.18 49.62 -40.64
CA TYR AA 201 47.77 49.97 -40.46
C TYR AA 201 47.05 50.38 -41.76
N ILE AA 202 46.36 49.43 -42.37
CA ILE AA 202 45.48 49.72 -43.50
C ILE AA 202 44.04 49.73 -43.02
N CYS AA 203 43.25 50.65 -43.55
CA CYS AA 203 41.81 50.64 -43.27
C CYS AA 203 41.10 50.20 -44.55
N ASN AA 204 40.03 49.43 -44.41
CA ASN AA 204 39.28 48.99 -45.59
C ASN AA 204 37.81 49.42 -45.56
N VAL AA 205 37.52 50.54 -46.21
CA VAL AA 205 36.15 51.03 -46.30
C VAL AA 205 35.46 50.32 -47.45
N ASN AA 206 34.12 50.36 -47.43
CA ASN AA 206 33.31 49.50 -48.29
C ASN AA 206 31.92 50.11 -48.45
N HIS AA 207 31.59 50.51 -49.69
CA HIS AA 207 30.36 51.24 -49.98
C HIS AA 207 29.66 50.62 -51.19
N LYS AA 208 28.70 49.73 -50.92
CA LYS AA 208 28.13 48.86 -51.97
C LYS AA 208 27.31 49.50 -53.10
N PRO AA 209 26.58 50.60 -52.82
CA PRO AA 209 25.98 51.34 -53.96
C PRO AA 209 26.97 52.14 -54.85
N SER AA 210 28.09 51.50 -55.18
CA SER AA 210 29.05 51.93 -56.21
C SER AA 210 30.12 50.85 -56.14
N ASN AA 211 29.71 49.73 -55.56
CA ASN AA 211 30.56 48.78 -54.82
C ASN AA 211 32.04 49.14 -54.78
N THR AA 212 32.29 50.35 -54.28
CA THR AA 212 33.62 50.84 -54.08
C THR AA 212 34.12 50.31 -52.75
N LYS AA 213 34.95 49.26 -52.81
CA LYS AA 213 35.70 48.82 -51.65
C LYS AA 213 37.15 49.28 -51.84
N VAL AA 214 37.54 50.30 -51.07
CA VAL AA 214 38.90 50.81 -51.10
C VAL AA 214 39.67 50.36 -49.87
N ASP AA 215 40.93 50.00 -50.10
CA ASP AA 215 41.89 49.87 -49.03
C ASP AA 215 42.87 51.04 -49.16
N LYS AA 216 43.04 51.79 -48.08
CA LYS AA 216 44.10 52.79 -47.99
C LYS AA 216 44.60 52.94 -46.54
N ARG AA 217 45.90 53.17 -46.37
CA ARG AA 217 46.53 53.01 -45.07
C ARG AA 217 46.85 54.32 -44.37
N VAL AA 218 47.33 54.18 -43.14
CA VAL AA 218 47.62 55.30 -42.28
C VAL AA 218 49.13 55.38 -41.98
N GLU AA 219 49.81 56.33 -42.63
CA GLU AA 219 51.25 56.58 -42.44
C GLU AA 219 51.44 57.76 -41.49
N PRO AA 220 52.52 57.75 -40.69
CA PRO AA 220 52.77 58.84 -39.71
C PRO AA 220 53.89 59.81 -40.10
N ASP BA 1 -6.39 61.75 -31.66
CA ASP BA 1 -5.15 61.00 -31.48
C ASP BA 1 -4.85 60.78 -30.02
N ILE BA 2 -4.20 59.66 -29.73
CA ILE BA 2 -3.89 59.28 -28.38
C ILE BA 2 -2.40 59.49 -28.15
N GLN BA 3 -2.05 60.27 -27.13
CA GLN BA 3 -0.66 60.63 -26.87
C GLN BA 3 -0.07 59.86 -25.69
N LEU BA 4 0.99 59.10 -25.99
CA LEU BA 4 1.72 58.36 -24.99
C LEU BA 4 2.96 59.14 -24.56
N THR BA 5 2.91 59.66 -23.34
CA THR BA 5 4.04 60.41 -22.80
C THR BA 5 4.87 59.50 -21.91
N GLN BA 6 6.01 59.09 -22.41
CA GLN BA 6 6.83 58.12 -21.72
C GLN BA 6 7.77 58.86 -20.73
N SER BA 7 7.93 58.32 -19.52
CA SER BA 7 8.85 58.95 -18.56
C SER BA 7 9.63 57.92 -17.72
N PRO BA 8 10.94 58.15 -17.56
CA PRO BA 8 11.70 59.30 -18.03
C PRO BA 8 12.21 59.06 -19.45
N SER BA 9 12.75 60.08 -20.09
CA SER BA 9 13.12 59.97 -21.50
C SER BA 9 14.42 59.24 -21.66
N SER BA 10 15.25 59.29 -20.62
CA SER BA 10 16.57 58.65 -20.67
C SER BA 10 17.02 58.19 -19.29
N LEU BA 11 17.71 57.04 -19.25
CA LEU BA 11 18.08 56.44 -17.99
C LEU BA 11 19.48 55.86 -17.94
N SER BA 12 20.26 56.36 -17.00
CA SER BA 12 21.53 55.74 -16.66
C SER BA 12 21.35 54.93 -15.39
N ALA BA 13 21.61 53.63 -15.46
CA ALA BA 13 21.60 52.79 -14.26
C ALA BA 13 22.71 51.74 -14.33
N SER BA 14 22.95 51.03 -13.23
CA SER BA 14 24.01 50.00 -13.20
C SER BA 14 23.44 48.58 -13.18
N VAL BA 15 24.20 47.61 -13.68
CA VAL BA 15 23.73 46.21 -13.72
C VAL BA 15 23.29 45.69 -12.36
N GLY BA 16 22.10 45.10 -12.31
CA GLY BA 16 21.56 44.58 -11.08
C GLY BA 16 20.42 45.44 -10.58
N ASP BA 17 20.47 46.73 -10.91
CA ASP BA 17 19.42 47.67 -10.53
C ASP BA 17 18.07 47.28 -11.13
N ARG BA 18 17.00 47.60 -10.41
CA ARG BA 18 15.68 47.53 -10.97
C ARG BA 18 15.40 48.86 -11.64
N VAL BA 19 14.72 48.82 -12.78
CA VAL BA 19 14.42 50.04 -13.51
C VAL BA 19 12.95 50.10 -13.84
N THR BA 20 12.35 51.22 -13.51
CA THR BA 20 10.95 51.40 -13.79
C THR BA 20 10.72 52.57 -14.76
N ILE BA 21 10.24 52.23 -15.96
CA ILE BA 21 9.79 53.25 -16.87
C ILE BA 21 8.27 53.41 -16.72
N THR BA 22 7.76 54.54 -17.17
CA THR BA 22 6.31 54.69 -17.27
C THR BA 22 5.88 55.12 -18.67
N CYS BA 23 4.63 54.83 -18.98
CA CYS BA 23 4.00 55.29 -20.19
C CYS BA 23 2.66 55.83 -19.73
N GLN BA 24 2.22 56.93 -20.34
CA GLN BA 24 0.98 57.57 -19.93
C GLN BA 24 0.20 58.00 -21.15
N ALA BA 25 -1.10 57.82 -21.09
CA ALA BA 25 -1.96 58.08 -22.22
C ALA BA 25 -2.94 59.21 -21.95
N SER BA 26 -3.38 59.84 -23.03
CA SER BA 26 -4.37 60.88 -22.95
C SER BA 26 -5.78 60.36 -22.64
N GLN BA 27 -6.07 59.11 -23.01
CA GLN BA 27 -7.39 58.55 -22.73
C GLN BA 27 -7.29 57.20 -22.03
N ASP BA 28 -8.32 56.86 -21.25
CA ASP BA 28 -8.42 55.51 -20.72
C ASP BA 28 -8.28 54.57 -21.90
N ILE BA 29 -7.32 53.65 -21.83
CA ILE BA 29 -7.10 52.75 -22.96
C ILE BA 29 -7.09 51.27 -22.54
N ARG BA 30 -7.76 51.00 -21.41
CA ARG BA 30 -7.84 49.67 -20.82
C ARG BA 30 -6.45 49.06 -20.72
N LYS BA 31 -6.30 47.78 -20.99
CA LYS BA 31 -4.98 47.19 -20.92
C LYS BA 31 -4.47 46.95 -22.32
N TYR BA 32 -4.85 47.86 -23.22
CA TYR BA 32 -4.50 47.75 -24.62
C TYR BA 32 -3.19 48.44 -24.95
N LEU BA 33 -2.10 48.02 -24.31
CA LEU BA 33 -0.77 48.65 -24.47
C LEU BA 33 0.33 47.63 -24.68
N ASN BA 34 1.29 47.90 -25.55
CA ASN BA 34 2.40 46.98 -25.76
C ASN BA 34 3.79 47.61 -25.57
N TRP BA 35 4.76 46.85 -25.05
CA TRP BA 35 6.15 47.35 -24.89
C TRP BA 35 7.15 46.69 -25.82
N TYR BA 36 7.80 47.49 -26.64
CA TYR BA 36 8.85 46.98 -27.53
C TYR BA 36 10.25 47.38 -27.03
N GLN BA 37 11.26 46.57 -27.39
CA GLN BA 37 12.65 46.90 -27.10
C GLN BA 37 13.45 47.07 -28.38
N GLN BA 38 14.16 48.18 -28.52
CA GLN BA 38 14.99 48.36 -29.70
C GLN BA 38 16.49 48.42 -29.36
N LYS BA 39 17.14 47.26 -29.40
CA LYS BA 39 18.59 47.20 -29.38
C LYS BA 39 19.08 47.96 -30.60
N PRO BA 40 20.14 48.77 -30.42
CA PRO BA 40 20.64 49.70 -31.45
C PRO BA 40 21.10 48.97 -32.68
N GLY BA 41 20.76 49.53 -33.84
CA GLY BA 41 21.14 48.97 -35.12
C GLY BA 41 20.26 47.81 -35.54
N LYS BA 42 19.25 47.53 -34.73
CA LYS BA 42 18.35 46.43 -35.01
C LYS BA 42 16.88 46.84 -34.99
N ALA BA 43 16.05 45.98 -35.56
CA ALA BA 43 14.60 46.16 -35.56
C ALA BA 43 14.07 46.16 -34.13
N PRO BA 44 12.93 46.85 -33.90
CA PRO BA 44 12.25 46.76 -32.61
C PRO BA 44 11.95 45.32 -32.20
N ASN BA 45 11.46 45.12 -30.97
CA ASN BA 45 11.26 43.77 -30.46
C ASN BA 45 10.23 43.67 -29.34
N LEU BA 46 9.23 42.82 -29.53
CA LEU BA 46 8.13 42.75 -28.57
C LEU BA 46 8.45 42.02 -27.27
N LEU BA 47 8.09 42.65 -26.15
CA LEU BA 47 8.35 42.06 -24.85
C LEU BA 47 7.07 41.88 -24.07
N ILE BA 48 6.30 42.94 -23.95
CA ILE BA 48 5.02 42.84 -23.26
C ILE BA 48 3.89 43.10 -24.26
N TYR BA 49 2.81 42.33 -24.19
CA TYR BA 49 1.60 42.66 -24.93
C TYR BA 49 0.43 42.69 -23.97
N ASP BA 50 -0.50 43.57 -24.25
CA ASP BA 50 -1.71 43.75 -23.47
C ASP BA 50 -1.43 44.06 -21.99
N ALA BA 51 -0.62 45.08 -21.75
CA ALA BA 51 -0.28 45.60 -20.43
C ALA BA 51 0.62 44.68 -19.63
N SER BA 52 0.18 43.45 -19.40
CA SER BA 52 0.85 42.58 -18.44
C SER BA 52 1.47 41.29 -19.06
N ASN BA 53 0.97 40.88 -20.24
CA ASN BA 53 1.34 39.61 -20.82
C ASN BA 53 2.71 39.55 -21.50
N VAL BA 54 3.48 38.52 -21.18
CA VAL BA 54 4.87 38.38 -21.63
C VAL BA 54 5.05 37.42 -22.80
N LYS BA 55 5.72 37.87 -23.86
CA LYS BA 55 5.99 37.01 -25.00
C LYS BA 55 6.81 35.78 -24.61
N THR BA 56 6.48 34.65 -25.23
CA THR BA 56 7.17 33.39 -25.01
C THR BA 56 8.58 33.45 -25.59
N GLY BA 57 9.58 33.25 -24.73
CA GLY BA 57 10.97 33.39 -25.15
C GLY BA 57 11.55 34.69 -24.62
N VAL BA 58 10.89 35.22 -23.60
CA VAL BA 58 11.28 36.49 -23.01
C VAL BA 58 11.63 36.28 -21.54
N PRO BA 59 12.85 36.69 -21.17
CA PRO BA 59 13.39 36.52 -19.81
C PRO BA 59 12.50 37.12 -18.73
N SER BA 60 12.51 36.49 -17.57
CA SER BA 60 11.54 36.77 -16.52
C SER BA 60 11.78 38.09 -15.79
N ARG BA 61 12.84 38.81 -16.17
CA ARG BA 61 13.13 40.09 -15.52
C ARG BA 61 12.14 41.18 -15.93
N PHE BA 62 11.61 41.03 -17.13
CA PHE BA 62 10.73 42.03 -17.73
C PHE BA 62 9.29 41.77 -17.31
N ARG BA 63 8.76 42.62 -16.42
CA ARG BA 63 7.34 42.55 -16.09
C ARG BA 63 6.70 43.84 -16.53
N GLY BA 64 5.41 43.77 -16.82
CA GLY BA 64 4.66 44.96 -17.14
C GLY BA 64 3.44 45.02 -16.25
N SER BA 65 3.01 46.21 -15.89
CA SER BA 65 1.76 46.35 -15.17
C SER BA 65 1.04 47.59 -15.69
N GLY BA 66 -0.20 47.79 -15.29
CA GLY BA 66 -0.88 48.99 -15.74
C GLY BA 66 -2.33 48.85 -16.11
N SER BA 67 -3.10 49.83 -15.63
CA SER BA 67 -4.55 49.78 -15.66
C SER BA 67 -5.16 50.39 -16.90
N GLY BA 68 -5.34 51.70 -16.87
CA GLY BA 68 -6.14 52.35 -17.90
C GLY BA 68 -5.39 53.45 -18.62
N THR BA 69 -4.69 54.29 -17.86
CA THR BA 69 -4.06 55.47 -18.43
C THR BA 69 -2.63 55.65 -17.96
N ASP BA 70 -2.20 54.75 -17.08
CA ASP BA 70 -0.88 54.81 -16.45
C ASP BA 70 -0.23 53.43 -16.45
N PHE BA 71 0.80 53.26 -17.25
CA PHE BA 71 1.44 51.95 -17.41
C PHE BA 71 2.86 51.90 -16.91
N THR BA 72 3.33 50.70 -16.60
CA THR BA 72 4.62 50.55 -15.95
C THR BA 72 5.41 49.36 -16.48
N PHE BA 73 6.61 49.62 -16.95
CA PHE BA 73 7.47 48.57 -17.45
C PHE BA 73 8.66 48.38 -16.54
N THR BA 74 8.75 47.20 -15.93
CA THR BA 74 9.79 46.98 -14.95
C THR BA 74 10.81 45.95 -15.45
N ILE BA 75 12.08 46.22 -15.19
CA ILE BA 75 13.10 45.18 -15.26
C ILE BA 75 13.63 45.02 -13.84
N SER BA 76 13.66 43.78 -13.36
CA SER BA 76 13.92 43.49 -11.94
C SER BA 76 15.41 43.52 -11.63
N SER BA 77 16.21 42.96 -12.53
CA SER BA 77 17.66 42.94 -12.40
C SER BA 77 18.29 43.08 -13.77
N LEU BA 78 18.70 44.30 -14.09
CA LEU BA 78 19.26 44.65 -15.40
C LEU BA 78 20.38 43.72 -15.84
N GLN BA 79 20.64 43.69 -17.14
CA GLN BA 79 21.74 42.92 -17.69
C GLN BA 79 22.37 43.76 -18.78
N PRO BA 80 23.63 43.48 -19.11
CA PRO BA 80 24.23 44.37 -20.11
C PRO BA 80 23.77 44.09 -21.54
N GLU BA 81 22.75 43.26 -21.70
CA GLU BA 81 22.13 43.02 -23.01
C GLU BA 81 20.81 43.79 -23.10
N ASP BA 82 20.37 44.31 -21.95
CA ASP BA 82 19.14 45.08 -21.85
C ASP BA 82 19.37 46.57 -22.05
N ILE BA 83 20.56 46.94 -22.52
CA ILE BA 83 20.75 48.33 -22.92
C ILE BA 83 20.16 48.42 -24.32
N ALA BA 84 19.06 49.16 -24.41
CA ALA BA 84 18.44 49.46 -25.68
C ALA BA 84 17.47 50.59 -25.41
N THR BA 85 16.65 50.89 -26.40
CA THR BA 85 15.66 51.92 -26.20
C THR BA 85 14.28 51.23 -26.07
N TYR BA 86 13.31 51.91 -25.47
CA TYR BA 86 12.06 51.26 -25.18
C TYR BA 86 10.83 52.09 -25.55
N TYR BA 87 9.83 51.42 -26.10
CA TYR BA 87 8.64 52.11 -26.47
C TYR BA 87 7.41 51.44 -25.91
N CYS BA 88 6.40 52.25 -25.67
CA CYS BA 88 5.04 51.78 -25.52
C CYS BA 88 4.27 52.13 -26.79
N GLN BA 89 3.21 51.35 -27.05
CA GLN BA 89 2.36 51.48 -28.22
C GLN BA 89 0.95 51.08 -27.88
N GLN BA 90 -0.03 51.80 -28.42
CA GLN BA 90 -1.45 51.52 -28.16
C GLN BA 90 -2.21 51.09 -29.42
N TYR BA 91 -3.23 50.25 -29.21
CA TYR BA 91 -4.37 50.23 -30.14
C TYR BA 91 -5.64 50.86 -29.52
N ASP BA 92 -6.67 50.09 -29.20
CA ASP BA 92 -7.91 50.67 -28.65
C ASP BA 92 -8.52 51.72 -29.57
N ASN BA 93 -7.81 52.84 -29.69
CA ASN BA 93 -8.13 53.87 -30.64
C ASN BA 93 -7.37 53.58 -31.91
N LEU BA 94 -7.57 54.41 -32.92
CA LEU BA 94 -6.85 54.20 -34.16
C LEU BA 94 -6.32 55.46 -34.79
N PRO BA 95 -5.34 56.08 -34.15
CA PRO BA 95 -4.35 56.57 -35.10
C PRO BA 95 -3.18 55.56 -35.16
N ILE BA 96 -3.02 54.73 -34.13
CA ILE BA 96 -1.80 53.91 -33.84
C ILE BA 96 -0.62 54.73 -33.41
N THR BA 97 -0.58 55.04 -32.12
CA THR BA 97 0.48 55.87 -31.64
C THR BA 97 1.49 55.10 -30.81
N PHE BA 98 2.69 55.66 -30.72
CA PHE BA 98 3.75 55.12 -29.88
C PHE BA 98 4.20 56.10 -28.80
N GLY BA 99 5.11 55.63 -27.97
CA GLY BA 99 5.80 56.49 -27.03
C GLY BA 99 7.00 57.15 -27.68
N GLN BA 100 7.64 58.05 -26.95
CA GLN BA 100 8.73 58.85 -27.52
C GLN BA 100 10.05 58.11 -27.37
N GLY BA 101 10.05 57.07 -26.57
CA GLY BA 101 11.25 56.29 -26.35
C GLY BA 101 11.78 56.46 -24.94
N THR BA 102 12.47 55.44 -24.45
CA THR BA 102 13.29 55.53 -23.23
C THR BA 102 14.62 54.80 -23.47
N ARG BA 103 15.72 55.55 -23.34
CA ARG BA 103 17.04 55.05 -23.69
C ARG BA 103 17.76 54.56 -22.43
N LEU BA 104 18.51 53.49 -22.59
CA LEU BA 104 19.17 52.87 -21.44
C LEU BA 104 20.68 52.88 -21.58
N GLU BA 105 21.32 53.35 -20.53
CA GLU BA 105 22.77 53.33 -20.47
C GLU BA 105 23.20 52.83 -19.09
N ILE BA 106 24.21 51.95 -19.10
CA ILE BA 106 24.88 51.58 -17.87
C ILE BA 106 25.61 52.80 -17.30
N LYS BA 107 25.39 53.09 -16.02
CA LYS BA 107 26.12 54.16 -15.32
C LYS BA 107 27.41 53.62 -14.73
N ARG BA 108 28.49 54.38 -14.91
CA ARG BA 108 29.80 53.97 -14.42
C ARG BA 108 30.62 55.16 -13.94
N THR BA 109 31.78 54.87 -13.36
CA THR BA 109 32.69 55.89 -12.85
C THR BA 109 33.11 56.83 -13.98
N VAL BA 110 33.21 58.13 -13.69
CA VAL BA 110 33.53 59.13 -14.71
C VAL BA 110 34.87 58.83 -15.39
N ALA BA 111 35.20 59.57 -16.44
CA ALA BA 111 36.42 59.31 -17.19
C ALA BA 111 36.99 60.50 -17.95
N ALA BA 112 38.25 60.37 -18.35
CA ALA BA 112 38.94 61.43 -19.06
C ALA BA 112 38.89 61.18 -20.56
N PRO BA 113 38.16 62.04 -21.28
CA PRO BA 113 38.18 62.02 -22.74
C PRO BA 113 39.59 62.26 -23.27
N SER BA 114 40.28 61.22 -23.69
CA SER BA 114 41.58 61.37 -24.34
C SER BA 114 41.45 62.18 -25.64
N VAL BA 115 41.60 63.50 -25.55
CA VAL BA 115 41.43 64.40 -26.70
C VAL BA 115 42.64 64.39 -27.63
N PHE BA 116 42.41 64.09 -28.91
CA PHE BA 116 43.42 64.23 -29.95
C PHE BA 116 42.89 65.20 -31.00
N ILE BA 117 43.70 65.51 -32.00
CA ILE BA 117 43.23 66.40 -33.07
C ILE BA 117 44.02 66.15 -34.34
N PHE BA 118 43.32 66.01 -35.45
CA PHE BA 118 43.96 65.62 -36.68
C PHE BA 118 43.93 66.75 -37.67
N PRO BA 119 45.11 67.13 -38.16
CA PRO BA 119 45.20 68.06 -39.29
C PRO BA 119 44.83 67.35 -40.59
N PRO BA 120 44.24 68.11 -41.53
CA PRO BA 120 43.78 67.57 -42.81
C PRO BA 120 44.90 67.12 -43.73
N SER BA 121 45.04 65.80 -43.88
CA SER BA 121 45.77 65.15 -44.97
C SER BA 121 45.94 66.04 -46.19
N ASP BA 122 47.19 66.32 -46.59
CA ASP BA 122 47.46 67.23 -47.69
C ASP BA 122 46.77 66.86 -49.00
N GLU BA 123 46.44 65.57 -49.16
CA GLU BA 123 45.81 65.11 -50.40
C GLU BA 123 44.32 65.41 -50.43
N GLN BA 124 43.79 65.92 -49.32
CA GLN BA 124 42.44 66.47 -49.30
C GLN BA 124 42.53 67.92 -49.75
N LEU BA 125 43.62 68.57 -49.38
CA LEU BA 125 43.85 69.96 -49.74
C LEU BA 125 44.31 70.03 -51.21
N LYS BA 126 44.45 68.86 -51.84
CA LYS BA 126 44.57 68.78 -53.29
C LYS BA 126 43.24 69.21 -53.90
N SER BA 127 42.16 68.69 -53.32
CA SER BA 127 40.82 68.78 -53.92
C SER BA 127 40.05 70.04 -53.53
N GLY BA 128 40.47 70.72 -52.46
CA GLY BA 128 39.99 72.06 -52.20
C GLY BA 128 39.14 72.33 -50.96
N THR BA 129 39.07 71.37 -50.04
CA THR BA 129 38.37 71.59 -48.78
C THR BA 129 39.14 71.05 -47.56
N ALA BA 130 38.83 71.56 -46.36
CA ALA BA 130 39.71 71.35 -45.20
C ALA BA 130 39.05 70.61 -44.05
N SER BA 131 39.43 69.35 -43.84
CA SER BA 131 38.79 68.54 -42.80
C SER BA 131 39.68 68.31 -41.58
N VAL BA 132 39.43 69.06 -40.51
CA VAL BA 132 40.21 68.85 -39.29
C VAL BA 132 39.38 68.29 -38.14
N VAL BA 133 39.88 67.21 -37.55
CA VAL BA 133 39.04 66.28 -36.81
C VAL BA 133 39.48 66.06 -35.36
N CYS BA 134 39.02 66.92 -34.47
CA CYS BA 134 39.31 66.77 -33.06
C CYS BA 134 38.61 65.56 -32.42
N LEU BA 135 39.30 64.43 -32.39
CA LEU BA 135 38.79 63.23 -31.71
C LEU BA 135 38.66 63.41 -30.20
N LEU BA 136 37.55 62.96 -29.62
CA LEU BA 136 37.51 62.68 -28.19
C LEU BA 136 37.45 61.19 -28.04
N ASN BA 137 38.13 60.64 -27.05
CA ASN BA 137 38.09 59.21 -26.91
C ASN BA 137 37.66 58.77 -25.52
N ASN BA 138 36.97 57.63 -25.47
CA ASN BA 138 36.62 56.91 -24.25
C ASN BA 138 36.24 57.72 -23.00
N PHE BA 139 34.94 57.97 -22.81
CA PHE BA 139 34.48 58.72 -21.64
C PHE BA 139 33.09 58.40 -21.13
N TYR BA 140 32.90 58.57 -19.84
CA TYR BA 140 31.59 58.71 -19.25
C TYR BA 140 31.66 60.06 -18.58
N PRO BA 141 30.53 60.76 -18.44
CA PRO BA 141 29.26 60.52 -19.15
C PRO BA 141 29.29 61.19 -20.53
N ARG BA 142 28.29 60.91 -21.37
CA ARG BA 142 28.34 61.35 -22.75
C ARG BA 142 28.16 62.86 -22.88
N GLU BA 143 27.76 63.50 -21.79
CA GLU BA 143 27.64 64.95 -21.78
C GLU BA 143 29.01 65.60 -22.02
N ALA BA 144 29.16 66.28 -23.15
CA ALA BA 144 30.44 66.92 -23.47
C ALA BA 144 30.35 68.09 -24.47
N LYS BA 145 30.80 69.25 -24.02
CA LYS BA 145 30.88 70.42 -24.88
C LYS BA 145 32.22 70.47 -25.61
N VAL BA 146 32.17 70.69 -26.91
CA VAL BA 146 33.39 70.80 -27.71
C VAL BA 146 33.30 71.97 -28.68
N GLN BA 147 34.16 72.97 -28.47
CA GLN BA 147 34.17 74.19 -29.28
C GLN BA 147 35.45 74.42 -30.06
N TRP BA 148 35.32 74.91 -31.29
CA TRP BA 148 36.48 75.22 -32.13
C TRP BA 148 36.99 76.64 -31.91
N LYS BA 149 38.29 76.83 -32.07
CA LYS BA 149 38.90 78.16 -32.08
C LYS BA 149 39.97 78.18 -33.18
N VAL BA 150 39.84 79.10 -34.13
CA VAL BA 150 40.95 79.41 -35.03
C VAL BA 150 41.51 80.77 -34.62
N ASP BA 151 42.67 80.72 -33.97
CA ASP BA 151 43.29 81.88 -33.33
C ASP BA 151 42.38 82.49 -32.28
N ASN BA 152 41.90 81.66 -31.36
CA ASN BA 152 41.14 82.10 -30.18
C ASN BA 152 39.86 82.88 -30.49
N ALA BA 153 39.39 82.84 -31.74
CA ALA BA 153 38.32 83.75 -32.17
C ALA BA 153 37.28 83.15 -33.11
N LEU BA 154 36.23 83.92 -33.35
CA LEU BA 154 35.36 83.81 -34.53
C LEU BA 154 34.93 82.40 -34.97
N GLN BA 155 34.38 81.58 -34.08
CA GLN BA 155 33.89 80.26 -34.53
C GLN BA 155 32.39 80.09 -34.79
N SER BA 156 32.09 79.04 -35.55
CA SER BA 156 30.75 78.82 -36.10
C SER BA 156 30.40 77.34 -36.25
N GLY BA 157 29.42 77.09 -37.10
CA GLY BA 157 29.01 75.75 -37.45
C GLY BA 157 29.66 75.18 -38.70
N ASN BA 158 30.97 75.39 -38.84
CA ASN BA 158 31.73 74.65 -39.85
C ASN BA 158 32.10 73.28 -39.27
N SER BA 159 31.71 73.09 -38.02
CA SER BA 159 31.98 71.85 -37.28
C SER BA 159 30.79 70.90 -37.34
N GLN BA 160 31.01 69.65 -36.92
CA GLN BA 160 30.01 68.60 -37.05
C GLN BA 160 30.33 67.42 -36.14
N GLU BA 161 29.50 67.17 -35.13
CA GLU BA 161 29.76 66.10 -34.16
C GLU BA 161 28.96 64.83 -34.43
N SER BA 162 29.50 63.71 -33.97
CA SER BA 162 28.89 62.40 -34.12
C SER BA 162 29.40 61.54 -32.94
N VAL BA 163 28.49 60.96 -32.16
CA VAL BA 163 28.90 60.21 -30.97
C VAL BA 163 28.67 58.71 -31.12
N THR BA 164 29.63 57.92 -30.70
CA THR BA 164 29.45 56.47 -30.75
C THR BA 164 28.45 56.01 -29.68
N GLU BA 165 28.00 54.77 -29.80
CA GLU BA 165 27.10 54.17 -28.81
C GLU BA 165 27.89 53.57 -27.67
N GLN BA 166 27.29 53.54 -26.49
CA GLN BA 166 27.97 53.10 -25.29
C GLN BA 166 28.56 51.72 -25.41
N ASP BA 167 29.84 51.61 -25.05
CA ASP BA 167 30.62 50.41 -25.30
C ASP BA 167 30.28 49.21 -24.40
N SER BA 168 30.41 48.02 -24.98
CA SER BA 168 29.99 46.75 -24.36
C SER BA 168 30.74 46.33 -23.09
N LYS BA 169 32.04 46.55 -23.06
CA LYS BA 169 32.90 46.10 -21.95
C LYS BA 169 33.03 47.14 -20.83
N ASP BA 170 33.01 48.41 -21.21
CA ASP BA 170 33.51 49.48 -20.34
C ASP BA 170 32.61 50.71 -20.29
N SER BA 171 31.37 50.57 -20.76
CA SER BA 171 30.35 51.59 -20.60
C SER BA 171 30.77 53.01 -21.03
N THR BA 172 31.68 53.10 -21.99
CA THR BA 172 32.34 54.38 -22.31
C THR BA 172 32.10 54.99 -23.72
N TYR BA 173 31.70 56.26 -23.74
CA TYR BA 173 31.40 56.97 -24.98
C TYR BA 173 32.64 57.64 -25.59
N SER BA 174 32.56 57.95 -26.88
CA SER BA 174 33.68 58.48 -27.62
C SER BA 174 33.10 59.38 -28.70
N LEU BA 175 33.71 60.52 -28.95
CA LEU BA 175 33.14 61.47 -29.88
C LEU BA 175 34.03 61.85 -31.05
N SER BA 176 33.38 62.22 -32.15
CA SER BA 176 34.05 62.66 -33.37
C SER BA 176 33.59 64.04 -33.87
N SER BA 177 34.26 65.10 -33.42
CA SER BA 177 34.05 66.44 -34.01
C SER BA 177 34.90 66.59 -35.27
N THR BA 178 34.28 67.03 -36.36
CA THR BA 178 34.92 67.20 -37.66
C THR BA 178 34.70 68.62 -38.14
N LEU BA 179 35.78 69.26 -38.57
CA LEU BA 179 35.73 70.67 -38.96
C LEU BA 179 36.05 70.83 -40.44
N THR BA 180 35.11 71.44 -41.15
CA THR BA 180 35.22 71.61 -42.59
C THR BA 180 35.33 73.09 -42.98
N LEU BA 181 36.43 73.44 -43.63
CA LEU BA 181 36.60 74.81 -44.12
C LEU BA 181 36.90 74.85 -45.62
N SER BA 182 36.59 75.98 -46.26
CA SER BA 182 37.04 76.19 -47.62
C SER BA 182 38.56 76.24 -47.55
N LYS BA 183 39.25 75.78 -48.59
CA LYS BA 183 40.70 75.70 -48.53
C LYS BA 183 41.34 77.08 -48.39
N ALA BA 184 40.59 78.12 -48.76
CA ALA BA 184 41.03 79.50 -48.62
C ALA BA 184 40.97 79.91 -47.15
N ASP BA 185 39.78 79.79 -46.55
CA ASP BA 185 39.60 80.06 -45.14
C ASP BA 185 40.40 79.08 -44.28
N TYR BA 186 40.95 78.04 -44.92
CA TYR BA 186 41.97 77.21 -44.28
C TYR BA 186 43.30 77.94 -44.39
N GLU BA 187 43.91 77.90 -45.58
CA GLU BA 187 45.19 78.58 -45.82
C GLU BA 187 45.08 80.06 -45.53
N LYS BA 188 45.01 80.40 -44.26
CA LYS BA 188 44.76 81.77 -43.82
C LYS BA 188 45.34 82.00 -42.45
N HIS BA 189 45.04 81.09 -41.51
CA HIS BA 189 45.43 81.28 -40.11
C HIS BA 189 46.44 80.26 -39.59
N LYS BA 190 47.16 80.63 -38.53
CA LYS BA 190 48.20 79.77 -37.98
C LYS BA 190 47.58 78.67 -37.11
N VAL BA 191 46.77 79.10 -36.14
CA VAL BA 191 46.28 78.24 -35.05
C VAL BA 191 44.88 77.65 -35.30
N TYR BA 192 44.76 76.34 -35.11
CA TYR BA 192 43.47 75.63 -35.15
C TYR BA 192 43.36 74.89 -33.83
N ALA BA 193 42.34 75.22 -33.05
CA ALA BA 193 42.28 74.73 -31.68
C ALA BA 193 41.01 74.00 -31.34
N CYS BA 194 41.12 73.04 -30.44
CA CYS BA 194 39.96 72.27 -30.02
C CYS BA 194 39.70 72.40 -28.50
N GLU BA 195 38.52 72.92 -28.14
CA GLU BA 195 38.22 73.31 -26.76
C GLU BA 195 37.17 72.42 -26.11
N VAL BA 196 37.58 71.61 -25.14
CA VAL BA 196 36.73 70.56 -24.58
C VAL BA 196 36.32 70.74 -23.10
N THR BA 197 35.03 70.99 -22.88
CA THR BA 197 34.46 71.10 -21.52
C THR BA 197 33.75 69.81 -21.11
N HIS BA 198 34.23 69.19 -20.06
CA HIS BA 198 33.67 67.91 -19.61
C HIS BA 198 33.95 67.72 -18.12
N GLN BA 199 33.01 67.10 -17.41
CA GLN BA 199 33.06 67.12 -15.94
C GLN BA 199 34.20 66.29 -15.36
N GLY BA 200 34.68 65.31 -16.11
CA GLY BA 200 35.80 64.49 -15.68
C GLY BA 200 37.13 65.18 -15.87
N LEU BA 201 37.10 66.30 -16.59
CA LEU BA 201 38.27 67.17 -16.71
C LEU BA 201 38.04 68.41 -15.84
N SER BA 202 38.85 68.54 -14.79
CA SER BA 202 38.73 69.64 -13.81
C SER BA 202 39.19 70.99 -14.38
N SER BA 203 39.84 70.94 -15.53
CA SER BA 203 40.29 72.12 -16.26
C SER BA 203 39.96 71.93 -17.74
N PRO BA 204 39.24 72.90 -18.34
CA PRO BA 204 38.88 72.87 -19.77
C PRO BA 204 40.07 72.64 -20.70
N VAL BA 205 40.46 71.38 -20.89
CA VAL BA 205 41.51 71.00 -21.84
C VAL BA 205 41.29 71.64 -23.20
N THR BA 206 42.23 72.45 -23.63
CA THR BA 206 42.32 72.76 -25.05
C THR BA 206 43.44 71.88 -25.61
N LYS BA 207 43.22 71.31 -26.80
CA LYS BA 207 44.28 70.63 -27.55
C LYS BA 207 44.24 71.05 -29.01
N SER BA 208 45.41 71.41 -29.54
CA SER BA 208 45.48 72.10 -30.82
C SER BA 208 46.75 71.81 -31.60
N PHE BA 209 46.95 72.61 -32.64
CA PHE BA 209 48.13 72.52 -33.49
C PHE BA 209 48.19 73.78 -34.36
N ASN BA 210 49.37 74.06 -34.92
CA ASN BA 210 49.51 75.12 -35.92
C ASN BA 210 49.92 74.47 -37.23
N ARG BA 211 49.49 75.05 -38.35
CA ARG BA 211 49.81 74.50 -39.67
C ARG BA 211 51.32 74.34 -39.92
N VAL CA 2 -14.65 32.36 2.36
CA VAL CA 2 -15.93 32.89 2.86
C VAL CA 2 -15.90 33.18 4.36
N GLN CA 3 -16.00 34.44 4.71
CA GLN CA 3 -15.87 34.86 6.11
C GLN CA 3 -17.22 35.23 6.77
N LEU CA 4 -17.30 35.05 8.09
CA LEU CA 4 -18.51 35.39 8.85
C LEU CA 4 -18.19 36.27 10.05
N VAL CA 5 -18.79 37.46 10.07
CA VAL CA 5 -18.62 38.41 11.17
C VAL CA 5 -19.92 38.49 11.98
N GLU CA 6 -19.84 38.04 13.23
CA GLU CA 6 -21.02 37.93 14.06
C GLU CA 6 -21.22 39.17 14.92
N SER CA 7 -22.43 39.30 15.48
CA SER CA 7 -22.77 40.45 16.32
C SER CA 7 -22.12 40.32 17.70
N GLY CA 8 -21.90 41.45 18.35
CA GLY CA 8 -21.30 41.45 19.67
C GLY CA 8 -22.16 40.75 20.69
N ALA CA 9 -21.54 40.24 21.75
CA ALA CA 9 -22.28 39.60 22.83
C ALA CA 9 -23.10 40.65 23.59
N GLU CA 10 -24.35 40.30 23.91
CA GLU CA 10 -25.22 41.21 24.65
C GLU CA 10 -25.76 40.51 25.90
N VAL CA 11 -26.46 41.26 26.75
CA VAL CA 11 -27.08 40.75 27.97
C VAL CA 11 -28.45 41.40 28.20
N LYS CA 12 -29.49 40.57 28.30
CA LYS CA 12 -30.86 41.08 28.31
C LYS CA 12 -31.67 40.58 29.51
N LYS CA 13 -32.45 41.48 30.08
CA LYS CA 13 -33.32 41.13 31.22
C LYS CA 13 -34.47 40.28 30.71
N PRO CA 14 -34.93 39.33 31.53
CA PRO CA 14 -36.02 38.41 31.16
C PRO CA 14 -37.30 39.13 30.77
N GLY CA 15 -37.74 38.93 29.54
CA GLY CA 15 -38.95 39.56 29.03
C GLY CA 15 -38.73 40.43 27.81
N SER CA 16 -37.47 40.68 27.46
CA SER CA 16 -37.14 41.61 26.38
C SER CA 16 -37.07 40.95 24.99
N SER CA 17 -36.17 41.47 24.16
CA SER CA 17 -35.95 40.96 22.82
C SER CA 17 -34.49 41.23 22.43
N VAL CA 18 -33.90 40.36 21.60
CA VAL CA 18 -32.54 40.57 21.11
C VAL CA 18 -32.41 40.23 19.62
N LYS CA 19 -31.45 40.86 18.95
CA LYS CA 19 -31.28 40.73 17.51
C LYS CA 19 -29.80 40.68 17.14
N VAL CA 20 -29.39 39.58 16.53
CA VAL CA 20 -27.98 39.30 16.23
C VAL CA 20 -27.71 39.23 14.73
N SER CA 21 -26.50 39.64 14.34
CA SER CA 21 -26.20 39.83 12.93
C SER CA 21 -25.14 38.85 12.42
N CYS CA 22 -25.45 38.15 11.33
CA CYS CA 22 -24.40 37.42 10.63
C CYS CA 22 -24.06 38.07 9.30
N LYS CA 23 -22.88 38.69 9.22
CA LYS CA 23 -22.40 39.29 7.98
C LYS CA 23 -21.44 38.33 7.27
N ALA CA 24 -21.88 37.77 6.14
CA ALA CA 24 -21.04 36.89 5.33
C ALA CA 24 -20.35 37.63 4.18
N SER CA 25 -19.08 37.33 3.93
CA SER CA 25 -18.34 37.98 2.85
C SER CA 25 -17.42 37.00 2.15
N GLY CA 26 -16.87 37.42 1.02
CA GLY CA 26 -16.03 36.56 0.22
C GLY CA 26 -16.85 35.84 -0.83
N GLY CA 27 -18.11 36.23 -0.94
CA GLY CA 27 -19.02 35.66 -1.91
C GLY CA 27 -20.17 36.59 -2.23
N THR CA 28 -20.83 36.33 -3.34
CA THR CA 28 -22.03 37.06 -3.72
C THR CA 28 -23.22 36.57 -2.92
N PHE CA 29 -24.17 37.47 -2.68
CA PHE CA 29 -25.20 37.26 -1.67
C PHE CA 29 -26.11 36.03 -1.78
N ILE CA 30 -26.59 35.75 -2.99
CA ILE CA 30 -27.61 34.72 -3.14
C ILE CA 30 -27.09 33.30 -2.96
N THR CA 31 -25.76 33.15 -2.95
CA THR CA 31 -25.14 31.84 -2.77
C THR CA 31 -25.25 31.39 -1.31
N HIS CA 32 -25.34 32.38 -0.42
CA HIS CA 32 -25.37 32.15 1.01
C HIS CA 32 -26.66 31.50 1.45
N VAL CA 33 -26.58 30.79 2.57
CA VAL CA 33 -27.76 30.40 3.34
C VAL CA 33 -27.39 30.43 4.82
N PHE CA 34 -27.91 31.44 5.51
CA PHE CA 34 -27.61 31.61 6.92
C PHE CA 34 -28.34 30.56 7.73
N THR CA 35 -27.70 30.11 8.81
CA THR CA 35 -28.36 29.29 9.80
C THR CA 35 -27.87 29.65 11.21
N TRP CA 36 -28.73 29.44 12.19
CA TRP CA 36 -28.44 29.81 13.58
C TRP CA 36 -28.63 28.61 14.51
N VAL CA 37 -27.51 28.15 15.07
CA VAL CA 37 -27.49 27.00 15.97
C VAL CA 37 -26.99 27.49 17.34
N ARG CA 38 -27.85 27.44 18.36
CA ARG CA 38 -27.45 27.89 19.70
C ARG CA 38 -26.95 26.73 20.57
N GLN CA 39 -26.25 27.06 21.66
CA GLN CA 39 -25.72 26.05 22.58
C GLN CA 39 -25.79 26.50 24.06
N ALA CA 40 -26.69 25.87 24.81
CA ALA CA 40 -26.76 26.07 26.26
C ALA CA 40 -25.47 25.57 26.91
N PRO CA 41 -24.90 26.36 27.83
CA PRO CA 41 -23.55 26.14 28.38
C PRO CA 41 -23.35 24.75 28.98
N GLY CA 42 -22.55 23.92 28.31
CA GLY CA 42 -22.29 22.57 28.78
C GLY CA 42 -23.22 21.57 28.11
N GLN CA 43 -24.39 22.05 27.70
CA GLN CA 43 -25.36 21.21 26.99
C GLN CA 43 -25.02 21.14 25.50
N GLY CA 44 -25.83 20.41 24.72
CA GLY CA 44 -25.53 20.19 23.31
C GLY CA 44 -25.86 21.32 22.34
N LEU CA 45 -26.04 20.97 21.07
CA LEU CA 45 -26.33 21.95 20.03
C LEU CA 45 -27.82 21.96 19.66
N GLU CA 46 -28.42 23.15 19.60
CA GLU CA 46 -29.82 23.23 19.21
C GLU CA 46 -30.07 24.20 18.05
N TRP CA 47 -30.68 23.68 16.98
CA TRP CA 47 -31.00 24.51 15.82
C TRP CA 47 -32.11 25.50 16.16
N VAL CA 48 -31.88 26.77 15.86
CA VAL CA 48 -32.87 27.81 16.02
C VAL CA 48 -33.44 28.17 14.66
N GLY CA 49 -32.67 28.91 13.88
CA GLY CA 49 -33.22 29.51 12.68
C GLY CA 49 -32.51 29.30 11.38
N GLY CA 50 -33.25 29.54 10.31
CA GLY CA 50 -32.66 29.46 8.99
C GLY CA 50 -33.16 30.51 8.03
N PHE CA 51 -32.28 30.95 7.13
CA PHE CA 51 -32.69 31.84 6.08
C PHE CA 51 -31.97 31.49 4.79
N ILE CA 52 -32.76 31.32 3.73
CA ILE CA 52 -32.21 31.05 2.42
C ILE CA 52 -32.23 32.33 1.58
N ALA CA 53 -31.05 32.73 1.10
CA ALA CA 53 -30.89 34.02 0.40
C ALA CA 53 -31.64 34.06 -0.92
N ILE CA 54 -31.44 33.04 -1.75
CA ILE CA 54 -31.98 33.05 -3.10
C ILE CA 54 -33.51 33.01 -3.16
N PHE CA 55 -34.14 32.51 -2.10
CA PHE CA 55 -35.59 32.43 -2.10
C PHE CA 55 -36.23 33.59 -1.33
N GLY CA 56 -35.55 34.05 -0.27
CA GLY CA 56 -36.10 35.08 0.60
C GLY CA 56 -36.87 34.45 1.74
N THR CA 57 -36.91 33.12 1.73
CA THR CA 57 -37.67 32.35 2.72
C THR CA 57 -36.88 32.09 3.99
N SER CA 58 -37.56 32.11 5.12
CA SER CA 58 -36.94 31.74 6.40
C SER CA 58 -37.70 30.63 7.13
N ASN CA 59 -36.96 29.73 7.76
CA ASN CA 59 -37.53 28.63 8.52
C ASN CA 59 -37.21 28.67 10.03
N TYR CA 60 -38.09 28.08 10.84
CA TYR CA 60 -37.86 28.00 12.28
C TYR CA 60 -38.07 26.59 12.82
N ALA CA 61 -37.76 26.42 14.11
CA ALA CA 61 -38.19 25.25 14.87
C ALA CA 61 -39.57 25.58 15.47
N GLN CA 62 -40.40 24.56 15.65
CA GLN CA 62 -41.75 24.76 16.16
C GLN CA 62 -41.71 25.09 17.66
N LYS CA 63 -40.54 24.86 18.27
CA LYS CA 63 -40.28 25.24 19.66
C LYS CA 63 -40.34 26.76 19.82
N PHE CA 64 -39.70 27.45 18.88
CA PHE CA 64 -39.60 28.90 18.91
C PHE CA 64 -40.75 29.56 18.16
N GLN CA 65 -41.78 28.77 17.84
CA GLN CA 65 -42.93 29.31 17.13
C GLN CA 65 -43.56 30.43 17.93
N GLY CA 66 -43.80 31.56 17.24
CA GLY CA 66 -44.26 32.76 17.90
C GLY CA 66 -43.12 33.71 18.20
N ARG CA 67 -42.01 33.18 18.70
CA ARG CA 67 -40.94 33.99 19.28
C ARG CA 67 -39.98 34.64 18.27
N VAL CA 68 -39.67 33.94 17.19
CA VAL CA 68 -38.54 34.30 16.34
C VAL CA 68 -38.89 34.93 14.97
N THR CA 69 -38.19 35.99 14.62
CA THR CA 69 -38.33 36.65 13.32
C THR CA 69 -36.98 36.78 12.61
N ILE CA 70 -36.91 36.25 11.40
CA ILE CA 70 -35.65 36.22 10.65
C ILE CA 70 -35.64 37.05 9.36
N THR CA 71 -34.79 38.07 9.32
CA THR CA 71 -34.71 39.03 8.23
C THR CA 71 -33.35 38.93 7.51
N ALA CA 72 -33.17 39.70 6.44
CA ALA CA 72 -31.83 39.89 5.86
C ALA CA 72 -31.73 41.20 5.07
N ASP CA 73 -30.54 41.50 4.55
CA ASP CA 73 -30.28 42.75 3.83
C ASP CA 73 -29.20 42.55 2.77
N GLU CA 74 -29.53 42.83 1.51
CA GLU CA 74 -28.68 42.39 0.41
C GLU CA 74 -27.40 43.19 0.21
N SER CA 75 -27.50 44.52 0.26
CA SER CA 75 -26.34 45.38 0.12
C SER CA 75 -25.32 45.12 1.23
N THR CA 76 -25.82 44.88 2.43
CA THR CA 76 -24.97 44.57 3.57
C THR CA 76 -24.41 43.14 3.48
N SER CA 77 -25.16 42.27 2.81
CA SER CA 77 -24.93 40.82 2.81
C SER CA 77 -24.91 40.29 4.25
N THR CA 78 -25.93 40.67 5.01
CA THR CA 78 -26.04 40.36 6.43
C THR CA 78 -27.45 39.86 6.75
N ALA CA 79 -27.56 38.75 7.46
CA ALA CA 79 -28.85 38.26 7.92
C ALA CA 79 -29.07 38.58 9.40
N TYR CA 80 -30.33 38.56 9.84
CA TYR CA 80 -30.64 38.96 11.21
C TYR CA 80 -31.61 38.00 11.93
N MET CA 81 -31.22 37.56 13.12
CA MET CA 81 -32.05 36.66 13.94
C MET CA 81 -32.53 37.31 15.25
N GLU CA 82 -33.82 37.59 15.31
CA GLU CA 82 -34.44 38.25 16.46
C GLU CA 82 -35.24 37.28 17.31
N LEU CA 83 -34.92 37.22 18.61
CA LEU CA 83 -35.66 36.38 19.55
C LEU CA 83 -36.34 37.21 20.64
N THR CA 84 -37.64 36.99 20.85
CA THR CA 84 -38.43 37.77 21.81
C THR CA 84 -38.76 36.97 23.06
N SER CA 85 -39.39 37.63 24.03
CA SER CA 85 -39.96 36.95 25.21
C SER CA 85 -38.92 36.11 25.95
N LEU CA 86 -37.79 36.72 26.27
CA LEU CA 86 -36.59 36.01 26.75
C LEU CA 86 -36.65 35.45 28.18
N THR CA 87 -36.11 34.24 28.31
CA THR CA 87 -35.99 33.54 29.58
C THR CA 87 -34.52 33.11 29.74
N SER CA 88 -34.17 32.64 30.94
CA SER CA 88 -32.80 32.22 31.23
C SER CA 88 -32.50 30.85 30.65
N GLU CA 89 -33.50 30.27 29.98
CA GLU CA 89 -33.33 29.04 29.24
C GLU CA 89 -32.76 29.38 27.87
N ASP CA 90 -33.02 30.61 27.45
CA ASP CA 90 -32.56 31.08 26.17
C ASP CA 90 -31.14 31.64 26.28
N THR CA 91 -30.58 31.56 27.48
CA THR CA 91 -29.18 31.90 27.72
C THR CA 91 -28.29 30.83 27.10
N ALA CA 92 -27.61 31.19 26.01
CA ALA CA 92 -26.76 30.24 25.33
C ALA CA 92 -25.74 30.94 24.45
N VAL CA 93 -24.98 30.15 23.69
CA VAL CA 93 -24.02 30.67 22.72
C VAL CA 93 -24.58 30.50 21.30
N TYR CA 94 -24.93 31.60 20.66
CA TYR CA 94 -25.60 31.56 19.35
C TYR CA 94 -24.63 31.62 18.19
N TYR CA 95 -24.37 30.45 17.59
CA TYR CA 95 -23.47 30.34 16.45
C TYR CA 95 -24.19 30.65 15.14
N CYS CA 96 -23.55 31.41 14.27
CA CYS CA 96 -24.00 31.53 12.90
C CYS CA 96 -23.16 30.60 12.05
N ALA CA 97 -23.72 30.17 10.93
CA ALA CA 97 -23.02 29.27 10.04
C ALA CA 97 -23.62 29.35 8.63
N ARG CA 98 -22.80 29.12 7.61
CA ARG CA 98 -23.33 29.11 6.27
C ARG CA 98 -23.54 27.68 5.83
N GLY CA 99 -24.79 27.37 5.48
CA GLY CA 99 -25.17 26.03 5.05
C GLY CA 99 -25.09 25.93 3.54
N ILE CA 100 -25.84 24.99 2.98
CA ILE CA 100 -25.96 24.91 1.53
C ILE CA 100 -27.39 24.55 1.17
N SER CA 101 -27.76 24.72 -0.11
CA SER CA 101 -29.10 24.39 -0.59
C SER CA 101 -30.20 25.08 0.20
N GLY CA 102 -31.44 24.62 0.04
CA GLY CA 102 -32.57 25.22 0.72
C GLY CA 102 -33.18 24.25 1.69
N SER CA 103 -32.56 23.07 1.75
CA SER CA 103 -32.85 22.08 2.78
C SER CA 103 -31.84 22.24 3.92
N TYR CA 104 -31.04 23.33 3.85
CA TYR CA 104 -29.90 23.61 4.74
C TYR CA 104 -28.98 22.41 4.85
N GLY CA 105 -27.85 22.42 4.16
CA GLY CA 105 -27.07 21.20 4.07
C GLY CA 105 -26.22 20.88 5.28
N TRP CA 106 -24.93 21.12 5.13
CA TRP CA 106 -23.96 21.01 6.20
C TRP CA 106 -23.45 22.41 6.51
N PHE CA 107 -23.12 22.67 7.77
CA PHE CA 107 -22.64 23.99 8.12
C PHE CA 107 -21.10 24.01 8.12
N ASP CA 108 -20.53 24.69 7.11
CA ASP CA 108 -19.11 24.54 6.78
C ASP CA 108 -18.22 25.65 7.35
N PRO CA 109 -18.65 26.91 7.23
CA PRO CA 109 -18.01 27.86 8.15
C PRO CA 109 -18.93 28.08 9.34
N TRP CA 110 -18.36 28.22 10.53
CA TRP CA 110 -19.13 28.62 11.70
C TRP CA 110 -18.53 29.90 12.26
N GLY CA 111 -19.37 30.75 12.82
CA GLY CA 111 -18.89 31.95 13.47
C GLY CA 111 -18.23 31.61 14.79
N GLN CA 112 -17.51 32.56 15.37
CA GLN CA 112 -16.85 32.33 16.64
C GLN CA 112 -17.85 32.24 17.80
N GLY CA 113 -19.14 32.50 17.50
CA GLY CA 113 -20.21 32.46 18.49
C GLY CA 113 -20.67 33.83 18.95
N THR CA 114 -21.79 33.92 19.65
CA THR CA 114 -22.26 35.18 20.25
C THR CA 114 -23.06 34.98 21.54
N LEU CA 115 -22.47 35.38 22.65
CA LEU CA 115 -23.02 35.10 23.97
C LEU CA 115 -24.30 35.87 24.26
N VAL CA 116 -25.40 35.14 24.34
CA VAL CA 116 -26.64 35.75 24.79
C VAL CA 116 -26.88 35.36 26.25
N THR CA 117 -26.85 36.36 27.13
CA THR CA 117 -26.96 36.16 28.58
C THR CA 117 -28.25 36.76 29.16
N VAL CA 118 -29.19 35.90 29.56
CA VAL CA 118 -30.48 36.35 30.09
C VAL CA 118 -30.60 36.26 31.62
N SER CA 119 -30.14 37.31 32.30
CA SER CA 119 -30.31 37.43 33.76
C SER CA 119 -30.52 38.89 34.18
N SER CA 120 -30.93 39.08 35.43
CA SER CA 120 -31.20 40.42 35.96
C SER CA 120 -29.92 41.12 36.37
N ALA CA 121 -28.84 40.34 36.46
CA ALA CA 121 -27.69 40.70 37.29
C ALA CA 121 -26.91 41.99 36.95
N SER CA 122 -26.20 42.48 37.96
CA SER CA 122 -25.41 43.70 37.89
C SER CA 122 -24.20 43.54 36.98
N THR CA 123 -24.28 44.16 35.80
CA THR CA 123 -23.16 44.18 34.86
C THR CA 123 -21.87 44.73 35.51
N LYS CA 124 -21.25 43.93 36.37
CA LYS CA 124 -20.15 44.41 37.22
C LYS CA 124 -18.77 43.73 37.01
N GLY CA 125 -17.70 44.46 37.37
CA GLY CA 125 -16.34 43.94 37.36
C GLY CA 125 -15.98 43.38 38.74
N PRO CA 126 -14.96 42.50 38.78
CA PRO CA 126 -14.81 41.54 39.89
C PRO CA 126 -14.25 42.11 41.20
N SER CA 127 -13.78 41.17 42.01
CA SER CA 127 -12.95 41.41 43.18
C SER CA 127 -11.98 40.24 43.17
N VAL CA 128 -10.69 40.54 43.14
CA VAL CA 128 -9.68 39.51 42.90
C VAL CA 128 -8.74 39.30 44.10
N PHE CA 129 -8.78 38.10 44.69
CA PHE CA 129 -8.01 37.82 45.91
C PHE CA 129 -6.91 36.74 45.77
N PRO CA 130 -5.89 36.80 46.64
CA PRO CA 130 -4.80 35.81 46.56
C PRO CA 130 -5.08 34.48 47.27
N LEU CA 131 -4.52 33.42 46.72
CA LEU CA 131 -4.38 32.14 47.39
C LEU CA 131 -2.89 31.91 47.50
N ALA CA 132 -2.37 31.83 48.72
CA ALA CA 132 -0.92 31.73 48.90
C ALA CA 132 -0.51 30.45 49.60
N PRO CA 133 0.73 29.98 49.32
CA PRO CA 133 1.29 28.82 50.03
C PRO CA 133 1.57 29.20 51.50
N SER CA 134 1.74 30.50 51.71
CA SER CA 134 1.83 31.12 53.03
C SER CA 134 0.74 32.18 53.13
N GLY CA 141 3.11 25.66 55.54
CA GLY CA 141 3.35 26.48 54.36
C GLY CA 141 4.30 25.83 53.37
N THR CA 142 3.79 24.88 52.60
CA THR CA 142 4.55 24.24 51.53
C THR CA 142 3.63 23.78 50.39
N ALA CA 143 2.74 24.68 49.95
CA ALA CA 143 1.72 24.35 48.96
C ALA CA 143 1.91 25.09 47.62
N ALA CA 144 0.92 24.94 46.73
CA ALA CA 144 0.90 25.68 45.46
C ALA CA 144 0.45 27.13 45.68
N LEU CA 145 0.08 27.81 44.61
CA LEU CA 145 -0.33 29.20 44.70
C LEU CA 145 -1.20 29.60 43.52
N GLY CA 146 -1.86 30.75 43.62
CA GLY CA 146 -2.71 31.21 42.55
C GLY CA 146 -3.56 32.42 42.89
N CYS CA 147 -4.55 32.68 42.05
CA CYS CA 147 -5.38 33.87 42.17
C CYS CA 147 -6.85 33.45 42.22
N LEU CA 148 -7.71 34.35 42.67
CA LEU CA 148 -9.15 34.09 42.77
C LEU CA 148 -9.97 35.28 42.26
N VAL CA 149 -10.95 35.02 41.41
CA VAL CA 149 -11.88 36.07 40.96
C VAL CA 149 -13.27 35.79 41.55
N LYS CA 150 -13.96 36.82 42.03
CA LYS CA 150 -15.33 36.64 42.55
C LYS CA 150 -16.25 37.83 42.24
N ASP CA 151 -17.53 37.52 42.09
CA ASP CA 151 -18.59 38.52 41.91
C ASP CA 151 -18.38 39.49 40.76
N TYR CA 152 -18.05 38.95 39.59
CA TYR CA 152 -18.06 39.72 38.35
C TYR CA 152 -19.26 39.26 37.49
N PHE CA 153 -19.55 39.96 36.40
CA PHE CA 153 -20.72 39.64 35.56
C PHE CA 153 -20.71 40.33 34.19
N PRO CA 154 -20.89 39.54 33.11
CA PRO CA 154 -20.97 38.08 33.17
C PRO CA 154 -19.67 37.47 32.68
N GLU CA 155 -19.75 36.31 32.01
CA GLU CA 155 -18.59 35.77 31.33
C GLU CA 155 -18.28 36.68 30.13
N PRO CA 156 -17.04 36.66 29.62
CA PRO CA 156 -15.86 35.93 30.12
C PRO CA 156 -14.79 36.85 30.71
N VAL CA 157 -13.77 36.23 31.30
CA VAL CA 157 -12.62 36.94 31.85
C VAL CA 157 -11.31 36.24 31.52
N THR CA 158 -10.27 37.04 31.28
CA THR CA 158 -8.97 36.51 30.90
C THR CA 158 -7.95 36.68 32.03
N VAL CA 159 -7.83 35.67 32.87
CA VAL CA 159 -6.70 35.63 33.79
C VAL CA 159 -5.47 35.13 33.04
N SER CA 160 -4.47 36.01 32.93
CA SER CA 160 -3.14 35.68 32.44
C SER CA 160 -2.12 35.88 33.58
N TRP CA 161 -0.88 35.48 33.36
CA TRP CA 161 0.01 35.07 34.46
C TRP CA 161 1.47 35.51 34.33
N ASN CA 162 2.05 36.00 35.42
CA ASN CA 162 3.41 36.55 35.43
C ASN CA 162 3.56 37.66 34.40
N SER CA 163 2.49 38.45 34.27
CA SER CA 163 2.34 39.45 33.20
C SER CA 163 2.46 38.84 31.80
N GLY CA 164 1.77 37.72 31.59
CA GLY CA 164 1.69 37.10 30.28
C GLY CA 164 2.82 36.17 29.93
N ALA CA 165 3.92 36.25 30.68
CA ALA CA 165 5.14 35.53 30.34
C ALA CA 165 5.29 34.19 31.08
N LEU CA 166 4.17 33.64 31.54
CA LEU CA 166 4.18 32.31 32.15
C LEU CA 166 3.19 31.35 31.48
N THR CA 167 3.70 30.18 31.10
CA THR CA 167 2.87 29.13 30.53
C THR CA 167 2.69 27.97 31.51
N SER CA 168 3.60 26.99 31.42
CA SER CA 168 3.48 25.69 32.13
C SER CA 168 3.20 25.80 33.63
N GLY CA 169 2.18 25.06 34.10
CA GLY CA 169 1.81 25.04 35.50
C GLY CA 169 0.39 25.50 35.76
N VAL CA 170 -0.17 26.26 34.81
CA VAL CA 170 -1.49 26.85 35.01
C VAL CA 170 -2.66 25.91 34.83
N HIS CA 171 -3.74 26.27 35.52
CA HIS CA 171 -5.08 25.78 35.26
C HIS CA 171 -5.99 26.99 35.53
N THR CA 172 -6.40 27.71 34.49
CA THR CA 172 -7.40 28.79 34.65
C THR CA 172 -8.79 28.16 34.56
N PHE CA 173 -9.46 28.05 35.71
CA PHE CA 173 -10.67 27.21 35.89
C PHE CA 173 -11.93 27.66 35.15
N PRO CA 174 -12.80 26.69 34.81
CA PRO CA 174 -14.17 26.99 34.40
C PRO CA 174 -14.85 27.84 35.48
N ALA CA 175 -15.49 28.94 35.08
CA ALA CA 175 -16.19 29.78 36.03
C ALA CA 175 -17.38 29.02 36.63
N VAL CA 176 -17.92 29.53 37.73
CA VAL CA 176 -19.11 28.93 38.31
C VAL CA 176 -20.23 29.94 38.51
N LEU CA 177 -21.47 29.45 38.47
CA LEU CA 177 -22.66 30.27 38.68
C LEU CA 177 -23.15 30.13 40.13
N GLN CA 178 -23.10 31.24 40.87
CA GLN CA 178 -23.48 31.23 42.28
C GLN CA 178 -24.92 31.68 42.50
N SER CA 179 -25.48 31.33 43.66
CA SER CA 179 -26.87 31.67 43.96
C SER CA 179 -27.08 33.19 43.99
N SER CA 180 -25.98 33.94 44.05
CA SER CA 180 -26.02 35.39 43.92
C SER CA 180 -26.37 35.79 42.50
N GLY CA 181 -26.10 34.89 41.57
CA GLY CA 181 -26.26 35.17 40.16
C GLY CA 181 -24.97 35.72 39.58
N LEU CA 182 -23.97 35.90 40.43
CA LEU CA 182 -22.67 36.40 40.01
C LEU CA 182 -21.74 35.22 39.71
N TYR CA 183 -20.76 35.44 38.83
CA TYR CA 183 -19.85 34.37 38.45
C TYR CA 183 -18.58 34.39 39.32
N SER CA 184 -18.08 33.21 39.65
CA SER CA 184 -16.85 33.07 40.44
C SER CA 184 -15.87 32.09 39.79
N LEU CA 185 -14.60 32.25 40.11
CA LEU CA 185 -13.54 31.62 39.32
C LEU CA 185 -12.21 31.59 40.07
N SER CA 186 -11.24 30.85 39.54
CA SER CA 186 -9.89 30.79 40.10
C SER CA 186 -8.88 30.25 39.07
N SER CA 187 -7.61 30.64 39.22
CA SER CA 187 -6.53 30.04 38.43
C SER CA 187 -5.34 29.70 39.35
N VAL CA 188 -4.84 28.48 39.25
CA VAL CA 188 -3.77 28.01 40.13
C VAL CA 188 -2.51 27.58 39.40
N VAL CA 189 -1.36 27.90 40.00
CA VAL CA 189 -0.10 27.32 39.54
C VAL CA 189 0.49 26.44 40.61
N THR CA 190 0.86 25.23 40.19
CA THR CA 190 1.72 24.42 41.00
C THR CA 190 3.17 24.67 40.59
N VAL CA 191 3.93 25.26 41.50
CA VAL CA 191 5.37 25.07 41.57
C VAL CA 191 5.65 24.65 43.03
N PRO CA 192 5.04 23.52 43.48
CA PRO CA 192 4.87 23.18 44.90
C PRO CA 192 6.19 22.86 45.58
N SER CA 193 6.66 23.80 46.39
CA SER CA 193 8.01 23.81 46.94
C SER CA 193 9.04 23.95 45.82
N SER CA 194 8.80 24.92 44.94
CA SER CA 194 9.77 25.38 43.97
C SER CA 194 9.77 26.92 43.91
N SER CA 195 10.85 27.55 44.38
CA SER CA 195 11.17 28.95 44.05
C SER CA 195 10.29 30.08 44.64
N LEU CA 196 9.60 29.81 45.75
CA LEU CA 196 8.60 30.76 46.28
C LEU CA 196 9.12 32.14 46.73
N GLY CA 197 9.33 32.30 48.04
CA GLY CA 197 9.73 33.57 48.68
C GLY CA 197 10.70 34.49 47.98
N THR CA 198 11.40 33.97 46.97
CA THR CA 198 12.19 34.79 46.05
C THR CA 198 11.33 35.78 45.26
N GLN CA 199 10.28 35.26 44.63
CA GLN CA 199 9.66 35.87 43.45
C GLN CA 199 8.53 36.89 43.65
N THR CA 200 8.41 37.77 42.64
CA THR CA 200 7.14 38.40 42.32
C THR CA 200 6.44 37.40 41.38
N TYR CA 201 5.27 36.94 41.81
CA TYR CA 201 4.48 35.98 41.04
C TYR CA 201 3.10 36.62 40.89
N ILE CA 202 2.91 37.39 39.82
CA ILE CA 202 1.76 38.29 39.73
C ILE CA 202 0.58 37.78 38.91
N CYS CA 203 -0.59 38.31 39.24
CA CYS CA 203 -1.87 37.85 38.69
C CYS CA 203 -2.48 38.94 37.80
N ASN CA 204 -2.82 38.58 36.56
CA ASN CA 204 -3.32 39.57 35.59
C ASN CA 204 -4.68 39.21 34.99
N VAL CA 205 -5.74 39.78 35.56
CA VAL CA 205 -7.11 39.53 35.08
C VAL CA 205 -7.59 40.64 34.14
N ASN CA 206 -8.46 40.29 33.20
CA ASN CA 206 -9.06 41.27 32.30
C ASN CA 206 -10.55 41.03 32.10
N HIS CA 207 -11.32 42.12 32.12
CA HIS CA 207 -12.77 42.04 32.02
C HIS CA 207 -13.28 43.18 31.14
N LYS CA 208 -14.30 42.90 30.34
CA LYS CA 208 -14.68 43.81 29.28
C LYS CA 208 -15.95 44.64 29.55
N PRO CA 209 -16.96 44.05 30.20
CA PRO CA 209 -17.97 44.93 30.82
C PRO CA 209 -17.48 45.54 32.14
N SER CA 210 -16.46 46.41 32.04
CA SER CA 210 -15.98 47.31 33.11
C SER CA 210 -14.69 48.00 32.67
N ASN CA 211 -13.95 47.31 31.80
CA ASN CA 211 -12.58 47.67 31.46
C ASN CA 211 -11.70 47.72 32.72
N THR CA 212 -12.06 46.84 33.66
CA THR CA 212 -11.17 46.46 34.75
C THR CA 212 -9.99 45.68 34.17
N LYS CA 213 -8.78 46.11 34.51
CA LYS CA 213 -7.59 45.30 34.36
C LYS CA 213 -7.05 45.21 35.78
N VAL CA 214 -6.97 44.00 36.33
CA VAL CA 214 -6.40 43.89 37.67
C VAL CA 214 -5.07 43.15 37.67
N ASP CA 215 -3.98 43.89 37.46
CA ASP CA 215 -2.67 43.39 37.78
C ASP CA 215 -2.72 43.22 39.30
N LYS CA 216 -2.45 42.01 39.77
CA LYS CA 216 -2.60 41.71 41.20
C LYS CA 216 -1.34 41.02 41.72
N ARG CA 217 -0.85 41.52 42.84
CA ARG CA 217 0.39 40.99 43.44
C ARG CA 217 0.03 39.90 44.43
N VAL CA 218 0.71 38.75 44.32
CA VAL CA 218 0.35 37.56 45.09
C VAL CA 218 1.50 37.03 45.96
N GLU CA 219 1.91 37.82 46.95
CA GLU CA 219 3.01 37.47 47.84
C GLU CA 219 2.59 36.43 48.89
N PRO CA 220 3.53 35.54 49.29
CA PRO CA 220 3.35 34.76 50.52
C PRO CA 220 3.88 35.48 51.77
N ASP DA 1 -40.55 15.56 14.14
CA ASP DA 1 -39.12 15.65 14.42
C ASP DA 1 -38.41 14.31 14.31
N ILE DA 2 -37.14 14.39 13.91
CA ILE DA 2 -36.29 13.22 13.72
C ILE DA 2 -35.24 13.14 14.82
N GLN DA 3 -35.34 12.11 15.65
CA GLN DA 3 -34.42 11.98 16.77
C GLN DA 3 -33.08 11.35 16.35
N LEU DA 4 -31.99 12.00 16.74
CA LEU DA 4 -30.65 11.45 16.57
C LEU DA 4 -30.14 10.97 17.92
N THR DA 5 -29.97 9.66 18.03
CA THR DA 5 -29.43 9.04 19.23
C THR DA 5 -27.96 8.66 18.98
N GLN DA 6 -27.04 9.34 19.66
CA GLN DA 6 -25.62 9.04 19.50
C GLN DA 6 -25.20 8.03 20.55
N SER DA 7 -24.39 7.06 20.16
CA SER DA 7 -23.89 6.06 21.09
C SER DA 7 -22.44 5.74 20.77
N PRO DA 8 -21.59 5.73 21.80
CA PRO DA 8 -21.94 6.06 23.19
C PRO DA 8 -21.95 7.56 23.46
N SER DA 9 -22.20 7.92 24.72
CA SER DA 9 -22.30 9.32 25.10
C SER DA 9 -20.95 9.86 25.59
N SER DA 10 -20.16 8.99 26.21
CA SER DA 10 -18.78 9.32 26.57
C SER DA 10 -17.84 8.15 26.29
N LEU DA 11 -16.58 8.46 26.03
CA LEU DA 11 -15.61 7.43 25.66
C LEU DA 11 -14.20 7.74 26.16
N SER DA 12 -13.60 6.77 26.85
CA SER DA 12 -12.19 6.79 27.19
C SER DA 12 -11.42 5.79 26.32
N ALA DA 13 -10.42 6.28 25.59
CA ALA DA 13 -9.54 5.42 24.80
C ALA DA 13 -8.14 6.02 24.69
N SER DA 14 -7.17 5.16 24.42
CA SER DA 14 -5.78 5.58 24.38
C SER DA 14 -5.33 5.92 22.97
N VAL DA 15 -4.20 6.61 22.87
CA VAL DA 15 -3.63 7.00 21.60
C VAL DA 15 -3.22 5.76 20.78
N GLY DA 16 -3.78 5.62 19.58
CA GLY DA 16 -3.46 4.50 18.70
C GLY DA 16 -4.65 3.59 18.48
N ASP DA 17 -5.58 3.64 19.43
CA ASP DA 17 -6.83 2.89 19.34
C ASP DA 17 -7.68 3.42 18.22
N ARG DA 18 -8.46 2.53 17.60
CA ARG DA 18 -9.53 2.97 16.71
C ARG DA 18 -10.76 3.23 17.58
N VAL DA 19 -11.55 4.23 17.22
CA VAL DA 19 -12.77 4.53 17.95
C VAL DA 19 -13.97 4.60 17.01
N THR DA 20 -15.06 3.91 17.36
CA THR DA 20 -16.26 3.98 16.53
C THR DA 20 -17.47 4.54 17.31
N ILE DA 21 -17.93 5.72 16.90
CA ILE DA 21 -19.17 6.31 17.39
C ILE DA 21 -20.32 6.05 16.40
N THR DA 22 -21.54 5.94 16.92
CA THR DA 22 -22.71 5.69 16.08
C THR DA 22 -23.81 6.74 16.24
N CYS DA 23 -24.49 7.01 15.13
CA CYS DA 23 -25.65 7.90 15.12
C CYS DA 23 -26.83 7.16 14.50
N GLN DA 24 -27.92 7.07 15.25
CA GLN DA 24 -29.10 6.36 14.77
C GLN DA 24 -30.33 7.25 14.75
N ALA DA 25 -31.01 7.27 13.60
CA ALA DA 25 -32.10 8.21 13.37
C ALA DA 25 -33.48 7.57 13.49
N SER DA 26 -34.50 8.39 13.70
CA SER DA 26 -35.89 7.93 13.88
C SER DA 26 -36.53 7.35 12.61
N GLN DA 27 -36.22 7.97 11.48
CA GLN DA 27 -36.73 7.55 10.18
C GLN DA 27 -35.56 7.31 9.27
N ASP DA 28 -35.80 6.74 8.10
CA ASP DA 28 -34.75 6.60 7.08
C ASP DA 28 -34.42 7.99 6.55
N ILE DA 29 -33.15 8.36 6.57
CA ILE DA 29 -32.78 9.69 6.09
C ILE DA 29 -31.77 9.66 4.96
N ARG DA 30 -31.76 8.57 4.19
CA ARG DA 30 -30.80 8.37 3.11
C ARG DA 30 -29.40 8.68 3.67
N LYS DA 31 -28.52 9.24 2.85
CA LYS DA 31 -27.18 9.58 3.32
C LYS DA 31 -27.07 11.04 3.76
N TYR DA 32 -28.15 11.58 4.30
CA TYR DA 32 -28.19 13.00 4.61
C TYR DA 32 -27.72 13.32 6.02
N LEU DA 33 -26.55 12.79 6.38
CA LEU DA 33 -26.01 13.03 7.71
C LEU DA 33 -24.63 13.67 7.67
N ASN DA 34 -24.38 14.55 8.65
CA ASN DA 34 -23.08 15.21 8.79
C ASN DA 34 -22.57 15.08 10.21
N TRP DA 35 -21.25 15.11 10.37
CA TRP DA 35 -20.59 14.95 11.66
C TRP DA 35 -19.75 16.18 11.96
N TYR DA 36 -19.92 16.75 13.15
CA TYR DA 36 -19.10 17.90 13.54
C TYR DA 36 -18.20 17.58 14.73
N GLN DA 37 -17.06 18.26 14.83
CA GLN DA 37 -16.16 18.10 15.98
C GLN DA 37 -16.09 19.38 16.80
N GLN DA 38 -16.27 19.26 18.11
CA GLN DA 38 -16.14 20.43 18.96
C GLN DA 38 -14.97 20.36 19.95
N LYS DA 39 -13.80 20.79 19.47
CA LYS DA 39 -12.67 21.05 20.34
C LYS DA 39 -13.14 22.05 21.41
N PRO DA 40 -12.94 21.69 22.70
CA PRO DA 40 -13.48 22.41 23.86
C PRO DA 40 -13.09 23.87 23.87
N GLY DA 41 -14.06 24.76 24.09
CA GLY DA 41 -13.81 26.19 24.05
C GLY DA 41 -13.63 26.77 22.65
N LYS DA 42 -13.89 25.96 21.63
CA LYS DA 42 -13.84 26.43 20.24
C LYS DA 42 -15.15 26.09 19.52
N ALA DA 43 -15.39 26.76 18.39
CA ALA DA 43 -16.60 26.52 17.59
C ALA DA 43 -16.62 25.10 17.04
N PRO DA 44 -17.82 24.59 16.70
CA PRO DA 44 -17.84 23.28 16.02
C PRO DA 44 -17.15 23.29 14.63
N ASN DA 45 -16.86 22.11 14.12
CA ASN DA 45 -16.05 21.96 12.94
C ASN DA 45 -16.60 20.80 12.11
N LEU DA 46 -16.83 21.02 10.82
CA LEU DA 46 -17.39 19.99 9.96
C LEU DA 46 -16.36 18.94 9.57
N LEU DA 47 -16.58 17.68 9.93
CA LEU DA 47 -15.63 16.64 9.55
C LEU DA 47 -16.13 15.87 8.36
N ILE DA 48 -17.18 15.09 8.58
CA ILE DA 48 -17.80 14.35 7.53
C ILE DA 48 -19.10 15.06 7.09
N TYR DA 49 -19.33 15.10 5.78
CA TYR DA 49 -20.59 15.61 5.25
C TYR DA 49 -21.20 14.55 4.34
N ASP DA 50 -22.52 14.43 4.34
CA ASP DA 50 -23.23 13.46 3.49
C ASP DA 50 -22.75 12.02 3.80
N ALA DA 51 -22.65 11.74 5.09
CA ALA DA 51 -22.32 10.41 5.65
C ALA DA 51 -20.87 9.95 5.50
N SER DA 52 -20.39 9.94 4.26
CA SER DA 52 -19.12 9.32 3.93
C SER DA 52 -18.13 10.33 3.36
N ASN DA 53 -18.63 11.46 2.90
CA ASN DA 53 -17.75 12.45 2.28
C ASN DA 53 -16.95 13.26 3.31
N VAL DA 54 -15.67 13.44 3.02
CA VAL DA 54 -14.74 14.08 3.94
C VAL DA 54 -14.33 15.47 3.47
N LYS DA 55 -14.32 16.41 4.40
CA LYS DA 55 -13.95 17.77 4.09
C LYS DA 55 -12.49 17.83 3.63
N THR DA 56 -12.22 18.72 2.68
CA THR DA 56 -10.87 19.00 2.24
C THR DA 56 -10.17 19.75 3.38
N GLY DA 57 -9.15 19.11 3.95
CA GLY DA 57 -8.38 19.71 5.02
C GLY DA 57 -8.48 18.92 6.31
N VAL DA 58 -8.94 17.68 6.19
CA VAL DA 58 -9.22 16.84 7.34
C VAL DA 58 -8.43 15.54 7.27
N PRO DA 59 -7.67 15.23 8.34
CA PRO DA 59 -6.76 14.07 8.43
C PRO DA 59 -7.43 12.72 8.08
N SER DA 60 -6.69 11.81 7.45
CA SER DA 60 -7.27 10.59 6.87
C SER DA 60 -7.74 9.55 7.88
N ARG DA 61 -7.69 9.86 9.17
CA ARG DA 61 -8.09 8.91 10.21
C ARG DA 61 -9.59 8.96 10.49
N PHE DA 62 -10.23 10.04 10.07
CA PHE DA 62 -11.67 10.17 10.20
C PHE DA 62 -12.40 9.67 8.97
N ARG DA 63 -13.06 8.52 9.09
CA ARG DA 63 -13.91 8.06 8.00
C ARG DA 63 -15.36 8.10 8.48
N GLY DA 64 -16.29 8.11 7.53
CA GLY DA 64 -17.69 7.99 7.86
C GLY DA 64 -18.32 6.89 7.04
N SER DA 65 -19.35 6.26 7.59
CA SER DA 65 -20.14 5.30 6.83
C SER DA 65 -21.55 5.30 7.42
N GLY DA 66 -22.50 4.72 6.69
CA GLY DA 66 -23.89 4.75 7.10
C GLY DA 66 -24.86 4.83 5.94
N SER DA 67 -25.89 3.99 6.00
CA SER DA 67 -26.86 3.87 4.92
C SER DA 67 -28.01 4.83 5.06
N GLY DA 68 -28.90 4.54 6.00
CA GLY DA 68 -30.17 5.22 6.03
C GLY DA 68 -30.72 5.55 7.40
N THR DA 69 -30.49 4.68 8.37
CA THR DA 69 -30.97 4.97 9.70
C THR DA 69 -29.91 4.63 10.74
N ASP DA 70 -28.86 3.95 10.28
CA ASP DA 70 -27.74 3.62 11.13
C ASP DA 70 -26.45 4.20 10.57
N PHE DA 71 -25.79 5.03 11.37
CA PHE DA 71 -24.59 5.74 10.93
C PHE DA 71 -23.38 5.47 11.84
N THR DA 72 -22.18 5.57 11.25
CA THR DA 72 -20.91 5.24 11.91
C THR DA 72 -19.84 6.32 11.69
N PHE DA 73 -19.17 6.71 12.77
CA PHE DA 73 -18.03 7.63 12.70
C PHE DA 73 -16.73 6.97 13.22
N THR DA 74 -15.76 6.72 12.34
CA THR DA 74 -14.52 6.02 12.72
C THR DA 74 -13.25 6.89 12.71
N ILE DA 75 -12.52 6.90 13.82
CA ILE DA 75 -11.12 7.37 13.83
C ILE DA 75 -10.20 6.12 13.86
N SER DA 76 -9.35 5.94 12.85
CA SER DA 76 -8.58 4.69 12.71
C SER DA 76 -7.47 4.58 13.74
N SER DA 77 -6.74 5.68 13.93
CA SER DA 77 -5.73 5.76 14.97
C SER DA 77 -5.84 7.11 15.65
N LEU DA 78 -6.12 7.07 16.95
CA LEU DA 78 -6.37 8.28 17.73
C LEU DA 78 -5.12 9.11 17.93
N GLN DA 79 -5.29 10.43 18.00
CA GLN DA 79 -4.22 11.35 18.35
C GLN DA 79 -4.74 12.24 19.47
N PRO DA 80 -3.82 12.83 20.25
CA PRO DA 80 -4.26 13.70 21.36
C PRO DA 80 -4.70 15.11 20.94
N GLU DA 81 -4.90 15.33 19.66
CA GLU DA 81 -5.50 16.58 19.18
C GLU DA 81 -6.96 16.32 18.81
N ASP DA 82 -7.27 15.04 18.63
CA ASP DA 82 -8.62 14.56 18.34
C ASP DA 82 -9.41 14.32 19.65
N ILE DA 83 -9.06 15.05 20.71
CA ILE DA 83 -9.85 15.01 21.96
C ILE DA 83 -10.81 16.19 21.96
N ALA DA 84 -12.09 15.89 21.88
CA ALA DA 84 -13.11 16.91 21.70
C ALA DA 84 -14.50 16.33 21.88
N THR DA 85 -15.52 17.00 21.33
CA THR DA 85 -16.90 16.50 21.38
C THR DA 85 -17.55 16.36 20.00
N TYR DA 86 -18.17 15.21 19.76
CA TYR DA 86 -18.63 14.87 18.41
C TYR DA 86 -20.15 14.77 18.21
N TYR DA 87 -20.64 15.41 17.14
CA TYR DA 87 -22.07 15.48 16.86
C TYR DA 87 -22.42 15.06 15.45
N CYS DA 88 -23.52 14.32 15.33
CA CYS DA 88 -24.13 14.03 14.05
C CYS DA 88 -25.35 14.93 13.81
N GLN DA 89 -25.55 15.31 12.55
CA GLN DA 89 -26.63 16.21 12.16
C GLN DA 89 -27.25 15.84 10.81
N GLN DA 90 -28.58 15.95 10.73
CA GLN DA 90 -29.35 15.61 9.55
C GLN DA 90 -29.91 16.85 8.88
N TYR DA 91 -30.16 16.76 7.58
CA TYR DA 91 -31.22 17.58 6.98
C TYR DA 91 -32.35 16.65 6.51
N ASP DA 92 -32.52 16.48 5.20
CA ASP DA 92 -33.62 15.64 4.70
C ASP DA 92 -34.99 16.13 5.20
N ASN DA 93 -35.33 15.88 6.47
CA ASN DA 93 -36.54 16.46 7.05
C ASN DA 93 -36.29 17.93 7.39
N LEU DA 94 -37.24 18.58 8.03
CA LEU DA 94 -36.97 19.94 8.46
C LEU DA 94 -37.49 20.33 9.85
N PRO DA 95 -36.95 19.71 10.88
CA PRO DA 95 -36.83 20.60 12.03
C PRO DA 95 -35.34 20.90 12.18
N ILE DA 96 -34.50 20.20 11.41
CA ILE DA 96 -33.05 20.13 11.61
C ILE DA 96 -32.70 19.74 13.05
N THR DA 97 -32.18 18.54 13.24
CA THR DA 97 -31.83 18.11 14.59
C THR DA 97 -30.35 17.70 14.69
N PHE DA 98 -29.88 17.52 15.93
CA PHE DA 98 -28.50 17.10 16.15
C PHE DA 98 -28.46 15.85 17.02
N GLY DA 99 -27.26 15.29 17.20
CA GLY DA 99 -27.07 14.24 18.19
C GLY DA 99 -26.96 14.89 19.55
N GLN DA 100 -26.81 14.09 20.59
CA GLN DA 100 -26.63 14.64 21.93
C GLN DA 100 -25.15 14.86 22.20
N GLY DA 101 -24.32 14.18 21.44
CA GLY DA 101 -22.89 14.29 21.58
C GLY DA 101 -22.19 13.00 21.94
N THR DA 102 -20.87 13.07 21.99
CA THR DA 102 -20.03 11.93 22.35
C THR DA 102 -18.66 12.52 22.71
N ARG DA 103 -18.29 12.46 23.99
CA ARG DA 103 -17.07 13.10 24.49
C ARG DA 103 -15.86 12.18 24.37
N LEU DA 104 -14.70 12.74 24.02
CA LEU DA 104 -13.48 11.94 23.94
C LEU DA 104 -12.49 12.21 25.09
N GLU DA 105 -12.20 11.17 25.86
CA GLU DA 105 -11.26 11.26 26.95
C GLU DA 105 -10.07 10.34 26.68
N ILE DA 106 -8.87 10.90 26.63
CA ILE DA 106 -7.67 10.06 26.55
C ILE DA 106 -7.58 9.19 27.80
N LYS DA 107 -7.56 7.88 27.60
CA LYS DA 107 -7.30 6.97 28.70
C LYS DA 107 -5.82 7.06 29.05
N ARG DA 108 -5.52 7.13 30.35
CA ARG DA 108 -4.13 7.03 30.80
C ARG DA 108 -3.99 6.17 32.06
N THR DA 109 -2.76 6.07 32.55
CA THR DA 109 -2.49 5.44 33.83
C THR DA 109 -3.20 6.25 34.92
N VAL DA 110 -3.73 5.58 35.95
CA VAL DA 110 -4.40 6.28 37.04
C VAL DA 110 -3.41 7.26 37.70
N ALA DA 111 -3.87 8.41 38.17
CA ALA DA 111 -2.91 9.40 38.68
C ALA DA 111 -3.09 9.85 40.14
N ALA DA 112 -2.09 10.57 40.64
CA ALA DA 112 -2.11 11.06 42.01
C ALA DA 112 -2.51 12.52 42.04
N PRO DA 113 -3.72 12.80 42.51
CA PRO DA 113 -4.19 14.19 42.70
C PRO DA 113 -3.41 14.87 43.81
N SER DA 114 -2.44 15.71 43.46
CA SER DA 114 -1.69 16.43 44.49
C SER DA 114 -2.57 17.50 45.12
N VAL DA 115 -3.03 17.20 46.34
CA VAL DA 115 -4.09 17.93 47.03
C VAL DA 115 -3.60 19.08 47.94
N PHE DA 116 -4.17 20.27 47.73
CA PHE DA 116 -3.77 21.48 48.47
C PHE DA 116 -4.96 22.14 49.15
N ILE DA 117 -4.82 22.47 50.43
CA ILE DA 117 -5.90 23.14 51.17
C ILE DA 117 -5.63 24.64 51.36
N PHE DA 118 -6.52 25.47 50.82
CA PHE DA 118 -6.24 26.89 50.63
C PHE DA 118 -7.12 27.87 51.41
N PRO DA 119 -6.49 28.79 52.14
CA PRO DA 119 -7.17 29.63 53.12
C PRO DA 119 -7.77 30.88 52.49
N PRO DA 120 -8.74 31.50 53.19
CA PRO DA 120 -9.27 32.82 52.82
C PRO DA 120 -8.18 33.89 52.97
N SER DA 121 -8.44 35.12 52.54
CA SER DA 121 -7.42 36.17 52.59
C SER DA 121 -7.78 37.37 53.47
N ASP DA 122 -6.75 38.14 53.80
CA ASP DA 122 -6.86 39.31 54.66
C ASP DA 122 -7.84 40.37 54.12
N GLU DA 123 -7.73 40.68 52.84
CA GLU DA 123 -8.58 41.69 52.20
C GLU DA 123 -10.03 41.23 52.12
N GLN DA 124 -10.24 39.92 52.10
CA GLN DA 124 -11.58 39.34 51.92
C GLN DA 124 -12.48 39.58 53.13
N LEU DA 125 -11.86 39.77 54.30
CA LEU DA 125 -12.63 40.08 55.51
C LEU DA 125 -12.46 41.56 55.93
N LYS DA 126 -12.38 42.43 54.92
CA LYS DA 126 -12.62 43.86 55.06
C LYS DA 126 -14.04 44.00 54.51
N SER DA 127 -14.62 42.83 54.27
CA SER DA 127 -15.84 42.68 53.47
C SER DA 127 -16.66 41.44 53.81
N GLY DA 128 -16.90 41.22 55.10
CA GLY DA 128 -17.94 40.33 55.58
C GLY DA 128 -18.09 38.87 55.15
N THR DA 129 -17.40 38.42 54.10
CA THR DA 129 -17.49 37.01 53.68
C THR DA 129 -16.16 36.38 53.28
N ALA DA 130 -15.93 35.16 53.78
CA ALA DA 130 -14.67 34.45 53.56
C ALA DA 130 -14.87 33.14 52.78
N SER DA 131 -13.94 32.84 51.87
CA SER DA 131 -14.06 31.69 50.97
C SER DA 131 -12.85 30.73 51.04
N VAL DA 132 -13.05 29.55 51.59
CA VAL DA 132 -12.00 28.53 51.66
C VAL DA 132 -12.05 27.60 50.43
N VAL DA 133 -10.89 27.40 49.81
CA VAL DA 133 -10.74 26.63 48.58
C VAL DA 133 -9.97 25.34 48.80
N CYS DA 134 -10.35 24.29 48.09
CA CYS DA 134 -9.51 23.10 48.02
C CYS DA 134 -9.21 22.73 46.57
N LEU DA 135 -7.95 22.50 46.26
CA LEU DA 135 -7.54 22.21 44.90
C LEU DA 135 -6.97 20.80 44.71
N LEU DA 136 -7.37 20.12 43.63
CA LEU DA 136 -6.83 18.81 43.31
C LEU DA 136 -6.02 18.83 42.03
N ASN DA 137 -4.70 18.90 42.16
CA ASN DA 137 -3.83 19.08 41.00
C ASN DA 137 -3.54 17.78 40.23
N ASN DA 138 -3.90 17.79 38.95
CA ASN DA 138 -3.47 16.80 37.95
C ASN DA 138 -3.61 15.30 38.31
N PHE DA 139 -4.76 14.72 37.95
CA PHE DA 139 -5.09 13.31 38.24
C PHE DA 139 -5.90 12.65 37.13
N TYR DA 140 -6.25 11.37 37.33
CA TYR DA 140 -7.09 10.65 36.37
C TYR DA 140 -7.65 9.34 36.94
N PRO DA 141 -8.95 9.09 36.70
CA PRO DA 141 -9.87 9.96 35.95
C PRO DA 141 -10.44 11.09 36.82
N ARG DA 142 -11.37 11.87 36.27
CA ARG DA 142 -11.94 13.00 36.99
C ARG DA 142 -12.89 12.55 38.12
N GLU DA 143 -13.20 11.25 38.15
CA GLU DA 143 -14.08 10.67 39.17
C GLU DA 143 -13.50 10.85 40.57
N ALA DA 144 -13.76 12.02 41.15
CA ALA DA 144 -13.17 12.40 42.44
C ALA DA 144 -14.21 12.93 43.43
N LYS DA 145 -13.98 12.61 44.70
CA LYS DA 145 -14.94 12.85 45.78
C LYS DA 145 -14.30 13.73 46.86
N VAL DA 146 -14.75 14.97 46.94
CA VAL DA 146 -14.16 15.94 47.85
C VAL DA 146 -15.18 16.40 48.90
N GLN DA 147 -14.94 16.03 50.17
CA GLN DA 147 -15.84 16.40 51.28
C GLN DA 147 -15.19 17.40 52.23
N TRP DA 148 -16.00 18.30 52.78
CA TRP DA 148 -15.51 19.28 53.74
C TRP DA 148 -15.82 18.90 55.19
N LYS DA 149 -14.81 18.96 56.05
CA LYS DA 149 -14.94 18.73 57.49
C LYS DA 149 -14.45 19.98 58.22
N VAL DA 150 -15.30 20.59 59.04
CA VAL DA 150 -14.90 21.74 59.87
C VAL DA 150 -14.98 21.38 61.36
N ASP DA 151 -13.84 21.47 62.05
CA ASP DA 151 -13.74 21.00 63.45
C ASP DA 151 -14.30 19.58 63.53
N ASN DA 152 -13.98 18.77 62.52
CA ASN DA 152 -14.69 17.51 62.25
C ASN DA 152 -16.22 17.68 62.28
N ALA DA 153 -16.75 18.22 61.20
CA ALA DA 153 -18.20 18.33 60.97
C ALA DA 153 -18.42 18.55 59.48
N LEU DA 154 -19.21 17.71 58.83
CA LEU DA 154 -19.34 17.79 57.37
C LEU DA 154 -20.64 18.43 56.86
N GLN DA 155 -20.64 18.83 55.58
CA GLN DA 155 -21.53 19.89 55.09
C GLN DA 155 -22.73 19.53 54.15
N SER DA 156 -23.36 20.58 53.60
CA SER DA 156 -24.56 20.50 52.77
C SER DA 156 -24.29 20.97 51.35
N GLY DA 157 -25.24 21.74 50.82
CA GLY DA 157 -25.15 22.25 49.45
C GLY DA 157 -24.61 23.66 49.41
N ASN DA 158 -23.79 23.99 50.40
CA ASN DA 158 -23.07 25.25 50.43
C ASN DA 158 -21.72 25.15 49.72
N SER DA 159 -21.41 23.95 49.24
CA SER DA 159 -20.19 23.70 48.45
C SER DA 159 -20.51 23.82 46.95
N GLN DA 160 -19.46 23.90 46.14
CA GLN DA 160 -19.59 24.09 44.69
C GLN DA 160 -18.32 23.61 43.95
N GLU DA 161 -18.43 22.57 43.12
CA GLU DA 161 -17.26 22.05 42.39
C GLU DA 161 -17.15 22.53 40.93
N SER DA 162 -15.90 22.70 40.48
CA SER DA 162 -15.54 23.08 39.10
C SER DA 162 -14.37 22.21 38.58
N VAL DA 163 -14.62 21.40 37.53
CA VAL DA 163 -13.64 20.45 36.98
C VAL DA 163 -12.99 20.98 35.70
N THR DA 164 -11.66 20.96 35.63
CA THR DA 164 -10.96 21.43 34.43
C THR DA 164 -11.09 20.41 33.29
N GLU DA 165 -10.60 20.80 32.12
CA GLU DA 165 -10.70 19.99 30.92
C GLU DA 165 -9.48 19.10 30.77
N GLN DA 166 -9.63 17.99 30.04
CA GLN DA 166 -8.50 17.08 29.81
C GLN DA 166 -7.30 17.80 29.17
N ASP DA 167 -6.23 17.98 29.96
CA ASP DA 167 -5.05 18.72 29.55
C ASP DA 167 -4.34 18.03 28.39
N SER DA 168 -3.52 18.79 27.67
CA SER DA 168 -2.76 18.24 26.55
C SER DA 168 -1.67 17.29 27.02
N LYS DA 169 -0.71 17.83 27.76
CA LYS DA 169 0.50 17.09 28.13
C LYS DA 169 0.24 15.80 28.94
N ASP DA 170 -0.34 15.92 30.12
CA ASP DA 170 -0.52 14.75 30.99
C ASP DA 170 -1.94 14.19 31.02
N SER DA 171 -2.75 14.53 30.01
CA SER DA 171 -4.07 13.93 29.81
C SER DA 171 -4.89 13.80 31.09
N THR DA 172 -4.86 14.86 31.89
CA THR DA 172 -5.36 14.81 33.26
C THR DA 172 -6.48 15.82 33.57
N TYR DA 173 -7.01 15.72 34.79
CA TYR DA 173 -8.05 16.62 35.28
C TYR DA 173 -7.63 17.26 36.62
N SER DA 174 -8.36 18.29 37.04
CA SER DA 174 -8.05 19.01 38.27
C SER DA 174 -9.30 19.69 38.83
N LEU DA 175 -9.73 19.28 40.01
CA LEU DA 175 -11.00 19.75 40.59
C LEU DA 175 -10.81 20.98 41.46
N SER DA 176 -11.91 21.67 41.76
CA SER DA 176 -11.87 22.83 42.65
C SER DA 176 -13.19 22.91 43.41
N SER DA 177 -13.16 22.42 44.64
CA SER DA 177 -14.32 22.45 45.54
C SER DA 177 -14.30 23.79 46.27
N THR DA 178 -15.43 24.48 46.30
CA THR DA 178 -15.46 25.76 46.97
C THR DA 178 -16.58 25.87 47.99
N LEU DA 179 -16.26 26.43 49.15
CA LEU DA 179 -17.23 26.61 50.22
C LEU DA 179 -17.13 28.05 50.70
N THR DA 180 -18.20 28.80 50.51
CA THR DA 180 -18.15 30.24 50.69
C THR DA 180 -19.02 30.74 51.86
N LEU DA 181 -18.51 30.59 53.09
CA LEU DA 181 -19.24 31.01 54.31
C LEU DA 181 -19.07 32.51 54.61
N SER DA 182 -19.65 32.95 55.74
CA SER DA 182 -19.54 34.34 56.15
C SER DA 182 -18.19 34.61 56.83
N LYS DA 183 -17.97 35.84 57.31
CA LYS DA 183 -16.77 36.12 58.09
C LYS DA 183 -16.96 35.55 59.49
N ALA DA 184 -18.23 35.36 59.84
CA ALA DA 184 -18.63 35.00 61.20
C ALA DA 184 -18.27 33.60 61.62
N ASP DA 185 -18.73 32.61 60.83
CA ASP DA 185 -18.58 31.20 61.16
C ASP DA 185 -17.13 30.78 60.96
N TYR DA 186 -16.42 31.59 60.17
CA TYR DA 186 -14.98 31.50 60.07
C TYR DA 186 -14.34 31.83 61.43
N GLU DA 187 -14.47 33.08 61.86
CA GLU DA 187 -13.81 33.56 63.09
C GLU DA 187 -14.47 33.08 64.38
N LYS DA 188 -15.15 31.93 64.28
CA LYS DA 188 -15.45 31.08 65.42
C LYS DA 188 -14.46 29.91 65.34
N HIS DA 189 -14.58 29.15 64.26
CA HIS DA 189 -13.98 27.83 64.18
C HIS DA 189 -12.49 27.76 63.80
N LYS DA 190 -11.97 26.54 63.75
CA LYS DA 190 -10.53 26.29 63.74
C LYS DA 190 -10.12 25.23 62.72
N VAL DA 191 -10.41 23.97 63.01
CA VAL DA 191 -9.98 22.85 62.15
C VAL DA 191 -10.73 22.81 60.81
N TYR DA 192 -10.09 23.33 59.76
CA TYR DA 192 -10.63 23.25 58.41
C TYR DA 192 -9.91 22.17 57.64
N ALA DA 193 -10.68 21.34 56.94
CA ALA DA 193 -10.11 20.16 56.32
C ALA DA 193 -10.81 19.77 55.03
N CYS DA 194 -10.10 19.91 53.93
CA CYS DA 194 -10.55 19.39 52.65
C CYS DA 194 -10.15 17.92 52.56
N GLU DA 195 -11.13 17.01 52.56
CA GLU DA 195 -10.83 15.59 52.41
C GLU DA 195 -11.04 15.12 50.96
N VAL DA 196 -10.14 14.26 50.48
CA VAL DA 196 -10.13 13.85 49.08
C VAL DA 196 -10.15 12.34 48.92
N THR DA 197 -11.01 11.82 48.05
CA THR DA 197 -11.01 10.37 47.79
C THR DA 197 -10.95 10.08 46.29
N HIS DA 198 -10.04 9.19 45.89
CA HIS DA 198 -9.73 8.95 44.48
C HIS DA 198 -9.04 7.58 44.34
N GLN DA 199 -9.20 6.93 43.19
CA GLN DA 199 -8.66 5.57 42.99
C GLN DA 199 -7.14 5.51 42.83
N GLY DA 200 -6.50 6.67 42.73
CA GLY DA 200 -5.05 6.75 42.61
C GLY DA 200 -4.33 6.60 43.94
N LEU DA 201 -5.07 6.79 45.04
CA LEU DA 201 -4.56 6.53 46.39
C LEU DA 201 -5.40 5.43 47.06
N SER DA 202 -4.77 4.63 47.93
CA SER DA 202 -5.43 3.49 48.61
C SER DA 202 -6.20 3.89 49.88
N SER DA 203 -6.13 5.17 50.23
CA SER DA 203 -6.85 5.71 51.39
C SER DA 203 -6.91 7.23 51.26
N PRO DA 204 -7.95 7.86 51.84
CA PRO DA 204 -8.16 9.31 51.78
C PRO DA 204 -6.97 10.16 52.24
N VAL DA 205 -6.49 11.04 51.36
CA VAL DA 205 -5.59 12.10 51.76
C VAL DA 205 -6.45 13.22 52.32
N THR DA 206 -6.64 13.20 53.64
CA THR DA 206 -7.20 14.36 54.32
C THR DA 206 -6.10 15.42 54.26
N LYS DA 207 -6.47 16.69 54.10
CA LYS DA 207 -5.49 17.76 54.11
C LYS DA 207 -6.12 18.92 54.84
N SER DA 208 -5.33 19.60 55.68
CA SER DA 208 -5.92 20.50 56.65
C SER DA 208 -5.18 21.83 56.85
N PHE DA 209 -5.85 22.73 57.55
CA PHE DA 209 -5.27 23.96 58.04
C PHE DA 209 -6.19 24.56 59.12
N ASN DA 210 -5.60 24.97 60.25
CA ASN DA 210 -6.30 25.84 61.19
C ASN DA 210 -5.78 27.27 61.05
N ARG DA 211 -6.28 28.19 61.85
CA ARG DA 211 -6.01 29.61 61.65
C ARG DA 211 -5.20 30.25 62.77
N VAL EA 2 -83.26 -11.84 -25.17
CA VAL EA 2 -81.93 -11.98 -25.76
C VAL EA 2 -81.97 -11.82 -27.28
N GLN EA 3 -81.35 -10.75 -27.78
CA GLN EA 3 -81.42 -10.34 -29.19
C GLN EA 3 -80.16 -10.67 -29.98
N LEU EA 4 -80.34 -11.01 -31.26
CA LEU EA 4 -79.19 -11.18 -32.15
C LEU EA 4 -79.13 -10.16 -33.33
N VAL EA 5 -78.01 -9.43 -33.43
CA VAL EA 5 -77.75 -8.49 -34.54
C VAL EA 5 -76.65 -9.04 -35.46
N GLU EA 6 -77.03 -9.49 -36.67
CA GLU EA 6 -76.09 -10.14 -37.58
C GLU EA 6 -75.40 -9.17 -38.56
N SER EA 7 -74.35 -9.66 -39.22
CA SER EA 7 -73.60 -8.87 -40.21
C SER EA 7 -74.39 -8.70 -41.52
N GLY EA 8 -74.14 -7.61 -42.24
CA GLY EA 8 -74.80 -7.36 -43.51
C GLY EA 8 -74.41 -8.39 -44.55
N ALA EA 9 -75.26 -8.56 -45.58
CA ALA EA 9 -75.00 -9.56 -46.62
C ALA EA 9 -73.86 -9.15 -47.56
N GLU EA 10 -72.96 -10.10 -47.84
CA GLU EA 10 -71.82 -9.81 -48.73
C GLU EA 10 -71.78 -10.73 -49.95
N VAL EA 11 -70.87 -10.39 -50.87
CA VAL EA 11 -70.66 -11.16 -52.09
C VAL EA 11 -69.16 -11.25 -52.39
N LYS EA 12 -68.64 -12.47 -52.52
CA LYS EA 12 -67.20 -12.68 -52.66
C LYS EA 12 -66.84 -13.57 -53.85
N LYS EA 13 -65.71 -13.24 -54.49
CA LYS EA 13 -65.22 -13.97 -55.67
C LYS EA 13 -64.45 -15.24 -55.28
N PRO EA 14 -64.61 -16.34 -56.06
CA PRO EA 14 -64.05 -17.66 -55.74
C PRO EA 14 -62.55 -17.72 -55.38
N GLY EA 15 -62.24 -18.00 -54.13
CA GLY EA 15 -60.88 -18.13 -53.65
C GLY EA 15 -60.58 -17.17 -52.51
N SER EA 16 -61.50 -16.25 -52.20
CA SER EA 16 -61.24 -15.23 -51.16
C SER EA 16 -61.59 -15.66 -49.72
N SER EA 17 -61.96 -14.68 -48.90
CA SER EA 17 -62.31 -14.92 -47.50
C SER EA 17 -63.34 -13.89 -47.01
N VAL EA 18 -64.26 -14.35 -46.16
CA VAL EA 18 -65.30 -13.48 -45.60
C VAL EA 18 -65.44 -13.63 -44.08
N LYS EA 19 -65.89 -12.56 -43.42
CA LYS EA 19 -65.91 -12.52 -41.94
C LYS EA 19 -67.20 -11.89 -41.37
N VAL EA 20 -68.12 -12.77 -40.93
CA VAL EA 20 -69.46 -12.38 -40.45
C VAL EA 20 -69.53 -12.19 -38.93
N SER EA 21 -70.40 -11.27 -38.50
CA SER EA 21 -70.51 -10.90 -37.09
C SER EA 21 -71.85 -11.28 -36.46
N CYS EA 22 -71.82 -11.85 -35.26
CA CYS EA 22 -73.03 -11.98 -34.46
C CYS EA 22 -72.88 -11.23 -33.15
N LYS EA 23 -73.75 -10.26 -32.96
CA LYS EA 23 -73.73 -9.46 -31.75
C LYS EA 23 -74.93 -9.76 -30.86
N ALA EA 24 -74.68 -10.50 -29.79
CA ALA EA 24 -75.72 -10.89 -28.86
C ALA EA 24 -75.80 -9.88 -27.72
N SER EA 25 -77.02 -9.52 -27.35
CA SER EA 25 -77.23 -8.53 -26.31
C SER EA 25 -78.37 -9.00 -25.42
N GLY EA 26 -78.65 -8.25 -24.37
CA GLY EA 26 -79.70 -8.62 -23.44
C GLY EA 26 -79.23 -9.58 -22.35
N GLY EA 27 -77.98 -10.00 -22.43
CA GLY EA 27 -77.40 -10.85 -21.41
C GLY EA 27 -75.95 -10.48 -21.16
N THR EA 28 -75.37 -11.04 -20.10
CA THR EA 28 -73.93 -10.85 -19.83
C THR EA 28 -73.11 -11.86 -20.64
N PHE EA 29 -71.89 -11.47 -21.02
CA PHE EA 29 -71.18 -12.15 -22.10
C PHE EA 29 -70.87 -13.65 -21.95
N ILE EA 30 -70.61 -14.11 -20.73
CA ILE EA 30 -70.15 -15.49 -20.58
C ILE EA 30 -71.28 -16.51 -20.79
N THR EA 31 -72.51 -16.08 -20.49
CA THR EA 31 -73.71 -16.89 -20.67
C THR EA 31 -73.84 -17.42 -22.10
N HIS EA 32 -73.50 -16.58 -23.06
CA HIS EA 32 -73.69 -16.90 -24.47
C HIS EA 32 -72.89 -18.13 -24.93
N VAL EA 33 -73.29 -18.67 -26.07
CA VAL EA 33 -72.48 -19.59 -26.85
C VAL EA 33 -72.93 -19.38 -28.27
N PHE EA 34 -72.03 -19.00 -29.15
CA PHE EA 34 -72.40 -18.66 -30.52
C PHE EA 34 -72.26 -19.92 -31.37
N THR EA 35 -73.20 -20.12 -32.30
CA THR EA 35 -73.09 -21.22 -33.25
C THR EA 35 -73.46 -20.73 -34.66
N TRP EA 36 -72.82 -21.31 -35.67
CA TRP EA 36 -73.01 -20.87 -37.03
C TRP EA 36 -73.59 -21.99 -37.90
N VAL EA 37 -74.85 -21.82 -38.27
CA VAL EA 37 -75.53 -22.75 -39.15
C VAL EA 37 -75.84 -22.07 -40.48
N ARG EA 38 -75.42 -22.72 -41.56
CA ARG EA 38 -75.62 -22.20 -42.90
C ARG EA 38 -76.55 -23.09 -43.67
N GLN EA 39 -77.13 -22.53 -44.74
CA GLN EA 39 -78.09 -23.24 -45.55
C GLN EA 39 -77.83 -22.98 -47.03
N ALA EA 40 -77.50 -24.03 -47.76
CA ALA EA 40 -77.50 -23.98 -49.22
C ALA EA 40 -78.94 -23.82 -49.68
N PRO EA 41 -79.21 -22.82 -50.55
CA PRO EA 41 -80.59 -22.44 -50.91
C PRO EA 41 -81.39 -23.61 -51.48
N GLY EA 42 -82.55 -23.89 -50.88
CA GLY EA 42 -83.36 -25.03 -51.27
C GLY EA 42 -82.91 -26.31 -50.60
N GLN EA 43 -81.63 -26.36 -50.21
CA GLN EA 43 -81.08 -27.53 -49.52
C GLN EA 43 -81.11 -27.39 -48.00
N GLY EA 44 -80.74 -28.46 -47.30
CA GLY EA 44 -80.89 -28.54 -45.86
C GLY EA 44 -80.02 -27.63 -45.01
N LEU EA 45 -80.10 -27.85 -43.70
CA LEU EA 45 -79.31 -27.12 -42.71
C LEU EA 45 -77.97 -27.83 -42.49
N GLU EA 46 -76.90 -27.04 -42.36
CA GLU EA 46 -75.58 -27.57 -42.03
C GLU EA 46 -74.96 -26.69 -40.95
N TRP EA 47 -74.38 -27.33 -39.94
CA TRP EA 47 -73.69 -26.64 -38.86
C TRP EA 47 -72.28 -26.37 -39.33
N VAL EA 48 -71.86 -25.10 -39.22
CA VAL EA 48 -70.49 -24.73 -39.52
C VAL EA 48 -69.71 -24.66 -38.23
N GLY EA 49 -69.92 -23.58 -37.50
CA GLY EA 49 -69.07 -23.24 -36.38
C GLY EA 49 -69.70 -23.19 -35.01
N GLY EA 50 -68.83 -23.10 -34.00
CA GLY EA 50 -69.25 -22.99 -32.63
C GLY EA 50 -68.18 -22.35 -31.76
N PHE EA 51 -68.62 -21.52 -30.82
CA PHE EA 51 -67.72 -20.84 -29.89
C PHE EA 51 -68.40 -20.65 -28.53
N ILE EA 52 -67.79 -21.20 -27.48
CA ILE EA 52 -68.37 -21.18 -26.14
C ILE EA 52 -67.79 -20.05 -25.30
N ALA EA 53 -68.62 -19.10 -24.91
CA ALA EA 53 -68.14 -17.89 -24.22
C ALA EA 53 -67.25 -18.18 -23.03
N ILE EA 54 -67.77 -18.96 -22.09
CA ILE EA 54 -67.09 -19.15 -20.81
C ILE EA 54 -65.74 -19.87 -20.95
N PHE EA 55 -65.58 -20.71 -21.97
CA PHE EA 55 -64.32 -21.41 -22.18
C PHE EA 55 -63.34 -20.65 -23.06
N GLY EA 56 -63.86 -19.94 -24.06
CA GLY EA 56 -63.02 -19.35 -25.08
C GLY EA 56 -62.71 -20.35 -26.17
N THR EA 57 -63.17 -21.58 -26.00
CA THR EA 57 -62.90 -22.61 -26.98
C THR EA 57 -63.82 -22.46 -28.18
N SER EA 58 -63.43 -23.02 -29.31
CA SER EA 58 -64.27 -23.00 -30.50
C SER EA 58 -64.17 -24.34 -31.23
N ASN EA 59 -65.28 -24.74 -31.85
CA ASN EA 59 -65.34 -26.04 -32.48
C ASN EA 59 -65.84 -25.98 -33.91
N TYR EA 60 -65.36 -26.92 -34.72
CA TYR EA 60 -65.65 -26.94 -36.14
C TYR EA 60 -66.07 -28.35 -36.56
N ALA EA 61 -66.62 -28.45 -37.78
CA ALA EA 61 -66.86 -29.74 -38.43
C ALA EA 61 -65.59 -30.14 -39.17
N GLN EA 62 -65.40 -31.44 -39.40
CA GLN EA 62 -64.15 -31.89 -40.03
C GLN EA 62 -64.12 -31.63 -41.54
N LYS EA 63 -65.27 -31.25 -42.10
CA LYS EA 63 -65.38 -30.82 -43.50
C LYS EA 63 -64.64 -29.51 -43.73
N PHE EA 64 -64.82 -28.55 -42.84
CA PHE EA 64 -64.22 -27.21 -42.98
C PHE EA 64 -62.85 -27.11 -42.34
N GLN EA 65 -62.23 -28.26 -42.11
CA GLN EA 65 -60.91 -28.31 -41.48
C GLN EA 65 -59.87 -27.70 -42.40
N GLY EA 66 -59.08 -26.78 -41.85
CA GLY EA 66 -58.20 -25.95 -42.63
C GLY EA 66 -58.82 -24.58 -42.82
N ARG EA 67 -60.09 -24.56 -43.19
CA ARG EA 67 -60.72 -23.36 -43.74
C ARG EA 67 -61.17 -22.29 -42.72
N VAL EA 68 -61.64 -22.73 -41.56
CA VAL EA 68 -62.43 -21.87 -40.70
C VAL EA 68 -61.72 -21.41 -39.41
N THR EA 69 -61.84 -20.12 -39.09
CA THR EA 69 -61.26 -19.52 -37.88
C THR EA 69 -62.27 -18.69 -37.14
N ILE EA 70 -62.53 -19.03 -35.89
CA ILE EA 70 -63.59 -18.34 -35.16
C ILE EA 70 -63.10 -17.58 -33.95
N THR EA 71 -63.49 -16.31 -33.89
CA THR EA 71 -63.05 -15.44 -32.82
C THR EA 71 -64.26 -14.84 -32.12
N ALA EA 72 -63.99 -13.88 -31.23
CA ALA EA 72 -65.03 -13.14 -30.53
C ALA EA 72 -64.42 -11.94 -29.83
N ASP EA 73 -65.28 -11.17 -29.16
CA ASP EA 73 -64.85 -9.96 -28.46
C ASP EA 73 -65.82 -9.67 -27.32
N GLU EA 74 -65.28 -9.32 -26.15
CA GLU EA 74 -66.08 -9.30 -24.91
C GLU EA 74 -66.74 -7.96 -24.56
N SER EA 75 -66.08 -6.86 -24.92
CA SER EA 75 -66.66 -5.53 -24.74
C SER EA 75 -67.77 -5.33 -25.74
N THR EA 76 -67.59 -5.92 -26.92
CA THR EA 76 -68.54 -5.82 -28.02
C THR EA 76 -69.74 -6.74 -27.81
N SER EA 77 -69.49 -7.86 -27.15
CA SER EA 77 -70.47 -8.94 -27.00
C SER EA 77 -70.77 -9.55 -28.37
N THR EA 78 -69.70 -9.80 -29.13
CA THR EA 78 -69.83 -10.15 -30.54
C THR EA 78 -68.86 -11.25 -30.92
N ALA EA 79 -69.35 -12.20 -31.72
CA ALA EA 79 -68.51 -13.30 -32.20
C ALA EA 79 -68.34 -13.24 -33.71
N TYR EA 80 -67.25 -13.80 -34.22
CA TYR EA 80 -66.90 -13.66 -35.63
C TYR EA 80 -66.51 -14.98 -36.25
N MET EA 81 -67.17 -15.31 -37.36
CA MET EA 81 -66.90 -16.55 -38.09
C MET EA 81 -66.25 -16.22 -39.42
N GLU EA 82 -65.00 -16.64 -39.60
CA GLU EA 82 -64.25 -16.40 -40.84
C GLU EA 82 -64.03 -17.67 -41.68
N LEU EA 83 -64.46 -17.61 -42.94
CA LEU EA 83 -64.29 -18.74 -43.85
C LEU EA 83 -63.49 -18.33 -45.08
N THR EA 84 -62.50 -19.14 -45.42
CA THR EA 84 -61.53 -18.83 -46.47
C THR EA 84 -61.70 -19.73 -47.69
N SER EA 85 -60.87 -19.50 -48.72
CA SER EA 85 -60.78 -20.40 -49.87
C SER EA 85 -62.14 -20.69 -50.53
N LEU EA 86 -62.93 -19.63 -50.68
CA LEU EA 86 -64.37 -19.75 -51.00
C LEU EA 86 -64.71 -20.41 -52.34
N THR EA 87 -65.72 -21.26 -52.34
CA THR EA 87 -66.24 -21.87 -53.56
C THR EA 87 -67.74 -21.55 -53.67
N SER EA 88 -68.38 -21.93 -54.79
CA SER EA 88 -69.80 -21.62 -55.00
C SER EA 88 -70.71 -22.63 -54.30
N GLU EA 89 -70.12 -23.67 -53.73
CA GLU EA 89 -70.85 -24.60 -52.87
C GLU EA 89 -70.97 -23.99 -51.48
N ASP EA 90 -70.14 -22.97 -51.22
CA ASP EA 90 -70.14 -22.23 -49.95
C ASP EA 90 -71.08 -21.02 -50.03
N THR EA 91 -71.77 -20.91 -51.15
CA THR EA 91 -72.82 -19.92 -51.33
C THR EA 91 -74.03 -20.40 -50.55
N ALA EA 92 -74.40 -19.66 -49.51
CA ALA EA 92 -75.47 -20.10 -48.59
C ALA EA 92 -76.02 -18.96 -47.75
N VAL EA 93 -76.97 -19.25 -46.85
CA VAL EA 93 -77.42 -18.26 -45.86
C VAL EA 93 -76.88 -18.64 -44.50
N TYR EA 94 -76.12 -17.74 -43.90
CA TYR EA 94 -75.39 -18.08 -42.69
C TYR EA 94 -76.11 -17.60 -41.43
N TYR EA 95 -76.78 -18.52 -40.74
CA TYR EA 95 -77.50 -18.14 -39.52
C TYR EA 95 -76.64 -18.37 -38.27
N CYS EA 96 -76.56 -17.30 -37.47
CA CYS EA 96 -75.98 -17.35 -36.15
C CYS EA 96 -77.08 -17.59 -35.14
N ALA EA 97 -76.78 -18.38 -34.11
CA ALA EA 97 -77.78 -18.79 -33.13
C ALA EA 97 -77.18 -18.95 -31.73
N ARG EA 98 -77.94 -18.57 -30.69
CA ARG EA 98 -77.53 -18.84 -29.31
C ARG EA 98 -77.95 -20.23 -28.82
N GLY EA 99 -76.97 -21.14 -28.74
CA GLY EA 99 -77.17 -22.44 -28.16
C GLY EA 99 -77.00 -22.41 -26.65
N ILE EA 100 -76.73 -23.58 -26.08
CA ILE EA 100 -76.50 -23.67 -24.64
C ILE EA 100 -75.47 -24.74 -24.34
N SER EA 101 -74.87 -24.63 -23.14
CA SER EA 101 -73.81 -25.51 -22.67
C SER EA 101 -72.47 -25.33 -23.38
N GLY EA 102 -71.69 -26.41 -23.37
CA GLY EA 102 -70.45 -26.48 -24.09
C GLY EA 102 -70.49 -27.72 -24.96
N SER EA 103 -71.62 -28.43 -24.97
CA SER EA 103 -71.79 -29.47 -25.99
C SER EA 103 -72.73 -28.94 -27.08
N TYR EA 104 -73.02 -27.64 -27.01
CA TYR EA 104 -73.93 -26.94 -27.92
C TYR EA 104 -75.32 -27.59 -27.85
N GLY EA 105 -76.18 -27.03 -27.02
CA GLY EA 105 -77.46 -27.67 -26.78
C GLY EA 105 -78.47 -27.49 -27.89
N TRP EA 106 -79.24 -26.42 -27.78
CA TRP EA 106 -80.30 -26.11 -28.72
C TRP EA 106 -80.24 -24.62 -28.97
N PHE EA 107 -80.61 -24.24 -30.18
CA PHE EA 107 -80.41 -22.89 -30.64
C PHE EA 107 -81.75 -22.19 -30.60
N ASP EA 108 -81.90 -21.33 -29.60
CA ASP EA 108 -83.23 -20.86 -29.24
C ASP EA 108 -83.51 -19.50 -29.82
N PRO EA 109 -82.54 -18.58 -29.76
CA PRO EA 109 -82.83 -17.49 -30.69
C PRO EA 109 -82.14 -17.83 -32.00
N TRP EA 110 -82.71 -17.46 -33.13
CA TRP EA 110 -81.95 -17.46 -34.38
C TRP EA 110 -81.88 -16.03 -34.92
N GLY EA 111 -80.84 -15.77 -35.70
CA GLY EA 111 -80.73 -14.53 -36.45
C GLY EA 111 -81.55 -14.67 -37.71
N GLN EA 112 -81.84 -13.53 -38.33
CA GLN EA 112 -82.62 -13.48 -39.55
C GLN EA 112 -81.87 -14.07 -40.74
N GLY EA 113 -80.57 -14.28 -40.55
CA GLY EA 113 -79.71 -14.83 -41.59
C GLY EA 113 -78.66 -13.85 -42.09
N THR EA 114 -77.70 -14.37 -42.86
CA THR EA 114 -76.74 -13.54 -43.58
C THR EA 114 -76.36 -14.19 -44.93
N LEU EA 115 -76.52 -13.42 -46.00
CA LEU EA 115 -76.44 -13.97 -47.37
C LEU EA 115 -75.03 -13.99 -47.94
N VAL EA 116 -74.52 -15.19 -48.14
CA VAL EA 116 -73.17 -15.38 -48.67
C VAL EA 116 -73.19 -15.93 -50.08
N THR EA 117 -72.62 -15.13 -50.97
CA THR EA 117 -72.79 -15.28 -52.40
C THR EA 117 -71.42 -15.35 -53.13
N VAL EA 118 -71.09 -16.54 -53.64
CA VAL EA 118 -69.81 -16.85 -54.30
C VAL EA 118 -70.06 -17.29 -55.74
N ASP FA 1 -68.33 -39.33 -36.79
CA ASP FA 1 -69.51 -38.50 -36.99
C ASP FA 1 -70.80 -39.29 -36.80
N ILE FA 2 -71.87 -38.59 -36.39
CA ILE FA 2 -73.16 -39.23 -36.13
C ILE FA 2 -74.22 -38.93 -37.20
N GLN FA 3 -74.63 -39.98 -37.90
CA GLN FA 3 -75.56 -39.85 -39.03
C GLN FA 3 -77.04 -39.85 -38.63
N LEU FA 4 -77.71 -38.74 -38.91
CA LEU FA 4 -79.13 -38.55 -38.57
C LEU FA 4 -80.06 -38.78 -39.77
N THR FA 5 -80.57 -40.01 -39.90
CA THR FA 5 -81.47 -40.41 -40.98
C THR FA 5 -82.96 -40.19 -40.67
N GLN FA 6 -83.49 -39.02 -41.06
CA GLN FA 6 -84.91 -38.69 -40.87
C GLN FA 6 -85.78 -39.42 -41.89
N SER FA 7 -86.88 -40.00 -41.43
CA SER FA 7 -87.84 -40.68 -42.31
C SER FA 7 -89.29 -40.30 -41.97
N PRO FA 8 -90.09 -39.95 -42.99
CA PRO FA 8 -89.72 -39.90 -44.40
C PRO FA 8 -89.21 -38.53 -44.79
N SER FA 9 -88.88 -38.37 -46.07
CA SER FA 9 -88.16 -37.20 -46.55
C SER FA 9 -89.11 -36.07 -46.91
N SER FA 10 -90.32 -36.45 -47.27
CA SER FA 10 -91.38 -35.50 -47.58
C SER FA 10 -92.72 -36.08 -47.14
N LEU FA 11 -93.64 -35.20 -46.77
CA LEU FA 11 -94.96 -35.66 -46.37
C LEU FA 11 -96.13 -34.82 -46.84
N SER FA 12 -97.04 -35.50 -47.55
CA SER FA 12 -98.33 -34.95 -47.93
C SER FA 12 -99.38 -35.54 -47.01
N ALA FA 13 -100.14 -34.65 -46.38
CA ALA FA 13 -101.27 -35.05 -45.56
C ALA FA 13 -102.19 -33.87 -45.40
N SER FA 14 -103.33 -34.12 -44.76
CA SER FA 14 -104.40 -33.14 -44.67
C SER FA 14 -104.54 -32.58 -43.27
N VAL FA 15 -105.08 -31.39 -43.17
CA VAL FA 15 -105.34 -30.78 -41.87
C VAL FA 15 -106.29 -31.68 -41.09
N GLY FA 16 -106.01 -31.85 -39.81
CA GLY FA 16 -106.77 -32.77 -38.99
C GLY FA 16 -106.08 -34.11 -38.81
N ASP FA 17 -105.16 -34.43 -39.71
CA ASP FA 17 -104.39 -35.69 -39.59
C ASP FA 17 -103.32 -35.52 -38.53
N ARG FA 18 -102.80 -36.67 -38.07
CA ARG FA 18 -101.62 -36.71 -37.22
C ARG FA 18 -100.44 -37.19 -38.05
N VAL FA 19 -99.31 -36.58 -37.83
CA VAL FA 19 -98.14 -36.87 -38.63
C VAL FA 19 -96.98 -37.28 -37.74
N THR FA 20 -96.44 -38.47 -37.98
CA THR FA 20 -95.32 -38.95 -37.18
C THR FA 20 -94.02 -38.97 -38.01
N ILE FA 21 -93.14 -38.01 -37.76
CA ILE FA 21 -91.80 -38.03 -38.36
C ILE FA 21 -90.80 -38.79 -37.45
N THR FA 22 -89.87 -39.51 -38.06
CA THR FA 22 -88.86 -40.25 -37.30
C THR FA 22 -87.43 -39.79 -37.57
N CYS FA 23 -86.59 -39.89 -36.54
CA CYS FA 23 -85.17 -39.60 -36.65
C CYS FA 23 -84.37 -40.80 -36.14
N GLN FA 24 -83.40 -41.26 -36.93
CA GLN FA 24 -82.60 -42.40 -36.54
C GLN FA 24 -81.11 -42.07 -36.63
N ALA FA 25 -80.40 -42.34 -35.54
CA ALA FA 25 -78.98 -42.09 -35.46
C ALA FA 25 -78.14 -43.37 -35.58
N SER FA 26 -76.85 -43.16 -35.87
CA SER FA 26 -75.89 -44.25 -35.97
C SER FA 26 -75.54 -44.86 -34.60
N GLN FA 27 -75.44 -44.00 -33.59
CA GLN FA 27 -75.04 -44.41 -32.22
C GLN FA 27 -76.09 -44.05 -31.17
N ASP FA 28 -76.12 -44.78 -30.06
CA ASP FA 28 -76.99 -44.46 -28.91
C ASP FA 28 -76.62 -43.06 -28.39
N ILE FA 29 -77.55 -42.11 -28.50
CA ILE FA 29 -77.24 -40.74 -28.08
C ILE FA 29 -78.11 -40.27 -26.92
N ARG FA 30 -78.54 -41.25 -26.12
CA ARG FA 30 -79.41 -41.02 -24.97
C ARG FA 30 -80.58 -40.17 -25.41
N LYS FA 31 -80.94 -39.15 -24.65
CA LYS FA 31 -82.06 -38.30 -25.02
C LYS FA 31 -81.55 -36.94 -25.50
N TYR FA 32 -80.42 -36.93 -26.22
CA TYR FA 32 -79.83 -35.65 -26.62
C TYR FA 32 -80.17 -35.25 -28.06
N LEU FA 33 -81.46 -35.12 -28.33
CA LEU FA 33 -81.96 -34.77 -29.65
C LEU FA 33 -82.95 -33.61 -29.59
N ASN FA 34 -82.81 -32.63 -30.48
CA ASN FA 34 -83.78 -31.54 -30.60
C ASN FA 34 -84.48 -31.49 -31.96
N TRP FA 35 -85.74 -31.05 -32.01
CA TRP FA 35 -86.42 -30.87 -33.31
C TRP FA 35 -86.61 -29.40 -33.70
N TYR FA 36 -86.26 -29.08 -34.94
CA TYR FA 36 -86.48 -27.72 -35.44
C TYR FA 36 -87.57 -27.62 -36.56
N GLN FA 37 -88.22 -26.46 -36.62
CA GLN FA 37 -89.22 -26.16 -37.65
C GLN FA 37 -88.75 -24.98 -38.48
N GLN FA 38 -88.66 -25.17 -39.80
CA GLN FA 38 -88.25 -24.07 -40.67
C GLN FA 38 -89.38 -23.68 -41.61
N LYS FA 39 -90.14 -22.65 -41.21
CA LYS FA 39 -91.15 -22.06 -42.08
C LYS FA 39 -90.45 -21.42 -43.27
N PRO FA 40 -90.91 -21.71 -44.51
CA PRO FA 40 -90.17 -21.34 -45.72
C PRO FA 40 -89.89 -19.85 -45.82
N GLY FA 41 -88.63 -19.50 -46.12
CA GLY FA 41 -88.23 -18.11 -46.20
C GLY FA 41 -87.93 -17.47 -44.86
N LYS FA 42 -87.97 -18.25 -43.78
CA LYS FA 42 -87.64 -17.76 -42.43
C LYS FA 42 -86.58 -18.63 -41.72
N ALA FA 43 -86.05 -18.11 -40.61
CA ALA FA 43 -85.09 -18.85 -39.78
C ALA FA 43 -85.76 -20.07 -39.18
N PRO FA 44 -84.99 -21.16 -38.96
CA PRO FA 44 -85.58 -22.29 -38.23
C PRO FA 44 -86.05 -21.93 -36.82
N ASN FA 45 -86.78 -22.87 -36.22
CA ASN FA 45 -87.46 -22.61 -34.97
C ASN FA 45 -87.51 -23.84 -34.07
N LEU FA 46 -87.22 -23.63 -32.79
CA LEU FA 46 -87.10 -24.71 -31.85
C LEU FA 46 -88.44 -25.17 -31.32
N LEU FA 47 -88.72 -26.45 -31.58
CA LEU FA 47 -89.95 -27.08 -31.14
C LEU FA 47 -89.69 -27.95 -29.92
N ILE FA 48 -89.04 -29.09 -30.16
CA ILE FA 48 -88.69 -30.04 -29.11
C ILE FA 48 -87.20 -29.95 -28.72
N TYR FA 49 -86.90 -29.98 -27.41
CA TYR FA 49 -85.51 -30.14 -26.92
C TYR FA 49 -85.31 -31.37 -26.01
N ASP FA 50 -84.18 -32.03 -26.18
CA ASP FA 50 -83.86 -33.26 -25.45
C ASP FA 50 -84.96 -34.29 -25.57
N ALA FA 51 -85.26 -34.66 -26.81
CA ALA FA 51 -86.20 -35.73 -27.15
C ALA FA 51 -87.68 -35.43 -26.91
N SER FA 52 -88.02 -34.96 -25.72
CA SER FA 52 -89.42 -34.92 -25.31
C SER FA 52 -89.90 -33.55 -24.85
N ASN FA 53 -88.99 -32.74 -24.32
CA ASN FA 53 -89.39 -31.48 -23.69
C ASN FA 53 -89.78 -30.41 -24.72
N VAL FA 54 -90.77 -29.59 -24.38
CA VAL FA 54 -91.43 -28.68 -25.35
C VAL FA 54 -91.21 -27.20 -25.03
N LYS FA 55 -90.73 -26.44 -26.00
CA LYS FA 55 -90.38 -25.03 -25.80
C LYS FA 55 -91.56 -24.18 -25.33
N THR FA 56 -91.33 -23.36 -24.31
CA THR FA 56 -92.36 -22.45 -23.82
C THR FA 56 -92.83 -21.46 -24.90
N GLY FA 57 -94.05 -21.68 -25.38
CA GLY FA 57 -94.63 -20.85 -26.43
C GLY FA 57 -94.96 -21.64 -27.68
N VAL FA 58 -94.92 -22.96 -27.56
CA VAL FA 58 -95.16 -23.87 -28.67
C VAL FA 58 -96.37 -24.78 -28.42
N PRO FA 59 -97.39 -24.69 -29.29
CA PRO FA 59 -98.64 -25.45 -29.27
C PRO FA 59 -98.50 -26.94 -28.93
N SER FA 60 -99.47 -27.46 -28.20
CA SER FA 60 -99.46 -28.80 -27.61
C SER FA 60 -99.59 -29.95 -28.60
N ARG FA 61 -99.90 -29.63 -29.85
CA ARG FA 61 -100.06 -30.66 -30.86
C ARG FA 61 -98.72 -31.25 -31.26
N PHE FA 62 -97.64 -30.57 -30.90
CA PHE FA 62 -96.30 -31.04 -31.17
C PHE FA 62 -95.79 -31.85 -29.99
N ARG FA 63 -95.62 -33.15 -30.19
CA ARG FA 63 -95.00 -33.96 -29.16
C ARG FA 63 -93.67 -34.53 -29.64
N GLY FA 64 -92.82 -34.86 -28.69
CA GLY FA 64 -91.54 -35.47 -29.00
C GLY FA 64 -91.34 -36.67 -28.10
N SER FA 65 -91.01 -37.81 -28.70
CA SER FA 65 -90.66 -39.00 -27.94
C SER FA 65 -89.34 -39.60 -28.46
N GLY FA 66 -88.78 -40.57 -27.75
CA GLY FA 66 -87.52 -41.21 -28.17
C GLY FA 66 -86.56 -41.62 -27.06
N SER FA 67 -86.00 -42.82 -27.19
CA SER FA 67 -85.10 -43.37 -26.17
C SER FA 67 -83.63 -43.03 -26.39
N GLY FA 68 -82.98 -43.72 -27.34
CA GLY FA 68 -81.57 -43.51 -27.59
C GLY FA 68 -81.12 -43.43 -29.05
N THR FA 69 -81.61 -44.38 -29.86
CA THR FA 69 -81.22 -44.47 -31.26
C THR FA 69 -82.41 -44.31 -32.23
N ASP FA 70 -83.61 -44.21 -31.66
CA ASP FA 70 -84.86 -44.08 -32.40
C ASP FA 70 -85.75 -42.98 -31.83
N PHE FA 71 -85.98 -41.93 -32.61
CA PHE FA 71 -86.72 -40.75 -32.16
C PHE FA 71 -87.99 -40.49 -32.98
N THR FA 72 -88.97 -39.85 -32.35
CA THR FA 72 -90.29 -39.66 -32.96
C THR FA 72 -90.80 -38.22 -32.79
N PHE FA 73 -91.20 -37.59 -33.90
CA PHE FA 73 -91.78 -36.26 -33.83
C PHE FA 73 -93.22 -36.28 -34.26
N THR FA 74 -94.11 -35.92 -33.34
CA THR FA 74 -95.52 -36.10 -33.59
C THR FA 74 -96.25 -34.76 -33.56
N ILE FA 75 -97.09 -34.53 -34.57
CA ILE FA 75 -98.10 -33.50 -34.50
C ILE FA 75 -99.44 -34.21 -34.45
N SER FA 76 -100.23 -33.90 -33.44
CA SER FA 76 -101.42 -34.69 -33.13
C SER FA 76 -102.58 -34.30 -34.02
N SER FA 77 -102.57 -33.06 -34.48
CA SER FA 77 -103.62 -32.58 -35.37
C SER FA 77 -103.05 -31.42 -36.15
N LEU FA 78 -102.93 -31.63 -37.45
CA LEU FA 78 -102.28 -30.66 -38.31
C LEU FA 78 -103.01 -29.32 -38.38
N GLN FA 79 -102.27 -28.25 -38.66
CA GLN FA 79 -102.84 -26.94 -38.91
C GLN FA 79 -102.16 -26.36 -40.15
N PRO FA 80 -102.85 -25.50 -40.87
CA PRO FA 80 -102.19 -24.97 -42.06
C PRO FA 80 -101.07 -23.96 -41.77
N GLU FA 81 -100.74 -23.74 -40.50
CA GLU FA 81 -99.54 -22.96 -40.17
C GLU FA 81 -98.37 -23.90 -39.94
N ASP FA 82 -98.70 -25.18 -39.82
CA ASP FA 82 -97.73 -26.25 -39.55
C ASP FA 82 -97.16 -26.83 -40.82
N ILE FA 83 -97.31 -26.11 -41.92
CA ILE FA 83 -96.58 -26.46 -43.12
C ILE FA 83 -95.24 -25.72 -43.09
N ALA FA 84 -94.18 -26.52 -43.17
CA ALA FA 84 -92.79 -26.07 -43.15
C ALA FA 84 -91.90 -27.30 -43.19
N THR FA 85 -90.63 -27.12 -42.86
CA THR FA 85 -89.68 -28.22 -42.93
C THR FA 85 -89.04 -28.53 -41.56
N TYR FA 86 -88.95 -29.83 -41.24
CA TYR FA 86 -88.59 -30.28 -39.90
C TYR FA 86 -87.24 -30.99 -39.77
N TYR FA 87 -86.46 -30.59 -38.77
CA TYR FA 87 -85.14 -31.19 -38.57
C TYR FA 87 -84.90 -31.67 -37.15
N CYS FA 88 -84.22 -32.81 -37.06
CA CYS FA 88 -83.65 -33.29 -35.80
C CYS FA 88 -82.14 -33.03 -35.75
N GLN FA 89 -81.66 -32.77 -34.53
CA GLN FA 89 -80.29 -32.33 -34.30
C GLN FA 89 -79.78 -32.87 -32.96
N GLN FA 90 -78.60 -33.50 -33.00
CA GLN FA 90 -77.99 -34.13 -31.83
C GLN FA 90 -76.90 -33.26 -31.22
N TYR FA 91 -76.61 -33.49 -29.94
CA TYR FA 91 -75.27 -33.19 -29.43
C TYR FA 91 -74.61 -34.50 -28.97
N ASP FA 92 -74.46 -34.73 -27.67
CA ASP FA 92 -73.85 -35.99 -27.20
C ASP FA 92 -72.43 -36.17 -27.75
N ASN FA 93 -72.33 -36.49 -29.04
CA ASN FA 93 -71.07 -36.51 -29.77
C ASN FA 93 -70.73 -35.09 -30.22
N LEU FA 94 -69.62 -34.93 -30.92
CA LEU FA 94 -69.27 -33.61 -31.40
C LEU FA 94 -68.72 -33.55 -32.82
N PRO FA 95 -69.51 -34.01 -33.80
CA PRO FA 95 -69.33 -33.21 -35.01
C PRO FA 95 -70.46 -32.16 -35.08
N ILE FA 96 -71.53 -32.35 -34.31
CA ILE FA 96 -72.84 -31.66 -34.44
C ILE FA 96 -73.49 -31.89 -35.79
N THR FA 97 -74.34 -32.90 -35.86
CA THR FA 97 -75.02 -33.20 -37.11
C THR FA 97 -76.51 -32.85 -37.05
N PHE FA 98 -77.12 -32.60 -38.20
CA PHE FA 98 -78.57 -32.48 -38.31
C PHE FA 98 -79.13 -33.64 -39.10
N GLY FA 99 -80.43 -33.56 -39.39
CA GLY FA 99 -81.06 -34.48 -40.31
C GLY FA 99 -81.18 -33.81 -41.68
N GLN FA 100 -81.72 -34.56 -42.64
CA GLN FA 100 -81.87 -34.04 -44.01
C GLN FA 100 -83.12 -33.14 -44.17
N GLY FA 101 -83.95 -33.12 -43.13
CA GLY FA 101 -85.21 -32.40 -43.21
C GLY FA 101 -86.38 -33.29 -43.54
N THR FA 102 -87.58 -32.80 -43.26
CA THR FA 102 -88.82 -33.42 -43.72
C THR FA 102 -89.77 -32.27 -44.08
N ARG FA 103 -90.41 -32.37 -45.24
CA ARG FA 103 -91.20 -31.26 -45.81
C ARG FA 103 -92.70 -31.55 -45.73
N LEU FA 104 -93.49 -30.52 -45.41
CA LEU FA 104 -94.93 -30.71 -45.23
C LEU FA 104 -95.82 -30.04 -46.31
N GLU FA 105 -96.75 -30.79 -46.88
CA GLU FA 105 -97.64 -30.29 -47.94
C GLU FA 105 -98.93 -29.61 -47.45
N VAL GA 2 -101.99 -43.49 3.39
CA VAL GA 2 -101.54 -44.77 3.92
C VAL GA 2 -102.69 -45.68 4.30
N GLN GA 3 -102.62 -46.95 3.92
CA GLN GA 3 -103.60 -47.91 4.40
C GLN GA 3 -103.03 -49.21 4.99
N LEU GA 4 -103.90 -49.98 5.65
CA LEU GA 4 -103.50 -50.91 6.71
C LEU GA 4 -104.38 -52.15 6.69
N VAL GA 5 -103.79 -53.32 6.43
CA VAL GA 5 -104.56 -54.55 6.30
C VAL GA 5 -104.23 -55.56 7.38
N GLU GA 6 -105.15 -55.75 8.32
CA GLU GA 6 -104.88 -56.65 9.44
C GLU GA 6 -105.33 -58.06 9.12
N SER GA 7 -104.81 -59.03 9.87
CA SER GA 7 -105.08 -60.44 9.60
C SER GA 7 -106.52 -60.82 9.98
N GLY GA 8 -106.96 -61.98 9.48
CA GLY GA 8 -108.34 -62.43 9.65
C GLY GA 8 -108.72 -62.89 11.04
N ALA GA 9 -110.01 -63.12 11.25
CA ALA GA 9 -110.52 -63.49 12.56
C ALA GA 9 -110.18 -64.92 12.88
N GLU GA 10 -109.88 -65.17 14.15
CA GLU GA 10 -109.49 -66.49 14.58
C GLU GA 10 -110.22 -66.91 15.85
N VAL GA 11 -110.45 -68.21 15.97
CA VAL GA 11 -110.92 -68.80 17.20
C VAL GA 11 -109.75 -69.62 17.80
N LYS GA 12 -109.60 -69.60 19.13
CA LYS GA 12 -108.44 -70.20 19.78
C LYS GA 12 -108.72 -70.87 21.14
N LYS GA 13 -107.98 -71.94 21.45
CA LYS GA 13 -108.19 -72.73 22.67
C LYS GA 13 -107.29 -72.27 23.82
N PRO GA 14 -107.88 -72.03 25.01
CA PRO GA 14 -107.16 -71.40 26.14
C PRO GA 14 -105.82 -72.03 26.52
N GLY GA 15 -104.79 -71.21 26.52
CA GLY GA 15 -103.43 -71.67 26.71
C GLY GA 15 -102.63 -71.52 25.43
N SER GA 16 -103.31 -71.41 24.30
CA SER GA 16 -102.60 -71.33 23.03
C SER GA 16 -101.98 -69.97 22.75
N SER GA 17 -101.79 -69.68 21.48
CA SER GA 17 -100.98 -68.57 21.03
C SER GA 17 -101.54 -68.03 19.71
N VAL GA 18 -101.45 -66.73 19.48
CA VAL GA 18 -102.03 -66.13 18.28
C VAL GA 18 -101.17 -65.06 17.60
N LYS GA 19 -101.02 -65.15 16.29
CA LYS GA 19 -100.21 -64.19 15.53
C LYS GA 19 -101.06 -63.32 14.59
N VAL GA 20 -101.33 -62.09 15.03
CA VAL GA 20 -102.08 -61.10 14.26
C VAL GA 20 -101.16 -60.31 13.34
N SER GA 21 -101.44 -60.32 12.04
CA SER GA 21 -100.65 -59.53 11.08
C SER GA 21 -101.14 -58.08 10.98
N CYS GA 22 -100.43 -57.27 10.19
CA CYS GA 22 -100.80 -55.89 9.91
C CYS GA 22 -99.86 -55.34 8.87
N LYS GA 23 -100.40 -54.98 7.72
CA LYS GA 23 -99.56 -54.63 6.60
C LYS GA 23 -99.82 -53.22 6.12
N ALA GA 24 -98.79 -52.40 6.03
CA ALA GA 24 -98.95 -51.01 5.64
C ALA GA 24 -98.47 -50.67 4.21
N SER GA 25 -99.42 -50.50 3.31
CA SER GA 25 -99.16 -49.97 1.99
C SER GA 25 -99.38 -48.46 2.00
N GLY GA 26 -98.60 -47.72 1.23
CA GLY GA 26 -98.79 -46.28 1.16
C GLY GA 26 -97.46 -45.55 1.20
N GLY GA 27 -96.79 -45.63 2.34
CA GLY GA 27 -95.48 -45.00 2.48
C GLY GA 27 -94.38 -46.03 2.55
N THR GA 28 -93.15 -45.54 2.70
CA THR GA 28 -91.97 -46.40 2.91
C THR GA 28 -91.85 -46.89 4.37
N PHE GA 29 -91.12 -47.98 4.58
CA PHE GA 29 -91.25 -48.80 5.79
C PHE GA 29 -90.91 -48.12 7.11
N ILE GA 30 -89.86 -47.29 7.10
CA ILE GA 30 -89.32 -46.71 8.34
C ILE GA 30 -90.20 -45.62 8.94
N THR GA 31 -91.07 -45.03 8.12
CA THR GA 31 -92.02 -44.04 8.61
C THR GA 31 -92.99 -44.74 9.54
N HIS GA 32 -93.22 -46.01 9.26
CA HIS GA 32 -94.21 -46.75 10.02
C HIS GA 32 -93.88 -46.84 11.51
N VAL GA 33 -94.93 -46.79 12.31
CA VAL GA 33 -94.89 -47.16 13.70
C VAL GA 33 -96.15 -47.99 13.88
N PHE GA 34 -95.98 -49.29 14.09
CA PHE GA 34 -97.11 -50.16 14.32
C PHE GA 34 -97.45 -50.21 15.80
N THR GA 35 -98.71 -50.00 16.14
CA THR GA 35 -99.19 -50.24 17.49
C THR GA 35 -100.52 -50.99 17.48
N TRP GA 36 -100.71 -51.82 18.50
CA TRP GA 36 -101.94 -52.59 18.66
C TRP GA 36 -102.74 -52.11 19.85
N VAL GA 37 -104.03 -51.90 19.62
CA VAL GA 37 -104.96 -51.61 20.70
C VAL GA 37 -106.07 -52.63 20.68
N ARG GA 38 -106.38 -53.19 21.84
CA ARG GA 38 -107.46 -54.16 21.90
C ARG GA 38 -108.64 -53.62 22.68
N GLN GA 39 -109.82 -54.07 22.25
CA GLN GA 39 -111.09 -53.74 22.89
C GLN GA 39 -111.90 -55.01 23.23
N ALA GA 40 -112.09 -55.23 24.53
CA ALA GA 40 -112.96 -56.30 25.02
C ALA GA 40 -114.42 -55.89 24.81
N PRO GA 41 -115.31 -56.85 24.48
CA PRO GA 41 -116.72 -56.52 24.20
C PRO GA 41 -117.40 -55.88 25.41
N GLY GA 42 -118.18 -54.84 25.16
CA GLY GA 42 -118.79 -54.09 26.24
C GLY GA 42 -117.91 -52.99 26.84
N GLN GA 43 -116.60 -53.25 26.89
CA GLN GA 43 -115.67 -52.31 27.50
C GLN GA 43 -114.94 -51.44 26.47
N GLY GA 44 -113.87 -50.80 26.94
CA GLY GA 44 -113.16 -49.84 26.11
C GLY GA 44 -111.77 -50.26 25.70
N LEU GA 45 -110.87 -49.26 25.63
CA LEU GA 45 -109.61 -49.44 24.92
C LEU GA 45 -108.41 -49.73 25.79
N GLU GA 46 -107.65 -50.75 25.41
CA GLU GA 46 -106.45 -51.16 26.13
C GLU GA 46 -105.28 -51.21 25.15
N TRP GA 47 -104.17 -50.58 25.55
CA TRP GA 47 -102.99 -50.58 24.71
C TRP GA 47 -102.30 -51.89 24.95
N VAL GA 48 -101.95 -52.59 23.88
CA VAL GA 48 -101.12 -53.77 24.07
C VAL GA 48 -99.68 -53.52 23.63
N GLY GA 49 -99.46 -53.27 22.34
CA GLY GA 49 -98.11 -53.26 21.86
C GLY GA 49 -97.75 -52.15 20.93
N GLY GA 50 -96.54 -52.26 20.41
CA GLY GA 50 -96.02 -51.30 19.46
C GLY GA 50 -94.73 -51.83 18.87
N PHE GA 51 -94.34 -51.27 17.74
CA PHE GA 51 -93.09 -51.58 17.09
C PHE GA 51 -92.75 -50.32 16.32
N ILE GA 52 -91.53 -49.83 16.49
CA ILE GA 52 -91.13 -48.62 15.81
C ILE GA 52 -90.12 -48.99 14.76
N ALA GA 53 -90.54 -48.90 13.50
CA ALA GA 53 -89.75 -49.41 12.39
C ALA GA 53 -88.36 -48.76 12.31
N ILE GA 54 -88.27 -47.47 12.62
CA ILE GA 54 -86.97 -46.81 12.51
C ILE GA 54 -85.95 -47.32 13.50
N PHE GA 55 -86.36 -47.89 14.62
CA PHE GA 55 -85.38 -48.43 15.56
C PHE GA 55 -85.39 -49.97 15.60
N GLY GA 56 -86.45 -50.58 15.08
CA GLY GA 56 -86.63 -52.02 15.18
C GLY GA 56 -86.97 -52.40 16.61
N THR GA 57 -87.30 -51.39 17.41
CA THR GA 57 -87.63 -51.63 18.80
C THR GA 57 -89.11 -51.90 18.97
N SER GA 58 -89.43 -52.87 19.82
CA SER GA 58 -90.79 -53.25 20.11
C SER GA 58 -91.14 -52.81 21.51
N ASN GA 59 -92.33 -52.26 21.72
CA ASN GA 59 -92.76 -51.99 23.09
C ASN GA 59 -94.06 -52.68 23.48
N TYR GA 60 -94.01 -53.35 24.63
CA TYR GA 60 -95.16 -54.00 25.24
C TYR GA 60 -95.62 -53.20 26.46
N ALA GA 61 -96.56 -53.77 27.21
CA ALA GA 61 -97.29 -53.03 28.21
C ALA GA 61 -97.25 -53.66 29.61
N GLN GA 62 -96.06 -54.14 29.99
CA GLN GA 62 -95.84 -54.73 31.30
C GLN GA 62 -96.84 -55.82 31.59
N LYS GA 63 -98.05 -55.40 31.94
CA LYS GA 63 -99.14 -56.30 32.32
C LYS GA 63 -99.51 -57.23 31.17
N PHE GA 64 -98.53 -57.99 30.72
CA PHE GA 64 -98.58 -58.71 29.46
C PHE GA 64 -97.32 -59.55 29.41
N GLN GA 65 -96.69 -59.68 30.58
CA GLN GA 65 -95.31 -60.17 30.68
C GLN GA 65 -95.04 -61.44 29.91
N GLY GA 66 -94.25 -61.29 28.85
CA GLY GA 66 -93.67 -62.41 28.13
C GLY GA 66 -94.65 -63.18 27.28
N ARG GA 67 -95.92 -62.75 27.28
CA ARG GA 67 -96.93 -63.37 26.45
C ARG GA 67 -96.89 -62.75 25.05
N VAL GA 68 -96.67 -61.44 25.00
CA VAL GA 68 -96.67 -60.67 23.76
C VAL GA 68 -95.26 -60.51 23.15
N THR GA 69 -95.14 -60.83 21.87
CA THR GA 69 -93.86 -60.84 21.16
C THR GA 69 -93.97 -60.22 19.77
N ILE GA 70 -93.44 -59.01 19.60
CA ILE GA 70 -93.67 -58.21 18.40
C ILE GA 70 -92.54 -58.24 17.36
N THR GA 71 -92.92 -58.41 16.09
CA THR GA 71 -91.97 -58.66 15.00
C THR GA 71 -92.26 -57.79 13.80
N ALA GA 72 -91.31 -57.71 12.87
CA ALA GA 72 -91.59 -57.10 11.57
C ALA GA 72 -90.67 -57.56 10.46
N ASP GA 73 -91.22 -57.53 9.27
CA ASP GA 73 -90.52 -57.87 8.07
C ASP GA 73 -90.78 -56.75 7.08
N GLU GA 74 -89.72 -56.09 6.61
CA GLU GA 74 -89.89 -54.88 5.84
C GLU GA 74 -89.95 -55.07 4.32
N SER GA 75 -89.69 -56.28 3.85
CA SER GA 75 -89.84 -56.57 2.42
C SER GA 75 -91.32 -56.64 2.07
N THR GA 76 -92.13 -57.12 3.02
CA THR GA 76 -93.58 -57.08 2.90
C THR GA 76 -94.18 -55.85 3.57
N SER GA 77 -93.41 -55.21 4.44
CA SER GA 77 -93.90 -54.07 5.22
C SER GA 77 -95.06 -54.52 6.08
N THR GA 78 -94.85 -55.60 6.83
CA THR GA 78 -95.86 -56.17 7.70
C THR GA 78 -95.31 -56.36 9.10
N ALA GA 79 -96.15 -56.19 10.10
CA ALA GA 79 -95.71 -56.28 11.49
C ALA GA 79 -96.61 -57.21 12.31
N TYR GA 80 -96.03 -57.95 13.25
CA TYR GA 80 -96.76 -59.03 13.93
C TYR GA 80 -96.88 -58.85 15.43
N MET GA 81 -98.03 -59.21 15.98
CA MET GA 81 -98.23 -59.19 17.41
C MET GA 81 -98.65 -60.59 17.87
N GLU GA 82 -97.71 -61.33 18.43
CA GLU GA 82 -97.96 -62.70 18.90
C GLU GA 82 -98.30 -62.68 20.38
N LEU GA 83 -99.35 -63.42 20.73
CA LEU GA 83 -99.84 -63.44 22.09
C LEU GA 83 -100.07 -64.87 22.51
N THR GA 84 -99.34 -65.33 23.52
CA THR GA 84 -99.42 -66.74 23.93
C THR GA 84 -100.17 -66.90 25.24
N SER GA 85 -100.31 -68.16 25.66
CA SER GA 85 -100.95 -68.49 26.94
C SER GA 85 -102.29 -67.78 27.11
N LEU GA 86 -103.19 -67.98 26.13
CA LEU GA 86 -104.44 -67.23 26.06
C LEU GA 86 -105.49 -67.67 27.09
N THR GA 87 -106.04 -66.72 27.81
CA THR GA 87 -107.18 -66.99 28.68
C THR GA 87 -108.46 -66.59 27.93
N SER GA 88 -109.59 -66.53 28.63
CA SER GA 88 -110.83 -66.07 28.01
C SER GA 88 -110.75 -64.56 27.89
N GLU GA 89 -110.03 -63.96 28.82
CA GLU GA 89 -109.98 -62.52 28.94
C GLU GA 89 -109.20 -61.86 27.83
N ASP GA 90 -108.67 -62.65 26.91
CA ASP GA 90 -107.95 -62.06 25.80
C ASP GA 90 -108.82 -61.97 24.56
N THR GA 91 -110.09 -62.34 24.70
CA THR GA 91 -111.04 -62.15 23.62
C THR GA 91 -111.27 -60.68 23.51
N ALA GA 92 -111.05 -60.15 22.32
CA ALA GA 92 -111.24 -58.73 22.08
C ALA GA 92 -111.19 -58.51 20.60
N VAL GA 93 -111.42 -57.26 20.20
CA VAL GA 93 -111.06 -56.84 18.87
C VAL GA 93 -109.65 -56.33 18.96
N TYR GA 94 -108.83 -56.74 18.00
CA TYR GA 94 -107.44 -56.35 18.05
C TYR GA 94 -107.12 -55.35 16.96
N TYR GA 95 -107.12 -54.05 17.31
CA TYR GA 95 -106.89 -53.01 16.31
C TYR GA 95 -105.41 -52.73 16.11
N CYS GA 96 -105.05 -52.58 14.84
CA CYS GA 96 -103.74 -52.16 14.44
C CYS GA 96 -103.88 -50.69 14.11
N ALA GA 97 -102.90 -49.90 14.53
CA ALA GA 97 -102.91 -48.48 14.18
C ALA GA 97 -101.48 -47.96 14.04
N ARG GA 98 -101.33 -46.98 13.16
CA ARG GA 98 -100.05 -46.35 12.87
C ARG GA 98 -99.84 -45.15 13.76
N GLY GA 99 -98.79 -45.22 14.55
CA GLY GA 99 -98.41 -44.10 15.38
C GLY GA 99 -97.39 -43.24 14.66
N ILE GA 100 -97.09 -42.09 15.25
CA ILE GA 100 -96.06 -41.24 14.74
C ILE GA 100 -95.06 -41.24 15.88
N SER GA 101 -93.78 -41.14 15.54
CA SER GA 101 -92.75 -40.98 16.54
C SER GA 101 -92.47 -42.24 17.34
N GLY GA 102 -91.36 -42.22 18.08
CA GLY GA 102 -90.97 -43.34 18.91
C GLY GA 102 -91.63 -43.21 20.26
N SER GA 103 -92.44 -42.18 20.42
CA SER GA 103 -93.23 -42.04 21.62
C SER GA 103 -94.65 -42.46 21.33
N TYR GA 104 -94.86 -43.03 20.13
CA TYR GA 104 -96.15 -43.51 19.65
C TYR GA 104 -97.11 -42.34 19.70
N GLY GA 105 -97.33 -41.66 18.59
CA GLY GA 105 -98.06 -40.41 18.71
C GLY GA 105 -99.55 -40.51 18.97
N TRP GA 106 -100.28 -40.00 17.99
CA TRP GA 106 -101.67 -40.29 17.86
C TRP GA 106 -101.74 -41.44 16.84
N PHE GA 107 -102.80 -42.22 16.92
CA PHE GA 107 -103.00 -43.31 15.98
C PHE GA 107 -104.04 -42.87 14.92
N ASP GA 108 -103.63 -42.70 13.66
CA ASP GA 108 -104.45 -41.89 12.74
C ASP GA 108 -105.14 -42.69 11.69
N PRO GA 109 -104.47 -43.69 11.11
CA PRO GA 109 -105.33 -44.67 10.43
C PRO GA 109 -105.55 -45.76 11.46
N TRP GA 110 -106.76 -46.23 11.70
CA TRP GA 110 -106.91 -47.49 12.42
C TRP GA 110 -107.49 -48.49 11.45
N GLY GA 111 -106.98 -49.70 11.47
CA GLY GA 111 -107.61 -50.79 10.75
C GLY GA 111 -108.95 -51.12 11.40
N GLN GA 112 -109.69 -52.06 10.82
CA GLN GA 112 -111.08 -52.30 11.24
C GLN GA 112 -111.23 -53.29 12.39
N GLY GA 113 -110.19 -54.10 12.60
CA GLY GA 113 -110.19 -54.99 13.73
C GLY GA 113 -109.97 -56.44 13.34
N THR GA 114 -109.39 -57.20 14.27
CA THR GA 114 -109.31 -58.65 14.20
C THR GA 114 -109.93 -59.15 15.50
N LEU GA 115 -111.06 -59.87 15.36
CA LEU GA 115 -111.74 -60.38 16.54
C LEU GA 115 -111.18 -61.72 16.94
N VAL GA 116 -110.55 -61.76 18.12
CA VAL GA 116 -110.00 -63.02 18.61
C VAL GA 116 -110.96 -63.63 19.62
N THR GA 117 -111.67 -64.67 19.21
CA THR GA 117 -112.48 -65.39 20.18
C THR GA 117 -111.69 -66.56 20.69
N VAL GA 118 -111.46 -66.58 21.99
CA VAL GA 118 -110.78 -67.69 22.59
C VAL GA 118 -111.75 -68.44 23.50
N SER GA 119 -111.94 -69.73 23.21
CA SER GA 119 -112.81 -70.59 24.02
C SER GA 119 -112.57 -72.10 23.82
N SER GA 120 -113.01 -72.87 24.83
CA SER GA 120 -112.96 -74.32 24.80
C SER GA 120 -113.86 -74.81 23.69
N ALA GA 121 -115.00 -74.12 23.56
CA ALA GA 121 -115.96 -74.34 22.49
C ALA GA 121 -115.33 -74.15 21.12
N SER GA 122 -116.12 -74.35 20.07
CA SER GA 122 -115.60 -74.26 18.71
C SER GA 122 -116.68 -73.91 17.69
N THR GA 123 -116.26 -73.67 16.45
CA THR GA 123 -117.16 -73.23 15.38
C THR GA 123 -118.34 -74.21 15.19
N LYS GA 124 -119.52 -73.67 14.90
CA LYS GA 124 -120.77 -74.43 14.96
C LYS GA 124 -121.87 -73.58 14.32
N GLY GA 125 -122.72 -74.16 13.48
CA GLY GA 125 -123.85 -73.42 12.93
C GLY GA 125 -124.90 -73.07 13.99
N PRO GA 126 -125.78 -72.09 13.70
CA PRO GA 126 -126.84 -71.69 14.64
C PRO GA 126 -128.11 -72.54 14.48
N SER GA 127 -129.17 -72.21 15.22
CA SER GA 127 -130.47 -72.84 15.01
C SER GA 127 -131.62 -71.83 14.90
N LEU GA 148 -135.23 -65.94 16.48
CA LEU GA 148 -134.32 -66.42 17.54
C LEU GA 148 -133.22 -67.36 17.01
N VAL GA 149 -132.01 -66.84 16.87
CA VAL GA 149 -130.86 -67.61 16.37
C VAL GA 149 -130.07 -68.18 17.56
N LYS GA 150 -130.08 -69.51 17.71
CA LYS GA 150 -129.55 -70.12 18.94
C LYS GA 150 -128.22 -70.87 18.78
N ASP GA 151 -127.36 -70.71 19.79
CA ASP GA 151 -126.13 -71.50 20.00
C ASP GA 151 -125.19 -71.66 18.81
N TYR GA 152 -124.25 -70.73 18.67
CA TYR GA 152 -123.26 -70.78 17.59
C TYR GA 152 -121.89 -70.23 17.98
N PHE GA 153 -121.00 -70.09 16.99
CA PHE GA 153 -119.61 -69.70 17.23
C PHE GA 153 -118.88 -69.48 15.91
N PRO GA 154 -118.02 -68.45 15.85
CA PRO GA 154 -117.87 -67.39 16.85
C PRO GA 154 -118.58 -66.14 16.32
N GLU GA 155 -118.63 -65.05 17.07
CA GLU GA 155 -119.59 -64.01 16.71
C GLU GA 155 -119.21 -62.89 15.71
N PRO GA 156 -119.13 -63.22 14.41
CA PRO GA 156 -119.82 -62.36 13.42
C PRO GA 156 -121.06 -63.12 12.93
N VAL GA 157 -122.11 -62.42 12.47
CA VAL GA 157 -123.34 -63.06 11.97
C VAL GA 157 -124.22 -62.13 11.13
N THR GA 172 -132.65 -56.23 13.95
CA THR GA 172 -131.87 -57.35 14.49
C THR GA 172 -131.36 -56.98 15.85
N PHE GA 173 -130.25 -57.58 16.29
CA PHE GA 173 -129.71 -57.30 17.62
C PHE GA 173 -128.17 -57.45 17.71
N PRO GA 174 -127.60 -57.13 18.90
CA PRO GA 174 -126.33 -57.75 19.29
C PRO GA 174 -126.60 -59.19 19.71
N ALA GA 175 -125.57 -59.95 20.00
CA ALA GA 175 -125.78 -61.32 20.46
C ALA GA 175 -125.35 -61.52 21.93
N VAL GA 176 -125.89 -62.57 22.57
CA VAL GA 176 -125.56 -62.90 23.96
C VAL GA 176 -124.86 -64.24 24.15
N LEU GA 177 -123.72 -64.20 24.83
CA LEU GA 177 -122.99 -65.40 25.23
C LEU GA 177 -123.78 -66.10 26.33
N GLN GA 178 -123.87 -67.43 26.23
CA GLN GA 178 -124.67 -68.22 27.18
C GLN GA 178 -123.82 -68.74 28.34
N SER GA 179 -124.41 -69.58 29.18
CA SER GA 179 -123.65 -70.35 30.15
C SER GA 179 -122.89 -71.46 29.40
N SER GA 180 -123.51 -71.95 28.31
CA SER GA 180 -122.96 -73.04 27.48
C SER GA 180 -121.78 -72.65 26.57
N GLY GA 181 -121.44 -71.36 26.54
CA GLY GA 181 -120.33 -70.87 25.73
C GLY GA 181 -120.69 -70.59 24.27
N LEU GA 182 -121.98 -70.69 23.94
CA LEU GA 182 -122.45 -70.55 22.55
C LEU GA 182 -123.37 -69.34 22.34
N TYR GA 183 -123.00 -68.47 21.40
CA TYR GA 183 -123.69 -67.19 21.20
C TYR GA 183 -125.18 -67.29 20.80
N SER GA 184 -125.91 -66.21 21.08
CA SER GA 184 -127.34 -66.20 20.82
C SER GA 184 -127.81 -64.85 20.29
N LEU GA 185 -128.16 -64.83 19.01
CA LEU GA 185 -128.87 -63.72 18.42
C LEU GA 185 -130.36 -63.95 18.67
N SER GA 186 -131.16 -62.94 18.37
CA SER GA 186 -132.60 -63.02 18.54
C SER GA 186 -133.19 -61.88 17.75
N SER GA 187 -133.20 -62.07 16.43
CA SER GA 187 -133.57 -61.00 15.49
C SER GA 187 -134.87 -60.27 15.84
N CYS GA 203 -133.99 -60.66 6.69
CA CYS GA 203 -132.70 -61.04 7.29
C CYS GA 203 -132.49 -62.54 7.33
N ASN GA 204 -132.44 -63.17 6.17
CA ASN GA 204 -132.08 -64.57 6.09
C ASN GA 204 -130.74 -64.76 6.79
N VAL GA 205 -130.50 -65.92 7.40
CA VAL GA 205 -129.39 -66.02 8.38
C VAL GA 205 -128.00 -66.49 7.87
N ASN GA 206 -126.99 -65.60 7.94
CA ASN GA 206 -125.61 -65.80 7.43
C ASN GA 206 -124.54 -66.10 8.53
N HIS GA 207 -124.25 -67.37 8.80
CA HIS GA 207 -123.10 -67.78 9.65
C HIS GA 207 -121.94 -68.25 8.76
N LYS GA 208 -120.93 -67.39 8.58
CA LYS GA 208 -119.85 -67.65 7.61
C LYS GA 208 -118.52 -68.16 8.14
N PRO GA 209 -118.29 -68.09 9.48
CA PRO GA 209 -117.20 -68.96 9.94
C PRO GA 209 -117.43 -70.40 9.46
N SER GA 210 -118.45 -71.05 10.02
CA SER GA 210 -118.80 -72.42 9.65
C SER GA 210 -119.65 -72.50 8.38
N ASN GA 211 -119.68 -71.42 7.60
CA ASN GA 211 -120.28 -71.38 6.27
C ASN GA 211 -121.74 -71.91 6.16
N THR GA 212 -122.63 -71.52 7.08
CA THR GA 212 -124.03 -71.95 7.03
C THR GA 212 -125.02 -70.81 6.76
N LYS GA 213 -125.65 -70.81 5.58
CA LYS GA 213 -126.78 -69.92 5.31
C LYS GA 213 -128.11 -70.64 5.53
N VAL GA 214 -129.04 -70.03 6.27
CA VAL GA 214 -130.47 -70.28 6.02
C VAL GA 214 -131.08 -69.02 5.40
N ASP HA 1 -97.75 -45.50 36.00
CA ASP HA 1 -98.77 -45.37 34.98
C ASP HA 1 -99.52 -44.05 35.09
N ILE HA 2 -100.05 -43.58 33.96
CA ILE HA 2 -100.81 -42.34 33.93
C ILE HA 2 -102.32 -42.58 33.76
N GLN HA 3 -103.10 -42.31 34.80
CA GLN HA 3 -104.54 -42.52 34.77
C GLN HA 3 -105.23 -41.35 34.11
N LEU HA 4 -106.08 -41.69 33.14
CA LEU HA 4 -106.91 -40.70 32.50
C LEU HA 4 -108.34 -40.85 33.00
N THR HA 5 -108.85 -39.83 33.68
CA THR HA 5 -110.23 -39.87 34.15
C THR HA 5 -111.12 -38.90 33.37
N GLN HA 6 -112.02 -39.49 32.60
CA GLN HA 6 -112.95 -38.75 31.79
C GLN HA 6 -114.22 -38.55 32.57
N SER HA 7 -114.83 -37.40 32.39
CA SER HA 7 -116.11 -37.11 33.02
C SER HA 7 -116.88 -36.17 32.11
N PRO HA 8 -118.14 -36.50 31.82
CA PRO HA 8 -118.93 -37.58 32.42
C PRO HA 8 -118.84 -38.88 31.63
N SER HA 9 -119.15 -39.99 32.30
CA SER HA 9 -119.00 -41.30 31.69
C SER HA 9 -120.09 -41.57 30.63
N SER HA 10 -121.22 -40.87 30.77
CA SER HA 10 -122.30 -40.97 29.81
C SER HA 10 -123.02 -39.62 29.65
N LEU HA 11 -123.62 -39.41 28.49
CA LEU HA 11 -124.27 -38.12 28.23
C LEU HA 11 -125.52 -38.20 27.32
N SER HA 12 -126.61 -37.57 27.74
CA SER HA 12 -127.76 -37.39 26.86
C SER HA 12 -128.00 -35.92 26.60
N ALA HA 13 -127.91 -35.54 25.34
CA ALA HA 13 -128.10 -34.14 24.96
C ALA HA 13 -128.71 -34.06 23.58
N SER HA 14 -129.42 -32.98 23.32
CA SER HA 14 -130.27 -32.88 22.15
C SER HA 14 -129.59 -32.19 20.95
N VAL HA 15 -129.93 -32.58 19.72
CA VAL HA 15 -129.32 -31.97 18.54
C VAL HA 15 -129.27 -30.44 18.58
N GLY HA 16 -128.08 -29.87 18.38
CA GLY HA 16 -127.87 -28.44 18.50
C GLY HA 16 -127.12 -28.07 19.78
N ASP HA 17 -127.36 -28.82 20.87
CA ASP HA 17 -126.66 -28.59 22.14
C ASP HA 17 -125.15 -28.60 21.97
N ARG HA 18 -124.50 -27.79 22.78
CA ARG HA 18 -123.07 -27.90 22.91
C ARG HA 18 -122.80 -28.90 24.01
N VAL HA 19 -121.82 -29.77 23.77
CA VAL HA 19 -121.44 -30.78 24.74
C VAL HA 19 -119.98 -30.54 25.06
N THR HA 20 -119.61 -30.69 26.32
CA THR HA 20 -118.20 -30.61 26.65
C THR HA 20 -117.76 -31.84 27.44
N ILE HA 21 -116.77 -32.55 26.91
CA ILE HA 21 -116.17 -33.61 27.68
C ILE HA 21 -114.78 -33.22 28.16
N THR HA 22 -114.45 -33.72 29.35
CA THR HA 22 -113.15 -33.48 29.95
C THR HA 22 -112.37 -34.74 30.24
N CYS HA 23 -111.06 -34.62 30.03
CA CYS HA 23 -110.13 -35.66 30.40
C CYS HA 23 -109.19 -35.08 31.46
N GLN HA 24 -108.96 -35.84 32.53
CA GLN HA 24 -108.06 -35.44 33.60
C GLN HA 24 -107.01 -36.53 33.84
N ALA HA 25 -105.76 -36.09 33.93
CA ALA HA 25 -104.65 -37.00 34.05
C ALA HA 25 -103.91 -36.86 35.40
N SER HA 26 -103.30 -37.96 35.86
CA SER HA 26 -102.56 -37.98 37.13
C SER HA 26 -101.31 -37.08 37.19
N GLN HA 27 -100.70 -36.80 36.04
CA GLN HA 27 -99.45 -36.04 35.99
C GLN HA 27 -99.60 -34.93 34.98
N ASP HA 28 -98.87 -33.83 35.16
CA ASP HA 28 -98.79 -32.83 34.11
C ASP HA 28 -98.25 -33.50 32.84
N ILE HA 29 -99.01 -33.42 31.75
CA ILE HA 29 -98.60 -34.12 30.53
C ILE HA 29 -98.48 -33.21 29.32
N ARG HA 30 -98.29 -31.92 29.59
CA ARG HA 30 -98.16 -30.92 28.55
C ARG HA 30 -99.37 -31.02 27.64
N LYS HA 31 -99.17 -30.88 26.35
CA LYS HA 31 -100.28 -30.94 25.39
C LYS HA 31 -100.35 -32.30 24.67
N TYR HA 32 -99.72 -33.33 25.23
CA TYR HA 32 -99.58 -34.64 24.58
C TYR HA 32 -100.81 -35.50 24.72
N LEU HA 33 -101.96 -34.94 24.41
CA LEU HA 33 -103.23 -35.64 24.58
C LEU HA 33 -104.04 -35.70 23.29
N ASN HA 34 -104.52 -36.89 22.94
CA ASN HA 34 -105.31 -37.09 21.72
C ASN HA 34 -106.78 -37.43 21.99
N TRP HA 35 -107.66 -37.07 21.07
CA TRP HA 35 -109.09 -37.42 21.18
C TRP HA 35 -109.60 -38.29 20.03
N TYR HA 36 -110.24 -39.40 20.40
CA TYR HA 36 -110.79 -40.36 19.44
C TYR HA 36 -112.32 -40.51 19.48
N GLN HA 37 -112.90 -40.93 18.37
CA GLN HA 37 -114.33 -41.12 18.28
C GLN HA 37 -114.72 -42.51 17.84
N GLN HA 38 -115.41 -43.24 18.70
CA GLN HA 38 -115.88 -44.56 18.31
C GLN HA 38 -117.38 -44.62 17.99
N LYS HA 39 -117.71 -44.45 16.71
CA LYS HA 39 -119.06 -44.75 16.23
C LYS HA 39 -119.24 -46.26 16.36
N PRO HA 40 -120.44 -46.69 16.78
CA PRO HA 40 -120.68 -48.05 17.28
C PRO HA 40 -120.64 -49.13 16.19
N GLY HA 41 -119.89 -50.20 16.46
CA GLY HA 41 -119.65 -51.23 15.47
C GLY HA 41 -118.53 -50.87 14.51
N LYS HA 42 -117.83 -49.77 14.77
CA LYS HA 42 -116.67 -49.42 13.95
C LYS HA 42 -115.40 -49.20 14.80
N ALA HA 43 -114.26 -49.03 14.14
CA ALA HA 43 -113.00 -48.75 14.81
C ALA HA 43 -112.98 -47.30 15.26
N PRO HA 44 -112.16 -46.98 16.27
CA PRO HA 44 -112.01 -45.60 16.71
C PRO HA 44 -111.46 -44.71 15.61
N ASN HA 45 -111.39 -43.42 15.86
CA ASN HA 45 -111.07 -42.51 14.81
C ASN HA 45 -110.56 -41.25 15.44
N LEU HA 46 -109.46 -40.73 14.90
CA LEU HA 46 -108.85 -39.54 15.48
C LEU HA 46 -109.61 -38.29 15.09
N LEU HA 47 -109.95 -37.47 16.09
CA LEU HA 47 -110.54 -36.18 15.83
C LEU HA 47 -109.53 -35.12 16.18
N ILE HA 48 -109.11 -35.11 17.44
CA ILE HA 48 -108.16 -34.11 17.96
C ILE HA 48 -106.83 -34.73 18.34
N TYR HA 49 -105.72 -34.16 17.85
CA TYR HA 49 -104.36 -34.53 18.32
C TYR HA 49 -103.65 -33.37 18.98
N ASP HA 50 -102.69 -33.71 19.85
CA ASP HA 50 -101.94 -32.74 20.66
C ASP HA 50 -102.88 -31.67 21.18
N ALA HA 51 -103.77 -32.10 22.07
CA ALA HA 51 -104.74 -31.23 22.78
C ALA HA 51 -105.64 -30.34 21.93
N SER HA 52 -105.06 -29.55 21.03
CA SER HA 52 -105.81 -28.51 20.37
C SER HA 52 -105.95 -28.72 18.83
N ASN HA 53 -105.15 -29.61 18.27
CA ASN HA 53 -105.09 -29.73 16.81
C ASN HA 53 -106.14 -30.67 16.22
N VAL HA 54 -106.73 -30.26 15.12
CA VAL HA 54 -107.86 -30.98 14.52
C VAL HA 54 -107.47 -31.62 13.21
N LYS HA 55 -107.67 -32.92 13.14
CA LYS HA 55 -107.37 -33.73 11.96
C LYS HA 55 -108.06 -33.14 10.74
N THR HA 56 -107.37 -33.18 9.60
CA THR HA 56 -107.96 -32.71 8.35
C THR HA 56 -109.08 -33.66 7.91
N GLY HA 57 -110.23 -33.10 7.55
CA GLY HA 57 -111.39 -33.92 7.22
C GLY HA 57 -112.44 -33.86 8.31
N VAL HA 58 -112.07 -33.23 9.42
CA VAL HA 58 -112.94 -33.19 10.58
C VAL HA 58 -113.72 -31.88 10.67
N PRO HA 59 -115.06 -31.98 10.75
CA PRO HA 59 -116.04 -30.88 10.87
C PRO HA 59 -115.68 -29.86 11.97
N SER HA 60 -116.09 -28.61 11.77
CA SER HA 60 -115.61 -27.50 12.60
C SER HA 60 -116.35 -27.38 13.93
N ARG HA 61 -117.25 -28.32 14.19
CA ARG HA 61 -117.98 -28.29 15.45
C ARG HA 61 -117.18 -28.96 16.55
N PHE HA 62 -116.22 -29.83 16.17
CA PHE HA 62 -115.30 -30.41 17.14
C PHE HA 62 -114.10 -29.49 17.36
N ARG HA 63 -113.85 -29.13 18.63
CA ARG HA 63 -112.59 -28.53 19.03
C ARG HA 63 -112.10 -29.16 20.32
N GLY HA 64 -110.81 -29.02 20.56
CA GLY HA 64 -110.25 -29.45 21.83
C GLY HA 64 -109.34 -28.40 22.46
N SER HA 65 -109.43 -28.29 23.78
CA SER HA 65 -108.54 -27.40 24.51
C SER HA 65 -108.00 -28.15 25.74
N GLY HA 66 -107.01 -27.58 26.43
CA GLY HA 66 -106.34 -28.29 27.51
C GLY HA 66 -104.84 -28.07 27.62
N SER HA 67 -104.39 -27.87 28.85
CA SER HA 67 -103.04 -27.38 29.10
C SER HA 67 -102.03 -28.44 29.45
N GLY HA 68 -102.18 -29.00 30.64
CA GLY HA 68 -101.13 -29.83 31.22
C GLY HA 68 -101.68 -31.04 31.93
N THR HA 69 -102.75 -30.85 32.70
CA THR HA 69 -103.35 -31.95 33.46
C THR HA 69 -104.88 -32.01 33.31
N ASP HA 70 -105.46 -30.95 32.77
CA ASP HA 70 -106.90 -30.87 32.58
C ASP HA 70 -107.22 -30.58 31.13
N PHE HA 71 -108.07 -31.42 30.55
CA PHE HA 71 -108.36 -31.27 29.13
C PHE HA 71 -109.85 -31.15 28.85
N THR HA 72 -110.18 -30.63 27.65
CA THR HA 72 -111.56 -30.34 27.28
C THR HA 72 -111.88 -30.57 25.81
N PHE HA 73 -112.78 -31.52 25.57
CA PHE HA 73 -113.29 -31.85 24.24
C PHE HA 73 -114.68 -31.25 24.01
N THR HA 74 -114.83 -30.41 22.98
CA THR HA 74 -116.07 -29.65 22.76
C THR HA 74 -116.70 -29.89 21.40
N ILE HA 75 -117.97 -30.29 21.34
CA ILE HA 75 -118.75 -30.18 20.10
C ILE HA 75 -119.65 -28.93 20.20
N SER HA 76 -119.56 -28.03 19.25
CA SER HA 76 -120.21 -26.73 19.40
C SER HA 76 -121.71 -26.82 19.16
N SER HA 77 -122.11 -27.64 18.20
CA SER HA 77 -123.52 -27.94 17.96
C SER HA 77 -123.63 -29.38 17.52
N LEU HA 78 -124.21 -30.22 18.36
CA LEU HA 78 -124.35 -31.64 18.08
C LEU HA 78 -125.04 -31.95 16.75
N GLN HA 79 -124.79 -33.13 16.23
CA GLN HA 79 -125.44 -33.62 15.01
C GLN HA 79 -125.68 -35.10 15.20
N PRO HA 80 -126.71 -35.63 14.55
CA PRO HA 80 -127.03 -37.04 14.84
C PRO HA 80 -126.07 -38.08 14.27
N GLU HA 81 -124.94 -37.64 13.71
CA GLU HA 81 -123.91 -38.53 13.24
C GLU HA 81 -122.85 -38.58 14.29
N ASP HA 82 -122.98 -37.68 15.27
CA ASP HA 82 -121.99 -37.50 16.33
C ASP HA 82 -122.23 -38.43 17.49
N ILE HA 83 -123.23 -39.27 17.38
CA ILE HA 83 -123.53 -40.18 18.48
C ILE HA 83 -122.55 -41.33 18.47
N ALA HA 84 -121.60 -41.21 19.36
CA ALA HA 84 -120.58 -42.22 19.46
C ALA HA 84 -120.04 -42.26 20.88
N THR HA 85 -118.91 -42.94 21.05
CA THR HA 85 -118.19 -42.90 22.32
C THR HA 85 -116.81 -42.29 22.12
N TYR HA 86 -116.38 -41.52 23.11
CA TYR HA 86 -115.24 -40.66 23.01
C TYR HA 86 -114.12 -41.04 23.98
N TYR HA 87 -112.90 -41.16 23.45
CA TYR HA 87 -111.75 -41.51 24.26
C TYR HA 87 -110.66 -40.44 24.22
N CYS HA 88 -110.00 -40.23 25.36
CA CYS HA 88 -108.78 -39.42 25.41
C CYS HA 88 -107.55 -40.30 25.64
N GLN HA 89 -106.45 -40.02 24.94
CA GLN HA 89 -105.21 -40.79 25.12
C GLN HA 89 -104.01 -39.89 25.15
N GLN HA 90 -102.99 -40.32 25.90
CA GLN HA 90 -101.75 -39.54 26.12
C GLN HA 90 -100.57 -40.28 25.52
N TYR HA 91 -99.50 -39.56 25.20
CA TYR HA 91 -98.21 -40.21 25.23
C TYR HA 91 -97.37 -39.56 26.35
N ASP HA 92 -96.38 -38.73 26.06
CA ASP HA 92 -95.58 -38.16 27.16
C ASP HA 92 -94.92 -39.24 28.01
N ASN HA 93 -95.72 -40.01 28.71
CA ASN HA 93 -95.22 -41.17 29.45
C ASN HA 93 -95.45 -42.42 28.64
N LEU HA 94 -94.92 -43.54 29.12
CA LEU HA 94 -95.03 -44.74 28.33
C LEU HA 94 -95.54 -45.95 29.08
N PRO HA 95 -96.75 -45.87 29.62
CA PRO HA 95 -97.38 -47.17 29.48
C PRO HA 95 -98.30 -47.14 28.23
N ILE HA 96 -98.71 -45.94 27.80
CA ILE HA 96 -99.81 -45.67 26.83
C ILE HA 96 -101.21 -45.98 27.36
N THR HA 97 -101.82 -44.96 27.95
CA THR HA 97 -103.12 -45.13 28.55
C THR HA 97 -104.23 -44.30 27.87
N PHE HA 98 -105.45 -44.82 27.97
CA PHE HA 98 -106.62 -44.17 27.44
C PHE HA 98 -107.55 -43.79 28.57
N GLY HA 99 -108.54 -42.96 28.28
CA GLY HA 99 -109.65 -42.70 29.19
C GLY HA 99 -110.55 -43.93 29.30
N GLN HA 100 -111.64 -43.81 30.05
CA GLN HA 100 -112.57 -44.93 30.23
C GLN HA 100 -113.66 -44.84 29.17
N GLY HA 101 -113.80 -43.67 28.56
CA GLY HA 101 -114.79 -43.44 27.53
C GLY HA 101 -115.85 -42.42 27.92
N THR HA 102 -116.72 -42.08 26.98
CA THR HA 102 -117.83 -41.18 27.23
C THR HA 102 -118.84 -41.42 26.14
N ARG HA 103 -120.03 -41.88 26.51
CA ARG HA 103 -121.05 -42.25 25.56
C ARG HA 103 -121.93 -41.03 25.29
N LEU HA 104 -122.34 -40.88 24.04
CA LEU HA 104 -123.35 -39.92 23.69
C LEU HA 104 -124.59 -40.68 23.27
N GLU HA 105 -125.74 -40.25 23.77
CA GLU HA 105 -127.02 -40.69 23.27
C GLU HA 105 -127.77 -39.40 23.06
N ILE HA 106 -128.81 -39.42 22.22
CA ILE HA 106 -129.55 -38.20 21.99
C ILE HA 106 -130.84 -38.16 22.82
N LYS HA 107 -131.12 -37.00 23.42
CA LYS HA 107 -132.22 -36.85 24.36
C LYS HA 107 -133.58 -37.04 23.68
N ARG HA 108 -134.35 -37.99 24.20
CA ARG HA 108 -135.69 -38.29 23.68
C ARG HA 108 -136.79 -38.03 24.71
N THR HA 109 -137.90 -38.76 24.60
CA THR HA 109 -139.11 -38.42 25.35
C THR HA 109 -139.40 -39.31 26.56
N GLU IA 1 -96.07 1.83 16.86
CA GLU IA 1 -95.87 2.58 18.09
C GLU IA 1 -94.41 2.59 18.57
N VAL IA 2 -93.76 3.73 18.36
CA VAL IA 2 -92.66 4.18 19.19
C VAL IA 2 -93.07 5.57 19.63
N GLN IA 3 -93.40 5.74 20.90
CA GLN IA 3 -93.72 7.09 21.35
C GLN IA 3 -92.71 7.70 22.33
N LEU IA 4 -92.85 9.01 22.55
CA LEU IA 4 -91.75 9.84 23.08
C LEU IA 4 -92.23 10.85 24.10
N VAL IA 5 -91.67 10.80 25.31
CA VAL IA 5 -92.07 11.76 26.33
C VAL IA 5 -90.94 12.64 26.83
N GLU IA 6 -91.02 13.92 26.52
CA GLU IA 6 -89.98 14.86 26.89
C GLU IA 6 -90.38 15.70 28.09
N SER IA 7 -89.38 16.07 28.88
CA SER IA 7 -89.57 16.81 30.14
C SER IA 7 -90.41 18.10 29.99
N GLY IA 8 -90.82 18.66 31.13
CA GLY IA 8 -91.69 19.82 31.14
C GLY IA 8 -90.95 21.12 30.95
N ALA IA 9 -91.71 22.19 30.69
CA ALA IA 9 -91.12 23.50 30.43
C ALA IA 9 -90.46 24.08 31.68
N GLU IA 10 -89.37 24.81 31.47
CA GLU IA 10 -88.61 25.39 32.58
C GLU IA 10 -88.26 26.87 32.35
N VAL IA 11 -88.08 27.60 33.45
CA VAL IA 11 -87.54 28.94 33.38
C VAL IA 11 -86.22 28.92 34.15
N LYS IA 12 -85.27 29.74 33.72
CA LYS IA 12 -83.91 29.66 34.24
C LYS IA 12 -83.26 31.05 34.28
N LYS IA 13 -82.37 31.27 35.25
CA LYS IA 13 -81.64 32.54 35.34
C LYS IA 13 -80.28 32.35 34.71
N PRO IA 14 -79.85 33.32 33.90
CA PRO IA 14 -78.67 33.18 33.03
C PRO IA 14 -77.36 32.82 33.77
N GLY IA 15 -76.57 31.96 33.14
CA GLY IA 15 -75.39 31.37 33.75
C GLY IA 15 -75.70 29.95 34.20
N SER IA 16 -76.99 29.62 34.27
CA SER IA 16 -77.42 28.37 34.88
C SER IA 16 -77.32 27.12 33.99
N SER IA 17 -78.16 26.14 34.30
CA SER IA 17 -78.00 24.80 33.75
C SER IA 17 -79.32 24.05 33.75
N VAL IA 18 -79.61 23.40 32.63
CA VAL IA 18 -80.89 22.70 32.49
C VAL IA 18 -80.74 21.25 31.98
N LYS IA 19 -81.55 20.35 32.56
CA LYS IA 19 -81.62 18.94 32.13
C LYS IA 19 -82.99 18.72 31.46
N VAL IA 20 -82.94 18.27 30.20
CA VAL IA 20 -84.14 17.93 29.45
C VAL IA 20 -84.15 16.43 29.25
N SER IA 21 -85.22 15.79 29.69
CA SER IA 21 -85.36 14.35 29.58
C SER IA 21 -86.12 13.97 28.32
N CYS IA 22 -86.01 12.71 27.95
CA CYS IA 22 -86.80 12.18 26.86
C CYS IA 22 -86.88 10.65 26.99
N LYS IA 23 -88.10 10.12 26.92
CA LYS IA 23 -88.32 8.71 27.19
C LYS IA 23 -89.02 8.08 25.98
N ALA IA 24 -88.56 6.89 25.62
CA ALA IA 24 -89.05 6.21 24.42
C ALA IA 24 -89.65 4.84 24.76
N SER IA 25 -90.97 4.79 24.88
CA SER IA 25 -91.66 3.53 25.01
C SER IA 25 -92.00 3.04 23.62
N GLY IA 26 -92.14 1.73 23.47
CA GLY IA 26 -92.45 1.16 22.18
C GLY IA 26 -91.51 0.02 21.86
N GLY IA 27 -90.26 0.35 21.56
CA GLY IA 27 -89.28 -0.64 21.21
C GLY IA 27 -88.23 -0.86 22.29
N THR IA 28 -87.32 -1.80 22.06
CA THR IA 28 -86.28 -2.08 23.05
C THR IA 28 -85.20 -0.99 23.04
N PHE IA 29 -84.50 -0.86 24.16
CA PHE IA 29 -83.63 0.30 24.39
C PHE IA 29 -82.58 0.52 23.29
N ILE IA 30 -81.88 -0.54 22.90
CA ILE IA 30 -80.75 -0.35 21.99
C ILE IA 30 -81.15 0.06 20.56
N THR IA 31 -82.44 -0.04 20.26
CA THR IA 31 -82.95 0.36 18.95
C THR IA 31 -82.94 1.88 18.82
N HIS IA 32 -83.01 2.54 19.97
CA HIS IA 32 -83.24 3.97 20.00
C HIS IA 32 -82.00 4.75 19.62
N VAL IA 33 -82.24 5.89 18.99
CA VAL IA 33 -81.23 6.90 18.71
C VAL IA 33 -81.82 8.26 19.05
N PHE IA 34 -81.63 8.70 20.28
CA PHE IA 34 -82.14 9.99 20.72
C PHE IA 34 -81.43 11.12 20.00
N THR IA 35 -82.13 12.22 19.80
CA THR IA 35 -81.51 13.43 19.27
C THR IA 35 -82.32 14.68 19.59
N TRP IA 36 -81.61 15.77 19.87
CA TRP IA 36 -82.26 17.02 20.22
C TRP IA 36 -82.04 18.10 19.16
N VAL IA 37 -83.13 18.77 18.78
CA VAL IA 37 -83.07 19.85 17.80
C VAL IA 37 -83.83 21.06 18.34
N ARG IA 38 -83.12 22.16 18.53
CA ARG IA 38 -83.75 23.32 19.11
C ARG IA 38 -84.17 24.34 18.06
N GLN IA 39 -85.19 25.13 18.39
CA GLN IA 39 -85.73 26.13 17.48
C GLN IA 39 -86.04 27.42 18.20
N ALA IA 40 -85.22 28.44 17.96
CA ALA IA 40 -85.46 29.75 18.56
C ALA IA 40 -86.75 30.30 17.99
N PRO IA 41 -87.54 31.00 18.82
CA PRO IA 41 -88.83 31.52 18.35
C PRO IA 41 -88.69 32.45 17.14
N GLY IA 42 -89.42 32.15 16.08
CA GLY IA 42 -89.38 32.96 14.88
C GLY IA 42 -88.31 32.50 13.90
N GLN IA 43 -87.27 31.88 14.43
CA GLN IA 43 -86.21 31.33 13.62
C GLN IA 43 -86.49 29.85 13.34
N GLY IA 44 -85.44 29.10 13.00
CA GLY IA 44 -85.60 27.72 12.63
C GLY IA 44 -84.73 26.73 13.38
N LEU IA 45 -84.32 25.68 12.68
CA LEU IA 45 -83.78 24.48 13.31
C LEU IA 45 -82.24 24.38 13.46
N GLU IA 46 -81.80 24.29 14.71
CA GLU IA 46 -80.41 24.10 15.08
C GLU IA 46 -80.26 22.73 15.76
N TRP IA 47 -79.36 21.91 15.25
CA TRP IA 47 -79.10 20.62 15.88
C TRP IA 47 -78.31 20.83 17.16
N VAL IA 48 -78.60 20.05 18.19
CA VAL IA 48 -77.81 20.19 19.43
C VAL IA 48 -77.10 18.92 19.87
N GLY IA 49 -77.87 17.89 20.20
CA GLY IA 49 -77.29 16.70 20.76
C GLY IA 49 -77.74 15.45 20.07
N GLY IA 50 -77.29 14.33 20.60
CA GLY IA 50 -77.65 13.03 20.09
C GLY IA 50 -77.06 12.02 21.05
N PHE IA 51 -77.74 10.88 21.18
CA PHE IA 51 -77.24 9.78 21.95
C PHE IA 51 -77.60 8.47 21.27
N ILE IA 52 -76.58 7.67 20.97
CA ILE IA 52 -76.78 6.41 20.29
C ILE IA 52 -76.65 5.27 21.28
N ALA IA 53 -77.75 4.55 21.47
CA ALA IA 53 -77.91 3.67 22.64
C ALA IA 53 -77.24 2.31 22.53
N ILE IA 54 -77.13 1.79 21.32
CA ILE IA 54 -76.36 0.56 21.12
C ILE IA 54 -74.88 0.74 21.47
N PHE IA 55 -74.36 1.96 21.33
CA PHE IA 55 -72.95 2.26 21.60
C PHE IA 55 -72.76 2.93 22.95
N GLY IA 56 -73.78 3.65 23.41
CA GLY IA 56 -73.63 4.49 24.58
C GLY IA 56 -72.88 5.79 24.30
N THR IA 57 -72.48 6.01 23.04
CA THR IA 57 -71.76 7.23 22.65
C THR IA 57 -72.70 8.43 22.54
N SER IA 58 -72.24 9.61 22.96
CA SER IA 58 -73.00 10.85 22.78
C SER IA 58 -72.33 11.75 21.73
N ASN IA 59 -73.12 12.52 21.00
CA ASN IA 59 -72.54 13.45 20.03
C ASN IA 59 -73.12 14.86 20.11
N TYR IA 60 -72.27 15.84 20.40
CA TYR IA 60 -72.70 17.24 20.50
C TYR IA 60 -72.37 17.99 19.22
N ALA IA 61 -72.45 19.31 19.27
CA ALA IA 61 -72.39 20.08 18.03
C ALA IA 61 -71.28 21.13 17.97
N GLN IA 62 -70.08 20.80 18.44
CA GLN IA 62 -68.96 21.73 18.45
C GLN IA 62 -69.33 23.07 19.08
N LYS IA 63 -70.00 23.90 18.29
CA LYS IA 63 -70.45 25.24 18.68
C LYS IA 63 -71.35 25.21 19.94
N PHE IA 64 -70.84 24.59 21.00
CA PHE IA 64 -71.62 24.21 22.17
C PHE IA 64 -70.63 23.75 23.25
N GLN IA 65 -69.35 24.00 23.01
CA GLN IA 65 -68.23 23.36 23.71
C GLN IA 65 -68.32 23.22 25.24
N GLY IA 66 -68.58 22.01 25.70
CA GLY IA 66 -68.53 21.69 27.12
C GLY IA 66 -69.67 22.22 27.94
N ARG IA 67 -70.66 22.83 27.30
CA ARG IA 67 -71.86 23.28 28.00
C ARG IA 67 -72.86 22.14 27.97
N VAL IA 68 -72.79 21.38 26.89
CA VAL IA 68 -73.70 20.28 26.67
C VAL IA 68 -73.08 18.94 27.10
N THR IA 69 -73.81 18.23 27.96
CA THR IA 69 -73.45 16.89 28.41
C THR IA 69 -74.67 15.96 28.24
N ILE IA 70 -74.48 14.81 27.62
CA ILE IA 70 -75.59 13.90 27.32
C ILE IA 70 -75.55 12.51 27.98
N THR IA 71 -76.64 12.16 28.66
CA THR IA 71 -76.74 10.94 29.48
C THR IA 71 -77.88 10.02 29.04
N ALA IA 72 -77.88 8.78 29.54
CA ALA IA 72 -78.98 7.82 29.35
C ALA IA 72 -79.06 6.78 30.47
N ASP IA 73 -80.29 6.43 30.86
CA ASP IA 73 -80.52 5.31 31.80
C ASP IA 73 -81.48 4.31 31.15
N GLU IA 74 -81.06 3.06 31.00
CA GLU IA 74 -81.78 2.11 30.17
C GLU IA 74 -82.81 1.28 30.91
N SER IA 75 -82.76 1.29 32.25
CA SER IA 75 -83.81 0.67 33.06
C SER IA 75 -85.11 1.46 32.87
N THR IA 76 -84.98 2.76 32.59
CA THR IA 76 -86.11 3.62 32.32
C THR IA 76 -86.29 3.94 30.83
N SER IA 77 -85.26 3.64 30.04
CA SER IA 77 -85.24 4.00 28.62
C SER IA 77 -85.45 5.51 28.43
N THR IA 78 -84.64 6.30 29.12
CA THR IA 78 -84.73 7.75 29.08
C THR IA 78 -83.35 8.32 28.80
N ALA IA 79 -83.29 9.40 28.04
CA ALA IA 79 -82.02 10.10 27.83
C ALA IA 79 -82.07 11.56 28.30
N TYR IA 80 -80.89 12.15 28.50
CA TYR IA 80 -80.79 13.47 29.10
C TYR IA 80 -79.81 14.39 28.36
N MET IA 81 -80.23 15.65 28.22
CA MET IA 81 -79.45 16.66 27.56
C MET IA 81 -79.23 17.81 28.56
N GLU IA 82 -78.02 17.88 29.11
CA GLU IA 82 -77.70 18.94 30.08
C GLU IA 82 -76.99 20.09 29.39
N LEU IA 83 -77.52 21.29 29.57
CA LEU IA 83 -76.94 22.45 28.93
C LEU IA 83 -76.57 23.49 29.99
N THR IA 84 -75.27 23.75 30.12
CA THR IA 84 -74.78 24.61 31.19
C THR IA 84 -74.40 26.00 30.68
N SER IA 85 -74.18 26.94 31.60
CA SER IA 85 -73.80 28.31 31.25
C SER IA 85 -74.79 28.97 30.30
N LEU IA 86 -76.06 29.08 30.70
CA LEU IA 86 -77.11 29.52 29.78
C LEU IA 86 -77.07 31.03 29.50
N THR IA 87 -77.26 31.41 28.25
CA THR IA 87 -77.47 32.81 27.91
C THR IA 87 -78.93 32.98 27.52
N SER IA 88 -79.31 34.19 27.12
CA SER IA 88 -80.65 34.42 26.60
C SER IA 88 -80.82 33.72 25.25
N GLU IA 89 -79.71 33.48 24.54
CA GLU IA 89 -79.78 32.87 23.22
C GLU IA 89 -80.10 31.38 23.27
N ASP IA 90 -80.31 30.86 24.47
CA ASP IA 90 -80.60 29.45 24.60
C ASP IA 90 -82.11 29.20 24.68
N THR IA 91 -82.89 30.27 24.83
CA THR IA 91 -84.35 30.18 24.75
C THR IA 91 -84.79 29.57 23.44
N ALA IA 92 -85.47 28.44 23.53
CA ALA IA 92 -85.97 27.78 22.34
C ALA IA 92 -87.01 26.74 22.68
N VAL IA 93 -87.51 26.08 21.66
CA VAL IA 93 -88.22 24.82 21.80
C VAL IA 93 -87.23 23.72 21.53
N TYR IA 94 -87.04 22.85 22.51
CA TYR IA 94 -86.10 21.75 22.34
C TYR IA 94 -86.83 20.45 21.96
N TYR IA 95 -86.71 20.03 20.71
CA TYR IA 95 -87.39 18.81 20.25
C TYR IA 95 -86.57 17.55 20.45
N CYS IA 96 -87.16 16.58 21.15
CA CYS IA 96 -86.58 15.25 21.19
C CYS IA 96 -87.02 14.49 19.96
N ALA IA 97 -86.12 13.71 19.36
CA ALA IA 97 -86.48 13.02 18.12
C ALA IA 97 -85.79 11.68 17.95
N ARG IA 98 -86.43 10.73 17.26
CA ARG IA 98 -85.79 9.43 17.08
C ARG IA 98 -85.12 9.24 15.72
N GLY IA 99 -83.80 9.07 15.75
CA GLY IA 99 -83.03 8.88 14.54
C GLY IA 99 -82.75 7.42 14.29
N ILE IA 100 -82.35 7.12 13.07
CA ILE IA 100 -81.80 5.82 12.78
C ILE IA 100 -80.28 5.96 12.78
N SER IA 101 -79.60 4.84 13.04
CA SER IA 101 -78.15 4.72 12.84
C SER IA 101 -77.27 5.60 13.74
N GLY IA 102 -75.98 5.25 13.75
CA GLY IA 102 -74.99 5.98 14.52
C GLY IA 102 -74.67 7.31 13.86
N SER IA 103 -75.16 7.51 12.65
CA SER IA 103 -74.96 8.75 11.92
C SER IA 103 -76.14 9.71 12.10
N TYR IA 104 -77.10 9.30 12.93
CA TYR IA 104 -78.40 9.99 13.09
C TYR IA 104 -79.09 10.19 11.77
N GLY IA 105 -79.87 9.23 11.31
CA GLY IA 105 -80.41 9.32 9.97
C GLY IA 105 -81.44 10.42 9.76
N TRP IA 106 -82.70 10.03 9.88
CA TRP IA 106 -83.79 10.94 9.77
C TRP IA 106 -84.49 10.86 11.12
N PHE IA 107 -85.15 11.93 11.52
CA PHE IA 107 -85.83 11.93 12.79
C PHE IA 107 -87.29 11.70 12.47
N ASP IA 108 -87.82 10.53 12.80
CA ASP IA 108 -89.14 10.13 12.31
C ASP IA 108 -90.27 10.39 13.30
N PRO IA 109 -90.08 10.06 14.57
CA PRO IA 109 -91.03 10.65 15.52
C PRO IA 109 -90.36 11.81 16.24
N TRP IA 110 -90.98 12.99 16.22
CA TRP IA 110 -90.53 14.07 17.09
C TRP IA 110 -91.52 14.23 18.25
N GLY IA 111 -91.00 14.56 19.43
CA GLY IA 111 -91.84 15.01 20.52
C GLY IA 111 -92.41 16.38 20.20
N GLN IA 112 -93.20 16.94 21.11
CA GLN IA 112 -93.88 18.20 20.79
C GLN IA 112 -93.12 19.45 21.20
N GLY IA 113 -92.22 19.32 22.17
CA GLY IA 113 -91.34 20.41 22.53
C GLY IA 113 -91.17 20.62 24.02
N THR IA 114 -90.03 21.15 24.40
CA THR IA 114 -89.83 21.61 25.77
C THR IA 114 -89.34 23.04 25.71
N LEU IA 115 -90.25 23.97 25.95
CA LEU IA 115 -89.87 25.35 26.01
C LEU IA 115 -88.93 25.62 27.19
N VAL IA 116 -87.70 25.97 26.88
CA VAL IA 116 -86.85 26.56 27.90
C VAL IA 116 -86.78 28.05 27.61
N THR IA 117 -87.18 28.83 28.61
CA THR IA 117 -87.09 30.28 28.55
C THR IA 117 -86.07 30.71 29.59
N VAL IA 118 -85.04 31.41 29.15
CA VAL IA 118 -83.97 31.83 30.04
C VAL IA 118 -83.89 33.36 30.11
N SER IA 119 -84.00 33.89 31.34
CA SER IA 119 -84.11 35.32 31.60
C SER IA 119 -83.81 35.67 33.06
N SER IA 120 -83.49 36.94 33.33
CA SER IA 120 -83.34 37.42 34.70
C SER IA 120 -84.72 37.62 35.32
N ALA IA 121 -85.72 37.81 34.45
CA ALA IA 121 -87.10 37.97 34.90
C ALA IA 121 -87.63 36.64 35.44
N SER IA 122 -88.84 36.65 35.97
CA SER IA 122 -89.40 35.45 36.57
C SER IA 122 -90.91 35.34 36.41
N THR IA 123 -91.45 34.16 36.72
CA THR IA 123 -92.88 33.87 36.55
C THR IA 123 -93.74 34.93 37.23
N LYS IA 124 -94.82 35.29 36.58
CA LYS IA 124 -95.62 36.42 37.02
C LYS IA 124 -96.96 36.41 36.30
N GLY IA 125 -98.01 36.79 37.03
CA GLY IA 125 -99.33 36.84 36.46
C GLY IA 125 -99.50 38.02 35.53
N PRO IA 126 -100.34 37.83 34.49
CA PRO IA 126 -100.64 38.92 33.56
C PRO IA 126 -101.64 39.92 34.13
N SER IA 127 -102.08 40.85 33.28
CA SER IA 127 -103.04 41.87 33.64
C SER IA 127 -103.74 42.24 32.34
N VAL IA 128 -104.83 43.00 32.43
CA VAL IA 128 -105.69 43.21 31.27
C VAL IA 128 -106.45 44.56 31.26
N PHE IA 129 -106.13 45.44 30.30
CA PHE IA 129 -106.95 46.64 29.98
C PHE IA 129 -107.66 46.32 28.65
N PRO IA 130 -108.86 45.71 28.74
CA PRO IA 130 -109.65 45.17 27.60
C PRO IA 130 -109.89 46.13 26.43
N LEU IA 148 -106.23 43.05 25.57
CA LEU IA 148 -104.81 43.29 25.83
C LEU IA 148 -104.35 42.63 27.12
N VAL IA 149 -103.43 41.69 27.00
CA VAL IA 149 -102.89 40.98 28.15
C VAL IA 149 -101.43 41.33 28.37
N LYS IA 150 -101.16 42.11 29.43
CA LYS IA 150 -99.86 42.73 29.62
C LYS IA 150 -98.96 41.97 30.60
N ASP IA 151 -97.66 41.99 30.32
CA ASP IA 151 -96.60 41.71 31.31
C ASP IA 151 -96.74 40.44 32.18
N TYR IA 152 -96.31 39.30 31.65
CA TYR IA 152 -96.30 38.02 32.37
C TYR IA 152 -95.06 37.20 32.02
N PHE IA 153 -94.95 36.00 32.59
CA PHE IA 153 -93.81 35.12 32.35
C PHE IA 153 -94.15 33.68 32.73
N PRO IA 154 -93.64 32.71 31.96
CA PRO IA 154 -93.07 32.81 30.61
C PRO IA 154 -94.17 32.43 29.62
N GLU IA 155 -93.91 32.34 28.32
CA GLU IA 155 -95.04 32.31 27.38
C GLU IA 155 -95.57 30.98 26.87
N PRO IA 156 -96.23 30.20 27.72
CA PRO IA 156 -97.44 29.65 27.12
C PRO IA 156 -98.61 30.50 27.64
N VAL IA 157 -99.71 30.61 26.89
CA VAL IA 157 -100.95 31.19 27.41
C VAL IA 157 -102.20 30.78 26.60
N HIS IA 171 -109.67 35.41 16.68
CA HIS IA 171 -108.40 36.09 16.47
C HIS IA 171 -107.70 36.46 17.78
N THR IA 172 -107.09 35.47 18.45
CA THR IA 172 -106.10 35.78 19.49
C THR IA 172 -104.77 36.07 18.78
N PHE IA 173 -103.65 35.93 19.46
CA PHE IA 173 -102.40 36.36 18.83
C PHE IA 173 -101.14 35.62 19.29
N PRO IA 174 -100.04 35.83 18.56
CA PRO IA 174 -98.72 35.54 19.12
C PRO IA 174 -98.32 36.67 20.07
N ALA IA 175 -97.45 36.36 21.03
CA ALA IA 175 -97.06 37.33 22.04
C ALA IA 175 -95.84 38.13 21.58
N VAL IA 176 -95.57 39.22 22.29
CA VAL IA 176 -94.41 40.05 21.99
C VAL IA 176 -93.63 40.29 23.26
N LEU IA 177 -92.31 40.16 23.19
CA LEU IA 177 -91.46 40.40 24.35
C LEU IA 177 -91.29 41.89 24.47
N GLN IA 178 -91.23 42.39 25.71
CA GLN IA 178 -91.05 43.82 25.89
C GLN IA 178 -89.61 44.18 26.12
N SER IA 179 -89.38 45.47 26.28
CA SER IA 179 -88.11 45.97 26.79
C SER IA 179 -87.98 45.59 28.25
N SER IA 180 -89.13 45.34 28.90
CA SER IA 180 -89.16 44.98 30.32
C SER IA 180 -88.91 43.50 30.53
N GLY IA 181 -88.73 42.76 29.43
CA GLY IA 181 -88.46 41.34 29.50
C GLY IA 181 -89.69 40.51 29.80
N LEU IA 182 -90.85 41.15 29.70
CA LEU IA 182 -92.12 40.49 30.04
C LEU IA 182 -93.10 40.45 28.86
N TYR IA 183 -93.75 39.31 28.69
CA TYR IA 183 -94.51 39.01 27.48
C TYR IA 183 -95.88 39.72 27.43
N SER IA 184 -96.38 39.95 26.22
CA SER IA 184 -97.60 40.72 26.05
C SER IA 184 -98.51 40.17 24.95
N LEU IA 185 -99.64 39.60 25.35
CA LEU IA 185 -100.66 39.17 24.40
C LEU IA 185 -101.57 40.37 24.14
N SER IA 186 -102.41 40.28 23.12
CA SER IA 186 -103.26 41.42 22.79
C SER IA 186 -104.50 41.01 21.97
N ILE IA 202 -116.88 37.10 28.65
CA ILE IA 202 -115.55 37.39 29.19
C ILE IA 202 -114.39 36.67 28.49
N CYS IA 203 -113.47 37.48 27.99
CA CYS IA 203 -112.08 37.12 27.80
C CYS IA 203 -111.60 36.32 29.03
N ASN IA 204 -111.51 35.01 28.86
CA ASN IA 204 -111.14 34.06 29.92
C ASN IA 204 -109.76 33.44 29.66
N VAL IA 205 -108.80 33.87 30.48
CA VAL IA 205 -107.37 33.81 30.18
C VAL IA 205 -106.58 32.93 31.16
N ASN IA 206 -105.71 32.09 30.61
CA ASN IA 206 -105.13 31.01 31.37
C ASN IA 206 -103.62 31.02 31.42
N HIS IA 207 -103.06 31.58 32.47
CA HIS IA 207 -101.64 31.50 32.69
C HIS IA 207 -101.37 30.46 33.76
N LYS IA 208 -100.76 29.37 33.35
CA LYS IA 208 -100.66 28.16 34.18
C LYS IA 208 -99.26 27.79 34.71
N PRO IA 209 -98.22 28.51 34.27
CA PRO IA 209 -97.05 28.48 35.15
C PRO IA 209 -97.43 29.01 36.53
N SER IA 210 -97.75 30.31 36.63
CA SER IA 210 -98.11 30.92 37.90
C SER IA 210 -99.58 30.76 38.26
N ASN IA 211 -100.23 29.77 37.66
CA ASN IA 211 -101.52 29.28 38.12
C ASN IA 211 -102.65 30.33 38.22
N THR IA 212 -102.81 31.16 37.19
CA THR IA 212 -103.82 32.20 37.26
C THR IA 212 -104.86 32.12 36.14
N ASP JA 1 -67.97 22.49 8.65
CA ASP JA 1 -69.43 22.36 8.62
C ASP JA 1 -69.96 22.38 7.19
N ILE JA 2 -71.10 21.73 7.01
CA ILE JA 2 -71.75 21.69 5.71
C ILE JA 2 -72.93 22.64 5.72
N GLN JA 3 -72.90 23.65 4.84
CA GLN JA 3 -74.00 24.60 4.73
C GLN JA 3 -75.11 24.06 3.81
N LEU JA 4 -76.36 24.28 4.21
CA LEU JA 4 -77.51 23.95 3.37
C LEU JA 4 -78.24 25.22 2.98
N THR JA 5 -78.07 25.66 1.72
CA THR JA 5 -78.80 26.85 1.22
C THR JA 5 -80.08 26.47 0.49
N GLN JA 6 -81.21 26.65 1.17
CA GLN JA 6 -82.50 26.39 0.57
C GLN JA 6 -82.89 27.56 -0.34
N SER JA 7 -83.60 27.28 -1.42
CA SER JA 7 -84.13 28.33 -2.27
C SER JA 7 -85.43 27.88 -2.92
N PRO JA 8 -86.46 28.74 -2.89
CA PRO JA 8 -86.40 30.11 -2.37
C PRO JA 8 -86.75 30.18 -0.89
N SER JA 9 -86.59 31.36 -0.31
CA SER JA 9 -86.79 31.58 1.12
C SER JA 9 -88.29 31.59 1.54
N SER JA 10 -89.11 32.29 0.77
CA SER JA 10 -90.55 32.28 0.97
C SER JA 10 -91.29 32.05 -0.34
N LEU JA 11 -92.48 31.46 -0.25
CA LEU JA 11 -93.24 31.17 -1.46
C LEU JA 11 -94.77 31.34 -1.32
N SER JA 12 -95.34 32.14 -2.21
CA SER JA 12 -96.79 32.28 -2.36
C SER JA 12 -97.22 31.59 -3.65
N ALA JA 13 -98.15 30.65 -3.54
CA ALA JA 13 -98.71 29.97 -4.71
C ALA JA 13 -100.14 29.54 -4.40
N SER JA 14 -100.87 29.11 -5.42
CA SER JA 14 -102.29 28.77 -5.27
C SER JA 14 -102.55 27.27 -5.33
N VAL JA 15 -103.72 26.87 -4.85
CA VAL JA 15 -104.10 25.45 -4.78
C VAL JA 15 -104.13 24.76 -6.16
N GLY JA 16 -103.36 23.68 -6.30
CA GLY JA 16 -103.31 22.97 -7.57
C GLY JA 16 -102.01 23.21 -8.31
N ASP JA 17 -101.30 24.28 -7.94
CA ASP JA 17 -99.97 24.55 -8.49
C ASP JA 17 -98.97 23.47 -8.09
N ARG JA 18 -97.96 23.25 -8.93
CA ARG JA 18 -96.79 22.48 -8.55
C ARG JA 18 -95.75 23.41 -7.93
N VAL JA 19 -95.12 22.97 -6.85
CA VAL JA 19 -94.08 23.78 -6.19
C VAL JA 19 -92.76 23.04 -6.04
N THR JA 20 -91.69 23.65 -6.53
CA THR JA 20 -90.34 23.07 -6.47
C THR JA 20 -89.40 23.88 -5.56
N ILE JA 21 -89.07 23.34 -4.40
CA ILE JA 21 -88.03 23.91 -3.54
C ILE JA 21 -86.68 23.22 -3.77
N THR JA 22 -85.60 23.95 -3.55
CA THR JA 22 -84.27 23.40 -3.73
C THR JA 22 -83.38 23.48 -2.48
N CYS JA 23 -82.60 22.44 -2.25
CA CYS JA 23 -81.56 22.44 -1.22
C CYS JA 23 -80.20 22.22 -1.89
N GLN JA 24 -79.27 23.14 -1.62
CA GLN JA 24 -77.94 23.05 -2.19
C GLN JA 24 -76.84 23.11 -1.12
N ALA JA 25 -75.92 22.15 -1.17
CA ALA JA 25 -74.93 21.92 -0.10
C ALA JA 25 -73.53 22.40 -0.48
N SER JA 26 -72.69 22.65 0.53
CA SER JA 26 -71.30 23.00 0.26
C SER JA 26 -70.47 21.84 -0.30
N GLN JA 27 -70.80 20.61 0.12
CA GLN JA 27 -70.03 19.42 -0.27
C GLN JA 27 -70.88 18.36 -0.97
N ASP JA 28 -70.21 17.43 -1.65
CA ASP JA 28 -70.91 16.25 -2.14
C ASP JA 28 -71.32 15.46 -0.91
N ILE JA 29 -72.61 15.18 -0.80
CA ILE JA 29 -73.17 14.44 0.34
C ILE JA 29 -74.02 13.27 -0.14
N ARG JA 30 -73.70 12.77 -1.33
CA ARG JA 30 -74.36 11.61 -1.89
C ARG JA 30 -75.88 11.78 -1.78
N LYS JA 31 -76.59 10.69 -1.50
CA LYS JA 31 -78.04 10.75 -1.33
C LYS JA 31 -78.46 10.85 0.13
N TYR JA 32 -77.64 11.51 0.94
CA TYR JA 32 -77.92 11.60 2.37
C TYR JA 32 -78.64 12.89 2.74
N LEU JA 33 -79.83 13.10 2.18
CA LEU JA 33 -80.64 14.26 2.54
C LEU JA 33 -82.09 13.91 2.89
N ASN JA 34 -82.64 14.62 3.88
CA ASN JA 34 -84.03 14.42 4.27
C ASN JA 34 -84.84 15.72 4.25
N TRP JA 35 -86.13 15.58 3.99
CA TRP JA 35 -87.08 16.71 3.96
C TRP JA 35 -88.11 16.66 5.07
N TYR JA 36 -88.14 17.73 5.87
CA TYR JA 36 -89.07 17.84 6.98
C TYR JA 36 -90.13 18.92 6.76
N GLN JA 37 -91.36 18.64 7.22
CA GLN JA 37 -92.45 19.63 7.17
C GLN JA 37 -92.94 20.09 8.56
N GLN JA 38 -92.91 21.40 8.78
CA GLN JA 38 -93.33 22.00 10.05
C GLN JA 38 -94.63 22.82 9.91
N LYS JA 39 -95.77 22.15 10.15
CA LYS JA 39 -97.06 22.84 10.27
C LYS JA 39 -97.03 23.74 11.48
N PRO JA 40 -97.29 25.05 11.28
CA PRO JA 40 -97.11 26.07 12.32
C PRO JA 40 -97.73 25.66 13.65
N GLY JA 41 -96.95 25.71 14.71
CA GLY JA 41 -97.45 25.38 16.03
C GLY JA 41 -97.23 23.93 16.42
N LYS JA 42 -96.80 23.15 15.45
CA LYS JA 42 -96.55 21.76 15.70
C LYS JA 42 -95.09 21.40 15.46
N ALA JA 43 -94.73 20.21 15.90
CA ALA JA 43 -93.37 19.71 15.71
C ALA JA 43 -93.16 19.46 14.23
N PRO JA 44 -91.89 19.43 13.80
CA PRO JA 44 -91.54 19.03 12.43
C PRO JA 44 -92.05 17.63 12.08
N ASN JA 45 -91.99 17.28 10.80
CA ASN JA 45 -92.51 16.01 10.35
C ASN JA 45 -91.70 15.52 9.16
N LEU JA 46 -91.35 14.24 9.18
CA LEU JA 46 -90.54 13.67 8.10
C LEU JA 46 -91.38 13.27 6.89
N LEU JA 47 -90.98 13.80 5.72
CA LEU JA 47 -91.67 13.52 4.46
C LEU JA 47 -90.78 12.67 3.57
N ILE JA 48 -89.65 13.25 3.18
CA ILE JA 48 -88.66 12.57 2.35
C ILE JA 48 -87.41 12.18 3.14
N TYR JA 49 -86.99 10.93 3.01
CA TYR JA 49 -85.71 10.49 3.58
C TYR JA 49 -84.77 9.89 2.53
N ASP JA 50 -83.49 10.28 2.59
CA ASP JA 50 -82.48 9.80 1.65
C ASP JA 50 -82.83 10.25 0.23
N ALA JA 51 -82.88 11.56 0.05
CA ALA JA 51 -83.19 12.23 -1.24
C ALA JA 51 -84.50 11.92 -1.95
N SER JA 52 -84.83 10.65 -2.11
CA SER JA 52 -86.01 10.30 -2.91
C SER JA 52 -87.12 9.56 -2.15
N ASN JA 53 -86.73 8.73 -1.18
CA ASN JA 53 -87.66 7.81 -0.54
C ASN JA 53 -88.75 8.53 0.27
N VAL JA 54 -89.96 8.00 0.22
CA VAL JA 54 -91.10 8.68 0.86
C VAL JA 54 -91.75 7.89 2.00
N LYS JA 55 -91.84 8.54 3.15
CA LYS JA 55 -92.38 7.93 4.37
C LYS JA 55 -93.75 7.28 4.14
N THR JA 56 -93.93 6.10 4.74
CA THR JA 56 -95.19 5.38 4.66
C THR JA 56 -96.23 6.12 5.48
N GLY JA 57 -97.22 6.68 4.79
CA GLY JA 57 -98.24 7.47 5.45
C GLY JA 57 -98.23 8.88 4.88
N VAL JA 58 -97.44 9.06 3.83
CA VAL JA 58 -97.30 10.37 3.21
C VAL JA 58 -97.92 10.39 1.81
N PRO JA 59 -98.81 11.36 1.57
CA PRO JA 59 -99.51 11.54 0.30
C PRO JA 59 -98.56 11.68 -0.88
N SER JA 60 -99.05 11.32 -2.06
CA SER JA 60 -98.21 11.09 -3.23
C SER JA 60 -97.89 12.33 -4.06
N ARG JA 61 -98.30 13.50 -3.58
CA ARG JA 61 -97.99 14.75 -4.27
C ARG JA 61 -96.57 15.17 -3.92
N PHE JA 62 -96.08 14.65 -2.80
CA PHE JA 62 -94.72 14.91 -2.35
C PHE JA 62 -93.75 13.89 -2.99
N ARG JA 63 -92.88 14.36 -3.88
CA ARG JA 63 -91.72 13.60 -4.33
C ARG JA 63 -90.47 14.46 -4.21
N GLY JA 64 -89.35 13.79 -4.05
CA GLY JA 64 -88.08 14.47 -3.94
C GLY JA 64 -87.02 13.77 -4.78
N SER JA 65 -86.02 14.55 -5.18
CA SER JA 65 -84.97 14.05 -6.04
C SER JA 65 -83.73 14.88 -5.76
N GLY JA 66 -82.60 14.47 -6.29
CA GLY JA 66 -81.34 15.12 -6.00
C GLY JA 66 -80.20 14.11 -6.02
N SER JA 67 -79.10 14.51 -6.64
CA SER JA 67 -77.98 13.62 -6.82
C SER JA 67 -77.00 13.73 -5.66
N GLY JA 68 -76.23 14.82 -5.62
CA GLY JA 68 -75.12 14.92 -4.70
C GLY JA 68 -74.94 16.23 -3.99
N THR JA 69 -75.06 17.34 -4.70
CA THR JA 69 -74.90 18.63 -4.05
C THR JA 69 -76.10 19.54 -4.34
N ASP JA 70 -77.01 19.05 -5.18
CA ASP JA 70 -78.22 19.76 -5.58
C ASP JA 70 -79.47 18.91 -5.34
N PHE JA 71 -80.40 19.43 -4.54
CA PHE JA 71 -81.58 18.65 -4.20
C PHE JA 71 -82.91 19.35 -4.55
N THR JA 72 -83.97 18.57 -4.73
CA THR JA 72 -85.23 19.09 -5.25
C THR JA 72 -86.47 18.52 -4.54
N PHE JA 73 -87.23 19.39 -3.88
CA PHE JA 73 -88.49 18.99 -3.24
C PHE JA 73 -89.69 19.44 -4.07
N THR JA 74 -90.51 18.49 -4.48
CA THR JA 74 -91.65 18.81 -5.35
C THR JA 74 -92.98 18.41 -4.75
N ILE JA 75 -93.90 19.37 -4.69
CA ILE JA 75 -95.31 19.05 -4.49
C ILE JA 75 -95.98 19.18 -5.84
N SER JA 76 -96.70 18.14 -6.27
CA SER JA 76 -97.28 18.10 -7.61
C SER JA 76 -98.52 18.99 -7.74
N SER JA 77 -99.49 18.81 -6.84
CA SER JA 77 -100.72 19.60 -6.85
C SER JA 77 -101.06 20.08 -5.44
N LEU JA 78 -100.81 21.35 -5.18
CA LEU JA 78 -100.96 21.90 -3.83
C LEU JA 78 -102.31 21.60 -3.15
N GLN JA 79 -102.29 21.52 -1.82
CA GLN JA 79 -103.49 21.41 -1.00
C GLN JA 79 -103.35 22.41 0.14
N PRO JA 80 -104.48 22.92 0.66
CA PRO JA 80 -104.39 23.89 1.75
C PRO JA 80 -104.06 23.28 3.12
N GLU JA 81 -103.65 22.02 3.14
CA GLU JA 81 -103.12 21.41 4.36
C GLU JA 81 -101.59 21.37 4.30
N ASP JA 82 -101.06 21.53 3.10
CA ASP JA 82 -99.61 21.54 2.85
C ASP JA 82 -99.02 22.92 3.00
N ILE JA 83 -99.78 23.85 3.57
CA ILE JA 83 -99.21 25.14 3.94
C ILE JA 83 -98.50 24.98 5.27
N ALA JA 84 -97.18 25.16 5.23
CA ALA JA 84 -96.32 24.99 6.39
C ALA JA 84 -94.92 25.46 6.03
N THR JA 85 -93.95 25.11 6.86
CA THR JA 85 -92.55 25.44 6.58
C THR JA 85 -91.76 24.16 6.20
N TYR JA 86 -90.79 24.30 5.29
CA TYR JA 86 -90.05 23.15 4.77
C TYR JA 86 -88.55 23.23 4.99
N TYR JA 87 -87.97 22.13 5.48
CA TYR JA 87 -86.52 22.07 5.71
C TYR JA 87 -85.86 20.86 5.04
N CYS JA 88 -84.60 21.03 4.66
CA CYS JA 88 -83.75 19.94 4.24
C CYS JA 88 -82.65 19.75 5.28
N GLN JA 89 -82.22 18.51 5.47
CA GLN JA 89 -81.20 18.18 6.47
C GLN JA 89 -80.27 17.09 5.94
N GLN JA 90 -79.00 17.15 6.34
CA GLN JA 90 -77.99 16.19 5.90
C GLN JA 90 -77.47 15.37 7.07
N TYR JA 91 -76.98 14.15 6.79
CA TYR JA 91 -75.97 13.56 7.67
C TYR JA 91 -74.61 13.46 6.92
N ASP JA 92 -74.19 12.26 6.55
CA ASP JA 92 -72.91 12.08 5.85
C ASP JA 92 -71.74 12.63 6.68
N ASN JA 93 -71.61 13.95 6.71
CA ASN JA 93 -70.70 14.62 7.63
C ASN JA 93 -71.37 14.64 8.98
N LEU JA 94 -70.82 15.43 9.90
CA LEU JA 94 -71.42 15.52 11.23
C LEU JA 94 -71.03 16.80 11.93
N PRO JA 95 -71.67 17.90 11.59
CA PRO JA 95 -72.00 18.75 12.73
C PRO JA 95 -73.51 18.63 12.87
N ILE JA 96 -74.14 17.94 11.91
CA ILE JA 96 -75.61 17.92 11.59
C ILE JA 96 -76.29 19.27 11.33
N THR JA 97 -76.52 19.53 10.04
CA THR JA 97 -77.07 20.81 9.59
C THR JA 97 -78.42 20.73 8.87
N PHE JA 98 -79.16 21.84 9.00
CA PHE JA 98 -80.46 22.03 8.37
C PHE JA 98 -80.39 23.19 7.39
N GLY JA 99 -81.42 23.29 6.57
CA GLY JA 99 -81.61 24.48 5.77
C GLY JA 99 -82.17 25.60 6.62
N GLN JA 100 -82.40 26.77 6.01
CA GLN JA 100 -82.96 27.91 6.75
C GLN JA 100 -84.48 27.87 6.77
N GLY JA 101 -85.06 26.98 5.97
CA GLY JA 101 -86.50 26.85 5.86
C GLY JA 101 -87.05 27.34 4.53
N THR JA 102 -88.30 26.97 4.24
CA THR JA 102 -89.04 27.54 3.11
C THR JA 102 -90.54 27.67 3.46
N ARG JA 103 -91.05 28.90 3.40
CA ARG JA 103 -92.40 29.19 3.88
C ARG JA 103 -93.45 29.23 2.79
N LEU JA 104 -94.52 28.47 3.01
CA LEU JA 104 -95.65 28.37 2.10
C LEU JA 104 -96.87 29.13 2.62
N SER JA 156 -92.10 56.81 17.24
CA SER JA 156 -90.81 56.14 17.31
C SER JA 156 -91.02 54.63 17.49
N GLY JA 157 -90.17 54.01 18.30
CA GLY JA 157 -90.23 52.58 18.55
C GLY JA 157 -90.93 52.23 19.84
N ASN JA 158 -91.96 52.99 20.18
CA ASN JA 158 -92.83 52.67 21.31
C ASN JA 158 -93.96 51.76 20.85
N SER JA 159 -93.93 51.42 19.56
CA SER JA 159 -94.89 50.50 18.97
C SER JA 159 -94.32 49.09 18.91
N GLN JA 160 -95.17 48.13 18.58
CA GLN JA 160 -94.78 46.71 18.61
C GLN JA 160 -95.81 45.92 17.83
N GLU JA 161 -95.40 45.35 16.71
CA GLU JA 161 -96.35 44.63 15.87
C GLU JA 161 -96.30 43.13 16.06
N SER JA 162 -97.44 42.49 15.79
CA SER JA 162 -97.60 41.06 15.94
C SER JA 162 -98.55 40.59 14.83
N VAL JA 163 -98.13 39.64 14.02
CA VAL JA 163 -98.88 39.22 12.84
C VAL JA 163 -99.42 37.80 12.97
N THR JA 164 -100.68 37.61 12.62
CA THR JA 164 -101.30 36.29 12.72
C THR JA 164 -100.90 35.39 11.54
N GLU JA 165 -101.13 34.09 11.68
CA GLU JA 165 -100.74 33.13 10.66
C GLU JA 165 -101.76 33.08 9.53
N LEU JA 175 -102.95 41.44 11.63
CA LEU JA 175 -101.88 42.17 12.31
C LEU JA 175 -102.38 42.76 13.63
N SER JA 176 -101.44 43.20 14.48
CA SER JA 176 -101.70 44.00 15.68
C SER JA 176 -100.53 44.92 16.06
N SER JA 177 -100.56 46.16 15.57
CA SER JA 177 -99.65 47.18 16.10
C SER JA 177 -100.12 47.61 17.50
N THR JA 178 -99.22 47.58 18.49
CA THR JA 178 -99.54 47.92 19.87
C THR JA 178 -98.67 49.08 20.41
N LEU JA 179 -99.27 50.04 21.13
CA LEU JA 179 -98.57 51.26 21.53
C LEU JA 179 -98.76 51.61 23.02
#